data_4RFT
#
_entry.id   4RFT
#
_cell.length_a   288.947
_cell.length_b   288.947
_cell.length_c   175.124
_cell.angle_alpha   90.00
_cell.angle_beta   90.00
_cell.angle_gamma   90.00
#
_symmetry.space_group_name_H-M   'P 42'
#
_entity_poly.entity_id   1
_entity_poly.type   'polypeptide(L)'
_entity_poly.pdbx_seq_one_letter_code
;TDAPVSKASTVTGFGRGTNDVHLSGMSRISQAVLPAGTGTDGYVVVDATIVPDLLPRLGHAARIFQRYAVETLEFEIQPM
CPANTGGGYVAGFLPDPTDNDHTFDALQATRGAVVAKWWESRTVRPQYTRTLLWTSSGKEQRLTSPGRLILLCVGNNTDV
VNVSVLCRWSVRLSVPSLENPEE
;
_entity_poly.pdbx_strand_id   A,B,C,D,E,F,G,H,I,J,K,L,M,N,O,P,Q,R,S,T,U,V,W,X,Y,Z,0,1,2,3,4,5,6,7,8,9,a,b,c,d,e,f,g,h,i,j,k,l,m,n,o,p,q,r,s,t,u,v,w,x
#
# COMPACT_ATOMS: atom_id res chain seq x y z
N THR A 18 -1.97 -47.60 26.23
CA THR A 18 -1.59 -48.00 27.61
C THR A 18 -2.07 -49.45 27.86
N ASN A 19 -1.16 -50.31 28.33
CA ASN A 19 -1.48 -51.75 28.51
C ASN A 19 -2.16 -52.04 29.84
N ASP A 20 -2.49 -50.96 30.57
CA ASP A 20 -2.99 -51.05 31.93
C ASP A 20 -4.48 -50.75 31.98
N VAL A 21 -5.21 -51.63 32.66
CA VAL A 21 -6.65 -51.51 32.82
C VAL A 21 -7.06 -50.69 34.06
N HIS A 22 -8.01 -49.77 33.89
CA HIS A 22 -8.61 -49.05 35.01
C HIS A 22 -9.94 -49.69 35.35
N LEU A 23 -10.07 -50.09 36.61
CA LEU A 23 -11.22 -50.83 37.15
C LEU A 23 -11.72 -50.15 38.41
N SER A 24 -13.01 -49.89 38.48
CA SER A 24 -13.61 -49.16 39.62
C SER A 24 -14.83 -49.86 40.16
N GLY A 25 -15.00 -49.78 41.46
CA GLY A 25 -16.17 -50.35 42.08
C GLY A 25 -16.25 -49.89 43.51
N MET A 26 -17.20 -50.45 44.23
CA MET A 26 -17.38 -50.07 45.62
C MET A 26 -17.94 -51.18 46.49
N SER A 27 -17.10 -51.73 47.32
CA SER A 27 -17.44 -52.95 47.96
C SER A 27 -17.58 -52.74 49.47
N ARG A 28 -18.27 -53.67 50.13
CA ARG A 28 -18.17 -53.80 51.59
C ARG A 28 -16.84 -54.41 52.09
N ILE A 29 -16.11 -53.59 52.83
CA ILE A 29 -14.99 -54.01 53.65
C ILE A 29 -15.43 -54.81 54.87
N SER A 30 -16.52 -54.42 55.51
CA SER A 30 -16.93 -55.12 56.72
C SER A 30 -18.33 -54.80 57.22
N GLN A 31 -18.77 -55.60 58.18
CA GLN A 31 -20.01 -55.39 58.88
C GLN A 31 -19.78 -55.78 60.32
N ALA A 32 -19.90 -54.82 61.23
CA ALA A 32 -19.84 -55.06 62.67
C ALA A 32 -21.21 -54.75 63.27
N VAL A 33 -21.71 -55.66 64.11
CA VAL A 33 -22.89 -55.38 64.90
C VAL A 33 -22.33 -55.03 66.30
N LEU A 34 -22.65 -53.84 66.79
CA LEU A 34 -22.15 -53.37 68.09
C LEU A 34 -23.27 -53.42 69.12
N PRO A 35 -23.15 -54.30 70.13
CA PRO A 35 -24.33 -54.52 70.91
C PRO A 35 -24.64 -53.33 71.80
N ALA A 36 -25.84 -53.37 72.38
CA ALA A 36 -26.48 -52.24 73.06
C ALA A 36 -25.58 -51.28 73.87
N GLY A 37 -24.52 -51.77 74.53
CA GLY A 37 -23.61 -50.86 75.25
C GLY A 37 -22.22 -51.41 75.47
N THR A 38 -21.61 -51.96 74.44
CA THR A 38 -20.32 -52.62 74.57
C THR A 38 -19.16 -51.81 73.95
N GLY A 39 -19.35 -50.50 73.81
CA GLY A 39 -18.36 -49.67 73.13
C GLY A 39 -17.86 -48.62 74.08
N THR A 40 -16.56 -48.30 74.02
CA THR A 40 -16.02 -47.18 74.78
C THR A 40 -14.82 -46.57 74.10
N ASP A 41 -14.46 -45.38 74.57
CA ASP A 41 -13.33 -44.67 74.01
C ASP A 41 -12.23 -45.68 73.84
N GLY A 42 -11.90 -45.96 72.58
CA GLY A 42 -10.79 -46.82 72.26
C GLY A 42 -11.23 -48.09 71.60
N TYR A 43 -12.32 -48.68 72.09
CA TYR A 43 -12.80 -49.97 71.57
C TYR A 43 -12.82 -50.02 70.03
N VAL A 44 -12.04 -50.96 69.47
CA VAL A 44 -11.96 -51.20 68.01
C VAL A 44 -13.16 -52.01 67.50
N VAL A 45 -13.98 -51.39 66.65
CA VAL A 45 -15.18 -52.03 66.10
C VAL A 45 -14.95 -52.56 64.70
N VAL A 46 -14.07 -51.89 63.94
CA VAL A 46 -13.65 -52.37 62.63
C VAL A 46 -12.16 -52.14 62.45
N ASP A 47 -11.49 -53.20 61.98
CA ASP A 47 -10.06 -53.14 61.61
C ASP A 47 -9.80 -54.09 60.44
N ALA A 48 -9.90 -53.55 59.24
CA ALA A 48 -9.87 -54.38 58.06
C ALA A 48 -8.71 -54.01 57.13
N THR A 49 -7.79 -54.96 56.93
CA THR A 49 -6.65 -54.74 56.04
C THR A 49 -7.06 -54.91 54.57
N ILE A 50 -6.83 -53.86 53.79
CA ILE A 50 -7.34 -53.76 52.43
C ILE A 50 -6.50 -54.59 51.46
N VAL A 51 -7.05 -55.71 50.99
CA VAL A 51 -6.40 -56.61 50.01
C VAL A 51 -7.43 -56.92 48.90
N PRO A 52 -6.98 -57.36 47.71
CA PRO A 52 -7.94 -57.47 46.59
C PRO A 52 -9.11 -58.44 46.82
N ASP A 53 -8.87 -59.54 47.51
CA ASP A 53 -9.95 -60.49 47.81
C ASP A 53 -11.09 -59.87 48.64
N LEU A 54 -10.76 -58.87 49.42
CA LEU A 54 -11.76 -58.20 50.25
C LEU A 54 -12.70 -57.32 49.41
N LEU A 55 -12.22 -56.91 48.23
CA LEU A 55 -13.02 -56.15 47.28
C LEU A 55 -13.56 -57.07 46.16
N PRO A 56 -14.66 -57.83 46.42
CA PRO A 56 -15.20 -58.89 45.56
C PRO A 56 -14.90 -58.82 44.05
N ARG A 57 -15.28 -57.72 43.41
CA ARG A 57 -14.95 -57.52 41.99
C ARG A 57 -13.44 -57.61 41.73
N LEU A 58 -12.66 -56.88 42.52
CA LEU A 58 -11.22 -56.86 42.34
C LEU A 58 -10.64 -58.24 42.57
N GLY A 59 -11.25 -59.00 43.47
CA GLY A 59 -10.86 -60.40 43.74
C GLY A 59 -10.66 -61.17 42.45
N HIS A 60 -11.61 -61.03 41.54
CA HIS A 60 -11.54 -61.70 40.24
C HIS A 60 -10.46 -61.09 39.37
N ALA A 61 -10.40 -59.76 39.31
CA ALA A 61 -9.42 -59.09 38.47
C ALA A 61 -7.98 -59.50 38.84
N ALA A 62 -7.72 -59.72 40.13
CA ALA A 62 -6.40 -60.11 40.59
C ALA A 62 -5.93 -61.35 39.84
N ARG A 63 -6.77 -62.37 39.78
CA ARG A 63 -6.36 -63.64 39.18
C ARG A 63 -5.96 -63.53 37.69
N ILE A 64 -6.00 -62.32 37.15
CA ILE A 64 -5.73 -62.05 35.76
C ILE A 64 -4.46 -61.20 35.57
N PHE A 65 -4.24 -60.22 36.44
CA PHE A 65 -3.00 -59.46 36.38
C PHE A 65 -2.16 -59.72 37.60
N GLN A 66 -0.88 -59.37 37.46
CA GLN A 66 0.15 -59.69 38.44
C GLN A 66 0.37 -58.57 39.42
N ARG A 67 0.12 -57.34 38.99
CA ARG A 67 0.33 -56.20 39.86
C ARG A 67 -0.80 -55.18 39.73
N TYR A 68 -1.17 -54.54 40.84
CA TYR A 68 -2.07 -53.37 40.82
C TYR A 68 -1.49 -52.13 41.50
N ALA A 69 -2.04 -50.98 41.12
CA ALA A 69 -1.78 -49.71 41.81
C ALA A 69 -3.10 -49.03 42.17
N VAL A 70 -3.15 -48.38 43.33
CA VAL A 70 -4.36 -47.68 43.78
C VAL A 70 -4.31 -46.29 43.20
N GLU A 71 -5.45 -45.81 42.74
CA GLU A 71 -5.54 -44.50 42.09
C GLU A 71 -6.60 -43.59 42.71
N THR A 72 -7.66 -44.17 43.28
CA THR A 72 -8.52 -43.47 44.24
C THR A 72 -8.92 -44.46 45.35
N LEU A 73 -9.13 -43.97 46.57
CA LEU A 73 -9.60 -44.79 47.69
C LEU A 73 -10.41 -43.93 48.62
N GLU A 74 -11.61 -44.35 48.96
CA GLU A 74 -12.38 -43.67 50.01
C GLU A 74 -13.12 -44.70 50.79
N PHE A 75 -13.34 -44.43 52.06
CA PHE A 75 -14.15 -45.32 52.83
C PHE A 75 -15.40 -44.56 53.28
N GLU A 76 -16.57 -45.16 53.08
CA GLU A 76 -17.85 -44.57 53.45
C GLU A 76 -18.35 -45.34 54.66
N ILE A 77 -18.19 -44.74 55.84
CA ILE A 77 -18.68 -45.34 57.08
C ILE A 77 -20.20 -45.23 57.11
N GLN A 78 -20.89 -46.34 57.19
CA GLN A 78 -22.33 -46.28 57.11
C GLN A 78 -22.99 -46.98 58.28
N PRO A 79 -23.07 -46.30 59.43
CA PRO A 79 -23.60 -46.89 60.65
C PRO A 79 -25.10 -46.89 60.64
N MET A 80 -25.69 -47.91 61.26
CA MET A 80 -27.14 -48.06 61.21
C MET A 80 -27.81 -48.27 62.56
N CYS A 81 -28.36 -47.18 63.08
CA CYS A 81 -28.89 -47.16 64.42
C CYS A 81 -29.92 -46.04 64.56
N PRO A 82 -30.85 -46.17 65.52
CA PRO A 82 -31.83 -45.11 65.62
C PRO A 82 -31.13 -43.81 65.97
N ALA A 83 -31.76 -42.69 65.70
CA ALA A 83 -31.14 -41.41 66.01
C ALA A 83 -31.00 -41.15 67.53
N ASN A 84 -31.69 -41.93 68.36
CA ASN A 84 -31.47 -41.88 69.81
C ASN A 84 -30.32 -42.82 70.24
N THR A 85 -29.11 -42.49 69.80
CA THR A 85 -27.93 -43.28 70.17
C THR A 85 -26.84 -42.32 70.58
N GLY A 86 -26.25 -42.57 71.75
CA GLY A 86 -25.31 -41.63 72.38
C GLY A 86 -23.88 -41.81 71.93
N GLY A 87 -23.73 -42.22 70.68
CA GLY A 87 -22.52 -42.83 70.25
C GLY A 87 -21.40 -41.91 69.88
N GLY A 88 -20.72 -42.27 68.81
CA GLY A 88 -19.45 -41.70 68.45
C GLY A 88 -18.48 -42.69 67.84
N TYR A 89 -17.87 -42.27 66.74
CA TYR A 89 -16.75 -42.97 66.21
C TYR A 89 -15.73 -42.01 65.62
N VAL A 90 -14.54 -42.57 65.40
CA VAL A 90 -13.51 -41.97 64.58
C VAL A 90 -13.02 -43.08 63.63
N ALA A 91 -12.94 -42.77 62.34
CA ALA A 91 -12.44 -43.72 61.38
C ALA A 91 -11.38 -43.00 60.60
N GLY A 92 -10.38 -43.76 60.18
CA GLY A 92 -9.26 -43.21 59.45
C GLY A 92 -8.57 -44.39 58.82
N PHE A 93 -7.77 -44.12 57.81
CA PHE A 93 -7.08 -45.19 57.09
C PHE A 93 -5.57 -45.01 57.24
N LEU A 94 -4.94 -45.86 58.05
CA LEU A 94 -3.47 -45.83 58.23
C LEU A 94 -2.74 -46.74 57.20
N PRO A 95 -1.72 -46.18 56.48
CA PRO A 95 -1.14 -46.85 55.29
C PRO A 95 -0.03 -47.91 55.47
N ASP A 96 0.14 -48.51 56.66
CA ASP A 96 0.86 -49.79 56.77
C ASP A 96 -0.11 -50.87 57.20
N PRO A 97 -0.38 -51.83 56.32
CA PRO A 97 -1.12 -52.97 56.85
C PRO A 97 -0.42 -53.59 58.07
N THR A 98 0.88 -53.28 58.23
CA THR A 98 1.72 -53.74 59.36
C THR A 98 1.27 -53.23 60.73
N ASP A 99 0.88 -51.96 60.82
CA ASP A 99 0.90 -51.22 62.10
C ASP A 99 -0.39 -51.28 62.94
N ASN A 100 -0.20 -51.66 64.21
CA ASN A 100 -1.24 -51.84 65.24
C ASN A 100 -1.44 -50.65 66.21
N ASP A 101 -1.18 -49.43 65.76
CA ASP A 101 -1.31 -48.23 66.61
C ASP A 101 -2.73 -47.70 66.45
N HIS A 102 -3.69 -48.44 67.04
CA HIS A 102 -5.11 -48.15 66.90
C HIS A 102 -5.60 -47.23 68.00
N THR A 103 -5.18 -45.98 67.93
CA THR A 103 -5.53 -45.00 68.93
C THR A 103 -6.17 -43.77 68.26
N PHE A 104 -6.95 -43.01 69.02
CA PHE A 104 -7.61 -41.83 68.50
C PHE A 104 -6.63 -40.85 67.87
N ASP A 105 -5.54 -40.60 68.57
CA ASP A 105 -4.60 -39.56 68.17
C ASP A 105 -3.77 -39.92 66.94
N ALA A 106 -3.50 -41.22 66.81
CA ALA A 106 -2.89 -41.80 65.61
C ALA A 106 -3.88 -41.70 64.46
N LEU A 107 -5.14 -42.05 64.71
CA LEU A 107 -6.16 -41.97 63.66
C LEU A 107 -6.35 -40.54 63.14
N GLN A 108 -6.46 -39.58 64.05
CA GLN A 108 -6.62 -38.17 63.63
C GLN A 108 -5.31 -37.58 63.13
N ALA A 109 -4.22 -38.33 63.30
CA ALA A 109 -2.96 -37.99 62.63
C ALA A 109 -3.00 -38.21 61.11
N THR A 110 -3.72 -39.23 60.66
CA THR A 110 -3.93 -39.51 59.22
C THR A 110 -4.83 -38.45 58.57
N ARG A 111 -4.90 -38.42 57.23
CA ARG A 111 -5.42 -37.25 56.49
C ARG A 111 -6.90 -37.29 56.21
N GLY A 112 -7.44 -38.46 55.95
CA GLY A 112 -8.87 -38.54 55.66
C GLY A 112 -9.73 -38.55 56.88
N ALA A 113 -9.09 -38.76 58.04
CA ALA A 113 -9.75 -39.20 59.27
C ALA A 113 -10.87 -38.27 59.66
N VAL A 114 -11.99 -38.86 60.06
CA VAL A 114 -13.20 -38.13 60.40
C VAL A 114 -13.75 -38.61 61.71
N VAL A 115 -14.48 -37.75 62.43
CA VAL A 115 -15.29 -38.17 63.60
C VAL A 115 -16.74 -37.72 63.45
N ALA A 116 -17.65 -38.49 64.04
CA ALA A 116 -19.10 -38.30 63.86
C ALA A 116 -19.85 -39.07 64.91
N LYS A 117 -21.16 -38.98 64.92
CA LYS A 117 -21.96 -39.70 65.91
C LYS A 117 -22.55 -40.92 65.22
N TRP A 118 -22.85 -41.98 65.96
CA TRP A 118 -23.22 -43.24 65.30
C TRP A 118 -24.44 -43.14 64.39
N TRP A 119 -25.20 -42.06 64.45
CA TRP A 119 -26.34 -41.91 63.55
C TRP A 119 -26.06 -40.93 62.43
N GLU A 120 -24.79 -40.82 62.05
CA GLU A 120 -24.39 -39.84 61.03
C GLU A 120 -23.47 -40.56 60.07
N SER A 121 -23.84 -40.64 58.80
CA SER A 121 -22.95 -41.23 57.81
C SER A 121 -21.77 -40.31 57.66
N ARG A 122 -20.76 -40.80 56.96
CA ARG A 122 -19.54 -40.05 56.82
C ARG A 122 -18.61 -40.78 55.84
N THR A 123 -17.64 -40.05 55.30
CA THR A 123 -16.71 -40.56 54.28
C THR A 123 -15.26 -40.13 54.60
N VAL A 124 -14.37 -41.11 54.78
CA VAL A 124 -12.99 -40.77 54.98
C VAL A 124 -12.32 -40.75 53.62
N ARG A 125 -11.42 -39.77 53.43
CA ARG A 125 -10.72 -39.49 52.19
C ARG A 125 -9.22 -39.46 52.39
N PRO A 126 -8.57 -40.62 52.45
CA PRO A 126 -7.22 -40.69 52.97
C PRO A 126 -6.16 -40.47 51.94
N GLN A 127 -4.91 -40.34 52.41
CA GLN A 127 -3.70 -40.24 51.56
C GLN A 127 -2.80 -41.44 51.84
N TYR A 128 -2.34 -42.05 50.75
CA TYR A 128 -1.86 -43.43 50.77
C TYR A 128 -0.62 -43.61 49.88
N THR A 129 -0.11 -44.84 49.86
CA THR A 129 0.99 -45.30 48.99
C THR A 129 1.04 -44.75 47.54
N ARG A 130 -0.07 -44.83 46.79
CA ARG A 130 -0.18 -44.40 45.37
C ARG A 130 0.86 -45.09 44.47
N THR A 131 1.19 -46.33 44.85
CA THR A 131 2.36 -47.06 44.37
C THR A 131 1.94 -48.44 43.88
N LEU A 132 2.88 -49.16 43.26
CA LEU A 132 2.63 -50.45 42.58
C LEU A 132 2.71 -51.68 43.48
N LEU A 133 1.58 -52.31 43.70
CA LEU A 133 1.45 -53.41 44.64
C LEU A 133 1.47 -54.75 43.88
N TRP A 134 1.03 -55.82 44.56
CA TRP A 134 1.02 -57.19 44.04
C TRP A 134 -0.35 -57.82 44.38
N THR A 135 -0.77 -58.83 43.62
CA THR A 135 -2.14 -59.35 43.73
C THR A 135 -2.34 -60.70 44.48
N SER A 136 -1.26 -61.41 44.82
CA SER A 136 -1.30 -62.60 45.70
C SER A 136 -0.35 -62.50 46.94
N SER A 137 -0.42 -63.49 47.83
CA SER A 137 0.42 -63.58 49.07
C SER A 137 1.91 -63.18 48.91
N GLY A 138 2.42 -62.37 49.83
CA GLY A 138 3.80 -61.85 49.74
C GLY A 138 4.65 -62.11 50.97
N LYS A 139 5.96 -62.23 50.75
CA LYS A 139 6.96 -62.37 51.83
C LYS A 139 7.11 -61.03 52.58
N GLU A 140 7.38 -59.98 51.81
CA GLU A 140 7.21 -58.58 52.25
C GLU A 140 5.85 -58.13 51.67
N GLN A 141 4.94 -57.63 52.52
CA GLN A 141 3.63 -57.15 52.06
C GLN A 141 3.42 -55.65 52.27
N ARG A 142 4.52 -54.91 52.11
CA ARG A 142 4.54 -53.47 51.82
C ARG A 142 4.21 -53.27 50.33
N LEU A 143 4.15 -54.39 49.59
CA LEU A 143 3.49 -54.47 48.27
C LEU A 143 2.49 -55.70 48.26
N THR A 144 1.25 -55.42 48.72
CA THR A 144 0.01 -56.23 48.48
C THR A 144 -1.26 -55.78 49.27
N SER A 145 -1.13 -54.70 50.05
CA SER A 145 -2.24 -54.02 50.72
C SER A 145 -1.88 -52.54 50.91
N PRO A 146 -2.72 -51.62 50.40
CA PRO A 146 -2.34 -50.21 50.50
C PRO A 146 -2.50 -49.62 51.92
N GLY A 147 -3.17 -50.36 52.80
CA GLY A 147 -3.25 -50.02 54.21
C GLY A 147 -4.38 -50.77 54.90
N ARG A 148 -4.91 -50.17 55.97
CA ARG A 148 -6.09 -50.69 56.64
C ARG A 148 -6.98 -49.62 57.32
N LEU A 149 -8.25 -49.98 57.47
CA LEU A 149 -9.32 -49.07 57.84
C LEU A 149 -9.76 -49.41 59.25
N ILE A 150 -9.56 -48.47 60.16
CA ILE A 150 -9.92 -48.67 61.55
C ILE A 150 -11.09 -47.80 61.90
N LEU A 151 -11.93 -48.33 62.77
CA LEU A 151 -13.09 -47.61 63.22
C LEU A 151 -13.11 -47.84 64.73
N LEU A 152 -13.11 -46.75 65.49
CA LEU A 152 -13.03 -46.78 66.96
C LEU A 152 -14.25 -46.11 67.59
N CYS A 153 -14.71 -46.65 68.70
CA CYS A 153 -15.72 -45.94 69.47
C CYS A 153 -15.17 -44.63 70.04
N VAL A 154 -16.05 -43.64 70.10
CA VAL A 154 -15.87 -42.42 70.86
C VAL A 154 -17.11 -42.36 71.73
N GLY A 155 -16.94 -42.22 73.03
CA GLY A 155 -18.04 -42.33 73.98
C GLY A 155 -18.62 -43.72 73.92
N ASN A 156 -19.82 -43.90 74.47
CA ASN A 156 -20.44 -45.21 74.52
C ASN A 156 -21.79 -45.24 73.83
N ASN A 157 -22.04 -46.31 73.09
CA ASN A 157 -23.32 -46.49 72.44
C ASN A 157 -24.46 -46.91 73.40
N THR A 158 -25.50 -46.07 73.42
CA THR A 158 -26.80 -46.36 74.02
C THR A 158 -27.55 -47.52 73.38
N ASP A 159 -27.23 -47.85 72.13
CA ASP A 159 -28.12 -48.69 71.34
C ASP A 159 -27.35 -49.57 70.35
N VAL A 160 -28.04 -50.49 69.70
CA VAL A 160 -27.38 -51.39 68.76
C VAL A 160 -26.93 -50.61 67.53
N VAL A 161 -25.69 -50.81 67.12
CA VAL A 161 -25.19 -50.22 65.88
C VAL A 161 -24.81 -51.30 64.88
N ASN A 162 -25.50 -51.35 63.75
CA ASN A 162 -25.07 -52.19 62.64
C ASN A 162 -24.23 -51.41 61.64
N VAL A 163 -22.94 -51.28 61.91
CA VAL A 163 -22.13 -50.50 61.01
C VAL A 163 -21.80 -51.33 59.78
N SER A 164 -21.49 -50.65 58.68
CA SER A 164 -20.95 -51.28 57.48
C SER A 164 -20.06 -50.24 56.83
N VAL A 165 -18.75 -50.53 56.70
CA VAL A 165 -17.86 -49.60 55.95
C VAL A 165 -17.70 -50.14 54.53
N LEU A 166 -17.83 -49.21 53.60
CA LEU A 166 -17.77 -49.50 52.20
C LEU A 166 -16.56 -48.80 51.72
N CYS A 167 -15.91 -49.40 50.75
CA CYS A 167 -14.70 -48.85 50.25
C CYS A 167 -14.94 -48.55 48.77
N ARG A 168 -14.73 -47.31 48.35
CA ARG A 168 -14.81 -47.02 46.92
C ARG A 168 -13.39 -46.90 46.40
N TRP A 169 -13.17 -47.54 45.26
CA TRP A 169 -11.84 -47.76 44.75
C TRP A 169 -11.79 -47.65 43.24
N SER A 170 -10.65 -47.19 42.78
CA SER A 170 -10.36 -47.05 41.38
C SER A 170 -8.90 -47.44 41.30
N VAL A 171 -8.63 -48.50 40.57
CA VAL A 171 -7.33 -49.16 40.59
C VAL A 171 -6.80 -49.36 39.17
N ARG A 172 -5.49 -49.39 38.97
CA ARG A 172 -4.98 -49.79 37.65
C ARG A 172 -4.09 -51.03 37.75
N LEU A 173 -4.48 -52.02 36.96
CA LEU A 173 -3.92 -53.37 37.01
C LEU A 173 -2.87 -53.52 35.90
N SER A 174 -1.76 -54.17 36.22
CA SER A 174 -0.53 -53.99 35.45
C SER A 174 -0.18 -55.13 34.49
N VAL A 175 0.37 -56.19 35.03
CA VAL A 175 1.01 -57.22 34.22
C VAL A 175 0.03 -58.36 34.07
N PRO A 176 -0.29 -58.77 32.84
CA PRO A 176 -1.24 -59.88 32.70
C PRO A 176 -0.62 -61.22 33.00
N SER A 177 -1.47 -62.14 33.45
CA SER A 177 -1.03 -63.40 34.06
C SER A 177 -2.23 -64.30 34.35
N LEU A 178 -2.02 -65.41 35.04
CA LEU A 178 -3.12 -66.28 35.39
C LEU A 178 -2.74 -67.08 36.63
N GLU A 179 -3.40 -66.84 37.76
CA GLU A 179 -3.10 -67.59 38.98
C GLU A 179 -4.28 -68.44 39.49
N ASN A 180 -4.27 -69.71 39.05
CA ASN A 180 -5.21 -70.73 39.52
C ASN A 180 -5.12 -70.95 41.05
N THR B 18 24.91 -38.11 29.98
CA THR B 18 24.10 -38.81 30.96
C THR B 18 24.96 -39.63 31.95
N ASN B 19 24.32 -40.22 32.97
CA ASN B 19 25.02 -40.96 34.05
C ASN B 19 24.81 -42.49 34.07
N ASP B 20 23.75 -42.96 33.41
CA ASP B 20 23.44 -44.39 33.36
C ASP B 20 24.19 -45.06 32.20
N VAL B 21 25.04 -46.03 32.54
CA VAL B 21 25.72 -46.87 31.56
C VAL B 21 24.79 -47.93 30.98
N HIS B 22 24.53 -47.86 29.67
CA HIS B 22 23.77 -48.90 28.96
C HIS B 22 24.67 -50.04 28.52
N LEU B 23 24.17 -51.27 28.64
CA LEU B 23 24.94 -52.47 28.33
C LEU B 23 24.03 -53.53 27.69
N SER B 24 24.31 -53.85 26.42
CA SER B 24 23.56 -54.87 25.67
C SER B 24 24.35 -56.18 25.42
N GLY B 25 23.67 -57.17 24.87
CA GLY B 25 24.31 -58.45 24.58
C GLY B 25 23.27 -59.52 24.36
N MET B 26 23.71 -60.63 23.77
CA MET B 26 22.88 -61.82 23.60
C MET B 26 23.71 -62.96 24.13
N SER B 27 23.13 -63.78 25.01
CA SER B 27 23.87 -64.83 25.71
C SER B 27 23.04 -66.07 25.91
N ARG B 28 23.68 -67.23 25.92
CA ARG B 28 22.93 -68.47 26.08
C ARG B 28 22.47 -68.67 27.54
N ILE B 29 21.17 -68.82 27.72
CA ILE B 29 20.55 -68.95 29.03
C ILE B 29 20.45 -70.40 29.46
N SER B 30 20.44 -71.32 28.50
CA SER B 30 20.43 -72.73 28.82
C SER B 30 20.74 -73.60 27.61
N GLN B 31 20.77 -74.90 27.83
CA GLN B 31 20.94 -75.86 26.76
C GLN B 31 20.47 -77.19 27.27
N ALA B 32 19.23 -77.55 26.98
CA ALA B 32 18.74 -78.87 27.36
C ALA B 32 18.92 -79.82 26.21
N VAL B 33 18.79 -81.10 26.52
CA VAL B 33 18.87 -82.16 25.52
C VAL B 33 17.75 -83.15 25.85
N LEU B 34 16.56 -82.80 25.36
CA LEU B 34 15.35 -83.59 25.56
C LEU B 34 15.43 -84.86 24.73
N PRO B 35 15.60 -86.01 25.39
CA PRO B 35 15.97 -87.20 24.64
C PRO B 35 14.85 -87.87 23.85
N ALA B 36 15.23 -89.01 23.25
CA ALA B 36 14.41 -89.87 22.39
C ALA B 36 12.90 -89.68 22.40
N GLY B 37 12.22 -90.17 23.44
CA GLY B 37 10.75 -90.10 23.50
C GLY B 37 10.18 -89.54 24.80
N THR B 38 10.98 -88.74 25.50
CA THR B 38 10.70 -88.36 26.89
C THR B 38 9.83 -87.11 27.06
N GLY B 39 9.23 -86.60 25.99
CA GLY B 39 8.41 -85.38 26.08
C GLY B 39 6.97 -85.74 26.39
N THR B 40 6.19 -84.75 26.81
CA THR B 40 4.72 -84.86 26.99
C THR B 40 4.19 -83.54 27.52
N ASP B 41 2.95 -83.22 27.17
CA ASP B 41 2.30 -82.01 27.62
C ASP B 41 2.72 -81.71 29.03
N GLY B 42 3.36 -80.55 29.23
CA GLY B 42 3.74 -80.07 30.55
C GLY B 42 5.18 -80.33 30.99
N TYR B 43 5.92 -81.17 30.28
CA TYR B 43 7.29 -81.51 30.72
C TYR B 43 8.27 -80.35 30.57
N VAL B 44 8.73 -79.83 31.70
CA VAL B 44 9.70 -78.73 31.73
C VAL B 44 11.06 -79.14 31.16
N VAL B 45 11.54 -78.43 30.13
CA VAL B 45 12.92 -78.62 29.61
C VAL B 45 13.88 -77.46 29.98
N VAL B 46 13.34 -76.26 30.18
CA VAL B 46 14.12 -75.14 30.64
C VAL B 46 13.28 -74.31 31.57
N ASP B 47 13.89 -73.90 32.67
CA ASP B 47 13.29 -72.99 33.62
C ASP B 47 14.44 -72.21 34.22
N ALA B 48 15.03 -71.35 33.43
CA ALA B 48 16.19 -70.62 33.89
C ALA B 48 15.74 -69.36 34.61
N THR B 49 16.36 -69.10 35.74
CA THR B 49 16.04 -67.94 36.54
C THR B 49 17.02 -66.81 36.22
N ILE B 50 16.56 -65.75 35.55
CA ILE B 50 17.47 -64.78 34.91
C ILE B 50 18.25 -63.93 35.91
N VAL B 51 19.54 -64.25 36.06
CA VAL B 51 20.44 -63.47 36.91
C VAL B 51 21.67 -63.00 36.10
N PRO B 52 22.30 -61.90 36.55
CA PRO B 52 23.47 -61.35 35.88
C PRO B 52 24.59 -62.32 35.55
N ASP B 53 24.70 -63.41 36.30
CA ASP B 53 25.74 -64.39 36.03
C ASP B 53 25.43 -65.22 34.80
N LEU B 54 24.18 -65.65 34.67
CA LEU B 54 23.69 -66.31 33.43
C LEU B 54 23.95 -65.54 32.13
N LEU B 55 24.12 -64.23 32.21
CA LEU B 55 24.55 -63.42 31.06
C LEU B 55 26.04 -63.03 31.20
N PRO B 56 26.95 -63.77 30.54
CA PRO B 56 28.38 -63.76 30.83
C PRO B 56 29.03 -62.37 30.85
N ARG B 57 28.74 -61.52 29.85
CA ARG B 57 29.26 -60.16 29.83
C ARG B 57 28.67 -59.37 31.00
N LEU B 58 27.37 -59.52 31.26
CA LEU B 58 26.77 -58.82 32.39
C LEU B 58 27.31 -59.29 33.74
N GLY B 59 27.79 -60.52 33.83
CA GLY B 59 28.46 -61.02 35.03
C GLY B 59 29.60 -60.11 35.49
N HIS B 60 30.31 -59.55 34.52
CA HIS B 60 31.43 -58.65 34.80
C HIS B 60 31.00 -57.26 35.12
N ALA B 61 30.01 -56.77 34.39
CA ALA B 61 29.46 -55.43 34.62
C ALA B 61 28.72 -55.32 35.94
N ALA B 62 28.30 -56.45 36.52
CA ALA B 62 27.68 -56.50 37.86
C ALA B 62 28.69 -56.55 39.02
N ARG B 63 29.98 -56.44 38.70
CA ARG B 63 31.03 -56.30 39.71
C ARG B 63 31.53 -54.87 39.78
N ILE B 64 31.15 -54.07 38.79
CA ILE B 64 31.54 -52.67 38.71
C ILE B 64 30.43 -51.78 39.28
N PHE B 65 29.18 -52.08 38.94
CA PHE B 65 28.05 -51.25 39.34
C PHE B 65 27.17 -51.93 40.39
N GLN B 66 26.30 -51.12 40.99
CA GLN B 66 25.52 -51.51 42.17
C GLN B 66 24.20 -52.17 41.89
N ARG B 67 23.46 -51.60 40.94
CA ARG B 67 22.13 -52.05 40.60
C ARG B 67 21.97 -51.92 39.10
N TYR B 68 20.84 -52.35 38.56
CA TYR B 68 20.63 -52.28 37.12
C TYR B 68 19.16 -52.38 36.80
N ALA B 69 18.76 -51.73 35.71
CA ALA B 69 17.41 -51.87 35.18
C ALA B 69 17.46 -52.68 33.88
N VAL B 70 16.38 -53.39 33.59
CA VAL B 70 16.23 -54.04 32.32
C VAL B 70 15.45 -53.13 31.37
N GLU B 71 16.03 -52.95 30.19
CA GLU B 71 15.58 -51.99 29.20
C GLU B 71 14.98 -52.70 27.96
N THR B 72 15.57 -53.84 27.57
CA THR B 72 14.94 -54.75 26.59
C THR B 72 15.26 -56.21 26.92
N LEU B 73 14.28 -57.07 26.78
CA LEU B 73 14.42 -58.49 27.07
C LEU B 73 13.74 -59.30 25.98
N GLU B 74 14.50 -60.09 25.25
CA GLU B 74 13.90 -61.06 24.35
C GLU B 74 14.62 -62.37 24.58
N PHE B 75 13.89 -63.46 24.43
CA PHE B 75 14.49 -64.76 24.42
C PHE B 75 14.23 -65.36 23.07
N GLU B 76 15.11 -66.28 22.69
CA GLU B 76 15.07 -66.81 21.37
C GLU B 76 15.20 -68.29 21.51
N ILE B 77 14.08 -68.99 21.40
CA ILE B 77 14.10 -70.45 21.52
C ILE B 77 14.68 -71.03 20.23
N GLN B 78 15.74 -71.81 20.35
CA GLN B 78 16.48 -72.23 19.17
C GLN B 78 16.73 -73.74 19.19
N PRO B 79 15.70 -74.53 18.89
CA PRO B 79 15.75 -75.95 19.05
C PRO B 79 16.29 -76.62 17.82
N MET B 80 17.10 -77.64 18.06
CA MET B 80 17.78 -78.33 16.97
C MET B 80 17.49 -79.84 16.90
N CYS B 81 16.78 -80.20 15.85
CA CYS B 81 16.34 -81.56 15.64
C CYS B 81 16.12 -81.76 14.16
N PRO B 82 15.80 -83.01 13.75
CA PRO B 82 15.48 -83.17 12.36
C PRO B 82 14.10 -82.60 12.07
N ALA B 83 13.81 -82.34 10.80
CA ALA B 83 12.50 -81.84 10.39
C ALA B 83 11.36 -82.86 10.61
N ASN B 84 11.71 -84.11 10.89
CA ASN B 84 10.74 -85.14 11.20
C ASN B 84 10.60 -85.39 12.69
N THR B 85 10.37 -84.33 13.44
CA THR B 85 10.09 -84.45 14.86
C THR B 85 8.65 -84.04 15.18
N GLY B 86 7.90 -84.95 15.81
CA GLY B 86 6.48 -84.73 16.13
C GLY B 86 6.21 -83.91 17.39
N GLY B 87 7.21 -83.13 17.79
CA GLY B 87 7.14 -82.42 19.05
C GLY B 87 6.36 -81.13 18.99
N GLY B 88 6.78 -80.17 19.81
CA GLY B 88 5.98 -79.01 20.15
C GLY B 88 6.42 -78.36 21.46
N TYR B 89 6.43 -77.04 21.50
CA TYR B 89 6.78 -76.36 22.72
C TYR B 89 5.96 -75.10 22.91
N VAL B 90 5.79 -74.72 24.17
CA VAL B 90 5.30 -73.39 24.53
C VAL B 90 6.33 -72.79 25.45
N ALA B 91 6.79 -71.59 25.12
CA ALA B 91 7.76 -70.85 25.91
C ALA B 91 7.12 -69.59 26.46
N GLY B 92 7.53 -69.21 27.64
CA GLY B 92 6.99 -68.00 28.23
C GLY B 92 7.91 -67.52 29.31
N PHE B 93 7.90 -66.20 29.49
CA PHE B 93 8.63 -65.58 30.57
C PHE B 93 7.63 -65.07 31.60
N LEU B 94 7.69 -65.59 32.83
CA LEU B 94 6.83 -65.06 33.90
C LEU B 94 7.64 -64.12 34.78
N PRO B 95 7.10 -62.90 35.04
CA PRO B 95 7.89 -61.89 35.77
C PRO B 95 8.08 -62.14 37.26
N ASP B 96 7.61 -63.29 37.75
CA ASP B 96 7.83 -63.69 39.15
C ASP B 96 8.97 -64.67 39.26
N PRO B 97 10.21 -64.18 39.51
CA PRO B 97 11.29 -65.15 39.71
C PRO B 97 10.92 -66.10 40.84
N THR B 98 10.18 -65.54 41.78
CA THR B 98 9.52 -66.26 42.86
C THR B 98 8.67 -67.44 42.39
N ASP B 99 7.67 -67.16 41.54
CA ASP B 99 6.47 -67.99 41.48
C ASP B 99 6.57 -69.20 40.58
N ASN B 100 5.90 -70.25 41.04
CA ASN B 100 6.01 -71.61 40.52
C ASN B 100 4.69 -72.08 39.88
N ASP B 101 4.19 -71.31 38.89
CA ASP B 101 3.05 -71.76 38.07
C ASP B 101 3.56 -72.11 36.68
N HIS B 102 3.90 -73.39 36.48
CA HIS B 102 4.58 -73.90 35.28
C HIS B 102 3.69 -74.85 34.50
N THR B 103 2.78 -74.27 33.73
CA THR B 103 1.77 -75.03 32.98
C THR B 103 1.35 -74.20 31.77
N PHE B 104 0.83 -74.85 30.73
CA PHE B 104 0.60 -74.19 29.43
C PHE B 104 -0.19 -72.89 29.57
N ASP B 105 -1.39 -72.99 30.13
CA ASP B 105 -2.29 -71.82 30.20
C ASP B 105 -1.70 -70.69 31.01
N ALA B 106 -0.90 -71.03 32.03
CA ALA B 106 -0.19 -70.05 32.80
C ALA B 106 0.78 -69.34 31.90
N LEU B 107 1.61 -70.09 31.19
CA LEU B 107 2.56 -69.51 30.23
C LEU B 107 1.90 -68.70 29.13
N GLN B 108 0.88 -69.26 28.48
CA GLN B 108 0.19 -68.57 27.38
C GLN B 108 -0.59 -67.34 27.83
N ALA B 109 -0.68 -67.15 29.15
CA ALA B 109 -1.16 -65.90 29.70
C ALA B 109 -0.13 -64.77 29.63
N THR B 110 1.18 -65.06 29.59
CA THR B 110 2.19 -63.99 29.50
C THR B 110 2.14 -63.29 28.12
N ARG B 111 3.01 -62.29 27.90
CA ARG B 111 2.87 -61.47 26.69
C ARG B 111 3.70 -61.98 25.53
N GLY B 112 4.85 -62.58 25.82
CA GLY B 112 5.66 -63.13 24.74
C GLY B 112 5.09 -64.42 24.18
N ALA B 113 4.33 -65.14 25.00
CA ALA B 113 4.22 -66.60 24.89
C ALA B 113 4.09 -67.12 23.46
N VAL B 114 5.09 -67.85 23.03
CA VAL B 114 5.09 -68.48 21.72
C VAL B 114 4.84 -70.00 21.81
N VAL B 115 4.21 -70.55 20.78
CA VAL B 115 4.15 -72.01 20.65
C VAL B 115 4.49 -72.35 19.22
N ALA B 116 5.03 -73.53 19.01
CA ALA B 116 5.71 -73.86 17.76
C ALA B 116 6.15 -75.32 17.75
N LYS B 117 6.50 -75.83 16.56
CA LYS B 117 6.97 -77.20 16.44
C LYS B 117 8.43 -77.16 16.79
N TRP B 118 8.98 -78.27 17.30
CA TRP B 118 10.36 -78.27 17.75
C TRP B 118 11.38 -78.02 16.67
N TRP B 119 10.97 -78.09 15.39
CA TRP B 119 11.86 -77.68 14.28
C TRP B 119 11.54 -76.27 13.78
N GLU B 120 10.87 -75.48 14.62
CA GLU B 120 10.67 -74.07 14.37
C GLU B 120 11.38 -73.31 15.50
N SER B 121 12.19 -72.32 15.14
CA SER B 121 12.69 -71.29 16.10
C SER B 121 11.61 -70.30 16.36
N ARG B 122 11.75 -69.58 17.45
CA ARG B 122 10.78 -68.56 17.82
C ARG B 122 11.44 -67.53 18.73
N THR B 123 10.76 -66.40 18.94
CA THR B 123 11.28 -65.33 19.81
C THR B 123 10.21 -64.87 20.79
N VAL B 124 10.43 -65.11 22.08
CA VAL B 124 9.50 -64.63 23.11
C VAL B 124 9.90 -63.21 23.48
N ARG B 125 8.93 -62.29 23.28
CA ARG B 125 9.07 -60.90 23.66
C ARG B 125 8.08 -60.56 24.78
N PRO B 126 8.53 -60.66 26.05
CA PRO B 126 7.60 -60.50 27.17
C PRO B 126 7.53 -59.08 27.65
N GLN B 127 6.53 -58.81 28.48
CA GLN B 127 6.39 -57.56 29.20
C GLN B 127 6.69 -57.94 30.66
N TYR B 128 7.55 -57.13 31.29
CA TYR B 128 8.28 -57.55 32.48
C TYR B 128 8.33 -56.40 33.45
N THR B 129 9.16 -56.57 34.48
CA THR B 129 9.26 -55.63 35.58
C THR B 129 9.45 -54.14 35.19
N ARG B 130 10.25 -53.88 34.14
CA ARG B 130 10.66 -52.50 33.73
C ARG B 130 11.13 -51.67 34.95
N THR B 131 11.75 -52.35 35.91
CA THR B 131 12.10 -51.82 37.23
C THR B 131 13.61 -51.87 37.45
N LEU B 132 14.05 -51.24 38.54
CA LEU B 132 15.46 -51.19 38.93
C LEU B 132 15.74 -52.21 40.00
N LEU B 133 16.55 -53.21 39.67
CA LEU B 133 16.83 -54.33 40.54
C LEU B 133 18.20 -54.11 41.16
N TRP B 134 18.98 -55.19 41.32
CA TRP B 134 20.19 -55.23 42.18
C TRP B 134 21.17 -56.24 41.62
N THR B 135 22.44 -55.84 41.45
CA THR B 135 23.45 -56.71 40.79
C THR B 135 24.01 -57.85 41.68
N SER B 136 23.71 -57.80 42.97
CA SER B 136 24.10 -58.82 43.93
C SER B 136 22.86 -59.24 44.72
N SER B 137 22.94 -60.34 45.49
CA SER B 137 21.78 -60.89 46.22
C SER B 137 20.84 -59.86 46.93
N GLY B 138 19.52 -60.04 46.76
CA GLY B 138 18.53 -59.31 47.54
C GLY B 138 18.08 -60.28 48.62
N LYS B 139 17.83 -59.77 49.83
CA LYS B 139 17.02 -60.49 50.80
C LYS B 139 15.59 -60.43 50.25
N GLU B 140 15.16 -59.23 49.89
CA GLU B 140 14.04 -59.02 48.97
C GLU B 140 14.57 -59.31 47.57
N GLN B 141 14.28 -60.52 47.07
CA GLN B 141 14.75 -60.95 45.75
C GLN B 141 13.93 -60.34 44.61
N ARG B 142 12.71 -59.90 44.92
CA ARG B 142 11.88 -59.15 43.96
C ARG B 142 12.69 -58.03 43.31
N LEU B 143 13.79 -57.65 43.95
CA LEU B 143 14.84 -56.82 43.35
C LEU B 143 16.21 -57.58 43.33
N THR B 144 16.42 -58.34 42.25
CA THR B 144 17.76 -58.84 41.77
C THR B 144 17.77 -59.70 40.44
N SER B 145 16.59 -60.06 39.94
CA SER B 145 16.37 -60.85 38.71
C SER B 145 15.00 -60.51 38.10
N PRO B 146 14.95 -60.14 36.83
CA PRO B 146 13.68 -59.66 36.29
C PRO B 146 12.56 -60.73 36.13
N GLY B 147 12.92 -62.02 36.24
CA GLY B 147 11.98 -63.16 36.17
C GLY B 147 12.67 -64.47 35.76
N ARG B 148 11.92 -65.35 35.08
CA ARG B 148 12.45 -66.64 34.61
C ARG B 148 11.78 -67.19 33.32
N LEU B 149 12.56 -67.90 32.53
CA LEU B 149 12.14 -68.39 31.22
C LEU B 149 11.74 -69.86 31.29
N ILE B 150 10.46 -70.11 31.09
CA ILE B 150 9.93 -71.45 31.08
C ILE B 150 9.82 -71.95 29.65
N LEU B 151 10.16 -73.21 29.46
CA LEU B 151 9.95 -73.90 28.23
C LEU B 151 9.27 -75.22 28.58
N LEU B 152 8.15 -75.50 27.91
CA LEU B 152 7.32 -76.70 28.16
C LEU B 152 7.15 -77.54 26.89
N CYS B 153 7.04 -78.85 27.06
CA CYS B 153 6.73 -79.68 25.92
C CYS B 153 5.29 -79.47 25.56
N VAL B 154 4.95 -79.85 24.34
CA VAL B 154 3.57 -79.89 23.86
C VAL B 154 3.61 -81.11 22.99
N GLY B 155 2.73 -82.07 23.26
CA GLY B 155 2.89 -83.38 22.68
C GLY B 155 4.29 -83.92 22.97
N ASN B 156 4.51 -85.14 22.50
CA ASN B 156 5.78 -85.78 22.77
C ASN B 156 6.64 -85.78 21.55
N ASN B 157 7.92 -85.45 21.76
CA ASN B 157 8.95 -85.56 20.75
C ASN B 157 9.16 -87.00 20.31
N THR B 158 9.55 -87.13 19.05
CA THR B 158 9.77 -88.39 18.39
C THR B 158 11.23 -88.50 18.05
N ASP B 159 11.99 -87.53 18.50
CA ASP B 159 13.38 -87.47 18.13
C ASP B 159 14.09 -86.61 19.16
N VAL B 160 15.40 -86.75 19.21
CA VAL B 160 16.17 -86.03 20.20
C VAL B 160 16.19 -84.56 19.81
N VAL B 161 16.05 -83.70 20.82
CA VAL B 161 16.14 -82.26 20.64
C VAL B 161 17.26 -81.73 21.53
N ASN B 162 18.12 -80.92 20.96
CA ASN B 162 19.09 -80.20 21.71
C ASN B 162 18.65 -78.74 21.65
N VAL B 163 17.67 -78.42 22.50
CA VAL B 163 17.16 -77.04 22.58
C VAL B 163 18.16 -76.12 23.27
N SER B 164 18.27 -74.89 22.77
CA SER B 164 19.15 -73.85 23.32
C SER B 164 18.38 -72.54 23.39
N VAL B 165 18.28 -71.91 24.56
CA VAL B 165 17.64 -70.60 24.63
C VAL B 165 18.69 -69.51 24.80
N LEU B 166 18.45 -68.41 24.10
CA LEU B 166 19.35 -67.29 24.08
C LEU B 166 18.56 -66.08 24.50
N CYS B 167 19.13 -65.30 25.42
CA CYS B 167 18.50 -64.09 25.91
C CYS B 167 19.13 -62.89 25.21
N ARG B 168 18.30 -62.00 24.66
CA ARG B 168 18.79 -60.76 24.09
C ARG B 168 18.46 -59.63 25.07
N TRP B 169 19.50 -59.19 25.78
CA TRP B 169 19.37 -58.31 26.93
C TRP B 169 20.02 -56.95 26.77
N SER B 170 19.23 -55.90 26.97
CA SER B 170 19.75 -54.56 27.12
C SER B 170 19.32 -53.98 28.48
N VAL B 171 20.30 -53.39 29.15
CA VAL B 171 20.30 -53.16 30.56
C VAL B 171 20.89 -51.76 30.84
N ARG B 172 20.44 -51.03 31.86
CA ARG B 172 21.21 -49.87 32.32
C ARG B 172 21.67 -50.01 33.77
N LEU B 173 22.99 -49.90 33.96
CA LEU B 173 23.65 -50.21 35.23
C LEU B 173 23.73 -48.94 36.06
N SER B 174 23.50 -49.08 37.37
CA SER B 174 22.98 -47.97 38.19
C SER B 174 24.03 -47.17 38.92
N VAL B 175 24.61 -47.69 40.01
CA VAL B 175 25.58 -46.84 40.75
C VAL B 175 26.96 -47.45 41.05
N PRO B 176 28.05 -46.68 40.79
CA PRO B 176 29.44 -47.15 40.84
C PRO B 176 29.84 -47.87 42.10
N SER B 177 30.69 -48.88 41.93
CA SER B 177 30.93 -49.83 42.98
C SER B 177 32.17 -50.67 42.67
N LEU B 178 32.49 -51.62 43.55
CA LEU B 178 33.59 -52.56 43.33
C LEU B 178 33.36 -53.88 44.12
N GLU B 179 32.22 -54.51 43.85
CA GLU B 179 31.75 -55.66 44.63
C GLU B 179 32.54 -56.96 44.32
N ASN B 180 32.96 -57.64 45.39
CA ASN B 180 33.59 -58.98 45.27
C ASN B 180 32.57 -60.13 45.37
N THR C 18 1.70 -27.97 47.94
CA THR C 18 1.84 -29.42 47.92
C THR C 18 1.81 -30.00 49.35
N ASN C 19 1.56 -31.30 49.44
CA ASN C 19 1.51 -32.00 50.74
C ASN C 19 2.90 -32.33 51.32
N ASP C 20 3.93 -32.28 50.47
CA ASP C 20 5.31 -32.61 50.87
C ASP C 20 6.00 -31.50 51.64
N VAL C 21 6.71 -31.90 52.69
CA VAL C 21 7.39 -30.99 53.61
C VAL C 21 8.90 -31.11 53.47
N HIS C 22 9.56 -30.00 53.14
CA HIS C 22 11.00 -29.97 52.95
C HIS C 22 11.75 -29.51 54.21
N LEU C 23 12.59 -30.38 54.77
CA LEU C 23 13.48 -30.09 55.90
C LEU C 23 14.97 -30.09 55.50
N SER C 24 15.74 -29.19 56.08
CA SER C 24 17.19 -29.13 55.84
C SER C 24 17.91 -28.92 57.13
N GLY C 25 19.15 -29.40 57.20
CA GLY C 25 19.97 -29.18 58.38
C GLY C 25 21.39 -29.64 58.17
N MET C 26 22.16 -29.64 59.25
CA MET C 26 23.51 -30.18 59.24
C MET C 26 23.88 -30.65 60.64
N SER C 27 24.27 -31.91 60.76
CA SER C 27 24.40 -32.54 62.05
C SER C 27 25.71 -33.28 62.17
N ARG C 28 26.22 -33.45 63.39
CA ARG C 28 27.37 -34.30 63.60
C ARG C 28 26.99 -35.79 63.64
N ILE C 29 27.34 -36.48 62.58
CA ILE C 29 27.15 -37.91 62.46
C ILE C 29 27.95 -38.67 63.50
N SER C 30 29.19 -38.27 63.72
CA SER C 30 30.04 -38.97 64.68
C SER C 30 31.23 -38.14 65.12
N GLN C 31 31.91 -38.63 66.14
CA GLN C 31 33.11 -37.99 66.61
C GLN C 31 34.02 -39.06 67.15
N ALA C 32 35.15 -39.24 66.48
CA ALA C 32 36.14 -40.21 66.91
C ALA C 32 37.38 -39.49 67.38
N VAL C 33 38.03 -40.07 68.39
CA VAL C 33 39.31 -39.57 68.84
C VAL C 33 40.29 -40.67 68.51
N LEU C 34 41.31 -40.32 67.74
CA LEU C 34 42.29 -41.26 67.24
C LEU C 34 43.63 -40.97 67.90
N PRO C 35 44.05 -41.83 68.86
CA PRO C 35 45.23 -41.49 69.65
C PRO C 35 46.55 -41.46 68.89
N ALA C 36 47.59 -41.06 69.61
CA ALA C 36 48.82 -40.60 69.01
C ALA C 36 49.35 -41.44 67.88
N GLY C 37 49.33 -42.76 67.97
CA GLY C 37 49.97 -43.55 66.93
C GLY C 37 49.16 -44.68 66.35
N THR C 38 47.85 -44.67 66.57
CA THR C 38 47.05 -45.89 66.45
C THR C 38 46.38 -46.12 65.09
N GLY C 39 46.55 -45.20 64.15
CA GLY C 39 45.96 -45.38 62.82
C GLY C 39 46.91 -46.11 61.89
N THR C 40 46.36 -46.87 60.94
CA THR C 40 47.16 -47.49 59.87
C THR C 40 46.31 -47.81 58.67
N ASP C 41 46.97 -47.93 57.52
CA ASP C 41 46.26 -48.17 56.28
C ASP C 41 45.05 -49.08 56.52
N GLY C 42 43.86 -48.56 56.30
CA GLY C 42 42.65 -49.37 56.33
C GLY C 42 41.89 -49.39 57.64
N TYR C 43 42.46 -48.80 58.69
CA TYR C 43 41.78 -48.71 59.99
C TYR C 43 40.49 -47.89 59.90
N VAL C 44 39.37 -48.52 60.24
CA VAL C 44 38.08 -47.86 60.18
C VAL C 44 37.93 -46.96 61.40
N VAL C 45 37.91 -45.65 61.19
CA VAL C 45 37.72 -44.70 62.30
C VAL C 45 36.29 -44.20 62.45
N VAL C 46 35.51 -44.27 61.37
CA VAL C 46 34.09 -43.93 61.42
C VAL C 46 33.32 -44.85 60.49
N ASP C 47 32.20 -45.35 60.97
CA ASP C 47 31.35 -46.19 60.17
C ASP C 47 29.96 -45.93 60.67
N ALA C 48 29.28 -44.99 60.01
CA ALA C 48 27.99 -44.51 60.46
C ALA C 48 26.89 -44.76 59.43
N THR C 49 25.92 -45.59 59.82
CA THR C 49 24.78 -45.86 58.98
C THR C 49 23.79 -44.74 59.15
N ILE C 50 23.38 -44.14 58.03
CA ILE C 50 22.59 -42.92 58.03
C ILE C 50 21.10 -43.18 58.25
N VAL C 51 20.64 -42.84 59.44
CA VAL C 51 19.25 -43.04 59.85
C VAL C 51 18.76 -41.71 60.40
N PRO C 52 17.44 -41.45 60.34
CA PRO C 52 16.95 -40.17 60.83
C PRO C 52 17.25 -39.92 62.30
N ASP C 53 17.31 -40.98 63.09
CA ASP C 53 17.65 -40.84 64.51
C ASP C 53 19.04 -40.20 64.71
N LEU C 54 19.93 -40.38 63.75
CA LEU C 54 21.33 -39.95 63.84
C LEU C 54 21.47 -38.43 63.63
N LEU C 55 20.55 -37.88 62.83
CA LEU C 55 20.47 -36.43 62.59
C LEU C 55 19.41 -35.84 63.50
N PRO C 56 19.82 -35.10 64.55
CA PRO C 56 18.91 -34.92 65.67
C PRO C 56 17.61 -34.17 65.29
N ARG C 57 17.71 -33.09 64.52
CA ARG C 57 16.51 -32.35 64.07
C ARG C 57 15.59 -33.21 63.20
N LEU C 58 16.18 -34.04 62.34
CA LEU C 58 15.39 -34.95 61.53
C LEU C 58 14.84 -36.07 62.40
N GLY C 59 15.59 -36.45 63.43
CA GLY C 59 15.15 -37.47 64.37
C GLY C 59 13.78 -37.17 64.95
N HIS C 60 13.52 -35.89 65.19
CA HIS C 60 12.23 -35.42 65.73
C HIS C 60 11.14 -35.42 64.69
N ALA C 61 11.44 -34.91 63.49
CA ALA C 61 10.47 -34.87 62.40
C ALA C 61 10.18 -36.27 61.88
N ALA C 62 11.07 -37.22 62.18
CA ALA C 62 10.87 -38.63 61.85
C ALA C 62 9.65 -39.24 62.54
N ARG C 63 9.26 -38.68 63.70
CA ARG C 63 8.11 -39.17 64.46
C ARG C 63 6.76 -38.53 64.06
N ILE C 64 6.81 -37.60 63.12
CA ILE C 64 5.63 -36.87 62.66
C ILE C 64 5.14 -37.39 61.31
N PHE C 65 6.08 -37.72 60.45
CA PHE C 65 5.78 -38.34 59.18
C PHE C 65 6.23 -39.79 59.21
N GLN C 66 6.00 -40.48 58.12
CA GLN C 66 6.29 -41.90 58.08
C GLN C 66 7.25 -42.33 56.99
N ARG C 67 7.22 -41.65 55.85
CA ARG C 67 8.23 -41.87 54.83
C ARG C 67 8.98 -40.58 54.55
N TYR C 68 10.31 -40.68 54.48
CA TYR C 68 11.19 -39.56 54.14
C TYR C 68 11.98 -39.90 52.89
N ALA C 69 12.22 -38.92 52.04
CA ALA C 69 13.03 -39.11 50.84
C ALA C 69 14.18 -38.09 50.79
N VAL C 70 15.37 -38.56 50.47
CA VAL C 70 16.58 -37.74 50.58
C VAL C 70 16.88 -36.96 49.31
N GLU C 71 16.92 -35.64 49.43
CA GLU C 71 17.02 -34.75 48.28
C GLU C 71 18.46 -34.25 48.08
N THR C 72 19.17 -33.90 49.15
CA THR C 72 20.63 -33.64 49.06
C THR C 72 21.38 -34.21 50.28
N LEU C 73 22.54 -34.81 50.00
CA LEU C 73 23.42 -35.36 51.03
C LEU C 73 24.85 -34.96 50.77
N GLU C 74 25.52 -34.45 51.80
CA GLU C 74 26.95 -34.21 51.76
C GLU C 74 27.51 -34.48 53.15
N PHE C 75 28.78 -34.86 53.20
CA PHE C 75 29.44 -35.08 54.45
C PHE C 75 30.69 -34.22 54.50
N GLU C 76 30.84 -33.47 55.57
CA GLU C 76 31.98 -32.63 55.76
C GLU C 76 32.86 -33.31 56.77
N ILE C 77 34.06 -33.70 56.35
CA ILE C 77 35.03 -34.33 57.26
C ILE C 77 35.84 -33.22 57.93
N GLN C 78 35.81 -33.19 59.25
CA GLN C 78 36.38 -32.10 59.99
C GLN C 78 37.34 -32.58 61.06
N PRO C 79 38.53 -33.02 60.64
CA PRO C 79 39.54 -33.54 61.53
C PRO C 79 40.31 -32.41 62.18
N MET C 80 40.66 -32.61 63.44
CA MET C 80 41.23 -31.56 64.25
C MET C 80 42.48 -32.01 64.94
N CYS C 81 43.59 -31.54 64.38
CA CYS C 81 44.90 -32.00 64.79
C CYS C 81 45.90 -30.93 64.36
N PRO C 82 47.15 -31.05 64.85
CA PRO C 82 48.12 -30.05 64.47
C PRO C 82 48.58 -30.26 63.05
N ALA C 83 49.05 -29.18 62.43
CA ALA C 83 49.48 -29.20 61.05
C ALA C 83 50.71 -30.11 60.82
N ASN C 84 51.34 -30.52 61.93
CA ASN C 84 52.46 -31.45 61.89
C ASN C 84 52.08 -32.91 62.04
N THR C 85 50.91 -33.28 61.52
CA THR C 85 50.46 -34.65 61.63
C THR C 85 50.71 -35.36 60.31
N GLY C 86 51.34 -36.54 60.39
CA GLY C 86 51.59 -37.38 59.23
C GLY C 86 50.34 -38.20 58.96
N GLY C 87 49.31 -37.50 58.54
CA GLY C 87 48.00 -38.09 58.60
C GLY C 87 47.63 -38.76 57.32
N GLY C 88 46.34 -38.76 57.05
CA GLY C 88 45.80 -39.37 55.86
C GLY C 88 44.51 -40.07 56.13
N TYR C 89 43.48 -39.72 55.37
CA TYR C 89 42.25 -40.44 55.42
C TYR C 89 41.62 -40.53 54.06
N VAL C 90 40.76 -41.54 53.89
CA VAL C 90 39.85 -41.62 52.75
C VAL C 90 38.44 -41.74 53.31
N ALA C 91 37.54 -40.90 52.79
CA ALA C 91 36.18 -40.85 53.26
C ALA C 91 35.27 -41.08 52.06
N GLY C 92 34.26 -41.91 52.24
CA GLY C 92 33.35 -42.22 51.15
C GLY C 92 32.01 -42.65 51.69
N PHE C 93 30.98 -42.44 50.87
CA PHE C 93 29.61 -42.82 51.23
C PHE C 93 29.13 -43.91 50.28
N LEU C 94 29.06 -45.15 50.78
CA LEU C 94 28.47 -46.22 49.97
C LEU C 94 26.96 -46.36 50.20
N PRO C 95 26.17 -46.39 49.09
CA PRO C 95 24.73 -46.28 49.16
C PRO C 95 23.95 -47.47 49.68
N ASP C 96 24.60 -48.53 50.15
CA ASP C 96 23.83 -49.58 50.83
C ASP C 96 24.12 -49.55 52.31
N PRO C 97 23.09 -49.41 53.13
CA PRO C 97 23.38 -49.62 54.54
C PRO C 97 23.83 -51.06 54.79
N THR C 98 23.49 -51.94 53.83
CA THR C 98 23.73 -53.39 53.92
C THR C 98 25.19 -53.79 54.13
N ASP C 99 26.06 -53.46 53.16
CA ASP C 99 27.33 -54.20 53.04
C ASP C 99 28.54 -53.60 53.78
N ASN C 100 29.38 -54.51 54.25
CA ASN C 100 30.57 -54.24 55.08
C ASN C 100 31.89 -54.14 54.30
N ASP C 101 31.84 -53.86 53.00
CA ASP C 101 33.06 -53.78 52.19
C ASP C 101 33.82 -52.47 52.49
N HIS C 102 34.61 -52.47 53.55
CA HIS C 102 35.26 -51.25 54.04
C HIS C 102 36.75 -51.21 53.70
N THR C 103 37.04 -51.23 52.41
CA THR C 103 38.41 -51.16 51.90
C THR C 103 38.57 -49.84 51.16
N PHE C 104 39.82 -49.39 51.04
CA PHE C 104 40.12 -48.14 50.33
C PHE C 104 39.55 -48.15 48.92
N ASP C 105 39.85 -49.20 48.16
CA ASP C 105 39.45 -49.23 46.76
C ASP C 105 37.93 -49.18 46.59
N ALA C 106 37.23 -49.81 47.52
CA ALA C 106 35.76 -49.80 47.50
C ALA C 106 35.17 -48.43 47.82
N LEU C 107 35.81 -47.71 48.75
CA LEU C 107 35.43 -46.32 49.03
C LEU C 107 35.68 -45.41 47.82
N GLN C 108 36.91 -45.47 47.28
CA GLN C 108 37.30 -44.63 46.14
C GLN C 108 36.50 -44.91 44.88
N ALA C 109 35.85 -46.07 44.82
CA ALA C 109 34.91 -46.37 43.74
C ALA C 109 33.62 -45.54 43.78
N THR C 110 33.22 -45.03 44.96
CA THR C 110 32.03 -44.21 45.12
C THR C 110 32.29 -42.79 44.63
N ARG C 111 31.25 -41.96 44.55
CA ARG C 111 31.36 -40.69 43.81
C ARG C 111 31.92 -39.60 44.68
N GLY C 112 31.42 -39.52 45.90
CA GLY C 112 31.88 -38.46 46.79
C GLY C 112 33.36 -38.55 47.10
N ALA C 113 33.88 -39.77 47.05
CA ALA C 113 35.12 -40.16 47.68
C ALA C 113 36.20 -39.10 47.65
N VAL C 114 36.75 -38.81 48.83
CA VAL C 114 37.84 -37.86 49.00
C VAL C 114 38.97 -38.50 49.81
N VAL C 115 40.20 -38.07 49.53
CA VAL C 115 41.35 -38.39 50.37
C VAL C 115 42.16 -37.12 50.66
N ALA C 116 42.75 -37.06 51.85
CA ALA C 116 43.43 -35.88 52.31
C ALA C 116 44.25 -36.19 53.52
N LYS C 117 45.20 -35.31 53.83
CA LYS C 117 46.01 -35.41 55.06
C LYS C 117 45.12 -35.00 56.21
N TRP C 118 45.40 -35.51 57.41
CA TRP C 118 44.49 -35.29 58.53
C TRP C 118 44.33 -33.83 58.94
N TRP C 119 45.23 -32.95 58.50
CA TRP C 119 45.07 -31.54 58.79
C TRP C 119 44.38 -30.74 57.65
N GLU C 120 43.53 -31.44 56.91
CA GLU C 120 42.83 -30.86 55.77
C GLU C 120 41.34 -31.25 55.87
N SER C 121 40.48 -30.23 55.90
CA SER C 121 39.03 -30.44 55.86
C SER C 121 38.68 -30.88 54.47
N ARG C 122 37.53 -31.51 54.36
CA ARG C 122 37.16 -32.06 53.09
C ARG C 122 35.68 -32.43 53.06
N THR C 123 35.08 -32.38 51.87
CA THR C 123 33.65 -32.61 51.73
C THR C 123 33.38 -33.68 50.69
N VAL C 124 32.67 -34.72 51.09
CA VAL C 124 32.27 -35.79 50.15
C VAL C 124 30.85 -35.46 49.67
N ARG C 125 30.70 -35.44 48.35
CA ARG C 125 29.44 -35.13 47.68
C ARG C 125 28.97 -36.37 46.92
N PRO C 126 28.28 -37.28 47.62
CA PRO C 126 28.05 -38.55 47.00
C PRO C 126 26.86 -38.50 46.09
N GLN C 127 26.68 -39.61 45.38
CA GLN C 127 25.45 -39.91 44.67
C GLN C 127 24.87 -41.14 45.36
N TYR C 128 23.55 -41.14 45.52
CA TYR C 128 22.85 -42.02 46.46
C TYR C 128 21.59 -42.57 45.80
N THR C 129 20.78 -43.27 46.58
CA THR C 129 19.50 -43.83 46.13
C THR C 129 18.57 -42.79 45.43
N ARG C 130 18.42 -41.60 46.02
CA ARG C 130 17.57 -40.52 45.48
C ARG C 130 16.08 -40.90 45.47
N THR C 131 15.71 -41.86 46.30
CA THR C 131 14.42 -42.55 46.25
C THR C 131 13.64 -42.37 47.55
N LEU C 132 12.38 -42.82 47.54
CA LEU C 132 11.54 -42.81 48.76
C LEU C 132 12.00 -43.88 49.73
N LEU C 133 11.97 -43.52 51.00
CA LEU C 133 12.45 -44.37 52.07
C LEU C 133 11.38 -44.49 53.14
N TRP C 134 11.79 -44.85 54.35
CA TRP C 134 10.90 -45.15 55.46
C TRP C 134 11.49 -44.63 56.75
N THR C 135 10.71 -43.90 57.54
CA THR C 135 11.23 -43.24 58.75
C THR C 135 11.40 -44.16 59.93
N SER C 136 10.96 -45.42 59.80
CA SER C 136 11.16 -46.42 60.85
C SER C 136 11.51 -47.81 60.29
N SER C 137 12.13 -48.65 61.13
CA SER C 137 12.74 -49.94 60.70
C SER C 137 11.85 -50.86 59.87
N GLY C 138 12.47 -51.64 58.97
CA GLY C 138 11.74 -52.54 58.10
C GLY C 138 12.36 -53.92 58.11
N LYS C 139 11.63 -54.88 57.55
CA LYS C 139 12.14 -56.25 57.35
C LYS C 139 13.22 -56.21 56.25
N GLU C 140 12.98 -55.41 55.22
CA GLU C 140 13.99 -55.08 54.19
C GLU C 140 14.48 -53.66 54.44
N GLN C 141 15.75 -53.53 54.84
CA GLN C 141 16.31 -52.23 55.22
C GLN C 141 16.90 -51.40 54.07
N ARG C 142 16.60 -51.80 52.83
CA ARG C 142 16.96 -51.02 51.64
C ARG C 142 16.15 -49.73 51.57
N LEU C 143 15.05 -49.67 52.32
CA LEU C 143 14.16 -48.49 52.34
C LEU C 143 14.12 -47.73 53.68
N THR C 144 14.99 -48.05 54.64
CA THR C 144 15.05 -47.29 55.92
C THR C 144 16.31 -46.38 56.14
N SER C 145 17.34 -46.53 55.29
CA SER C 145 18.57 -45.72 55.30
C SER C 145 19.18 -45.59 53.89
N PRO C 146 19.69 -44.40 53.55
CA PRO C 146 20.10 -44.18 52.17
C PRO C 146 21.54 -44.63 51.87
N GLY C 147 22.23 -45.07 52.91
CA GLY C 147 23.60 -45.51 52.82
C GLY C 147 24.33 -45.30 54.13
N ARG C 148 25.66 -45.34 54.06
CA ARG C 148 26.47 -45.17 55.24
C ARG C 148 27.82 -44.54 54.91
N LEU C 149 28.33 -43.77 55.85
CA LEU C 149 29.52 -42.95 55.66
C LEU C 149 30.69 -43.65 56.32
N ILE C 150 31.75 -43.91 55.56
CA ILE C 150 32.90 -44.61 56.10
C ILE C 150 34.11 -43.71 56.04
N LEU C 151 34.93 -43.78 57.07
CA LEU C 151 36.14 -42.99 57.12
C LEU C 151 37.31 -43.91 57.49
N LEU C 152 38.30 -43.97 56.60
CA LEU C 152 39.42 -44.89 56.75
C LEU C 152 40.73 -44.13 56.93
N CYS C 153 41.65 -44.71 57.69
CA CYS C 153 42.99 -44.20 57.78
C CYS C 153 43.79 -44.53 56.52
N VAL C 154 44.64 -43.57 56.15
CA VAL C 154 45.64 -43.74 55.11
C VAL C 154 46.92 -43.39 55.79
N GLY C 155 47.92 -44.24 55.63
CA GLY C 155 49.15 -44.14 56.39
C GLY C 155 48.84 -44.17 57.88
N ASN C 156 49.73 -43.63 58.70
CA ASN C 156 49.51 -43.66 60.13
C ASN C 156 49.84 -42.33 60.79
N ASN C 157 48.93 -41.88 61.65
CA ASN C 157 48.98 -40.56 62.26
C ASN C 157 50.09 -40.39 63.27
N THR C 158 50.83 -39.29 63.16
CA THR C 158 51.90 -38.90 64.09
C THR C 158 51.37 -38.34 65.37
N ASP C 159 50.12 -37.89 65.35
CA ASP C 159 49.59 -37.10 66.43
C ASP C 159 48.12 -37.40 66.67
N VAL C 160 47.59 -36.83 67.74
CA VAL C 160 46.22 -37.12 68.13
C VAL C 160 45.27 -36.36 67.21
N VAL C 161 44.25 -37.05 66.72
CA VAL C 161 43.26 -36.48 65.83
C VAL C 161 41.87 -36.59 66.46
N ASN C 162 41.14 -35.48 66.45
CA ASN C 162 39.77 -35.47 66.94
C ASN C 162 38.83 -35.20 65.79
N VAL C 163 38.59 -36.25 65.00
CA VAL C 163 37.76 -36.12 63.81
C VAL C 163 36.29 -36.09 64.15
N SER C 164 35.57 -35.13 63.58
CA SER C 164 34.12 -35.07 63.68
C SER C 164 33.59 -35.01 62.25
N VAL C 165 32.75 -35.97 61.84
CA VAL C 165 32.10 -35.86 60.53
C VAL C 165 30.71 -35.26 60.68
N LEU C 166 30.37 -34.40 59.73
CA LEU C 166 29.12 -33.70 59.74
C LEU C 166 28.38 -34.04 58.48
N CYS C 167 27.09 -34.28 58.62
CA CYS C 167 26.24 -34.58 57.48
C CYS C 167 25.36 -33.39 57.23
N ARG C 168 25.46 -32.79 56.05
CA ARG C 168 24.48 -31.79 55.68
C ARG C 168 23.48 -32.48 54.79
N TRP C 169 22.21 -32.21 55.07
CA TRP C 169 21.12 -32.98 54.50
C TRP C 169 19.92 -32.10 54.18
N SER C 170 19.25 -32.49 53.11
CA SER C 170 18.02 -31.87 52.68
C SER C 170 17.05 -32.99 52.31
N VAL C 171 15.90 -33.01 52.96
CA VAL C 171 15.02 -34.15 52.95
C VAL C 171 13.61 -33.69 52.67
N ARG C 172 12.83 -34.44 51.90
CA ARG C 172 11.37 -34.18 51.80
C ARG C 172 10.52 -35.29 52.46
N LEU C 173 9.70 -34.87 53.42
CA LEU C 173 8.94 -35.79 54.27
C LEU C 173 7.49 -35.97 53.81
N SER C 174 6.94 -37.16 54.08
CA SER C 174 5.64 -37.56 53.52
C SER C 174 4.84 -38.41 54.49
N VAL C 175 3.58 -38.65 54.10
CA VAL C 175 2.48 -39.20 54.93
C VAL C 175 2.57 -38.94 56.45
N PRO C 176 1.74 -38.00 56.92
CA PRO C 176 1.55 -37.70 58.34
C PRO C 176 1.26 -38.91 59.20
N SER C 177 1.63 -38.85 60.46
CA SER C 177 1.72 -40.01 61.31
C SER C 177 2.15 -39.56 62.69
N LEU C 178 2.29 -40.49 63.63
CA LEU C 178 2.76 -40.17 64.97
C LEU C 178 3.26 -41.39 65.73
N GLU C 179 4.57 -41.60 65.77
CA GLU C 179 5.13 -42.79 66.43
C GLU C 179 5.68 -42.47 67.84
N ASN C 180 5.02 -43.06 68.83
CA ASN C 180 5.33 -42.85 70.24
C ASN C 180 5.93 -44.11 70.88
N THR D 18 -17.11 -49.91 1.43
CA THR D 18 -17.76 -50.75 2.49
C THR D 18 -17.67 -52.25 2.14
N ASN D 19 -17.75 -53.09 3.16
CA ASN D 19 -17.79 -54.54 2.99
C ASN D 19 -19.22 -55.02 2.72
N ASP D 20 -20.18 -54.11 2.93
CA ASP D 20 -21.60 -54.39 2.79
C ASP D 20 -22.07 -54.23 1.36
N VAL D 21 -23.01 -55.07 0.99
CA VAL D 21 -23.48 -55.22 -0.38
C VAL D 21 -24.93 -54.73 -0.50
N HIS D 22 -25.17 -53.66 -1.27
CA HIS D 22 -26.54 -53.12 -1.46
C HIS D 22 -27.29 -53.80 -2.62
N LEU D 23 -28.48 -54.32 -2.33
CA LEU D 23 -29.23 -55.17 -3.26
C LEU D 23 -30.74 -54.86 -3.26
N SER D 24 -31.31 -54.55 -4.42
CA SER D 24 -32.66 -53.99 -4.50
C SER D 24 -33.48 -54.79 -5.48
N GLY D 25 -34.76 -54.93 -5.21
CA GLY D 25 -35.64 -55.69 -6.08
C GLY D 25 -37.10 -55.33 -5.84
N MET D 26 -37.97 -56.08 -6.50
CA MET D 26 -39.39 -56.02 -6.24
C MET D 26 -40.04 -57.34 -6.61
N SER D 27 -40.56 -58.05 -5.61
CA SER D 27 -40.98 -59.41 -5.81
C SER D 27 -42.46 -59.56 -5.49
N ARG D 28 -43.04 -60.68 -5.90
CA ARG D 28 -44.39 -61.02 -5.49
C ARG D 28 -44.32 -61.80 -4.19
N ILE D 29 -44.97 -61.27 -3.17
CA ILE D 29 -45.15 -61.89 -1.86
C ILE D 29 -46.20 -63.02 -1.93
N SER D 30 -47.32 -62.71 -2.58
CA SER D 30 -48.45 -63.61 -2.61
C SER D 30 -49.43 -63.23 -3.69
N GLN D 31 -50.29 -64.18 -3.96
CA GLN D 31 -51.39 -64.06 -4.88
C GLN D 31 -52.50 -64.78 -4.15
N ALA D 32 -53.62 -64.10 -3.97
CA ALA D 32 -54.78 -64.72 -3.41
C ALA D 32 -55.90 -64.61 -4.44
N VAL D 33 -56.84 -65.54 -4.42
CA VAL D 33 -58.03 -65.46 -5.27
C VAL D 33 -59.27 -65.56 -4.41
N LEU D 34 -60.19 -64.62 -4.58
CA LEU D 34 -61.22 -64.36 -3.57
C LEU D 34 -62.59 -64.56 -4.18
N PRO D 35 -63.20 -65.75 -3.99
CA PRO D 35 -64.36 -66.07 -4.83
C PRO D 35 -65.60 -65.20 -4.61
N ALA D 36 -66.51 -65.35 -5.55
CA ALA D 36 -67.53 -64.36 -5.89
C ALA D 36 -68.23 -63.58 -4.75
N GLY D 37 -68.29 -64.11 -3.53
CA GLY D 37 -68.93 -63.34 -2.46
C GLY D 37 -68.41 -63.63 -1.08
N THR D 38 -67.18 -64.12 -1.02
CA THR D 38 -66.70 -64.74 0.19
C THR D 38 -65.91 -63.79 1.10
N GLY D 39 -65.73 -62.52 0.71
CA GLY D 39 -65.05 -61.53 1.57
C GLY D 39 -66.01 -60.99 2.61
N THR D 40 -65.48 -60.41 3.69
CA THR D 40 -66.32 -59.71 4.67
C THR D 40 -65.45 -58.94 5.63
N ASP D 41 -65.92 -57.78 6.09
CA ASP D 41 -65.14 -56.98 7.03
C ASP D 41 -64.29 -57.82 7.98
N GLY D 42 -62.97 -57.80 7.82
CA GLY D 42 -62.05 -58.44 8.77
C GLY D 42 -61.44 -59.75 8.32
N TYR D 43 -62.03 -60.38 7.30
CA TYR D 43 -61.49 -61.58 6.68
C TYR D 43 -60.07 -61.32 6.23
N VAL D 44 -59.14 -62.22 6.59
CA VAL D 44 -57.72 -62.07 6.23
C VAL D 44 -57.44 -62.75 4.89
N VAL D 45 -57.04 -61.96 3.88
CA VAL D 45 -56.75 -62.49 2.52
C VAL D 45 -55.27 -62.77 2.29
N VAL D 46 -54.42 -62.00 2.95
CA VAL D 46 -52.98 -62.17 2.89
C VAL D 46 -52.39 -61.83 4.26
N ASP D 47 -51.43 -62.65 4.66
CA ASP D 47 -50.74 -62.55 5.91
C ASP D 47 -49.43 -63.21 5.59
N ALA D 48 -48.38 -62.39 5.53
CA ALA D 48 -47.16 -62.81 4.91
C ALA D 48 -46.03 -62.20 5.65
N THR D 49 -45.38 -63.02 6.44
CA THR D 49 -44.27 -62.58 7.24
C THR D 49 -43.04 -62.54 6.39
N ILE D 50 -42.41 -61.38 6.33
CA ILE D 50 -41.32 -61.12 5.40
C ILE D 50 -39.96 -61.72 5.81
N VAL D 51 -39.44 -62.62 4.97
CA VAL D 51 -38.09 -63.17 5.10
C VAL D 51 -37.51 -63.32 3.71
N PRO D 52 -36.19 -63.48 3.61
CA PRO D 52 -35.57 -63.57 2.29
C PRO D 52 -36.05 -64.69 1.35
N ASP D 53 -36.53 -65.81 1.88
CA ASP D 53 -37.10 -66.84 1.00
C ASP D 53 -38.30 -66.34 0.24
N LEU D 54 -39.04 -65.43 0.85
CA LEU D 54 -40.27 -64.91 0.25
C LEU D 54 -40.04 -64.00 -0.98
N LEU D 55 -38.85 -63.42 -1.07
CA LEU D 55 -38.49 -62.48 -2.12
C LEU D 55 -37.41 -63.16 -2.95
N PRO D 56 -37.79 -63.83 -4.05
CA PRO D 56 -36.94 -64.76 -4.81
C PRO D 56 -35.45 -64.40 -5.04
N ARG D 57 -35.15 -63.19 -5.49
CA ARG D 57 -33.75 -62.79 -5.74
C ARG D 57 -32.96 -62.72 -4.46
N LEU D 58 -33.57 -62.14 -3.42
CA LEU D 58 -32.97 -62.10 -2.10
C LEU D 58 -32.67 -63.51 -1.57
N GLY D 59 -33.64 -64.41 -1.71
CA GLY D 59 -33.50 -65.80 -1.28
C GLY D 59 -32.15 -66.35 -1.64
N HIS D 60 -31.68 -66.05 -2.84
CA HIS D 60 -30.35 -66.45 -3.29
C HIS D 60 -29.22 -65.65 -2.62
N ALA D 61 -29.38 -64.35 -2.45
CA ALA D 61 -28.33 -63.57 -1.81
C ALA D 61 -28.25 -63.77 -0.28
N ALA D 62 -29.34 -64.24 0.34
CA ALA D 62 -29.33 -64.61 1.74
C ALA D 62 -28.49 -65.86 1.94
N ARG D 63 -28.50 -66.79 0.99
CA ARG D 63 -27.64 -67.97 1.09
C ARG D 63 -26.14 -67.62 1.07
N ILE D 64 -25.82 -66.46 0.50
CA ILE D 64 -24.45 -65.98 0.41
C ILE D 64 -23.97 -65.18 1.62
N PHE D 65 -24.85 -64.51 2.34
CA PHE D 65 -24.45 -63.69 3.48
C PHE D 65 -25.14 -64.16 4.76
N GLN D 66 -24.79 -63.56 5.90
CA GLN D 66 -25.35 -63.97 7.19
C GLN D 66 -26.35 -63.00 7.76
N ARG D 67 -26.06 -61.71 7.61
CA ARG D 67 -26.95 -60.67 8.12
C ARG D 67 -27.39 -59.76 6.99
N TYR D 68 -28.52 -59.12 7.21
CA TYR D 68 -29.06 -58.16 6.28
C TYR D 68 -29.92 -57.17 7.03
N ALA D 69 -29.93 -55.93 6.56
CA ALA D 69 -30.77 -54.92 7.15
C ALA D 69 -31.66 -54.34 6.08
N VAL D 70 -32.96 -54.27 6.35
CA VAL D 70 -33.91 -53.76 5.38
C VAL D 70 -33.78 -52.25 5.30
N GLU D 71 -33.35 -51.72 4.16
CA GLU D 71 -33.08 -50.29 4.03
C GLU D 71 -34.22 -49.47 3.39
N THR D 72 -35.04 -50.07 2.53
CA THR D 72 -36.34 -49.51 2.17
C THR D 72 -37.35 -50.63 1.95
N LEU D 73 -38.56 -50.49 2.50
CA LEU D 73 -39.66 -51.40 2.23
C LEU D 73 -40.90 -50.66 1.73
N GLU D 74 -41.60 -51.29 0.79
CA GLU D 74 -42.87 -50.82 0.24
C GLU D 74 -43.64 -52.01 -0.29
N PHE D 75 -44.94 -51.99 -0.12
CA PHE D 75 -45.77 -53.05 -0.60
C PHE D 75 -46.76 -52.42 -1.54
N GLU D 76 -46.85 -52.97 -2.72
CA GLU D 76 -47.82 -52.56 -3.70
C GLU D 76 -48.96 -53.59 -3.87
N ILE D 77 -50.15 -53.18 -3.45
CA ILE D 77 -51.29 -54.05 -3.49
C ILE D 77 -51.85 -53.91 -4.87
N GLN D 78 -51.79 -55.00 -5.61
CA GLN D 78 -52.28 -54.99 -6.99
C GLN D 78 -53.40 -56.00 -7.19
N PRO D 79 -54.65 -55.60 -6.89
CA PRO D 79 -55.81 -56.47 -7.08
C PRO D 79 -56.32 -56.41 -8.49
N MET D 80 -56.91 -57.53 -8.93
CA MET D 80 -57.38 -57.70 -10.30
C MET D 80 -58.82 -58.22 -10.48
N CYS D 81 -59.74 -57.27 -10.58
CA CYS D 81 -61.15 -57.54 -10.68
C CYS D 81 -61.75 -56.45 -11.58
N PRO D 82 -63.05 -56.58 -11.91
CA PRO D 82 -63.65 -55.55 -12.73
C PRO D 82 -64.11 -54.30 -11.97
N ALA D 83 -64.20 -53.19 -12.69
CA ALA D 83 -64.60 -51.87 -12.17
C ALA D 83 -66.00 -51.77 -11.55
N ASN D 84 -66.79 -52.83 -11.70
CA ASN D 84 -68.08 -52.95 -11.03
C ASN D 84 -68.02 -53.98 -9.87
N THR D 85 -67.07 -53.77 -8.99
CA THR D 85 -66.88 -54.65 -7.87
C THR D 85 -66.93 -53.79 -6.62
N GLY D 86 -67.71 -54.24 -5.64
CA GLY D 86 -68.05 -53.37 -4.51
C GLY D 86 -67.33 -53.65 -3.22
N GLY D 87 -66.19 -54.33 -3.30
CA GLY D 87 -65.47 -54.69 -2.09
C GLY D 87 -64.61 -53.54 -1.59
N GLY D 88 -63.47 -53.89 -1.01
CA GLY D 88 -62.63 -52.89 -0.39
C GLY D 88 -61.62 -53.57 0.50
N TYR D 89 -60.49 -52.93 0.75
CA TYR D 89 -59.45 -53.54 1.56
C TYR D 89 -58.72 -52.56 2.44
N VAL D 90 -58.06 -53.06 3.48
CA VAL D 90 -57.04 -52.29 4.17
C VAL D 90 -55.76 -53.14 4.22
N ALA D 91 -54.65 -52.57 3.78
CA ALA D 91 -53.39 -53.29 3.78
C ALA D 91 -52.40 -52.51 4.61
N GLY D 92 -51.62 -53.20 5.43
CA GLY D 92 -50.68 -52.55 6.34
C GLY D 92 -49.59 -53.48 6.83
N PHE D 93 -48.48 -52.89 7.20
CA PHE D 93 -47.31 -53.64 7.61
C PHE D 93 -47.07 -53.43 9.09
N LEU D 94 -47.44 -54.43 9.91
CA LEU D 94 -47.00 -54.44 11.31
C LEU D 94 -45.61 -55.07 11.37
N PRO D 95 -44.66 -54.39 12.06
CA PRO D 95 -43.29 -54.87 12.32
C PRO D 95 -43.04 -55.82 13.48
N ASP D 96 -43.89 -56.83 13.69
CA ASP D 96 -43.54 -57.99 14.53
C ASP D 96 -43.80 -59.18 13.70
N PRO D 97 -42.75 -59.94 13.41
CA PRO D 97 -43.08 -61.28 12.92
C PRO D 97 -44.08 -62.01 13.83
N THR D 98 -44.06 -61.59 15.09
CA THR D 98 -44.64 -62.32 16.19
C THR D 98 -46.14 -62.11 16.46
N ASP D 99 -46.70 -60.93 16.15
CA ASP D 99 -48.08 -60.65 16.60
C ASP D 99 -49.19 -60.85 15.58
N ASN D 100 -50.15 -61.71 15.95
CA ASN D 100 -51.35 -61.97 15.16
C ASN D 100 -52.47 -61.02 15.53
N ASP D 101 -52.26 -59.72 15.28
CA ASP D 101 -53.29 -58.72 15.50
C ASP D 101 -53.92 -58.36 14.15
N HIS D 102 -54.67 -59.29 13.57
CA HIS D 102 -55.18 -59.14 12.21
C HIS D 102 -56.53 -58.47 12.15
N THR D 103 -56.58 -57.24 12.64
CA THR D 103 -57.79 -56.43 12.70
C THR D 103 -57.64 -55.09 11.98
N PHE D 104 -58.75 -54.49 11.54
CA PHE D 104 -58.69 -53.18 10.87
C PHE D 104 -57.88 -52.13 11.63
N ASP D 105 -58.16 -51.97 12.92
CA ASP D 105 -57.62 -50.82 13.67
C ASP D 105 -56.13 -50.95 13.88
N ALA D 106 -55.69 -52.19 14.08
CA ALA D 106 -54.26 -52.46 14.27
C ALA D 106 -53.42 -52.15 13.01
N LEU D 107 -53.93 -52.54 11.83
CA LEU D 107 -53.25 -52.21 10.57
C LEU D 107 -53.22 -50.71 10.35
N GLN D 108 -54.38 -50.06 10.42
CA GLN D 108 -54.45 -48.62 10.21
C GLN D 108 -53.57 -47.85 11.17
N ALA D 109 -53.40 -48.42 12.37
CA ALA D 109 -52.46 -47.86 13.33
C ALA D 109 -50.98 -47.83 12.88
N THR D 110 -50.58 -48.70 11.95
CA THR D 110 -49.22 -48.68 11.40
C THR D 110 -49.19 -47.62 10.32
N ARG D 111 -48.03 -47.37 9.73
CA ARG D 111 -47.77 -46.13 9.00
C ARG D 111 -48.26 -46.22 7.59
N GLY D 112 -47.75 -47.20 6.87
CA GLY D 112 -48.11 -47.32 5.47
C GLY D 112 -49.61 -47.46 5.27
N ALA D 113 -50.23 -48.19 6.20
CA ALA D 113 -51.65 -48.47 6.21
C ALA D 113 -52.53 -47.70 5.19
N VAL D 114 -53.05 -48.45 4.22
CA VAL D 114 -53.94 -47.91 3.20
C VAL D 114 -55.25 -48.71 3.07
N VAL D 115 -56.32 -48.01 2.67
CA VAL D 115 -57.59 -48.65 2.38
C VAL D 115 -58.07 -48.17 1.04
N ALA D 116 -58.59 -49.09 0.24
CA ALA D 116 -59.16 -48.72 -1.03
C ALA D 116 -60.15 -49.78 -1.49
N LYS D 117 -60.94 -49.39 -2.49
CA LYS D 117 -61.85 -50.30 -3.22
C LYS D 117 -61.03 -51.28 -4.06
N TRP D 118 -61.60 -52.46 -4.34
CA TRP D 118 -60.77 -53.53 -4.90
C TRP D 118 -60.30 -53.28 -6.34
N TRP D 119 -60.93 -52.34 -7.04
CA TRP D 119 -60.48 -52.00 -8.39
C TRP D 119 -59.48 -50.83 -8.41
N GLU D 120 -58.71 -50.67 -7.33
CA GLU D 120 -57.84 -49.52 -7.14
C GLU D 120 -56.56 -50.04 -6.52
N SER D 121 -55.43 -49.87 -7.21
CA SER D 121 -54.10 -50.26 -6.68
C SER D 121 -53.67 -49.26 -5.67
N ARG D 122 -52.64 -49.59 -4.92
CA ARG D 122 -52.22 -48.75 -3.81
C ARG D 122 -50.91 -49.26 -3.20
N THR D 123 -50.14 -48.36 -2.58
CA THR D 123 -48.84 -48.71 -2.10
C THR D 123 -48.69 -48.36 -0.63
N VAL D 124 -48.42 -49.35 0.21
CA VAL D 124 -48.15 -49.07 1.62
C VAL D 124 -46.68 -48.70 1.69
N ARG D 125 -46.38 -47.75 2.57
CA ARG D 125 -45.06 -47.18 2.77
C ARG D 125 -44.67 -47.18 4.22
N PRO D 126 -44.27 -48.32 4.74
CA PRO D 126 -44.19 -48.39 6.18
C PRO D 126 -42.88 -47.82 6.73
N GLN D 127 -42.84 -47.62 8.05
CA GLN D 127 -41.59 -47.48 8.82
C GLN D 127 -41.54 -48.77 9.64
N TYR D 128 -40.31 -49.22 9.91
CA TYR D 128 -40.06 -50.62 10.26
C TYR D 128 -38.74 -50.73 11.00
N THR D 129 -38.25 -51.96 11.13
CA THR D 129 -37.03 -52.23 11.90
C THR D 129 -35.83 -51.32 11.58
N ARG D 130 -35.25 -51.43 10.37
CA ARG D 130 -34.06 -50.63 10.01
C ARG D 130 -32.84 -51.08 10.83
N THR D 131 -32.88 -52.31 11.35
CA THR D 131 -31.85 -52.85 12.22
C THR D 131 -31.21 -54.00 11.47
N LEU D 132 -30.12 -54.52 12.03
CA LEU D 132 -29.45 -55.68 11.45
C LEU D 132 -30.13 -57.01 11.82
N LEU D 133 -30.56 -57.74 10.83
CA LEU D 133 -31.23 -58.99 11.09
C LEU D 133 -30.29 -60.11 10.68
N TRP D 134 -30.82 -61.33 10.58
CA TRP D 134 -30.10 -62.53 10.23
C TRP D 134 -30.79 -63.29 9.09
N THR D 135 -29.99 -63.78 8.16
CA THR D 135 -30.51 -64.46 6.99
C THR D 135 -30.93 -65.91 7.29
N SER D 136 -30.54 -66.43 8.46
CA SER D 136 -30.91 -67.78 8.93
C SER D 136 -32.02 -67.76 10.01
N SER D 137 -32.71 -68.89 10.21
CA SER D 137 -33.81 -68.97 11.20
C SER D 137 -33.25 -68.84 12.61
N GLY D 138 -34.03 -68.24 13.51
CA GLY D 138 -33.53 -67.82 14.81
C GLY D 138 -34.39 -68.26 15.97
N LYS D 139 -33.75 -68.46 17.12
CA LYS D 139 -34.41 -68.94 18.34
C LYS D 139 -35.31 -67.84 18.90
N GLU D 140 -34.96 -66.61 18.51
CA GLU D 140 -35.78 -65.41 18.71
C GLU D 140 -35.90 -64.77 17.34
N GLN D 141 -37.12 -64.75 16.82
CA GLN D 141 -37.33 -64.36 15.42
C GLN D 141 -37.66 -62.90 15.20
N ARG D 142 -37.23 -62.04 16.13
CA ARG D 142 -37.34 -60.59 15.96
C ARG D 142 -36.06 -60.09 15.33
N LEU D 143 -35.17 -61.01 14.99
CA LEU D 143 -33.96 -60.71 14.25
C LEU D 143 -33.87 -61.44 12.88
N THR D 144 -34.83 -62.30 12.54
CA THR D 144 -34.83 -62.91 11.23
C THR D 144 -35.74 -62.14 10.26
N SER D 145 -36.87 -61.63 10.74
CA SER D 145 -37.88 -60.96 9.89
C SER D 145 -38.20 -59.53 10.41
N PRO D 146 -38.42 -58.56 9.49
CA PRO D 146 -38.69 -57.19 9.89
C PRO D 146 -40.18 -56.87 10.12
N GLY D 147 -41.06 -57.82 9.85
CA GLY D 147 -42.48 -57.61 10.06
C GLY D 147 -43.31 -58.47 9.15
N ARG D 148 -44.62 -58.24 9.11
CA ARG D 148 -45.46 -59.01 8.25
C ARG D 148 -46.49 -58.11 7.61
N LEU D 149 -46.77 -58.37 6.34
CA LEU D 149 -47.71 -57.57 5.55
C LEU D 149 -49.05 -58.27 5.57
N ILE D 150 -50.08 -57.51 5.93
CA ILE D 150 -51.44 -58.03 6.04
C ILE D 150 -52.35 -57.36 5.00
N LEU D 151 -53.37 -58.09 4.56
CA LEU D 151 -54.41 -57.54 3.72
C LEU D 151 -55.74 -58.14 4.15
N LEU D 152 -56.69 -57.25 4.48
CA LEU D 152 -57.99 -57.60 5.06
C LEU D 152 -59.10 -57.01 4.20
N CYS D 153 -60.27 -57.65 4.18
CA CYS D 153 -61.43 -57.07 3.50
C CYS D 153 -62.08 -55.92 4.24
N VAL D 154 -62.47 -54.89 3.50
CA VAL D 154 -63.54 -54.03 3.90
C VAL D 154 -64.72 -54.46 3.04
N GLY D 155 -65.94 -54.29 3.57
CA GLY D 155 -67.14 -54.70 2.85
C GLY D 155 -67.11 -56.15 2.40
N ASN D 156 -68.00 -56.53 1.47
CA ASN D 156 -67.84 -57.85 0.81
C ASN D 156 -67.67 -57.58 -0.63
N ASN D 157 -66.87 -58.40 -1.27
CA ASN D 157 -66.65 -58.29 -2.70
C ASN D 157 -67.81 -58.87 -3.51
N THR D 158 -68.28 -58.08 -4.45
CA THR D 158 -69.31 -58.43 -5.41
C THR D 158 -68.91 -59.51 -6.35
N ASP D 159 -67.61 -59.59 -6.60
CA ASP D 159 -67.08 -60.22 -7.79
C ASP D 159 -65.76 -60.90 -7.44
N VAL D 160 -65.23 -61.68 -8.36
CA VAL D 160 -63.98 -62.40 -8.13
C VAL D 160 -62.81 -61.41 -8.08
N VAL D 161 -61.87 -61.62 -7.16
CA VAL D 161 -60.69 -60.78 -7.04
C VAL D 161 -59.43 -61.62 -7.04
N ASN D 162 -58.44 -61.23 -7.84
CA ASN D 162 -57.19 -61.96 -7.96
C ASN D 162 -56.06 -61.06 -7.52
N VAL D 163 -56.05 -60.76 -6.23
CA VAL D 163 -55.05 -59.90 -5.67
C VAL D 163 -53.66 -60.54 -5.70
N SER D 164 -52.65 -59.72 -5.99
CA SER D 164 -51.25 -60.10 -5.90
C SER D 164 -50.59 -58.89 -5.26
N VAL D 165 -49.91 -59.08 -4.12
CA VAL D 165 -49.22 -57.95 -3.45
C VAL D 165 -47.76 -58.11 -3.79
N LEU D 166 -47.12 -57.03 -4.22
CA LEU D 166 -45.70 -57.07 -4.53
C LEU D 166 -45.00 -56.35 -3.43
N CYS D 167 -43.75 -56.70 -3.20
CA CYS D 167 -42.96 -56.05 -2.18
C CYS D 167 -41.75 -55.49 -2.84
N ARG D 168 -41.54 -54.19 -2.75
CA ARG D 168 -40.32 -53.55 -3.26
C ARG D 168 -39.30 -53.29 -2.16
N TRP D 169 -38.10 -53.85 -2.32
CA TRP D 169 -37.18 -53.94 -1.21
C TRP D 169 -35.82 -53.37 -1.52
N SER D 170 -35.13 -52.95 -0.48
CA SER D 170 -33.77 -52.50 -0.60
C SER D 170 -32.97 -52.91 0.63
N VAL D 171 -31.90 -53.64 0.40
CA VAL D 171 -31.31 -54.43 1.44
C VAL D 171 -29.80 -54.28 1.41
N ARG D 172 -29.18 -54.23 2.59
CA ARG D 172 -27.75 -54.33 2.67
C ARG D 172 -27.38 -55.60 3.44
N LEU D 173 -26.48 -56.37 2.84
CA LEU D 173 -26.08 -57.67 3.31
C LEU D 173 -24.63 -57.54 3.73
N SER D 174 -24.25 -58.31 4.76
CA SER D 174 -23.10 -57.94 5.57
C SER D 174 -22.00 -59.01 5.60
N VAL D 175 -22.29 -60.16 6.20
CA VAL D 175 -21.23 -61.11 6.57
C VAL D 175 -21.16 -62.28 5.60
N PRO D 176 -20.02 -62.41 4.87
CA PRO D 176 -19.87 -63.55 3.97
C PRO D 176 -19.99 -64.93 4.62
N SER D 177 -20.65 -65.84 3.91
CA SER D 177 -20.95 -67.19 4.38
C SER D 177 -21.60 -68.00 3.25
N LEU D 178 -21.81 -69.29 3.47
CA LEU D 178 -22.48 -70.13 2.50
C LEU D 178 -23.35 -71.10 3.27
N GLU D 179 -24.66 -71.10 3.02
CA GLU D 179 -25.58 -71.96 3.77
C GLU D 179 -26.23 -72.98 2.85
N ASN D 180 -25.58 -74.12 2.64
CA ASN D 180 -26.14 -75.21 1.83
C ASN D 180 -27.22 -75.98 2.59
N THR E 18 -13.70 -42.30 28.99
CA THR E 18 -14.40 -43.48 28.47
C THR E 18 -14.61 -44.53 29.58
N ASN E 19 -15.80 -45.13 29.61
CA ASN E 19 -16.15 -46.12 30.65
C ASN E 19 -15.83 -47.58 30.29
N ASP E 20 -15.33 -47.81 29.07
CA ASP E 20 -15.06 -49.16 28.56
C ASP E 20 -13.69 -49.69 28.95
N VAL E 21 -13.70 -50.83 29.64
CA VAL E 21 -12.50 -51.60 29.99
C VAL E 21 -12.08 -52.55 28.87
N HIS E 22 -10.94 -52.31 28.22
CA HIS E 22 -10.40 -53.21 27.18
C HIS E 22 -9.49 -54.32 27.77
N LEU E 23 -9.57 -55.54 27.23
CA LEU E 23 -8.83 -56.68 27.79
C LEU E 23 -8.36 -57.60 26.66
N SER E 24 -7.07 -57.88 26.57
CA SER E 24 -6.47 -58.68 25.47
C SER E 24 -5.87 -59.98 25.93
N GLY E 25 -5.76 -60.92 25.01
CA GLY E 25 -5.05 -62.17 25.28
C GLY E 25 -4.86 -63.10 24.08
N MET E 26 -4.09 -64.16 24.31
CA MET E 26 -4.03 -65.30 23.41
C MET E 26 -4.16 -66.60 24.19
N SER E 27 -5.15 -67.42 23.85
CA SER E 27 -5.53 -68.54 24.69
C SER E 27 -5.73 -69.81 23.87
N ARG E 28 -5.36 -70.97 24.43
CA ARG E 28 -5.60 -72.22 23.73
C ARG E 28 -7.04 -72.67 23.87
N ILE E 29 -7.76 -72.58 22.77
CA ILE E 29 -9.15 -72.99 22.63
C ILE E 29 -9.37 -74.49 22.66
N SER E 30 -8.44 -75.26 22.10
CA SER E 30 -8.54 -76.73 22.12
C SER E 30 -7.24 -77.40 21.77
N GLN E 31 -7.21 -78.69 21.99
CA GLN E 31 -6.05 -79.50 21.63
C GLN E 31 -6.58 -80.87 21.28
N ALA E 32 -6.75 -81.11 20.00
CA ALA E 32 -7.07 -82.45 19.58
C ALA E 32 -5.76 -83.12 19.27
N VAL E 33 -5.74 -84.42 19.49
CA VAL E 33 -4.63 -85.25 19.07
C VAL E 33 -5.16 -86.23 18.04
N LEU E 34 -4.50 -86.26 16.88
CA LEU E 34 -4.98 -86.97 15.70
C LEU E 34 -4.06 -88.17 15.39
N PRO E 35 -4.55 -89.39 15.64
CA PRO E 35 -3.65 -90.54 15.54
C PRO E 35 -3.30 -90.97 14.11
N ALA E 36 -2.57 -92.08 14.07
CA ALA E 36 -1.87 -92.59 12.90
C ALA E 36 -2.42 -92.11 11.57
N GLY E 37 -3.62 -92.58 11.23
CA GLY E 37 -4.20 -92.29 9.91
C GLY E 37 -5.70 -92.11 9.97
N THR E 38 -6.15 -91.42 11.02
CA THR E 38 -7.57 -91.30 11.31
C THR E 38 -8.19 -89.96 10.84
N GLY E 39 -7.48 -89.18 10.02
CA GLY E 39 -8.03 -87.95 9.42
C GLY E 39 -8.63 -88.35 8.09
N THR E 40 -9.58 -87.58 7.58
CA THR E 40 -10.06 -87.80 6.21
C THR E 40 -10.90 -86.67 5.70
N ASP E 41 -10.79 -86.42 4.39
CA ASP E 41 -11.61 -85.40 3.77
C ASP E 41 -12.89 -85.27 4.58
N GLY E 42 -12.93 -84.21 5.40
CA GLY E 42 -14.17 -83.75 6.05
C GLY E 42 -14.25 -84.00 7.54
N TYR E 43 -13.31 -84.75 8.09
CA TYR E 43 -13.37 -85.07 9.51
C TYR E 43 -13.32 -83.77 10.29
N VAL E 44 -14.07 -83.68 11.39
CA VAL E 44 -14.11 -82.45 12.22
C VAL E 44 -13.24 -82.62 13.45
N VAL E 45 -12.07 -81.95 13.50
CA VAL E 45 -11.12 -82.15 14.61
C VAL E 45 -11.30 -81.17 15.75
N VAL E 46 -11.88 -80.02 15.44
CA VAL E 46 -12.20 -79.01 16.44
C VAL E 46 -13.53 -78.40 16.05
N ASP E 47 -14.33 -78.03 17.05
CA ASP E 47 -15.57 -77.31 16.81
C ASP E 47 -15.96 -76.50 18.03
N ALA E 48 -15.21 -75.44 18.25
CA ALA E 48 -15.29 -74.66 19.46
C ALA E 48 -16.17 -73.43 19.30
N THR E 49 -17.22 -73.33 20.11
CA THR E 49 -18.07 -72.13 20.17
C THR E 49 -17.48 -71.15 21.15
N ILE E 50 -17.28 -69.93 20.69
CA ILE E 50 -16.50 -68.93 21.41
C ILE E 50 -17.33 -68.22 22.46
N VAL E 51 -17.00 -68.46 23.72
CA VAL E 51 -17.61 -67.79 24.86
C VAL E 51 -16.48 -67.39 25.81
N PRO E 52 -16.73 -66.44 26.72
CA PRO E 52 -15.70 -66.04 27.71
C PRO E 52 -15.01 -67.18 28.50
N ASP E 53 -15.75 -68.22 28.90
CA ASP E 53 -15.16 -69.36 29.62
C ASP E 53 -14.15 -70.17 28.81
N LEU E 54 -14.26 -70.10 27.49
CA LEU E 54 -13.27 -70.73 26.64
C LEU E 54 -11.95 -69.99 26.71
N LEU E 55 -11.97 -68.70 26.99
CA LEU E 55 -10.76 -67.90 27.06
C LEU E 55 -10.47 -67.60 28.54
N PRO E 56 -9.44 -68.25 29.13
CA PRO E 56 -9.25 -68.25 30.58
C PRO E 56 -9.25 -66.86 31.24
N ARG E 57 -8.32 -65.97 30.90
CA ARG E 57 -8.33 -64.66 31.57
C ARG E 57 -9.68 -63.95 31.30
N LEU E 58 -10.19 -63.98 30.07
CA LEU E 58 -11.51 -63.39 29.79
C LEU E 58 -12.65 -63.99 30.61
N GLY E 59 -12.53 -65.27 30.96
CA GLY E 59 -13.56 -65.96 31.77
C GLY E 59 -13.73 -65.35 33.14
N HIS E 60 -12.61 -64.92 33.72
CA HIS E 60 -12.63 -64.19 34.99
C HIS E 60 -13.24 -62.80 34.84
N ALA E 61 -12.75 -61.99 33.91
CA ALA E 61 -13.31 -60.65 33.73
C ALA E 61 -14.81 -60.65 33.41
N ALA E 62 -15.30 -61.74 32.84
CA ALA E 62 -16.74 -61.91 32.57
C ALA E 62 -17.56 -62.11 33.83
N ARG E 63 -16.96 -62.65 34.89
CA ARG E 63 -17.65 -62.68 36.19
C ARG E 63 -17.79 -61.28 36.84
N ILE E 64 -17.00 -60.33 36.36
CA ILE E 64 -16.97 -58.97 36.85
C ILE E 64 -17.87 -58.03 36.03
N PHE E 65 -17.92 -58.21 34.72
CA PHE E 65 -18.76 -57.39 33.86
C PHE E 65 -19.95 -58.18 33.31
N GLN E 66 -20.78 -57.49 32.54
CA GLN E 66 -22.10 -57.94 32.09
C GLN E 66 -22.24 -58.06 30.60
N ARG E 67 -21.59 -57.15 29.87
CA ARG E 67 -21.51 -57.26 28.44
C ARG E 67 -20.09 -57.13 27.98
N TYR E 68 -19.88 -57.53 26.73
CA TYR E 68 -18.57 -57.47 26.12
C TYR E 68 -18.69 -57.46 24.61
N ALA E 69 -17.94 -56.57 23.97
CA ALA E 69 -17.81 -56.54 22.51
C ALA E 69 -16.46 -57.11 22.09
N VAL E 70 -16.47 -57.97 21.07
CA VAL E 70 -15.23 -58.47 20.54
C VAL E 70 -14.63 -57.37 19.68
N GLU E 71 -13.42 -56.95 20.01
CA GLU E 71 -12.76 -55.89 19.26
C GLU E 71 -11.77 -56.45 18.22
N THR E 72 -11.01 -57.48 18.57
CA THR E 72 -10.28 -58.29 17.55
C THR E 72 -10.31 -59.80 17.82
N LEU E 73 -10.35 -60.55 16.72
CA LEU E 73 -10.38 -62.01 16.75
C LEU E 73 -9.54 -62.57 15.62
N GLU E 74 -8.69 -63.52 15.98
CA GLU E 74 -7.86 -64.25 15.05
C GLU E 74 -7.57 -65.56 15.74
N PHE E 75 -7.48 -66.63 14.96
CA PHE E 75 -7.14 -67.94 15.49
C PHE E 75 -5.85 -68.39 14.83
N GLU E 76 -4.90 -68.84 15.62
CA GLU E 76 -3.67 -69.37 15.10
C GLU E 76 -3.80 -70.88 15.18
N ILE E 77 -3.76 -71.55 14.02
CA ILE E 77 -3.81 -73.01 13.97
C ILE E 77 -2.38 -73.48 14.06
N GLN E 78 -2.13 -74.37 15.01
CA GLN E 78 -0.76 -74.69 15.41
C GLN E 78 -0.55 -76.19 15.56
N PRO E 79 -0.57 -76.89 14.42
CA PRO E 79 -0.45 -78.33 14.39
C PRO E 79 1.00 -78.70 14.53
N MET E 80 1.22 -79.83 15.19
CA MET E 80 2.54 -80.27 15.56
C MET E 80 2.76 -81.73 15.20
N CYS E 81 3.49 -81.90 14.10
CA CYS E 81 3.78 -83.18 13.51
C CYS E 81 5.07 -83.10 12.72
N PRO E 82 5.56 -84.23 12.22
CA PRO E 82 6.76 -84.14 11.40
C PRO E 82 6.49 -83.54 10.01
N ALA E 83 7.55 -83.08 9.36
CA ALA E 83 7.46 -82.43 8.05
C ALA E 83 7.09 -83.41 6.96
N ASN E 84 7.15 -84.71 7.25
CA ASN E 84 6.70 -85.71 6.31
C ASN E 84 5.26 -86.13 6.54
N THR E 85 4.47 -85.28 7.17
CA THR E 85 3.10 -85.65 7.42
C THR E 85 2.33 -85.45 6.13
N GLY E 86 1.59 -86.47 5.73
CA GLY E 86 0.76 -86.38 4.53
C GLY E 86 -0.58 -85.77 4.89
N GLY E 87 -0.57 -84.51 5.26
CA GLY E 87 -1.70 -83.95 5.96
C GLY E 87 -2.60 -83.04 5.19
N GLY E 88 -3.15 -82.04 5.87
CA GLY E 88 -4.09 -81.11 5.29
C GLY E 88 -5.16 -80.70 6.26
N TYR E 89 -5.32 -79.39 6.47
CA TYR E 89 -6.53 -78.87 7.10
C TYR E 89 -7.08 -77.64 6.42
N VAL E 90 -8.36 -77.40 6.67
CA VAL E 90 -8.99 -76.11 6.38
C VAL E 90 -9.53 -75.62 7.71
N ALA E 91 -9.35 -74.35 8.01
CA ALA E 91 -9.91 -73.79 9.24
C ALA E 91 -10.62 -72.47 8.99
N GLY E 92 -11.75 -72.28 9.65
CA GLY E 92 -12.49 -71.03 9.52
C GLY E 92 -13.39 -70.71 10.70
N PHE E 93 -13.75 -69.44 10.81
CA PHE E 93 -14.59 -68.99 11.89
C PHE E 93 -15.95 -68.57 11.34
N LEU E 94 -16.98 -69.44 11.48
CA LEU E 94 -18.33 -69.08 11.06
C LEU E 94 -18.99 -68.25 12.16
N PRO E 95 -19.59 -67.11 11.80
CA PRO E 95 -20.21 -66.21 12.78
C PRO E 95 -21.68 -66.49 13.15
N ASP E 96 -22.04 -67.75 13.33
CA ASP E 96 -23.28 -68.12 14.00
C ASP E 96 -22.85 -69.13 14.98
N PRO E 97 -22.98 -68.83 16.27
CA PRO E 97 -22.86 -69.95 17.19
C PRO E 97 -23.91 -71.03 16.90
N THR E 98 -25.06 -70.60 16.36
CA THR E 98 -26.20 -71.47 16.01
C THR E 98 -25.97 -72.44 14.84
N ASP E 99 -24.89 -72.25 14.05
CA ASP E 99 -24.74 -72.98 12.77
C ASP E 99 -23.81 -74.20 12.79
N ASN E 100 -24.42 -75.36 12.54
CA ASN E 100 -23.76 -76.66 12.42
C ASN E 100 -23.55 -77.11 10.96
N ASP E 101 -23.22 -76.14 10.12
CA ASP E 101 -22.80 -76.37 8.73
C ASP E 101 -21.27 -76.56 8.80
N HIS E 102 -20.82 -77.80 8.78
CA HIS E 102 -19.41 -78.09 8.98
C HIS E 102 -18.90 -78.88 7.80
N THR E 103 -18.78 -78.20 6.66
CA THR E 103 -18.31 -78.78 5.41
C THR E 103 -17.28 -77.82 4.76
N PHE E 104 -16.33 -78.34 3.98
CA PHE E 104 -15.22 -77.52 3.46
C PHE E 104 -15.66 -76.19 2.85
N ASP E 105 -16.66 -76.22 1.96
CA ASP E 105 -17.05 -74.99 1.22
C ASP E 105 -17.73 -73.97 2.11
N ALA E 106 -18.53 -74.45 3.05
CA ALA E 106 -19.11 -73.58 4.07
C ALA E 106 -18.04 -72.89 4.93
N LEU E 107 -16.93 -73.55 5.22
CA LEU E 107 -15.82 -72.89 5.95
C LEU E 107 -15.12 -71.84 5.09
N GLN E 108 -14.74 -72.25 3.88
CA GLN E 108 -13.99 -71.40 2.95
C GLN E 108 -14.78 -70.21 2.44
N ALA E 109 -16.10 -70.28 2.61
CA ALA E 109 -16.97 -69.16 2.35
C ALA E 109 -16.59 -67.96 3.21
N THR E 110 -16.24 -68.22 4.49
CA THR E 110 -15.93 -67.19 5.49
C THR E 110 -14.57 -66.56 5.26
N ARG E 111 -14.21 -65.51 6.00
CA ARG E 111 -13.14 -64.61 5.54
C ARG E 111 -11.76 -65.05 5.95
N GLY E 112 -11.62 -65.54 7.17
CA GLY E 112 -10.32 -66.00 7.60
C GLY E 112 -9.84 -67.21 6.82
N ALA E 113 -10.79 -68.07 6.46
CA ALA E 113 -10.51 -69.43 6.05
C ALA E 113 -9.15 -69.62 5.39
N VAL E 114 -8.35 -70.44 6.05
CA VAL E 114 -7.08 -70.88 5.53
C VAL E 114 -7.07 -72.39 5.34
N VAL E 115 -6.25 -72.84 4.40
CA VAL E 115 -6.04 -74.27 4.21
C VAL E 115 -4.54 -74.46 4.16
N ALA E 116 -4.07 -75.60 4.67
CA ALA E 116 -2.64 -75.85 4.76
C ALA E 116 -2.33 -77.31 5.03
N LYS E 117 -1.08 -77.65 4.77
CA LYS E 117 -0.58 -78.99 5.04
C LYS E 117 -0.43 -79.06 6.54
N TRP E 118 -0.53 -80.27 7.10
CA TRP E 118 -0.55 -80.38 8.53
C TRP E 118 0.74 -79.98 9.21
N TRP E 119 1.81 -79.74 8.44
CA TRP E 119 3.03 -79.19 9.03
C TRP E 119 3.22 -77.69 8.78
N GLU E 120 2.12 -76.99 8.51
CA GLU E 120 2.13 -75.53 8.35
C GLU E 120 1.20 -74.84 9.36
N SER E 121 1.77 -73.87 10.07
CA SER E 121 1.06 -73.00 10.99
C SER E 121 0.27 -72.05 10.17
N ARG E 122 -0.78 -71.49 10.74
CA ARG E 122 -1.63 -70.66 9.94
C ARG E 122 -2.62 -69.88 10.74
N THR E 123 -2.97 -68.69 10.26
CA THR E 123 -3.82 -67.79 11.02
C THR E 123 -5.09 -67.35 10.28
N VAL E 124 -6.25 -67.71 10.82
CA VAL E 124 -7.49 -67.13 10.30
C VAL E 124 -7.74 -65.76 10.96
N ARG E 125 -8.10 -64.80 10.11
CA ARG E 125 -8.41 -63.45 10.53
C ARG E 125 -9.82 -63.16 10.05
N PRO E 126 -10.82 -63.53 10.85
CA PRO E 126 -12.18 -63.41 10.34
C PRO E 126 -12.74 -61.99 10.45
N GLN E 127 -13.87 -61.76 9.80
CA GLN E 127 -14.74 -60.61 10.04
C GLN E 127 -15.95 -61.23 10.75
N TYR E 128 -16.49 -60.52 11.74
CA TYR E 128 -17.42 -61.14 12.70
C TYR E 128 -18.63 -60.24 13.03
N THR E 129 -19.37 -60.62 14.07
CA THR E 129 -20.46 -59.81 14.62
C THR E 129 -20.06 -58.33 14.91
N ARG E 130 -18.87 -58.11 15.47
CA ARG E 130 -18.34 -56.77 15.77
C ARG E 130 -19.30 -55.98 16.66
N THR E 131 -20.04 -56.73 17.49
CA THR E 131 -21.23 -56.22 18.16
C THR E 131 -21.09 -56.29 19.67
N LEU E 132 -22.13 -55.83 20.35
CA LEU E 132 -22.21 -55.87 21.80
C LEU E 132 -22.94 -57.11 22.28
N LEU E 133 -22.18 -58.09 22.77
CA LEU E 133 -22.71 -59.34 23.22
C LEU E 133 -22.95 -59.27 24.74
N TRP E 134 -22.95 -60.42 25.41
CA TRP E 134 -23.31 -60.57 26.82
C TRP E 134 -22.44 -61.67 27.46
N THR E 135 -21.94 -61.43 28.65
CA THR E 135 -20.95 -62.32 29.28
C THR E 135 -21.57 -63.55 29.96
N SER E 136 -22.89 -63.58 29.97
CA SER E 136 -23.68 -64.63 30.60
C SER E 136 -24.61 -65.23 29.52
N SER E 137 -24.94 -66.52 29.64
CA SER E 137 -25.73 -67.24 28.60
C SER E 137 -27.20 -66.77 28.53
N GLY E 138 -27.77 -66.76 27.33
CA GLY E 138 -29.10 -66.19 27.10
C GLY E 138 -30.02 -67.21 26.48
N LYS E 139 -31.25 -66.80 26.18
CA LYS E 139 -32.21 -67.66 25.49
C LYS E 139 -31.96 -67.61 23.98
N GLU E 140 -31.56 -66.43 23.51
CA GLU E 140 -31.09 -66.21 22.12
C GLU E 140 -29.58 -66.07 22.18
N GLN E 141 -28.89 -67.03 21.57
CA GLN E 141 -27.46 -67.10 21.76
C GLN E 141 -26.64 -66.48 20.63
N ARG E 142 -27.26 -65.58 19.85
CA ARG E 142 -26.53 -64.73 18.91
C ARG E 142 -25.96 -63.55 19.67
N LEU E 143 -26.44 -63.36 20.90
CA LEU E 143 -25.94 -62.29 21.75
C LEU E 143 -24.91 -62.75 22.79
N THR E 144 -24.61 -64.05 22.87
CA THR E 144 -23.71 -64.56 23.90
C THR E 144 -22.31 -64.88 23.34
N SER E 145 -22.26 -65.09 22.03
CA SER E 145 -21.08 -65.66 21.40
C SER E 145 -20.94 -65.10 20.00
N PRO E 146 -19.72 -64.77 19.59
CA PRO E 146 -19.53 -64.16 18.29
C PRO E 146 -19.47 -65.13 17.10
N GLY E 147 -19.53 -66.44 17.35
CA GLY E 147 -19.36 -67.46 16.30
C GLY E 147 -18.74 -68.74 16.84
N ARG E 148 -18.17 -69.56 15.97
CA ARG E 148 -17.43 -70.76 16.41
C ARG E 148 -16.28 -71.07 15.47
N LEU E 149 -15.26 -71.79 15.98
CA LEU E 149 -14.07 -72.10 15.21
C LEU E 149 -14.07 -73.59 14.86
N ILE E 150 -13.93 -73.86 13.55
CA ILE E 150 -13.98 -75.20 13.00
C ILE E 150 -12.68 -75.50 12.28
N LEU E 151 -12.11 -76.65 12.61
CA LEU E 151 -10.96 -77.21 11.93
C LEU E 151 -11.43 -78.51 11.29
N LEU E 152 -11.28 -78.61 9.98
CA LEU E 152 -11.61 -79.83 9.25
C LEU E 152 -10.35 -80.38 8.64
N CYS E 153 -10.40 -81.68 8.37
CA CYS E 153 -9.32 -82.35 7.66
C CYS E 153 -9.46 -82.16 6.16
N VAL E 154 -8.32 -82.34 5.49
CA VAL E 154 -8.20 -82.38 4.05
C VAL E 154 -7.28 -83.55 3.77
N GLY E 155 -7.58 -84.35 2.75
CA GLY E 155 -6.81 -85.57 2.51
C GLY E 155 -6.78 -86.36 3.81
N ASN E 156 -5.71 -87.14 4.03
CA ASN E 156 -5.52 -87.79 5.36
C ASN E 156 -4.09 -87.97 5.87
N ASN E 157 -3.88 -87.50 7.10
CA ASN E 157 -2.60 -87.53 7.80
C ASN E 157 -1.96 -88.89 7.91
N THR E 158 -0.70 -88.97 7.49
CA THR E 158 0.10 -90.18 7.61
C THR E 158 0.90 -90.23 8.88
N ASP E 159 0.62 -89.36 9.83
CA ASP E 159 1.43 -89.29 11.02
C ASP E 159 0.62 -88.69 12.12
N VAL E 160 1.12 -88.82 13.34
CA VAL E 160 0.42 -88.27 14.48
C VAL E 160 0.56 -86.75 14.43
N VAL E 161 -0.59 -86.09 14.47
CA VAL E 161 -0.68 -84.64 14.50
C VAL E 161 -1.34 -84.19 15.82
N ASN E 162 -0.65 -83.29 16.53
CA ASN E 162 -1.08 -82.80 17.82
C ASN E 162 -1.50 -81.37 17.64
N VAL E 163 -2.76 -81.15 17.35
CA VAL E 163 -3.18 -79.82 16.95
C VAL E 163 -3.81 -79.01 18.07
N SER E 164 -3.24 -77.84 18.30
CA SER E 164 -3.68 -76.93 19.34
C SER E 164 -4.06 -75.69 18.58
N VAL E 165 -5.29 -75.19 18.71
CA VAL E 165 -5.65 -73.88 18.10
C VAL E 165 -5.71 -72.89 19.22
N LEU E 166 -5.16 -71.70 18.97
CA LEU E 166 -5.12 -70.58 19.94
C LEU E 166 -5.93 -69.40 19.42
N CYS E 167 -6.84 -68.89 20.24
CA CYS E 167 -7.58 -67.68 19.88
C CYS E 167 -6.87 -66.49 20.43
N ARG E 168 -6.53 -65.51 19.60
CA ARG E 168 -5.98 -64.26 20.08
C ARG E 168 -7.12 -63.28 20.10
N TRP E 169 -7.22 -62.54 21.19
CA TRP E 169 -8.43 -61.78 21.43
C TRP E 169 -8.19 -60.45 22.11
N SER E 170 -9.12 -59.55 21.84
CA SER E 170 -9.09 -58.18 22.31
C SER E 170 -10.56 -57.84 22.48
N VAL E 171 -10.97 -57.57 23.70
CA VAL E 171 -12.37 -57.42 24.01
C VAL E 171 -12.52 -56.12 24.78
N ARG E 172 -13.70 -55.49 24.71
CA ARG E 172 -14.06 -54.45 25.69
C ARG E 172 -15.34 -54.79 26.44
N LEU E 173 -15.24 -54.80 27.77
CA LEU E 173 -16.33 -55.18 28.68
C LEU E 173 -16.93 -53.91 29.26
N SER E 174 -18.20 -53.99 29.64
CA SER E 174 -19.06 -52.83 29.56
C SER E 174 -19.70 -52.42 30.87
N VAL E 175 -20.61 -53.25 31.40
CA VAL E 175 -21.42 -52.74 32.52
C VAL E 175 -21.07 -53.48 33.82
N PRO E 176 -20.44 -52.76 34.79
CA PRO E 176 -20.00 -53.41 36.01
C PRO E 176 -21.06 -54.23 36.74
N SER E 177 -20.62 -55.39 37.24
CA SER E 177 -21.48 -56.36 37.90
C SER E 177 -20.67 -57.40 38.76
N LEU E 178 -21.32 -58.45 39.25
CA LEU E 178 -20.61 -59.49 40.02
C LEU E 178 -21.28 -60.85 39.86
N GLU E 179 -21.23 -61.38 38.65
CA GLU E 179 -21.90 -62.64 38.30
C GLU E 179 -21.06 -63.81 38.85
N ASN E 180 -21.51 -64.39 39.96
CA ASN E 180 -20.93 -65.63 40.50
C ASN E 180 -20.46 -66.62 39.43
N THR F 18 -37.89 -35.65 13.78
CA THR F 18 -37.59 -37.07 13.77
C THR F 18 -38.85 -37.92 14.05
N ASN F 19 -38.78 -39.21 13.72
CA ASN F 19 -39.89 -40.13 13.96
C ASN F 19 -39.98 -40.61 15.42
N ASP F 20 -38.89 -40.45 16.18
CA ASP F 20 -38.82 -40.89 17.57
C ASP F 20 -39.54 -39.97 18.57
N VAL F 21 -40.23 -40.59 19.51
CA VAL F 21 -41.07 -39.91 20.48
C VAL F 21 -40.50 -40.08 21.88
N HIS F 22 -40.19 -38.96 22.53
CA HIS F 22 -39.58 -38.96 23.85
C HIS F 22 -40.61 -38.76 24.97
N LEU F 23 -40.73 -39.76 25.86
CA LEU F 23 -41.61 -39.73 27.03
C LEU F 23 -40.79 -39.74 28.31
N SER F 24 -41.26 -39.00 29.31
CA SER F 24 -40.63 -38.96 30.64
C SER F 24 -41.66 -38.99 31.76
N GLY F 25 -41.28 -39.56 32.88
CA GLY F 25 -42.19 -39.63 34.01
C GLY F 25 -41.49 -40.12 35.28
N MET F 26 -42.29 -40.35 36.32
CA MET F 26 -41.80 -40.95 37.55
C MET F 26 -42.92 -41.69 38.25
N SER F 27 -42.71 -42.98 38.53
CA SER F 27 -43.79 -43.86 38.93
C SER F 27 -43.40 -44.71 40.13
N ARG F 28 -44.38 -45.12 40.94
CA ARG F 28 -44.09 -46.02 42.02
C ARG F 28 -43.99 -47.45 41.50
N ILE F 29 -42.77 -47.95 41.47
CA ILE F 29 -42.47 -49.34 41.12
C ILE F 29 -43.09 -50.33 42.09
N SER F 30 -43.01 -50.04 43.39
CA SER F 30 -43.53 -50.94 44.41
C SER F 30 -43.75 -50.26 45.76
N GLN F 31 -44.45 -50.96 46.62
CA GLN F 31 -44.67 -50.51 47.96
C GLN F 31 -44.72 -51.70 48.86
N ALA F 32 -43.74 -51.80 49.75
CA ALA F 32 -43.70 -52.87 50.72
C ALA F 32 -43.95 -52.29 52.11
N VAL F 33 -44.60 -53.07 52.95
CA VAL F 33 -44.74 -52.73 54.35
C VAL F 33 -43.96 -53.80 55.14
N LEU F 34 -42.97 -53.36 55.91
CA LEU F 34 -42.06 -54.24 56.59
C LEU F 34 -42.36 -54.11 58.09
N PRO F 35 -43.04 -55.11 58.67
CA PRO F 35 -43.47 -55.00 60.06
C PRO F 35 -42.37 -54.92 61.11
N ALA F 36 -42.80 -54.73 62.35
CA ALA F 36 -41.95 -54.21 63.39
C ALA F 36 -40.56 -54.82 63.50
N GLY F 37 -40.43 -56.14 63.38
CA GLY F 37 -39.12 -56.76 63.65
C GLY F 37 -38.65 -57.76 62.62
N THR F 38 -39.20 -57.70 61.41
CA THR F 38 -39.10 -58.82 60.47
C THR F 38 -37.99 -58.75 59.39
N GLY F 39 -37.21 -57.67 59.37
CA GLY F 39 -36.11 -57.56 58.42
C GLY F 39 -34.85 -58.14 59.02
N THR F 40 -33.97 -58.70 58.17
CA THR F 40 -32.61 -59.12 58.59
C THR F 40 -31.67 -59.17 57.41
N ASP F 41 -30.37 -59.07 57.72
CA ASP F 41 -29.35 -59.03 56.67
C ASP F 41 -29.76 -59.93 55.51
N GLY F 42 -30.00 -59.32 54.36
CA GLY F 42 -30.24 -60.08 53.14
C GLY F 42 -31.69 -60.30 52.75
N TYR F 43 -32.61 -59.96 53.65
CA TYR F 43 -34.05 -60.10 53.36
C TYR F 43 -34.47 -59.24 52.18
N VAL F 44 -35.02 -59.87 51.15
CA VAL F 44 -35.45 -59.13 49.96
C VAL F 44 -36.80 -58.48 50.19
N VAL F 45 -36.84 -57.16 50.25
CA VAL F 45 -38.11 -56.43 50.50
C VAL F 45 -38.73 -55.94 49.22
N VAL F 46 -37.93 -55.75 48.17
CA VAL F 46 -38.44 -55.36 46.85
C VAL F 46 -37.60 -56.03 45.76
N ASP F 47 -38.29 -56.54 44.78
CA ASP F 47 -37.64 -57.20 43.65
C ASP F 47 -38.53 -57.03 42.42
N ALA F 48 -38.29 -55.94 41.72
CA ALA F 48 -39.19 -55.48 40.69
C ALA F 48 -38.50 -55.46 39.37
N THR F 49 -38.99 -56.30 38.46
CA THR F 49 -38.48 -56.35 37.09
C THR F 49 -39.13 -55.25 36.28
N ILE F 50 -38.29 -54.45 35.64
CA ILE F 50 -38.73 -53.19 35.01
C ILE F 50 -39.33 -53.40 33.61
N VAL F 51 -40.65 -53.28 33.54
CA VAL F 51 -41.41 -53.47 32.32
C VAL F 51 -42.27 -52.23 32.15
N PRO F 52 -42.62 -51.87 30.91
CA PRO F 52 -43.47 -50.70 30.71
C PRO F 52 -44.82 -50.79 31.45
N ASP F 53 -45.38 -51.98 31.62
CA ASP F 53 -46.64 -52.15 32.35
C ASP F 53 -46.53 -51.61 33.79
N LEU F 54 -45.34 -51.68 34.35
CA LEU F 54 -45.09 -51.32 35.75
C LEU F 54 -45.09 -49.81 35.96
N LEU F 55 -44.73 -49.06 34.92
CA LEU F 55 -44.78 -47.60 34.94
C LEU F 55 -46.04 -47.14 34.24
N PRO F 56 -47.04 -46.65 35.00
CA PRO F 56 -48.40 -46.63 34.44
C PRO F 56 -48.56 -45.76 33.17
N ARG F 57 -47.98 -44.57 33.16
CA ARG F 57 -48.01 -43.70 31.97
C ARG F 57 -47.31 -44.35 30.78
N LEU F 58 -46.19 -44.99 31.03
CA LEU F 58 -45.50 -45.69 29.94
C LEU F 58 -46.30 -46.93 29.53
N GLY F 59 -47.00 -47.55 30.48
CA GLY F 59 -47.85 -48.70 30.23
C GLY F 59 -48.87 -48.45 29.13
N HIS F 60 -49.36 -47.21 29.05
CA HIS F 60 -50.31 -46.79 28.03
C HIS F 60 -49.65 -46.54 26.70
N ALA F 61 -48.53 -45.83 26.72
CA ALA F 61 -47.76 -45.57 25.50
C ALA F 61 -47.08 -46.83 24.94
N ALA F 62 -46.97 -47.88 25.77
CA ALA F 62 -46.47 -49.18 25.33
C ALA F 62 -47.38 -49.82 24.28
N ARG F 63 -48.68 -49.48 24.30
CA ARG F 63 -49.65 -50.06 23.37
C ARG F 63 -49.79 -49.31 22.06
N ILE F 64 -49.05 -48.22 21.92
CA ILE F 64 -49.09 -47.39 20.74
C ILE F 64 -47.87 -47.61 19.84
N PHE F 65 -46.72 -47.80 20.47
CA PHE F 65 -45.48 -48.15 19.79
C PHE F 65 -45.10 -49.57 20.12
N GLN F 66 -44.03 -50.03 19.51
CA GLN F 66 -43.69 -51.43 19.62
C GLN F 66 -42.32 -51.67 20.19
N ARG F 67 -41.37 -50.79 19.88
CA ARG F 67 -40.08 -50.85 20.54
C ARG F 67 -39.81 -49.55 21.31
N TYR F 68 -39.35 -49.70 22.56
CA TYR F 68 -38.97 -48.58 23.43
C TYR F 68 -37.52 -48.72 23.80
N ALA F 69 -36.84 -47.59 23.89
CA ALA F 69 -35.43 -47.56 24.30
C ALA F 69 -35.17 -46.57 25.47
N VAL F 70 -34.48 -47.06 26.50
CA VAL F 70 -34.39 -46.36 27.79
C VAL F 70 -33.24 -45.37 27.79
N GLU F 71 -33.57 -44.10 27.98
CA GLU F 71 -32.60 -43.02 27.85
C GLU F 71 -32.08 -42.51 29.20
N THR F 72 -32.95 -42.44 30.22
CA THR F 72 -32.49 -42.24 31.61
C THR F 72 -33.30 -43.08 32.62
N LEU F 73 -32.61 -43.66 33.60
CA LEU F 73 -33.24 -44.43 34.67
C LEU F 73 -32.65 -44.06 36.01
N GLU F 74 -33.51 -43.80 36.98
CA GLU F 74 -33.10 -43.62 38.38
C GLU F 74 -34.19 -44.17 39.25
N PHE F 75 -33.81 -44.61 40.44
CA PHE F 75 -34.77 -45.11 41.40
C PHE F 75 -34.60 -44.37 42.71
N GLU F 76 -35.70 -43.83 43.19
CA GLU F 76 -35.69 -43.08 44.42
C GLU F 76 -36.29 -44.00 45.48
N ILE F 77 -35.49 -44.32 46.49
CA ILE F 77 -35.94 -45.16 47.59
C ILE F 77 -36.53 -44.27 48.67
N GLN F 78 -37.78 -44.50 48.98
CA GLN F 78 -38.49 -43.59 49.86
C GLN F 78 -39.14 -44.37 51.01
N PRO F 79 -38.33 -44.76 52.00
CA PRO F 79 -38.78 -45.46 53.17
C PRO F 79 -39.35 -44.51 54.19
N MET F 80 -40.41 -44.95 54.85
CA MET F 80 -41.19 -44.08 55.71
C MET F 80 -41.39 -44.71 57.05
N CYS F 81 -40.65 -44.20 58.01
CA CYS F 81 -40.57 -44.78 59.33
C CYS F 81 -40.08 -43.71 60.29
N PRO F 82 -40.14 -43.98 61.59
CA PRO F 82 -39.69 -42.96 62.53
C PRO F 82 -38.18 -42.89 62.56
N ALA F 83 -37.64 -41.74 62.95
CA ALA F 83 -36.18 -41.50 62.98
C ALA F 83 -35.47 -42.39 63.99
N ASN F 84 -36.25 -43.06 64.83
CA ASN F 84 -35.72 -44.01 65.82
C ASN F 84 -35.72 -45.46 65.36
N THR F 85 -35.51 -45.69 64.07
CA THR F 85 -35.53 -47.02 63.53
C THR F 85 -34.10 -47.48 63.34
N GLY F 86 -33.82 -48.68 63.83
CA GLY F 86 -32.50 -49.30 63.67
C GLY F 86 -32.48 -49.98 62.33
N GLY F 87 -32.51 -49.17 61.29
CA GLY F 87 -32.81 -49.69 59.99
C GLY F 87 -31.59 -50.06 59.21
N GLY F 88 -31.71 -49.94 57.90
CA GLY F 88 -30.63 -50.29 57.01
C GLY F 88 -31.17 -50.95 55.78
N TYR F 89 -30.79 -50.43 54.62
CA TYR F 89 -31.07 -51.12 53.37
C TYR F 89 -29.94 -50.93 52.40
N VAL F 90 -29.86 -51.85 51.43
CA VAL F 90 -29.05 -51.66 50.24
C VAL F 90 -29.98 -51.80 49.06
N ALA F 91 -29.89 -50.86 48.12
CA ALA F 91 -30.73 -50.84 46.94
C ALA F 91 -29.83 -50.77 45.73
N GLY F 92 -30.14 -51.57 44.72
CA GLY F 92 -29.31 -51.65 43.54
C GLY F 92 -30.11 -52.09 42.35
N PHE F 93 -29.67 -51.66 41.17
CA PHE F 93 -30.32 -52.05 39.90
C PHE F 93 -29.39 -52.92 39.06
N LEU F 94 -29.66 -54.23 39.03
CA LEU F 94 -28.87 -55.10 38.14
C LEU F 94 -29.52 -55.15 36.76
N PRO F 95 -28.73 -54.91 35.70
CA PRO F 95 -29.21 -54.80 34.31
C PRO F 95 -29.70 -56.06 33.57
N ASP F 96 -29.79 -57.22 34.20
CA ASP F 96 -30.48 -58.35 33.55
C ASP F 96 -31.79 -58.63 34.25
N PRO F 97 -32.88 -58.64 33.50
CA PRO F 97 -34.08 -59.13 34.15
C PRO F 97 -33.95 -60.60 34.49
N THR F 98 -32.99 -61.25 33.84
CA THR F 98 -32.74 -62.69 33.97
C THR F 98 -32.40 -63.19 35.38
N ASP F 99 -31.32 -62.71 35.99
CA ASP F 99 -30.73 -63.45 37.12
C ASP F 99 -31.20 -63.08 38.52
N ASN F 100 -31.24 -64.10 39.38
CA ASN F 100 -31.71 -64.04 40.76
C ASN F 100 -30.61 -63.84 41.81
N ASP F 101 -29.46 -63.32 41.41
CA ASP F 101 -28.36 -63.14 42.36
C ASP F 101 -28.68 -61.93 43.26
N HIS F 102 -29.43 -62.17 44.35
CA HIS F 102 -29.91 -61.11 45.26
C HIS F 102 -29.17 -61.08 46.60
N THR F 103 -27.86 -60.86 46.52
CA THR F 103 -26.99 -60.76 47.69
C THR F 103 -26.43 -59.34 47.78
N PHE F 104 -26.08 -58.93 48.99
CA PHE F 104 -25.55 -57.60 49.21
C PHE F 104 -24.39 -57.31 48.24
N ASP F 105 -23.40 -58.20 48.21
CA ASP F 105 -22.18 -57.93 47.44
C ASP F 105 -22.45 -57.77 45.96
N ALA F 106 -23.44 -58.53 45.48
CA ALA F 106 -23.86 -58.46 44.07
C ALA F 106 -24.60 -57.17 43.75
N LEU F 107 -25.40 -56.67 44.67
CA LEU F 107 -26.00 -55.35 44.50
C LEU F 107 -24.94 -54.25 44.52
N GLN F 108 -24.07 -54.25 45.54
CA GLN F 108 -23.04 -53.21 45.69
C GLN F 108 -22.07 -53.17 44.52
N ALA F 109 -21.98 -54.26 43.78
CA ALA F 109 -21.15 -54.29 42.58
C ALA F 109 -21.69 -53.45 41.43
N THR F 110 -23.01 -53.17 41.43
CA THR F 110 -23.65 -52.33 40.41
C THR F 110 -23.37 -50.85 40.67
N ARG F 111 -23.73 -49.98 39.74
CA ARG F 111 -23.21 -48.61 39.76
C ARG F 111 -24.06 -47.73 40.64
N GLY F 112 -25.36 -47.86 40.50
CA GLY F 112 -26.24 -47.02 41.28
C GLY F 112 -26.10 -47.23 42.77
N ALA F 113 -25.70 -48.45 43.14
CA ALA F 113 -25.88 -49.00 44.48
C ALA F 113 -25.73 -48.02 45.61
N VAL F 114 -26.73 -48.00 46.48
CA VAL F 114 -26.74 -47.16 47.66
C VAL F 114 -27.07 -47.98 48.89
N VAL F 115 -26.52 -47.58 50.04
CA VAL F 115 -26.92 -48.12 51.35
C VAL F 115 -27.18 -46.97 52.31
N ALA F 116 -28.13 -47.18 53.21
CA ALA F 116 -28.57 -46.12 54.10
C ALA F 116 -29.41 -46.72 55.21
N LYS F 117 -29.57 -45.96 56.29
CA LYS F 117 -30.48 -46.33 57.38
C LYS F 117 -31.90 -46.09 56.90
N TRP F 118 -32.87 -46.82 57.45
CA TRP F 118 -34.24 -46.76 56.92
C TRP F 118 -34.93 -45.41 57.01
N TRP F 119 -34.40 -44.51 57.82
CA TRP F 119 -34.95 -43.16 57.90
C TRP F 119 -34.17 -42.18 57.00
N GLU F 120 -33.60 -42.68 55.91
CA GLU F 120 -32.86 -41.84 54.99
C GLU F 120 -33.34 -42.18 53.57
N SER F 121 -33.80 -41.15 52.85
CA SER F 121 -34.14 -41.27 51.43
C SER F 121 -32.87 -41.38 50.66
N ARG F 122 -32.96 -41.94 49.47
CA ARG F 122 -31.77 -42.24 48.70
C ARG F 122 -32.08 -42.54 47.24
N THR F 123 -31.14 -42.23 46.34
CA THR F 123 -31.38 -42.36 44.91
C THR F 123 -30.31 -43.19 44.29
N VAL F 124 -30.71 -44.26 43.62
CA VAL F 124 -29.77 -45.09 42.85
C VAL F 124 -29.79 -44.60 41.41
N ARG F 125 -28.59 -44.30 40.90
CA ARG F 125 -28.38 -43.84 39.55
C ARG F 125 -27.57 -44.91 38.82
N PRO F 126 -28.27 -45.90 38.25
CA PRO F 126 -27.54 -47.02 37.71
C PRO F 126 -27.02 -46.73 36.32
N GLN F 127 -26.22 -47.67 35.82
CA GLN F 127 -25.88 -47.76 34.41
C GLN F 127 -26.50 -49.06 33.93
N TYR F 128 -27.01 -49.03 32.70
CA TYR F 128 -27.93 -50.05 32.20
C TYR F 128 -27.58 -50.41 30.76
N THR F 129 -28.43 -51.23 30.14
CA THR F 129 -28.29 -51.61 28.73
C THR F 129 -28.09 -50.41 27.76
N ARG F 130 -28.90 -49.36 27.89
CA ARG F 130 -28.82 -48.14 27.05
C ARG F 130 -29.21 -48.41 25.59
N THR F 131 -29.92 -49.52 25.36
CA THR F 131 -30.10 -50.13 24.02
C THR F 131 -31.58 -50.12 23.62
N LEU F 132 -31.87 -50.51 22.38
CA LEU F 132 -33.26 -50.72 21.94
C LEU F 132 -33.88 -51.97 22.56
N LEU F 133 -35.16 -51.87 22.91
CA LEU F 133 -35.84 -52.93 23.57
C LEU F 133 -37.13 -53.19 22.84
N TRP F 134 -38.08 -53.83 23.52
CA TRP F 134 -39.33 -54.29 22.95
C TRP F 134 -40.46 -54.07 23.93
N THR F 135 -41.55 -53.45 23.47
CA THR F 135 -42.64 -53.09 24.38
C THR F 135 -43.54 -54.26 24.79
N SER F 136 -43.32 -55.44 24.20
CA SER F 136 -44.08 -56.63 24.58
C SER F 136 -43.19 -57.88 24.64
N SER F 137 -43.67 -58.91 25.37
CA SER F 137 -42.89 -60.12 25.72
C SER F 137 -42.23 -60.82 24.53
N GLY F 138 -41.10 -61.46 24.79
CA GLY F 138 -40.32 -62.15 23.76
C GLY F 138 -39.86 -63.52 24.21
N LYS F 139 -39.39 -64.32 23.26
CA LYS F 139 -38.83 -65.63 23.57
C LYS F 139 -37.52 -65.41 24.33
N GLU F 140 -36.76 -64.41 23.90
CA GLU F 140 -35.55 -63.94 24.60
C GLU F 140 -35.85 -62.61 25.26
N GLN F 141 -35.88 -62.62 26.60
CA GLN F 141 -36.32 -61.44 27.37
C GLN F 141 -35.22 -60.42 27.67
N ARG F 142 -34.06 -60.58 27.04
CA ARG F 142 -32.97 -59.60 27.14
C ARG F 142 -33.37 -58.31 26.45
N LEU F 143 -34.40 -58.35 25.60
CA LEU F 143 -34.87 -57.16 24.87
C LEU F 143 -36.27 -56.65 25.28
N THR F 144 -36.87 -57.17 26.35
CA THR F 144 -38.18 -56.70 26.82
C THR F 144 -38.11 -55.84 28.12
N SER F 145 -37.01 -55.94 28.88
CA SER F 145 -36.83 -55.21 30.15
C SER F 145 -35.35 -54.83 30.32
N PRO F 146 -35.08 -53.61 30.82
CA PRO F 146 -33.70 -53.15 30.88
C PRO F 146 -32.94 -53.62 32.14
N GLY F 147 -33.64 -54.29 33.05
CA GLY F 147 -33.08 -54.77 34.31
C GLY F 147 -34.14 -54.88 35.40
N ARG F 148 -33.69 -54.94 36.65
CA ARG F 148 -34.61 -55.02 37.76
C ARG F 148 -34.00 -54.38 39.01
N LEU F 149 -34.89 -53.82 39.82
CA LEU F 149 -34.52 -53.06 41.01
C LEU F 149 -34.69 -53.94 42.23
N ILE F 150 -33.63 -54.11 43.01
CA ILE F 150 -33.67 -54.94 44.21
C ILE F 150 -33.43 -54.09 45.43
N LEU F 151 -34.15 -54.40 46.50
CA LEU F 151 -34.00 -53.70 47.77
C LEU F 151 -33.85 -54.75 48.87
N LEU F 152 -32.73 -54.68 49.59
CA LEU F 152 -32.38 -55.65 50.61
C LEU F 152 -32.27 -55.00 51.96
N CYS F 153 -32.61 -55.76 52.98
CA CYS F 153 -32.39 -55.32 54.35
C CYS F 153 -30.94 -55.41 54.74
N VAL F 154 -30.51 -54.45 55.54
CA VAL F 154 -29.22 -54.47 56.20
C VAL F 154 -29.60 -54.34 57.66
N GLY F 155 -28.96 -55.14 58.49
CA GLY F 155 -29.34 -55.25 59.90
C GLY F 155 -30.81 -55.56 60.00
N ASN F 156 -31.43 -55.23 61.12
CA ASN F 156 -32.85 -55.54 61.32
C ASN F 156 -33.61 -54.37 61.92
N ASN F 157 -34.75 -54.06 61.33
CA ASN F 157 -35.53 -52.88 61.70
C ASN F 157 -36.20 -52.97 63.06
N THR F 158 -36.06 -51.91 63.85
CA THR F 158 -36.69 -51.75 65.17
C THR F 158 -38.16 -51.48 65.05
N ASP F 159 -38.59 -50.96 63.90
CA ASP F 159 -39.89 -50.33 63.79
C ASP F 159 -40.51 -50.63 62.44
N VAL F 160 -41.75 -50.22 62.26
CA VAL F 160 -42.46 -50.50 61.01
C VAL F 160 -42.01 -49.54 59.91
N VAL F 161 -41.71 -50.09 58.74
CA VAL F 161 -41.24 -49.30 57.61
C VAL F 161 -42.22 -49.43 56.49
N ASN F 162 -42.61 -48.33 55.87
CA ASN F 162 -43.47 -48.37 54.69
C ASN F 162 -42.68 -47.84 53.50
N VAL F 163 -41.84 -48.71 52.95
CA VAL F 163 -41.00 -48.30 51.84
C VAL F 163 -41.79 -48.29 50.55
N SER F 164 -41.61 -47.22 49.76
CA SER F 164 -42.14 -47.12 48.40
C SER F 164 -40.97 -46.79 47.52
N VAL F 165 -40.65 -47.59 46.50
CA VAL F 165 -39.59 -47.18 45.55
C VAL F 165 -40.20 -46.56 44.31
N LEU F 166 -39.56 -45.51 43.81
CA LEU F 166 -40.07 -44.77 42.68
C LEU F 166 -39.04 -44.83 41.61
N CYS F 167 -39.49 -45.03 40.39
CA CYS F 167 -38.61 -45.05 39.24
C CYS F 167 -38.86 -43.78 38.45
N ARG F 168 -37.83 -42.97 38.28
CA ARG F 168 -37.94 -41.88 37.34
C ARG F 168 -37.27 -42.33 36.06
N TRP F 169 -37.94 -42.05 34.95
CA TRP F 169 -37.59 -42.65 33.68
C TRP F 169 -37.76 -41.67 32.55
N SER F 170 -36.90 -41.82 31.56
CA SER F 170 -36.97 -41.08 30.32
C SER F 170 -36.74 -42.08 29.20
N VAL F 171 -37.66 -42.16 28.25
CA VAL F 171 -37.69 -43.24 27.29
C VAL F 171 -37.92 -42.65 25.91
N ARG F 172 -37.29 -43.20 24.86
CA ARG F 172 -37.66 -42.85 23.48
C ARG F 172 -38.34 -44.03 22.75
N LEU F 173 -39.54 -43.78 22.25
CA LEU F 173 -40.41 -44.81 21.66
C LEU F 173 -40.39 -44.83 20.13
N SER F 174 -40.59 -46.02 19.56
CA SER F 174 -40.37 -46.23 18.11
C SER F 174 -41.39 -47.20 17.52
N VAL F 175 -41.32 -47.33 16.20
CA VAL F 175 -42.32 -48.00 15.35
C VAL F 175 -43.76 -48.01 15.91
N PRO F 176 -44.62 -47.14 15.37
CA PRO F 176 -46.06 -47.14 15.60
C PRO F 176 -46.73 -48.50 15.40
N SER F 177 -47.83 -48.69 16.12
CA SER F 177 -48.40 -50.02 16.32
C SER F 177 -49.66 -49.85 17.15
N LEU F 178 -50.34 -50.96 17.46
CA LEU F 178 -51.52 -50.91 18.32
C LEU F 178 -51.88 -52.28 18.89
N GLU F 179 -51.50 -52.56 20.13
CA GLU F 179 -51.74 -53.87 20.71
C GLU F 179 -52.97 -53.85 21.63
N ASN F 180 -53.99 -54.61 21.23
CA ASN F 180 -55.27 -54.71 21.94
C ASN F 180 -55.48 -56.09 22.55
N THR G 18 27.88 -44.32 -7.79
CA THR G 18 28.19 -45.06 -9.06
C THR G 18 28.88 -46.41 -8.79
N ASN G 19 28.26 -47.52 -9.24
CA ASN G 19 28.85 -48.88 -9.17
C ASN G 19 30.28 -48.94 -9.73
N ASP G 20 30.59 -47.98 -10.61
CA ASP G 20 31.83 -47.93 -11.34
C ASP G 20 33.03 -47.42 -10.55
N VAL G 21 34.16 -48.08 -10.81
CA VAL G 21 35.43 -47.80 -10.19
C VAL G 21 36.32 -46.98 -11.11
N HIS G 22 36.69 -45.77 -10.68
CA HIS G 22 37.64 -44.96 -11.45
C HIS G 22 39.07 -45.33 -10.99
N LEU G 23 39.98 -45.55 -11.95
CA LEU G 23 41.33 -46.09 -11.68
C LEU G 23 42.36 -45.43 -12.61
N SER G 24 43.45 -44.91 -12.07
CA SER G 24 44.41 -44.13 -12.86
C SER G 24 45.84 -44.43 -12.52
N GLY G 25 46.69 -44.45 -13.52
CA GLY G 25 48.12 -44.67 -13.30
C GLY G 25 48.95 -44.05 -14.40
N MET G 26 50.22 -44.39 -14.41
CA MET G 26 51.05 -44.00 -15.51
C MET G 26 52.13 -45.04 -15.70
N SER G 27 52.14 -45.71 -16.84
CA SER G 27 52.94 -46.89 -16.98
C SER G 27 53.81 -46.82 -18.24
N ARG G 28 54.88 -47.61 -18.22
CA ARG G 28 55.79 -47.74 -19.36
C ARG G 28 55.26 -48.73 -20.42
N ILE G 29 54.82 -48.16 -21.53
CA ILE G 29 54.34 -48.89 -22.72
C ILE G 29 55.48 -49.68 -23.36
N SER G 30 56.56 -49.00 -23.75
CA SER G 30 57.74 -49.72 -24.18
C SER G 30 59.05 -49.01 -23.84
N GLN G 31 60.14 -49.64 -24.24
CA GLN G 31 61.45 -49.03 -24.15
C GLN G 31 62.28 -49.58 -25.26
N ALA G 32 62.79 -48.71 -26.10
CA ALA G 32 63.60 -49.14 -27.22
C ALA G 32 64.90 -48.42 -27.11
N VAL G 33 65.97 -49.16 -27.34
CA VAL G 33 67.28 -48.56 -27.35
C VAL G 33 67.73 -48.53 -28.81
N LEU G 34 68.04 -47.33 -29.28
CA LEU G 34 68.28 -47.08 -30.69
C LEU G 34 69.76 -46.76 -30.95
N PRO G 35 70.52 -47.74 -31.47
CA PRO G 35 71.95 -47.56 -31.59
C PRO G 35 72.37 -46.46 -32.53
N ALA G 36 73.69 -46.26 -32.49
CA ALA G 36 74.35 -45.05 -32.93
C ALA G 36 73.94 -44.55 -34.31
N GLY G 37 73.38 -45.37 -35.20
CA GLY G 37 72.94 -44.83 -36.49
C GLY G 37 71.71 -45.46 -37.12
N THR G 38 70.92 -46.18 -36.33
CA THR G 38 69.98 -47.14 -36.87
C THR G 38 68.53 -46.63 -37.00
N GLY G 39 68.31 -45.31 -36.88
CA GLY G 39 67.01 -44.67 -37.13
C GLY G 39 66.89 -44.19 -38.57
N THR G 40 65.68 -43.97 -39.10
CA THR G 40 65.57 -43.35 -40.43
C THR G 40 64.16 -42.92 -40.82
N ASP G 41 64.03 -41.77 -41.45
CA ASP G 41 62.72 -41.24 -41.72
C ASP G 41 61.85 -42.44 -41.88
N GLY G 42 60.87 -42.60 -40.99
CA GLY G 42 59.84 -43.62 -41.16
C GLY G 42 60.02 -44.90 -40.38
N TYR G 43 61.23 -45.15 -39.93
CA TYR G 43 61.48 -46.32 -39.10
C TYR G 43 60.55 -46.35 -37.86
N VAL G 44 59.82 -47.44 -37.70
CA VAL G 44 58.90 -47.60 -36.58
C VAL G 44 59.64 -48.15 -35.37
N VAL G 45 59.87 -47.31 -34.37
CA VAL G 45 60.60 -47.74 -33.15
C VAL G 45 59.62 -48.24 -32.15
N VAL G 46 58.40 -47.70 -32.17
CA VAL G 46 57.35 -48.17 -31.27
C VAL G 46 56.06 -48.25 -32.02
N ASP G 47 55.34 -49.31 -31.69
CA ASP G 47 54.02 -49.56 -32.20
C ASP G 47 53.33 -50.49 -31.20
N ALA G 48 52.65 -49.88 -30.25
CA ALA G 48 52.07 -50.63 -29.15
C ALA G 48 50.57 -50.55 -29.19
N THR G 49 49.91 -51.69 -29.09
CA THR G 49 48.45 -51.72 -29.05
C THR G 49 47.98 -51.76 -27.60
N ILE G 50 47.20 -50.76 -27.23
CA ILE G 50 46.93 -50.41 -25.85
C ILE G 50 45.84 -51.30 -25.31
N VAL G 51 46.21 -52.13 -24.36
CA VAL G 51 45.33 -53.10 -23.77
C VAL G 51 45.68 -53.14 -22.29
N PRO G 52 44.75 -53.53 -21.42
CA PRO G 52 45.08 -53.58 -19.99
C PRO G 52 46.48 -54.11 -19.72
N ASP G 53 46.78 -55.33 -20.15
CA ASP G 53 48.06 -55.97 -19.76
C ASP G 53 49.33 -55.15 -19.97
N LEU G 54 49.30 -54.25 -20.93
CA LEU G 54 50.42 -53.35 -21.21
C LEU G 54 50.68 -52.37 -20.08
N LEU G 55 49.59 -51.96 -19.43
CA LEU G 55 49.60 -51.07 -18.32
C LEU G 55 49.47 -51.90 -17.03
N PRO G 56 50.61 -52.23 -16.37
CA PRO G 56 50.71 -53.12 -15.20
C PRO G 56 49.55 -53.12 -14.19
N ARG G 57 49.32 -51.97 -13.54
CA ARG G 57 48.27 -51.89 -12.53
C ARG G 57 46.98 -52.33 -13.18
N LEU G 58 46.63 -51.65 -14.26
CA LEU G 58 45.37 -51.90 -14.92
C LEU G 58 45.21 -53.35 -15.37
N GLY G 59 46.33 -54.02 -15.68
CA GLY G 59 46.36 -55.45 -16.03
C GLY G 59 45.87 -56.40 -14.94
N HIS G 60 46.14 -56.03 -13.68
CA HIS G 60 45.54 -56.71 -12.53
C HIS G 60 44.07 -56.35 -12.30
N ALA G 61 43.71 -55.08 -12.50
CA ALA G 61 42.32 -54.65 -12.31
C ALA G 61 41.43 -55.12 -13.44
N ALA G 62 42.06 -55.42 -14.58
CA ALA G 62 41.37 -56.02 -15.71
C ALA G 62 40.85 -57.44 -15.40
N ARG G 63 41.48 -58.18 -14.47
CA ARG G 63 41.08 -59.56 -14.13
C ARG G 63 39.83 -59.65 -13.25
N ILE G 64 39.54 -58.52 -12.62
CA ILE G 64 38.50 -58.37 -11.63
C ILE G 64 37.20 -57.91 -12.30
N PHE G 65 37.31 -57.07 -13.32
CA PHE G 65 36.15 -56.55 -14.03
C PHE G 65 36.13 -57.00 -15.47
N GLN G 66 34.98 -56.82 -16.10
CA GLN G 66 34.72 -57.36 -17.42
C GLN G 66 34.87 -56.33 -18.48
N ARG G 67 34.53 -55.10 -18.16
CA ARG G 67 34.65 -54.04 -19.10
C ARG G 67 35.40 -52.89 -18.52
N TYR G 68 35.84 -52.01 -19.40
CA TYR G 68 36.42 -50.74 -19.03
C TYR G 68 36.21 -49.77 -20.17
N ALA G 69 36.13 -48.50 -19.81
CA ALA G 69 36.01 -47.42 -20.75
C ALA G 69 37.09 -46.43 -20.40
N VAL G 70 37.84 -45.99 -21.41
CA VAL G 70 38.90 -45.02 -21.20
C VAL G 70 38.29 -43.68 -20.82
N GLU G 71 38.92 -42.94 -19.91
CA GLU G 71 38.46 -41.59 -19.54
C GLU G 71 39.50 -40.48 -19.77
N THR G 72 40.79 -40.80 -19.63
CA THR G 72 41.86 -39.96 -20.19
C THR G 72 43.09 -40.76 -20.59
N LEU G 73 43.69 -40.38 -21.71
CA LEU G 73 44.87 -41.03 -22.24
C LEU G 73 45.88 -39.99 -22.66
N GLU G 74 47.13 -40.22 -22.31
CA GLU G 74 48.24 -39.37 -22.76
C GLU G 74 49.51 -40.19 -22.84
N PHE G 75 50.27 -40.00 -23.91
CA PHE G 75 51.51 -40.72 -24.05
C PHE G 75 52.65 -39.73 -23.99
N GLU G 76 53.48 -39.93 -22.98
CA GLU G 76 54.60 -39.05 -22.72
C GLU G 76 55.81 -39.68 -23.33
N ILE G 77 56.33 -39.03 -24.34
CA ILE G 77 57.46 -39.58 -25.05
C ILE G 77 58.74 -39.17 -24.34
N GLN G 78 59.53 -40.15 -23.89
CA GLN G 78 60.71 -39.85 -23.09
C GLN G 78 61.97 -40.51 -23.62
N PRO G 79 62.59 -39.87 -24.60
CA PRO G 79 63.84 -40.27 -25.16
C PRO G 79 64.95 -39.73 -24.33
N MET G 80 65.97 -40.52 -24.10
CA MET G 80 67.11 -40.05 -23.35
C MET G 80 68.34 -40.24 -24.18
N CYS G 81 69.08 -39.15 -24.34
CA CYS G 81 70.22 -39.11 -25.21
C CYS G 81 70.84 -37.74 -25.07
N PRO G 82 72.05 -37.56 -25.61
CA PRO G 82 72.66 -36.24 -25.54
C PRO G 82 71.96 -35.16 -26.34
N ALA G 83 72.13 -33.92 -25.87
CA ALA G 83 71.67 -32.71 -26.55
C ALA G 83 72.33 -32.48 -27.91
N ASN G 84 73.41 -33.21 -28.19
CA ASN G 84 74.12 -33.14 -29.47
C ASN G 84 73.70 -34.26 -30.42
N THR G 85 72.40 -34.43 -30.57
CA THR G 85 71.85 -35.54 -31.34
C THR G 85 71.00 -34.99 -32.49
N GLY G 86 71.32 -35.42 -33.71
CA GLY G 86 70.66 -34.93 -34.92
C GLY G 86 69.31 -35.57 -35.15
N GLY G 87 68.78 -36.12 -34.07
CA GLY G 87 67.61 -36.94 -34.11
C GLY G 87 66.33 -36.32 -34.62
N GLY G 88 65.22 -36.74 -34.02
CA GLY G 88 63.90 -36.46 -34.56
C GLY G 88 62.93 -37.62 -34.55
N TYR G 89 61.75 -37.40 -33.99
CA TYR G 89 60.69 -38.41 -33.99
C TYR G 89 59.35 -37.79 -34.29
N VAL G 90 58.38 -38.65 -34.58
CA VAL G 90 57.00 -38.29 -34.52
C VAL G 90 56.31 -39.39 -33.75
N ALA G 91 55.35 -38.98 -32.96
CA ALA G 91 54.60 -39.88 -32.12
C ALA G 91 53.12 -39.45 -32.20
N GLY G 92 52.22 -40.42 -32.28
CA GLY G 92 50.79 -40.11 -32.30
C GLY G 92 49.95 -41.30 -31.86
N PHE G 93 48.72 -41.04 -31.45
CA PHE G 93 47.85 -42.15 -31.13
C PHE G 93 46.81 -42.33 -32.23
N LEU G 94 46.90 -43.41 -33.01
CA LEU G 94 45.76 -43.74 -33.90
C LEU G 94 44.79 -44.68 -33.22
N PRO G 95 43.50 -44.35 -33.28
CA PRO G 95 42.45 -45.09 -32.61
C PRO G 95 41.78 -46.32 -33.27
N ASP G 96 42.49 -47.24 -33.95
CA ASP G 96 42.02 -48.64 -34.00
C ASP G 96 43.15 -49.45 -33.55
N PRO G 97 42.85 -50.50 -32.86
CA PRO G 97 43.96 -51.43 -32.71
C PRO G 97 44.32 -52.14 -34.04
N THR G 98 43.42 -52.04 -35.04
CA THR G 98 43.52 -52.75 -36.33
C THR G 98 44.27 -52.07 -37.49
N ASP G 99 44.67 -50.80 -37.34
CA ASP G 99 45.31 -50.05 -38.44
C ASP G 99 46.84 -50.23 -38.52
N ASN G 100 47.32 -50.81 -39.62
CA ASN G 100 48.75 -50.90 -39.93
C ASN G 100 49.34 -49.68 -40.64
N ASP G 101 48.57 -48.62 -40.84
CA ASP G 101 49.11 -47.41 -41.45
C ASP G 101 50.15 -46.83 -40.51
N HIS G 102 51.43 -46.96 -40.88
CA HIS G 102 52.54 -46.56 -40.00
C HIS G 102 53.44 -45.51 -40.64
N THR G 103 52.81 -44.53 -41.27
CA THR G 103 53.52 -43.50 -42.02
C THR G 103 53.39 -42.15 -41.29
N PHE G 104 54.33 -41.24 -41.51
CA PHE G 104 54.31 -39.95 -40.83
C PHE G 104 53.01 -39.18 -41.03
N ASP G 105 52.59 -39.04 -42.29
CA ASP G 105 51.43 -38.23 -42.58
C ASP G 105 50.24 -38.82 -41.90
N ALA G 106 50.19 -40.15 -41.88
CA ALA G 106 49.10 -40.82 -41.19
C ALA G 106 49.14 -40.47 -39.70
N LEU G 107 50.32 -40.54 -39.07
CA LEU G 107 50.44 -40.18 -37.64
C LEU G 107 50.10 -38.73 -37.38
N GLN G 108 50.70 -37.82 -38.13
CA GLN G 108 50.44 -36.38 -38.01
C GLN G 108 48.95 -35.97 -38.08
N ALA G 109 48.16 -36.72 -38.82
CA ALA G 109 46.76 -36.40 -38.96
C ALA G 109 45.92 -36.79 -37.75
N THR G 110 46.50 -37.48 -36.78
CA THR G 110 45.84 -37.69 -35.48
C THR G 110 45.85 -36.39 -34.65
N ARG G 111 45.24 -36.39 -33.48
CA ARG G 111 45.09 -35.17 -32.69
C ARG G 111 46.29 -35.03 -31.82
N GLY G 112 46.67 -36.13 -31.17
CA GLY G 112 47.78 -36.08 -30.24
C GLY G 112 49.07 -35.66 -30.91
N ALA G 113 49.24 -36.11 -32.16
CA ALA G 113 50.51 -36.08 -32.87
C ALA G 113 51.49 -34.96 -32.45
N VAL G 114 52.72 -35.37 -32.17
CA VAL G 114 53.82 -34.45 -31.88
C VAL G 114 55.04 -34.88 -32.68
N VAL G 115 55.84 -33.87 -33.07
CA VAL G 115 57.19 -34.08 -33.64
C VAL G 115 58.15 -33.25 -32.85
N ALA G 116 59.27 -33.87 -32.52
CA ALA G 116 60.30 -33.23 -31.73
C ALA G 116 61.63 -33.86 -32.05
N LYS G 117 62.69 -33.14 -31.74
CA LYS G 117 64.06 -33.64 -31.88
C LYS G 117 64.35 -34.62 -30.76
N TRP G 118 65.29 -35.56 -30.97
CA TRP G 118 65.42 -36.64 -29.99
C TRP G 118 65.75 -36.21 -28.56
N TRP G 119 66.16 -34.95 -28.37
CA TRP G 119 66.49 -34.47 -27.04
C TRP G 119 65.44 -33.54 -26.42
N GLU G 120 64.18 -33.75 -26.81
CA GLU G 120 63.04 -33.03 -26.28
C GLU G 120 61.98 -34.07 -25.85
N SER G 121 61.54 -33.95 -24.60
CA SER G 121 60.41 -34.70 -24.06
C SER G 121 59.17 -34.09 -24.64
N ARG G 122 58.20 -34.92 -24.99
CA ARG G 122 56.99 -34.42 -25.61
C ARG G 122 55.73 -35.30 -25.36
N THR G 123 54.57 -34.66 -25.37
CA THR G 123 53.36 -35.29 -24.85
C THR G 123 52.18 -35.36 -25.83
N VAL G 124 51.84 -36.57 -26.25
CA VAL G 124 50.75 -36.74 -27.20
C VAL G 124 49.47 -36.81 -26.36
N ARG G 125 48.51 -35.99 -26.78
CA ARG G 125 47.22 -35.83 -26.12
C ARG G 125 46.09 -36.14 -27.11
N PRO G 126 45.89 -37.44 -27.38
CA PRO G 126 44.98 -37.76 -28.47
C PRO G 126 43.54 -37.48 -28.10
N GLN G 127 42.69 -37.47 -29.12
CA GLN G 127 41.27 -37.67 -28.93
C GLN G 127 41.07 -39.12 -29.34
N TYR G 128 40.06 -39.74 -28.72
CA TYR G 128 39.98 -41.20 -28.69
C TYR G 128 38.56 -41.65 -28.42
N THR G 129 38.41 -42.96 -28.22
CA THR G 129 37.13 -43.63 -28.18
C THR G 129 36.08 -43.07 -27.19
N ARG G 130 36.41 -42.99 -25.91
CA ARG G 130 35.47 -42.51 -24.88
C ARG G 130 34.33 -43.50 -24.66
N THR G 131 34.44 -44.69 -25.25
CA THR G 131 33.38 -45.71 -25.33
C THR G 131 33.75 -46.83 -24.37
N LEU G 132 32.87 -47.83 -24.25
CA LEU G 132 33.10 -48.94 -23.32
C LEU G 132 33.59 -50.18 -24.03
N LEU G 133 34.68 -50.74 -23.53
CA LEU G 133 35.35 -51.83 -24.21
C LEU G 133 35.15 -53.09 -23.39
N TRP G 134 36.00 -54.10 -23.59
CA TRP G 134 36.00 -55.30 -22.79
C TRP G 134 37.40 -55.61 -22.30
N THR G 135 37.53 -56.22 -21.13
CA THR G 135 38.84 -56.42 -20.55
C THR G 135 39.48 -57.69 -21.09
N SER G 136 38.85 -58.33 -22.06
CA SER G 136 39.25 -59.65 -22.57
C SER G 136 39.36 -59.59 -24.09
N SER G 137 40.34 -60.30 -24.66
CA SER G 137 40.42 -60.41 -26.13
C SER G 137 39.11 -61.01 -26.70
N GLY G 138 38.76 -60.56 -27.89
CA GLY G 138 37.47 -60.88 -28.49
C GLY G 138 37.61 -61.07 -29.97
N LYS G 139 36.53 -61.49 -30.62
CA LYS G 139 36.54 -61.82 -32.07
C LYS G 139 36.64 -60.58 -32.94
N GLU G 140 36.06 -59.48 -32.46
CA GLU G 140 36.26 -58.15 -33.06
C GLU G 140 37.03 -57.28 -32.08
N GLN G 141 38.22 -56.84 -32.50
CA GLN G 141 39.12 -56.18 -31.58
C GLN G 141 38.98 -54.67 -31.49
N ARG G 142 37.86 -54.11 -31.96
CA ARG G 142 37.58 -52.70 -31.72
C ARG G 142 36.70 -52.57 -30.49
N LEU G 143 36.46 -53.68 -29.81
CA LEU G 143 35.78 -53.64 -28.54
C LEU G 143 36.71 -54.00 -27.40
N THR G 144 38.02 -53.96 -27.66
CA THR G 144 38.97 -54.35 -26.63
C THR G 144 40.10 -53.34 -26.38
N SER G 145 40.52 -52.62 -27.42
CA SER G 145 41.57 -51.63 -27.29
C SER G 145 41.16 -50.33 -27.96
N PRO G 146 41.45 -49.19 -27.33
CA PRO G 146 41.09 -47.91 -27.90
C PRO G 146 41.98 -47.43 -29.06
N GLY G 147 43.09 -48.11 -29.33
CA GLY G 147 44.00 -47.70 -30.41
C GLY G 147 45.43 -48.21 -30.27
N ARG G 148 46.37 -47.46 -30.84
CA ARG G 148 47.79 -47.78 -30.68
C ARG G 148 48.74 -46.57 -30.86
N LEU G 149 49.75 -46.50 -29.99
CA LEU G 149 50.75 -45.44 -29.98
C LEU G 149 51.86 -45.81 -30.93
N ILE G 150 52.14 -44.97 -31.90
CA ILE G 150 53.24 -45.23 -32.83
C ILE G 150 54.32 -44.18 -32.68
N LEU G 151 55.56 -44.61 -32.83
CA LEU G 151 56.71 -43.73 -32.74
C LEU G 151 57.63 -44.08 -33.91
N LEU G 152 57.93 -43.06 -34.73
CA LEU G 152 58.72 -43.18 -35.97
C LEU G 152 59.88 -42.22 -35.91
N CYS G 153 60.97 -42.58 -36.52
CA CYS G 153 62.09 -41.68 -36.59
C CYS G 153 61.88 -40.60 -37.65
N VAL G 154 62.42 -39.42 -37.39
CA VAL G 154 62.53 -38.31 -38.35
C VAL G 154 64.03 -37.97 -38.44
N GLY G 155 64.55 -37.85 -39.65
CA GLY G 155 66.00 -37.76 -39.85
C GLY G 155 66.68 -39.07 -39.52
N ASN G 156 67.96 -39.03 -39.17
CA ASN G 156 68.59 -40.14 -38.45
C ASN G 156 69.38 -39.63 -37.27
N ASN G 157 69.40 -40.46 -36.23
CA ASN G 157 70.05 -40.11 -34.99
C ASN G 157 71.58 -40.23 -35.06
N THR G 158 72.24 -39.13 -34.68
CA THR G 158 73.69 -39.04 -34.48
C THR G 158 74.19 -39.84 -33.28
N ASP G 159 73.28 -40.32 -32.43
CA ASP G 159 73.71 -40.84 -31.16
C ASP G 159 72.79 -41.92 -30.60
N VAL G 160 73.28 -42.59 -29.58
CA VAL G 160 72.53 -43.68 -29.01
C VAL G 160 71.31 -43.10 -28.34
N VAL G 161 70.14 -43.65 -28.57
CA VAL G 161 68.96 -43.10 -27.97
C VAL G 161 68.19 -44.19 -27.25
N ASN G 162 67.89 -43.97 -25.97
CA ASN G 162 67.18 -44.95 -25.17
C ASN G 162 65.81 -44.43 -24.87
N VAL G 163 64.96 -44.52 -25.88
CA VAL G 163 63.61 -44.00 -25.76
C VAL G 163 62.69 -44.92 -24.93
N SER G 164 61.86 -44.31 -24.10
CA SER G 164 60.91 -45.04 -23.29
C SER G 164 59.61 -44.24 -23.44
N VAL G 165 58.49 -44.91 -23.73
CA VAL G 165 57.22 -44.16 -23.80
C VAL G 165 56.32 -44.57 -22.64
N LEU G 166 55.57 -43.59 -22.14
CA LEU G 166 54.79 -43.74 -20.94
C LEU G 166 53.35 -43.39 -21.22
N CYS G 167 52.45 -44.33 -21.00
CA CYS G 167 51.03 -44.06 -21.15
C CYS G 167 50.48 -43.56 -19.82
N ARG G 168 49.86 -42.40 -19.83
CA ARG G 168 49.14 -41.93 -18.69
C ARG G 168 47.68 -42.16 -18.93
N TRP G 169 47.06 -42.76 -17.92
CA TRP G 169 45.74 -43.29 -18.06
C TRP G 169 44.84 -43.05 -16.84
N SER G 170 43.56 -42.83 -17.14
CA SER G 170 42.52 -42.65 -16.17
C SER G 170 41.35 -43.45 -16.76
N VAL G 171 40.97 -44.52 -16.10
CA VAL G 171 40.07 -45.50 -16.69
C VAL G 171 38.99 -45.93 -15.70
N ARG G 172 37.76 -46.10 -16.19
CA ARG G 172 36.71 -46.72 -15.38
C ARG G 172 36.44 -48.18 -15.79
N LEU G 173 36.18 -48.99 -14.78
CA LEU G 173 36.01 -50.42 -14.91
C LEU G 173 34.63 -50.75 -14.35
N SER G 174 33.94 -51.73 -14.93
CA SER G 174 32.49 -51.73 -14.77
C SER G 174 31.84 -53.01 -14.24
N VAL G 175 32.20 -54.18 -14.73
CA VAL G 175 31.32 -55.35 -14.48
C VAL G 175 31.97 -56.50 -13.69
N PRO G 176 31.65 -56.60 -12.39
CA PRO G 176 32.43 -57.55 -11.57
C PRO G 176 32.52 -58.94 -12.16
N SER G 177 33.67 -59.58 -11.97
CA SER G 177 33.95 -60.91 -12.51
C SER G 177 35.30 -61.41 -12.00
N LEU G 178 35.74 -62.59 -12.44
CA LEU G 178 37.01 -63.15 -11.98
C LEU G 178 37.66 -64.08 -12.99
N GLU G 179 38.62 -63.53 -13.73
CA GLU G 179 39.29 -64.30 -14.78
C GLU G 179 40.55 -64.89 -14.15
N ASN G 180 40.58 -66.22 -14.03
CA ASN G 180 41.73 -66.94 -13.47
C ASN G 180 42.53 -67.64 -14.57
N THR H 18 6.62 -42.56 -28.82
CA THR H 18 7.90 -43.13 -29.24
C THR H 18 7.69 -44.29 -30.21
N ASN H 19 8.79 -44.91 -30.64
CA ASN H 19 8.73 -46.05 -31.56
C ASN H 19 8.76 -47.41 -30.83
N ASP H 20 9.62 -47.49 -29.81
CA ASP H 20 10.01 -48.74 -29.12
C ASP H 20 8.91 -49.60 -28.49
N VAL H 21 9.07 -50.89 -28.67
CA VAL H 21 8.19 -51.87 -28.08
C VAL H 21 8.84 -52.46 -26.83
N HIS H 22 8.08 -52.54 -25.73
CA HIS H 22 8.54 -53.19 -24.48
C HIS H 22 7.81 -54.51 -24.21
N LEU H 23 8.58 -55.61 -24.13
CA LEU H 23 8.05 -56.94 -23.83
C LEU H 23 8.55 -57.45 -22.48
N SER H 24 7.74 -58.24 -21.78
CA SER H 24 8.16 -58.78 -20.49
C SER H 24 7.55 -60.14 -20.25
N GLY H 25 8.39 -61.05 -19.77
CA GLY H 25 7.99 -62.42 -19.49
C GLY H 25 8.95 -63.16 -18.58
N MET H 26 8.63 -64.43 -18.33
CA MET H 26 9.51 -65.30 -17.59
C MET H 26 9.54 -66.65 -18.30
N SER H 27 10.69 -67.28 -18.40
CA SER H 27 10.75 -68.46 -19.25
C SER H 27 11.76 -69.46 -18.78
N ARG H 28 11.48 -70.74 -19.02
CA ARG H 28 12.44 -71.79 -18.69
C ARG H 28 13.58 -71.76 -19.72
N ILE H 29 14.80 -71.68 -19.21
CA ILE H 29 16.01 -71.63 -20.00
C ILE H 29 16.57 -73.02 -20.21
N SER H 30 16.36 -73.88 -19.22
CA SER H 30 16.81 -75.26 -19.31
C SER H 30 16.10 -76.13 -18.29
N GLN H 31 16.34 -77.43 -18.38
CA GLN H 31 15.89 -78.37 -17.40
C GLN H 31 16.87 -79.55 -17.37
N ALA H 32 17.37 -79.88 -16.19
CA ALA H 32 18.29 -80.98 -16.00
C ALA H 32 17.75 -81.92 -14.95
N VAL H 33 18.14 -83.18 -15.05
CA VAL H 33 17.64 -84.19 -14.15
C VAL H 33 18.82 -84.92 -13.55
N LEU H 34 19.42 -84.26 -12.57
CA LEU H 34 20.56 -84.78 -11.85
C LEU H 34 20.12 -86.01 -11.03
N PRO H 35 20.60 -87.24 -11.37
CA PRO H 35 20.12 -88.38 -10.59
C PRO H 35 21.06 -88.82 -9.45
N ALA H 36 20.54 -89.72 -8.62
CA ALA H 36 21.18 -90.16 -7.40
C ALA H 36 22.40 -89.32 -7.05
N GLY H 37 23.61 -89.81 -7.31
CA GLY H 37 24.79 -89.19 -6.73
C GLY H 37 25.78 -88.75 -7.77
N THR H 38 25.35 -87.87 -8.68
CA THR H 38 26.15 -87.50 -9.85
C THR H 38 26.61 -86.02 -9.97
N GLY H 39 26.24 -85.14 -9.03
CA GLY H 39 26.82 -83.79 -8.94
C GLY H 39 28.18 -83.91 -8.29
N THR H 40 28.99 -82.85 -8.29
CA THR H 40 30.20 -82.80 -7.45
C THR H 40 30.96 -81.49 -7.56
N ASP H 41 31.51 -81.04 -6.42
CA ASP H 41 32.16 -79.73 -6.34
C ASP H 41 32.73 -79.29 -7.67
N GLY H 42 31.91 -78.56 -8.42
CA GLY H 42 32.31 -77.94 -9.68
C GLY H 42 31.70 -78.56 -10.92
N TYR H 43 30.78 -79.50 -10.77
CA TYR H 43 30.11 -80.10 -11.93
C TYR H 43 29.10 -79.14 -12.51
N VAL H 44 29.03 -79.12 -13.85
CA VAL H 44 28.20 -78.14 -14.57
C VAL H 44 26.88 -78.73 -14.98
N VAL H 45 25.79 -78.24 -14.40
CA VAL H 45 24.48 -78.82 -14.71
C VAL H 45 23.70 -77.95 -15.64
N VAL H 46 24.15 -76.74 -15.86
CA VAL H 46 23.48 -75.84 -16.80
C VAL H 46 24.48 -74.83 -17.27
N ASP H 47 24.46 -74.57 -18.58
CA ASP H 47 25.29 -73.54 -19.21
C ASP H 47 24.59 -72.95 -20.43
N ALA H 48 23.80 -71.91 -20.19
CA ALA H 48 22.84 -71.41 -21.17
C ALA H 48 23.25 -70.04 -21.68
N THR H 49 23.69 -69.96 -22.93
CA THR H 49 23.99 -68.67 -23.55
C THR H 49 22.70 -68.01 -24.04
N ILE H 50 22.46 -66.81 -23.51
CA ILE H 50 21.17 -66.17 -23.51
C ILE H 50 20.92 -65.50 -24.86
N VAL H 51 19.94 -66.01 -25.57
CA VAL H 51 19.50 -65.44 -26.82
C VAL H 51 17.97 -65.40 -26.80
N PRO H 52 17.36 -64.60 -27.69
CA PRO H 52 15.90 -64.56 -27.86
C PRO H 52 15.21 -65.94 -28.08
N ASP H 53 15.89 -66.83 -28.78
CA ASP H 53 15.34 -68.13 -29.02
C ASP H 53 15.11 -68.92 -27.75
N LEU H 54 15.95 -68.72 -26.74
CA LEU H 54 15.77 -69.40 -25.43
C LEU H 54 14.54 -68.98 -24.62
N LEU H 55 13.97 -67.83 -24.96
CA LEU H 55 12.78 -67.31 -24.32
C LEU H 55 11.64 -67.38 -25.33
N PRO H 56 10.80 -68.41 -25.23
CA PRO H 56 9.85 -68.70 -26.30
C PRO H 56 9.18 -67.46 -26.87
N ARG H 57 8.62 -66.61 -26.00
CA ARG H 57 7.89 -65.39 -26.44
C ARG H 57 8.76 -64.42 -27.20
N LEU H 58 9.96 -64.17 -26.70
CA LEU H 58 10.90 -63.31 -27.40
C LEU H 58 11.47 -63.99 -28.64
N GLY H 59 11.42 -65.31 -28.71
CA GLY H 59 11.83 -65.99 -29.92
C GLY H 59 11.00 -65.52 -31.11
N HIS H 60 9.70 -65.38 -30.87
CA HIS H 60 8.73 -64.92 -31.89
C HIS H 60 8.89 -63.42 -32.17
N ALA H 61 9.17 -62.63 -31.15
CA ALA H 61 9.23 -61.20 -31.35
C ALA H 61 10.60 -60.72 -31.82
N ALA H 62 11.57 -61.63 -31.89
CA ALA H 62 12.87 -61.31 -32.43
C ALA H 62 12.87 -61.56 -33.92
N ARG H 63 11.95 -62.38 -34.42
CA ARG H 63 11.83 -62.55 -35.86
C ARG H 63 11.26 -61.27 -36.48
N ILE H 64 10.43 -60.56 -35.71
CA ILE H 64 9.77 -59.31 -36.12
C ILE H 64 10.65 -58.05 -36.08
N PHE H 65 11.54 -57.97 -35.10
CA PHE H 65 12.40 -56.80 -34.94
C PHE H 65 13.87 -57.15 -35.16
N GLN H 66 14.65 -56.13 -35.47
CA GLN H 66 16.05 -56.29 -35.85
C GLN H 66 16.98 -56.29 -34.67
N ARG H 67 16.74 -55.39 -33.72
CA ARG H 67 17.58 -55.27 -32.52
C ARG H 67 16.81 -55.26 -31.21
N TYR H 68 17.51 -55.52 -30.12
CA TYR H 68 16.88 -55.54 -28.82
C TYR H 68 17.83 -55.17 -27.69
N ALA H 69 17.29 -54.42 -26.73
CA ALA H 69 18.03 -53.96 -25.55
C ALA H 69 17.47 -54.59 -24.28
N VAL H 70 18.37 -55.08 -23.42
CA VAL H 70 17.97 -55.78 -22.20
C VAL H 70 17.79 -54.78 -21.09
N GLU H 71 16.55 -54.63 -20.65
CA GLU H 71 16.18 -53.65 -19.63
C GLU H 71 16.08 -54.25 -18.21
N THR H 72 15.62 -55.49 -18.08
CA THR H 72 15.76 -56.23 -16.80
C THR H 72 16.09 -57.70 -17.04
N LEU H 73 16.75 -58.32 -16.07
CA LEU H 73 17.20 -59.69 -16.24
C LEU H 73 17.41 -60.29 -14.87
N GLU H 74 16.70 -61.36 -14.56
CA GLU H 74 16.97 -62.15 -13.35
C GLU H 74 16.76 -63.60 -13.66
N PHE H 75 17.33 -64.47 -12.86
CA PHE H 75 17.15 -65.88 -13.06
C PHE H 75 16.71 -66.47 -11.74
N GLU H 76 15.76 -67.39 -11.83
CA GLU H 76 15.17 -67.97 -10.66
C GLU H 76 15.46 -69.44 -10.76
N ILE H 77 16.52 -69.88 -10.07
CA ILE H 77 16.79 -71.30 -9.93
C ILE H 77 15.60 -71.91 -9.17
N GLN H 78 15.07 -73.00 -9.72
CA GLN H 78 13.90 -73.64 -9.14
C GLN H 78 14.03 -75.18 -9.23
N PRO H 79 14.99 -75.75 -8.46
CA PRO H 79 15.30 -77.17 -8.44
C PRO H 79 14.21 -77.87 -7.68
N MET H 80 14.09 -79.18 -7.87
CA MET H 80 13.03 -79.95 -7.23
C MET H 80 13.51 -81.28 -6.65
N CYS H 81 13.52 -81.34 -5.32
CA CYS H 81 13.96 -82.53 -4.63
C CYS H 81 13.32 -82.53 -3.28
N PRO H 82 13.36 -83.69 -2.60
CA PRO H 82 12.82 -83.73 -1.27
C PRO H 82 13.76 -82.97 -0.34
N ALA H 83 13.20 -82.49 0.76
CA ALA H 83 13.97 -81.73 1.73
C ALA H 83 15.12 -82.56 2.37
N ASN H 84 15.17 -83.87 2.12
CA ASN H 84 16.30 -84.68 2.54
C ASN H 84 17.26 -84.94 1.42
N THR H 85 17.93 -83.90 0.97
CA THR H 85 18.87 -83.98 -0.13
C THR H 85 20.11 -83.16 0.21
N GLY H 86 21.28 -83.74 -0.05
CA GLY H 86 22.54 -83.23 0.48
C GLY H 86 23.33 -82.44 -0.52
N GLY H 87 22.62 -81.65 -1.28
CA GLY H 87 23.18 -81.04 -2.44
C GLY H 87 23.78 -79.68 -2.23
N GLY H 88 23.25 -78.72 -2.96
CA GLY H 88 23.84 -77.40 -3.07
C GLY H 88 24.21 -77.07 -4.50
N TYR H 89 24.07 -75.81 -4.86
CA TYR H 89 24.51 -75.32 -6.14
C TYR H 89 25.03 -73.92 -5.96
N VAL H 90 25.88 -73.48 -6.90
CA VAL H 90 26.13 -72.05 -7.12
C VAL H 90 25.52 -71.79 -8.48
N ALA H 91 24.96 -70.61 -8.65
CA ALA H 91 24.45 -70.18 -9.93
C ALA H 91 24.81 -68.72 -10.11
N GLY H 92 25.20 -68.34 -11.31
CA GLY H 92 25.53 -66.97 -11.58
C GLY H 92 25.38 -66.63 -13.03
N PHE H 93 25.35 -65.34 -13.32
CA PHE H 93 25.30 -64.91 -14.68
C PHE H 93 26.61 -64.20 -15.06
N LEU H 94 27.50 -64.86 -15.82
CA LEU H 94 28.61 -64.12 -16.44
C LEU H 94 28.16 -63.38 -17.71
N PRO H 95 28.34 -62.04 -17.73
CA PRO H 95 27.98 -61.16 -18.87
C PRO H 95 28.91 -61.15 -20.10
N ASP H 96 29.59 -62.26 -20.40
CA ASP H 96 30.20 -62.47 -21.71
C ASP H 96 29.54 -63.68 -22.28
N PRO H 97 28.86 -63.54 -23.41
CA PRO H 97 28.41 -64.77 -24.03
C PRO H 97 29.58 -65.68 -24.34
N THR H 98 30.77 -65.07 -24.43
CA THR H 98 32.00 -65.75 -24.79
C THR H 98 32.77 -66.39 -23.64
N ASP H 99 32.52 -66.02 -22.38
CA ASP H 99 33.46 -66.40 -21.31
C ASP H 99 33.21 -67.84 -20.89
N ASN H 100 34.27 -68.65 -21.03
CA ASN H 100 34.22 -70.10 -20.83
C ASN H 100 34.62 -70.55 -19.43
N ASP H 101 34.98 -69.59 -18.58
CA ASP H 101 35.46 -69.81 -17.21
C ASP H 101 34.28 -70.30 -16.34
N HIS H 102 34.24 -71.59 -15.99
CA HIS H 102 33.06 -72.15 -15.34
C HIS H 102 33.39 -72.84 -14.04
N THR H 103 33.86 -72.06 -13.09
CA THR H 103 34.28 -72.52 -11.75
C THR H 103 33.47 -71.75 -10.66
N PHE H 104 33.60 -72.17 -9.40
CA PHE H 104 32.81 -71.60 -8.31
C PHE H 104 33.14 -70.14 -8.10
N ASP H 105 34.44 -69.85 -7.96
CA ASP H 105 34.88 -68.51 -7.64
C ASP H 105 34.42 -67.61 -8.78
N ALA H 106 34.63 -68.10 -10.00
CA ALA H 106 34.21 -67.40 -11.20
C ALA H 106 32.76 -66.96 -11.17
N LEU H 107 31.86 -67.89 -10.83
CA LEU H 107 30.46 -67.53 -10.64
C LEU H 107 30.26 -66.62 -9.43
N GLN H 108 30.86 -66.98 -8.31
CA GLN H 108 30.73 -66.18 -7.10
C GLN H 108 31.30 -64.77 -7.23
N ALA H 109 32.02 -64.47 -8.31
CA ALA H 109 32.42 -63.07 -8.58
C ALA H 109 31.38 -62.21 -9.35
N THR H 110 30.31 -62.82 -9.89
CA THR H 110 29.25 -62.07 -10.57
C THR H 110 28.23 -61.66 -9.52
N ARG H 111 27.33 -60.73 -9.82
CA ARG H 111 26.69 -59.90 -8.78
C ARG H 111 25.67 -60.69 -8.02
N GLY H 112 24.67 -61.13 -8.74
CA GLY H 112 23.54 -61.80 -8.12
C GLY H 112 23.93 -63.14 -7.56
N ALA H 113 25.06 -63.69 -8.02
CA ALA H 113 25.54 -65.02 -7.69
C ALA H 113 24.96 -65.52 -6.40
N VAL H 114 24.34 -66.68 -6.45
CA VAL H 114 23.75 -67.28 -5.25
C VAL H 114 24.20 -68.71 -5.08
N VAL H 115 24.34 -69.13 -3.83
CA VAL H 115 24.62 -70.53 -3.48
C VAL H 115 23.62 -70.95 -2.39
N ALA H 116 23.14 -72.18 -2.50
CA ALA H 116 21.97 -72.61 -1.76
C ALA H 116 21.88 -74.12 -1.81
N LYS H 117 21.28 -74.71 -0.78
CA LYS H 117 21.02 -76.17 -0.74
C LYS H 117 20.09 -76.55 -1.90
N TRP H 118 20.09 -77.81 -2.31
CA TRP H 118 19.23 -78.20 -3.44
C TRP H 118 17.73 -78.04 -3.17
N TRP H 119 17.31 -78.02 -1.91
CA TRP H 119 15.91 -77.80 -1.59
C TRP H 119 15.52 -76.32 -1.30
N GLU H 120 16.38 -75.38 -1.72
CA GLU H 120 16.05 -73.95 -1.75
C GLU H 120 15.94 -73.45 -3.21
N SER H 121 14.89 -72.70 -3.53
CA SER H 121 14.85 -71.87 -4.72
C SER H 121 15.59 -70.61 -4.40
N ARG H 122 15.96 -69.88 -5.43
CA ARG H 122 16.88 -68.79 -5.23
C ARG H 122 16.82 -67.88 -6.44
N THR H 123 17.16 -66.61 -6.28
CA THR H 123 17.12 -65.72 -7.42
C THR H 123 18.44 -65.02 -7.65
N VAL H 124 19.02 -65.18 -8.83
CA VAL H 124 20.21 -64.43 -9.14
C VAL H 124 19.74 -63.20 -9.89
N ARG H 125 20.24 -62.07 -9.41
CA ARG H 125 20.03 -60.77 -10.01
C ARG H 125 21.36 -60.18 -10.45
N PRO H 126 21.75 -60.41 -11.71
CA PRO H 126 23.04 -59.91 -12.13
C PRO H 126 22.98 -58.47 -12.54
N GLN H 127 24.11 -57.96 -12.98
CA GLN H 127 24.19 -56.69 -13.70
C GLN H 127 24.93 -57.02 -14.99
N TYR H 128 24.62 -56.30 -16.06
CA TYR H 128 24.85 -56.82 -17.39
C TYR H 128 25.09 -55.69 -18.39
N THR H 129 25.15 -56.10 -19.67
CA THR H 129 25.42 -55.20 -20.78
C THR H 129 24.59 -53.88 -20.73
N ARG H 130 23.26 -53.98 -20.69
CA ARG H 130 22.35 -52.81 -20.68
C ARG H 130 22.35 -52.07 -22.03
N THR H 131 23.06 -52.63 -23.00
CA THR H 131 23.40 -52.00 -24.27
C THR H 131 22.33 -52.37 -25.26
N LEU H 132 22.50 -51.97 -26.52
CA LEU H 132 21.62 -52.43 -27.59
C LEU H 132 22.27 -53.54 -28.45
N LEU H 133 21.65 -54.71 -28.51
CA LEU H 133 22.22 -55.83 -29.21
C LEU H 133 21.51 -56.04 -30.55
N TRP H 134 21.36 -57.29 -31.00
CA TRP H 134 20.88 -57.64 -32.33
C TRP H 134 20.16 -58.99 -32.23
N THR H 135 18.91 -59.08 -32.65
CA THR H 135 18.12 -60.32 -32.46
C THR H 135 18.64 -61.57 -33.20
N SER H 136 19.67 -61.39 -34.03
CA SER H 136 20.14 -62.37 -34.96
C SER H 136 21.61 -62.68 -34.67
N SER H 137 22.03 -63.92 -34.91
CA SER H 137 23.45 -64.32 -34.86
C SER H 137 24.33 -63.35 -35.65
N GLY H 138 25.57 -63.13 -35.20
CA GLY H 138 26.50 -62.18 -35.84
C GLY H 138 27.90 -62.75 -35.81
N LYS H 139 28.87 -62.04 -36.37
CA LYS H 139 30.25 -62.55 -36.38
C LYS H 139 30.92 -62.34 -35.01
N GLU H 140 30.49 -61.30 -34.31
CA GLU H 140 30.89 -61.03 -32.93
C GLU H 140 29.64 -61.11 -32.06
N GLN H 141 29.68 -62.01 -31.09
CA GLN H 141 28.49 -62.39 -30.37
C GLN H 141 28.33 -61.67 -29.06
N ARG H 142 29.09 -60.61 -28.82
CA ARG H 142 28.85 -59.72 -27.69
C ARG H 142 27.73 -58.78 -28.09
N LEU H 143 27.34 -58.82 -29.37
CA LEU H 143 26.17 -58.09 -29.87
C LEU H 143 24.96 -58.97 -30.12
N THR H 144 24.97 -60.22 -29.65
CA THR H 144 23.81 -61.03 -29.80
C THR H 144 23.24 -61.46 -28.44
N SER H 145 24.10 -61.51 -27.41
CA SER H 145 23.75 -62.13 -26.12
C SER H 145 24.24 -61.30 -24.92
N PRO H 146 23.37 -61.08 -23.92
CA PRO H 146 23.76 -60.33 -22.73
C PRO H 146 24.66 -61.06 -21.76
N GLY H 147 24.97 -62.34 -22.03
CA GLY H 147 25.81 -63.17 -21.17
C GLY H 147 25.29 -64.60 -21.09
N ARG H 148 25.69 -65.33 -20.06
CA ARG H 148 25.26 -66.71 -19.95
C ARG H 148 25.13 -67.15 -18.52
N LEU H 149 24.15 -68.02 -18.30
CA LEU H 149 23.73 -68.45 -16.98
C LEU H 149 24.36 -69.78 -16.71
N ILE H 150 25.12 -69.89 -15.62
CA ILE H 150 25.80 -71.12 -15.25
C ILE H 150 25.23 -71.68 -13.97
N LEU H 151 25.18 -73.00 -13.86
CA LEU H 151 24.71 -73.65 -12.64
C LEU H 151 25.61 -74.84 -12.32
N LEU H 152 26.29 -74.74 -11.19
CA LEU H 152 27.29 -75.72 -10.79
C LEU H 152 26.76 -76.43 -9.60
N CYS H 153 27.29 -77.62 -9.37
CA CYS H 153 27.02 -78.31 -8.15
C CYS H 153 27.99 -77.86 -7.09
N VAL H 154 27.52 -77.86 -5.84
CA VAL H 154 28.36 -77.75 -4.66
C VAL H 154 28.02 -78.97 -3.82
N GLY H 155 29.06 -79.59 -3.29
CA GLY H 155 28.92 -80.86 -2.61
C GLY H 155 28.34 -81.82 -3.61
N ASN H 156 27.72 -82.88 -3.14
CA ASN H 156 27.31 -83.98 -4.03
C ASN H 156 25.96 -84.54 -3.62
N ASN H 157 24.94 -84.24 -4.41
CA ASN H 157 23.54 -84.50 -4.05
C ASN H 157 23.23 -85.90 -3.64
N THR H 158 22.40 -86.02 -2.60
CA THR H 158 22.03 -87.31 -1.99
C THR H 158 20.88 -87.95 -2.72
N ASP H 159 20.32 -87.26 -3.71
CA ASP H 159 19.02 -87.65 -4.22
C ASP H 159 18.74 -87.06 -5.62
N VAL H 160 17.56 -87.31 -6.15
CA VAL H 160 17.27 -86.94 -7.52
C VAL H 160 16.69 -85.56 -7.60
N VAL H 161 17.47 -84.64 -8.15
CA VAL H 161 17.06 -83.28 -8.35
C VAL H 161 16.59 -83.05 -9.78
N ASN H 162 15.36 -82.56 -9.95
CA ASN H 162 14.87 -82.16 -11.27
C ASN H 162 14.79 -80.62 -11.38
N VAL H 163 15.90 -80.02 -11.81
CA VAL H 163 16.07 -78.56 -11.78
C VAL H 163 15.78 -77.81 -13.10
N SER H 164 15.02 -76.73 -12.94
CA SER H 164 14.61 -75.87 -14.05
C SER H 164 15.02 -74.47 -13.67
N VAL H 165 15.74 -73.76 -14.54
CA VAL H 165 16.04 -72.35 -14.26
C VAL H 165 15.19 -71.49 -15.19
N LEU H 166 14.76 -70.35 -14.66
CA LEU H 166 13.81 -69.50 -15.30
C LEU H 166 14.45 -68.15 -15.44
N CYS H 167 14.27 -67.52 -16.58
CA CYS H 167 14.80 -66.19 -16.83
C CYS H 167 13.63 -65.25 -16.80
N ARG H 168 13.65 -64.26 -15.91
CA ARG H 168 12.64 -63.21 -15.97
C ARG H 168 13.24 -62.01 -16.66
N TRP H 169 12.66 -61.66 -17.81
CA TRP H 169 13.23 -60.67 -18.69
C TRP H 169 12.29 -59.50 -18.91
N SER H 170 12.90 -58.39 -19.27
CA SER H 170 12.18 -57.24 -19.75
C SER H 170 13.10 -56.50 -20.71
N VAL H 171 12.65 -56.31 -21.93
CA VAL H 171 13.50 -56.07 -23.05
C VAL H 171 12.81 -55.00 -23.85
N ARG H 172 13.56 -54.22 -24.65
CA ARG H 172 12.92 -53.33 -25.63
C ARG H 172 13.46 -53.51 -27.06
N LEU H 173 12.53 -53.68 -28.00
CA LEU H 173 12.87 -54.07 -29.37
C LEU H 173 12.85 -52.88 -30.30
N SER H 174 13.60 -53.00 -31.39
CA SER H 174 14.18 -51.84 -32.04
C SER H 174 13.60 -51.60 -33.39
N VAL H 175 14.11 -52.25 -34.44
CA VAL H 175 13.81 -51.76 -35.80
C VAL H 175 13.15 -52.86 -36.66
N PRO H 176 11.96 -52.57 -37.24
CA PRO H 176 11.25 -53.68 -37.86
C PRO H 176 11.99 -54.53 -38.91
N SER H 177 11.41 -55.68 -39.22
CA SER H 177 12.10 -56.71 -39.98
C SER H 177 11.24 -57.99 -40.01
N LEU H 178 11.63 -59.01 -40.77
CA LEU H 178 10.87 -60.27 -40.76
C LEU H 178 11.75 -61.53 -41.00
N GLU H 179 12.64 -61.86 -40.06
CA GLU H 179 13.64 -62.91 -40.25
C GLU H 179 13.01 -64.31 -40.30
N ASN H 180 13.38 -65.07 -41.33
CA ASN H 180 12.96 -66.46 -41.44
C ASN H 180 13.79 -67.39 -40.57
N THR I 18 31.31 -27.96 -31.04
CA THR I 18 31.53 -29.38 -30.79
C THR I 18 32.61 -29.96 -31.73
N ASN I 19 33.15 -31.12 -31.37
CA ASN I 19 34.18 -31.79 -32.17
C ASN I 19 33.60 -32.54 -33.39
N ASP I 20 32.29 -32.81 -33.35
CA ASP I 20 31.60 -33.58 -34.41
C ASP I 20 31.30 -32.76 -35.67
N VAL I 21 31.54 -33.40 -36.82
CA VAL I 21 31.43 -32.77 -38.13
C VAL I 21 30.28 -33.37 -38.92
N HIS I 22 29.33 -32.52 -39.31
CA HIS I 22 28.13 -32.96 -40.02
C HIS I 22 28.29 -32.80 -41.55
N LEU I 23 28.19 -33.92 -42.26
CA LEU I 23 28.18 -33.97 -43.73
C LEU I 23 26.84 -34.48 -44.30
N SER I 24 26.42 -33.87 -45.41
CA SER I 24 25.20 -34.24 -46.10
C SER I 24 25.41 -34.29 -47.59
N GLY I 25 24.67 -35.14 -48.27
CA GLY I 25 24.76 -35.23 -49.71
C GLY I 25 23.71 -36.14 -50.29
N MET I 26 23.82 -36.41 -51.59
CA MET I 26 22.96 -37.36 -52.25
C MET I 26 23.67 -37.96 -53.46
N SER I 27 23.75 -39.28 -53.52
CA SER I 27 24.67 -39.96 -54.44
C SER I 27 23.96 -41.10 -55.15
N ARG I 28 24.43 -41.45 -56.34
CA ARG I 28 23.91 -42.64 -57.01
C ARG I 28 24.56 -43.92 -56.51
N ILE I 29 23.80 -44.67 -55.72
CA ILE I 29 24.19 -45.97 -55.17
C ILE I 29 24.44 -46.99 -56.26
N SER I 30 23.58 -47.01 -57.28
CA SER I 30 23.70 -47.97 -58.36
C SER I 30 22.88 -47.58 -59.58
N GLN I 31 23.17 -48.28 -60.66
CA GLN I 31 22.46 -48.08 -61.91
C GLN I 31 22.37 -49.42 -62.59
N ALA I 32 21.16 -49.92 -62.73
CA ALA I 32 20.92 -51.16 -63.44
C ALA I 32 20.11 -50.91 -64.71
N VAL I 33 20.43 -51.66 -65.75
CA VAL I 33 19.69 -51.61 -67.00
C VAL I 33 19.01 -52.95 -67.08
N LEU I 34 17.70 -52.94 -67.16
CA LEU I 34 16.90 -54.14 -67.15
C LEU I 34 16.25 -54.33 -68.52
N PRO I 35 16.75 -55.30 -69.31
CA PRO I 35 16.30 -55.37 -70.71
C PRO I 35 14.84 -55.77 -70.92
N ALA I 36 14.45 -55.73 -72.18
CA ALA I 36 13.05 -55.63 -72.57
C ALA I 36 12.11 -56.56 -71.81
N GLY I 37 12.49 -57.80 -71.55
CA GLY I 37 11.54 -58.76 -70.98
C GLY I 37 12.04 -59.57 -69.80
N THR I 38 13.14 -59.14 -69.19
CA THR I 38 13.94 -60.04 -68.34
C THR I 38 13.63 -59.99 -66.83
N GLY I 39 12.71 -59.14 -66.39
CA GLY I 39 12.35 -59.07 -64.98
C GLY I 39 11.23 -60.05 -64.68
N THR I 40 11.20 -60.57 -63.45
CA THR I 40 10.05 -61.39 -62.98
C THR I 40 9.97 -61.39 -61.48
N ASP I 41 8.78 -61.67 -60.95
CA ASP I 41 8.57 -61.63 -59.50
C ASP I 41 9.81 -62.14 -58.78
N GLY I 42 10.42 -61.27 -58.00
CA GLY I 42 11.53 -61.65 -57.14
C GLY I 42 12.93 -61.39 -57.69
N TYR I 43 13.04 -61.08 -58.96
CA TYR I 43 14.34 -60.83 -59.55
C TYR I 43 15.00 -59.66 -58.83
N VAL I 44 16.20 -59.88 -58.32
CA VAL I 44 16.99 -58.82 -57.68
C VAL I 44 17.68 -57.92 -58.71
N VAL I 45 17.25 -56.66 -58.82
CA VAL I 45 17.87 -55.77 -59.79
C VAL I 45 18.92 -54.90 -59.16
N VAL I 46 18.81 -54.66 -57.87
CA VAL I 46 19.81 -53.86 -57.14
C VAL I 46 19.97 -54.47 -55.75
N ASP I 47 21.22 -54.59 -55.34
CA ASP I 47 21.52 -55.09 -54.02
C ASP I 47 22.81 -54.43 -53.55
N ALA I 48 22.68 -53.30 -52.88
CA ALA I 48 23.80 -52.44 -52.60
C ALA I 48 24.01 -52.28 -51.10
N THR I 49 25.16 -52.75 -50.63
CA THR I 49 25.53 -52.61 -49.23
C THR I 49 26.16 -51.25 -48.99
N ILE I 50 25.59 -50.54 -48.03
CA ILE I 50 25.86 -49.12 -47.86
C ILE I 50 27.16 -48.89 -47.10
N VAL I 51 28.17 -48.44 -47.83
CA VAL I 51 29.49 -48.17 -47.27
C VAL I 51 29.87 -46.76 -47.69
N PRO I 52 30.71 -46.08 -46.92
CA PRO I 52 31.12 -44.74 -47.31
C PRO I 52 31.76 -44.66 -48.72
N ASP I 53 32.47 -45.71 -49.13
CA ASP I 53 33.09 -45.73 -50.45
C ASP I 53 32.06 -45.60 -51.57
N LEU I 54 30.84 -46.03 -51.31
CA LEU I 54 29.77 -46.05 -52.30
C LEU I 54 29.15 -44.67 -52.53
N LEU I 55 29.22 -43.81 -51.53
CA LEU I 55 28.77 -42.41 -51.64
C LEU I 55 30.01 -41.53 -51.84
N PRO I 56 30.22 -41.02 -53.08
CA PRO I 56 31.56 -40.54 -53.42
C PRO I 56 32.10 -39.40 -52.51
N ARG I 57 31.28 -38.38 -52.23
CA ARG I 57 31.70 -37.30 -51.34
C ARG I 57 32.01 -37.83 -49.94
N LEU I 58 31.22 -38.77 -49.45
CA LEU I 58 31.48 -39.36 -48.14
C LEU I 58 32.72 -40.25 -48.22
N GLY I 59 32.93 -40.85 -49.39
CA GLY I 59 34.09 -41.68 -49.63
C GLY I 59 35.38 -40.97 -49.33
N HIS I 60 35.43 -39.67 -49.63
CA HIS I 60 36.60 -38.84 -49.36
C HIS I 60 36.74 -38.49 -47.90
N ALA I 61 35.64 -38.06 -47.30
CA ALA I 61 35.64 -37.70 -45.89
C ALA I 61 35.84 -38.92 -44.99
N ALA I 62 35.62 -40.12 -45.55
CA ALA I 62 35.90 -41.37 -44.83
C ALA I 62 37.37 -41.55 -44.51
N ARG I 63 38.26 -40.94 -45.30
CA ARG I 63 39.69 -41.03 -45.09
C ARG I 63 40.29 -39.97 -44.16
N ILE I 64 39.45 -39.10 -43.65
CA ILE I 64 39.85 -38.04 -42.75
C ILE I 64 39.48 -38.35 -41.32
N PHE I 65 38.30 -38.95 -41.14
CA PHE I 65 37.84 -39.39 -39.84
C PHE I 65 37.86 -40.88 -39.82
N GLN I 66 37.49 -41.45 -38.67
CA GLN I 66 37.61 -42.87 -38.49
C GLN I 66 36.32 -43.54 -38.11
N ARG I 67 35.47 -42.85 -37.36
CA ARG I 67 34.12 -43.36 -37.11
C ARG I 67 33.10 -42.37 -37.67
N TYR I 68 32.09 -42.91 -38.36
CA TYR I 68 30.95 -42.14 -38.90
C TYR I 68 29.65 -42.68 -38.32
N ALA I 69 28.70 -41.78 -38.06
CA ALA I 69 27.40 -42.18 -37.55
C ALA I 69 26.27 -41.59 -38.41
N VAL I 70 25.30 -42.42 -38.78
CA VAL I 70 24.33 -42.03 -39.79
C VAL I 70 23.15 -41.35 -39.15
N GLU I 71 22.88 -40.13 -39.58
CA GLU I 71 21.85 -39.29 -38.95
C GLU I 71 20.53 -39.20 -39.75
N THR I 72 20.62 -39.17 -41.08
CA THR I 72 19.45 -39.40 -41.95
C THR I 72 19.79 -40.21 -43.22
N LEU I 73 18.90 -41.16 -43.55
CA LEU I 73 19.03 -41.99 -44.75
C LEU I 73 17.71 -42.03 -45.48
N GLU I 74 17.76 -41.81 -46.79
CA GLU I 74 16.62 -42.07 -47.68
C GLU I 74 17.14 -42.52 -49.02
N PHE I 75 16.34 -43.30 -49.72
CA PHE I 75 16.73 -43.78 -51.05
C PHE I 75 15.64 -43.39 -52.01
N GLU I 76 16.04 -42.76 -53.08
CA GLU I 76 15.12 -42.32 -54.10
C GLU I 76 15.27 -43.27 -55.27
N ILE I 77 14.22 -44.01 -55.57
CA ILE I 77 14.24 -44.96 -56.69
C ILE I 77 13.80 -44.24 -57.95
N GLN I 78 14.69 -44.19 -58.94
CA GLN I 78 14.47 -43.36 -60.10
C GLN I 78 14.60 -44.22 -61.37
N PRO I 79 13.55 -44.98 -61.69
CA PRO I 79 13.48 -45.81 -62.84
C PRO I 79 13.04 -45.02 -64.05
N MET I 80 13.66 -45.32 -65.18
CA MET I 80 13.50 -44.53 -66.37
C MET I 80 13.12 -45.42 -67.53
N CYS I 81 11.86 -45.30 -67.92
CA CYS I 81 11.26 -46.15 -68.92
C CYS I 81 10.01 -45.46 -69.45
N PRO I 82 9.42 -46.00 -70.51
CA PRO I 82 8.23 -45.35 -71.01
C PRO I 82 7.02 -45.66 -70.14
N ALA I 83 6.04 -44.75 -70.17
CA ALA I 83 4.83 -44.87 -69.37
C ALA I 83 4.01 -46.12 -69.72
N ASN I 84 4.34 -46.74 -70.85
CA ASN I 84 3.68 -47.96 -71.29
C ASN I 84 4.39 -49.25 -70.88
N THR I 85 5.03 -49.22 -69.73
CA THR I 85 5.77 -50.37 -69.24
C THR I 85 4.91 -51.08 -68.21
N GLY I 86 4.79 -52.39 -68.36
CA GLY I 86 4.06 -53.24 -67.43
C GLY I 86 4.98 -53.57 -66.28
N GLY I 87 5.30 -52.58 -65.51
CA GLY I 87 6.42 -52.71 -64.62
C GLY I 87 6.04 -53.21 -63.26
N GLY I 88 6.81 -52.79 -62.29
CA GLY I 88 6.60 -53.16 -60.91
C GLY I 88 7.89 -53.38 -60.20
N TYR I 89 8.08 -52.70 -59.07
CA TYR I 89 9.18 -53.01 -58.20
C TYR I 89 8.79 -52.84 -56.74
N VAL I 90 9.55 -53.52 -55.88
CA VAL I 90 9.50 -53.26 -54.44
C VAL I 90 10.91 -52.93 -53.99
N ALA I 91 11.05 -51.85 -53.24
CA ALA I 91 12.36 -51.38 -52.80
C ALA I 91 12.34 -51.23 -51.30
N GLY I 92 13.39 -51.69 -50.66
CA GLY I 92 13.44 -51.68 -49.22
C GLY I 92 14.87 -51.63 -48.71
N PHE I 93 15.02 -51.09 -47.50
CA PHE I 93 16.32 -51.04 -46.88
C PHE I 93 16.32 -51.89 -45.64
N LEU I 94 16.96 -53.06 -45.70
CA LEU I 94 17.13 -53.87 -44.49
C LEU I 94 18.41 -53.45 -43.77
N PRO I 95 18.31 -53.17 -42.46
CA PRO I 95 19.40 -52.67 -41.62
C PRO I 95 20.59 -53.59 -41.26
N ASP I 96 20.68 -54.82 -41.76
CA ASP I 96 21.92 -55.60 -41.60
C ASP I 96 22.62 -55.70 -42.91
N PRO I 97 23.87 -55.25 -42.97
CA PRO I 97 24.61 -55.60 -44.16
C PRO I 97 24.77 -57.12 -44.29
N THR I 98 24.58 -57.82 -43.17
CA THR I 98 24.81 -59.25 -43.06
C THR I 98 23.95 -60.13 -43.97
N ASP I 99 22.62 -60.05 -43.84
CA ASP I 99 21.79 -61.14 -44.37
C ASP I 99 21.22 -61.00 -45.78
N ASN I 100 21.14 -62.16 -46.45
CA ASN I 100 20.74 -62.30 -47.84
C ASN I 100 19.26 -62.60 -48.04
N ASP I 101 18.41 -62.26 -47.08
CA ASP I 101 16.99 -62.55 -47.21
C ASP I 101 16.35 -61.52 -48.19
N HIS I 102 16.40 -61.83 -49.50
CA HIS I 102 15.93 -60.92 -50.54
C HIS I 102 14.62 -61.37 -51.17
N THR I 103 13.59 -61.46 -50.35
CA THR I 103 12.24 -61.82 -50.77
C THR I 103 11.33 -60.60 -50.59
N PHE I 104 10.23 -60.57 -51.35
CA PHE I 104 9.27 -59.46 -51.26
C PHE I 104 8.79 -59.22 -49.83
N ASP I 105 8.32 -60.28 -49.19
CA ASP I 105 7.72 -60.15 -47.86
C ASP I 105 8.71 -59.60 -46.85
N ALA I 106 9.97 -59.99 -46.99
CA ALA I 106 11.05 -59.52 -46.11
C ALA I 106 11.37 -58.06 -46.33
N LEU I 107 11.31 -57.60 -47.58
CA LEU I 107 11.47 -56.17 -47.89
C LEU I 107 10.33 -55.36 -47.36
N GLN I 108 9.10 -55.80 -47.65
CA GLN I 108 7.90 -55.08 -47.20
C GLN I 108 7.80 -54.99 -45.69
N ALA I 109 8.44 -55.92 -44.98
CA ALA I 109 8.46 -55.89 -43.53
C ALA I 109 9.25 -54.70 -42.95
N THR I 110 10.18 -54.14 -43.74
CA THR I 110 10.98 -52.98 -43.31
C THR I 110 10.15 -51.70 -43.42
N ARG I 111 10.67 -50.58 -42.94
CA ARG I 111 9.82 -49.39 -42.71
C ARG I 111 9.72 -48.55 -43.94
N GLY I 112 10.85 -48.35 -44.60
CA GLY I 112 10.83 -47.54 -45.81
C GLY I 112 9.97 -48.11 -46.93
N ALA I 113 9.84 -49.43 -46.93
CA ALA I 113 9.39 -50.22 -48.08
C ALA I 113 8.34 -49.53 -48.92
N VAL I 114 8.60 -49.49 -50.23
CA VAL I 114 7.69 -48.96 -51.23
C VAL I 114 7.52 -49.91 -52.40
N VAL I 115 6.33 -49.91 -52.99
CA VAL I 115 6.12 -50.63 -54.24
C VAL I 115 5.45 -49.73 -55.24
N ALA I 116 5.77 -49.91 -56.51
CA ALA I 116 5.29 -49.00 -57.55
C ALA I 116 5.50 -49.61 -58.94
N LYS I 117 4.79 -49.07 -59.91
CA LYS I 117 5.01 -49.45 -61.30
C LYS I 117 6.29 -48.78 -61.77
N TRP I 118 6.98 -49.38 -62.75
CA TRP I 118 8.31 -48.91 -63.12
C TRP I 118 8.34 -47.51 -63.68
N TRP I 119 7.20 -46.97 -64.05
CA TRP I 119 7.16 -45.57 -64.51
C TRP I 119 6.76 -44.59 -63.38
N GLU I 120 7.08 -44.96 -62.15
CA GLU I 120 6.75 -44.14 -60.99
C GLU I 120 8.02 -44.05 -60.14
N SER I 121 8.45 -42.81 -59.86
CA SER I 121 9.51 -42.54 -58.90
C SER I 121 8.99 -42.81 -57.53
N ARG I 122 9.89 -43.01 -56.59
CA ARG I 122 9.47 -43.39 -55.26
C ARG I 122 10.61 -43.24 -54.27
N THR I 123 10.28 -42.98 -53.01
CA THR I 123 11.30 -42.75 -51.99
C THR I 123 11.09 -43.64 -50.79
N VAL I 124 12.12 -44.40 -50.44
CA VAL I 124 12.08 -45.22 -49.24
C VAL I 124 12.71 -44.41 -48.12
N ARG I 125 11.99 -44.32 -47.02
CA ARG I 125 12.42 -43.62 -45.80
C ARG I 125 12.58 -44.57 -44.65
N PRO I 126 13.72 -45.25 -44.54
CA PRO I 126 13.78 -46.38 -43.66
C PRO I 126 14.04 -45.95 -42.23
N GLN I 127 14.00 -46.93 -41.34
CA GLN I 127 14.54 -46.80 -40.01
C GLN I 127 15.69 -47.79 -39.93
N TYR I 128 16.75 -47.37 -39.26
CA TYR I 128 18.06 -48.00 -39.35
C TYR I 128 18.71 -48.08 -37.97
N THR I 129 19.96 -48.53 -37.94
CA THR I 129 20.75 -48.63 -36.70
C THR I 129 20.74 -47.35 -35.84
N ARG I 130 20.97 -46.19 -36.48
CA ARG I 130 20.99 -44.87 -35.81
C ARG I 130 22.18 -44.69 -34.86
N THR I 131 23.20 -45.54 -35.04
CA THR I 131 24.27 -45.78 -34.05
C THR I 131 25.62 -45.35 -34.62
N LEU I 132 26.65 -45.38 -33.78
CA LEU I 132 28.03 -45.13 -34.22
C LEU I 132 28.58 -46.31 -35.01
N LEU I 133 29.32 -45.99 -36.07
CA LEU I 133 29.83 -46.99 -36.97
C LEU I 133 31.32 -46.77 -37.14
N TRP I 134 31.89 -47.30 -38.22
CA TRP I 134 33.32 -47.33 -38.45
C TRP I 134 33.59 -47.09 -39.93
N THR I 135 34.48 -46.15 -40.24
CA THR I 135 34.69 -45.75 -41.64
C THR I 135 35.51 -46.75 -42.46
N SER I 136 36.06 -47.78 -41.82
CA SER I 136 36.83 -48.82 -42.50
C SER I 136 36.50 -50.24 -41.98
N SER I 137 36.79 -51.25 -42.79
CA SER I 137 36.40 -52.66 -42.54
C SER I 137 36.79 -53.24 -41.18
N GLY I 138 35.96 -54.15 -40.69
CA GLY I 138 36.14 -54.74 -39.38
C GLY I 138 35.95 -56.23 -39.42
N LYS I 139 36.37 -56.90 -38.35
CA LYS I 139 36.19 -58.34 -38.21
C LYS I 139 34.67 -58.57 -38.08
N GLU I 140 34.01 -57.71 -37.29
CA GLU I 140 32.54 -57.71 -37.15
C GLU I 140 32.01 -56.53 -37.94
N GLN I 141 31.29 -56.83 -39.02
CA GLN I 141 30.82 -55.80 -39.93
C GLN I 141 29.47 -55.15 -39.57
N ARG I 142 28.97 -55.42 -38.36
CA ARG I 142 27.77 -54.76 -37.87
C ARG I 142 28.06 -53.29 -37.61
N LEU I 143 29.34 -52.93 -37.52
CA LEU I 143 29.72 -51.54 -37.25
C LEU I 143 30.41 -50.84 -38.42
N THR I 144 30.44 -51.43 -39.62
CA THR I 144 31.04 -50.76 -40.79
C THR I 144 30.01 -50.25 -41.81
N SER I 145 28.78 -50.77 -41.78
CA SER I 145 27.72 -50.40 -42.72
C SER I 145 26.35 -50.43 -42.03
N PRO I 146 25.49 -49.44 -42.31
CA PRO I 146 24.24 -49.34 -41.59
C PRO I 146 23.11 -50.21 -42.13
N GLY I 147 23.36 -50.89 -43.26
CA GLY I 147 22.37 -51.77 -43.88
C GLY I 147 22.59 -51.84 -45.37
N ARG I 148 21.60 -52.32 -46.10
CA ARG I 148 21.72 -52.42 -47.55
C ARG I 148 20.37 -52.21 -48.24
N LEU I 149 20.43 -51.65 -49.45
CA LEU I 149 19.27 -51.27 -50.21
C LEU I 149 19.00 -52.31 -51.27
N ILE I 150 17.79 -52.89 -51.25
CA ILE I 150 17.43 -53.95 -52.19
C ILE I 150 16.29 -53.48 -53.04
N LEU I 151 16.35 -53.83 -54.32
CA LEU I 151 15.31 -53.50 -55.27
C LEU I 151 14.93 -54.79 -55.99
N LEU I 152 13.64 -55.14 -55.91
CA LEU I 152 13.12 -56.36 -56.51
C LEU I 152 12.08 -56.10 -57.57
N CYS I 153 12.04 -56.96 -58.59
CA CYS I 153 11.00 -56.89 -59.60
C CYS I 153 9.68 -57.37 -59.01
N VAL I 154 8.61 -56.75 -59.47
CA VAL I 154 7.26 -57.23 -59.24
C VAL I 154 6.69 -57.34 -60.64
N GLY I 155 6.03 -58.47 -60.91
CA GLY I 155 5.58 -58.80 -62.25
C GLY I 155 6.77 -58.80 -63.18
N ASN I 156 6.53 -58.57 -64.47
CA ASN I 156 7.61 -58.55 -65.45
C ASN I 156 7.49 -57.40 -66.42
N ASN I 157 8.60 -56.71 -66.66
CA ASN I 157 8.63 -55.51 -67.48
C ASN I 157 8.42 -55.77 -68.97
N THR I 158 7.54 -54.95 -69.57
CA THR I 158 7.27 -54.94 -71.00
C THR I 158 8.35 -54.27 -71.79
N ASP I 159 9.16 -53.44 -71.15
CA ASP I 159 10.04 -52.57 -71.84
C ASP I 159 11.37 -52.44 -71.08
N VAL I 160 12.31 -51.73 -71.68
CA VAL I 160 13.62 -51.56 -71.09
C VAL I 160 13.53 -50.49 -70.00
N VAL I 161 14.12 -50.83 -68.86
CA VAL I 161 14.17 -49.94 -67.69
C VAL I 161 15.62 -49.59 -67.32
N ASN I 162 15.91 -48.30 -67.13
CA ASN I 162 17.23 -47.88 -66.71
C ASN I 162 17.12 -47.29 -65.32
N VAL I 163 17.00 -48.17 -64.35
CA VAL I 163 16.83 -47.73 -62.98
C VAL I 163 18.15 -47.24 -62.35
N SER I 164 18.08 -46.07 -61.71
CA SER I 164 19.20 -45.55 -60.92
C SER I 164 18.63 -45.30 -59.54
N VAL I 165 19.23 -45.89 -58.49
CA VAL I 165 18.79 -45.55 -57.11
C VAL I 165 19.77 -44.56 -56.53
N LEU I 166 19.22 -43.59 -55.80
CA LEU I 166 19.99 -42.53 -55.21
C LEU I 166 19.82 -42.57 -53.72
N CYS I 167 20.90 -42.39 -53.00
CA CYS I 167 20.86 -42.37 -51.55
C CYS I 167 21.08 -40.95 -51.10
N ARG I 168 20.11 -40.37 -50.40
CA ARG I 168 20.37 -39.10 -49.76
C ARG I 168 20.71 -39.38 -48.30
N TRP I 169 21.75 -38.72 -47.83
CA TRP I 169 22.38 -39.09 -46.57
C TRP I 169 22.81 -37.86 -45.81
N SER I 170 22.77 -37.99 -44.49
CA SER I 170 23.26 -37.00 -43.58
C SER I 170 24.00 -37.74 -42.47
N VAL I 171 25.26 -37.39 -42.28
CA VAL I 171 26.16 -38.20 -41.49
C VAL I 171 26.94 -37.31 -40.56
N ARG I 172 27.18 -37.73 -39.31
CA ARG I 172 28.11 -37.01 -38.43
C ARG I 172 29.40 -37.82 -38.22
N LEU I 173 30.52 -37.19 -38.53
CA LEU I 173 31.84 -37.83 -38.49
C LEU I 173 32.69 -37.51 -37.24
N SER I 174 33.53 -38.44 -36.83
CA SER I 174 34.21 -38.37 -35.54
C SER I 174 35.64 -38.93 -35.62
N VAL I 175 36.34 -38.80 -34.51
CA VAL I 175 37.80 -39.01 -34.38
C VAL I 175 38.63 -38.82 -35.67
N PRO I 176 39.31 -37.67 -35.77
CA PRO I 176 40.28 -37.38 -36.82
C PRO I 176 41.31 -38.46 -37.01
N SER I 177 41.84 -38.55 -38.22
CA SER I 177 42.57 -39.72 -38.66
C SER I 177 43.04 -39.47 -40.11
N LEU I 178 43.77 -40.42 -40.70
CA LEU I 178 44.18 -40.30 -42.11
C LEU I 178 44.61 -41.62 -42.72
N GLU I 179 43.72 -42.23 -43.48
CA GLU I 179 44.00 -43.57 -44.01
C GLU I 179 44.42 -43.48 -45.48
N ASN I 180 45.68 -43.85 -45.72
CA ASN I 180 46.31 -43.81 -47.05
C ASN I 180 46.58 -45.20 -47.62
N THR J 18 24.74 -44.47 20.63
CA THR J 18 26.15 -44.95 20.40
C THR J 18 26.33 -46.39 20.93
N ASN J 19 27.09 -47.21 20.19
CA ASN J 19 27.42 -48.58 20.61
C ASN J 19 28.38 -48.57 21.78
N ASP J 20 29.20 -47.52 21.83
CA ASP J 20 30.25 -47.36 22.82
C ASP J 20 29.73 -47.06 24.21
N VAL J 21 30.33 -47.74 25.18
CA VAL J 21 29.95 -47.63 26.58
C VAL J 21 30.93 -46.73 27.35
N HIS J 22 30.44 -45.60 27.84
CA HIS J 22 31.26 -44.63 28.60
C HIS J 22 31.34 -44.99 30.10
N LEU J 23 32.56 -45.07 30.61
CA LEU J 23 32.83 -45.50 31.97
C LEU J 23 33.78 -44.49 32.64
N SER J 24 33.41 -44.04 33.83
CA SER J 24 34.19 -43.06 34.56
C SER J 24 34.54 -43.71 35.87
N GLY J 25 35.74 -43.40 36.38
CA GLY J 25 36.13 -43.82 37.71
C GLY J 25 37.20 -42.92 38.26
N MET J 26 37.70 -43.27 39.44
CA MET J 26 38.91 -42.68 39.96
C MET J 26 39.51 -43.67 40.92
N SER J 27 40.68 -44.22 40.57
CA SER J 27 41.27 -45.30 41.35
C SER J 27 42.69 -44.91 41.83
N ARG J 28 43.27 -45.73 42.70
CA ARG J 28 44.61 -45.50 43.22
C ARG J 28 45.68 -46.27 42.43
N ILE J 29 46.27 -45.61 41.45
CA ILE J 29 47.45 -46.09 40.73
C ILE J 29 48.54 -46.67 41.65
N SER J 30 49.01 -45.92 42.64
CA SER J 30 50.13 -46.37 43.46
C SER J 30 50.13 -45.73 44.85
N GLN J 31 50.71 -46.43 45.82
CA GLN J 31 51.02 -45.89 47.14
C GLN J 31 52.46 -46.28 47.43
N ALA J 32 53.33 -45.29 47.69
CA ALA J 32 54.73 -45.53 48.01
C ALA J 32 55.03 -44.82 49.33
N VAL J 33 55.85 -45.43 50.19
CA VAL J 33 56.12 -44.89 51.55
C VAL J 33 57.60 -44.51 51.59
N LEU J 34 57.88 -43.24 51.79
CA LEU J 34 59.21 -42.71 51.60
C LEU J 34 59.80 -42.50 52.95
N PRO J 35 60.76 -43.35 53.36
CA PRO J 35 61.20 -43.18 54.75
C PRO J 35 61.90 -41.85 55.02
N ALA J 36 62.19 -41.66 56.31
CA ALA J 36 62.54 -40.38 56.88
C ALA J 36 63.46 -39.50 56.04
N GLY J 37 64.55 -40.03 55.51
CA GLY J 37 65.52 -39.17 54.81
C GLY J 37 65.98 -39.68 53.45
N THR J 38 65.12 -40.41 52.74
CA THR J 38 65.56 -41.20 51.59
C THR J 38 65.23 -40.66 50.19
N GLY J 39 64.66 -39.46 50.09
CA GLY J 39 64.48 -38.81 48.78
C GLY J 39 65.69 -37.96 48.47
N THR J 40 65.95 -37.69 47.18
CA THR J 40 66.99 -36.74 46.77
C THR J 40 66.79 -36.45 45.34
N ASP J 41 67.15 -35.24 44.90
CA ASP J 41 66.95 -34.86 43.52
C ASP J 41 67.12 -36.09 42.63
N GLY J 42 66.03 -36.51 41.99
CA GLY J 42 66.09 -37.55 40.98
C GLY J 42 65.53 -38.90 41.39
N TYR J 43 65.25 -39.07 42.68
CA TYR J 43 64.75 -40.34 43.18
C TYR J 43 63.39 -40.61 42.60
N VAL J 44 63.24 -41.75 41.95
CA VAL J 44 61.97 -42.11 41.39
C VAL J 44 61.16 -42.79 42.46
N VAL J 45 60.10 -42.13 42.91
CA VAL J 45 59.27 -42.67 43.99
C VAL J 45 58.03 -43.38 43.46
N VAL J 46 57.62 -43.02 42.24
CA VAL J 46 56.52 -43.69 41.54
C VAL J 46 56.75 -43.68 40.04
N ASP J 47 56.50 -44.84 39.44
CA ASP J 47 56.56 -45.06 38.00
C ASP J 47 55.46 -46.06 37.77
N ALA J 48 54.43 -45.65 37.03
CA ALA J 48 53.21 -46.42 36.97
C ALA J 48 52.65 -46.44 35.57
N THR J 49 52.84 -47.56 34.87
CA THR J 49 52.36 -47.71 33.50
C THR J 49 50.84 -47.96 33.49
N ILE J 50 50.11 -47.09 32.81
CA ILE J 50 48.67 -47.02 33.02
C ILE J 50 47.94 -48.05 32.16
N VAL J 51 47.41 -49.09 32.82
CA VAL J 51 46.67 -50.17 32.14
C VAL J 51 45.33 -50.44 32.83
N PRO J 52 44.33 -50.91 32.06
CA PRO J 52 43.01 -51.17 32.62
C PRO J 52 43.06 -51.97 33.90
N ASP J 53 43.98 -52.93 33.98
CA ASP J 53 44.08 -53.79 35.17
C ASP J 53 44.46 -53.03 36.43
N LEU J 54 45.26 -51.98 36.27
CA LEU J 54 45.67 -51.12 37.41
C LEU J 54 44.49 -50.36 37.98
N LEU J 55 43.62 -49.89 37.08
CA LEU J 55 42.40 -49.19 37.44
C LEU J 55 41.25 -50.19 37.70
N PRO J 56 41.09 -50.68 38.94
CA PRO J 56 40.16 -51.77 39.29
C PRO J 56 38.84 -51.88 38.50
N ARG J 57 38.01 -50.84 38.48
CA ARG J 57 36.73 -50.91 37.73
C ARG J 57 36.98 -51.13 36.23
N LEU J 58 37.72 -50.24 35.58
CA LEU J 58 38.09 -50.46 34.18
C LEU J 58 38.67 -51.87 33.97
N GLY J 59 39.44 -52.36 34.92
CA GLY J 59 39.95 -53.73 34.87
C GLY J 59 38.90 -54.78 34.57
N HIS J 60 37.73 -54.70 35.22
CA HIS J 60 36.61 -55.63 34.97
C HIS J 60 35.97 -55.40 33.61
N ALA J 61 35.81 -54.12 33.27
CA ALA J 61 35.27 -53.69 31.98
C ALA J 61 36.24 -53.92 30.82
N ALA J 62 37.48 -54.31 31.14
CA ALA J 62 38.46 -54.77 30.17
C ALA J 62 38.00 -56.08 29.54
N ARG J 63 37.55 -57.00 30.39
CA ARG J 63 37.22 -58.35 29.95
C ARG J 63 35.86 -58.50 29.27
N ILE J 64 35.20 -57.39 28.98
CA ILE J 64 33.88 -57.40 28.34
C ILE J 64 34.00 -56.80 26.94
N PHE J 65 34.87 -55.80 26.78
CA PHE J 65 35.18 -55.19 25.47
C PHE J 65 36.63 -55.47 25.02
N GLN J 66 36.95 -55.06 23.79
CA GLN J 66 38.24 -55.36 23.15
C GLN J 66 39.17 -54.16 23.01
N ARG J 67 38.60 -52.96 22.93
CA ARG J 67 39.40 -51.75 22.69
C ARG J 67 38.83 -50.55 23.47
N TYR J 68 39.71 -49.70 23.99
CA TYR J 68 39.28 -48.53 24.75
C TYR J 68 40.06 -47.27 24.42
N ALA J 69 39.38 -46.13 24.59
CA ALA J 69 39.83 -44.83 24.09
C ALA J 69 39.69 -43.75 25.15
N VAL J 70 40.81 -43.43 25.79
CA VAL J 70 40.79 -42.54 26.92
C VAL J 70 40.22 -41.19 26.52
N GLU J 71 39.14 -40.80 27.20
CA GLU J 71 38.45 -39.52 26.99
C GLU J 71 38.90 -38.44 27.98
N THR J 72 39.16 -38.83 29.24
CA THR J 72 39.80 -37.93 30.21
C THR J 72 40.81 -38.65 31.12
N LEU J 73 41.86 -37.94 31.49
CA LEU J 73 42.87 -38.47 32.39
C LEU J 73 43.49 -37.34 33.15
N GLU J 74 43.51 -37.49 34.47
CA GLU J 74 44.23 -36.60 35.38
C GLU J 74 44.75 -37.49 36.47
N PHE J 75 45.73 -36.97 37.20
CA PHE J 75 46.32 -37.71 38.32
C PHE J 75 46.40 -36.80 39.52
N GLU J 76 45.81 -37.25 40.60
CA GLU J 76 45.79 -36.48 41.81
C GLU J 76 46.92 -36.96 42.69
N ILE J 77 47.88 -36.07 42.91
CA ILE J 77 49.04 -36.35 43.75
C ILE J 77 48.67 -36.02 45.19
N GLN J 78 48.64 -37.07 46.00
CA GLN J 78 48.19 -36.96 47.35
C GLN J 78 49.24 -37.51 48.34
N PRO J 79 50.27 -36.69 48.63
CA PRO J 79 51.26 -37.03 49.62
C PRO J 79 50.72 -36.70 51.02
N MET J 80 50.99 -37.60 51.97
CA MET J 80 50.50 -37.44 53.32
C MET J 80 51.63 -37.40 54.32
N CYS J 81 52.09 -36.18 54.58
CA CYS J 81 53.21 -35.92 55.45
C CYS J 81 52.93 -34.67 56.30
N PRO J 82 53.70 -34.48 57.37
CA PRO J 82 53.45 -33.27 58.16
C PRO J 82 53.82 -32.00 57.39
N ALA J 83 53.24 -30.87 57.78
CA ALA J 83 53.50 -29.57 57.15
C ALA J 83 54.96 -29.10 57.30
N ASN J 84 55.73 -29.79 58.14
CA ASN J 84 57.13 -29.46 58.34
C ASN J 84 58.12 -30.36 57.59
N THR J 85 57.65 -30.91 56.48
CA THR J 85 58.51 -31.66 55.62
C THR J 85 59.16 -30.69 54.65
N GLY J 86 60.47 -30.87 54.43
CA GLY J 86 61.27 -29.98 53.59
C GLY J 86 61.50 -30.55 52.20
N GLY J 87 60.53 -31.25 51.68
CA GLY J 87 60.75 -31.99 50.48
C GLY J 87 60.22 -31.28 49.26
N GLY J 88 59.84 -32.10 48.29
CA GLY J 88 59.39 -31.62 47.02
C GLY J 88 59.26 -32.75 46.04
N TYR J 89 58.43 -32.55 45.03
CA TYR J 89 58.28 -33.52 44.00
C TYR J 89 57.98 -32.86 42.68
N VAL J 90 58.36 -33.51 41.60
CA VAL J 90 57.80 -33.17 40.34
C VAL J 90 57.10 -34.41 39.90
N ALA J 91 55.92 -34.23 39.30
CA ALA J 91 55.06 -35.32 38.84
C ALA J 91 54.58 -35.03 37.44
N GLY J 92 54.72 -36.04 36.58
CA GLY J 92 54.44 -35.86 35.17
C GLY J 92 54.04 -37.16 34.55
N PHE J 93 53.20 -37.04 33.53
CA PHE J 93 52.72 -38.20 32.81
C PHE J 93 53.28 -38.13 31.40
N LEU J 94 54.25 -39.00 31.11
CA LEU J 94 54.76 -39.09 29.74
C LEU J 94 53.98 -40.16 28.97
N PRO J 95 53.51 -39.80 27.75
CA PRO J 95 52.67 -40.61 26.87
C PRO J 95 53.27 -41.81 26.10
N ASP J 96 54.41 -42.36 26.47
CA ASP J 96 54.84 -43.66 25.92
C ASP J 96 55.16 -44.64 27.02
N PRO J 97 54.34 -45.68 27.18
CA PRO J 97 54.74 -46.69 28.17
C PRO J 97 56.17 -47.25 27.90
N THR J 98 56.73 -46.85 26.75
CA THR J 98 58.05 -47.24 26.25
C THR J 98 59.25 -46.58 26.97
N ASP J 99 59.25 -45.25 27.06
CA ASP J 99 60.49 -44.50 27.31
C ASP J 99 60.91 -44.44 28.78
N ASN J 100 62.22 -44.58 29.01
CA ASN J 100 62.81 -44.58 30.36
C ASN J 100 63.55 -43.29 30.71
N ASP J 101 63.13 -42.17 30.14
CA ASP J 101 63.69 -40.87 30.51
C ASP J 101 63.06 -40.41 31.84
N HIS J 102 63.75 -40.69 32.94
CA HIS J 102 63.24 -40.41 34.27
C HIS J 102 63.99 -39.28 34.96
N THR J 103 63.82 -38.07 34.42
CA THR J 103 64.58 -36.92 34.86
C THR J 103 63.76 -35.63 34.80
N PHE J 104 64.00 -34.72 35.74
CA PHE J 104 63.14 -33.56 35.93
C PHE J 104 62.73 -32.83 34.63
N ASP J 105 63.70 -32.52 33.77
CA ASP J 105 63.40 -31.67 32.63
C ASP J 105 62.47 -32.43 31.71
N ALA J 106 62.69 -33.74 31.62
CA ALA J 106 61.80 -34.62 30.88
C ALA J 106 60.36 -34.46 31.31
N LEU J 107 60.09 -34.61 32.60
CA LEU J 107 58.71 -34.43 33.06
C LEU J 107 58.22 -33.03 32.86
N GLN J 108 59.07 -32.03 33.09
CA GLN J 108 58.63 -30.63 33.02
C GLN J 108 58.34 -30.24 31.59
N ALA J 109 58.91 -31.00 30.66
CA ALA J 109 58.60 -30.80 29.24
C ALA J 109 57.12 -30.99 28.94
N THR J 110 56.51 -31.98 29.60
CA THR J 110 55.13 -32.41 29.35
C THR J 110 54.13 -31.36 29.83
N ARG J 111 52.84 -31.59 29.59
CA ARG J 111 51.86 -30.51 29.73
C ARG J 111 51.38 -30.40 31.17
N GLY J 112 50.92 -31.53 31.71
CA GLY J 112 50.34 -31.54 33.04
C GLY J 112 51.29 -31.14 34.15
N ALA J 113 52.53 -31.64 34.02
CA ALA J 113 53.61 -31.56 35.02
C ALA J 113 53.51 -30.45 36.05
N VAL J 114 53.71 -30.87 37.29
CA VAL J 114 53.50 -30.03 38.44
C VAL J 114 54.61 -30.22 39.46
N VAL J 115 55.02 -29.12 40.09
CA VAL J 115 56.03 -29.20 41.14
C VAL J 115 55.52 -28.51 42.38
N ALA J 116 55.75 -29.17 43.52
CA ALA J 116 55.18 -28.77 44.81
C ALA J 116 55.96 -29.40 45.92
N LYS J 117 55.73 -28.92 47.13
CA LYS J 117 56.41 -29.40 48.33
C LYS J 117 55.64 -30.59 48.79
N TRP J 118 56.22 -31.49 49.54
CA TRP J 118 55.44 -32.69 49.79
C TRP J 118 54.17 -32.43 50.62
N TRP J 119 54.06 -31.25 51.21
CA TRP J 119 52.86 -30.93 51.99
C TRP J 119 51.80 -30.12 51.20
N GLU J 120 51.75 -30.36 49.90
CA GLU J 120 50.80 -29.71 49.03
C GLU J 120 50.29 -30.80 48.09
N SER J 121 48.96 -31.03 48.10
CA SER J 121 48.29 -31.91 47.13
C SER J 121 48.26 -31.18 45.80
N ARG J 122 48.30 -31.93 44.71
CA ARG J 122 48.44 -31.33 43.39
C ARG J 122 47.90 -32.26 42.33
N THR J 123 47.35 -31.68 41.25
CA THR J 123 46.80 -32.46 40.13
C THR J 123 47.48 -32.19 38.79
N VAL J 124 47.94 -33.27 38.15
CA VAL J 124 48.54 -33.21 36.81
C VAL J 124 47.45 -33.47 35.80
N ARG J 125 47.36 -32.55 34.82
CA ARG J 125 46.35 -32.56 33.75
C ARG J 125 46.98 -32.81 32.39
N PRO J 126 47.37 -34.07 32.11
CA PRO J 126 48.16 -34.31 30.94
C PRO J 126 47.31 -34.33 29.69
N GLN J 127 47.96 -34.06 28.57
CA GLN J 127 47.46 -34.29 27.23
C GLN J 127 48.19 -35.54 26.77
N TYR J 128 47.47 -36.39 26.03
CA TYR J 128 47.86 -37.78 25.84
C TYR J 128 47.36 -38.26 24.49
N THR J 129 47.54 -39.55 24.24
CA THR J 129 47.07 -40.25 23.03
C THR J 129 45.70 -39.85 22.46
N ARG J 130 44.64 -39.91 23.26
CA ARG J 130 43.28 -39.65 22.79
C ARG J 130 43.06 -40.48 21.53
N THR J 131 43.24 -41.79 21.69
CA THR J 131 43.23 -42.73 20.57
C THR J 131 42.80 -44.12 21.01
N LEU J 132 42.49 -44.97 20.03
CA LEU J 132 41.97 -46.33 20.27
C LEU J 132 43.03 -47.33 20.73
N LEU J 133 42.92 -47.78 21.96
CA LEU J 133 43.88 -48.70 22.53
C LEU J 133 43.25 -50.07 22.59
N TRP J 134 43.91 -50.99 23.27
CA TRP J 134 43.51 -52.38 23.35
C TRP J 134 43.52 -52.83 24.81
N THR J 135 42.58 -53.71 25.17
CA THR J 135 42.37 -54.07 26.57
C THR J 135 43.20 -55.24 27.09
N SER J 136 44.09 -55.80 26.27
CA SER J 136 45.00 -56.90 26.68
C SER J 136 46.40 -56.77 26.04
N SER J 137 47.33 -57.65 26.44
CA SER J 137 48.74 -57.60 26.00
C SER J 137 48.99 -57.51 24.48
N GLY J 138 49.54 -56.38 24.02
CA GLY J 138 49.89 -56.21 22.60
C GLY J 138 51.21 -56.89 22.26
N LYS J 139 51.51 -56.97 20.96
CA LYS J 139 52.85 -57.31 20.46
C LYS J 139 53.56 -56.00 20.11
N GLU J 140 52.81 -55.07 19.54
CA GLU J 140 53.09 -53.62 19.58
C GLU J 140 52.18 -53.07 20.70
N GLN J 141 52.76 -52.35 21.66
CA GLN J 141 52.03 -51.91 22.85
C GLN J 141 51.76 -50.40 22.91
N ARG J 142 51.89 -49.73 21.77
CA ARG J 142 51.57 -48.31 21.64
C ARG J 142 50.05 -48.09 21.71
N LEU J 143 49.29 -49.20 21.69
CA LEU J 143 47.83 -49.18 21.88
C LEU J 143 47.33 -50.16 22.99
N THR J 144 48.05 -50.27 24.12
CA THR J 144 47.50 -50.99 25.31
C THR J 144 47.61 -50.22 26.68
N SER J 145 48.13 -49.00 26.64
CA SER J 145 48.41 -48.16 27.81
C SER J 145 48.62 -46.74 27.24
N PRO J 146 47.98 -45.71 27.81
CA PRO J 146 48.07 -44.40 27.15
C PRO J 146 49.32 -43.60 27.54
N GLY J 147 50.08 -44.14 28.50
CA GLY J 147 51.34 -43.56 28.97
C GLY J 147 51.72 -44.06 30.36
N ARG J 148 52.65 -43.37 31.00
CA ARG J 148 53.00 -43.68 32.40
C ARG J 148 53.13 -42.45 33.30
N LEU J 149 52.92 -42.64 34.60
CA LEU J 149 52.90 -41.54 35.55
C LEU J 149 54.12 -41.59 36.42
N ILE J 150 54.96 -40.56 36.32
CA ILE J 150 56.20 -40.52 37.07
C ILE J 150 56.18 -39.43 38.11
N LEU J 151 56.74 -39.76 39.26
CA LEU J 151 56.77 -38.87 40.40
C LEU J 151 58.20 -38.87 40.93
N LEU J 152 58.82 -37.69 40.91
CA LEU J 152 60.20 -37.54 41.36
C LEU J 152 60.31 -36.70 42.61
N CYS J 153 61.26 -37.09 43.44
CA CYS J 153 61.74 -36.29 44.54
C CYS J 153 62.44 -35.08 43.98
N VAL J 154 62.20 -33.95 44.63
CA VAL J 154 62.94 -32.73 44.44
C VAL J 154 63.46 -32.33 45.81
N GLY J 155 64.77 -32.17 45.94
CA GLY J 155 65.37 -31.97 47.23
C GLY J 155 64.97 -33.13 48.08
N ASN J 156 65.25 -33.07 49.38
CA ASN J 156 65.12 -34.24 50.25
C ASN J 156 64.00 -34.15 51.27
N ASN J 157 63.27 -35.24 51.43
CA ASN J 157 62.23 -35.31 52.43
C ASN J 157 62.81 -35.38 53.82
N THR J 158 62.36 -34.46 54.68
CA THR J 158 62.80 -34.31 56.05
C THR J 158 62.15 -35.32 56.94
N ASP J 159 60.97 -35.73 56.51
CA ASP J 159 60.09 -36.49 57.33
C ASP J 159 59.54 -37.57 56.45
N VAL J 160 58.75 -38.44 57.06
CA VAL J 160 58.23 -39.60 56.38
C VAL J 160 57.07 -39.15 55.52
N VAL J 161 57.04 -39.63 54.27
CA VAL J 161 55.98 -39.31 53.31
C VAL J 161 55.23 -40.54 52.80
N ASN J 162 53.92 -40.44 52.72
CA ASN J 162 53.13 -41.56 52.34
C ASN J 162 52.34 -41.19 51.11
N VAL J 163 53.03 -41.27 49.97
CA VAL J 163 52.46 -40.73 48.75
C VAL J 163 51.60 -41.73 48.00
N SER J 164 50.38 -41.31 47.68
CA SER J 164 49.43 -42.12 46.93
C SER J 164 48.96 -41.26 45.80
N VAL J 165 49.29 -41.62 44.57
CA VAL J 165 48.76 -40.88 43.43
C VAL J 165 47.43 -41.52 43.07
N LEU J 166 46.56 -40.75 42.44
CA LEU J 166 45.21 -41.21 42.18
C LEU J 166 44.83 -40.78 40.79
N CYS J 167 44.32 -41.72 40.02
CA CYS J 167 44.02 -41.46 38.63
C CYS J 167 42.54 -41.34 38.44
N ARG J 168 42.06 -40.18 37.97
CA ARG J 168 40.69 -40.08 37.55
C ARG J 168 40.66 -40.21 36.05
N TRP J 169 39.74 -41.03 35.58
CA TRP J 169 39.67 -41.45 34.19
C TRP J 169 38.23 -41.49 33.73
N SER J 170 37.98 -40.97 32.54
CA SER J 170 36.78 -41.31 31.81
C SER J 170 37.18 -41.91 30.49
N VAL J 171 36.57 -43.04 30.19
CA VAL J 171 36.94 -43.83 29.04
C VAL J 171 35.68 -44.01 28.17
N ARG J 172 35.87 -44.46 26.93
CA ARG J 172 34.77 -44.99 26.11
C ARG J 172 35.17 -46.36 25.50
N LEU J 173 34.42 -47.40 25.88
CA LEU J 173 34.75 -48.80 25.55
C LEU J 173 34.08 -49.18 24.25
N SER J 174 34.73 -50.07 23.50
CA SER J 174 34.47 -50.20 22.06
C SER J 174 33.82 -51.51 21.60
N VAL J 175 34.61 -52.59 21.49
CA VAL J 175 34.20 -53.77 20.70
C VAL J 175 33.85 -54.98 21.58
N PRO J 176 32.55 -55.23 21.79
CA PRO J 176 32.13 -56.26 22.74
C PRO J 176 32.70 -57.63 22.47
N SER J 177 33.01 -58.35 23.55
CA SER J 177 33.66 -59.64 23.47
C SER J 177 33.65 -60.30 24.85
N LEU J 178 34.44 -61.35 25.03
CA LEU J 178 34.57 -62.00 26.34
C LEU J 178 35.94 -62.66 26.46
N GLU J 179 36.77 -62.10 27.33
CA GLU J 179 38.18 -62.50 27.45
C GLU J 179 38.51 -63.20 28.76
N ASN J 180 38.09 -64.46 28.88
CA ASN J 180 38.59 -65.34 29.95
C ASN J 180 39.98 -65.83 29.55
N THR K 18 36.93 -37.95 -5.99
CA THR K 18 37.62 -38.56 -4.85
C THR K 18 38.83 -39.42 -5.31
N ASN K 19 39.71 -39.79 -4.38
CA ASN K 19 40.92 -40.60 -4.68
C ASN K 19 40.87 -42.07 -4.24
N ASP K 20 39.79 -42.47 -3.57
CA ASP K 20 39.64 -43.83 -3.06
C ASP K 20 38.78 -44.71 -3.94
N VAL K 21 39.27 -45.93 -4.17
CA VAL K 21 38.58 -46.93 -4.95
C VAL K 21 37.83 -47.82 -4.01
N HIS K 22 36.54 -48.03 -4.29
CA HIS K 22 35.71 -48.95 -3.55
C HIS K 22 35.59 -50.28 -4.29
N LEU K 23 35.67 -51.39 -3.57
CA LEU K 23 35.55 -52.70 -4.19
C LEU K 23 34.57 -53.58 -3.39
N SER K 24 33.71 -54.31 -4.10
CA SER K 24 32.72 -55.20 -3.48
C SER K 24 32.89 -56.60 -3.98
N GLY K 25 32.09 -57.50 -3.44
CA GLY K 25 32.06 -58.87 -3.88
C GLY K 25 31.63 -59.78 -2.77
N MET K 26 31.53 -61.06 -3.10
CA MET K 26 31.17 -62.05 -2.13
C MET K 26 31.90 -63.37 -2.44
N SER K 27 32.57 -63.96 -1.45
CA SER K 27 33.53 -65.03 -1.69
C SER K 27 33.33 -66.18 -0.73
N ARG K 28 33.54 -67.39 -1.22
CA ARG K 28 33.49 -68.53 -0.35
C ARG K 28 34.77 -68.55 0.43
N ILE K 29 34.68 -68.09 1.67
CA ILE K 29 35.81 -68.06 2.61
C ILE K 29 36.33 -69.45 2.91
N SER K 30 35.44 -70.43 3.03
CA SER K 30 35.91 -71.80 3.22
C SER K 30 34.88 -72.85 2.83
N GLN K 31 35.35 -74.08 2.70
CA GLN K 31 34.50 -75.26 2.57
C GLN K 31 35.04 -76.47 3.35
N ALA K 32 34.22 -76.99 4.26
CA ALA K 32 34.56 -78.14 5.05
C ALA K 32 33.46 -79.14 4.90
N VAL K 33 33.67 -80.33 5.41
CA VAL K 33 32.62 -81.33 5.32
C VAL K 33 32.65 -82.20 6.57
N LEU K 34 31.69 -81.94 7.44
CA LEU K 34 31.60 -82.60 8.72
C LEU K 34 30.95 -83.94 8.48
N PRO K 35 31.77 -85.02 8.46
CA PRO K 35 31.23 -86.32 8.09
C PRO K 35 30.31 -86.92 9.14
N ALA K 36 29.67 -88.01 8.73
CA ALA K 36 28.72 -88.78 9.55
C ALA K 36 28.51 -88.23 10.97
N GLY K 37 29.23 -88.73 11.97
CA GLY K 37 28.84 -88.48 13.36
C GLY K 37 29.78 -87.57 14.11
N THR K 38 30.60 -86.82 13.38
CA THR K 38 31.84 -86.27 13.90
C THR K 38 31.82 -84.84 14.47
N GLY K 39 30.64 -84.29 14.74
CA GLY K 39 30.51 -82.97 15.39
C GLY K 39 30.19 -83.17 16.87
N THR K 40 30.41 -82.13 17.68
CA THR K 40 30.01 -82.12 19.10
C THR K 40 30.21 -80.74 19.66
N ASP K 41 29.40 -80.36 20.66
CA ASP K 41 29.51 -79.02 21.20
C ASP K 41 30.98 -78.66 21.14
N GLY K 42 31.29 -77.49 20.58
CA GLY K 42 32.65 -76.94 20.65
C GLY K 42 33.63 -77.38 19.57
N TYR K 43 33.34 -78.48 18.90
CA TYR K 43 34.13 -78.89 17.73
C TYR K 43 34.21 -77.76 16.71
N VAL K 44 35.43 -77.34 16.35
CA VAL K 44 35.62 -76.31 15.32
C VAL K 44 35.57 -76.92 13.92
N VAL K 45 34.66 -76.43 13.06
CA VAL K 45 34.62 -76.82 11.61
C VAL K 45 35.17 -75.75 10.66
N VAL K 46 35.18 -74.49 11.08
CA VAL K 46 35.78 -73.43 10.31
C VAL K 46 36.41 -72.48 11.29
N ASP K 47 37.60 -72.03 10.92
CA ASP K 47 38.27 -70.94 11.59
C ASP K 47 39.12 -70.30 10.52
N ALA K 48 38.67 -69.15 10.02
CA ALA K 48 39.24 -68.61 8.81
C ALA K 48 39.70 -67.19 9.03
N THR K 49 40.98 -66.97 8.75
CA THR K 49 41.60 -65.64 8.91
C THR K 49 41.41 -64.77 7.66
N ILE K 50 40.67 -63.66 7.83
CA ILE K 50 40.20 -62.87 6.70
C ILE K 50 41.31 -61.99 6.15
N VAL K 51 41.91 -62.44 5.06
CA VAL K 51 42.99 -61.71 4.36
C VAL K 51 42.71 -61.61 2.85
N PRO K 52 43.18 -60.54 2.20
CA PRO K 52 43.04 -60.34 0.76
C PRO K 52 43.09 -61.61 -0.11
N ASP K 53 44.07 -62.50 0.08
CA ASP K 53 44.19 -63.74 -0.72
C ASP K 53 43.01 -64.71 -0.64
N LEU K 54 42.22 -64.62 0.43
CA LEU K 54 41.01 -65.43 0.55
C LEU K 54 39.93 -64.89 -0.35
N LEU K 55 39.76 -63.57 -0.35
CA LEU K 55 38.78 -62.94 -1.21
C LEU K 55 39.42 -62.76 -2.59
N PRO K 56 39.11 -63.66 -3.53
CA PRO K 56 39.92 -63.80 -4.73
C PRO K 56 39.98 -62.53 -5.60
N ARG K 57 38.85 -61.82 -5.71
CA ARG K 57 38.80 -60.58 -6.46
C ARG K 57 39.67 -59.56 -5.77
N LEU K 58 39.50 -59.46 -4.47
CA LEU K 58 40.33 -58.56 -3.68
C LEU K 58 41.80 -59.03 -3.65
N GLY K 59 41.99 -60.36 -3.63
CA GLY K 59 43.30 -60.98 -3.81
C GLY K 59 44.05 -60.38 -4.99
N HIS K 60 43.31 -60.07 -6.07
CA HIS K 60 43.84 -59.37 -7.25
C HIS K 60 43.99 -57.85 -7.08
N ALA K 61 43.04 -57.18 -6.44
CA ALA K 61 43.19 -55.74 -6.24
C ALA K 61 44.33 -55.48 -5.27
N ALA K 62 44.65 -56.47 -4.45
CA ALA K 62 45.73 -56.37 -3.46
C ALA K 62 47.11 -56.09 -4.04
N ARG K 63 47.36 -56.55 -5.26
CA ARG K 63 48.67 -56.37 -5.84
C ARG K 63 48.79 -54.99 -6.43
N ILE K 64 47.66 -54.38 -6.72
CA ILE K 64 47.65 -53.01 -7.22
C ILE K 64 47.88 -52.02 -6.10
N PHE K 65 47.09 -52.12 -5.04
CA PHE K 65 47.09 -51.07 -4.01
C PHE K 65 47.89 -51.48 -2.77
N GLN K 66 48.08 -50.49 -1.90
CA GLN K 66 48.93 -50.64 -0.73
C GLN K 66 48.20 -50.99 0.55
N ARG K 67 47.06 -50.32 0.77
CA ARG K 67 46.29 -50.50 1.99
C ARG K 67 44.78 -50.61 1.70
N TYR K 68 43.96 -50.87 2.72
CA TYR K 68 42.50 -50.89 2.55
C TYR K 68 41.70 -50.74 3.84
N ALA K 69 40.58 -50.04 3.75
CA ALA K 69 39.60 -49.98 4.85
C ALA K 69 38.38 -50.87 4.54
N VAL K 70 38.06 -51.76 5.48
CA VAL K 70 36.85 -52.55 5.39
C VAL K 70 35.65 -51.66 5.72
N GLU K 71 34.63 -51.68 4.88
CA GLU K 71 33.53 -50.73 5.00
C GLU K 71 32.16 -51.41 5.23
N THR K 72 31.97 -52.63 4.72
CA THR K 72 30.92 -53.53 5.21
C THR K 72 31.51 -54.94 5.28
N LEU K 73 31.05 -55.71 6.26
CA LEU K 73 31.43 -57.10 6.38
C LEU K 73 30.29 -57.91 6.92
N GLU K 74 29.91 -58.93 6.18
CA GLU K 74 28.95 -59.93 6.64
C GLU K 74 29.48 -61.29 6.23
N PHE K 75 28.96 -62.32 6.86
CA PHE K 75 29.29 -63.70 6.55
C PHE K 75 28.01 -64.54 6.45
N GLU K 76 27.90 -65.28 5.38
CA GLU K 76 26.71 -66.04 5.11
C GLU K 76 27.05 -67.50 5.29
N ILE K 77 26.53 -68.08 6.37
CA ILE K 77 26.69 -69.50 6.63
C ILE K 77 25.69 -70.25 5.77
N GLN K 78 26.22 -71.10 4.89
CA GLN K 78 25.39 -71.81 3.95
C GLN K 78 25.80 -73.27 4.03
N PRO K 79 25.29 -73.97 5.05
CA PRO K 79 25.45 -75.39 5.15
C PRO K 79 24.54 -76.09 4.18
N MET K 80 24.92 -77.29 3.78
CA MET K 80 24.07 -78.13 2.94
C MET K 80 24.02 -79.53 3.52
N CYS K 81 22.81 -80.04 3.68
CA CYS K 81 22.55 -81.32 4.32
C CYS K 81 21.07 -81.63 4.21
N PRO K 82 20.66 -82.88 4.44
CA PRO K 82 19.22 -83.07 4.42
C PRO K 82 18.53 -82.23 5.50
N ALA K 83 17.22 -82.14 5.47
CA ALA K 83 16.51 -81.42 6.52
C ALA K 83 16.36 -82.27 7.78
N ASN K 84 16.76 -83.55 7.72
CA ASN K 84 16.69 -84.42 8.89
C ASN K 84 17.98 -84.52 9.67
N THR K 85 18.74 -83.44 9.70
CA THR K 85 19.99 -83.44 10.41
C THR K 85 19.76 -82.89 11.83
N GLY K 86 20.36 -83.53 12.82
CA GLY K 86 20.12 -83.18 14.23
C GLY K 86 21.09 -82.17 14.79
N GLY K 87 21.76 -81.44 13.90
CA GLY K 87 22.90 -80.67 14.30
C GLY K 87 22.64 -79.28 14.84
N GLY K 88 23.66 -78.45 14.76
CA GLY K 88 23.56 -77.05 15.13
C GLY K 88 24.92 -76.39 14.98
N TYR K 89 24.93 -75.09 14.81
CA TYR K 89 26.17 -74.36 14.81
C TYR K 89 26.00 -73.06 15.54
N VAL K 90 27.13 -72.52 15.99
CA VAL K 90 27.21 -71.12 16.35
C VAL K 90 28.29 -70.53 15.48
N ALA K 91 28.01 -69.35 14.96
CA ALA K 91 28.91 -68.74 14.03
C ALA K 91 29.08 -67.29 14.42
N GLY K 92 30.34 -66.89 14.55
CA GLY K 92 30.68 -65.54 14.91
C GLY K 92 32.00 -65.06 14.34
N PHE K 93 32.17 -63.74 14.42
CA PHE K 93 33.37 -63.05 13.96
C PHE K 93 34.03 -62.25 15.12
N LEU K 94 35.21 -62.69 15.56
CA LEU K 94 35.99 -61.91 16.55
C LEU K 94 37.06 -61.07 15.86
N PRO K 95 36.97 -59.70 15.95
CA PRO K 95 37.89 -58.74 15.31
C PRO K 95 39.40 -58.84 15.67
N ASP K 96 39.79 -59.90 16.36
CA ASP K 96 41.18 -60.15 16.67
C ASP K 96 41.68 -61.28 15.81
N PRO K 97 42.44 -60.96 14.74
CA PRO K 97 43.04 -62.05 13.94
C PRO K 97 43.97 -62.86 14.83
N THR K 98 44.38 -62.19 15.90
CA THR K 98 45.21 -62.71 16.99
C THR K 98 44.50 -63.75 17.87
N ASP K 99 43.35 -63.35 18.41
CA ASP K 99 42.78 -63.99 19.59
C ASP K 99 42.18 -65.34 19.28
N ASN K 100 42.39 -66.27 20.23
CA ASN K 100 42.02 -67.68 20.09
C ASN K 100 40.99 -68.15 21.12
N ASP K 101 39.99 -67.30 21.38
CA ASP K 101 38.90 -67.68 22.26
C ASP K 101 37.79 -68.31 21.41
N HIS K 102 37.95 -69.60 21.11
CA HIS K 102 37.06 -70.35 20.19
C HIS K 102 36.05 -71.23 20.92
N THR K 103 35.16 -70.56 21.65
CA THR K 103 34.18 -71.17 22.55
C THR K 103 32.82 -70.49 22.40
N PHE K 104 31.76 -71.21 22.76
CA PHE K 104 30.42 -70.75 22.49
C PHE K 104 30.12 -69.32 23.02
N ASP K 105 30.42 -69.08 24.30
CA ASP K 105 30.04 -67.79 24.91
C ASP K 105 30.86 -66.67 24.33
N ALA K 106 32.10 -67.01 23.92
CA ALA K 106 32.99 -66.08 23.26
C ALA K 106 32.33 -65.61 21.98
N LEU K 107 32.03 -66.57 21.12
CA LEU K 107 31.38 -66.24 19.87
C LEU K 107 30.10 -65.42 20.13
N GLN K 108 29.21 -65.97 20.97
CA GLN K 108 27.92 -65.34 21.28
C GLN K 108 28.02 -63.87 21.74
N ALA K 109 29.12 -63.55 22.43
CA ALA K 109 29.40 -62.20 22.91
C ALA K 109 29.69 -61.16 21.82
N THR K 110 29.99 -61.62 20.60
CA THR K 110 30.23 -60.76 19.43
C THR K 110 28.86 -60.34 18.84
N ARG K 111 28.81 -59.40 17.88
CA ARG K 111 27.55 -58.70 17.58
C ARG K 111 26.67 -59.47 16.64
N GLY K 112 27.28 -60.18 15.71
CA GLY K 112 26.50 -60.92 14.71
C GLY K 112 26.09 -62.28 15.19
N ALA K 113 26.97 -62.89 15.98
CA ALA K 113 26.90 -64.30 16.32
C ALA K 113 25.53 -64.91 16.14
N VAL K 114 25.47 -65.88 15.24
CA VAL K 114 24.23 -66.57 14.98
C VAL K 114 24.36 -68.01 15.41
N VAL K 115 23.21 -68.58 15.78
CA VAL K 115 23.09 -70.01 16.01
C VAL K 115 21.80 -70.51 15.31
N ALA K 116 21.86 -71.75 14.82
CA ALA K 116 20.79 -72.33 14.04
C ALA K 116 21.07 -73.81 13.83
N LYS K 117 20.06 -74.52 13.33
CA LYS K 117 20.16 -75.96 13.02
C LYS K 117 20.97 -76.10 11.73
N TRP K 118 21.55 -77.26 11.44
CA TRP K 118 22.45 -77.30 10.29
C TRP K 118 21.75 -77.18 8.92
N TRP K 119 20.43 -77.33 8.91
CA TRP K 119 19.66 -77.19 7.68
C TRP K 119 19.00 -75.81 7.57
N GLU K 120 19.61 -74.82 8.22
CA GLU K 120 19.16 -73.45 8.25
C GLU K 120 20.34 -72.58 7.84
N SER K 121 20.14 -71.73 6.85
CA SER K 121 21.14 -70.73 6.51
C SER K 121 20.96 -69.54 7.42
N ARG K 122 21.88 -68.61 7.35
CA ARG K 122 22.01 -67.63 8.41
C ARG K 122 23.09 -66.61 8.07
N THR K 123 22.91 -65.38 8.54
CA THR K 123 23.87 -64.33 8.21
C THR K 123 24.37 -63.59 9.45
N VAL K 124 25.64 -63.79 9.78
CA VAL K 124 26.22 -63.07 10.90
C VAL K 124 26.61 -61.71 10.41
N ARG K 125 26.22 -60.68 11.16
CA ARG K 125 26.46 -59.29 10.81
C ARG K 125 27.33 -58.64 11.88
N PRO K 126 28.65 -58.88 11.80
CA PRO K 126 29.48 -58.47 12.92
C PRO K 126 29.83 -57.00 12.89
N GLN K 127 30.36 -56.53 14.01
CA GLN K 127 30.95 -55.21 14.15
C GLN K 127 32.43 -55.45 14.34
N TYR K 128 33.23 -54.63 13.68
CA TYR K 128 34.64 -54.93 13.46
C TYR K 128 35.48 -53.66 13.62
N THR K 129 36.75 -53.79 13.27
CA THR K 129 37.73 -52.71 13.34
C THR K 129 37.33 -51.36 12.68
N ARG K 130 36.81 -51.40 11.44
CA ARG K 130 36.34 -50.22 10.68
C ARG K 130 37.46 -49.23 10.45
N THR K 131 38.69 -49.74 10.59
CA THR K 131 39.92 -48.95 10.59
C THR K 131 40.67 -49.15 9.25
N LEU K 132 41.86 -48.56 9.13
CA LEU K 132 42.69 -48.69 7.91
C LEU K 132 43.72 -49.84 7.99
N LEU K 133 43.57 -50.84 7.13
CA LEU K 133 44.47 -52.00 7.12
C LEU K 133 45.55 -51.85 6.03
N TRP K 134 46.20 -52.96 5.64
CA TRP K 134 47.39 -52.95 4.78
C TRP K 134 47.49 -54.24 3.92
N THR K 135 47.49 -54.10 2.59
CA THR K 135 47.16 -55.20 1.66
C THR K 135 48.16 -56.33 1.57
N SER K 136 49.31 -56.19 2.23
CA SER K 136 50.22 -57.32 2.35
C SER K 136 50.71 -57.39 3.81
N SER K 137 51.66 -58.29 4.09
CA SER K 137 51.99 -58.72 5.47
C SER K 137 52.39 -57.61 6.47
N GLY K 138 51.98 -57.79 7.74
CA GLY K 138 52.19 -56.80 8.80
C GLY K 138 52.99 -57.37 9.95
N LYS K 139 53.97 -56.60 10.43
CA LYS K 139 54.75 -56.92 11.63
C LYS K 139 53.88 -56.69 12.86
N GLU K 140 53.23 -55.53 12.87
CA GLU K 140 52.01 -55.30 13.63
C GLU K 140 50.88 -55.74 12.69
N GLN K 141 50.29 -56.90 12.96
CA GLN K 141 49.20 -57.45 12.12
C GLN K 141 47.80 -57.07 12.63
N ARG K 142 47.70 -56.01 13.43
CA ARG K 142 46.41 -55.42 13.80
C ARG K 142 45.88 -54.58 12.64
N LEU K 143 46.60 -54.55 11.51
CA LEU K 143 46.18 -53.80 10.30
C LEU K 143 46.38 -54.58 8.94
N THR K 144 46.15 -55.90 8.93
CA THR K 144 46.23 -56.73 7.69
C THR K 144 45.16 -57.86 7.53
N SER K 145 44.20 -57.91 8.46
CA SER K 145 43.15 -58.92 8.50
C SER K 145 42.13 -58.44 9.53
N PRO K 146 40.93 -58.07 9.09
CA PRO K 146 40.03 -57.37 10.01
C PRO K 146 39.57 -58.27 11.19
N GLY K 147 39.80 -59.57 11.04
CA GLY K 147 39.48 -60.55 12.07
C GLY K 147 39.46 -61.96 11.52
N ARG K 148 38.55 -62.78 12.03
CA ARG K 148 38.38 -64.13 11.55
C ARG K 148 37.01 -64.67 11.92
N LEU K 149 36.55 -65.60 11.10
CA LEU K 149 35.22 -66.12 11.18
C LEU K 149 35.29 -67.52 11.76
N ILE K 150 34.68 -67.68 12.92
CA ILE K 150 34.61 -68.97 13.57
C ILE K 150 33.25 -69.60 13.32
N LEU K 151 33.27 -70.91 13.14
CA LEU K 151 32.07 -71.73 13.08
C LEU K 151 32.26 -72.95 14.00
N LEU K 152 31.31 -73.16 14.90
CA LEU K 152 31.39 -74.21 15.92
C LEU K 152 30.16 -75.07 15.91
N CYS K 153 30.30 -76.36 16.22
CA CYS K 153 29.13 -77.21 16.36
C CYS K 153 28.42 -76.95 17.67
N VAL K 154 27.10 -77.02 17.59
CA VAL K 154 26.24 -77.14 18.75
C VAL K 154 25.61 -78.50 18.59
N GLY K 155 25.55 -79.27 19.67
CA GLY K 155 25.10 -80.65 19.59
C GLY K 155 25.87 -81.36 18.50
N ASN K 156 25.38 -82.52 18.09
CA ASN K 156 26.08 -83.28 17.04
C ASN K 156 25.23 -83.65 15.83
N ASN K 157 25.83 -83.44 14.66
CA ASN K 157 25.24 -83.81 13.38
C ASN K 157 24.99 -85.32 13.18
N THR K 158 23.78 -85.62 12.76
CA THR K 158 23.35 -86.96 12.43
C THR K 158 23.65 -87.28 11.00
N ASP K 159 24.39 -86.42 10.31
CA ASP K 159 24.43 -86.53 8.86
C ASP K 159 25.54 -85.72 8.24
N VAL K 160 25.92 -86.08 7.01
CA VAL K 160 27.02 -85.40 6.38
C VAL K 160 26.56 -83.97 6.15
N VAL K 161 27.48 -83.03 6.31
CA VAL K 161 27.17 -81.63 6.14
C VAL K 161 28.26 -80.97 5.27
N ASN K 162 27.85 -80.43 4.12
CA ASN K 162 28.80 -79.74 3.26
C ASN K 162 28.66 -78.22 3.42
N VAL K 163 29.29 -77.72 4.47
CA VAL K 163 29.15 -76.32 4.81
C VAL K 163 30.10 -75.46 3.99
N SER K 164 29.55 -74.39 3.43
CA SER K 164 30.31 -73.36 2.71
C SER K 164 30.01 -72.01 3.36
N VAL K 165 31.03 -71.28 3.82
CA VAL K 165 30.80 -69.93 4.35
C VAL K 165 31.30 -68.93 3.35
N LEU K 166 30.53 -67.85 3.20
CA LEU K 166 30.82 -66.83 2.24
C LEU K 166 31.00 -65.55 3.01
N CYS K 167 31.91 -64.70 2.56
CA CYS K 167 32.06 -63.38 3.10
C CYS K 167 31.64 -62.41 2.03
N ARG K 168 30.69 -61.52 2.35
CA ARG K 168 30.38 -60.40 1.49
C ARG K 168 31.09 -59.21 2.09
N TRP K 169 31.65 -58.39 1.22
CA TRP K 169 32.62 -57.42 1.64
C TRP K 169 32.54 -56.22 0.77
N SER K 170 32.29 -55.09 1.39
CA SER K 170 32.58 -53.80 0.81
C SER K 170 33.89 -53.32 1.47
N VAL K 171 34.76 -52.70 0.67
CA VAL K 171 36.14 -52.39 1.06
C VAL K 171 36.50 -51.12 0.35
N ARG K 172 37.44 -50.34 0.87
CA ARG K 172 38.04 -49.26 0.03
C ARG K 172 39.58 -49.18 0.04
N LEU K 173 40.16 -49.19 -1.16
CA LEU K 173 41.60 -49.31 -1.34
C LEU K 173 42.23 -47.93 -1.49
N SER K 174 43.49 -47.83 -1.04
CA SER K 174 44.07 -46.60 -0.53
C SER K 174 45.06 -45.96 -1.48
N VAL K 175 46.28 -46.49 -1.51
CA VAL K 175 47.38 -45.81 -2.20
C VAL K 175 48.03 -46.74 -3.22
N PRO K 176 48.18 -46.27 -4.47
CA PRO K 176 48.65 -47.04 -5.61
C PRO K 176 49.96 -47.79 -5.40
N SER K 177 50.23 -48.79 -6.24
CA SER K 177 51.40 -49.66 -6.06
C SER K 177 51.49 -50.82 -7.10
N LEU K 178 52.43 -51.75 -6.92
CA LEU K 178 52.61 -52.89 -7.83
C LEU K 178 53.32 -54.05 -7.13
N GLU K 179 52.63 -54.62 -6.14
CA GLU K 179 53.24 -55.56 -5.20
C GLU K 179 53.33 -56.96 -5.84
N ASN K 180 54.50 -57.60 -5.67
CA ASN K 180 54.77 -58.95 -6.17
C ASN K 180 54.81 -59.97 -5.03
N THR L 18 45.86 -23.19 18.40
CA THR L 18 45.92 -24.65 18.55
C THR L 18 47.27 -25.09 19.16
N ASN L 19 47.31 -26.32 19.67
CA ASN L 19 48.53 -26.88 20.26
C ASN L 19 49.53 -27.39 19.22
N ASP L 20 49.08 -27.59 17.98
CA ASP L 20 49.93 -28.12 16.90
C ASP L 20 50.87 -27.08 16.30
N VAL L 21 52.09 -27.52 16.03
CA VAL L 21 53.16 -26.66 15.53
C VAL L 21 53.54 -27.06 14.11
N HIS L 22 53.42 -26.12 13.19
CA HIS L 22 53.72 -26.36 11.77
C HIS L 22 55.13 -25.91 11.39
N LEU L 23 55.94 -26.87 10.95
CA LEU L 23 57.30 -26.62 10.45
C LEU L 23 57.39 -26.91 8.96
N SER L 24 58.20 -26.11 8.24
CA SER L 24 58.45 -26.33 6.82
C SER L 24 59.92 -26.14 6.50
N GLY L 25 60.40 -26.83 5.48
CA GLY L 25 61.78 -26.68 5.05
C GLY L 25 62.07 -27.44 3.78
N MET L 26 63.34 -27.46 3.39
CA MET L 26 63.80 -28.22 2.23
C MET L 26 65.25 -28.62 2.41
N SER L 27 65.52 -29.91 2.32
CA SER L 27 66.80 -30.44 2.74
C SER L 27 67.38 -31.38 1.71
N ARG L 28 68.70 -31.53 1.67
CA ARG L 28 69.30 -32.54 0.82
C ARG L 28 69.26 -33.90 1.50
N ILE L 29 68.38 -34.76 1.00
CA ILE L 29 68.22 -36.16 1.40
C ILE L 29 69.48 -36.97 1.14
N SER L 30 70.09 -36.76 -0.01
CA SER L 30 71.29 -37.52 -0.36
C SER L 30 72.06 -36.86 -1.49
N GLN L 31 73.28 -37.34 -1.68
CA GLN L 31 74.13 -36.91 -2.75
C GLN L 31 74.94 -38.09 -3.23
N ALA L 32 74.72 -38.50 -4.47
CA ALA L 32 75.46 -39.57 -5.06
C ALA L 32 76.30 -39.01 -6.19
N VAL L 33 77.47 -39.61 -6.37
CA VAL L 33 78.31 -39.32 -7.51
C VAL L 33 78.36 -40.60 -8.34
N LEU L 34 77.94 -40.49 -9.59
CA LEU L 34 77.83 -41.65 -10.47
C LEU L 34 78.89 -41.56 -11.57
N PRO L 35 79.96 -42.38 -11.46
CA PRO L 35 81.09 -42.17 -12.35
C PRO L 35 80.80 -42.44 -13.82
N ALA L 36 81.82 -42.17 -14.64
CA ALA L 36 81.65 -41.97 -16.08
C ALA L 36 80.76 -42.99 -16.79
N GLY L 37 80.88 -44.28 -16.50
CA GLY L 37 80.12 -45.27 -17.27
C GLY L 37 79.37 -46.31 -16.47
N THR L 38 79.10 -46.04 -15.20
CA THR L 38 78.75 -47.10 -14.24
C THR L 38 77.25 -47.34 -14.02
N GLY L 39 76.39 -46.53 -14.62
CA GLY L 39 74.93 -46.69 -14.46
C GLY L 39 74.40 -47.66 -15.50
N THR L 40 73.35 -48.41 -15.15
CA THR L 40 72.63 -49.25 -16.13
C THR L 40 71.20 -49.52 -15.68
N ASP L 41 70.34 -49.84 -16.65
CA ASP L 41 68.93 -50.06 -16.36
C ASP L 41 68.79 -50.74 -14.99
N GLY L 42 68.17 -50.04 -14.05
CA GLY L 42 67.82 -50.61 -12.76
C GLY L 42 68.80 -50.35 -11.63
N TYR L 43 69.97 -49.79 -11.93
CA TYR L 43 70.97 -49.49 -10.92
C TYR L 43 70.42 -48.49 -9.91
N VAL L 44 70.39 -48.86 -8.63
CA VAL L 44 69.92 -47.99 -7.55
C VAL L 44 71.00 -46.99 -7.19
N VAL L 45 70.76 -45.70 -7.49
CA VAL L 45 71.74 -44.64 -7.15
C VAL L 45 71.37 -43.89 -5.87
N VAL L 46 70.09 -43.91 -5.48
CA VAL L 46 69.67 -43.35 -4.20
C VAL L 46 68.54 -44.21 -3.65
N ASP L 47 68.62 -44.46 -2.36
CA ASP L 47 67.58 -45.20 -1.66
C ASP L 47 67.54 -44.70 -0.23
N ALA L 48 66.70 -43.70 -0.01
CA ALA L 48 66.73 -42.95 1.24
C ALA L 48 65.41 -43.08 1.97
N THR L 49 65.48 -43.68 3.16
CA THR L 49 64.32 -43.82 4.01
C THR L 49 64.14 -42.55 4.81
N ILE L 50 62.93 -41.97 4.71
CA ILE L 50 62.66 -40.62 5.17
C ILE L 50 62.36 -40.62 6.65
N VAL L 51 63.34 -40.11 7.39
CA VAL L 51 63.26 -40.03 8.85
C VAL L 51 63.58 -38.57 9.23
N PRO L 52 63.05 -38.09 10.37
CA PRO L 52 63.35 -36.71 10.75
C PRO L 52 64.84 -36.40 10.88
N ASP L 53 65.63 -37.37 11.28
CA ASP L 53 67.07 -37.19 11.40
C ASP L 53 67.71 -36.78 10.07
N LEU L 54 67.09 -37.21 8.97
CA LEU L 54 67.62 -37.01 7.61
C LEU L 54 67.41 -35.57 7.10
N LEU L 55 66.35 -34.93 7.58
CA LEU L 55 66.07 -33.52 7.31
C LEU L 55 66.59 -32.68 8.49
N PRO L 56 67.70 -31.95 8.31
CA PRO L 56 68.44 -31.51 9.49
C PRO L 56 67.64 -30.59 10.42
N ARG L 57 66.93 -29.60 9.86
CA ARG L 57 66.08 -28.71 10.67
C ARG L 57 64.99 -29.47 11.41
N LEU L 58 64.38 -30.43 10.75
CA LEU L 58 63.37 -31.26 11.39
C LEU L 58 64.03 -32.19 12.40
N GLY L 59 65.27 -32.59 12.13
CA GLY L 59 66.05 -33.44 13.05
C GLY L 59 66.16 -32.87 14.43
N HIS L 60 66.24 -31.53 14.51
CA HIS L 60 66.29 -30.80 15.79
C HIS L 60 64.93 -30.69 16.49
N ALA L 61 63.90 -30.33 15.73
CA ALA L 61 62.55 -30.25 16.26
C ALA L 61 61.99 -31.64 16.61
N ALA L 62 62.61 -32.70 16.08
CA ALA L 62 62.24 -34.07 16.43
C ALA L 62 62.50 -34.37 17.91
N ARG L 63 63.45 -33.67 18.52
CA ARG L 63 63.81 -33.90 19.92
C ARG L 63 62.98 -33.07 20.90
N ILE L 64 62.08 -32.24 20.39
CA ILE L 64 61.24 -31.36 21.21
C ILE L 64 59.81 -31.88 21.33
N PHE L 65 59.33 -32.46 20.23
CA PHE L 65 58.04 -33.13 20.21
C PHE L 65 58.27 -34.61 20.05
N GLN L 66 57.18 -35.36 20.04
CA GLN L 66 57.27 -36.81 20.06
C GLN L 66 56.55 -37.48 18.91
N ARG L 67 55.45 -36.91 18.45
CA ARG L 67 54.83 -37.38 17.23
C ARG L 67 54.77 -36.26 16.19
N TYR L 68 55.15 -36.60 14.95
CA TYR L 68 55.10 -35.70 13.81
C TYR L 68 54.20 -36.27 12.75
N ALA L 69 53.46 -35.41 12.07
CA ALA L 69 52.61 -35.82 10.96
C ALA L 69 52.92 -35.03 9.69
N VAL L 70 53.04 -35.73 8.56
CA VAL L 70 53.53 -35.13 7.32
C VAL L 70 52.41 -34.52 6.51
N GLU L 71 52.49 -33.23 6.25
CA GLU L 71 51.43 -32.48 5.61
C GLU L 71 51.69 -32.23 4.13
N THR L 72 52.93 -31.95 3.74
CA THR L 72 53.31 -31.94 2.31
C THR L 72 54.72 -32.53 2.10
N LEU L 73 54.85 -33.34 1.05
CA LEU L 73 56.14 -33.93 0.66
C LEU L 73 56.35 -33.80 -0.83
N GLU L 74 57.53 -33.34 -1.21
CA GLU L 74 57.97 -33.39 -2.61
C GLU L 74 59.46 -33.65 -2.63
N PHE L 75 59.94 -34.22 -3.71
CA PHE L 75 61.36 -34.43 -3.86
C PHE L 75 61.81 -33.83 -5.17
N GLU L 76 62.84 -33.01 -5.11
CA GLU L 76 63.38 -32.36 -6.26
C GLU L 76 64.65 -33.11 -6.64
N ILE L 77 64.67 -33.72 -7.82
CA ILE L 77 65.85 -34.43 -8.28
C ILE L 77 66.72 -33.45 -9.03
N GLN L 78 67.96 -33.30 -8.57
CA GLN L 78 68.82 -32.25 -9.08
C GLN L 78 70.17 -32.83 -9.50
N PRO L 79 70.18 -33.49 -10.67
CA PRO L 79 71.36 -34.10 -11.22
C PRO L 79 72.18 -33.05 -11.93
N MET L 80 73.50 -33.21 -11.82
CA MET L 80 74.42 -32.21 -12.30
C MET L 80 75.49 -32.81 -13.14
N CYS L 81 75.34 -32.59 -14.44
CA CYS L 81 76.17 -33.22 -15.43
C CYS L 81 76.10 -32.37 -16.69
N PRO L 82 76.97 -32.66 -17.68
CA PRO L 82 76.91 -31.88 -18.90
C PRO L 82 75.72 -32.29 -19.75
N ALA L 83 75.26 -31.37 -20.59
CA ALA L 83 74.10 -31.58 -21.44
C ALA L 83 74.32 -32.70 -22.46
N ASN L 84 75.56 -33.13 -22.62
CA ASN L 84 75.92 -34.24 -23.51
C ASN L 84 75.98 -35.60 -22.83
N THR L 85 75.12 -35.82 -21.85
CA THR L 85 75.11 -37.07 -21.11
C THR L 85 73.96 -37.92 -21.61
N GLY L 86 74.27 -39.18 -21.92
CA GLY L 86 73.27 -40.14 -22.39
C GLY L 86 72.63 -40.72 -21.17
N GLY L 87 71.88 -39.89 -20.48
CA GLY L 87 71.50 -40.23 -19.15
C GLY L 87 70.18 -40.95 -19.10
N GLY L 88 69.50 -40.74 -17.99
CA GLY L 88 68.22 -41.35 -17.76
C GLY L 88 68.09 -41.77 -16.33
N TYR L 89 67.01 -41.32 -15.68
CA TYR L 89 66.63 -41.83 -14.38
C TYR L 89 65.13 -41.92 -14.22
N VAL L 90 64.71 -42.78 -13.31
CA VAL L 90 63.34 -42.80 -12.81
C VAL L 90 63.44 -42.61 -11.32
N ALA L 91 62.64 -41.69 -10.80
CA ALA L 91 62.62 -41.35 -9.38
C ALA L 91 61.20 -41.51 -8.88
N GLY L 92 61.04 -42.14 -7.73
CA GLY L 92 59.72 -42.39 -7.18
C GLY L 92 59.76 -42.52 -5.68
N PHE L 93 58.65 -42.20 -5.04
CA PHE L 93 58.53 -42.32 -3.59
C PHE L 93 57.49 -43.39 -3.25
N LEU L 94 57.97 -44.55 -2.77
CA LEU L 94 57.06 -45.58 -2.25
C LEU L 94 56.79 -45.45 -0.75
N PRO L 95 55.48 -45.38 -0.38
CA PRO L 95 55.04 -45.04 0.97
C PRO L 95 55.31 -46.03 2.09
N ASP L 96 55.99 -47.15 1.85
CA ASP L 96 56.40 -47.99 2.98
C ASP L 96 57.87 -47.88 3.15
N PRO L 97 58.31 -47.50 4.35
CA PRO L 97 59.74 -47.65 4.59
C PRO L 97 60.16 -49.11 4.54
N THR L 98 59.16 -50.00 4.69
CA THR L 98 59.35 -51.44 4.77
C THR L 98 60.04 -52.08 3.56
N ASP L 99 59.42 -51.99 2.38
CA ASP L 99 59.75 -52.93 1.29
C ASP L 99 60.82 -52.50 0.28
N ASN L 100 61.58 -53.51 -0.16
CA ASN L 100 62.75 -53.38 -1.04
C ASN L 100 62.45 -53.58 -2.53
N ASP L 101 61.20 -53.38 -2.94
CA ASP L 101 60.84 -53.60 -4.35
C ASP L 101 61.33 -52.41 -5.18
N HIS L 102 62.60 -52.46 -5.58
CA HIS L 102 63.27 -51.33 -6.29
C HIS L 102 63.44 -51.57 -7.79
N THR L 103 62.31 -51.75 -8.47
CA THR L 103 62.28 -51.99 -9.91
C THR L 103 61.58 -50.80 -10.57
N PHE L 104 61.89 -50.57 -11.85
CA PHE L 104 61.29 -49.45 -12.59
C PHE L 104 59.80 -49.47 -12.50
N ASP L 105 59.19 -50.61 -12.82
CA ASP L 105 57.74 -50.69 -12.90
C ASP L 105 57.09 -50.36 -11.57
N ALA L 106 57.73 -50.79 -10.48
CA ALA L 106 57.23 -50.54 -9.13
C ALA L 106 57.30 -49.07 -8.75
N LEU L 107 58.37 -48.40 -9.17
CA LEU L 107 58.47 -46.96 -8.99
C LEU L 107 57.41 -46.22 -9.80
N GLN L 108 57.33 -46.53 -11.10
CA GLN L 108 56.37 -45.86 -11.98
C GLN L 108 54.91 -46.07 -11.57
N ALA L 109 54.64 -47.10 -10.79
CA ALA L 109 53.31 -47.32 -10.23
C ALA L 109 52.91 -46.30 -9.18
N THR L 110 53.90 -45.64 -8.53
CA THR L 110 53.63 -44.61 -7.52
C THR L 110 53.24 -43.30 -8.20
N ARG L 111 52.77 -42.31 -7.42
CA ARG L 111 52.08 -41.14 -7.99
C ARG L 111 53.05 -40.08 -8.43
N GLY L 112 54.03 -39.82 -7.59
CA GLY L 112 55.01 -38.80 -7.93
C GLY L 112 55.80 -39.12 -9.18
N ALA L 113 55.98 -40.42 -9.43
CA ALA L 113 56.99 -40.95 -10.32
C ALA L 113 57.31 -40.09 -11.53
N VAL L 114 58.60 -39.81 -11.71
CA VAL L 114 59.08 -39.05 -12.86
C VAL L 114 60.22 -39.77 -13.55
N VAL L 115 60.33 -39.61 -14.87
CA VAL L 115 61.51 -40.08 -15.60
C VAL L 115 62.04 -38.94 -16.47
N ALA L 116 63.35 -38.92 -16.65
CA ALA L 116 64.01 -37.84 -17.36
C ALA L 116 65.46 -38.19 -17.67
N LYS L 117 66.03 -37.46 -18.61
CA LYS L 117 67.45 -37.59 -18.95
C LYS L 117 68.25 -36.91 -17.84
N TRP L 118 69.47 -37.36 -17.62
CA TRP L 118 70.23 -36.89 -16.46
C TRP L 118 70.52 -35.41 -16.46
N TRP L 119 70.39 -34.75 -17.60
CA TRP L 119 70.57 -33.31 -17.62
C TRP L 119 69.28 -32.52 -17.48
N GLU L 120 68.29 -33.12 -16.80
CA GLU L 120 66.97 -32.52 -16.65
C GLU L 120 66.60 -32.61 -15.19
N SER L 121 66.31 -31.46 -14.57
CA SER L 121 65.78 -31.41 -13.20
C SER L 121 64.38 -31.90 -13.23
N ARG L 122 63.89 -32.35 -12.09
CA ARG L 122 62.58 -32.93 -12.05
C ARG L 122 62.06 -33.04 -10.61
N THR L 123 60.74 -32.98 -10.44
CA THR L 123 60.13 -32.99 -9.12
C THR L 123 59.08 -34.07 -8.97
N VAL L 124 59.26 -34.93 -7.98
CA VAL L 124 58.27 -35.97 -7.71
C VAL L 124 57.35 -35.45 -6.63
N ARG L 125 56.05 -35.50 -6.92
CA ARG L 125 55.01 -35.05 -6.03
C ARG L 125 54.18 -36.24 -5.62
N PRO L 126 54.62 -36.96 -4.57
CA PRO L 126 53.96 -38.22 -4.30
C PRO L 126 52.70 -38.06 -3.49
N GLN L 127 51.99 -39.17 -3.34
CA GLN L 127 50.92 -39.31 -2.38
C GLN L 127 51.40 -40.36 -1.39
N TYR L 128 51.10 -40.12 -0.11
CA TYR L 128 51.77 -40.78 1.01
C TYR L 128 50.75 -41.16 2.08
N THR L 129 51.24 -41.64 3.21
CA THR L 129 50.41 -41.98 4.35
C THR L 129 49.42 -40.87 4.80
N ARG L 130 49.90 -39.63 4.90
CA ARG L 130 49.08 -38.46 5.30
C ARG L 130 48.58 -38.57 6.76
N THR L 131 49.27 -39.38 7.55
CA THR L 131 48.80 -39.83 8.86
C THR L 131 49.75 -39.41 9.98
N LEU L 132 49.35 -39.62 11.23
CA LEU L 132 50.21 -39.38 12.39
C LEU L 132 51.32 -40.41 12.48
N LEU L 133 52.50 -39.96 12.85
CA LEU L 133 53.67 -40.80 12.92
C LEU L 133 54.33 -40.66 14.28
N TRP L 134 55.62 -40.96 14.35
CA TRP L 134 56.38 -41.02 15.59
C TRP L 134 57.81 -40.50 15.35
N THR L 135 58.26 -39.55 16.18
CA THR L 135 59.56 -38.90 15.94
C THR L 135 60.77 -39.74 16.35
N SER L 136 60.52 -40.92 16.95
CA SER L 136 61.59 -41.86 17.30
C SER L 136 61.19 -43.33 17.07
N SER L 137 62.22 -44.19 16.93
CA SER L 137 62.05 -45.59 16.48
C SER L 137 60.99 -46.41 17.22
N GLY L 138 60.38 -47.36 16.52
CA GLY L 138 59.33 -48.19 17.08
C GLY L 138 59.56 -49.65 16.78
N LYS L 139 58.80 -50.52 17.45
CA LYS L 139 58.81 -51.95 17.18
C LYS L 139 58.15 -52.20 15.82
N GLU L 140 57.08 -51.45 15.55
CA GLU L 140 56.44 -51.38 14.22
C GLU L 140 56.80 -50.04 13.56
N GLN L 141 57.59 -50.11 12.49
CA GLN L 141 58.11 -48.90 11.86
C GLN L 141 57.19 -48.28 10.79
N ARG L 142 55.95 -48.74 10.74
CA ARG L 142 54.92 -48.14 9.87
C ARG L 142 54.57 -46.73 10.36
N LEU L 143 54.90 -46.42 11.61
CA LEU L 143 54.59 -45.12 12.20
C LEU L 143 55.82 -44.23 12.49
N THR L 144 57.03 -44.63 12.06
CA THR L 144 58.24 -43.79 12.28
C THR L 144 58.82 -43.09 11.02
N SER L 145 58.35 -43.53 9.84
CA SER L 145 58.78 -42.93 8.54
C SER L 145 57.64 -43.02 7.51
N PRO L 146 57.44 -41.97 6.69
CA PRO L 146 56.26 -41.92 5.81
C PRO L 146 56.49 -42.64 4.48
N GLY L 147 57.72 -43.13 4.26
CA GLY L 147 58.08 -43.82 3.04
C GLY L 147 59.56 -43.65 2.74
N ARG L 148 59.95 -43.91 1.50
CA ARG L 148 61.34 -43.77 1.10
C ARG L 148 61.44 -43.41 -0.37
N LEU L 149 62.49 -42.65 -0.70
CA LEU L 149 62.69 -42.07 -2.01
C LEU L 149 63.73 -42.89 -2.74
N ILE L 150 63.38 -43.41 -3.91
CA ILE L 150 64.27 -44.25 -4.70
C ILE L 150 64.61 -43.55 -6.02
N LEU L 151 65.84 -43.71 -6.45
CA LEU L 151 66.26 -43.14 -7.71
C LEU L 151 66.99 -44.22 -8.47
N LEU L 152 66.51 -44.54 -9.66
CA LEU L 152 67.05 -45.62 -10.47
C LEU L 152 67.63 -45.13 -11.78
N CYS L 153 68.65 -45.79 -12.27
CA CYS L 153 69.15 -45.50 -13.59
C CYS L 153 68.22 -46.00 -14.67
N VAL L 154 68.16 -45.24 -15.75
CA VAL L 154 67.54 -45.68 -17.00
C VAL L 154 68.62 -45.49 -18.04
N GLY L 155 68.80 -46.50 -18.87
CA GLY L 155 69.94 -46.55 -19.80
C GLY L 155 71.22 -46.44 -19.01
N ASN L 156 72.29 -45.99 -19.66
CA ASN L 156 73.58 -45.87 -18.98
C ASN L 156 74.30 -44.58 -19.32
N ASN L 157 74.77 -43.91 -18.27
CA ASN L 157 75.35 -42.58 -18.38
C ASN L 157 76.68 -42.52 -19.12
N THR L 158 76.78 -41.57 -20.04
CA THR L 158 77.99 -41.31 -20.81
C THR L 158 79.01 -40.58 -19.99
N ASP L 159 78.56 -39.90 -18.94
CA ASP L 159 79.38 -38.94 -18.29
C ASP L 159 79.15 -38.96 -16.80
N VAL L 160 79.95 -38.21 -16.06
CA VAL L 160 79.86 -38.21 -14.61
C VAL L 160 78.68 -37.36 -14.14
N VAL L 161 77.90 -37.92 -13.24
CA VAL L 161 76.70 -37.29 -12.73
C VAL L 161 76.85 -37.09 -11.23
N ASN L 162 76.57 -35.87 -10.76
CA ASN L 162 76.58 -35.57 -9.34
C ASN L 162 75.16 -35.25 -8.91
N VAL L 163 74.37 -36.30 -8.73
CA VAL L 163 72.98 -36.12 -8.36
C VAL L 163 72.82 -35.81 -6.87
N SER L 164 72.02 -34.78 -6.57
CA SER L 164 71.63 -34.47 -5.22
C SER L 164 70.12 -34.45 -5.21
N VAL L 165 69.46 -35.25 -4.36
CA VAL L 165 67.99 -35.16 -4.25
C VAL L 165 67.64 -34.33 -3.03
N LEU L 166 66.61 -33.50 -3.17
CA LEU L 166 66.19 -32.58 -2.13
C LEU L 166 64.77 -32.88 -1.78
N CYS L 167 64.48 -32.91 -0.49
CA CYS L 167 63.13 -33.14 -0.03
C CYS L 167 62.58 -31.83 0.48
N ARG L 168 61.51 -31.36 -0.10
CA ARG L 168 60.81 -30.24 0.50
C ARG L 168 59.67 -30.82 1.31
N TRP L 169 59.50 -30.31 2.51
CA TRP L 169 58.62 -30.91 3.48
C TRP L 169 57.88 -29.87 4.28
N SER L 170 56.66 -30.22 4.66
CA SER L 170 55.84 -29.43 5.55
C SER L 170 55.20 -30.40 6.54
N VAL L 171 55.42 -30.16 7.82
CA VAL L 171 55.14 -31.14 8.86
C VAL L 171 54.41 -30.46 9.99
N ARG L 172 53.43 -31.13 10.61
CA ARG L 172 52.85 -30.64 11.87
C ARG L 172 53.21 -31.53 13.07
N LEU L 173 53.82 -30.89 14.08
CA LEU L 173 54.40 -31.59 15.24
C LEU L 173 53.51 -31.54 16.47
N SER L 174 53.59 -32.60 17.28
CA SER L 174 52.65 -32.83 18.39
C SER L 174 53.30 -33.46 19.62
N VAL L 175 52.52 -33.49 20.70
CA VAL L 175 52.95 -33.76 22.08
C VAL L 175 54.40 -33.39 22.47
N PRO L 176 54.54 -32.27 23.21
CA PRO L 176 55.82 -31.83 23.77
C PRO L 176 56.55 -32.90 24.54
N SER L 177 57.87 -32.79 24.61
CA SER L 177 58.73 -33.88 25.01
C SER L 177 60.18 -33.39 24.98
N LEU L 178 61.13 -34.26 25.32
CA LEU L 178 62.54 -33.91 25.25
C LEU L 178 63.47 -35.14 25.27
N GLU L 179 63.94 -35.57 24.10
CA GLU L 179 64.77 -36.77 24.02
C GLU L 179 66.26 -36.45 23.91
N ASN L 180 67.00 -36.82 24.96
CA ASN L 180 68.43 -36.55 25.08
C ASN L 180 69.27 -37.82 24.98
N THR M 18 2.14 -48.71 -19.14
CA THR M 18 1.03 -49.48 -19.80
C THR M 18 1.42 -50.96 -19.97
N ASN M 19 0.40 -51.83 -20.00
CA ASN M 19 0.60 -53.24 -20.29
C ASN M 19 0.29 -53.53 -21.76
N ASP M 20 0.16 -52.46 -22.56
CA ASP M 20 -0.14 -52.56 -23.99
C ASP M 20 1.04 -52.15 -24.86
N VAL M 21 1.25 -52.98 -25.88
CA VAL M 21 2.29 -52.81 -26.88
C VAL M 21 1.71 -52.29 -28.20
N HIS M 22 2.40 -51.32 -28.79
CA HIS M 22 1.94 -50.73 -30.01
C HIS M 22 2.84 -51.18 -31.13
N LEU M 23 2.24 -51.69 -32.19
CA LEU M 23 2.97 -52.26 -33.31
C LEU M 23 2.43 -51.67 -34.59
N SER M 24 3.31 -51.46 -35.56
CA SER M 24 2.94 -50.81 -36.80
C SER M 24 3.76 -51.27 -37.96
N GLY M 25 3.09 -51.76 -38.98
CA GLY M 25 3.72 -52.20 -40.21
C GLY M 25 2.91 -51.85 -41.44
N MET M 26 3.37 -52.40 -42.56
CA MET M 26 2.59 -52.39 -43.80
C MET M 26 2.88 -53.65 -44.57
N SER M 27 1.84 -54.44 -44.89
CA SER M 27 1.98 -55.80 -45.44
C SER M 27 1.13 -56.03 -46.70
N ARG M 28 1.62 -56.86 -47.62
CA ARG M 28 0.88 -57.19 -48.84
C ARG M 28 -0.25 -58.12 -48.46
N ILE M 29 -1.47 -57.72 -48.77
CA ILE M 29 -2.67 -58.52 -48.42
C ILE M 29 -2.88 -59.60 -49.45
N SER M 30 -2.58 -59.29 -50.71
CA SER M 30 -2.78 -60.25 -51.77
C SER M 30 -2.07 -59.80 -53.01
N GLN M 31 -1.92 -60.73 -53.95
CA GLN M 31 -1.43 -60.39 -55.26
C GLN M 31 -2.23 -61.15 -56.30
N ALA M 32 -2.91 -60.38 -57.14
CA ALA M 32 -3.67 -60.92 -58.25
C ALA M 32 -3.07 -60.46 -59.59
N VAL M 33 -3.16 -61.33 -60.58
CA VAL M 33 -2.74 -60.99 -61.93
C VAL M 33 -3.90 -61.15 -62.93
N LEU M 34 -4.44 -60.01 -63.34
CA LEU M 34 -5.60 -59.94 -64.20
C LEU M 34 -5.14 -60.03 -65.65
N PRO M 35 -5.46 -61.13 -66.36
CA PRO M 35 -4.94 -61.24 -67.71
C PRO M 35 -5.71 -60.41 -68.72
N ALA M 36 -5.18 -60.40 -69.93
CA ALA M 36 -5.44 -59.37 -70.91
C ALA M 36 -6.89 -59.01 -71.20
N GLY M 37 -7.89 -59.72 -70.70
CA GLY M 37 -9.22 -59.19 -70.84
C GLY M 37 -10.26 -59.93 -70.05
N THR M 38 -9.99 -60.12 -68.77
CA THR M 38 -10.81 -61.01 -67.97
C THR M 38 -11.72 -60.30 -66.95
N GLY M 39 -11.36 -59.06 -66.53
CA GLY M 39 -12.20 -58.21 -65.64
C GLY M 39 -13.49 -57.63 -66.26
N THR M 40 -14.44 -57.20 -65.44
CA THR M 40 -15.71 -56.64 -65.95
C THR M 40 -16.63 -56.18 -64.81
N ASP M 41 -17.33 -55.07 -65.00
CA ASP M 41 -18.13 -54.49 -63.92
C ASP M 41 -18.52 -55.50 -62.83
N GLY M 42 -17.85 -55.38 -61.68
CA GLY M 42 -18.19 -56.23 -60.53
C GLY M 42 -17.47 -57.56 -60.40
N TYR M 43 -16.57 -57.87 -61.32
CA TYR M 43 -15.66 -59.02 -61.17
C TYR M 43 -14.80 -58.85 -59.93
N VAL M 44 -14.75 -59.88 -59.10
CA VAL M 44 -14.06 -59.77 -57.84
C VAL M 44 -12.63 -60.19 -57.97
N VAL M 45 -11.69 -59.25 -57.80
CA VAL M 45 -10.29 -59.58 -57.93
C VAL M 45 -9.62 -59.81 -56.57
N VAL M 46 -10.01 -59.07 -55.55
CA VAL M 46 -9.46 -59.36 -54.24
C VAL M 46 -10.55 -59.29 -53.23
N ASP M 47 -10.60 -60.29 -52.39
CA ASP M 47 -11.56 -60.31 -51.31
C ASP M 47 -10.88 -61.02 -50.18
N ALA M 48 -10.48 -60.27 -49.15
CA ALA M 48 -9.53 -60.75 -48.15
C ALA M 48 -9.94 -60.40 -46.76
N THR M 49 -10.40 -61.40 -46.00
CA THR M 49 -10.73 -61.23 -44.58
C THR M 49 -9.48 -60.97 -43.76
N ILE M 50 -9.46 -59.81 -43.13
CA ILE M 50 -8.26 -59.32 -42.44
C ILE M 50 -8.04 -60.00 -41.09
N VAL M 51 -6.93 -60.72 -40.99
CA VAL M 51 -6.48 -61.36 -39.75
C VAL M 51 -4.97 -61.18 -39.57
N PRO M 52 -4.49 -61.26 -38.31
CA PRO M 52 -3.07 -61.21 -37.99
C PRO M 52 -2.17 -62.07 -38.88
N ASP M 53 -2.60 -63.29 -39.18
CA ASP M 53 -1.78 -64.16 -39.99
C ASP M 53 -1.46 -63.54 -41.36
N LEU M 54 -2.44 -62.88 -41.99
CA LEU M 54 -2.26 -62.18 -43.29
C LEU M 54 -1.13 -61.16 -43.36
N LEU M 55 -0.96 -60.42 -42.27
CA LEU M 55 0.05 -59.37 -42.15
C LEU M 55 1.31 -59.91 -41.41
N PRO M 56 2.26 -60.48 -42.16
CA PRO M 56 3.40 -61.23 -41.61
C PRO M 56 3.90 -60.89 -40.18
N ARG M 57 4.22 -59.64 -39.91
CA ARG M 57 4.78 -59.29 -38.60
C ARG M 57 3.74 -59.37 -37.49
N LEU M 58 2.51 -58.94 -37.75
CA LEU M 58 1.44 -59.13 -36.78
C LEU M 58 1.18 -60.63 -36.52
N GLY M 59 1.31 -61.48 -37.53
CA GLY M 59 1.26 -62.91 -37.35
C GLY M 59 2.22 -63.47 -36.31
N HIS M 60 3.44 -62.94 -36.24
CA HIS M 60 4.42 -63.37 -35.26
C HIS M 60 4.11 -62.83 -33.89
N ALA M 61 3.60 -61.61 -33.80
CA ALA M 61 3.23 -61.02 -32.50
C ALA M 61 1.86 -61.51 -31.97
N ALA M 62 0.96 -61.88 -32.88
CA ALA M 62 -0.30 -62.47 -32.51
C ALA M 62 -0.02 -63.79 -31.82
N ARG M 63 1.03 -64.52 -32.20
CA ARG M 63 1.37 -65.80 -31.56
C ARG M 63 1.90 -65.64 -30.13
N ILE M 64 1.83 -64.42 -29.60
CA ILE M 64 2.44 -64.00 -28.33
C ILE M 64 1.50 -63.23 -27.39
N PHE M 65 0.47 -62.59 -27.93
CA PHE M 65 -0.59 -61.97 -27.14
C PHE M 65 -1.95 -62.54 -27.48
N GLN M 66 -2.83 -62.69 -26.48
CA GLN M 66 -4.19 -63.17 -26.72
C GLN M 66 -4.98 -62.16 -27.47
N ARG M 67 -4.96 -60.91 -27.01
CA ARG M 67 -5.78 -59.87 -27.62
C ARG M 67 -5.06 -58.78 -28.42
N TYR M 68 -5.81 -58.17 -29.34
CA TYR M 68 -5.37 -57.06 -30.21
C TYR M 68 -6.52 -56.12 -30.54
N ALA M 69 -6.19 -54.87 -30.81
CA ALA M 69 -7.18 -53.84 -31.16
C ALA M 69 -6.61 -52.88 -32.21
N VAL M 70 -7.41 -52.58 -33.22
CA VAL M 70 -6.92 -51.79 -34.36
C VAL M 70 -6.95 -50.28 -34.13
N GLU M 71 -5.78 -49.66 -34.15
CA GLU M 71 -5.67 -48.22 -33.97
C GLU M 71 -5.70 -47.42 -35.30
N THR M 72 -5.02 -47.90 -36.34
CA THR M 72 -5.16 -47.29 -37.67
C THR M 72 -5.26 -48.36 -38.76
N LEU M 73 -6.15 -48.17 -39.73
CA LEU M 73 -6.24 -49.11 -40.83
C LEU M 73 -6.29 -48.41 -42.17
N GLU M 74 -5.45 -48.85 -43.10
CA GLU M 74 -5.45 -48.30 -44.45
C GLU M 74 -5.11 -49.38 -45.49
N PHE M 75 -5.53 -49.16 -46.73
CA PHE M 75 -5.24 -50.09 -47.79
C PHE M 75 -4.78 -49.38 -49.02
N GLU M 76 -3.56 -49.64 -49.43
CA GLU M 76 -2.95 -48.99 -50.57
C GLU M 76 -3.11 -49.93 -51.77
N ILE M 77 -3.82 -49.50 -52.80
CA ILE M 77 -4.04 -50.35 -53.96
C ILE M 77 -2.99 -50.00 -55.00
N GLN M 78 -2.12 -50.96 -55.26
CA GLN M 78 -0.96 -50.73 -56.12
C GLN M 78 -0.98 -51.66 -57.36
N PRO M 79 -1.84 -51.34 -58.36
CA PRO M 79 -1.92 -52.06 -59.60
C PRO M 79 -0.71 -51.78 -60.44
N MET M 80 -0.23 -52.80 -61.11
CA MET M 80 0.89 -52.65 -61.99
C MET M 80 0.53 -53.03 -63.38
N CYS M 81 0.58 -52.03 -64.24
CA CYS M 81 0.14 -52.17 -65.57
C CYS M 81 0.60 -50.91 -66.27
N PRO M 82 0.43 -50.87 -67.59
CA PRO M 82 0.88 -49.70 -68.30
C PRO M 82 -0.21 -48.65 -68.43
N ALA M 83 0.21 -47.44 -68.77
CA ALA M 83 -0.65 -46.27 -68.78
C ALA M 83 -1.69 -46.33 -69.88
N ASN M 84 -1.55 -47.31 -70.80
CA ASN M 84 -2.48 -47.50 -71.90
C ASN M 84 -3.47 -48.61 -71.63
N THR M 85 -3.93 -48.70 -70.38
CA THR M 85 -4.87 -49.71 -69.97
C THR M 85 -6.23 -49.10 -69.69
N GLY M 86 -7.27 -49.82 -70.10
CA GLY M 86 -8.65 -49.33 -70.08
C GLY M 86 -9.31 -49.83 -68.82
N GLY M 87 -8.82 -49.33 -67.71
CA GLY M 87 -9.02 -50.07 -66.53
C GLY M 87 -10.17 -49.62 -65.72
N GLY M 88 -9.94 -49.59 -64.41
CA GLY M 88 -10.94 -49.23 -63.45
C GLY M 88 -11.07 -50.21 -62.32
N TYR M 89 -11.17 -49.69 -61.11
CA TYR M 89 -11.44 -50.50 -59.98
C TYR M 89 -12.13 -49.73 -58.89
N VAL M 90 -12.84 -50.46 -58.03
CA VAL M 90 -13.35 -49.92 -56.78
C VAL M 90 -12.78 -50.76 -55.62
N ALA M 91 -12.05 -50.11 -54.72
CA ALA M 91 -11.56 -50.72 -53.46
C ALA M 91 -12.39 -50.22 -52.30
N GLY M 92 -12.82 -51.14 -51.45
CA GLY M 92 -13.53 -50.77 -50.24
C GLY M 92 -13.18 -51.76 -49.16
N PHE M 93 -13.30 -51.34 -47.90
CA PHE M 93 -13.14 -52.25 -46.77
C PHE M 93 -14.46 -52.28 -46.01
N LEU M 94 -15.18 -53.40 -46.08
CA LEU M 94 -16.37 -53.52 -45.26
C LEU M 94 -16.00 -54.23 -43.98
N PRO M 95 -16.50 -53.72 -42.82
CA PRO M 95 -16.15 -54.18 -41.47
C PRO M 95 -17.08 -55.19 -40.76
N ASP M 96 -17.53 -56.23 -41.47
CA ASP M 96 -17.84 -57.52 -40.84
C ASP M 96 -16.97 -58.43 -41.64
N PRO M 97 -16.15 -59.23 -40.97
CA PRO M 97 -15.55 -60.34 -41.69
C PRO M 97 -16.61 -61.34 -42.17
N THR M 98 -17.82 -61.21 -41.64
CA THR M 98 -18.98 -62.00 -42.05
C THR M 98 -19.63 -61.66 -43.40
N ASP M 99 -19.51 -60.43 -43.91
CA ASP M 99 -20.39 -59.98 -45.02
C ASP M 99 -19.87 -60.25 -46.42
N ASN M 100 -20.74 -60.87 -47.22
CA ASN M 100 -20.46 -61.18 -48.62
C ASN M 100 -20.83 -60.11 -49.66
N ASP M 101 -21.78 -59.20 -49.37
CA ASP M 101 -22.28 -58.23 -50.37
C ASP M 101 -21.08 -57.61 -51.17
N HIS M 102 -20.75 -58.17 -52.34
CA HIS M 102 -19.57 -57.79 -53.13
C HIS M 102 -19.94 -57.06 -54.42
N THR M 103 -20.78 -56.05 -54.26
CA THR M 103 -21.30 -55.27 -55.39
C THR M 103 -20.82 -53.85 -55.23
N PHE M 104 -20.59 -53.19 -56.36
CA PHE M 104 -20.05 -51.83 -56.37
C PHE M 104 -20.67 -50.90 -55.32
N ASP M 105 -22.00 -50.94 -55.22
CA ASP M 105 -22.74 -49.96 -54.43
C ASP M 105 -22.67 -50.30 -52.96
N ALA M 106 -22.35 -51.56 -52.67
CA ALA M 106 -22.07 -52.03 -51.30
C ALA M 106 -20.70 -51.58 -50.81
N LEU M 107 -19.73 -51.54 -51.72
CA LEU M 107 -18.41 -50.99 -51.42
C LEU M 107 -18.36 -49.48 -51.27
N GLN M 108 -18.98 -48.77 -52.23
CA GLN M 108 -19.05 -47.29 -52.19
C GLN M 108 -19.79 -46.75 -50.94
N ALA M 109 -20.69 -47.57 -50.42
CA ALA M 109 -21.38 -47.25 -49.19
C ALA M 109 -20.48 -47.17 -47.97
N THR M 110 -19.24 -47.68 -48.05
CA THR M 110 -18.27 -47.61 -46.94
C THR M 110 -17.40 -46.34 -47.00
N ARG M 111 -16.66 -46.03 -45.94
CA ARG M 111 -16.03 -44.71 -45.80
C ARG M 111 -14.80 -44.63 -46.66
N GLY M 112 -14.03 -45.69 -46.70
CA GLY M 112 -12.80 -45.64 -47.46
C GLY M 112 -13.01 -45.61 -48.96
N ALA M 113 -14.08 -46.23 -49.42
CA ALA M 113 -14.26 -46.53 -50.83
C ALA M 113 -13.62 -45.55 -51.82
N VAL M 114 -12.71 -46.09 -52.62
CA VAL M 114 -12.11 -45.39 -53.73
C VAL M 114 -12.27 -46.09 -55.08
N VAL M 115 -12.41 -45.30 -56.14
CA VAL M 115 -12.30 -45.85 -57.48
C VAL M 115 -11.22 -45.15 -58.27
N ALA M 116 -10.72 -45.87 -59.25
CA ALA M 116 -9.63 -45.37 -60.04
C ALA M 116 -9.46 -46.23 -61.28
N LYS M 117 -8.84 -45.64 -62.29
CA LYS M 117 -8.37 -46.39 -63.46
C LYS M 117 -7.22 -47.30 -63.05
N TRP M 118 -6.95 -48.32 -63.85
CA TRP M 118 -5.95 -49.32 -63.42
C TRP M 118 -4.53 -48.81 -63.37
N TRP M 119 -4.27 -47.64 -63.98
CA TRP M 119 -2.92 -47.08 -63.95
C TRP M 119 -2.78 -45.99 -62.85
N GLU M 120 -3.55 -46.14 -61.79
CA GLU M 120 -3.62 -45.18 -60.72
C GLU M 120 -3.68 -45.89 -59.35
N SER M 121 -2.64 -45.68 -58.56
CA SER M 121 -2.56 -46.22 -57.21
C SER M 121 -3.46 -45.42 -56.34
N ARG M 122 -3.86 -45.98 -55.24
CA ARG M 122 -4.89 -45.34 -54.48
C ARG M 122 -5.05 -45.94 -53.08
N THR M 123 -5.13 -45.09 -52.06
CA THR M 123 -5.30 -45.51 -50.67
C THR M 123 -6.74 -45.40 -50.21
N VAL M 124 -7.27 -46.45 -49.60
CA VAL M 124 -8.59 -46.41 -48.97
C VAL M 124 -8.38 -46.24 -47.47
N ARG M 125 -9.15 -45.30 -46.92
CA ARG M 125 -9.10 -44.92 -45.54
C ARG M 125 -10.43 -45.27 -44.91
N PRO M 126 -10.57 -46.51 -44.47
CA PRO M 126 -11.85 -46.92 -43.93
C PRO M 126 -12.03 -46.44 -42.52
N GLN M 127 -13.27 -46.54 -42.06
CA GLN M 127 -13.60 -46.49 -40.65
C GLN M 127 -14.09 -47.89 -40.25
N TYR M 128 -13.72 -48.27 -39.02
CA TYR M 128 -13.69 -49.68 -38.61
C TYR M 128 -13.96 -49.84 -37.12
N THR M 129 -13.69 -51.05 -36.61
CA THR M 129 -14.16 -51.50 -35.29
C THR M 129 -13.58 -50.77 -34.07
N ARG M 130 -12.27 -50.59 -34.01
CA ARG M 130 -11.67 -49.79 -32.93
C ARG M 130 -11.90 -50.44 -31.57
N THR M 131 -12.22 -51.73 -31.59
CA THR M 131 -12.68 -52.47 -30.43
C THR M 131 -11.62 -53.53 -30.14
N LEU M 132 -11.82 -54.35 -29.10
CA LEU M 132 -10.83 -55.35 -28.72
C LEU M 132 -11.17 -56.78 -29.17
N LEU M 133 -10.28 -57.33 -29.98
CA LEU M 133 -10.52 -58.55 -30.72
C LEU M 133 -9.70 -59.69 -30.10
N TRP M 134 -9.59 -60.82 -30.78
CA TRP M 134 -8.84 -61.96 -30.29
C TRP M 134 -7.99 -62.54 -31.41
N THR M 135 -6.76 -62.90 -31.08
CA THR M 135 -5.73 -63.25 -32.07
C THR M 135 -5.85 -64.63 -32.70
N SER M 136 -6.73 -65.46 -32.12
CA SER M 136 -7.08 -66.79 -32.64
C SER M 136 -8.53 -66.86 -33.06
N SER M 137 -8.86 -67.79 -33.96
CA SER M 137 -10.25 -68.10 -34.33
C SER M 137 -11.16 -68.41 -33.12
N GLY M 138 -12.45 -68.24 -33.35
CA GLY M 138 -13.48 -68.46 -32.35
C GLY M 138 -14.83 -68.71 -32.99
N LYS M 139 -15.83 -68.92 -32.17
CA LYS M 139 -17.13 -69.34 -32.67
C LYS M 139 -17.84 -68.15 -33.32
N GLU M 140 -17.59 -66.95 -32.81
CA GLU M 140 -18.09 -65.72 -33.41
C GLU M 140 -16.90 -64.93 -33.94
N GLN M 141 -16.85 -64.75 -35.24
CA GLN M 141 -15.66 -64.15 -35.83
C GLN M 141 -15.70 -62.64 -35.97
N ARG M 142 -16.76 -62.00 -35.48
CA ARG M 142 -16.77 -60.53 -35.34
C ARG M 142 -15.81 -60.14 -34.24
N LEU M 143 -15.21 -61.12 -33.56
CA LEU M 143 -14.22 -60.85 -32.52
C LEU M 143 -12.82 -61.23 -32.93
N THR M 144 -12.65 -61.87 -34.08
CA THR M 144 -11.31 -62.19 -34.52
C THR M 144 -10.79 -61.22 -35.61
N SER M 145 -11.72 -60.65 -36.40
CA SER M 145 -11.36 -59.81 -37.55
C SER M 145 -12.15 -58.50 -37.58
N PRO M 146 -11.51 -57.44 -38.08
CA PRO M 146 -12.16 -56.14 -38.19
C PRO M 146 -12.93 -55.93 -39.49
N GLY M 147 -12.74 -56.79 -40.49
CA GLY M 147 -13.45 -56.69 -41.77
C GLY M 147 -12.71 -57.36 -42.92
N ARG M 148 -13.04 -56.97 -44.15
CA ARG M 148 -12.38 -57.51 -45.34
C ARG M 148 -12.24 -56.47 -46.42
N LEU M 149 -11.11 -56.51 -47.10
CA LEU M 149 -10.83 -55.62 -48.20
C LEU M 149 -11.37 -56.27 -49.45
N ILE M 150 -12.16 -55.54 -50.23
CA ILE M 150 -12.67 -56.06 -51.49
C ILE M 150 -12.13 -55.17 -52.61
N LEU M 151 -11.79 -55.79 -53.74
CA LEU M 151 -11.30 -55.08 -54.90
C LEU M 151 -12.02 -55.60 -56.09
N LEU M 152 -12.74 -54.71 -56.77
CA LEU M 152 -13.63 -55.05 -57.89
C LEU M 152 -13.23 -54.27 -59.12
N CYS M 153 -13.48 -54.88 -60.27
CA CYS M 153 -13.29 -54.22 -61.55
C CYS M 153 -14.45 -53.31 -61.86
N VAL M 154 -14.09 -52.13 -62.35
CA VAL M 154 -15.01 -51.26 -63.08
C VAL M 154 -14.50 -51.26 -64.53
N GLY M 155 -15.35 -51.75 -65.42
CA GLY M 155 -14.97 -51.92 -66.84
C GLY M 155 -14.08 -53.15 -67.06
N ASN M 156 -13.72 -53.39 -68.32
CA ASN M 156 -12.73 -54.46 -68.62
C ASN M 156 -11.39 -53.91 -69.06
N ASN M 157 -10.34 -54.52 -68.52
CA ASN M 157 -8.97 -54.14 -68.82
C ASN M 157 -8.50 -54.52 -70.25
N THR M 158 -8.01 -53.51 -70.98
CA THR M 158 -7.17 -53.66 -72.19
C THR M 158 -5.99 -54.61 -72.04
N ASP M 159 -5.36 -54.57 -70.86
CA ASP M 159 -4.01 -55.09 -70.72
C ASP M 159 -3.89 -55.90 -69.43
N VAL M 160 -2.69 -56.46 -69.23
CA VAL M 160 -2.43 -57.30 -68.05
C VAL M 160 -2.14 -56.46 -66.82
N VAL M 161 -2.92 -56.69 -65.77
CA VAL M 161 -2.74 -55.97 -64.52
C VAL M 161 -2.08 -56.90 -63.51
N ASN M 162 -1.06 -56.43 -62.79
CA ASN M 162 -0.47 -57.17 -61.68
C ASN M 162 -0.70 -56.37 -60.41
N VAL M 163 -1.91 -56.52 -59.88
CA VAL M 163 -2.35 -55.77 -58.70
C VAL M 163 -1.91 -56.37 -57.34
N SER M 164 -1.32 -55.52 -56.50
CA SER M 164 -0.88 -55.91 -55.18
C SER M 164 -1.48 -54.91 -54.23
N VAL M 165 -2.28 -55.38 -53.27
CA VAL M 165 -2.88 -54.51 -52.28
C VAL M 165 -2.06 -54.58 -50.99
N LEU M 166 -1.76 -53.41 -50.48
CA LEU M 166 -1.00 -53.28 -49.28
C LEU M 166 -1.92 -52.78 -48.21
N CYS M 167 -1.74 -53.31 -47.00
CA CYS M 167 -2.51 -52.87 -45.87
C CYS M 167 -1.51 -52.26 -44.91
N ARG M 168 -1.60 -50.96 -44.68
CA ARG M 168 -0.80 -50.36 -43.60
C ARG M 168 -1.66 -50.32 -42.33
N TRP M 169 -1.00 -50.59 -41.22
CA TRP M 169 -1.69 -50.92 -39.99
C TRP M 169 -0.98 -50.44 -38.76
N SER M 170 -1.76 -50.27 -37.71
CA SER M 170 -1.25 -50.00 -36.39
C SER M 170 -2.18 -50.61 -35.36
N VAL M 171 -1.60 -51.37 -34.45
CA VAL M 171 -2.35 -52.33 -33.66
C VAL M 171 -1.88 -52.24 -32.24
N ARG M 172 -2.78 -52.40 -31.28
CA ARG M 172 -2.33 -52.55 -29.91
C ARG M 172 -2.73 -53.93 -29.30
N LEU M 173 -1.70 -54.65 -28.85
CA LEU M 173 -1.78 -56.02 -28.38
C LEU M 173 -1.68 -55.99 -26.88
N SER M 174 -2.25 -56.98 -26.20
CA SER M 174 -2.63 -56.79 -24.79
C SER M 174 -2.32 -57.90 -23.78
N VAL M 175 -2.84 -59.10 -23.99
CA VAL M 175 -2.74 -60.15 -22.94
C VAL M 175 -1.73 -61.22 -23.32
N PRO M 176 -0.67 -61.40 -22.52
CA PRO M 176 0.38 -62.36 -22.91
C PRO M 176 -0.05 -63.80 -23.01
N SER M 177 0.71 -64.58 -23.79
CA SER M 177 0.34 -65.96 -24.11
C SER M 177 1.36 -66.60 -25.07
N LEU M 178 1.11 -67.83 -25.50
CA LEU M 178 1.93 -68.46 -26.52
C LEU M 178 1.15 -69.57 -27.26
N GLU M 179 0.76 -69.32 -28.51
CA GLU M 179 0.01 -70.31 -29.31
C GLU M 179 0.98 -71.04 -30.24
N ASN M 180 1.70 -72.03 -29.69
CA ASN M 180 2.57 -72.92 -30.47
C ASN M 180 1.82 -73.66 -31.58
N THR N 18 -23.87 -45.77 -7.45
CA THR N 18 -23.59 -46.68 -8.55
C THR N 18 -24.48 -47.92 -8.48
N ASN N 19 -24.90 -48.42 -9.64
CA ASN N 19 -25.74 -49.62 -9.74
C ASN N 19 -24.98 -50.94 -9.55
N ASP N 20 -23.73 -50.97 -10.03
CA ASP N 20 -22.86 -52.15 -9.98
C ASP N 20 -22.58 -52.65 -8.56
N VAL N 21 -23.01 -53.89 -8.31
CA VAL N 21 -22.78 -54.60 -7.05
C VAL N 21 -21.43 -55.33 -7.01
N HIS N 22 -20.55 -54.94 -6.08
CA HIS N 22 -19.24 -55.60 -5.93
C HIS N 22 -19.31 -56.74 -4.87
N LEU N 23 -18.63 -57.85 -5.16
CA LEU N 23 -18.78 -59.10 -4.40
C LEU N 23 -17.44 -59.80 -4.40
N SER N 24 -17.00 -60.30 -3.24
CA SER N 24 -15.67 -60.94 -3.12
C SER N 24 -15.66 -62.26 -2.33
N GLY N 25 -14.56 -62.97 -2.44
CA GLY N 25 -14.48 -64.27 -1.83
C GLY N 25 -13.29 -65.06 -2.33
N MET N 26 -13.15 -66.23 -1.76
CA MET N 26 -12.10 -67.15 -2.13
C MET N 26 -12.73 -68.53 -2.06
N SER N 27 -12.61 -69.30 -3.15
CA SER N 27 -13.34 -70.56 -3.29
C SER N 27 -12.42 -71.67 -3.75
N ARG N 28 -12.63 -72.90 -3.26
CA ARG N 28 -11.91 -74.06 -3.83
C ARG N 28 -12.45 -74.55 -5.18
N ILE N 29 -11.67 -74.26 -6.21
CA ILE N 29 -11.95 -74.51 -7.62
C ILE N 29 -11.87 -75.98 -7.96
N SER N 30 -10.88 -76.67 -7.40
CA SER N 30 -10.76 -78.09 -7.64
C SER N 30 -9.91 -78.74 -6.57
N GLN N 31 -9.91 -80.06 -6.53
CA GLN N 31 -9.10 -80.80 -5.59
C GLN N 31 -8.79 -82.10 -6.20
N ALA N 32 -7.55 -82.31 -6.60
CA ALA N 32 -7.16 -83.58 -7.18
C ALA N 32 -6.24 -84.35 -6.26
N VAL N 33 -6.29 -85.67 -6.38
CA VAL N 33 -5.33 -86.53 -5.69
C VAL N 33 -4.41 -87.24 -6.70
N LEU N 34 -3.21 -86.68 -6.86
CA LEU N 34 -2.15 -87.24 -7.69
C LEU N 34 -1.42 -88.42 -7.01
N PRO N 35 -1.66 -89.66 -7.46
CA PRO N 35 -1.09 -90.80 -6.73
C PRO N 35 0.42 -90.82 -6.77
N ALA N 36 0.97 -91.84 -6.13
CA ALA N 36 2.30 -91.77 -5.59
C ALA N 36 3.46 -91.85 -6.59
N GLY N 37 3.22 -92.00 -7.89
CA GLY N 37 4.33 -91.89 -8.87
C GLY N 37 3.96 -91.45 -10.28
N THR N 38 2.74 -90.93 -10.39
CA THR N 38 2.02 -90.87 -11.66
C THR N 38 2.35 -89.61 -12.40
N GLY N 39 3.02 -88.67 -11.75
CA GLY N 39 3.52 -87.51 -12.44
C GLY N 39 4.53 -87.82 -13.56
N THR N 40 4.54 -86.91 -14.53
CA THR N 40 5.68 -86.59 -15.38
C THR N 40 5.43 -85.24 -16.02
N ASP N 41 6.52 -84.68 -16.49
CA ASP N 41 6.54 -83.43 -17.22
C ASP N 41 5.37 -83.28 -18.19
N GLY N 42 4.45 -82.36 -17.89
CA GLY N 42 3.33 -82.04 -18.78
C GLY N 42 2.00 -82.71 -18.43
N TYR N 43 1.94 -83.44 -17.33
CA TYR N 43 0.72 -84.12 -16.90
C TYR N 43 -0.27 -83.11 -16.29
N VAL N 44 -1.50 -83.12 -16.77
CA VAL N 44 -2.49 -82.18 -16.28
C VAL N 44 -3.20 -82.71 -15.04
N VAL N 45 -2.99 -82.09 -13.89
CA VAL N 45 -3.68 -82.56 -12.68
C VAL N 45 -4.94 -81.75 -12.48
N VAL N 46 -4.88 -80.47 -12.85
CA VAL N 46 -6.03 -79.57 -12.82
C VAL N 46 -6.13 -78.82 -14.12
N ASP N 47 -7.37 -78.60 -14.54
CA ASP N 47 -7.67 -77.82 -15.73
C ASP N 47 -9.11 -77.34 -15.53
N ALA N 48 -9.25 -76.21 -14.85
CA ALA N 48 -10.57 -75.68 -14.46
C ALA N 48 -10.89 -74.43 -15.21
N THR N 49 -12.03 -74.47 -15.86
CA THR N 49 -12.59 -73.36 -16.59
C THR N 49 -13.47 -72.54 -15.67
N ILE N 50 -13.15 -71.27 -15.55
CA ILE N 50 -13.69 -70.41 -14.50
C ILE N 50 -15.06 -69.85 -14.85
N VAL N 51 -16.06 -70.28 -14.09
CA VAL N 51 -17.41 -69.85 -14.29
C VAL N 51 -18.07 -69.74 -12.92
N PRO N 52 -19.06 -68.84 -12.80
CA PRO N 52 -19.82 -68.59 -11.57
C PRO N 52 -20.23 -69.84 -10.73
N ASP N 53 -20.55 -70.97 -11.37
CA ASP N 53 -20.94 -72.18 -10.64
C ASP N 53 -19.75 -72.74 -9.88
N LEU N 54 -18.54 -72.58 -10.42
CA LEU N 54 -17.34 -73.09 -9.76
C LEU N 54 -17.02 -72.43 -8.42
N LEU N 55 -17.40 -71.18 -8.27
CA LEU N 55 -17.17 -70.45 -7.05
C LEU N 55 -18.53 -70.40 -6.38
N PRO N 56 -18.77 -71.30 -5.42
CA PRO N 56 -20.11 -71.48 -4.87
C PRO N 56 -20.81 -70.21 -4.32
N ARG N 57 -20.11 -69.29 -3.66
CA ARG N 57 -20.77 -68.04 -3.27
C ARG N 57 -21.26 -67.30 -4.54
N LEU N 58 -20.38 -67.02 -5.50
CA LEU N 58 -20.79 -66.36 -6.75
C LEU N 58 -21.75 -67.19 -7.59
N GLY N 59 -21.69 -68.50 -7.45
CA GLY N 59 -22.76 -69.37 -7.96
C GLY N 59 -24.10 -68.73 -7.74
N HIS N 60 -24.41 -68.34 -6.51
CA HIS N 60 -25.72 -67.80 -6.17
C HIS N 60 -25.92 -66.39 -6.67
N ALA N 61 -24.87 -65.57 -6.63
CA ALA N 61 -24.96 -64.17 -7.09
C ALA N 61 -25.18 -64.08 -8.59
N ALA N 62 -24.84 -65.15 -9.29
CA ALA N 62 -25.02 -65.25 -10.71
C ALA N 62 -26.45 -65.64 -11.10
N ARG N 63 -27.15 -66.36 -10.23
CA ARG N 63 -28.56 -66.65 -10.47
C ARG N 63 -29.45 -65.42 -10.31
N ILE N 64 -28.90 -64.39 -9.67
CA ILE N 64 -29.59 -63.13 -9.42
C ILE N 64 -29.35 -62.13 -10.53
N PHE N 65 -28.10 -62.02 -10.96
CA PHE N 65 -27.71 -60.97 -11.90
C PHE N 65 -27.38 -61.59 -13.24
N GLN N 66 -27.38 -60.78 -14.28
CA GLN N 66 -27.30 -61.26 -15.66
C GLN N 66 -25.93 -61.17 -16.25
N ARG N 67 -25.14 -60.22 -15.74
CA ARG N 67 -23.75 -60.04 -16.17
C ARG N 67 -22.83 -59.77 -15.01
N TYR N 68 -21.54 -59.92 -15.27
CA TYR N 68 -20.51 -59.80 -14.26
C TYR N 68 -19.15 -59.55 -14.93
N ALA N 69 -18.35 -58.69 -14.30
CA ALA N 69 -17.00 -58.41 -14.74
C ALA N 69 -16.02 -58.76 -13.62
N VAL N 70 -14.89 -59.35 -13.98
CA VAL N 70 -13.94 -59.85 -12.99
C VAL N 70 -12.98 -58.75 -12.59
N GLU N 71 -13.02 -58.33 -11.33
CA GLU N 71 -12.22 -57.20 -10.86
C GLU N 71 -10.85 -57.66 -10.37
N THR N 72 -10.81 -58.72 -9.54
CA THR N 72 -9.53 -59.42 -9.22
C THR N 72 -9.60 -60.96 -9.31
N LEU N 73 -8.51 -61.57 -9.77
CA LEU N 73 -8.38 -63.02 -9.86
C LEU N 73 -7.00 -63.37 -9.39
N GLU N 74 -6.93 -64.25 -8.40
CA GLU N 74 -5.68 -64.82 -7.96
C GLU N 74 -6.01 -66.25 -7.60
N PHE N 75 -5.10 -67.15 -7.96
CA PHE N 75 -5.24 -68.58 -7.69
C PHE N 75 -4.12 -69.05 -6.78
N GLU N 76 -4.52 -69.77 -5.73
CA GLU N 76 -3.62 -70.16 -4.66
C GLU N 76 -3.47 -71.67 -4.72
N ILE N 77 -2.32 -72.14 -5.20
CA ILE N 77 -2.07 -73.58 -5.33
C ILE N 77 -1.67 -74.06 -3.94
N GLN N 78 -2.36 -75.09 -3.47
CA GLN N 78 -2.18 -75.53 -2.09
C GLN N 78 -2.05 -77.08 -2.03
N PRO N 79 -0.87 -77.59 -2.40
CA PRO N 79 -0.61 -79.02 -2.38
C PRO N 79 -0.24 -79.49 -0.99
N MET N 80 -0.51 -80.76 -0.75
CA MET N 80 -0.46 -81.31 0.59
C MET N 80 0.16 -82.69 0.56
N CYS N 81 1.39 -82.76 1.06
CA CYS N 81 2.25 -83.88 0.83
C CYS N 81 3.42 -83.72 1.77
N PRO N 82 4.25 -84.75 1.93
CA PRO N 82 5.43 -84.59 2.78
C PRO N 82 6.48 -83.69 2.19
N ALA N 83 7.31 -83.13 3.05
CA ALA N 83 8.44 -82.30 2.63
C ALA N 83 9.46 -83.14 1.87
N ASN N 84 9.37 -84.47 1.99
CA ASN N 84 10.18 -85.38 1.18
C ASN N 84 9.50 -85.84 -0.10
N THR N 85 8.99 -84.88 -0.86
CA THR N 85 8.41 -85.12 -2.18
C THR N 85 9.24 -84.36 -3.24
N GLY N 86 9.89 -85.15 -4.11
CA GLY N 86 10.68 -84.63 -5.24
C GLY N 86 9.78 -84.30 -6.41
N GLY N 87 8.98 -83.29 -6.20
CA GLY N 87 7.86 -83.03 -7.05
C GLY N 87 8.20 -81.96 -8.03
N GLY N 88 7.23 -81.06 -8.22
CA GLY N 88 7.31 -80.06 -9.24
C GLY N 88 5.96 -79.86 -9.91
N TYR N 89 5.43 -78.66 -9.80
CA TYR N 89 4.32 -78.22 -10.63
C TYR N 89 4.60 -76.86 -11.28
N VAL N 90 3.86 -76.58 -12.34
CA VAL N 90 3.73 -75.22 -12.85
C VAL N 90 2.25 -74.89 -12.93
N ALA N 91 1.90 -73.69 -12.54
CA ALA N 91 0.50 -73.28 -12.45
C ALA N 91 0.33 -72.00 -13.25
N GLY N 92 -0.74 -71.90 -14.00
CA GLY N 92 -0.92 -70.73 -14.85
C GLY N 92 -2.34 -70.56 -15.29
N PHE N 93 -2.78 -69.31 -15.39
CA PHE N 93 -4.12 -68.99 -15.85
C PHE N 93 -4.09 -68.44 -17.27
N LEU N 94 -4.58 -69.23 -18.23
CA LEU N 94 -4.70 -68.74 -19.61
C LEU N 94 -6.11 -68.24 -19.83
N PRO N 95 -6.24 -67.02 -20.40
CA PRO N 95 -7.51 -66.32 -20.63
C PRO N 95 -8.32 -66.63 -21.86
N ASP N 96 -8.26 -67.81 -22.43
CA ASP N 96 -9.24 -68.22 -23.44
C ASP N 96 -9.95 -69.34 -22.79
N PRO N 97 -11.19 -69.15 -22.40
CA PRO N 97 -11.83 -70.35 -21.88
C PRO N 97 -11.84 -71.47 -22.93
N THR N 98 -11.57 -71.07 -24.18
CA THR N 98 -11.59 -71.96 -25.33
C THR N 98 -10.36 -72.85 -25.49
N ASP N 99 -9.18 -72.30 -25.21
CA ASP N 99 -7.95 -72.87 -25.75
C ASP N 99 -7.38 -74.02 -24.93
N ASN N 100 -7.44 -75.20 -25.54
CA ASN N 100 -6.68 -76.38 -25.16
C ASN N 100 -5.23 -76.18 -25.53
N ASP N 101 -4.38 -75.83 -24.58
CA ASP N 101 -2.97 -75.62 -24.87
C ASP N 101 -2.18 -75.79 -23.58
N HIS N 102 -2.15 -77.03 -23.10
CA HIS N 102 -1.80 -77.31 -21.72
C HIS N 102 -0.40 -77.87 -21.59
N THR N 103 0.54 -76.99 -21.89
CA THR N 103 1.93 -77.35 -21.99
C THR N 103 2.79 -76.35 -21.24
N PHE N 104 3.89 -76.81 -20.65
CA PHE N 104 4.71 -75.95 -19.78
C PHE N 104 4.92 -74.57 -20.37
N ASP N 105 5.54 -74.52 -21.55
CA ASP N 105 5.89 -73.25 -22.18
C ASP N 105 4.67 -72.35 -22.27
N ALA N 106 3.56 -72.90 -22.73
CA ALA N 106 2.31 -72.15 -22.88
C ALA N 106 1.79 -71.56 -21.59
N LEU N 107 1.90 -72.30 -20.50
CA LEU N 107 1.47 -71.80 -19.21
C LEU N 107 2.42 -70.77 -18.70
N GLN N 108 3.70 -70.97 -18.97
CA GLN N 108 4.70 -70.06 -18.44
C GLN N 108 4.68 -68.74 -19.15
N ALA N 109 4.13 -68.71 -20.35
CA ALA N 109 3.98 -67.47 -21.11
C ALA N 109 2.93 -66.52 -20.53
N THR N 110 2.00 -67.03 -19.73
CA THR N 110 1.01 -66.20 -19.05
C THR N 110 1.67 -65.41 -17.90
N ARG N 111 0.92 -64.54 -17.20
CA ARG N 111 1.53 -63.57 -16.27
C ARG N 111 1.75 -64.13 -14.89
N GLY N 112 0.67 -64.62 -14.30
CA GLY N 112 0.75 -65.10 -12.94
C GLY N 112 1.62 -66.33 -12.74
N ALA N 113 2.02 -66.96 -13.86
CA ALA N 113 2.65 -68.27 -13.91
C ALA N 113 3.72 -68.49 -12.85
N VAL N 114 3.53 -69.54 -12.06
CA VAL N 114 4.49 -69.91 -11.04
C VAL N 114 4.92 -71.35 -11.19
N VAL N 115 6.12 -71.65 -10.72
CA VAL N 115 6.64 -73.02 -10.72
C VAL N 115 7.32 -73.26 -9.39
N ALA N 116 7.20 -74.48 -8.88
CA ALA N 116 7.55 -74.73 -7.48
C ALA N 116 7.53 -76.21 -7.14
N LYS N 117 8.21 -76.58 -6.04
CA LYS N 117 8.28 -77.97 -5.61
C LYS N 117 6.91 -78.28 -5.01
N TRP N 118 6.48 -79.55 -4.99
CA TRP N 118 5.10 -79.86 -4.52
C TRP N 118 4.82 -79.62 -3.06
N TRP N 119 5.84 -79.30 -2.27
CA TRP N 119 5.63 -78.87 -0.90
C TRP N 119 5.68 -77.36 -0.70
N GLU N 120 5.64 -76.59 -1.79
CA GLU N 120 5.61 -75.13 -1.73
C GLU N 120 4.23 -74.68 -2.19
N SER N 121 3.55 -73.89 -1.37
CA SER N 121 2.39 -73.13 -1.82
C SER N 121 2.88 -72.06 -2.74
N ARG N 122 1.94 -71.46 -3.44
CA ARG N 122 2.26 -70.42 -4.40
C ARG N 122 0.97 -69.75 -4.84
N THR N 123 1.10 -68.52 -5.33
CA THR N 123 -0.03 -67.82 -5.86
C THR N 123 0.27 -67.40 -7.29
N VAL N 124 -0.73 -67.58 -8.16
CA VAL N 124 -0.69 -66.99 -9.49
C VAL N 124 -1.59 -65.75 -9.48
N ARG N 125 -1.07 -64.71 -10.12
CA ARG N 125 -1.75 -63.45 -10.30
C ARG N 125 -1.90 -63.10 -11.77
N PRO N 126 -2.95 -63.60 -12.42
CA PRO N 126 -2.82 -63.40 -13.82
C PRO N 126 -3.24 -61.99 -14.17
N GLN N 127 -3.05 -61.68 -15.44
CA GLN N 127 -3.72 -60.60 -16.10
C GLN N 127 -4.70 -61.34 -17.01
N TYR N 128 -5.80 -60.68 -17.35
CA TYR N 128 -6.95 -61.38 -17.94
C TYR N 128 -7.81 -60.46 -18.79
N THR N 129 -8.91 -61.03 -19.29
CA THR N 129 -9.99 -60.31 -19.97
C THR N 129 -10.26 -58.90 -19.40
N ARG N 130 -10.55 -58.81 -18.10
CA ARG N 130 -10.87 -57.56 -17.39
C ARG N 130 -12.13 -56.89 -17.99
N THR N 131 -12.95 -57.70 -18.65
CA THR N 131 -14.01 -57.29 -19.58
C THR N 131 -15.34 -57.71 -18.95
N LEU N 132 -16.46 -57.39 -19.60
CA LEU N 132 -17.79 -57.71 -19.04
C LEU N 132 -18.44 -58.97 -19.63
N LEU N 133 -18.69 -59.94 -18.77
CA LEU N 133 -19.12 -61.23 -19.21
C LEU N 133 -20.61 -61.42 -18.92
N TRP N 134 -21.03 -62.68 -18.83
CA TRP N 134 -22.41 -63.08 -18.87
C TRP N 134 -22.53 -64.25 -17.92
N THR N 135 -23.40 -64.10 -16.93
CA THR N 135 -23.58 -65.12 -15.92
C THR N 135 -24.13 -66.40 -16.51
N SER N 136 -24.76 -66.33 -17.68
CA SER N 136 -25.37 -67.48 -18.31
C SER N 136 -24.49 -68.02 -19.47
N SER N 137 -24.50 -69.33 -19.71
CA SER N 137 -23.72 -69.92 -20.82
C SER N 137 -24.13 -69.29 -22.14
N GLY N 138 -23.18 -69.16 -23.04
CA GLY N 138 -23.40 -68.44 -24.29
C GLY N 138 -23.10 -69.35 -25.45
N LYS N 139 -23.51 -68.93 -26.64
CA LYS N 139 -23.15 -69.64 -27.87
C LYS N 139 -21.68 -69.41 -28.19
N GLU N 140 -21.22 -68.19 -27.94
CA GLU N 140 -19.81 -67.81 -27.97
C GLU N 140 -19.40 -67.73 -26.55
N GLN N 141 -18.31 -68.40 -26.20
CA GLN N 141 -17.99 -68.55 -24.79
C GLN N 141 -16.82 -67.73 -24.27
N ARG N 142 -16.37 -66.75 -25.03
CA ARG N 142 -15.40 -65.76 -24.52
C ARG N 142 -16.17 -64.60 -23.93
N LEU N 143 -17.49 -64.75 -23.85
CA LEU N 143 -18.34 -63.83 -23.08
C LEU N 143 -18.91 -64.48 -21.83
N THR N 144 -18.56 -65.73 -21.54
CA THR N 144 -19.14 -66.43 -20.40
C THR N 144 -18.08 -66.66 -19.29
N SER N 145 -16.83 -66.89 -19.69
CA SER N 145 -15.76 -67.20 -18.74
C SER N 145 -14.51 -66.40 -19.07
N PRO N 146 -13.79 -65.93 -18.04
CA PRO N 146 -12.57 -65.18 -18.28
C PRO N 146 -11.36 -66.04 -18.59
N GLY N 147 -11.48 -67.36 -18.49
CA GLY N 147 -10.41 -68.27 -18.87
C GLY N 147 -10.34 -69.46 -17.95
N ARG N 148 -9.22 -70.19 -18.00
CA ARG N 148 -9.07 -71.41 -17.25
C ARG N 148 -7.72 -71.52 -16.55
N LEU N 149 -7.73 -72.24 -15.42
CA LEU N 149 -6.57 -72.41 -14.55
C LEU N 149 -6.00 -73.81 -14.76
N ILE N 150 -4.71 -73.90 -15.06
CA ILE N 150 -4.09 -75.15 -15.42
C ILE N 150 -2.96 -75.47 -14.46
N LEU N 151 -3.00 -76.64 -13.85
CA LEU N 151 -1.88 -77.14 -13.06
C LEU N 151 -1.26 -78.30 -13.78
N LEU N 152 0.05 -78.22 -13.99
CA LEU N 152 0.79 -79.18 -14.77
C LEU N 152 1.84 -79.81 -13.90
N CYS N 153 2.06 -81.12 -14.00
CA CYS N 153 3.19 -81.75 -13.35
C CYS N 153 4.51 -81.27 -13.97
N VAL N 154 5.54 -81.20 -13.12
CA VAL N 154 6.93 -81.04 -13.53
C VAL N 154 7.67 -82.16 -12.83
N GLY N 155 8.55 -82.85 -13.57
CA GLY N 155 9.13 -84.12 -13.09
C GLY N 155 8.08 -85.07 -12.52
N ASN N 156 8.51 -86.08 -11.77
CA ASN N 156 7.53 -86.96 -11.14
C ASN N 156 7.62 -86.91 -9.64
N ASN N 157 6.46 -86.93 -8.99
CA ASN N 157 6.38 -87.01 -7.56
C ASN N 157 6.77 -88.37 -7.01
N THR N 158 7.61 -88.33 -5.97
CA THR N 158 7.96 -89.47 -5.12
C THR N 158 6.79 -89.94 -4.27
N ASP N 159 5.90 -89.01 -3.94
CA ASP N 159 4.83 -89.22 -2.96
C ASP N 159 3.43 -88.79 -3.46
N VAL N 160 2.43 -89.19 -2.71
CA VAL N 160 1.06 -88.77 -2.97
C VAL N 160 0.95 -87.25 -2.71
N VAL N 161 0.25 -86.54 -3.59
CA VAL N 161 -0.10 -85.16 -3.36
C VAL N 161 -1.60 -84.96 -3.46
N ASN N 162 -2.17 -84.27 -2.47
CA ASN N 162 -3.59 -83.93 -2.46
C ASN N 162 -3.78 -82.45 -2.72
N VAL N 163 -3.73 -82.10 -4.00
CA VAL N 163 -3.72 -80.69 -4.39
C VAL N 163 -5.11 -80.09 -4.36
N SER N 164 -5.19 -78.87 -3.85
CA SER N 164 -6.41 -78.09 -3.84
C SER N 164 -6.04 -76.71 -4.39
N VAL N 165 -6.65 -76.30 -5.52
CA VAL N 165 -6.46 -74.91 -5.99
C VAL N 165 -7.64 -74.08 -5.47
N LEU N 166 -7.34 -72.88 -5.01
CA LEU N 166 -8.35 -71.98 -4.50
C LEU N 166 -8.26 -70.76 -5.34
N CYS N 167 -9.39 -70.15 -5.57
CA CYS N 167 -9.43 -68.95 -6.34
C CYS N 167 -9.89 -67.87 -5.42
N ARG N 168 -9.10 -66.79 -5.34
CA ARG N 168 -9.56 -65.59 -4.65
C ARG N 168 -10.06 -64.68 -5.75
N TRP N 169 -11.27 -64.15 -5.55
CA TRP N 169 -11.99 -63.40 -6.58
C TRP N 169 -12.72 -62.19 -6.03
N SER N 170 -12.92 -61.23 -6.94
CA SER N 170 -13.66 -60.03 -6.67
C SER N 170 -14.25 -59.57 -7.99
N VAL N 171 -15.51 -59.22 -7.94
CA VAL N 171 -16.33 -59.27 -9.12
C VAL N 171 -17.41 -58.19 -8.99
N ARG N 172 -17.77 -57.55 -10.10
CA ARG N 172 -18.88 -56.57 -10.12
C ARG N 172 -20.01 -57.05 -11.01
N LEU N 173 -21.16 -57.34 -10.39
CA LEU N 173 -22.34 -57.94 -11.05
C LEU N 173 -23.35 -56.88 -11.46
N SER N 174 -24.04 -57.08 -12.59
CA SER N 174 -24.59 -55.95 -13.34
C SER N 174 -26.08 -55.88 -13.57
N VAL N 175 -26.70 -56.66 -14.44
CA VAL N 175 -28.13 -56.33 -14.72
C VAL N 175 -29.05 -57.32 -14.02
N PRO N 176 -29.98 -56.84 -13.14
CA PRO N 176 -30.84 -57.73 -12.36
C PRO N 176 -31.73 -58.65 -13.15
N SER N 177 -31.97 -59.83 -12.57
CA SER N 177 -32.69 -60.92 -13.23
C SER N 177 -33.00 -62.07 -12.24
N LEU N 178 -33.46 -63.21 -12.74
CA LEU N 178 -33.62 -64.40 -11.89
C LEU N 178 -33.55 -65.65 -12.73
N GLU N 179 -32.38 -65.87 -13.31
CA GLU N 179 -32.14 -66.97 -14.25
C GLU N 179 -32.08 -68.31 -13.49
N ASN N 180 -33.22 -69.00 -13.40
CA ASN N 180 -33.33 -70.25 -12.63
C ASN N 180 -32.07 -71.15 -12.63
N THR O 18 -19.83 -35.08 -34.53
CA THR O 18 -19.43 -36.49 -34.37
C THR O 18 -19.94 -37.35 -35.53
N ASN O 19 -19.36 -38.53 -35.69
CA ASN O 19 -19.75 -39.45 -36.75
C ASN O 19 -21.03 -40.25 -36.42
N ASP O 20 -21.39 -40.28 -35.13
CA ASP O 20 -22.56 -41.05 -34.66
C ASP O 20 -23.91 -40.37 -34.94
N VAL O 21 -24.87 -41.18 -35.35
CA VAL O 21 -26.19 -40.71 -35.77
C VAL O 21 -27.28 -41.19 -34.80
N HIS O 22 -27.99 -40.25 -34.18
CA HIS O 22 -29.01 -40.55 -33.19
C HIS O 22 -30.42 -40.61 -33.82
N LEU O 23 -31.07 -41.77 -33.71
CA LEU O 23 -32.45 -41.98 -34.17
C LEU O 23 -33.37 -42.32 -33.01
N SER O 24 -34.60 -41.81 -33.09
CA SER O 24 -35.63 -42.04 -32.08
C SER O 24 -36.96 -42.30 -32.71
N GLY O 25 -37.78 -43.10 -32.04
CA GLY O 25 -39.12 -43.40 -32.56
C GLY O 25 -39.94 -44.18 -31.57
N MET O 26 -41.11 -44.61 -32.00
CA MET O 26 -41.95 -45.47 -31.18
C MET O 26 -42.80 -46.32 -32.10
N SER O 27 -42.75 -47.64 -31.90
CA SER O 27 -43.30 -48.59 -32.86
C SER O 27 -44.11 -49.66 -32.18
N ARG O 28 -45.08 -50.22 -32.89
CA ARG O 28 -45.82 -51.37 -32.34
C ARG O 28 -45.06 -52.66 -32.52
N ILE O 29 -44.52 -53.18 -31.43
CA ILE O 29 -43.79 -54.44 -31.38
C ILE O 29 -44.68 -55.60 -31.71
N SER O 30 -45.91 -55.58 -31.23
CA SER O 30 -46.81 -56.67 -31.50
C SER O 30 -48.25 -56.30 -31.19
N GLN O 31 -49.17 -57.17 -31.62
CA GLN O 31 -50.59 -57.01 -31.36
C GLN O 31 -51.19 -58.36 -31.23
N ALA O 32 -51.66 -58.67 -30.04
CA ALA O 32 -52.32 -59.95 -29.79
C ALA O 32 -53.78 -59.71 -29.49
N VAL O 33 -54.61 -60.64 -29.92
CA VAL O 33 -56.02 -60.61 -29.58
C VAL O 33 -56.30 -61.82 -28.72
N LEU O 34 -56.76 -61.58 -27.50
CA LEU O 34 -56.91 -62.62 -26.51
C LEU O 34 -58.42 -62.85 -26.29
N PRO O 35 -58.95 -63.97 -26.81
CA PRO O 35 -60.40 -64.14 -26.80
C PRO O 35 -61.01 -64.29 -25.42
N ALA O 36 -62.34 -64.36 -25.42
CA ALA O 36 -63.14 -64.10 -24.23
C ALA O 36 -62.68 -64.77 -22.93
N GLY O 37 -62.24 -66.02 -22.95
CA GLY O 37 -61.92 -66.69 -21.70
C GLY O 37 -60.61 -67.43 -21.66
N THR O 38 -59.70 -67.09 -22.57
CA THR O 38 -58.58 -67.99 -22.89
C THR O 38 -57.24 -67.71 -22.18
N GLY O 39 -57.17 -66.67 -21.36
CA GLY O 39 -55.94 -66.37 -20.60
C GLY O 39 -55.95 -67.09 -19.27
N THR O 40 -54.76 -67.46 -18.76
CA THR O 40 -54.63 -68.00 -17.39
C THR O 40 -53.24 -67.80 -16.86
N ASP O 41 -53.11 -67.80 -15.54
CA ASP O 41 -51.82 -67.55 -14.91
C ASP O 41 -50.70 -68.17 -15.76
N GLY O 42 -49.83 -67.33 -16.30
CA GLY O 42 -48.62 -67.78 -16.99
C GLY O 42 -48.74 -67.87 -18.49
N TYR O 43 -49.93 -67.71 -19.04
CA TYR O 43 -50.09 -67.77 -20.48
C TYR O 43 -49.29 -66.66 -21.16
N VAL O 44 -48.41 -67.03 -22.08
CA VAL O 44 -47.60 -66.04 -22.81
C VAL O 44 -48.39 -65.42 -23.93
N VAL O 45 -48.74 -64.13 -23.83
CA VAL O 45 -49.52 -63.47 -24.89
C VAL O 45 -48.64 -62.71 -25.86
N VAL O 46 -47.47 -62.29 -25.42
CA VAL O 46 -46.51 -61.64 -26.29
C VAL O 46 -45.10 -62.06 -25.89
N ASP O 47 -44.30 -62.34 -26.89
CA ASP O 47 -42.92 -62.73 -26.69
C ASP O 47 -42.09 -62.26 -27.87
N ALA O 48 -41.61 -61.03 -27.78
CA ALA O 48 -41.04 -60.35 -28.93
C ALA O 48 -39.58 -60.06 -28.70
N THR O 49 -38.73 -60.67 -29.53
CA THR O 49 -37.29 -60.43 -29.48
C THR O 49 -36.97 -59.16 -30.26
N ILE O 50 -36.28 -58.24 -29.61
CA ILE O 50 -36.11 -56.88 -30.12
C ILE O 50 -35.00 -56.79 -31.15
N VAL O 51 -35.39 -56.64 -32.40
CA VAL O 51 -34.47 -56.55 -33.53
C VAL O 51 -34.83 -55.29 -34.31
N PRO O 52 -33.88 -54.69 -35.02
CA PRO O 52 -34.21 -53.47 -35.78
C PRO O 52 -35.33 -53.68 -36.80
N ASP O 53 -35.42 -54.89 -37.37
CA ASP O 53 -36.47 -55.19 -38.34
C ASP O 53 -37.88 -55.04 -37.75
N LEU O 54 -37.99 -55.20 -36.44
CA LEU O 54 -39.26 -55.15 -35.75
C LEU O 54 -39.76 -53.72 -35.55
N LEU O 55 -38.84 -52.77 -35.45
CA LEU O 55 -39.16 -51.34 -35.36
C LEU O 55 -39.03 -50.72 -36.76
N PRO O 56 -40.18 -50.44 -37.43
CA PRO O 56 -40.10 -50.24 -38.87
C PRO O 56 -39.16 -49.12 -39.32
N ARG O 57 -39.22 -47.95 -38.68
CA ARG O 57 -38.32 -46.84 -39.03
C ARG O 57 -36.86 -47.22 -38.80
N LEU O 58 -36.57 -47.93 -37.72
CA LEU O 58 -35.21 -48.39 -37.46
C LEU O 58 -34.83 -49.50 -38.43
N GLY O 59 -35.81 -50.28 -38.85
CA GLY O 59 -35.60 -51.32 -39.85
C GLY O 59 -34.95 -50.81 -41.12
N HIS O 60 -35.36 -49.61 -41.52
CA HIS O 60 -34.80 -48.97 -42.70
C HIS O 60 -33.39 -48.47 -42.43
N ALA O 61 -33.18 -47.76 -41.33
CA ALA O 61 -31.87 -47.23 -40.99
C ALA O 61 -30.88 -48.35 -40.66
N ALA O 62 -31.39 -49.52 -40.37
CA ALA O 62 -30.55 -50.70 -40.17
C ALA O 62 -29.77 -51.08 -41.42
N ARG O 63 -30.26 -50.76 -42.61
CA ARG O 63 -29.60 -51.12 -43.85
C ARG O 63 -28.58 -50.08 -44.31
N ILE O 64 -28.45 -48.99 -43.58
CA ILE O 64 -27.54 -47.90 -43.93
C ILE O 64 -26.30 -47.96 -43.08
N PHE O 65 -26.46 -48.32 -41.81
CA PHE O 65 -25.35 -48.48 -40.91
C PHE O 65 -25.21 -49.95 -40.60
N GLN O 66 -24.21 -50.31 -39.81
CA GLN O 66 -23.91 -51.69 -39.56
C GLN O 66 -23.91 -52.09 -38.11
N ARG O 67 -23.52 -51.17 -37.23
CA ARG O 67 -23.70 -51.39 -35.81
C ARG O 67 -24.63 -50.30 -35.21
N TYR O 68 -25.57 -50.74 -34.38
CA TYR O 68 -26.45 -49.86 -33.64
C TYR O 68 -26.30 -50.10 -32.16
N ALA O 69 -26.40 -49.04 -31.37
CA ALA O 69 -26.32 -49.12 -29.91
C ALA O 69 -27.52 -48.47 -29.24
N VAL O 70 -28.11 -49.15 -28.27
CA VAL O 70 -29.39 -48.71 -27.73
C VAL O 70 -29.21 -47.76 -26.58
N GLU O 71 -29.78 -46.56 -26.71
CA GLU O 71 -29.57 -45.50 -25.73
C GLU O 71 -30.76 -45.32 -24.76
N THR O 72 -31.99 -45.44 -25.25
CA THR O 72 -33.16 -45.57 -24.36
C THR O 72 -34.19 -46.58 -24.88
N LEU O 73 -34.75 -47.36 -23.96
CA LEU O 73 -35.81 -48.34 -24.28
C LEU O 73 -36.92 -48.28 -23.26
N GLU O 74 -38.15 -48.25 -23.75
CA GLU O 74 -39.32 -48.39 -22.90
C GLU O 74 -40.37 -49.11 -23.69
N PHE O 75 -41.25 -49.81 -22.99
CA PHE O 75 -42.35 -50.49 -23.64
C PHE O 75 -43.64 -50.06 -23.01
N GLU O 76 -44.57 -49.63 -23.83
CA GLU O 76 -45.86 -49.17 -23.36
C GLU O 76 -46.87 -50.27 -23.65
N ILE O 77 -47.45 -50.84 -22.61
CA ILE O 77 -48.42 -51.89 -22.76
C ILE O 77 -49.79 -51.26 -22.88
N GLN O 78 -50.46 -51.51 -24.01
CA GLN O 78 -51.68 -50.80 -24.34
C GLN O 78 -52.82 -51.77 -24.66
N PRO O 79 -53.38 -52.38 -23.60
CA PRO O 79 -54.45 -53.36 -23.72
C PRO O 79 -55.78 -52.66 -23.86
N MET O 80 -56.63 -53.21 -24.70
CA MET O 80 -57.84 -52.54 -25.07
C MET O 80 -59.01 -53.47 -24.89
N CYS O 81 -59.77 -53.18 -23.83
CA CYS O 81 -60.84 -54.03 -23.40
C CYS O 81 -61.79 -53.19 -22.56
N PRO O 82 -62.97 -53.76 -22.20
CA PRO O 82 -63.86 -52.98 -21.35
C PRO O 82 -63.40 -52.96 -19.91
N ALA O 83 -63.81 -51.93 -19.20
CA ALA O 83 -63.41 -51.73 -17.80
C ALA O 83 -63.92 -52.83 -16.88
N ASN O 84 -64.83 -53.66 -17.39
CA ASN O 84 -65.38 -54.82 -16.67
C ASN O 84 -64.66 -56.13 -16.93
N THR O 85 -63.36 -56.06 -17.18
CA THR O 85 -62.61 -57.24 -17.50
C THR O 85 -61.87 -57.67 -16.27
N GLY O 86 -61.97 -58.95 -15.94
CA GLY O 86 -61.26 -59.52 -14.79
C GLY O 86 -59.87 -59.88 -15.23
N GLY O 87 -59.09 -58.87 -15.51
CA GLY O 87 -57.91 -59.10 -16.27
C GLY O 87 -56.73 -59.34 -15.39
N GLY O 88 -55.57 -58.94 -15.91
CA GLY O 88 -54.31 -59.08 -15.22
C GLY O 88 -53.22 -59.43 -16.19
N TYR O 89 -52.13 -58.67 -16.14
CA TYR O 89 -50.92 -59.04 -16.86
C TYR O 89 -49.68 -58.63 -16.10
N VAL O 90 -48.58 -59.31 -16.40
CA VAL O 90 -47.26 -58.90 -15.97
C VAL O 90 -46.44 -58.77 -17.22
N ALA O 91 -45.75 -57.65 -17.36
CA ALA O 91 -44.95 -57.38 -18.55
C ALA O 91 -43.55 -57.07 -18.11
N GLY O 92 -42.57 -57.61 -18.81
CA GLY O 92 -41.18 -57.40 -18.42
C GLY O 92 -40.26 -57.50 -19.60
N PHE O 93 -39.09 -56.89 -19.50
CA PHE O 93 -38.08 -56.99 -20.54
C PHE O 93 -36.81 -57.66 -20.02
N LEU O 94 -36.61 -58.93 -20.39
CA LEU O 94 -35.38 -59.60 -20.02
C LEU O 94 -34.31 -59.35 -21.08
N PRO O 95 -33.11 -58.89 -20.64
CA PRO O 95 -32.00 -58.49 -21.51
C PRO O 95 -31.23 -59.55 -22.31
N ASP O 96 -31.61 -60.82 -22.30
CA ASP O 96 -31.00 -61.76 -23.26
C ASP O 96 -32.02 -62.14 -24.27
N PRO O 97 -31.68 -61.97 -25.55
CA PRO O 97 -32.59 -62.57 -26.53
C PRO O 97 -32.57 -64.10 -26.43
N THR O 98 -31.52 -64.62 -25.80
CA THR O 98 -31.25 -66.03 -25.68
C THR O 98 -32.34 -66.83 -24.97
N ASP O 99 -32.64 -66.51 -23.70
CA ASP O 99 -33.34 -67.49 -22.84
C ASP O 99 -34.89 -67.42 -22.77
N ASN O 100 -35.46 -68.62 -22.65
CA ASN O 100 -36.90 -68.87 -22.66
C ASN O 100 -37.54 -68.93 -21.28
N ASP O 101 -36.92 -68.34 -20.26
CA ASP O 101 -37.48 -68.40 -18.91
C ASP O 101 -38.66 -67.42 -18.81
N HIS O 102 -39.85 -67.88 -19.20
CA HIS O 102 -41.05 -67.03 -19.25
C HIS O 102 -42.04 -67.32 -18.13
N THR O 103 -41.58 -67.13 -16.90
CA THR O 103 -42.42 -67.31 -15.70
C THR O 103 -42.62 -65.94 -15.01
N PHE O 104 -43.69 -65.81 -14.25
CA PHE O 104 -43.95 -64.56 -13.58
C PHE O 104 -42.77 -64.07 -12.77
N ASP O 105 -42.24 -64.94 -11.92
CA ASP O 105 -41.19 -64.53 -10.98
C ASP O 105 -39.95 -64.02 -11.73
N ALA O 106 -39.65 -64.64 -12.85
CA ALA O 106 -38.50 -64.27 -13.69
C ALA O 106 -38.69 -62.94 -14.36
N LEU O 107 -39.91 -62.65 -14.78
CA LEU O 107 -40.25 -61.30 -15.27
C LEU O 107 -40.17 -60.25 -14.18
N GLN O 108 -40.80 -60.51 -13.04
CA GLN O 108 -40.80 -59.55 -11.93
C GLN O 108 -39.42 -59.28 -11.40
N ALA O 109 -38.47 -60.17 -11.65
CA ALA O 109 -37.08 -59.94 -11.24
C ALA O 109 -36.36 -58.86 -12.03
N THR O 110 -36.85 -58.57 -13.24
CA THR O 110 -36.29 -57.52 -14.11
C THR O 110 -36.76 -56.13 -13.66
N ARG O 111 -36.18 -55.06 -14.20
CA ARG O 111 -36.30 -53.74 -13.59
C ARG O 111 -37.57 -53.07 -14.01
N GLY O 112 -37.85 -53.15 -15.30
CA GLY O 112 -39.03 -52.49 -15.81
C GLY O 112 -40.31 -53.04 -15.22
N ALA O 113 -40.28 -54.33 -14.87
CA ALA O 113 -41.46 -55.15 -14.66
C ALA O 113 -42.65 -54.43 -14.07
N VAL O 114 -43.79 -54.58 -14.72
CA VAL O 114 -45.04 -54.00 -14.25
C VAL O 114 -46.15 -55.06 -14.21
N VAL O 115 -47.09 -54.91 -13.30
CA VAL O 115 -48.30 -55.71 -13.32
C VAL O 115 -49.51 -54.82 -13.14
N ALA O 116 -50.61 -55.20 -13.78
CA ALA O 116 -51.81 -54.38 -13.84
C ALA O 116 -53.00 -55.20 -14.32
N LYS O 117 -54.19 -54.69 -14.07
CA LYS O 117 -55.42 -55.28 -14.61
C LYS O 117 -55.48 -54.93 -16.10
N TRP O 118 -56.18 -55.74 -16.90
CA TRP O 118 -56.13 -55.54 -18.35
C TRP O 118 -56.73 -54.24 -18.84
N TRP O 119 -57.50 -53.55 -18.00
CA TRP O 119 -58.01 -52.25 -18.40
C TRP O 119 -57.15 -51.07 -17.91
N GLU O 120 -55.85 -51.32 -17.73
CA GLU O 120 -54.91 -50.33 -17.23
C GLU O 120 -53.68 -50.32 -18.15
N SER O 121 -53.37 -49.16 -18.72
CA SER O 121 -52.17 -48.97 -19.52
C SER O 121 -51.01 -48.95 -18.59
N ARG O 122 -49.82 -49.22 -19.10
CA ARG O 122 -48.67 -49.35 -18.23
C ARG O 122 -47.38 -49.30 -19.01
N THR O 123 -46.31 -48.83 -18.38
CA THR O 123 -45.04 -48.66 -19.07
C THR O 123 -43.89 -49.35 -18.33
N VAL O 124 -43.19 -50.23 -19.04
CA VAL O 124 -42.03 -50.88 -18.48
C VAL O 124 -40.82 -50.08 -18.93
N ARG O 125 -40.01 -49.72 -17.94
CA ARG O 125 -38.78 -48.95 -18.11
C ARG O 125 -37.59 -49.81 -17.69
N PRO O 126 -37.08 -50.64 -18.61
CA PRO O 126 -36.14 -51.62 -18.17
C PRO O 126 -34.76 -51.09 -18.09
N GLN O 127 -33.86 -51.91 -17.59
CA GLN O 127 -32.42 -51.69 -17.71
C GLN O 127 -31.90 -52.85 -18.54
N TYR O 128 -30.95 -52.53 -19.42
CA TYR O 128 -30.59 -53.39 -20.55
C TYR O 128 -29.08 -53.41 -20.71
N THR O 129 -28.62 -54.05 -21.78
CA THR O 129 -27.19 -54.13 -22.13
C THR O 129 -26.47 -52.78 -22.15
N ARG O 130 -27.08 -51.76 -22.77
CA ARG O 130 -26.53 -50.39 -22.87
C ARG O 130 -25.24 -50.33 -23.70
N THR O 131 -25.04 -51.34 -24.55
CA THR O 131 -23.76 -51.64 -25.20
C THR O 131 -23.89 -51.55 -26.71
N LEU O 132 -22.76 -51.63 -27.42
CA LEU O 132 -22.76 -51.70 -28.90
C LEU O 132 -23.23 -53.04 -29.42
N LEU O 133 -24.02 -53.01 -30.48
CA LEU O 133 -24.65 -54.20 -31.00
C LEU O 133 -24.35 -54.30 -32.49
N TRP O 134 -25.19 -55.02 -33.23
CA TRP O 134 -24.97 -55.33 -34.63
C TRP O 134 -26.29 -55.33 -35.40
N THR O 135 -26.35 -54.58 -36.50
CA THR O 135 -27.63 -54.39 -37.19
C THR O 135 -28.07 -55.62 -37.99
N SER O 136 -27.21 -56.63 -38.08
CA SER O 136 -27.55 -57.86 -38.80
C SER O 136 -27.06 -59.11 -38.09
N SER O 137 -27.70 -60.25 -38.36
CA SER O 137 -27.51 -61.51 -37.63
C SER O 137 -26.07 -61.96 -37.47
N GLY O 138 -25.81 -62.68 -36.39
CA GLY O 138 -24.47 -63.13 -36.04
C GLY O 138 -24.47 -64.58 -35.57
N LYS O 139 -23.27 -65.16 -35.49
CA LYS O 139 -23.11 -66.51 -34.98
C LYS O 139 -23.43 -66.48 -33.48
N GLU O 140 -22.97 -65.42 -32.79
CA GLU O 140 -23.31 -65.14 -31.40
C GLU O 140 -24.30 -64.00 -31.34
N GLN O 141 -25.53 -64.31 -30.93
CA GLN O 141 -26.61 -63.32 -30.99
C GLN O 141 -26.75 -62.44 -29.75
N ARG O 142 -25.73 -62.44 -28.91
CA ARG O 142 -25.66 -61.52 -27.78
C ARG O 142 -25.42 -60.09 -28.26
N LEU O 143 -24.97 -59.93 -29.51
CA LEU O 143 -24.69 -58.61 -30.09
C LEU O 143 -25.62 -58.18 -31.22
N THR O 144 -26.71 -58.91 -31.48
CA THR O 144 -27.65 -58.52 -32.51
C THR O 144 -29.00 -57.99 -31.96
N SER O 145 -29.31 -58.29 -30.69
CA SER O 145 -30.57 -57.86 -30.04
C SER O 145 -30.33 -57.55 -28.55
N PRO O 146 -30.92 -56.45 -28.04
CA PRO O 146 -30.65 -56.05 -26.68
C PRO O 146 -31.48 -56.80 -25.62
N GLY O 147 -32.42 -57.64 -26.05
CA GLY O 147 -33.28 -58.39 -25.15
C GLY O 147 -34.59 -58.73 -25.81
N ARG O 148 -35.59 -59.08 -25.00
CA ARG O 148 -36.91 -59.38 -25.51
C ARG O 148 -38.02 -59.04 -24.52
N LEU O 149 -39.17 -58.65 -25.04
CA LEU O 149 -40.27 -58.15 -24.25
C LEU O 149 -41.28 -59.28 -24.11
N ILE O 150 -41.62 -59.62 -22.87
CA ILE O 150 -42.56 -60.69 -22.60
C ILE O 150 -43.79 -60.13 -21.92
N LEU O 151 -44.96 -60.68 -22.26
CA LEU O 151 -46.20 -60.28 -21.63
C LEU O 151 -46.95 -61.55 -21.23
N LEU O 152 -47.24 -61.66 -19.94
CA LEU O 152 -47.88 -62.83 -19.35
C LEU O 152 -49.24 -62.50 -18.77
N CYS O 153 -50.16 -63.46 -18.86
CA CYS O 153 -51.44 -63.34 -18.18
C CYS O 153 -51.29 -63.51 -16.68
N VAL O 154 -52.09 -62.76 -15.95
CA VAL O 154 -52.27 -62.96 -14.53
C VAL O 154 -53.77 -63.13 -14.37
N GLY O 155 -54.16 -64.13 -13.60
CA GLY O 155 -55.56 -64.54 -13.54
C GLY O 155 -56.07 -64.86 -14.91
N ASN O 156 -57.38 -64.76 -15.12
CA ASN O 156 -57.94 -65.08 -16.42
C ASN O 156 -58.99 -64.08 -16.85
N ASN O 157 -58.87 -63.61 -18.09
CA ASN O 157 -59.72 -62.53 -18.60
C ASN O 157 -61.19 -62.91 -18.80
N THR O 158 -62.08 -62.05 -18.32
CA THR O 158 -63.52 -62.17 -18.48
C THR O 158 -63.99 -61.80 -19.88
N ASP O 159 -63.16 -61.05 -20.60
CA ASP O 159 -63.61 -60.41 -21.81
C ASP O 159 -62.50 -60.39 -22.85
N VAL O 160 -62.82 -59.95 -24.05
CA VAL O 160 -61.85 -59.95 -25.13
C VAL O 160 -60.90 -58.78 -24.95
N VAL O 161 -59.60 -59.06 -25.10
CA VAL O 161 -58.57 -58.06 -24.95
C VAL O 161 -57.79 -57.94 -26.23
N ASN O 162 -57.59 -56.70 -26.71
CA ASN O 162 -56.79 -56.46 -27.92
C ASN O 162 -55.54 -55.71 -27.53
N VAL O 163 -54.58 -56.44 -26.98
CA VAL O 163 -53.37 -55.82 -26.49
C VAL O 163 -52.42 -55.50 -27.62
N SER O 164 -51.89 -54.27 -27.61
CA SER O 164 -50.82 -53.87 -28.52
C SER O 164 -49.67 -53.32 -27.67
N VAL O 165 -48.47 -53.90 -27.77
CA VAL O 165 -47.33 -53.33 -27.04
C VAL O 165 -46.51 -52.46 -27.97
N LEU O 166 -46.06 -51.33 -27.43
CA LEU O 166 -45.33 -50.35 -28.21
C LEU O 166 -43.99 -50.17 -27.59
N CYS O 167 -42.97 -50.09 -28.42
CA CYS O 167 -41.63 -49.89 -27.96
C CYS O 167 -41.23 -48.48 -28.33
N ARG O 168 -40.89 -47.67 -27.33
CA ARG O 168 -40.29 -46.38 -27.64
C ARG O 168 -38.78 -46.53 -27.47
N TRP O 169 -38.05 -46.03 -28.44
CA TRP O 169 -36.65 -46.34 -28.55
C TRP O 169 -35.87 -45.15 -29.01
N SER O 170 -34.62 -45.09 -28.54
CA SER O 170 -33.67 -44.08 -28.92
C SER O 170 -32.36 -44.80 -29.11
N VAL O 171 -31.80 -44.69 -30.30
CA VAL O 171 -30.69 -45.51 -30.75
C VAL O 171 -29.59 -44.66 -31.39
N ARG O 172 -28.31 -44.97 -31.14
CA ARG O 172 -27.22 -44.31 -31.88
C ARG O 172 -26.53 -45.29 -32.86
N LEU O 173 -26.54 -44.92 -34.13
CA LEU O 173 -26.07 -45.77 -35.23
C LEU O 173 -24.67 -45.43 -35.75
N SER O 174 -23.94 -46.46 -36.18
CA SER O 174 -22.51 -46.35 -36.44
C SER O 174 -22.08 -47.16 -37.66
N VAL O 175 -20.82 -47.01 -38.03
CA VAL O 175 -20.22 -47.45 -39.30
C VAL O 175 -21.18 -47.56 -40.50
N PRO O 176 -21.12 -46.58 -41.40
CA PRO O 176 -21.81 -46.60 -42.67
C PRO O 176 -21.59 -47.87 -43.46
N SER O 177 -22.55 -48.20 -44.30
CA SER O 177 -22.69 -49.52 -44.90
C SER O 177 -23.93 -49.55 -45.81
N LEU O 178 -24.19 -50.67 -46.47
CA LEU O 178 -25.38 -50.79 -47.31
C LEU O 178 -25.75 -52.23 -47.62
N GLU O 179 -26.72 -52.76 -46.88
CA GLU O 179 -27.07 -54.17 -47.03
C GLU O 179 -28.33 -54.36 -47.87
N ASN O 180 -28.14 -54.96 -49.05
CA ASN O 180 -29.19 -55.18 -50.04
C ASN O 180 -29.54 -56.65 -50.18
N THR P 18 13.68 7.90 51.73
CA THR P 18 13.21 7.23 52.99
C THR P 18 13.75 7.97 54.22
N ASN P 19 13.15 7.70 55.39
CA ASN P 19 13.54 8.32 56.66
C ASN P 19 14.45 7.41 57.51
N ASP P 20 14.71 6.21 56.99
CA ASP P 20 15.56 5.21 57.61
C ASP P 20 16.99 5.39 57.14
N VAL P 21 17.89 5.47 58.11
CA VAL P 21 19.32 5.64 57.89
C VAL P 21 20.04 4.29 58.04
N HIS P 22 20.64 3.82 56.95
CA HIS P 22 21.47 2.61 56.98
C HIS P 22 22.88 2.93 57.54
N LEU P 23 23.55 1.92 58.08
CA LEU P 23 24.83 2.11 58.76
C LEU P 23 25.53 0.76 58.89
N SER P 24 26.69 0.64 58.26
CA SER P 24 27.46 -0.61 58.25
C SER P 24 28.79 -0.44 58.93
N GLY P 25 29.16 -1.40 59.77
CA GLY P 25 30.51 -1.44 60.32
C GLY P 25 30.94 -2.87 60.51
N MET P 26 32.10 -3.04 61.12
CA MET P 26 32.53 -4.35 61.55
C MET P 26 33.25 -4.22 62.89
N SER P 27 32.84 -5.01 63.90
CA SER P 27 33.26 -4.77 65.29
C SER P 27 33.79 -6.01 65.95
N ARG P 28 34.70 -5.83 66.93
CA ARG P 28 35.11 -6.95 67.75
C ARG P 28 34.12 -7.20 68.88
N ILE P 29 33.38 -8.27 68.76
CA ILE P 29 32.43 -8.70 69.78
C ILE P 29 33.08 -9.21 71.04
N SER P 30 34.23 -9.85 70.91
CA SER P 30 34.89 -10.41 72.07
C SER P 30 36.33 -10.81 71.77
N GLN P 31 37.08 -11.09 72.82
CA GLN P 31 38.44 -11.55 72.67
C GLN P 31 38.71 -12.41 73.89
N ALA P 32 38.66 -13.71 73.71
CA ALA P 32 39.02 -14.58 74.79
C ALA P 32 40.40 -15.09 74.54
N VAL P 33 41.17 -15.31 75.61
CA VAL P 33 42.44 -16.04 75.53
C VAL P 33 42.30 -17.42 76.15
N LEU P 34 42.57 -18.44 75.34
CA LEU P 34 42.44 -19.82 75.75
C LEU P 34 43.81 -20.47 75.85
N PRO P 35 44.21 -20.80 77.07
CA PRO P 35 45.57 -21.10 77.37
C PRO P 35 45.85 -22.58 77.17
N ALA P 36 47.09 -22.93 77.45
CA ALA P 36 47.73 -24.14 76.99
C ALA P 36 46.97 -25.45 77.07
N GLY P 37 46.04 -25.65 78.00
CA GLY P 37 45.43 -26.99 78.08
C GLY P 37 44.04 -27.07 78.65
N THR P 38 43.31 -25.95 78.61
CA THR P 38 42.10 -25.77 79.38
C THR P 38 40.78 -25.95 78.60
N GLY P 39 40.86 -26.11 77.28
CA GLY P 39 39.66 -26.29 76.47
C GLY P 39 39.28 -27.75 76.49
N THR P 40 37.98 -28.04 76.41
CA THR P 40 37.47 -29.41 76.28
C THR P 40 36.07 -29.35 75.71
N ASP P 41 35.62 -30.45 75.11
CA ASP P 41 34.27 -30.52 74.53
C ASP P 41 33.26 -29.76 75.40
N GLY P 42 32.63 -28.75 74.80
CA GLY P 42 31.54 -28.03 75.44
C GLY P 42 31.92 -26.70 76.06
N TYR P 43 33.21 -26.51 76.33
CA TYR P 43 33.71 -25.35 77.07
C TYR P 43 33.40 -24.06 76.31
N VAL P 44 32.68 -23.18 77.00
CA VAL P 44 32.11 -21.98 76.41
C VAL P 44 33.10 -20.82 76.47
N VAL P 45 33.82 -20.59 75.36
CA VAL P 45 34.95 -19.64 75.36
C VAL P 45 34.49 -18.23 75.02
N VAL P 46 33.34 -18.11 74.37
CA VAL P 46 32.77 -16.83 74.07
C VAL P 46 31.29 -17.07 74.05
N ASP P 47 30.56 -16.16 74.69
CA ASP P 47 29.11 -16.18 74.65
C ASP P 47 28.63 -14.74 74.73
N ALA P 48 28.17 -14.22 73.60
CA ALA P 48 28.16 -12.79 73.38
C ALA P 48 26.81 -12.27 72.95
N THR P 49 26.11 -11.62 73.87
CA THR P 49 24.79 -11.11 73.58
C THR P 49 24.91 -9.77 72.85
N ILE P 50 24.47 -9.76 71.59
CA ILE P 50 24.74 -8.67 70.67
C ILE P 50 23.79 -7.49 70.87
N VAL P 51 24.34 -6.38 71.36
CA VAL P 51 23.61 -5.13 71.58
C VAL P 51 24.36 -3.93 70.96
N PRO P 52 23.67 -2.83 70.64
CA PRO P 52 24.40 -1.75 70.01
C PRO P 52 25.65 -1.36 70.78
N ASP P 53 25.57 -1.29 72.11
CA ASP P 53 26.78 -0.96 72.90
C ASP P 53 27.97 -1.82 72.50
N LEU P 54 27.73 -3.10 72.23
CA LEU P 54 28.77 -4.09 71.88
C LEU P 54 29.48 -3.85 70.55
N LEU P 55 28.86 -3.02 69.69
CA LEU P 55 29.39 -2.63 68.39
C LEU P 55 29.65 -1.12 68.42
N PRO P 56 30.88 -0.69 68.73
CA PRO P 56 31.14 0.74 69.04
C PRO P 56 30.51 1.80 68.11
N ARG P 57 30.65 1.66 66.80
CA ARG P 57 30.09 2.68 65.89
C ARG P 57 28.60 2.81 66.08
N LEU P 58 27.87 1.69 66.09
CA LEU P 58 26.42 1.70 66.33
C LEU P 58 26.07 2.26 67.72
N GLY P 59 26.87 1.94 68.73
CA GLY P 59 26.60 2.41 70.08
C GLY P 59 26.46 3.91 70.20
N HIS P 60 27.04 4.66 69.25
CA HIS P 60 26.87 6.11 69.19
C HIS P 60 25.56 6.45 68.50
N ALA P 61 25.32 5.83 67.35
CA ALA P 61 24.07 6.02 66.64
C ALA P 61 22.89 5.54 67.46
N ALA P 62 23.10 4.58 68.35
CA ALA P 62 22.04 4.14 69.29
C ALA P 62 21.45 5.30 70.07
N ARG P 63 22.26 6.31 70.35
CA ARG P 63 21.82 7.45 71.11
C ARG P 63 21.12 8.58 70.29
N ILE P 64 21.14 8.47 68.98
CA ILE P 64 20.48 9.42 68.10
C ILE P 64 19.11 8.93 67.63
N PHE P 65 18.95 7.61 67.52
CA PHE P 65 17.74 6.99 67.03
C PHE P 65 17.18 6.04 68.08
N GLN P 66 15.87 5.85 68.05
CA GLN P 66 15.16 4.99 69.00
C GLN P 66 15.21 3.55 68.57
N ARG P 67 15.25 3.34 67.25
CA ARG P 67 15.04 2.01 66.71
C ARG P 67 15.98 1.67 65.56
N TYR P 68 16.38 0.39 65.55
CA TYR P 68 17.17 -0.22 64.50
C TYR P 68 16.54 -1.54 64.12
N ALA P 69 16.71 -1.91 62.86
CA ALA P 69 16.48 -3.28 62.38
C ALA P 69 17.79 -3.78 61.79
N VAL P 70 18.05 -5.09 61.91
CA VAL P 70 19.25 -5.70 61.34
C VAL P 70 19.02 -6.05 59.86
N GLU P 71 19.82 -5.44 58.98
CA GLU P 71 19.73 -5.75 57.55
C GLU P 71 20.72 -6.89 57.17
N THR P 72 21.94 -6.88 57.70
CA THR P 72 22.86 -8.06 57.63
C THR P 72 23.57 -8.32 58.96
N LEU P 73 24.23 -9.47 59.04
CA LEU P 73 24.84 -9.89 60.28
C LEU P 73 25.69 -11.10 59.99
N GLU P 74 26.99 -10.97 60.17
CA GLU P 74 27.89 -12.12 60.12
C GLU P 74 28.88 -12.04 61.27
N PHE P 75 29.48 -13.17 61.55
CA PHE P 75 30.50 -13.27 62.55
C PHE P 75 31.64 -14.04 61.98
N GLU P 76 32.78 -13.37 61.85
CA GLU P 76 34.03 -13.92 61.40
C GLU P 76 34.84 -14.27 62.62
N ILE P 77 35.00 -15.57 62.86
CA ILE P 77 35.82 -16.09 63.95
C ILE P 77 37.28 -15.97 63.52
N GLN P 78 38.06 -15.31 64.36
CA GLN P 78 39.43 -15.11 64.02
C GLN P 78 40.35 -15.59 65.17
N PRO P 79 40.52 -16.92 65.28
CA PRO P 79 41.38 -17.49 66.28
C PRO P 79 42.85 -17.34 65.91
N MET P 80 43.67 -16.98 66.89
CA MET P 80 45.08 -16.74 66.64
C MET P 80 45.97 -17.63 67.47
N CYS P 81 46.60 -18.59 66.80
CA CYS P 81 47.43 -19.56 67.45
C CYS P 81 48.37 -20.16 66.43
N PRO P 82 49.40 -20.90 66.90
CA PRO P 82 50.23 -21.65 65.98
C PRO P 82 49.45 -22.75 65.28
N ALA P 83 49.93 -23.12 64.08
CA ALA P 83 49.27 -24.11 63.23
C ALA P 83 49.44 -25.52 63.78
N ASN P 84 50.24 -25.67 64.84
CA ASN P 84 50.46 -26.96 65.50
C ASN P 84 49.61 -27.11 66.73
N THR P 85 48.40 -26.56 66.65
CA THR P 85 47.44 -26.61 67.72
C THR P 85 46.41 -27.66 67.35
N GLY P 86 46.05 -28.51 68.31
CA GLY P 86 45.14 -29.64 68.10
C GLY P 86 43.75 -29.33 68.60
N GLY P 87 43.36 -28.09 68.46
CA GLY P 87 42.10 -27.67 68.98
C GLY P 87 40.92 -27.97 68.09
N GLY P 88 40.11 -26.95 67.83
CA GLY P 88 38.78 -27.11 67.30
C GLY P 88 37.77 -26.27 68.02
N TYR P 89 36.87 -25.66 67.23
CA TYR P 89 35.72 -24.97 67.76
C TYR P 89 34.46 -25.26 66.97
N VAL P 90 33.33 -24.90 67.57
CA VAL P 90 32.05 -24.82 66.86
C VAL P 90 31.54 -23.45 67.22
N ALA P 91 31.10 -22.68 66.24
CA ALA P 91 30.51 -21.39 66.50
C ALA P 91 29.16 -21.29 65.84
N GLY P 92 28.28 -20.54 66.48
CA GLY P 92 26.92 -20.42 66.01
C GLY P 92 26.16 -19.29 66.67
N PHE P 93 25.16 -18.82 65.95
CA PHE P 93 24.31 -17.73 66.42
C PHE P 93 22.87 -18.22 66.66
N LEU P 94 22.50 -18.41 67.93
CA LEU P 94 21.11 -18.66 68.31
C LEU P 94 20.41 -17.34 68.50
N PRO P 95 19.27 -17.15 67.82
CA PRO P 95 18.57 -15.85 67.80
C PRO P 95 17.79 -15.44 69.07
N ASP P 96 17.92 -16.18 70.16
CA ASP P 96 17.36 -15.74 71.43
C ASP P 96 18.45 -15.19 72.32
N PRO P 97 18.44 -13.87 72.57
CA PRO P 97 19.31 -13.37 73.64
C PRO P 97 19.01 -14.08 74.97
N THR P 98 17.77 -14.56 75.08
CA THR P 98 17.31 -15.37 76.20
C THR P 98 18.18 -16.62 76.40
N ASP P 99 18.20 -17.48 75.39
CA ASP P 99 18.44 -18.92 75.54
C ASP P 99 19.88 -19.34 75.87
N ASN P 100 20.03 -19.94 77.06
CA ASN P 100 21.30 -20.46 77.57
C ASN P 100 21.55 -21.94 77.23
N ASP P 101 21.12 -22.41 76.07
CA ASP P 101 21.44 -23.79 75.68
C ASP P 101 22.75 -23.79 74.89
N HIS P 102 23.82 -24.09 75.59
CA HIS P 102 25.15 -23.97 75.04
C HIS P 102 25.73 -25.35 74.92
N THR P 103 25.27 -26.06 73.91
CA THR P 103 25.74 -27.39 73.59
C THR P 103 26.07 -27.44 72.10
N PHE P 104 26.92 -28.37 71.71
CA PHE P 104 27.30 -28.45 70.32
C PHE P 104 26.05 -28.57 69.43
N ASP P 105 25.19 -29.52 69.76
CA ASP P 105 24.14 -29.99 68.83
C ASP P 105 23.07 -28.91 68.66
N ALA P 106 22.95 -28.08 69.70
CA ALA P 106 22.09 -26.89 69.68
C ALA P 106 22.62 -25.90 68.68
N LEU P 107 23.92 -25.60 68.76
CA LEU P 107 24.60 -24.73 67.80
C LEU P 107 24.60 -25.24 66.36
N GLN P 108 24.84 -26.54 66.14
CA GLN P 108 24.88 -27.06 64.76
C GLN P 108 23.51 -27.04 64.12
N ALA P 109 22.47 -26.92 64.93
CA ALA P 109 21.10 -26.73 64.42
C ALA P 109 20.91 -25.38 63.71
N THR P 110 21.63 -24.34 64.16
CA THR P 110 21.48 -22.97 63.65
C THR P 110 22.05 -22.86 62.23
N ARG P 111 21.72 -21.79 61.52
CA ARG P 111 21.93 -21.77 60.06
C ARG P 111 23.35 -21.45 59.67
N GLY P 112 24.00 -20.60 60.45
CA GLY P 112 25.38 -20.22 60.13
C GLY P 112 26.38 -21.28 60.50
N ALA P 113 26.00 -22.07 61.48
CA ALA P 113 26.93 -22.87 62.29
C ALA P 113 28.13 -23.45 61.53
N VAL P 114 29.31 -23.22 62.11
CA VAL P 114 30.58 -23.70 61.56
C VAL P 114 31.39 -24.39 62.64
N VAL P 115 32.16 -25.41 62.21
CA VAL P 115 33.20 -25.99 63.03
C VAL P 115 34.49 -26.04 62.23
N ALA P 116 35.60 -25.94 62.94
CA ALA P 116 36.91 -25.79 62.33
C ALA P 116 37.99 -25.93 63.41
N LYS P 117 39.22 -26.21 62.99
CA LYS P 117 40.37 -26.34 63.90
C LYS P 117 40.86 -24.96 64.34
N TRP P 118 41.43 -24.81 65.54
CA TRP P 118 41.72 -23.46 66.02
C TRP P 118 42.63 -22.64 65.10
N TRP P 119 43.33 -23.26 64.17
CA TRP P 119 44.15 -22.48 63.25
C TRP P 119 43.47 -22.14 61.91
N GLU P 120 42.15 -21.88 61.96
CA GLU P 120 41.34 -21.69 60.76
C GLU P 120 40.30 -20.59 61.00
N SER P 121 40.40 -19.48 60.27
CA SER P 121 39.39 -18.40 60.31
C SER P 121 38.18 -19.04 59.78
N ARG P 122 37.04 -18.45 60.06
CA ARG P 122 35.79 -19.04 59.61
C ARG P 122 34.64 -18.09 59.87
N THR P 123 33.68 -18.04 58.95
CA THR P 123 32.55 -17.11 59.05
C THR P 123 31.24 -17.82 59.33
N VAL P 124 30.50 -17.32 60.32
CA VAL P 124 29.12 -17.75 60.47
C VAL P 124 28.21 -16.68 59.89
N ARG P 125 27.22 -17.16 59.13
CA ARG P 125 26.21 -16.38 58.46
C ARG P 125 24.86 -16.89 58.90
N PRO P 126 24.34 -16.34 60.01
CA PRO P 126 23.15 -16.89 60.60
C PRO P 126 21.92 -16.34 59.93
N GLN P 127 20.77 -16.83 60.39
CA GLN P 127 19.49 -16.29 59.97
C GLN P 127 18.75 -15.91 61.26
N TYR P 128 18.05 -14.78 61.20
CA TYR P 128 17.78 -14.02 62.41
C TYR P 128 16.52 -13.19 62.30
N THR P 129 16.16 -12.59 63.44
CA THR P 129 14.94 -11.79 63.63
C THR P 129 14.51 -10.95 62.40
N ARG P 130 15.44 -10.19 61.82
CA ARG P 130 15.15 -9.36 60.66
C ARG P 130 13.89 -8.50 60.93
N THR P 131 13.75 -8.15 62.22
CA THR P 131 12.64 -7.38 62.78
C THR P 131 13.17 -6.10 63.42
N LEU P 132 12.24 -5.25 63.87
CA LEU P 132 12.55 -3.92 64.38
C LEU P 132 12.81 -3.91 65.87
N LEU P 133 13.99 -3.46 66.25
CA LEU P 133 14.42 -3.55 67.63
C LEU P 133 14.57 -2.15 68.17
N TRP P 134 15.17 -2.06 69.35
CA TRP P 134 15.12 -0.86 70.16
C TRP P 134 16.49 -0.57 70.77
N THR P 135 16.94 0.67 70.70
CA THR P 135 18.34 0.98 70.99
C THR P 135 18.66 1.23 72.48
N SER P 136 17.68 1.13 73.39
CA SER P 136 17.95 1.05 74.86
C SER P 136 17.08 -0.01 75.60
N SER P 137 17.47 -0.34 76.84
CA SER P 137 16.92 -1.50 77.60
C SER P 137 15.44 -1.82 77.39
N GLY P 138 15.08 -3.10 77.57
CA GLY P 138 13.68 -3.55 77.50
C GLY P 138 13.27 -4.35 78.73
N LYS P 139 11.96 -4.39 79.02
CA LYS P 139 11.40 -5.30 80.03
C LYS P 139 11.18 -6.66 79.36
N GLU P 140 10.72 -6.61 78.11
CA GLU P 140 10.74 -7.72 77.17
C GLU P 140 11.89 -7.45 76.18
N GLN P 141 12.99 -8.21 76.28
CA GLN P 141 14.17 -7.97 75.43
C GLN P 141 14.27 -8.89 74.21
N ARG P 142 13.12 -9.39 73.77
CA ARG P 142 12.97 -9.92 72.42
C ARG P 142 13.10 -8.73 71.46
N LEU P 143 13.00 -7.50 71.99
CA LEU P 143 13.31 -6.28 71.24
C LEU P 143 14.37 -5.38 72.00
N THR P 144 15.65 -5.76 71.81
CA THR P 144 16.87 -4.91 72.04
C THR P 144 18.22 -5.59 71.63
N SER P 145 18.13 -6.84 71.14
CA SER P 145 19.27 -7.67 70.76
C SER P 145 18.79 -8.80 69.83
N PRO P 146 19.41 -8.95 68.65
CA PRO P 146 18.92 -9.88 67.62
C PRO P 146 19.30 -11.33 67.88
N GLY P 147 20.18 -11.55 68.86
CA GLY P 147 20.58 -12.88 69.31
C GLY P 147 21.87 -12.86 70.11
N ARG P 148 22.46 -14.03 70.30
CA ARG P 148 23.78 -14.12 70.89
C ARG P 148 24.65 -15.16 70.18
N LEU P 149 25.96 -14.94 70.26
CA LEU P 149 26.95 -15.66 69.48
C LEU P 149 27.72 -16.56 70.40
N ILE P 150 27.54 -17.86 70.28
CA ILE P 150 28.28 -18.78 71.16
C ILE P 150 29.43 -19.38 70.39
N LEU P 151 30.55 -19.55 71.09
CA LEU P 151 31.74 -20.16 70.52
C LEU P 151 32.14 -21.22 71.52
N LEU P 152 32.18 -22.46 71.06
CA LEU P 152 32.46 -23.63 71.91
C LEU P 152 33.71 -24.34 71.47
N CYS P 153 34.45 -24.88 72.45
CA CYS P 153 35.59 -25.78 72.14
C CYS P 153 35.10 -27.09 71.60
N VAL P 154 35.97 -27.74 70.85
CA VAL P 154 35.79 -29.12 70.41
C VAL P 154 37.16 -29.76 70.57
N GLY P 155 37.20 -31.02 70.99
CA GLY P 155 38.45 -31.62 71.47
C GLY P 155 39.14 -30.71 72.47
N ASN P 156 40.46 -30.85 72.66
CA ASN P 156 41.22 -29.92 73.51
C ASN P 156 42.47 -29.32 72.86
N ASN P 157 42.72 -28.06 73.16
CA ASN P 157 43.81 -27.31 72.57
C ASN P 157 45.18 -27.66 73.14
N THR P 158 46.10 -27.93 72.21
CA THR P 158 47.51 -28.17 72.44
C THR P 158 48.24 -26.91 72.83
N ASP P 159 47.63 -25.74 72.62
CA ASP P 159 48.41 -24.52 72.77
C ASP P 159 47.54 -23.33 73.16
N VAL P 160 48.19 -22.20 73.44
CA VAL P 160 47.47 -20.96 73.70
C VAL P 160 46.69 -20.57 72.45
N VAL P 161 45.52 -19.98 72.63
CA VAL P 161 44.77 -19.46 71.53
C VAL P 161 44.24 -18.13 71.96
N ASN P 162 44.33 -17.15 71.08
CA ASN P 162 43.86 -15.84 71.41
C ASN P 162 42.76 -15.44 70.45
N VAL P 163 41.58 -16.01 70.69
CA VAL P 163 40.47 -15.83 69.79
C VAL P 163 39.85 -14.43 69.88
N SER P 164 39.43 -13.91 68.73
CA SER P 164 38.81 -12.62 68.62
C SER P 164 37.67 -12.88 67.64
N VAL P 165 36.42 -12.64 68.06
CA VAL P 165 35.28 -12.81 67.15
C VAL P 165 34.88 -11.40 66.72
N LEU P 166 34.65 -11.23 65.41
CA LEU P 166 34.22 -9.96 64.82
C LEU P 166 32.85 -10.08 64.25
N CYS P 167 31.97 -9.17 64.60
CA CYS P 167 30.64 -9.10 63.97
C CYS P 167 30.63 -8.05 62.87
N ARG P 168 30.35 -8.47 61.64
CA ARG P 168 30.14 -7.50 60.56
C ARG P 168 28.64 -7.35 60.46
N TRP P 169 28.20 -6.11 60.27
CA TRP P 169 26.79 -5.75 60.39
C TRP P 169 26.35 -4.66 59.41
N SER P 170 25.06 -4.67 59.10
CA SER P 170 24.41 -3.62 58.37
C SER P 170 23.04 -3.48 59.03
N VAL P 171 22.66 -2.24 59.32
CA VAL P 171 21.60 -1.92 60.24
C VAL P 171 20.85 -0.72 59.70
N ARG P 172 19.53 -0.68 59.80
CA ARG P 172 18.83 0.55 59.42
C ARG P 172 18.18 1.18 60.63
N LEU P 173 18.55 2.42 60.87
CA LEU P 173 18.14 3.16 62.03
C LEU P 173 16.89 4.00 61.68
N SER P 174 16.05 4.25 62.69
CA SER P 174 14.66 4.60 62.43
C SER P 174 14.15 5.94 63.01
N VAL P 175 13.88 5.99 64.31
CA VAL P 175 13.09 7.08 64.85
C VAL P 175 14.02 8.01 65.59
N PRO P 176 14.20 9.23 65.08
CA PRO P 176 15.17 10.09 65.73
C PRO P 176 14.82 10.55 67.14
N SER P 177 15.86 10.69 67.95
CA SER P 177 15.72 10.92 69.37
C SER P 177 17.07 11.36 69.98
N LEU P 178 17.22 11.26 71.30
CA LEU P 178 18.47 11.67 71.94
C LEU P 178 18.59 11.20 73.39
N GLU P 179 19.23 10.04 73.60
CA GLU P 179 19.26 9.43 74.93
C GLU P 179 20.58 9.74 75.63
N ASN P 180 20.67 10.96 76.16
CA ASN P 180 21.74 11.38 77.07
C ASN P 180 21.96 10.35 78.20
N THR Q 18 -12.00 -4.96 51.90
CA THR Q 18 -10.95 -5.37 52.83
C THR Q 18 -11.55 -5.71 54.21
N ASN Q 19 -10.69 -5.80 55.24
CA ASN Q 19 -11.14 -6.14 56.60
C ASN Q 19 -10.75 -5.16 57.71
N ASP Q 20 -9.95 -4.14 57.39
CA ASP Q 20 -9.59 -3.10 58.37
C ASP Q 20 -10.54 -1.89 58.31
N VAL Q 21 -10.91 -1.40 59.50
CA VAL Q 21 -11.90 -0.32 59.67
C VAL Q 21 -11.21 0.97 60.06
N HIS Q 22 -11.31 2.01 59.21
CA HIS Q 22 -10.61 3.28 59.46
C HIS Q 22 -11.44 4.32 60.21
N LEU Q 23 -10.91 4.83 61.33
CA LEU Q 23 -11.58 5.85 62.14
C LEU Q 23 -10.68 7.09 62.25
N SER Q 24 -11.23 8.28 61.97
CA SER Q 24 -10.51 9.55 62.14
C SER Q 24 -11.22 10.49 63.12
N GLY Q 25 -10.47 11.34 63.80
CA GLY Q 25 -11.03 12.29 64.76
C GLY Q 25 -9.95 13.16 65.35
N MET Q 26 -10.35 14.13 66.17
CA MET Q 26 -9.42 15.04 66.86
C MET Q 26 -9.92 15.38 68.25
N SER Q 27 -9.17 15.05 69.29
CA SER Q 27 -9.65 15.23 70.64
C SER Q 27 -8.72 16.06 71.47
N ARG Q 28 -9.24 16.59 72.56
CA ARG Q 28 -8.44 17.30 73.53
C ARG Q 28 -7.80 16.28 74.45
N ILE Q 29 -6.47 16.21 74.40
CA ILE Q 29 -5.66 15.27 75.16
C ILE Q 29 -5.45 15.74 76.57
N SER Q 30 -5.41 17.05 76.74
CA SER Q 30 -5.35 17.60 78.05
C SER Q 30 -5.66 19.07 77.99
N GLN Q 31 -5.82 19.62 79.18
CA GLN Q 31 -5.91 21.03 79.34
C GLN Q 31 -5.22 21.31 80.65
N ALA Q 32 -4.25 22.22 80.60
CA ALA Q 32 -3.52 22.66 81.78
C ALA Q 32 -3.79 24.13 81.96
N VAL Q 33 -3.72 24.60 83.20
CA VAL Q 33 -3.79 26.03 83.46
C VAL Q 33 -2.56 26.39 84.31
N LEU Q 34 -1.64 27.09 83.65
CA LEU Q 34 -0.33 27.48 84.19
C LEU Q 34 -0.33 28.89 84.85
N PRO Q 35 -0.33 28.96 86.19
CA PRO Q 35 -0.58 30.27 86.84
C PRO Q 35 0.50 31.32 86.62
N ALA Q 36 0.14 32.52 87.00
CA ALA Q 36 0.70 33.72 86.40
C ALA Q 36 2.23 33.83 86.35
N GLY Q 37 2.97 33.11 87.19
CA GLY Q 37 4.43 33.19 87.11
C GLY Q 37 5.20 31.88 87.20
N THR Q 38 4.48 30.75 87.26
CA THR Q 38 5.06 29.49 87.71
C THR Q 38 5.81 28.66 86.65
N GLY Q 39 5.84 29.11 85.39
CA GLY Q 39 6.64 28.45 84.35
C GLY Q 39 8.09 28.90 84.42
N THR Q 40 9.02 28.02 84.08
CA THR Q 40 10.46 28.31 84.06
C THR Q 40 11.09 27.30 83.18
N ASP Q 41 12.24 27.63 82.61
CA ASP Q 41 12.90 26.68 81.74
C ASP Q 41 12.75 25.25 82.28
N GLY Q 42 12.09 24.41 81.49
CA GLY Q 42 12.00 23.00 81.77
C GLY Q 42 10.69 22.61 82.37
N TYR Q 43 10.03 23.55 83.04
CA TYR Q 43 8.81 23.24 83.79
C TYR Q 43 7.84 22.45 82.89
N VAL Q 44 7.51 21.24 83.32
CA VAL Q 44 6.60 20.38 82.56
C VAL Q 44 5.15 20.84 82.78
N VAL Q 45 4.45 21.13 81.67
CA VAL Q 45 3.03 21.52 81.75
C VAL Q 45 2.09 20.43 81.22
N VAL Q 46 2.57 19.60 80.30
CA VAL Q 46 1.77 18.52 79.78
C VAL Q 46 2.64 17.32 79.56
N ASP Q 47 2.19 16.17 80.04
CA ASP Q 47 2.84 14.93 79.71
C ASP Q 47 1.74 13.91 79.67
N ALA Q 48 1.23 13.69 78.46
CA ALA Q 48 0.04 12.90 78.27
C ALA Q 48 0.33 11.65 77.46
N THR Q 49 0.08 10.51 78.08
CA THR Q 49 0.26 9.21 77.44
C THR Q 49 -0.98 8.87 76.59
N ILE Q 50 -0.79 8.91 75.29
CA ILE Q 50 -1.86 8.76 74.33
C ILE Q 50 -2.40 7.33 74.32
N VAL Q 51 -3.51 7.15 75.03
CA VAL Q 51 -4.22 5.87 75.04
C VAL Q 51 -5.62 6.09 74.47
N PRO Q 52 -6.31 5.01 74.02
CA PRO Q 52 -7.61 5.19 73.36
C PRO Q 52 -8.64 5.93 74.20
N ASP Q 53 -8.57 5.77 75.51
CA ASP Q 53 -9.48 6.42 76.44
C ASP Q 53 -9.33 7.93 76.44
N LEU Q 54 -8.10 8.39 76.29
CA LEU Q 54 -7.83 9.82 76.17
C LEU Q 54 -8.50 10.46 74.97
N LEU Q 55 -8.81 9.66 73.95
CA LEU Q 55 -9.38 10.14 72.71
C LEU Q 55 -10.81 9.62 72.64
N PRO Q 56 -11.76 10.39 73.16
CA PRO Q 56 -13.07 9.91 73.55
C PRO Q 56 -13.81 9.04 72.51
N ARG Q 57 -13.73 9.37 71.21
CA ARG Q 57 -14.39 8.53 70.17
C ARG Q 57 -13.70 7.18 70.11
N LEU Q 58 -12.39 7.20 69.88
CA LEU Q 58 -11.61 5.97 69.94
C LEU Q 58 -11.82 5.15 71.24
N GLY Q 59 -12.16 5.81 72.34
CA GLY Q 59 -12.54 5.13 73.59
C GLY Q 59 -13.73 4.21 73.45
N HIS Q 60 -14.65 4.56 72.55
CA HIS Q 60 -15.82 3.71 72.27
C HIS Q 60 -15.51 2.61 71.24
N ALA Q 61 -14.68 2.91 70.26
CA ALA Q 61 -14.29 1.92 69.26
C ALA Q 61 -13.44 0.84 69.91
N ALA Q 62 -12.68 1.23 70.93
CA ALA Q 62 -11.84 0.31 71.68
C ALA Q 62 -12.61 -0.79 72.42
N ARG Q 63 -13.92 -0.65 72.59
CA ARG Q 63 -14.71 -1.71 73.17
C ARG Q 63 -15.29 -2.70 72.15
N ILE Q 64 -15.11 -2.42 70.86
CA ILE Q 64 -15.64 -3.23 69.77
C ILE Q 64 -14.55 -4.05 69.08
N PHE Q 65 -13.39 -3.46 68.88
CA PHE Q 65 -12.26 -4.15 68.28
C PHE Q 65 -11.22 -4.44 69.34
N GLN Q 66 -10.17 -5.14 68.91
CA GLN Q 66 -9.12 -5.66 69.79
C GLN Q 66 -7.80 -4.92 69.63
N ARG Q 67 -7.44 -4.61 68.39
CA ARG Q 67 -6.19 -3.97 68.11
C ARG Q 67 -6.37 -2.81 67.15
N TYR Q 68 -5.39 -1.90 67.12
CA TYR Q 68 -5.46 -0.66 66.35
C TYR Q 68 -4.06 -0.17 66.06
N ALA Q 69 -3.85 0.38 64.87
CA ALA Q 69 -2.55 0.86 64.48
C ALA Q 69 -2.67 2.32 64.10
N VAL Q 70 -1.76 3.16 64.60
CA VAL Q 70 -1.84 4.56 64.25
C VAL Q 70 -1.44 4.77 62.79
N GLU Q 71 -2.35 5.39 62.05
CA GLU Q 71 -2.17 5.70 60.66
C GLU Q 71 -1.72 7.15 60.43
N THR Q 72 -2.23 8.09 61.24
CA THR Q 72 -1.72 9.49 61.30
C THR Q 72 -1.75 10.05 62.73
N LEU Q 73 -0.97 11.08 62.98
CA LEU Q 73 -0.88 11.68 64.32
C LEU Q 73 -0.27 13.05 64.23
N GLU Q 74 -1.04 14.06 64.61
CA GLU Q 74 -0.53 15.39 64.80
C GLU Q 74 -1.13 15.89 66.07
N PHE Q 75 -0.46 16.85 66.69
CA PHE Q 75 -0.98 17.49 67.88
C PHE Q 75 -0.96 18.95 67.59
N GLU Q 76 -1.94 19.66 68.14
CA GLU Q 76 -2.11 21.06 67.93
C GLU Q 76 -2.01 21.70 69.28
N ILE Q 77 -1.00 22.55 69.46
CA ILE Q 77 -0.84 23.29 70.71
C ILE Q 77 -1.65 24.55 70.60
N GLN Q 78 -2.53 24.69 71.57
CA GLN Q 78 -3.57 25.69 71.51
C GLN Q 78 -3.66 26.38 72.88
N PRO Q 79 -2.65 27.24 73.16
CA PRO Q 79 -2.54 27.94 74.38
C PRO Q 79 -3.21 29.30 74.25
N MET Q 80 -3.96 29.64 75.28
CA MET Q 80 -4.75 30.84 75.30
C MET Q 80 -4.28 31.75 76.41
N CYS Q 81 -3.94 32.97 76.02
CA CYS Q 81 -3.47 33.98 76.95
C CYS Q 81 -3.51 35.30 76.25
N PRO Q 82 -3.20 36.38 76.98
CA PRO Q 82 -2.98 37.64 76.28
C PRO Q 82 -1.76 37.60 75.34
N ALA Q 83 -1.75 38.53 74.40
CA ALA Q 83 -0.66 38.69 73.46
C ALA Q 83 0.51 39.42 74.07
N ASN Q 84 0.32 39.97 75.28
CA ASN Q 84 1.42 40.56 76.08
C ASN Q 84 1.94 39.57 77.12
N THR Q 85 1.98 38.29 76.79
CA THR Q 85 2.61 37.28 77.64
C THR Q 85 4.03 37.03 77.16
N GLY Q 86 4.97 37.03 78.08
CA GLY Q 86 6.38 36.82 77.74
C GLY Q 86 6.76 35.35 77.76
N GLY Q 87 5.81 34.49 77.50
CA GLY Q 87 6.01 33.06 77.69
C GLY Q 87 6.97 32.35 76.76
N GLY Q 88 6.59 31.15 76.34
CA GLY Q 88 7.47 30.29 75.55
C GLY Q 88 7.21 28.84 75.86
N TYR Q 89 7.10 28.00 74.82
CA TYR Q 89 7.09 26.56 75.00
C TYR Q 89 7.80 25.77 73.94
N VAL Q 90 7.98 24.50 74.25
CA VAL Q 90 8.38 23.51 73.29
C VAL Q 90 7.52 22.26 73.52
N ALA Q 91 7.06 21.70 72.41
CA ALA Q 91 6.14 20.62 72.45
C ALA Q 91 6.64 19.54 71.52
N GLY Q 92 6.76 18.32 72.04
CA GLY Q 92 7.16 17.22 71.20
C GLY Q 92 6.52 15.91 71.59
N PHE Q 93 6.54 14.98 70.65
CA PHE Q 93 6.01 13.66 70.89
C PHE Q 93 7.14 12.66 70.95
N LEU Q 94 7.43 12.12 72.14
CA LEU Q 94 8.35 10.99 72.19
C LEU Q 94 7.57 9.69 72.16
N PRO Q 95 7.99 8.77 71.25
CA PRO Q 95 7.36 7.46 70.98
C PRO Q 95 7.47 6.46 72.08
N ASP Q 96 8.19 6.77 73.12
CA ASP Q 96 8.12 5.92 74.26
C ASP Q 96 7.07 6.42 75.21
N PRO Q 97 5.98 5.65 75.37
CA PRO Q 97 5.11 5.92 76.51
C PRO Q 97 5.88 5.70 77.83
N THR Q 98 7.03 5.03 77.72
CA THR Q 98 7.91 4.67 78.82
C THR Q 98 8.87 5.78 79.31
N ASP Q 99 9.49 6.49 78.38
CA ASP Q 99 10.76 7.17 78.66
C ASP Q 99 10.58 8.56 79.26
N ASN Q 100 11.24 8.76 80.41
CA ASN Q 100 11.08 9.94 81.27
C ASN Q 100 12.17 10.99 81.12
N ASP Q 101 12.63 11.20 79.90
CA ASP Q 101 13.65 12.20 79.63
C ASP Q 101 12.93 13.52 79.22
N HIS Q 102 12.49 14.32 80.19
CA HIS Q 102 11.69 15.52 79.89
C HIS Q 102 12.50 16.79 80.00
N THR Q 103 13.26 17.04 78.94
CA THR Q 103 14.22 18.13 78.84
C THR Q 103 14.17 18.71 77.40
N PHE Q 104 14.44 19.99 77.23
CA PHE Q 104 14.29 20.62 75.90
C PHE Q 104 14.94 19.81 74.76
N ASP Q 105 16.23 19.46 74.88
CA ASP Q 105 16.99 18.91 73.74
C ASP Q 105 16.54 17.50 73.36
N ALA Q 106 15.95 16.81 74.33
CA ALA Q 106 15.35 15.51 74.11
C ALA Q 106 14.11 15.63 73.24
N LEU Q 107 13.30 16.66 73.50
CA LEU Q 107 12.14 16.99 72.67
C LEU Q 107 12.53 17.48 71.28
N GLN Q 108 13.41 18.47 71.20
CA GLN Q 108 13.76 19.02 69.90
C GLN Q 108 14.44 18.02 68.98
N ALA Q 109 15.07 16.99 69.54
CA ALA Q 109 15.65 15.91 68.70
C ALA Q 109 14.61 15.10 67.95
N THR Q 110 13.36 15.14 68.41
CA THR Q 110 12.22 14.52 67.73
C THR Q 110 11.87 15.31 66.44
N ARG Q 111 10.82 14.91 65.74
CA ARG Q 111 10.54 15.44 64.42
C ARG Q 111 9.51 16.52 64.52
N GLY Q 112 8.39 16.19 65.14
CA GLY Q 112 7.30 17.15 65.20
C GLY Q 112 7.65 18.45 65.90
N ALA Q 113 8.66 18.38 66.76
CA ALA Q 113 8.96 19.37 67.78
C ALA Q 113 8.90 20.78 67.28
N VAL Q 114 8.24 21.61 68.08
CA VAL Q 114 7.99 23.02 67.79
C VAL Q 114 8.37 23.91 68.98
N VAL Q 115 8.94 25.08 68.73
CA VAL Q 115 9.04 26.09 69.79
C VAL Q 115 8.38 27.38 69.36
N ALA Q 116 7.77 28.05 70.34
CA ALA Q 116 6.99 29.24 70.08
C ALA Q 116 6.72 30.04 71.36
N LYS Q 117 6.16 31.23 71.17
CA LYS Q 117 5.74 32.09 72.30
C LYS Q 117 4.41 31.53 72.72
N TRP Q 118 3.98 31.83 73.95
CA TRP Q 118 2.70 31.27 74.45
C TRP Q 118 1.43 31.85 73.83
N TRP Q 119 1.59 32.92 73.08
CA TRP Q 119 0.50 33.45 72.26
C TRP Q 119 0.58 33.06 70.76
N GLU Q 120 1.33 31.98 70.47
CA GLU Q 120 1.37 31.37 69.15
C GLU Q 120 0.78 29.95 69.26
N SER Q 121 -0.08 29.58 68.29
CA SER Q 121 -0.55 28.21 68.10
C SER Q 121 0.50 27.49 67.31
N ARG Q 122 0.55 26.17 67.45
CA ARG Q 122 1.57 25.41 66.76
C ARG Q 122 1.12 23.95 66.58
N THR Q 123 1.81 23.20 65.72
CA THR Q 123 1.38 21.84 65.38
C THR Q 123 2.52 20.84 65.25
N VAL Q 124 2.58 19.86 66.15
CA VAL Q 124 3.65 18.85 66.04
C VAL Q 124 3.17 17.71 65.14
N ARG Q 125 4.00 17.45 64.12
CA ARG Q 125 3.80 16.42 63.10
C ARG Q 125 4.91 15.43 63.25
N PRO Q 126 4.79 14.53 64.23
CA PRO Q 126 5.92 13.73 64.60
C PRO Q 126 6.12 12.55 63.69
N GLN Q 127 7.08 11.71 64.06
CA GLN Q 127 7.23 10.39 63.48
C GLN Q 127 7.27 9.41 64.66
N TYR Q 128 6.71 8.22 64.42
CA TYR Q 128 6.24 7.36 65.48
C TYR Q 128 6.17 5.90 65.06
N THR Q 129 5.71 5.07 66.00
CA THR Q 129 5.61 3.61 65.89
C THR Q 129 5.15 2.99 64.53
N ARG Q 130 4.20 3.64 63.85
CA ARG Q 130 3.56 3.12 62.61
C ARG Q 130 2.97 1.72 62.83
N THR Q 131 3.01 1.26 64.09
CA THR Q 131 2.92 -0.14 64.44
C THR Q 131 1.55 -0.46 65.02
N LEU Q 132 1.25 -1.76 65.03
CA LEU Q 132 0.00 -2.25 65.57
C LEU Q 132 0.09 -2.33 67.07
N LEU Q 133 -0.84 -1.67 67.74
CA LEU Q 133 -0.92 -1.69 69.19
C LEU Q 133 -2.17 -2.48 69.56
N TRP Q 134 -2.75 -2.17 70.71
CA TRP Q 134 -3.68 -3.04 71.41
C TRP Q 134 -4.61 -2.19 72.29
N THR Q 135 -5.92 -2.38 72.14
CA THR Q 135 -6.93 -1.43 72.63
C THR Q 135 -7.21 -1.47 74.12
N SER Q 136 -6.67 -2.49 74.81
CA SER Q 136 -6.74 -2.57 76.28
C SER Q 136 -5.40 -3.07 76.87
N SER Q 137 -5.17 -2.79 78.16
CA SER Q 137 -3.83 -2.83 78.79
C SER Q 137 -2.98 -4.08 78.54
N GLY Q 138 -1.68 -3.87 78.35
CA GLY Q 138 -0.72 -4.95 78.09
C GLY Q 138 0.13 -5.29 79.31
N LYS Q 139 0.95 -6.33 79.17
CA LYS Q 139 2.06 -6.60 80.11
C LYS Q 139 3.32 -5.95 79.53
N GLU Q 140 3.52 -6.11 78.22
CA GLU Q 140 4.44 -5.27 77.44
C GLU Q 140 3.62 -4.10 76.88
N GLN Q 141 3.88 -2.89 77.37
CA GLN Q 141 3.06 -1.72 77.02
C GLN Q 141 3.44 -1.06 75.68
N ARG Q 142 4.50 -1.57 75.05
CA ARG Q 142 4.99 -1.03 73.77
C ARG Q 142 3.97 -1.23 72.64
N LEU Q 143 2.94 -2.05 72.89
CA LEU Q 143 1.81 -2.26 71.96
C LEU Q 143 0.41 -1.83 72.54
N THR Q 144 0.34 -0.74 73.32
CA THR Q 144 -0.95 -0.14 73.75
C THR Q 144 -1.05 1.41 73.83
N SER Q 145 0.09 2.10 73.73
CA SER Q 145 0.14 3.56 73.53
C SER Q 145 1.32 3.86 72.61
N PRO Q 146 1.15 4.71 71.60
CA PRO Q 146 2.21 4.89 70.60
C PRO Q 146 3.25 5.94 70.99
N GLY Q 147 3.06 6.57 72.15
CA GLY Q 147 3.99 7.56 72.65
C GLY Q 147 3.34 8.45 73.67
N ARG Q 148 3.97 9.60 73.93
CA ARG Q 148 3.35 10.58 74.81
C ARG Q 148 3.78 11.99 74.46
N LEU Q 149 2.90 12.94 74.78
CA LEU Q 149 2.98 14.29 74.25
C LEU Q 149 3.36 15.20 75.37
N ILE Q 150 4.52 15.84 75.21
CA ILE Q 150 5.19 16.62 76.24
C ILE Q 150 5.19 18.06 75.81
N LEU Q 151 4.97 18.96 76.76
CA LEU Q 151 4.96 20.38 76.50
C LEU Q 151 5.72 21.00 77.66
N LEU Q 152 6.76 21.77 77.35
CA LEU Q 152 7.64 22.34 78.35
C LEU Q 152 7.65 23.85 78.26
N CYS Q 153 7.87 24.52 79.37
CA CYS Q 153 8.03 25.97 79.32
C CYS Q 153 9.39 26.35 78.76
N VAL Q 154 9.43 27.53 78.16
CA VAL Q 154 10.67 28.23 77.87
C VAL Q 154 10.44 29.58 78.49
N GLY Q 155 11.51 30.20 79.00
CA GLY Q 155 11.38 31.45 79.76
C GLY Q 155 10.34 31.30 80.86
N ASN Q 156 9.78 32.41 81.32
CA ASN Q 156 8.60 32.31 82.19
C ASN Q 156 7.43 33.20 81.80
N ASN Q 157 6.25 32.60 81.83
CA ASN Q 157 5.02 33.29 81.56
C ASN Q 157 4.76 34.43 82.54
N THR Q 158 4.57 35.64 81.99
CA THR Q 158 4.20 36.81 82.77
C THR Q 158 2.70 36.88 83.00
N ASP Q 159 1.98 35.89 82.49
CA ASP Q 159 0.53 35.92 82.52
C ASP Q 159 0.00 34.50 82.60
N VAL Q 160 -1.24 34.37 83.07
CA VAL Q 160 -1.87 33.06 83.17
C VAL Q 160 -2.05 32.52 81.77
N VAL Q 161 -1.93 31.20 81.65
CA VAL Q 161 -2.03 30.50 80.38
C VAL Q 161 -2.90 29.25 80.53
N ASN Q 162 -4.04 29.24 79.83
CA ASN Q 162 -4.98 28.11 79.82
C ASN Q 162 -4.74 27.36 78.54
N VAL Q 163 -3.80 26.43 78.57
CA VAL Q 163 -3.41 25.71 77.38
C VAL Q 163 -4.14 24.38 77.27
N SER Q 164 -4.61 24.10 76.06
CA SER Q 164 -5.25 22.85 75.72
C SER Q 164 -4.43 22.29 74.56
N VAL Q 165 -3.99 21.02 74.65
CA VAL Q 165 -3.35 20.38 73.48
C VAL Q 165 -4.38 19.44 72.86
N LEU Q 166 -4.40 19.40 71.54
CA LEU Q 166 -5.35 18.59 70.81
C LEU Q 166 -4.58 17.58 70.01
N CYS Q 167 -5.06 16.35 70.04
CA CYS Q 167 -4.50 15.32 69.21
C CYS Q 167 -5.41 15.15 68.03
N ARG Q 168 -4.88 15.25 66.82
CA ARG Q 168 -5.61 14.81 65.64
C ARG Q 168 -5.00 13.47 65.21
N TRP Q 169 -5.89 12.51 64.99
CA TRP Q 169 -5.54 11.12 64.91
C TRP Q 169 -6.30 10.46 63.81
N SER Q 170 -5.68 9.44 63.23
CA SER Q 170 -6.33 8.56 62.27
C SER Q 170 -5.79 7.16 62.45
N VAL Q 171 -6.67 6.17 62.41
CA VAL Q 171 -6.39 4.85 62.96
C VAL Q 171 -7.09 3.73 62.18
N ARG Q 172 -6.54 2.52 62.17
CA ARG Q 172 -7.25 1.35 61.60
C ARG Q 172 -7.51 0.21 62.61
N LEU Q 173 -8.77 0.05 63.00
CA LEU Q 173 -9.14 -0.86 64.08
C LEU Q 173 -9.25 -2.29 63.55
N SER Q 174 -8.85 -3.28 64.36
CA SER Q 174 -8.33 -4.58 63.86
C SER Q 174 -9.27 -5.78 63.97
N VAL Q 175 -9.33 -6.45 65.13
CA VAL Q 175 -10.01 -7.77 65.17
C VAL Q 175 -11.22 -7.79 66.10
N PRO Q 176 -12.44 -7.86 65.51
CA PRO Q 176 -13.67 -7.74 66.26
C PRO Q 176 -13.68 -8.37 67.66
N SER Q 177 -14.36 -7.69 68.58
CA SER Q 177 -14.38 -8.07 70.00
C SER Q 177 -15.50 -7.34 70.75
N LEU Q 178 -15.68 -7.68 72.03
CA LEU Q 178 -16.63 -6.97 72.88
C LEU Q 178 -16.03 -6.76 74.28
N GLU Q 179 -15.04 -5.88 74.33
CA GLU Q 179 -14.21 -5.69 75.53
C GLU Q 179 -14.95 -4.78 76.53
N ASN Q 180 -15.46 -5.37 77.61
CA ASN Q 180 -16.08 -4.60 78.72
C ASN Q 180 -15.15 -3.52 79.31
N THR R 18 12.20 -21.88 49.46
CA THR R 18 12.23 -21.00 50.62
C THR R 18 12.66 -21.77 51.88
N ASN R 19 13.06 -21.03 52.92
CA ASN R 19 13.47 -21.63 54.20
C ASN R 19 12.30 -22.04 55.09
N ASP R 20 11.11 -21.51 54.80
CA ASP R 20 9.89 -21.76 55.60
C ASP R 20 9.25 -23.12 55.32
N VAL R 21 8.82 -23.78 56.40
CA VAL R 21 8.29 -25.13 56.36
C VAL R 21 6.81 -25.12 56.73
N HIS R 22 5.96 -25.58 55.81
CA HIS R 22 4.51 -25.61 56.01
C HIS R 22 4.01 -26.96 56.55
N LEU R 23 3.42 -26.94 57.74
CA LEU R 23 2.79 -28.11 58.35
C LEU R 23 1.27 -27.94 58.45
N SER R 24 0.53 -29.03 58.25
CA SER R 24 -0.93 -29.03 58.39
C SER R 24 -1.38 -30.27 59.14
N GLY R 25 -2.50 -30.16 59.84
CA GLY R 25 -3.06 -31.30 60.53
C GLY R 25 -4.42 -30.99 61.12
N MET R 26 -4.95 -31.94 61.89
CA MET R 26 -6.20 -31.74 62.61
C MET R 26 -6.19 -32.59 63.84
N SER R 27 -6.43 -31.98 65.00
CA SER R 27 -6.16 -32.61 66.28
C SER R 27 -7.30 -32.38 67.25
N ARG R 28 -7.51 -33.31 68.18
CA ARG R 28 -8.50 -33.09 69.23
C ARG R 28 -7.94 -32.21 70.35
N ILE R 29 -8.40 -30.97 70.37
CA ILE R 29 -8.08 -29.98 71.38
C ILE R 29 -8.54 -30.44 72.76
N SER R 30 -9.73 -31.00 72.84
CA SER R 30 -10.27 -31.41 74.13
C SER R 30 -11.41 -32.40 73.99
N GLN R 31 -11.80 -32.97 75.11
CA GLN R 31 -12.93 -33.86 75.17
C GLN R 31 -13.59 -33.76 76.52
N ALA R 32 -14.80 -33.23 76.55
CA ALA R 32 -15.53 -33.08 77.78
C ALA R 32 -16.72 -34.02 77.77
N VAL R 33 -17.05 -34.52 78.95
CA VAL R 33 -18.26 -35.31 79.10
C VAL R 33 -19.18 -34.51 80.01
N LEU R 34 -20.37 -34.22 79.51
CA LEU R 34 -21.30 -33.34 80.19
C LEU R 34 -22.48 -34.17 80.64
N PRO R 35 -22.57 -34.46 81.95
CA PRO R 35 -23.59 -35.41 82.40
C PRO R 35 -25.04 -34.93 82.27
N ALA R 36 -25.94 -35.85 82.58
CA ALA R 36 -27.33 -35.82 82.13
C ALA R 36 -28.00 -34.47 82.24
N GLY R 37 -27.80 -33.72 83.33
CA GLY R 37 -28.56 -32.49 83.51
C GLY R 37 -27.77 -31.27 83.90
N THR R 38 -26.46 -31.30 83.70
CA THR R 38 -25.55 -30.40 84.44
C THR R 38 -25.16 -29.11 83.71
N GLY R 39 -25.61 -28.93 82.47
CA GLY R 39 -25.30 -27.72 81.71
C GLY R 39 -26.34 -26.65 81.98
N THR R 40 -25.94 -25.38 81.91
CA THR R 40 -26.89 -24.24 81.96
C THR R 40 -26.30 -23.01 81.32
N ASP R 41 -27.17 -22.11 80.89
CA ASP R 41 -26.74 -20.89 80.20
C ASP R 41 -25.44 -20.41 80.80
N GLY R 42 -24.38 -20.42 80.01
CA GLY R 42 -23.10 -19.84 80.39
C GLY R 42 -22.07 -20.80 80.94
N TYR R 43 -22.46 -22.04 81.22
CA TYR R 43 -21.53 -23.03 81.75
C TYR R 43 -20.38 -23.27 80.76
N VAL R 44 -19.14 -23.10 81.22
CA VAL R 44 -17.98 -23.33 80.37
C VAL R 44 -17.68 -24.80 80.31
N VAL R 45 -17.85 -25.42 79.15
CA VAL R 45 -17.54 -26.87 78.99
C VAL R 45 -16.18 -27.12 78.37
N VAL R 46 -15.67 -26.15 77.62
CA VAL R 46 -14.33 -26.23 77.08
C VAL R 46 -13.70 -24.84 77.10
N ASP R 47 -12.43 -24.80 77.51
CA ASP R 47 -11.68 -23.57 77.51
C ASP R 47 -10.24 -23.95 77.29
N ALA R 48 -9.84 -23.94 76.02
CA ALA R 48 -8.56 -24.47 75.61
C ALA R 48 -7.70 -23.38 74.98
N THR R 49 -6.58 -23.11 75.63
CA THR R 49 -5.60 -22.17 75.09
C THR R 49 -4.73 -22.88 74.07
N ILE R 50 -4.66 -22.31 72.89
CA ILE R 50 -4.04 -22.97 71.74
C ILE R 50 -2.52 -22.82 71.76
N VAL R 51 -1.86 -23.92 72.07
CA VAL R 51 -0.40 -24.00 72.14
C VAL R 51 0.04 -25.19 71.29
N PRO R 52 1.26 -25.13 70.73
CA PRO R 52 1.69 -26.25 69.90
C PRO R 52 1.67 -27.60 70.62
N ASP R 53 1.91 -27.61 71.92
CA ASP R 53 1.88 -28.85 72.72
C ASP R 53 0.51 -29.53 72.66
N LEU R 54 -0.53 -28.75 72.45
CA LEU R 54 -1.92 -29.24 72.44
C LEU R 54 -2.26 -29.99 71.16
N LEU R 55 -1.63 -29.61 70.06
CA LEU R 55 -1.76 -30.28 68.76
C LEU R 55 -0.61 -31.25 68.57
N PRO R 56 -0.87 -32.56 68.71
CA PRO R 56 0.24 -33.47 68.99
C PRO R 56 1.32 -33.48 67.89
N ARG R 57 0.93 -33.55 66.63
CA ARG R 57 1.90 -33.51 65.51
C ARG R 57 2.67 -32.22 65.47
N LEU R 58 2.03 -31.10 65.76
CA LEU R 58 2.72 -29.81 65.84
C LEU R 58 3.60 -29.75 67.10
N GLY R 59 3.16 -30.43 68.15
CA GLY R 59 3.93 -30.52 69.39
C GLY R 59 5.35 -31.03 69.17
N HIS R 60 5.49 -31.97 68.25
CA HIS R 60 6.80 -32.54 67.89
C HIS R 60 7.62 -31.58 67.04
N ALA R 61 6.99 -30.98 66.04
CA ALA R 61 7.67 -30.02 65.17
C ALA R 61 7.99 -28.74 65.89
N ALA R 62 7.34 -28.50 67.03
CA ALA R 62 7.63 -27.36 67.90
C ALA R 62 9.04 -27.43 68.46
N ARG R 63 9.59 -28.63 68.62
CA ARG R 63 10.93 -28.80 69.19
C ARG R 63 12.05 -28.73 68.17
N ILE R 64 11.69 -28.56 66.90
CA ILE R 64 12.65 -28.52 65.80
C ILE R 64 12.89 -27.11 65.32
N PHE R 65 11.84 -26.31 65.31
CA PHE R 65 11.93 -24.91 64.98
C PHE R 65 11.69 -24.12 66.23
N GLN R 66 11.73 -22.80 66.11
CA GLN R 66 11.61 -21.94 67.28
C GLN R 66 10.50 -20.90 67.21
N ARG R 67 10.21 -20.41 66.01
CA ARG R 67 9.03 -19.58 65.83
C ARG R 67 8.07 -20.19 64.81
N TYR R 68 6.78 -20.25 65.16
CA TYR R 68 5.73 -20.75 64.29
C TYR R 68 4.72 -19.65 64.02
N ALA R 69 4.20 -19.60 62.80
CA ALA R 69 3.18 -18.61 62.43
C ALA R 69 1.94 -19.31 61.87
N VAL R 70 0.76 -18.90 62.34
CA VAL R 70 -0.48 -19.63 62.04
C VAL R 70 -1.11 -19.13 60.76
N GLU R 71 -1.29 -20.04 59.80
CA GLU R 71 -1.76 -19.67 58.46
C GLU R 71 -3.25 -19.96 58.24
N THR R 72 -3.75 -21.09 58.75
CA THR R 72 -5.21 -21.34 58.83
C THR R 72 -5.63 -22.04 60.13
N LEU R 73 -6.74 -21.58 60.72
CA LEU R 73 -7.30 -22.15 61.95
C LEU R 73 -8.78 -22.33 61.79
N GLU R 74 -9.26 -23.51 62.16
CA GLU R 74 -10.69 -23.76 62.28
C GLU R 74 -10.90 -24.72 63.41
N PHE R 75 -12.08 -24.67 64.01
CA PHE R 75 -12.41 -25.61 65.07
C PHE R 75 -13.71 -26.29 64.73
N GLU R 76 -13.70 -27.62 64.78
CA GLU R 76 -14.86 -28.42 64.47
C GLU R 76 -15.44 -28.93 65.76
N ILE R 77 -16.64 -28.47 66.11
CA ILE R 77 -17.29 -28.89 67.35
C ILE R 77 -18.03 -30.16 67.04
N GLN R 78 -17.71 -31.21 67.75
CA GLN R 78 -18.26 -32.51 67.44
C GLN R 78 -18.89 -33.16 68.68
N PRO R 79 -20.09 -32.69 69.07
CA PRO R 79 -20.81 -33.19 70.21
C PRO R 79 -21.55 -34.46 69.86
N MET R 80 -21.58 -35.38 70.82
CA MET R 80 -22.09 -36.72 70.57
C MET R 80 -23.11 -37.13 71.60
N CYS R 81 -24.35 -37.10 71.16
CA CYS R 81 -25.46 -37.28 72.06
C CYS R 81 -26.65 -37.71 71.22
N PRO R 82 -27.73 -38.14 71.85
CA PRO R 82 -28.88 -38.55 71.06
C PRO R 82 -29.63 -37.35 70.52
N ALA R 83 -30.33 -37.57 69.42
CA ALA R 83 -31.08 -36.50 68.74
C ALA R 83 -32.22 -35.92 69.59
N ASN R 84 -32.52 -36.58 70.71
CA ASN R 84 -33.51 -36.09 71.66
C ASN R 84 -32.96 -35.27 72.82
N THR R 85 -31.89 -34.53 72.56
CA THR R 85 -31.24 -33.77 73.59
C THR R 85 -31.69 -32.32 73.46
N GLY R 86 -32.10 -31.74 74.58
CA GLY R 86 -32.52 -30.33 74.65
C GLY R 86 -31.29 -29.52 74.84
N GLY R 87 -30.45 -29.50 73.83
CA GLY R 87 -29.11 -29.03 74.02
C GLY R 87 -28.94 -27.58 73.73
N GLY R 88 -27.75 -27.23 73.26
CA GLY R 88 -27.43 -25.87 72.91
C GLY R 88 -26.01 -25.56 73.30
N TYR R 89 -25.24 -25.05 72.35
CA TYR R 89 -23.94 -24.49 72.70
C TYR R 89 -23.64 -23.27 71.87
N VAL R 90 -22.73 -22.44 72.36
CA VAL R 90 -22.10 -21.40 71.56
C VAL R 90 -20.60 -21.62 71.65
N ALA R 91 -19.94 -21.60 70.51
CA ALA R 91 -18.51 -21.88 70.45
C ALA R 91 -17.87 -20.73 69.72
N GLY R 92 -16.73 -20.29 70.23
CA GLY R 92 -16.05 -19.15 69.65
C GLY R 92 -14.59 -19.17 69.97
N PHE R 93 -13.80 -18.55 69.10
CA PHE R 93 -12.37 -18.43 69.32
C PHE R 93 -11.97 -16.98 69.53
N LEU R 94 -11.66 -16.61 70.78
CA LEU R 94 -11.12 -15.25 71.05
C LEU R 94 -9.60 -15.18 70.95
N PRO R 95 -9.07 -14.23 70.14
CA PRO R 95 -7.65 -14.17 69.77
C PRO R 95 -6.64 -13.78 70.84
N ASP R 96 -7.04 -13.59 72.09
CA ASP R 96 -6.03 -13.40 73.15
C ASP R 96 -6.01 -14.62 74.03
N PRO R 97 -4.84 -15.25 74.14
CA PRO R 97 -4.77 -16.27 75.20
C PRO R 97 -4.98 -15.63 76.58
N THR R 98 -4.78 -14.32 76.65
CA THR R 98 -4.82 -13.54 77.89
C THR R 98 -6.16 -13.60 78.64
N ASP R 99 -7.24 -13.13 78.04
CA ASP R 99 -8.42 -12.73 78.83
C ASP R 99 -9.50 -13.78 79.05
N ASN R 100 -10.10 -13.69 80.24
CA ASN R 100 -11.09 -14.63 80.77
C ASN R 100 -12.54 -14.21 80.56
N ASP R 101 -12.80 -13.37 79.56
CA ASP R 101 -14.17 -12.90 79.30
C ASP R 101 -14.98 -14.01 78.60
N HIS R 102 -15.53 -14.95 79.40
CA HIS R 102 -16.21 -16.15 78.87
C HIS R 102 -17.74 -16.05 78.98
N THR R 103 -18.31 -15.05 78.33
CA THR R 103 -19.76 -14.83 78.32
C THR R 103 -20.25 -15.03 76.88
N PHE R 104 -21.53 -15.37 76.72
CA PHE R 104 -22.11 -15.58 75.40
C PHE R 104 -21.88 -14.41 74.43
N ASP R 105 -22.19 -13.21 74.88
CA ASP R 105 -22.10 -12.04 74.02
C ASP R 105 -20.67 -11.78 73.53
N ALA R 106 -19.71 -12.06 74.41
CA ALA R 106 -18.30 -11.89 74.08
C ALA R 106 -17.83 -12.90 73.04
N LEU R 107 -18.32 -14.13 73.15
CA LEU R 107 -18.05 -15.17 72.15
C LEU R 107 -18.69 -14.81 70.80
N GLN R 108 -19.98 -14.46 70.82
CA GLN R 108 -20.70 -14.13 69.59
C GLN R 108 -20.16 -12.89 68.90
N ALA R 109 -19.43 -12.06 69.63
CA ALA R 109 -18.73 -10.92 69.03
C ALA R 109 -17.54 -11.31 68.12
N THR R 110 -16.98 -12.51 68.31
CA THR R 110 -15.88 -13.02 67.47
C THR R 110 -16.41 -13.54 66.13
N ARG R 111 -15.51 -13.87 65.19
CA ARG R 111 -15.93 -14.05 63.80
C ARG R 111 -16.40 -15.45 63.57
N GLY R 112 -15.65 -16.40 64.07
CA GLY R 112 -16.03 -17.78 63.85
C GLY R 112 -17.40 -18.12 64.44
N ALA R 113 -17.76 -17.41 65.50
CA ALA R 113 -18.79 -17.82 66.45
C ALA R 113 -19.98 -18.55 65.86
N VAL R 114 -20.28 -19.70 66.43
CA VAL R 114 -21.41 -20.53 66.01
C VAL R 114 -22.26 -20.91 67.21
N VAL R 115 -23.56 -21.07 66.99
CA VAL R 115 -24.44 -21.65 68.00
C VAL R 115 -25.29 -22.73 67.36
N ALA R 116 -25.60 -23.75 68.13
CA ALA R 116 -26.30 -24.92 67.63
C ALA R 116 -26.83 -25.79 68.78
N LYS R 117 -27.76 -26.66 68.45
CA LYS R 117 -28.26 -27.64 69.41
C LYS R 117 -27.20 -28.74 69.56
N TRP R 118 -27.18 -29.41 70.71
CA TRP R 118 -26.08 -30.32 70.96
C TRP R 118 -25.98 -31.49 69.99
N TRP R 119 -27.05 -31.76 69.25
CA TRP R 119 -27.01 -32.85 68.28
C TRP R 119 -26.67 -32.36 66.87
N GLU R 120 -25.95 -31.24 66.79
CA GLU R 120 -25.57 -30.63 65.52
C GLU R 120 -24.05 -30.33 65.55
N SER R 121 -23.34 -30.89 64.57
CA SER R 121 -21.94 -30.57 64.38
C SER R 121 -21.84 -29.17 63.88
N ARG R 122 -20.68 -28.56 64.04
CA ARG R 122 -20.55 -27.17 63.68
C ARG R 122 -19.09 -26.75 63.62
N THR R 123 -18.77 -25.78 62.76
CA THR R 123 -17.37 -25.38 62.53
C THR R 123 -17.20 -23.89 62.70
N VAL R 124 -16.30 -23.52 63.59
CA VAL R 124 -15.99 -22.10 63.79
C VAL R 124 -14.78 -21.78 62.93
N ARG R 125 -14.94 -20.73 62.13
CA ARG R 125 -13.90 -20.25 61.23
C ARG R 125 -13.46 -18.86 61.68
N PRO R 126 -12.54 -18.80 62.63
CA PRO R 126 -12.28 -17.51 63.20
C PRO R 126 -11.33 -16.68 62.37
N GLN R 127 -11.17 -15.43 62.80
CA GLN R 127 -10.10 -14.56 62.35
C GLN R 127 -9.23 -14.31 63.59
N TYR R 128 -7.92 -14.28 63.38
CA TYR R 128 -6.95 -14.42 64.44
C TYR R 128 -5.81 -13.43 64.21
N THR R 129 -4.77 -13.53 65.04
CA THR R 129 -3.56 -12.71 64.91
C THR R 129 -2.94 -12.69 63.51
N ARG R 130 -2.80 -13.86 62.87
CA ARG R 130 -2.23 -14.01 61.51
C ARG R 130 -0.75 -13.61 61.46
N THR R 131 -0.08 -13.64 62.62
CA THR R 131 1.24 -13.06 62.84
C THR R 131 2.27 -14.11 63.27
N LEU R 132 3.53 -13.71 63.33
CA LEU R 132 4.59 -14.58 63.83
C LEU R 132 4.48 -14.76 65.32
N LEU R 133 4.77 -15.97 65.77
CA LEU R 133 4.64 -16.34 67.17
C LEU R 133 5.92 -16.98 67.65
N TRP R 134 5.83 -17.78 68.72
CA TRP R 134 6.96 -18.38 69.39
C TRP R 134 6.64 -19.78 69.86
N THR R 135 7.47 -20.77 69.54
CA THR R 135 7.13 -22.18 69.83
C THR R 135 7.33 -22.57 71.29
N SER R 136 7.86 -21.65 72.10
CA SER R 136 8.02 -21.90 73.53
C SER R 136 7.73 -20.63 74.38
N SER R 137 7.42 -20.87 75.67
CA SER R 137 6.89 -19.83 76.58
C SER R 137 7.69 -18.52 76.62
N GLY R 138 6.99 -17.42 76.88
CA GLY R 138 7.61 -16.10 76.91
C GLY R 138 7.17 -15.32 78.14
N LYS R 139 7.86 -14.22 78.40
CA LYS R 139 7.50 -13.29 79.49
C LYS R 139 6.21 -12.56 79.08
N GLU R 140 6.12 -12.21 77.79
CA GLU R 140 4.88 -11.71 77.17
C GLU R 140 4.27 -12.81 76.30
N GLN R 141 3.12 -13.34 76.71
CA GLN R 141 2.52 -14.50 76.04
C GLN R 141 1.60 -14.15 74.86
N ARG R 142 1.66 -12.90 74.41
CA ARG R 142 0.96 -12.47 73.18
C ARG R 142 1.58 -13.11 71.95
N LEU R 143 2.81 -13.62 72.08
CA LEU R 143 3.51 -14.25 70.96
C LEU R 143 3.74 -15.78 71.11
N THR R 144 3.15 -16.42 72.12
CA THR R 144 3.28 -17.90 72.27
C THR R 144 2.00 -18.73 71.94
N SER R 145 0.86 -18.07 71.83
CA SER R 145 -0.43 -18.70 71.48
C SER R 145 -1.32 -17.72 70.70
N PRO R 146 -2.03 -18.20 69.66
CA PRO R 146 -2.77 -17.30 68.78
C PRO R 146 -4.16 -16.97 69.32
N GLY R 147 -4.55 -17.60 70.42
CA GLY R 147 -5.85 -17.39 71.02
C GLY R 147 -6.30 -18.62 71.78
N ARG R 148 -7.60 -18.70 72.08
CA ARG R 148 -8.15 -19.82 72.80
C ARG R 148 -9.61 -20.08 72.41
N LEU R 149 -9.99 -21.35 72.46
CA LEU R 149 -11.27 -21.81 71.98
C LEU R 149 -12.16 -22.04 73.18
N ILE R 150 -13.32 -21.38 73.18
CA ILE R 150 -14.26 -21.51 74.30
C ILE R 150 -15.56 -22.14 73.83
N LEU R 151 -16.13 -22.98 74.67
CA LEU R 151 -17.39 -23.64 74.36
C LEU R 151 -18.32 -23.48 75.53
N LEU R 152 -19.45 -22.85 75.31
CA LEU R 152 -20.40 -22.53 76.38
C LEU R 152 -21.70 -23.23 76.21
N CYS R 153 -22.34 -23.58 77.31
CA CYS R 153 -23.69 -24.11 77.23
C CYS R 153 -24.70 -23.03 76.89
N VAL R 154 -25.72 -23.42 76.13
CA VAL R 154 -26.92 -22.61 75.91
C VAL R 154 -28.05 -23.51 76.34
N GLY R 155 -28.98 -22.95 77.11
CA GLY R 155 -30.01 -23.75 77.73
C GLY R 155 -29.36 -24.86 78.53
N ASN R 156 -30.09 -25.93 78.80
CA ASN R 156 -29.57 -27.03 79.62
C ASN R 156 -29.87 -28.38 79.01
N ASN R 157 -28.85 -29.22 78.94
CA ASN R 157 -28.95 -30.52 78.29
C ASN R 157 -29.83 -31.53 79.00
N THR R 158 -30.72 -32.17 78.24
CA THR R 158 -31.59 -33.24 78.70
C THR R 158 -30.84 -34.54 78.90
N ASP R 159 -29.71 -34.67 78.23
CA ASP R 159 -29.06 -35.97 78.08
C ASP R 159 -27.54 -35.83 78.15
N VAL R 160 -26.86 -36.96 78.17
CA VAL R 160 -25.40 -36.96 78.30
C VAL R 160 -24.76 -36.61 76.97
N VAL R 161 -23.83 -35.67 76.99
CA VAL R 161 -23.14 -35.20 75.82
C VAL R 161 -21.65 -35.46 75.94
N ASN R 162 -21.05 -36.06 74.91
CA ASN R 162 -19.61 -36.33 74.88
C ASN R 162 -18.96 -35.48 73.81
N VAL R 163 -18.81 -34.20 74.11
CA VAL R 163 -18.28 -33.26 73.14
C VAL R 163 -16.77 -33.40 72.98
N SER R 164 -16.33 -33.44 71.72
CA SER R 164 -14.91 -33.40 71.40
C SER R 164 -14.74 -32.24 70.41
N VAL R 165 -13.88 -31.27 70.72
CA VAL R 165 -13.58 -30.22 69.74
C VAL R 165 -12.28 -30.55 69.04
N LEU R 166 -12.23 -30.28 67.75
CA LEU R 166 -11.08 -30.58 66.93
C LEU R 166 -10.60 -29.30 66.29
N CYS R 167 -9.30 -29.12 66.29
CA CYS R 167 -8.70 -27.95 65.69
C CYS R 167 -8.03 -28.40 64.43
N ARG R 168 -8.46 -27.87 63.30
CA ARG R 168 -7.72 -28.07 62.07
C ARG R 168 -6.85 -26.86 61.88
N TRP R 169 -5.60 -27.10 61.53
CA TRP R 169 -4.56 -26.08 61.56
C TRP R 169 -3.62 -26.22 60.40
N SER R 170 -3.14 -25.08 59.95
CA SER R 170 -2.11 -24.99 58.95
C SER R 170 -1.13 -23.92 59.43
N VAL R 171 0.13 -24.30 59.54
CA VAL R 171 1.14 -23.50 60.22
C VAL R 171 2.41 -23.42 59.39
N ARG R 172 3.06 -22.26 59.34
CA ARG R 172 4.42 -22.17 58.74
C ARG R 172 5.51 -21.93 59.81
N LEU R 173 6.47 -22.86 59.85
CA LEU R 173 7.49 -22.90 60.87
C LEU R 173 8.81 -22.28 60.42
N SER R 174 9.56 -21.72 61.38
CA SER R 174 10.74 -20.89 61.09
C SER R 174 11.84 -21.06 62.14
N VAL R 175 13.00 -20.47 61.83
CA VAL R 175 14.31 -20.68 62.50
C VAL R 175 14.56 -22.04 63.18
N PRO R 176 15.36 -22.89 62.51
CA PRO R 176 15.78 -24.17 63.04
C PRO R 176 16.39 -24.08 64.42
N SER R 177 16.32 -25.17 65.18
CA SER R 177 16.56 -25.13 66.62
C SER R 177 16.42 -26.55 67.16
N LEU R 178 16.57 -26.73 68.47
CA LEU R 178 16.33 -28.04 69.07
C LEU R 178 16.17 -27.93 70.58
N GLU R 179 14.94 -28.00 71.06
CA GLU R 179 14.67 -27.87 72.51
C GLU R 179 14.41 -29.20 73.20
N ASN R 180 15.35 -29.59 74.09
CA ASN R 180 15.34 -30.86 74.80
C ASN R 180 15.05 -30.67 76.29
N THR S 18 -43.81 -2.39 29.23
CA THR S 18 -44.97 -3.33 29.18
C THR S 18 -46.10 -2.84 30.10
N ASN S 19 -47.35 -3.06 29.67
CA ASN S 19 -48.52 -2.76 30.48
C ASN S 19 -48.65 -3.73 31.65
N ASP S 20 -48.01 -4.88 31.50
CA ASP S 20 -48.08 -5.98 32.46
C ASP S 20 -47.31 -5.70 33.73
N VAL S 21 -47.88 -6.22 34.81
CA VAL S 21 -47.44 -5.96 36.15
C VAL S 21 -47.00 -7.28 36.75
N HIS S 22 -45.73 -7.38 37.16
CA HIS S 22 -45.19 -8.63 37.71
C HIS S 22 -45.16 -8.57 39.22
N LEU S 23 -45.76 -9.58 39.86
CA LEU S 23 -46.00 -9.54 41.27
C LEU S 23 -45.73 -10.91 41.86
N SER S 24 -44.90 -10.99 42.90
CA SER S 24 -44.44 -12.26 43.48
C SER S 24 -44.79 -12.40 44.93
N GLY S 25 -44.77 -13.62 45.42
CA GLY S 25 -45.01 -13.86 46.83
C GLY S 25 -44.84 -15.31 47.21
N MET S 26 -45.12 -15.58 48.48
CA MET S 26 -45.26 -16.93 48.99
C MET S 26 -46.34 -16.89 50.05
N SER S 27 -47.37 -17.72 49.91
CA SER S 27 -48.49 -17.64 50.80
C SER S 27 -48.78 -19.01 51.39
N ARG S 28 -49.54 -19.06 52.47
CA ARG S 28 -50.04 -20.32 53.01
C ARG S 28 -51.36 -20.65 52.32
N ILE S 29 -51.35 -21.74 51.54
CA ILE S 29 -52.54 -22.36 50.93
C ILE S 29 -53.49 -22.87 52.02
N SER S 30 -52.94 -23.68 52.93
CA SER S 30 -53.76 -24.32 53.94
C SER S 30 -52.91 -24.80 55.09
N GLN S 31 -53.60 -25.17 56.15
CA GLN S 31 -53.03 -25.78 57.33
C GLN S 31 -54.01 -26.84 57.69
N ALA S 32 -53.52 -28.04 57.90
CA ALA S 32 -54.37 -29.12 58.35
C ALA S 32 -53.69 -29.72 59.57
N VAL S 33 -54.49 -30.06 60.58
CA VAL S 33 -54.00 -30.84 61.70
C VAL S 33 -54.45 -32.28 61.46
N LEU S 34 -53.57 -33.24 61.72
CA LEU S 34 -53.85 -34.64 61.40
C LEU S 34 -53.73 -35.48 62.65
N PRO S 35 -54.87 -35.78 63.30
CA PRO S 35 -54.78 -36.34 64.63
C PRO S 35 -54.10 -37.70 64.74
N ALA S 36 -53.82 -38.05 65.97
CA ALA S 36 -52.93 -39.13 66.34
C ALA S 36 -52.75 -40.26 65.32
N GLY S 37 -53.83 -40.88 64.84
CA GLY S 37 -53.67 -42.10 64.03
C GLY S 37 -54.66 -42.23 62.92
N THR S 38 -55.03 -41.10 62.34
CA THR S 38 -56.19 -41.01 61.51
C THR S 38 -55.88 -40.90 60.00
N GLY S 39 -54.61 -41.10 59.62
CA GLY S 39 -54.20 -41.14 58.21
C GLY S 39 -54.14 -42.57 57.68
N THR S 40 -54.16 -42.73 56.36
CA THR S 40 -53.96 -44.06 55.73
C THR S 40 -53.83 -43.93 54.24
N ASP S 41 -53.17 -44.89 53.60
CA ASP S 41 -52.93 -44.80 52.16
C ASP S 41 -54.15 -44.25 51.42
N GLY S 42 -54.02 -43.05 50.84
CA GLY S 42 -55.06 -42.45 49.98
C GLY S 42 -55.89 -41.34 50.62
N TYR S 43 -55.85 -41.27 51.95
CA TYR S 43 -56.59 -40.26 52.72
C TYR S 43 -56.15 -38.90 52.29
N VAL S 44 -57.12 -38.11 51.82
CA VAL S 44 -56.84 -36.78 51.29
C VAL S 44 -56.81 -35.82 52.46
N VAL S 45 -55.65 -35.17 52.66
CA VAL S 45 -55.43 -34.15 53.74
C VAL S 45 -55.51 -32.69 53.26
N VAL S 46 -55.17 -32.47 52.00
CA VAL S 46 -55.28 -31.14 51.41
C VAL S 46 -55.70 -31.25 49.94
N ASP S 47 -56.70 -30.45 49.61
CA ASP S 47 -57.24 -30.40 48.29
C ASP S 47 -57.65 -28.95 48.18
N ALA S 48 -56.99 -28.22 47.28
CA ALA S 48 -56.95 -26.79 47.37
C ALA S 48 -56.77 -26.15 46.02
N THR S 49 -57.90 -25.76 45.44
CA THR S 49 -57.92 -25.21 44.10
C THR S 49 -57.39 -23.79 44.09
N ILE S 50 -56.20 -23.62 43.51
CA ILE S 50 -55.50 -22.32 43.45
C ILE S 50 -56.26 -21.21 42.68
N VAL S 51 -56.55 -20.12 43.39
CA VAL S 51 -57.14 -18.89 42.84
C VAL S 51 -56.70 -17.70 43.69
N PRO S 52 -56.68 -16.51 43.12
CA PRO S 52 -56.10 -15.36 43.83
C PRO S 52 -56.66 -15.04 45.23
N ASP S 53 -57.86 -15.50 45.56
CA ASP S 53 -58.34 -15.30 46.93
C ASP S 53 -57.61 -16.19 47.91
N LEU S 54 -57.10 -17.30 47.45
CA LEU S 54 -56.37 -18.23 48.31
C LEU S 54 -54.99 -17.66 48.73
N LEU S 55 -54.40 -16.85 47.86
CA LEU S 55 -53.05 -16.32 48.06
C LEU S 55 -53.20 -14.85 48.41
N PRO S 56 -53.17 -14.51 49.72
CA PRO S 56 -53.64 -13.21 50.24
C PRO S 56 -53.19 -11.92 49.49
N ARG S 57 -51.89 -11.73 49.26
CA ARG S 57 -51.43 -10.55 48.51
C ARG S 57 -51.99 -10.50 47.09
N LEU S 58 -51.99 -11.64 46.40
CA LEU S 58 -52.67 -11.73 45.11
C LEU S 58 -54.15 -11.34 45.19
N GLY S 59 -54.84 -11.83 46.22
CA GLY S 59 -56.24 -11.53 46.44
C GLY S 59 -56.62 -10.07 46.39
N HIS S 60 -55.65 -9.20 46.71
CA HIS S 60 -55.82 -7.73 46.59
C HIS S 60 -55.50 -7.22 45.20
N ALA S 61 -54.46 -7.78 44.58
CA ALA S 61 -54.04 -7.39 43.24
C ALA S 61 -54.97 -7.89 42.14
N ALA S 62 -55.66 -9.01 42.40
CA ALA S 62 -56.71 -9.50 41.53
C ALA S 62 -57.97 -8.63 41.58
N ARG S 63 -58.17 -7.84 42.63
CA ARG S 63 -59.27 -6.86 42.65
C ARG S 63 -59.03 -5.71 41.68
N ILE S 64 -57.76 -5.42 41.44
CA ILE S 64 -57.35 -4.32 40.56
C ILE S 64 -57.22 -4.65 39.05
N PHE S 65 -57.05 -5.91 38.67
CA PHE S 65 -56.90 -6.29 37.27
C PHE S 65 -57.90 -7.39 36.93
N GLN S 66 -58.06 -7.68 35.63
CA GLN S 66 -59.05 -8.68 35.15
C GLN S 66 -58.41 -9.99 34.79
N ARG S 67 -57.18 -9.94 34.30
CA ARG S 67 -56.49 -11.15 33.92
C ARG S 67 -55.16 -11.30 34.61
N TYR S 68 -54.75 -12.56 34.76
CA TYR S 68 -53.42 -12.90 35.24
C TYR S 68 -52.96 -14.19 34.59
N ALA S 69 -51.66 -14.42 34.69
CA ALA S 69 -51.00 -15.58 34.09
C ALA S 69 -49.95 -16.13 35.05
N VAL S 70 -50.08 -17.38 35.45
CA VAL S 70 -49.12 -17.92 36.40
C VAL S 70 -47.77 -18.10 35.75
N GLU S 71 -46.79 -17.30 36.16
CA GLU S 71 -45.44 -17.35 35.56
C GLU S 71 -44.51 -18.36 36.25
N THR S 72 -44.52 -18.43 37.58
CA THR S 72 -43.97 -19.62 38.26
C THR S 72 -44.86 -20.05 39.41
N LEU S 73 -44.87 -21.36 39.65
CA LEU S 73 -45.60 -21.96 40.76
C LEU S 73 -44.74 -23.03 41.40
N GLU S 74 -44.73 -23.03 42.73
CA GLU S 74 -44.06 -24.05 43.56
C GLU S 74 -44.79 -24.15 44.86
N PHE S 75 -44.84 -25.34 45.43
CA PHE S 75 -45.51 -25.53 46.69
C PHE S 75 -44.55 -26.17 47.66
N GLU S 76 -44.50 -25.61 48.84
CA GLU S 76 -43.67 -26.11 49.91
C GLU S 76 -44.54 -26.76 50.99
N ILE S 77 -44.37 -28.08 51.13
CA ILE S 77 -45.13 -28.88 52.07
C ILE S 77 -44.36 -28.82 53.35
N GLN S 78 -44.96 -28.20 54.35
CA GLN S 78 -44.27 -27.96 55.61
C GLN S 78 -44.98 -28.63 56.78
N PRO S 79 -44.74 -29.94 56.94
CA PRO S 79 -45.34 -30.68 58.03
C PRO S 79 -44.58 -30.48 59.32
N MET S 80 -45.33 -30.40 60.41
CA MET S 80 -44.74 -30.14 61.73
C MET S 80 -45.14 -31.13 62.84
N CYS S 81 -44.36 -32.20 62.87
CA CYS S 81 -44.55 -33.29 63.81
C CYS S 81 -43.18 -33.64 64.40
N PRO S 82 -43.15 -34.64 65.31
CA PRO S 82 -41.85 -35.07 65.83
C PRO S 82 -41.18 -36.11 64.95
N ALA S 83 -39.84 -36.14 64.97
CA ALA S 83 -39.01 -37.08 64.20
C ALA S 83 -39.25 -38.59 64.46
N ASN S 84 -40.06 -38.93 65.46
CA ASN S 84 -40.54 -40.31 65.65
C ASN S 84 -41.96 -40.50 65.15
N THR S 85 -42.18 -40.14 63.89
CA THR S 85 -43.48 -40.24 63.32
C THR S 85 -43.36 -41.11 62.09
N GLY S 86 -44.16 -42.17 62.06
CA GLY S 86 -44.13 -43.12 60.96
C GLY S 86 -45.03 -42.65 59.85
N GLY S 87 -44.92 -41.38 59.54
CA GLY S 87 -45.84 -40.77 58.62
C GLY S 87 -45.42 -41.04 57.20
N GLY S 88 -45.80 -40.13 56.31
CA GLY S 88 -45.59 -40.34 54.90
C GLY S 88 -46.66 -39.64 54.10
N TYR S 89 -46.26 -39.01 53.00
CA TYR S 89 -47.18 -38.29 52.16
C TYR S 89 -46.76 -38.28 50.73
N VAL S 90 -47.73 -38.03 49.84
CA VAL S 90 -47.47 -37.64 48.45
C VAL S 90 -48.23 -36.35 48.16
N ALA S 91 -47.52 -35.34 47.68
CA ALA S 91 -48.18 -34.14 47.27
C ALA S 91 -47.83 -33.93 45.81
N GLY S 92 -48.82 -33.55 45.04
CA GLY S 92 -48.63 -33.28 43.62
C GLY S 92 -49.60 -32.19 43.24
N PHE S 93 -49.20 -31.42 42.24
CA PHE S 93 -50.05 -30.39 41.65
C PHE S 93 -50.58 -30.88 40.34
N LEU S 94 -51.88 -31.21 40.28
CA LEU S 94 -52.52 -31.47 38.98
C LEU S 94 -53.19 -30.19 38.44
N PRO S 95 -53.00 -29.91 37.13
CA PRO S 95 -53.54 -28.74 36.39
C PRO S 95 -54.90 -28.86 35.69
N ASP S 96 -55.92 -29.46 36.30
CA ASP S 96 -57.32 -29.17 35.94
C ASP S 96 -57.89 -28.72 37.24
N PRO S 97 -58.31 -27.46 37.33
CA PRO S 97 -59.13 -27.21 38.49
C PRO S 97 -60.29 -28.22 38.58
N THR S 98 -60.65 -28.78 37.42
CA THR S 98 -61.81 -29.65 37.29
C THR S 98 -61.63 -31.13 37.66
N ASP S 99 -60.40 -31.65 37.84
CA ASP S 99 -60.21 -33.11 37.97
C ASP S 99 -60.02 -33.62 39.38
N ASN S 100 -60.83 -34.62 39.72
CA ASN S 100 -60.85 -35.23 41.03
C ASN S 100 -60.12 -36.54 41.18
N ASP S 101 -59.10 -36.77 40.35
CA ASP S 101 -58.33 -38.00 40.47
C ASP S 101 -57.41 -37.80 41.71
N HIS S 102 -57.92 -38.16 42.90
CA HIS S 102 -57.19 -38.00 44.18
C HIS S 102 -56.56 -39.29 44.66
N THR S 103 -55.78 -39.90 43.79
CA THR S 103 -55.11 -41.16 44.05
C THR S 103 -53.62 -41.03 43.83
N PHE S 104 -52.85 -41.81 44.58
CA PHE S 104 -51.39 -41.75 44.53
C PHE S 104 -50.82 -41.68 43.12
N ASP S 105 -51.27 -42.58 42.26
CA ASP S 105 -50.66 -42.73 40.94
C ASP S 105 -50.92 -41.50 40.06
N ALA S 106 -52.11 -40.92 40.21
CA ALA S 106 -52.50 -39.70 39.48
C ALA S 106 -51.70 -38.46 39.90
N LEU S 107 -51.30 -38.43 41.18
CA LEU S 107 -50.43 -37.38 41.72
C LEU S 107 -48.99 -37.58 41.25
N GLN S 108 -48.42 -38.76 41.51
CA GLN S 108 -47.05 -39.03 41.06
C GLN S 108 -46.97 -38.93 39.56
N ALA S 109 -48.11 -39.08 38.91
CA ALA S 109 -48.20 -38.81 37.46
C ALA S 109 -47.87 -37.37 37.00
N THR S 110 -48.02 -36.37 37.89
CA THR S 110 -47.75 -34.97 37.56
C THR S 110 -46.28 -34.70 37.83
N ARG S 111 -45.79 -33.49 37.54
CA ARG S 111 -44.35 -33.25 37.43
C ARG S 111 -43.71 -32.99 38.76
N GLY S 112 -44.29 -32.07 39.54
CA GLY S 112 -43.69 -31.74 40.83
C GLY S 112 -43.72 -32.92 41.80
N ALA S 113 -44.82 -33.66 41.76
CA ALA S 113 -45.09 -34.78 42.65
C ALA S 113 -43.94 -35.28 43.52
N VAL S 114 -44.08 -35.06 44.81
CA VAL S 114 -43.13 -35.54 45.79
C VAL S 114 -43.75 -36.47 46.82
N VAL S 115 -42.93 -37.40 47.34
CA VAL S 115 -43.27 -38.17 48.52
C VAL S 115 -42.16 -38.04 49.54
N ALA S 116 -42.56 -37.97 50.81
CA ALA S 116 -41.59 -38.06 51.88
C ALA S 116 -42.26 -38.56 53.13
N LYS S 117 -41.46 -38.72 54.17
CA LYS S 117 -41.94 -38.96 55.56
C LYS S 117 -42.45 -37.65 56.18
N TRP S 118 -43.35 -37.74 57.15
CA TRP S 118 -44.00 -36.52 57.62
C TRP S 118 -43.05 -35.60 58.39
N TRP S 119 -41.87 -36.08 58.73
CA TRP S 119 -40.90 -35.23 59.39
C TRP S 119 -39.84 -34.71 58.42
N GLU S 120 -40.30 -34.31 57.23
CA GLU S 120 -39.37 -33.94 56.15
C GLU S 120 -40.06 -33.00 55.20
N SER S 121 -39.63 -31.74 55.21
CA SER S 121 -40.15 -30.70 54.30
C SER S 121 -39.80 -31.03 52.88
N ARG S 122 -40.53 -30.47 51.94
CA ARG S 122 -40.40 -30.89 50.54
C ARG S 122 -41.11 -29.94 49.54
N THR S 123 -40.50 -29.70 48.38
CA THR S 123 -41.04 -28.72 47.44
C THR S 123 -41.48 -29.36 46.13
N VAL S 124 -42.72 -29.11 45.73
CA VAL S 124 -43.24 -29.58 44.44
C VAL S 124 -42.99 -28.46 43.41
N ARG S 125 -42.38 -28.85 42.31
CA ARG S 125 -41.98 -27.96 41.23
C ARG S 125 -42.70 -28.38 39.98
N PRO S 126 -43.96 -27.96 39.84
CA PRO S 126 -44.76 -28.49 38.77
C PRO S 126 -44.61 -27.69 37.47
N GLN S 127 -45.04 -28.29 36.37
CA GLN S 127 -45.33 -27.61 35.12
C GLN S 127 -46.85 -27.55 35.04
N TYR S 128 -47.34 -26.48 34.43
CA TYR S 128 -48.72 -26.01 34.64
C TYR S 128 -49.17 -25.17 33.46
N THR S 129 -50.31 -24.52 33.63
CA THR S 129 -50.92 -23.72 32.56
C THR S 129 -49.94 -22.87 31.74
N ARG S 130 -49.34 -21.85 32.36
CA ARG S 130 -48.51 -20.86 31.64
C ARG S 130 -49.35 -20.06 30.63
N THR S 131 -50.68 -20.14 30.77
CA THR S 131 -51.62 -19.45 29.90
C THR S 131 -52.21 -18.27 30.64
N LEU S 132 -53.02 -17.51 29.91
CA LEU S 132 -53.70 -16.35 30.47
C LEU S 132 -55.06 -16.74 31.05
N LEU S 133 -55.32 -16.30 32.26
CA LEU S 133 -56.51 -16.66 32.96
C LEU S 133 -57.24 -15.39 33.33
N TRP S 134 -58.27 -15.53 34.15
CA TRP S 134 -59.11 -14.43 34.61
C TRP S 134 -59.25 -14.37 36.13
N THR S 135 -59.24 -13.15 36.67
CA THR S 135 -59.27 -12.94 38.11
C THR S 135 -60.68 -13.00 38.71
N SER S 136 -61.70 -13.16 37.85
CA SER S 136 -63.12 -13.36 38.24
C SER S 136 -63.58 -14.79 37.98
N SER S 137 -64.58 -15.25 38.72
CA SER S 137 -65.24 -16.53 38.42
C SER S 137 -65.94 -16.48 37.05
N GLY S 138 -66.12 -17.65 36.45
CA GLY S 138 -66.68 -17.78 35.09
C GLY S 138 -67.28 -19.16 34.86
N LYS S 139 -67.96 -19.33 33.72
CA LYS S 139 -68.74 -20.55 33.45
C LYS S 139 -67.83 -21.76 33.19
N GLU S 140 -66.74 -21.51 32.46
CA GLU S 140 -65.66 -22.45 32.28
C GLU S 140 -64.61 -22.01 33.28
N GLN S 141 -64.23 -22.92 34.18
CA GLN S 141 -63.22 -22.57 35.18
C GLN S 141 -61.79 -22.99 34.80
N ARG S 142 -61.58 -23.41 33.56
CA ARG S 142 -60.23 -23.69 33.07
C ARG S 142 -59.56 -22.41 32.64
N LEU S 143 -60.30 -21.29 32.71
CA LEU S 143 -59.72 -19.96 32.51
C LEU S 143 -59.61 -19.10 33.83
N THR S 144 -59.94 -19.67 34.99
CA THR S 144 -59.93 -18.94 36.25
C THR S 144 -58.99 -19.53 37.32
N SER S 145 -58.53 -20.78 37.15
CA SER S 145 -57.56 -21.41 38.07
C SER S 145 -56.54 -22.24 37.28
N PRO S 146 -55.28 -22.19 37.68
CA PRO S 146 -54.26 -22.95 37.00
C PRO S 146 -54.25 -24.43 37.38
N GLY S 147 -54.75 -24.76 38.56
CA GLY S 147 -54.82 -26.15 38.99
C GLY S 147 -55.23 -26.27 40.44
N ARG S 148 -54.79 -27.33 41.08
CA ARG S 148 -55.09 -27.54 42.48
C ARG S 148 -54.08 -28.51 43.10
N LEU S 149 -53.78 -28.26 44.37
CA LEU S 149 -52.70 -28.92 45.07
C LEU S 149 -53.32 -30.00 45.94
N ILE S 150 -52.76 -31.20 45.88
CA ILE S 150 -53.27 -32.30 46.68
C ILE S 150 -52.17 -32.83 47.55
N LEU S 151 -52.54 -33.19 48.77
CA LEU S 151 -51.64 -33.82 49.69
C LEU S 151 -52.36 -35.04 50.26
N LEU S 152 -51.67 -36.19 50.21
CA LEU S 152 -52.24 -37.51 50.49
C LEU S 152 -51.36 -38.27 51.43
N CYS S 153 -51.98 -39.13 52.24
CA CYS S 153 -51.23 -39.99 53.14
C CYS S 153 -50.65 -41.24 52.50
N VAL S 154 -49.40 -41.51 52.84
CA VAL S 154 -48.82 -42.79 52.64
C VAL S 154 -48.71 -43.34 54.04
N GLY S 155 -48.93 -44.65 54.18
CA GLY S 155 -48.98 -45.27 55.51
C GLY S 155 -49.88 -44.50 56.46
N ASN S 156 -49.76 -44.78 57.76
CA ASN S 156 -50.50 -43.98 58.75
C ASN S 156 -49.53 -43.28 59.64
N ASN S 157 -49.84 -42.04 59.98
CA ASN S 157 -49.08 -41.27 60.94
C ASN S 157 -49.24 -41.82 62.35
N THR S 158 -48.12 -41.88 63.07
CA THR S 158 -48.07 -42.33 64.43
C THR S 158 -48.39 -41.24 65.41
N ASP S 159 -48.28 -40.00 64.95
CA ASP S 159 -48.21 -38.88 65.86
C ASP S 159 -48.92 -37.71 65.23
N VAL S 160 -49.17 -36.68 66.02
CA VAL S 160 -49.91 -35.53 65.50
C VAL S 160 -49.04 -34.75 64.48
N VAL S 161 -49.59 -34.54 63.28
CA VAL S 161 -48.97 -33.73 62.24
C VAL S 161 -49.74 -32.42 62.06
N ASN S 162 -49.03 -31.31 61.93
CA ASN S 162 -49.68 -30.00 61.77
C ASN S 162 -49.25 -29.38 60.46
N VAL S 163 -49.60 -30.07 59.38
CA VAL S 163 -49.09 -29.74 58.09
C VAL S 163 -49.64 -28.38 57.65
N SER S 164 -48.77 -27.59 57.02
CA SER S 164 -49.12 -26.32 56.38
C SER S 164 -48.42 -26.40 55.04
N VAL S 165 -49.13 -26.16 53.93
CA VAL S 165 -48.47 -26.15 52.62
C VAL S 165 -48.45 -24.70 52.18
N LEU S 166 -47.30 -24.23 51.71
CA LEU S 166 -47.15 -22.86 51.24
C LEU S 166 -47.01 -22.88 49.74
N CYS S 167 -47.45 -21.83 49.08
CA CYS S 167 -47.31 -21.72 47.63
C CYS S 167 -46.47 -20.51 47.36
N ARG S 168 -45.36 -20.68 46.63
CA ARG S 168 -44.62 -19.54 46.14
C ARG S 168 -44.99 -19.35 44.68
N TRP S 169 -45.37 -18.11 44.36
CA TRP S 169 -46.04 -17.82 43.10
C TRP S 169 -45.47 -16.59 42.45
N SER S 170 -45.59 -16.56 41.14
CA SER S 170 -45.19 -15.40 40.40
C SER S 170 -46.14 -15.23 39.25
N VAL S 171 -46.61 -14.01 39.11
CA VAL S 171 -47.77 -13.75 38.33
C VAL S 171 -47.53 -12.51 37.49
N ARG S 172 -48.14 -12.47 36.31
CA ARG S 172 -48.31 -11.20 35.63
C ARG S 172 -49.79 -10.86 35.42
N LEU S 173 -50.15 -9.66 35.89
CA LEU S 173 -51.51 -9.13 35.87
C LEU S 173 -51.57 -8.09 34.79
N SER S 174 -52.76 -7.95 34.19
CA SER S 174 -52.82 -7.50 32.82
C SER S 174 -53.78 -6.35 32.57
N VAL S 175 -55.08 -6.55 32.81
CA VAL S 175 -56.06 -5.57 32.32
C VAL S 175 -56.71 -4.77 33.44
N PRO S 176 -56.38 -3.46 33.53
CA PRO S 176 -56.88 -2.64 34.65
C PRO S 176 -58.39 -2.60 34.81
N SER S 177 -58.84 -2.88 36.04
CA SER S 177 -60.23 -2.83 36.46
C SER S 177 -60.33 -2.49 37.97
N LEU S 178 -61.51 -2.66 38.57
CA LEU S 178 -61.70 -2.45 40.00
C LEU S 178 -62.90 -3.21 40.51
N GLU S 179 -62.72 -4.50 40.75
CA GLU S 179 -63.86 -5.39 41.05
C GLU S 179 -64.33 -5.21 42.50
N ASN S 180 -65.19 -4.22 42.74
CA ASN S 180 -65.78 -4.02 44.06
C ASN S 180 -66.82 -5.09 44.37
N THR T 18 -50.99 -13.54 3.85
CA THR T 18 -51.90 -13.59 5.00
C THR T 18 -53.31 -14.09 4.58
N ASN T 19 -53.94 -14.87 5.44
CA ASN T 19 -55.30 -15.41 5.20
C ASN T 19 -56.43 -14.64 5.90
N ASP T 20 -56.07 -13.74 6.80
CA ASP T 20 -57.04 -12.95 7.57
C ASP T 20 -57.64 -11.82 6.74
N VAL T 21 -58.95 -11.69 6.83
CA VAL T 21 -59.70 -10.57 6.25
C VAL T 21 -59.91 -9.46 7.29
N HIS T 22 -59.34 -8.27 7.06
CA HIS T 22 -59.49 -7.14 7.99
C HIS T 22 -60.68 -6.21 7.62
N LEU T 23 -61.57 -5.96 8.58
CA LEU T 23 -62.77 -5.11 8.39
C LEU T 23 -62.78 -3.91 9.34
N SER T 24 -63.34 -2.77 8.89
CA SER T 24 -63.38 -1.50 9.64
C SER T 24 -64.73 -0.84 9.60
N GLY T 25 -65.19 -0.32 10.73
CA GLY T 25 -66.38 0.53 10.70
C GLY T 25 -66.55 1.47 11.88
N MET T 26 -67.61 2.27 11.82
CA MET T 26 -68.12 2.98 12.98
C MET T 26 -69.62 2.94 12.97
N SER T 27 -70.21 2.38 14.02
CA SER T 27 -71.65 2.10 14.06
C SER T 27 -72.30 2.56 15.35
N ARG T 28 -73.62 2.77 15.32
CA ARG T 28 -74.33 3.23 16.52
C ARG T 28 -74.84 2.08 17.38
N ILE T 29 -74.26 2.03 18.58
CA ILE T 29 -74.48 0.98 19.56
C ILE T 29 -75.78 1.18 20.34
N SER T 30 -76.19 2.42 20.55
CA SER T 30 -77.48 2.70 21.22
C SER T 30 -77.90 4.15 21.12
N GLN T 31 -79.17 4.41 21.36
CA GLN T 31 -79.70 5.77 21.41
C GLN T 31 -80.67 5.83 22.55
N ALA T 32 -80.19 6.17 23.73
CA ALA T 32 -81.10 6.47 24.79
C ALA T 32 -81.52 7.93 24.67
N VAL T 33 -82.73 8.22 25.11
CA VAL T 33 -83.19 9.61 25.22
C VAL T 33 -83.65 9.88 26.66
N LEU T 34 -82.97 10.84 27.29
CA LEU T 34 -83.06 11.13 28.71
C LEU T 34 -83.95 12.37 28.94
N PRO T 35 -85.15 12.17 29.49
CA PRO T 35 -86.05 13.31 29.58
C PRO T 35 -85.65 14.36 30.64
N ALA T 36 -86.58 15.29 30.81
CA ALA T 36 -86.38 16.58 31.47
C ALA T 36 -85.38 16.57 32.59
N GLY T 37 -85.59 15.71 33.59
CA GLY T 37 -84.75 15.71 34.80
C GLY T 37 -84.59 14.33 35.41
N THR T 38 -84.45 13.32 34.56
CA THR T 38 -84.44 11.94 35.01
C THR T 38 -83.03 11.25 35.07
N GLY T 39 -81.96 12.04 35.24
CA GLY T 39 -80.60 11.51 35.38
C GLY T 39 -80.25 11.62 36.85
N THR T 40 -79.27 10.85 37.33
CA THR T 40 -78.81 11.04 38.71
C THR T 40 -77.56 10.26 39.01
N ASP T 41 -76.71 10.84 39.86
CA ASP T 41 -75.47 10.18 40.19
C ASP T 41 -75.85 8.69 40.22
N GLY T 42 -75.36 7.98 39.20
CA GLY T 42 -75.36 6.52 39.18
C GLY T 42 -76.27 5.90 38.16
N TYR T 43 -77.12 6.71 37.52
CA TYR T 43 -78.17 6.15 36.67
C TYR T 43 -77.58 5.54 35.40
N VAL T 44 -77.94 4.30 35.07
CA VAL T 44 -77.39 3.65 33.86
C VAL T 44 -78.21 3.99 32.65
N VAL T 45 -77.63 4.74 31.69
CA VAL T 45 -78.36 5.13 30.47
C VAL T 45 -78.05 4.26 29.27
N VAL T 46 -76.99 3.49 29.34
CA VAL T 46 -76.63 2.55 28.29
C VAL T 46 -75.81 1.43 28.92
N ASP T 47 -75.99 0.24 28.39
CA ASP T 47 -75.21 -0.88 28.87
C ASP T 47 -75.17 -1.94 27.79
N ALA T 48 -74.21 -1.81 26.89
CA ALA T 48 -74.21 -2.56 25.65
C ALA T 48 -73.08 -3.60 25.63
N THR T 49 -73.45 -4.89 25.61
CA THR T 49 -72.46 -5.96 25.47
C THR T 49 -72.12 -6.13 24.01
N ILE T 50 -70.84 -5.96 23.69
CA ILE T 50 -70.37 -5.88 22.31
C ILE T 50 -70.34 -7.24 21.62
N VAL T 51 -71.24 -7.41 20.66
CA VAL T 51 -71.31 -8.61 19.85
C VAL T 51 -71.48 -8.19 18.38
N PRO T 52 -71.05 -9.06 17.44
CA PRO T 52 -71.26 -8.88 15.99
C PRO T 52 -72.62 -8.34 15.53
N ASP T 53 -73.72 -8.83 16.08
CA ASP T 53 -75.06 -8.30 15.73
C ASP T 53 -75.25 -6.83 16.08
N LEU T 54 -74.54 -6.35 17.10
CA LEU T 54 -74.67 -4.98 17.53
C LEU T 54 -74.10 -4.02 16.49
N LEU T 55 -73.04 -4.44 15.80
CA LEU T 55 -72.42 -3.63 14.77
C LEU T 55 -72.94 -4.10 13.41
N PRO T 56 -73.69 -3.24 12.70
CA PRO T 56 -74.42 -3.62 11.52
C PRO T 56 -73.56 -4.29 10.43
N ARG T 57 -72.59 -3.60 9.84
CA ARG T 57 -71.83 -4.27 8.78
C ARG T 57 -71.20 -5.54 9.38
N LEU T 58 -70.49 -5.46 10.50
CA LEU T 58 -69.86 -6.64 11.11
C LEU T 58 -70.81 -7.85 11.35
N GLY T 59 -72.11 -7.59 11.57
CA GLY T 59 -73.11 -8.64 11.76
C GLY T 59 -73.26 -9.55 10.54
N HIS T 60 -73.04 -8.97 9.36
CA HIS T 60 -73.07 -9.69 8.09
C HIS T 60 -71.79 -10.47 7.86
N ALA T 61 -70.64 -9.87 8.07
CA ALA T 61 -69.36 -10.57 7.90
C ALA T 61 -69.22 -11.73 8.89
N ALA T 62 -69.94 -11.63 10.02
CA ALA T 62 -69.96 -12.69 11.02
C ALA T 62 -70.73 -13.92 10.56
N ARG T 63 -71.74 -13.75 9.69
CA ARG T 63 -72.39 -14.91 9.11
C ARG T 63 -71.52 -15.64 8.08
N ILE T 64 -70.42 -14.99 7.68
CA ILE T 64 -69.51 -15.50 6.68
C ILE T 64 -68.30 -16.19 7.33
N PHE T 65 -67.72 -15.59 8.37
CA PHE T 65 -66.55 -16.15 9.05
C PHE T 65 -66.96 -16.72 10.40
N GLN T 66 -66.04 -17.45 11.04
CA GLN T 66 -66.33 -18.17 12.29
C GLN T 66 -65.72 -17.56 13.52
N ARG T 67 -64.52 -17.00 13.36
CA ARG T 67 -63.89 -16.29 14.45
C ARG T 67 -63.52 -14.90 14.01
N TYR T 68 -63.25 -14.07 15.01
CA TYR T 68 -62.88 -12.69 14.80
C TYR T 68 -62.12 -12.14 16.01
N ALA T 69 -61.07 -11.36 15.75
CA ALA T 69 -60.28 -10.69 16.79
C ALA T 69 -60.42 -9.16 16.69
N VAL T 70 -60.70 -8.50 17.81
CA VAL T 70 -60.84 -7.06 17.79
C VAL T 70 -59.45 -6.45 17.66
N GLU T 71 -59.23 -5.64 16.62
CA GLU T 71 -57.92 -5.08 16.39
C GLU T 71 -57.87 -3.63 16.90
N THR T 72 -58.93 -2.84 16.72
CA THR T 72 -59.08 -1.56 17.45
C THR T 72 -60.53 -1.30 17.89
N LEU T 73 -60.70 -0.82 19.11
CA LEU T 73 -62.02 -0.43 19.62
C LEU T 73 -61.91 0.99 20.19
N GLU T 74 -62.93 1.79 19.92
CA GLU T 74 -63.10 3.11 20.52
C GLU T 74 -64.59 3.39 20.52
N PHE T 75 -65.08 4.09 21.53
CA PHE T 75 -66.48 4.53 21.55
C PHE T 75 -66.55 6.06 21.55
N GLU T 76 -67.45 6.60 20.76
CA GLU T 76 -67.64 8.02 20.72
C GLU T 76 -68.94 8.25 21.45
N ILE T 77 -68.90 9.07 22.51
CA ILE T 77 -70.12 9.42 23.27
C ILE T 77 -70.60 10.72 22.69
N GLN T 78 -71.83 10.67 22.21
CA GLN T 78 -72.33 11.71 21.34
C GLN T 78 -73.70 12.19 21.82
N PRO T 79 -73.69 12.93 22.94
CA PRO T 79 -74.89 13.45 23.53
C PRO T 79 -75.26 14.75 22.85
N MET T 80 -76.56 14.95 22.67
CA MET T 80 -77.10 16.10 21.97
C MET T 80 -78.15 16.82 22.80
N CYS T 81 -77.84 18.06 23.14
CA CYS T 81 -78.62 18.85 24.09
C CYS T 81 -78.16 20.29 24.07
N PRO T 82 -78.97 21.20 24.64
CA PRO T 82 -78.49 22.57 24.74
C PRO T 82 -77.25 22.71 25.65
N ALA T 83 -76.46 23.74 25.36
CA ALA T 83 -75.24 24.02 26.08
C ALA T 83 -75.53 24.47 27.49
N ASN T 84 -76.82 24.60 27.85
CA ASN T 84 -77.24 24.91 29.22
C ASN T 84 -77.77 23.69 29.94
N THR T 85 -77.24 22.54 29.61
CA THR T 85 -77.67 21.36 30.30
C THR T 85 -76.75 21.19 31.50
N GLY T 86 -77.33 21.05 32.68
CA GLY T 86 -76.57 20.86 33.90
C GLY T 86 -76.27 19.40 34.10
N GLY T 87 -75.55 18.84 33.16
CA GLY T 87 -75.41 17.41 33.10
C GLY T 87 -74.09 16.83 33.51
N GLY T 88 -73.73 15.74 32.89
CA GLY T 88 -72.60 14.94 33.32
C GLY T 88 -72.83 13.49 33.01
N TYR T 89 -71.84 12.88 32.37
CA TYR T 89 -71.76 11.44 32.27
C TYR T 89 -70.34 10.95 32.49
N VAL T 90 -70.24 9.66 32.75
CA VAL T 90 -68.99 8.95 32.77
C VAL T 90 -69.20 7.81 31.80
N ALA T 91 -68.22 7.52 30.96
CA ALA T 91 -68.35 6.39 30.04
C ALA T 91 -67.15 5.49 30.13
N GLY T 92 -67.37 4.18 30.17
CA GLY T 92 -66.26 3.24 30.24
C GLY T 92 -66.52 1.90 29.59
N PHE T 93 -65.48 1.29 29.08
CA PHE T 93 -65.62 -0.05 28.50
C PHE T 93 -65.01 -1.14 29.40
N LEU T 94 -65.85 -1.91 30.11
CA LEU T 94 -65.32 -2.97 30.97
C LEU T 94 -65.15 -4.21 30.13
N PRO T 95 -63.99 -4.86 30.23
CA PRO T 95 -63.69 -6.06 29.44
C PRO T 95 -64.08 -7.39 30.06
N ASP T 96 -65.28 -7.47 30.60
CA ASP T 96 -65.94 -8.74 30.80
C ASP T 96 -67.27 -8.49 30.24
N PRO T 97 -67.72 -9.35 29.33
CA PRO T 97 -69.16 -9.30 29.06
C PRO T 97 -69.99 -9.73 30.29
N THR T 98 -69.34 -10.52 31.16
CA THR T 98 -69.95 -11.17 32.31
C THR T 98 -70.23 -10.30 33.53
N ASP T 99 -69.51 -9.18 33.71
CA ASP T 99 -69.63 -8.45 34.99
C ASP T 99 -70.58 -7.24 34.98
N ASN T 100 -71.50 -7.30 35.95
CA ASN T 100 -72.55 -6.32 36.17
C ASN T 100 -72.19 -5.44 37.35
N ASP T 101 -71.04 -4.78 37.21
CA ASP T 101 -70.53 -3.83 38.19
C ASP T 101 -70.68 -2.48 37.47
N HIS T 102 -71.77 -1.77 37.73
CA HIS T 102 -72.09 -0.59 36.93
C HIS T 102 -72.16 0.61 37.84
N THR T 103 -71.01 1.00 38.38
CA THR T 103 -70.91 2.04 39.38
C THR T 103 -69.67 2.90 39.10
N PHE T 104 -69.82 4.22 39.14
CA PHE T 104 -68.74 5.14 38.71
C PHE T 104 -67.32 4.61 38.90
N ASP T 105 -66.95 4.22 40.12
CA ASP T 105 -65.53 3.89 40.42
C ASP T 105 -65.03 2.74 39.58
N ALA T 106 -65.92 1.77 39.35
CA ALA T 106 -65.64 0.62 38.50
C ALA T 106 -65.45 1.01 37.02
N LEU T 107 -66.24 1.97 36.52
CA LEU T 107 -66.02 2.48 35.16
C LEU T 107 -64.71 3.21 35.03
N GLN T 108 -64.43 4.11 35.97
CA GLN T 108 -63.26 4.98 35.88
C GLN T 108 -61.95 4.26 36.13
N ALA T 109 -62.06 3.05 36.68
CA ALA T 109 -60.90 2.17 36.86
C ALA T 109 -60.36 1.69 35.53
N THR T 110 -61.25 1.54 34.54
CA THR T 110 -60.91 1.03 33.21
C THR T 110 -60.27 2.14 32.36
N ARG T 111 -59.69 1.79 31.20
CA ARG T 111 -58.65 2.64 30.59
C ARG T 111 -59.21 3.80 29.86
N GLY T 112 -60.16 3.53 28.97
CA GLY T 112 -60.72 4.61 28.17
C GLY T 112 -61.47 5.65 28.99
N ALA T 113 -61.99 5.20 30.13
CA ALA T 113 -62.95 5.93 30.92
C ALA T 113 -62.83 7.46 30.83
N VAL T 114 -63.93 8.08 30.38
CA VAL T 114 -64.02 9.53 30.30
C VAL T 114 -65.22 10.05 31.08
N VAL T 115 -65.12 11.29 31.53
CA VAL T 115 -66.24 11.97 32.13
C VAL T 115 -66.35 13.33 31.49
N ALA T 116 -67.56 13.82 31.32
CA ALA T 116 -67.79 15.14 30.74
C ALA T 116 -69.19 15.67 30.99
N LYS T 117 -69.39 16.91 30.60
CA LYS T 117 -70.68 17.59 30.73
C LYS T 117 -71.55 17.02 29.65
N TRP T 118 -72.87 17.09 29.82
CA TRP T 118 -73.72 16.48 28.83
C TRP T 118 -73.64 17.11 27.45
N TRP T 119 -73.07 18.31 27.33
CA TRP T 119 -72.88 18.96 26.02
C TRP T 119 -71.44 18.81 25.50
N GLU T 120 -70.69 17.87 26.05
CA GLU T 120 -69.34 17.57 25.57
C GLU T 120 -69.24 16.16 24.96
N SER T 121 -68.84 16.10 23.68
CA SER T 121 -68.56 14.85 22.99
C SER T 121 -67.34 14.27 23.58
N ARG T 122 -67.21 12.95 23.50
CA ARG T 122 -66.05 12.36 24.12
C ARG T 122 -65.73 10.97 23.60
N THR T 123 -64.45 10.61 23.63
CA THR T 123 -64.01 9.32 23.13
C THR T 123 -63.30 8.44 24.15
N VAL T 124 -63.85 7.24 24.38
CA VAL T 124 -63.14 6.26 25.18
C VAL T 124 -62.33 5.32 24.25
N ARG T 125 -61.06 5.17 24.61
CA ARG T 125 -60.06 4.38 23.91
C ARG T 125 -59.60 3.31 24.88
N PRO T 126 -60.35 2.20 24.96
CA PRO T 126 -60.01 1.27 26.02
C PRO T 126 -58.88 0.37 25.60
N GLN T 127 -58.32 -0.35 26.57
CA GLN T 127 -57.48 -1.51 26.32
C GLN T 127 -58.37 -2.70 26.68
N TYR T 128 -58.24 -3.77 25.91
CA TYR T 128 -59.23 -4.86 25.93
C TYR T 128 -58.58 -6.24 25.75
N THR T 129 -59.44 -7.24 25.55
CA THR T 129 -59.06 -8.62 25.30
C THR T 129 -57.92 -8.83 24.27
N ARG T 130 -57.92 -8.08 23.17
CA ARG T 130 -56.88 -8.16 22.12
C ARG T 130 -56.74 -9.59 21.59
N THR T 131 -57.81 -10.38 21.75
CA THR T 131 -57.76 -11.84 21.67
C THR T 131 -58.65 -12.30 20.54
N LEU T 132 -58.60 -13.60 20.24
CA LEU T 132 -59.40 -14.20 19.20
C LEU T 132 -60.71 -14.75 19.74
N LEU T 133 -61.80 -14.10 19.36
CA LEU T 133 -63.11 -14.44 19.87
C LEU T 133 -63.81 -15.37 18.88
N TRP T 134 -65.14 -15.27 18.80
CA TRP T 134 -66.01 -16.22 18.12
C TRP T 134 -67.30 -15.51 17.65
N THR T 135 -67.59 -15.62 16.35
CA THR T 135 -68.66 -14.82 15.74
C THR T 135 -70.06 -15.31 16.09
N SER T 136 -70.12 -16.49 16.71
CA SER T 136 -71.36 -17.17 17.08
C SER T 136 -71.35 -17.39 18.60
N SER T 137 -72.53 -17.35 19.24
CA SER T 137 -72.65 -17.44 20.72
C SER T 137 -72.03 -18.71 21.30
N GLY T 138 -71.78 -18.70 22.60
CA GLY T 138 -71.05 -19.79 23.22
C GLY T 138 -71.55 -20.13 24.60
N LYS T 139 -70.89 -21.08 25.26
CA LYS T 139 -71.28 -21.49 26.62
C LYS T 139 -70.47 -20.66 27.62
N GLU T 140 -69.19 -20.44 27.30
CA GLU T 140 -68.33 -19.50 28.06
C GLU T 140 -68.23 -18.25 27.22
N GLN T 141 -68.85 -17.17 27.71
CA GLN T 141 -69.05 -16.05 26.84
C GLN T 141 -67.89 -15.06 26.86
N ARG T 142 -66.75 -15.45 27.43
CA ARG T 142 -65.55 -14.63 27.39
C ARG T 142 -64.83 -14.77 26.07
N LEU T 143 -65.31 -15.68 25.22
CA LEU T 143 -64.77 -15.83 23.89
C LEU T 143 -65.73 -15.33 22.79
N THR T 144 -66.90 -14.78 23.16
CA THR T 144 -67.87 -14.29 22.17
C THR T 144 -67.90 -12.75 22.06
N SER T 145 -67.64 -12.08 23.18
CA SER T 145 -67.74 -10.62 23.29
C SER T 145 -66.52 -10.07 24.03
N PRO T 146 -66.00 -8.91 23.61
CA PRO T 146 -64.79 -8.43 24.21
C PRO T 146 -65.03 -7.58 25.47
N GLY T 147 -66.29 -7.36 25.83
CA GLY T 147 -66.64 -6.52 26.99
C GLY T 147 -67.92 -5.77 26.76
N ARG T 148 -68.19 -4.73 27.55
CA ARG T 148 -69.43 -3.97 27.41
C ARG T 148 -69.30 -2.48 27.71
N LEU T 149 -70.07 -1.68 26.98
CA LEU T 149 -69.98 -0.24 27.06
C LEU T 149 -71.05 0.31 28.00
N ILE T 150 -70.59 1.00 29.06
CA ILE T 150 -71.48 1.61 30.06
C ILE T 150 -71.38 3.13 30.04
N LEU T 151 -72.53 3.78 30.22
CA LEU T 151 -72.65 5.22 30.26
C LEU T 151 -73.49 5.52 31.46
N LEU T 152 -72.94 6.27 32.41
CA LEU T 152 -73.65 6.58 33.66
C LEU T 152 -73.78 8.05 33.75
N CYS T 153 -74.81 8.51 34.46
CA CYS T 153 -74.99 9.95 34.72
C CYS T 153 -74.08 10.43 35.82
N VAL T 154 -73.87 11.74 35.82
CA VAL T 154 -73.22 12.45 36.90
C VAL T 154 -74.03 13.72 37.15
N GLY T 155 -74.26 14.04 38.42
CA GLY T 155 -75.24 15.07 38.78
C GLY T 155 -76.59 14.70 38.20
N ASN T 156 -77.40 15.69 37.83
CA ASN T 156 -78.58 15.45 36.96
C ASN T 156 -78.86 16.53 35.91
N ASN T 157 -79.15 16.07 34.68
CA ASN T 157 -79.55 16.95 33.56
C ASN T 157 -80.75 17.87 33.81
N THR T 158 -80.59 19.14 33.47
CA THR T 158 -81.70 20.10 33.50
C THR T 158 -82.42 20.28 32.18
N ASP T 159 -82.02 19.50 31.17
CA ASP T 159 -82.66 19.58 29.86
C ASP T 159 -82.73 18.19 29.29
N VAL T 160 -83.44 18.04 28.18
CA VAL T 160 -83.53 16.76 27.54
C VAL T 160 -82.25 16.48 26.78
N VAL T 161 -81.63 15.34 27.07
CA VAL T 161 -80.43 14.88 26.37
C VAL T 161 -80.72 13.64 25.49
N ASN T 162 -80.32 13.67 24.22
CA ASN T 162 -80.56 12.56 23.30
C ASN T 162 -79.23 11.90 23.02
N VAL T 163 -78.91 10.87 23.78
CA VAL T 163 -77.54 10.36 23.74
C VAL T 163 -77.39 9.10 22.89
N SER T 164 -76.44 9.20 21.96
CA SER T 164 -76.17 8.17 20.98
C SER T 164 -74.69 7.81 21.11
N VAL T 165 -74.34 6.56 21.45
CA VAL T 165 -72.93 6.17 21.49
C VAL T 165 -72.65 5.43 20.21
N LEU T 166 -71.49 5.71 19.61
CA LEU T 166 -71.01 5.03 18.40
C LEU T 166 -69.77 4.21 18.71
N CYS T 167 -69.69 3.00 18.18
CA CYS T 167 -68.47 2.19 18.30
C CYS T 167 -67.64 2.35 17.03
N ARG T 168 -66.35 2.65 17.17
CA ARG T 168 -65.43 2.65 16.04
C ARG T 168 -64.61 1.38 16.14
N TRP T 169 -64.55 0.62 15.06
CA TRP T 169 -64.09 -0.75 15.15
C TRP T 169 -63.35 -1.23 13.95
N SER T 170 -62.34 -2.04 14.22
CA SER T 170 -61.48 -2.62 13.21
C SER T 170 -61.25 -4.04 13.67
N VAL T 171 -61.48 -5.01 12.81
CA VAL T 171 -61.60 -6.39 13.23
C VAL T 171 -60.92 -7.27 12.19
N ARG T 172 -60.27 -8.36 12.60
CA ARG T 172 -59.85 -9.38 11.62
C ARG T 172 -60.59 -10.69 11.83
N LEU T 173 -61.34 -11.08 10.78
CA LEU T 173 -62.18 -12.28 10.76
C LEU T 173 -61.41 -13.47 10.18
N SER T 174 -61.81 -14.68 10.58
CA SER T 174 -60.89 -15.79 10.67
C SER T 174 -61.15 -16.97 9.75
N VAL T 175 -62.04 -17.89 10.13
CA VAL T 175 -62.08 -19.19 9.44
C VAL T 175 -63.41 -19.37 8.64
N PRO T 176 -63.32 -19.37 7.30
CA PRO T 176 -64.55 -19.34 6.50
C PRO T 176 -65.66 -20.32 6.90
N SER T 177 -66.91 -19.88 6.77
CA SER T 177 -68.08 -20.64 7.20
C SER T 177 -69.35 -20.00 6.62
N LEU T 178 -70.54 -20.50 6.96
CA LEU T 178 -71.81 -19.91 6.45
C LEU T 178 -72.96 -20.00 7.46
N GLU T 179 -72.72 -19.41 8.64
CA GLU T 179 -73.64 -19.50 9.78
C GLU T 179 -74.91 -18.66 9.55
N ASN T 180 -76.00 -19.35 9.19
CA ASN T 180 -77.33 -18.74 9.06
C ASN T 180 -77.63 -17.67 10.11
N THR U 18 -37.43 -29.96 23.98
CA THR U 18 -38.64 -29.33 24.50
C THR U 18 -39.51 -30.35 25.28
N ASN U 19 -40.42 -29.84 26.10
CA ASN U 19 -41.33 -30.70 26.87
C ASN U 19 -42.49 -31.27 26.05
N ASP U 20 -42.76 -30.66 24.89
CA ASP U 20 -43.88 -31.08 24.03
C ASP U 20 -43.61 -32.33 23.18
N VAL U 21 -44.63 -33.18 23.11
CA VAL U 21 -44.54 -34.48 22.48
C VAL U 21 -45.40 -34.50 21.24
N HIS U 22 -44.80 -34.78 20.08
CA HIS U 22 -45.50 -34.81 18.80
C HIS U 22 -45.91 -36.22 18.39
N LEU U 23 -47.22 -36.44 18.25
CA LEU U 23 -47.82 -37.70 17.78
C LEU U 23 -48.49 -37.53 16.42
N SER U 24 -48.37 -38.54 15.56
CA SER U 24 -49.04 -38.55 14.26
C SER U 24 -49.64 -39.88 13.97
N GLY U 25 -50.71 -39.90 13.20
CA GLY U 25 -51.33 -41.15 12.81
C GLY U 25 -52.43 -40.95 11.77
N MET U 26 -53.15 -42.04 11.48
CA MET U 26 -54.31 -41.96 10.59
C MET U 26 -55.28 -43.05 10.95
N SER U 27 -56.53 -42.67 11.23
CA SER U 27 -57.49 -43.56 11.86
C SER U 27 -58.83 -43.51 11.19
N ARG U 28 -59.57 -44.63 11.24
CA ARG U 28 -60.94 -44.63 10.72
C ARG U 28 -61.87 -43.97 11.72
N ILE U 29 -62.30 -42.76 11.40
CA ILE U 29 -63.31 -42.02 12.14
C ILE U 29 -64.67 -42.72 12.17
N SER U 30 -65.09 -43.26 11.02
CA SER U 30 -66.38 -43.92 10.92
C SER U 30 -66.49 -44.83 9.71
N GLN U 31 -67.54 -45.65 9.72
CA GLN U 31 -67.84 -46.51 8.61
C GLN U 31 -69.34 -46.65 8.51
N ALA U 32 -69.89 -46.13 7.42
CA ALA U 32 -71.30 -46.24 7.16
C ALA U 32 -71.53 -47.16 5.97
N VAL U 33 -72.63 -47.89 6.02
CA VAL U 33 -73.07 -48.68 4.88
C VAL U 33 -74.39 -48.07 4.41
N LEU U 34 -74.43 -47.63 3.16
CA LEU U 34 -75.55 -46.90 2.62
C LEU U 34 -76.21 -47.82 1.60
N PRO U 35 -77.38 -48.38 1.95
CA PRO U 35 -77.98 -49.39 1.07
C PRO U 35 -78.46 -48.88 -0.28
N ALA U 36 -78.93 -49.81 -1.09
CA ALA U 36 -79.05 -49.62 -2.52
C ALA U 36 -79.66 -48.30 -2.97
N GLY U 37 -80.72 -47.81 -2.34
CA GLY U 37 -81.40 -46.62 -2.87
C GLY U 37 -81.72 -45.54 -1.88
N THR U 38 -81.04 -45.55 -0.73
CA THR U 38 -81.51 -44.81 0.45
C THR U 38 -80.91 -43.39 0.68
N GLY U 39 -79.98 -42.96 -0.16
CA GLY U 39 -79.41 -41.62 -0.05
C GLY U 39 -80.25 -40.62 -0.81
N THR U 40 -80.27 -39.37 -0.35
CA THR U 40 -80.86 -38.26 -1.13
C THR U 40 -80.30 -36.95 -0.71
N ASP U 41 -80.39 -35.96 -1.60
CA ASP U 41 -79.82 -34.65 -1.32
C ASP U 41 -80.00 -34.31 0.16
N GLY U 42 -78.88 -34.17 0.86
CA GLY U 42 -78.86 -33.70 2.24
C GLY U 42 -78.82 -34.75 3.32
N TYR U 43 -78.98 -36.03 2.94
CA TYR U 43 -78.95 -37.12 3.90
C TYR U 43 -77.59 -37.21 4.59
N VAL U 44 -77.59 -37.12 5.92
CA VAL U 44 -76.35 -37.18 6.68
C VAL U 44 -75.88 -38.61 6.85
N VAL U 45 -74.78 -38.99 6.20
CA VAL U 45 -74.29 -40.37 6.29
C VAL U 45 -73.19 -40.51 7.31
N VAL U 46 -72.49 -39.42 7.61
CA VAL U 46 -71.47 -39.41 8.67
C VAL U 46 -71.48 -38.07 9.39
N ASP U 47 -71.42 -38.13 10.71
CA ASP U 47 -71.40 -36.93 11.52
C ASP U 47 -70.61 -37.23 12.79
N ALA U 48 -69.30 -36.99 12.70
CA ALA U 48 -68.37 -37.47 13.69
C ALA U 48 -67.68 -36.31 14.34
N THR U 49 -67.90 -36.17 15.64
CA THR U 49 -67.24 -35.14 16.43
C THR U 49 -65.88 -35.64 16.86
N ILE U 50 -64.86 -34.84 16.56
CA ILE U 50 -63.46 -35.26 16.67
C ILE U 50 -62.92 -35.15 18.10
N VAL U 51 -62.76 -36.31 18.72
CA VAL U 51 -62.27 -36.44 20.09
C VAL U 51 -61.12 -37.43 20.06
N PRO U 52 -60.15 -37.28 20.97
CA PRO U 52 -59.05 -38.25 21.01
C PRO U 52 -59.50 -39.71 21.13
N ASP U 53 -60.60 -39.98 21.82
CA ASP U 53 -61.11 -41.35 21.96
C ASP U 53 -61.41 -41.98 20.60
N LEU U 54 -61.76 -41.15 19.62
CA LEU U 54 -62.18 -41.60 18.30
C LEU U 54 -60.99 -42.05 17.43
N LEU U 55 -59.82 -41.48 17.70
CA LEU U 55 -58.58 -41.89 17.05
C LEU U 55 -57.82 -42.84 17.97
N PRO U 56 -57.80 -44.15 17.66
CA PRO U 56 -57.46 -45.10 18.70
C PRO U 56 -56.06 -44.91 19.31
N ARG U 57 -55.03 -44.70 18.48
CA ARG U 57 -53.67 -44.45 18.99
C ARG U 57 -53.61 -43.19 19.84
N LEU U 58 -54.31 -42.15 19.43
CA LEU U 58 -54.36 -40.92 20.22
C LEU U 58 -55.20 -41.12 21.47
N GLY U 59 -56.19 -42.00 21.38
CA GLY U 59 -57.03 -42.35 22.53
C GLY U 59 -56.22 -42.82 23.73
N HIS U 60 -55.14 -43.56 23.45
CA HIS U 60 -54.25 -44.08 24.48
C HIS U 60 -53.37 -42.99 25.03
N ALA U 61 -52.79 -42.18 24.15
CA ALA U 61 -51.91 -41.07 24.56
C ALA U 61 -52.69 -39.93 25.24
N ALA U 62 -54.01 -39.93 25.05
CA ALA U 62 -54.91 -39.00 25.74
C ALA U 62 -54.90 -39.21 27.25
N ARG U 63 -54.63 -40.43 27.71
CA ARG U 63 -54.63 -40.74 29.14
C ARG U 63 -53.30 -40.47 29.84
N ILE U 64 -52.29 -40.06 29.08
CA ILE U 64 -50.95 -39.83 29.58
C ILE U 64 -50.70 -38.34 29.78
N PHE U 65 -51.22 -37.55 28.83
CA PHE U 65 -51.13 -36.10 28.91
C PHE U 65 -52.52 -35.57 29.16
N GLN U 66 -52.63 -34.26 29.30
CA GLN U 66 -53.88 -33.67 29.70
C GLN U 66 -54.40 -32.64 28.73
N ARG U 67 -53.50 -31.89 28.11
CA ARG U 67 -53.91 -31.02 27.02
C ARG U 67 -53.20 -31.40 25.72
N TYR U 68 -54.00 -31.47 24.64
CA TYR U 68 -53.51 -31.76 23.29
C TYR U 68 -53.84 -30.60 22.36
N ALA U 69 -52.93 -30.31 21.46
CA ALA U 69 -53.14 -29.26 20.46
C ALA U 69 -52.91 -29.78 19.03
N VAL U 70 -53.85 -29.48 18.14
CA VAL U 70 -53.93 -30.10 16.81
C VAL U 70 -53.12 -29.34 15.79
N GLU U 71 -52.12 -30.00 15.22
CA GLU U 71 -51.13 -29.36 14.36
C GLU U 71 -51.43 -29.58 12.88
N THR U 72 -51.87 -30.78 12.49
CA THR U 72 -52.42 -31.02 11.14
C THR U 72 -53.66 -31.94 11.18
N LEU U 73 -54.67 -31.61 10.38
CA LEU U 73 -55.87 -32.42 10.23
C LEU U 73 -56.25 -32.55 8.76
N GLU U 74 -56.54 -33.78 8.34
CA GLU U 74 -57.11 -34.03 7.02
C GLU U 74 -58.02 -35.20 7.14
N PHE U 75 -59.02 -35.26 6.27
CA PHE U 75 -59.95 -36.38 6.25
C PHE U 75 -60.01 -36.96 4.86
N GLU U 76 -59.78 -38.26 4.78
CA GLU U 76 -59.77 -38.95 3.52
C GLU U 76 -61.10 -39.70 3.44
N ILE U 77 -61.92 -39.33 2.46
CA ILE U 77 -63.20 -39.99 2.24
C ILE U 77 -62.96 -41.17 1.31
N GLN U 78 -63.31 -42.34 1.76
CA GLN U 78 -62.98 -43.53 1.04
C GLN U 78 -64.23 -44.39 0.85
N PRO U 79 -65.09 -43.99 -0.11
CA PRO U 79 -66.30 -44.71 -0.44
C PRO U 79 -66.02 -45.86 -1.35
N MET U 80 -66.72 -46.96 -1.14
CA MET U 80 -66.43 -48.21 -1.82
C MET U 80 -67.66 -48.80 -2.44
N CYS U 81 -67.73 -48.68 -3.74
CA CYS U 81 -68.91 -49.02 -4.48
C CYS U 81 -68.48 -49.29 -5.91
N PRO U 82 -69.39 -49.82 -6.74
CA PRO U 82 -69.02 -50.01 -8.14
C PRO U 82 -69.01 -48.70 -8.93
N ALA U 83 -68.22 -48.66 -10.00
CA ALA U 83 -68.06 -47.46 -10.82
C ALA U 83 -69.35 -47.07 -11.52
N ASN U 84 -70.36 -47.95 -11.47
CA ASN U 84 -71.69 -47.65 -12.00
C ASN U 84 -72.69 -47.13 -10.97
N THR U 85 -72.22 -46.33 -10.02
CA THR U 85 -73.08 -45.78 -9.01
C THR U 85 -73.38 -44.34 -9.34
N GLY U 86 -74.67 -43.98 -9.29
CA GLY U 86 -75.13 -42.62 -9.53
C GLY U 86 -75.02 -41.88 -8.22
N GLY U 87 -73.79 -41.66 -7.80
CA GLY U 87 -73.54 -41.28 -6.44
C GLY U 87 -73.45 -39.80 -6.28
N GLY U 88 -72.68 -39.39 -5.29
CA GLY U 88 -72.51 -38.00 -4.98
C GLY U 88 -72.39 -37.83 -3.50
N TYR U 89 -71.38 -37.13 -3.05
CA TYR U 89 -71.32 -36.68 -1.68
C TYR U 89 -70.68 -35.33 -1.58
N VAL U 90 -70.96 -34.63 -0.49
CA VAL U 90 -70.19 -33.47 -0.09
C VAL U 90 -69.66 -33.81 1.29
N ALA U 91 -68.39 -33.53 1.52
CA ALA U 91 -67.75 -33.77 2.81
C ALA U 91 -67.09 -32.50 3.25
N GLY U 92 -67.23 -32.17 4.53
CA GLY U 92 -66.67 -30.92 5.07
C GLY U 92 -66.40 -31.05 6.54
N PHE U 93 -65.45 -30.25 7.03
CA PHE U 93 -65.12 -30.21 8.45
C PHE U 93 -65.46 -28.83 9.01
N LEU U 94 -66.56 -28.73 9.77
CA LEU U 94 -66.85 -27.47 10.47
C LEU U 94 -66.16 -27.45 11.85
N PRO U 95 -65.40 -26.37 12.13
CA PRO U 95 -64.59 -26.24 13.36
C PRO U 95 -65.28 -26.05 14.71
N ASP U 96 -66.61 -26.13 14.83
CA ASP U 96 -67.22 -26.20 16.16
C ASP U 96 -67.79 -27.56 16.38
N PRO U 97 -67.38 -28.21 17.48
CA PRO U 97 -68.13 -29.42 17.80
C PRO U 97 -69.57 -29.08 18.13
N THR U 98 -69.81 -27.80 18.46
CA THR U 98 -71.09 -27.30 18.92
C THR U 98 -72.26 -27.47 17.97
N ASP U 99 -72.19 -26.88 16.77
CA ASP U 99 -73.41 -26.65 15.99
C ASP U 99 -73.82 -27.74 14.97
N ASN U 100 -75.15 -27.87 14.86
CA ASN U 100 -75.81 -28.89 14.03
C ASN U 100 -76.19 -28.40 12.64
N ASP U 101 -75.53 -27.36 12.13
CA ASP U 101 -75.89 -26.84 10.80
C ASP U 101 -75.34 -27.76 9.69
N HIS U 102 -76.10 -28.82 9.37
CA HIS U 102 -75.66 -29.88 8.43
C HIS U 102 -76.34 -29.80 7.07
N THR U 103 -76.14 -28.68 6.40
CA THR U 103 -76.69 -28.42 5.06
C THR U 103 -75.53 -28.31 4.07
N PHE U 104 -75.81 -28.59 2.81
CA PHE U 104 -74.77 -28.53 1.78
C PHE U 104 -74.02 -27.20 1.79
N ASP U 105 -74.77 -26.10 1.74
CA ASP U 105 -74.16 -24.79 1.61
C ASP U 105 -73.24 -24.48 2.77
N ALA U 106 -73.63 -24.94 3.97
CA ALA U 106 -72.85 -24.72 5.18
C ALA U 106 -71.57 -25.52 5.15
N LEU U 107 -71.62 -26.73 4.61
CA LEU U 107 -70.40 -27.53 4.42
C LEU U 107 -69.48 -26.91 3.40
N GLN U 108 -70.02 -26.55 2.24
CA GLN U 108 -69.22 -25.95 1.17
C GLN U 108 -68.60 -24.60 1.53
N ALA U 109 -69.13 -23.95 2.54
CA ALA U 109 -68.54 -22.71 3.05
C ALA U 109 -67.20 -22.95 3.74
N THR U 110 -66.97 -24.17 4.28
CA THR U 110 -65.73 -24.52 4.98
C THR U 110 -64.61 -24.75 3.97
N ARG U 111 -63.36 -24.87 4.43
CA ARG U 111 -62.20 -24.74 3.53
C ARG U 111 -61.92 -26.04 2.90
N GLY U 112 -61.93 -27.09 3.69
CA GLY U 112 -61.61 -28.39 3.14
C GLY U 112 -62.56 -28.84 2.05
N ALA U 113 -63.80 -28.34 2.15
CA ALA U 113 -64.96 -28.91 1.49
C ALA U 113 -64.72 -29.52 0.11
N VAL U 114 -65.14 -30.75 -0.06
CA VAL U 114 -65.04 -31.45 -1.32
C VAL U 114 -66.35 -32.09 -1.72
N VAL U 115 -66.60 -32.16 -3.02
CA VAL U 115 -67.75 -32.91 -3.56
C VAL U 115 -67.28 -33.83 -4.67
N ALA U 116 -67.92 -34.98 -4.78
CA ALA U 116 -67.48 -35.99 -5.72
C ALA U 116 -68.54 -37.06 -5.86
N LYS U 117 -68.44 -37.82 -6.94
CA LYS U 117 -69.32 -38.97 -7.17
C LYS U 117 -68.86 -40.07 -6.23
N TRP U 118 -69.77 -40.97 -5.84
CA TRP U 118 -69.44 -41.98 -4.82
C TRP U 118 -68.32 -42.97 -5.19
N TRP U 119 -67.98 -43.06 -6.46
CA TRP U 119 -66.85 -43.90 -6.86
C TRP U 119 -65.55 -43.12 -7.00
N GLU U 120 -65.41 -42.03 -6.25
CA GLU U 120 -64.23 -41.18 -6.30
C GLU U 120 -63.79 -40.95 -4.86
N SER U 121 -62.54 -41.29 -4.57
CA SER U 121 -61.88 -40.94 -3.29
C SER U 121 -61.60 -39.46 -3.27
N ARG U 122 -61.44 -38.91 -2.08
CA ARG U 122 -61.31 -37.48 -1.97
C ARG U 122 -60.78 -37.09 -0.59
N THR U 123 -60.09 -35.96 -0.51
CA THR U 123 -59.46 -35.54 0.73
C THR U 123 -59.85 -34.12 1.06
N VAL U 124 -60.42 -33.94 2.25
CA VAL U 124 -60.73 -32.60 2.75
C VAL U 124 -59.57 -32.14 3.62
N ARG U 125 -59.07 -30.96 3.29
CA ARG U 125 -57.98 -30.33 3.99
C ARG U 125 -58.50 -29.07 4.64
N PRO U 126 -59.04 -29.20 5.86
CA PRO U 126 -59.73 -28.06 6.41
C PRO U 126 -58.77 -27.08 7.07
N GLN U 127 -59.33 -25.95 7.50
CA GLN U 127 -58.68 -25.05 8.42
C GLN U 127 -59.54 -25.09 9.70
N TYR U 128 -58.86 -25.04 10.84
CA TYR U 128 -59.45 -25.40 12.14
C TYR U 128 -59.00 -24.40 13.20
N THR U 129 -59.36 -24.70 14.45
CA THR U 129 -58.96 -23.89 15.61
C THR U 129 -57.44 -23.60 15.68
N ARG U 130 -56.60 -24.61 15.48
CA ARG U 130 -55.13 -24.49 15.53
C ARG U 130 -54.60 -24.13 16.93
N THR U 131 -55.40 -24.40 17.95
CA THR U 131 -55.22 -23.86 19.31
C THR U 131 -55.01 -24.99 20.31
N LEU U 132 -54.69 -24.64 21.56
CA LEU U 132 -54.63 -25.62 22.66
C LEU U 132 -56.00 -26.13 23.09
N LEU U 133 -56.10 -27.41 23.38
CA LEU U 133 -57.34 -28.03 23.70
C LEU U 133 -57.19 -28.78 25.01
N TRP U 134 -58.05 -29.78 25.23
CA TRP U 134 -58.14 -30.52 26.46
C TRP U 134 -58.43 -31.99 26.19
N THR U 135 -57.66 -32.90 26.76
CA THR U 135 -57.79 -34.31 26.43
C THR U 135 -59.00 -34.97 27.07
N SER U 136 -59.69 -34.25 27.96
CA SER U 136 -60.90 -34.81 28.59
C SER U 136 -62.00 -33.75 28.69
N SER U 137 -63.25 -34.23 28.85
CA SER U 137 -64.48 -33.40 28.79
C SER U 137 -64.45 -32.15 29.66
N GLY U 138 -65.15 -31.11 29.21
CA GLY U 138 -65.21 -29.83 29.92
C GLY U 138 -66.62 -29.28 29.99
N LYS U 139 -66.82 -28.30 30.85
CA LYS U 139 -68.11 -27.62 30.98
C LYS U 139 -68.35 -26.81 29.70
N GLU U 140 -67.28 -26.21 29.19
CA GLU U 140 -67.28 -25.57 27.87
C GLU U 140 -66.49 -26.43 26.90
N GLN U 141 -67.19 -27.00 25.91
CA GLN U 141 -66.58 -27.99 25.00
C GLN U 141 -65.90 -27.39 23.75
N ARG U 142 -65.68 -26.09 23.76
CA ARG U 142 -64.90 -25.42 22.73
C ARG U 142 -63.44 -25.78 22.82
N LEU U 143 -63.00 -26.33 23.97
CA LEU U 143 -61.60 -26.73 24.19
C LEU U 143 -61.37 -28.24 24.31
N THR U 144 -62.38 -29.08 24.05
CA THR U 144 -62.20 -30.54 24.11
C THR U 144 -62.16 -31.24 22.72
N SER U 145 -62.63 -30.55 21.68
CA SER U 145 -62.68 -31.08 20.31
C SER U 145 -62.48 -29.96 19.29
N PRO U 146 -61.72 -30.23 18.21
CA PRO U 146 -61.35 -29.14 17.30
C PRO U 146 -62.40 -28.87 16.22
N GLY U 147 -63.43 -29.72 16.17
CA GLY U 147 -64.50 -29.64 15.18
C GLY U 147 -65.16 -30.99 14.92
N ARG U 148 -65.87 -31.09 13.82
CA ARG U 148 -66.51 -32.33 13.47
C ARG U 148 -66.64 -32.48 11.95
N LEU U 149 -66.56 -33.74 11.50
CA LEU U 149 -66.51 -34.09 10.10
C LEU U 149 -67.90 -34.55 9.68
N ILE U 150 -68.46 -33.89 8.67
CA ILE U 150 -69.79 -34.22 8.16
C ILE U 150 -69.72 -34.70 6.73
N LEU U 151 -70.53 -35.72 6.42
CA LEU U 151 -70.58 -36.28 5.08
C LEU U 151 -72.05 -36.37 4.67
N LEU U 152 -72.37 -35.71 3.58
CA LEU U 152 -73.75 -35.58 3.09
C LEU U 152 -73.88 -36.20 1.74
N CYS U 153 -75.05 -36.76 1.48
CA CYS U 153 -75.39 -37.23 0.15
C CYS U 153 -75.68 -36.09 -0.81
N VAL U 154 -75.28 -36.30 -2.04
CA VAL U 154 -75.65 -35.44 -3.14
C VAL U 154 -76.30 -36.40 -4.13
N GLY U 155 -77.43 -35.99 -4.68
CA GLY U 155 -78.25 -36.87 -5.49
C GLY U 155 -78.54 -38.13 -4.71
N ASN U 156 -78.85 -39.21 -5.41
CA ASN U 156 -79.22 -40.47 -4.72
C ASN U 156 -78.54 -41.67 -5.36
N ASN U 157 -77.95 -42.50 -4.52
CA ASN U 157 -77.12 -43.62 -4.94
C ASN U 157 -77.88 -44.75 -5.59
N THR U 158 -77.36 -45.21 -6.73
CA THR U 158 -77.91 -46.35 -7.48
C THR U 158 -77.59 -47.64 -6.83
N ASP U 159 -76.57 -47.66 -6.01
CA ASP U 159 -75.99 -48.91 -5.59
C ASP U 159 -75.53 -48.83 -4.15
N VAL U 160 -75.08 -49.95 -3.60
CA VAL U 160 -74.64 -49.98 -2.21
C VAL U 160 -73.25 -49.40 -2.02
N VAL U 161 -73.10 -48.50 -1.06
CA VAL U 161 -71.86 -47.79 -0.81
C VAL U 161 -71.39 -48.15 0.57
N ASN U 162 -70.12 -48.50 0.71
CA ASN U 162 -69.53 -48.76 2.02
C ASN U 162 -68.47 -47.70 2.30
N VAL U 163 -68.93 -46.53 2.70
CA VAL U 163 -68.02 -45.41 2.93
C VAL U 163 -67.33 -45.57 4.26
N SER U 164 -66.01 -45.36 4.28
CA SER U 164 -65.21 -45.28 5.50
C SER U 164 -64.47 -43.96 5.44
N VAL U 165 -64.63 -43.06 6.42
CA VAL U 165 -63.82 -41.84 6.43
C VAL U 165 -62.64 -41.99 7.39
N LEU U 166 -61.49 -41.49 6.97
CA LEU U 166 -60.25 -41.65 7.71
C LEU U 166 -59.77 -40.27 8.04
N CYS U 167 -59.30 -40.12 9.26
CA CYS U 167 -58.72 -38.86 9.69
C CYS U 167 -57.23 -39.05 9.82
N ARG U 168 -56.45 -38.28 9.08
CA ARG U 168 -55.03 -38.24 9.31
C ARG U 168 -54.77 -37.02 10.17
N TRP U 169 -53.95 -37.21 11.19
CA TRP U 169 -53.80 -36.24 12.25
C TRP U 169 -52.38 -36.16 12.71
N SER U 170 -51.98 -34.96 13.10
CA SER U 170 -50.71 -34.69 13.71
C SER U 170 -50.99 -33.77 14.90
N VAL U 171 -50.54 -34.16 16.08
CA VAL U 171 -50.95 -33.53 17.32
C VAL U 171 -49.74 -33.29 18.19
N ARG U 172 -49.68 -32.18 18.91
CA ARG U 172 -48.65 -32.02 19.98
C ARG U 172 -49.27 -32.00 21.39
N LEU U 173 -48.80 -32.94 22.22
CA LEU U 173 -49.37 -33.21 23.54
C LEU U 173 -48.58 -32.53 24.66
N SER U 174 -49.29 -32.18 25.75
CA SER U 174 -48.73 -31.35 26.84
C SER U 174 -49.28 -31.72 28.23
N VAL U 175 -48.66 -31.11 29.24
CA VAL U 175 -48.75 -31.50 30.66
C VAL U 175 -49.04 -32.97 31.01
N PRO U 176 -47.99 -33.69 31.44
CA PRO U 176 -48.10 -35.06 31.91
C PRO U 176 -49.17 -35.23 32.98
N SER U 177 -49.69 -36.46 33.07
CA SER U 177 -50.92 -36.72 33.80
C SER U 177 -51.24 -38.22 33.71
N LEU U 178 -52.32 -38.68 34.33
CA LEU U 178 -52.69 -40.09 34.23
C LEU U 178 -54.15 -40.30 34.61
N GLU U 179 -55.03 -40.44 33.62
CA GLU U 179 -56.45 -40.59 33.89
C GLU U 179 -56.91 -42.05 33.78
N ASN U 180 -57.33 -42.61 34.93
CA ASN U 180 -57.75 -44.01 35.04
C ASN U 180 -59.24 -44.12 35.32
N THR V 18 -43.03 -5.73 -33.75
CA THR V 18 -43.22 -6.73 -34.85
C THR V 18 -44.54 -6.48 -35.60
N ASN V 19 -44.63 -6.96 -36.85
CA ASN V 19 -45.80 -6.75 -37.71
C ASN V 19 -46.76 -7.96 -37.76
N ASP V 20 -46.37 -9.03 -37.09
CA ASP V 20 -47.10 -10.28 -37.09
C ASP V 20 -48.05 -10.36 -35.91
N VAL V 21 -49.30 -10.69 -36.23
CA VAL V 21 -50.36 -10.90 -35.25
C VAL V 21 -50.34 -12.36 -34.81
N HIS V 22 -50.06 -12.61 -33.53
CA HIS V 22 -50.17 -13.95 -32.92
C HIS V 22 -51.63 -14.24 -32.59
N LEU V 23 -52.06 -15.49 -32.76
CA LEU V 23 -53.48 -15.83 -32.60
C LEU V 23 -53.74 -17.29 -32.15
N SER V 24 -54.41 -17.46 -31.01
CA SER V 24 -54.66 -18.79 -30.47
C SER V 24 -56.13 -19.12 -30.36
N GLY V 25 -56.44 -20.39 -30.53
CA GLY V 25 -57.78 -20.90 -30.29
C GLY V 25 -57.73 -22.40 -29.97
N MET V 26 -58.90 -22.99 -29.75
CA MET V 26 -59.01 -24.42 -29.68
C MET V 26 -60.37 -24.68 -30.25
N SER V 27 -60.49 -25.63 -31.17
CA SER V 27 -61.70 -25.76 -31.99
C SER V 27 -61.94 -27.19 -32.43
N ARG V 28 -63.20 -27.57 -32.59
CA ARG V 28 -63.55 -28.93 -32.93
C ARG V 28 -63.36 -29.24 -34.42
N ILE V 29 -62.25 -29.88 -34.76
CA ILE V 29 -61.98 -30.36 -36.10
C ILE V 29 -63.04 -31.30 -36.62
N SER V 30 -63.62 -32.16 -35.80
CA SER V 30 -64.66 -33.09 -36.30
C SER V 30 -65.47 -33.78 -35.22
N GLN V 31 -66.63 -34.28 -35.59
CA GLN V 31 -67.42 -35.10 -34.68
C GLN V 31 -68.04 -36.26 -35.45
N ALA V 32 -67.57 -37.47 -35.16
CA ALA V 32 -68.12 -38.68 -35.73
C ALA V 32 -68.90 -39.49 -34.70
N VAL V 33 -69.92 -40.20 -35.16
CA VAL V 33 -70.59 -41.15 -34.30
C VAL V 33 -70.31 -42.53 -34.88
N LEU V 34 -69.87 -43.45 -34.04
CA LEU V 34 -69.40 -44.74 -34.49
C LEU V 34 -70.39 -45.78 -34.02
N PRO V 35 -71.21 -46.32 -34.94
CA PRO V 35 -72.27 -47.14 -34.43
C PRO V 35 -71.78 -48.40 -33.74
N ALA V 36 -72.75 -49.09 -33.15
CA ALA V 36 -72.57 -50.09 -32.11
C ALA V 36 -71.49 -51.14 -32.33
N GLY V 37 -71.21 -51.54 -33.57
CA GLY V 37 -70.24 -52.61 -33.78
C GLY V 37 -69.38 -52.45 -35.00
N THR V 38 -69.27 -51.22 -35.50
CA THR V 38 -68.86 -51.00 -36.88
C THR V 38 -67.36 -50.82 -37.13
N GLY V 39 -66.58 -50.55 -36.08
CA GLY V 39 -65.14 -50.28 -36.26
C GLY V 39 -64.33 -51.54 -36.50
N THR V 40 -63.09 -51.40 -36.96
CA THR V 40 -62.17 -52.56 -37.10
C THR V 40 -60.75 -52.12 -37.44
N ASP V 41 -59.77 -52.85 -36.91
CA ASP V 41 -58.36 -52.50 -37.09
C ASP V 41 -58.20 -51.88 -38.45
N GLY V 42 -58.14 -50.55 -38.49
CA GLY V 42 -57.83 -49.84 -39.71
C GLY V 42 -58.90 -48.89 -40.17
N TYR V 43 -60.16 -49.23 -39.92
CA TYR V 43 -61.30 -48.38 -40.28
C TYR V 43 -61.00 -46.91 -39.99
N VAL V 44 -61.26 -46.01 -40.94
CA VAL V 44 -60.96 -44.58 -40.70
C VAL V 44 -62.17 -43.87 -40.15
N VAL V 45 -62.05 -43.33 -38.93
CA VAL V 45 -63.17 -42.64 -38.26
C VAL V 45 -63.05 -41.12 -38.29
N VAL V 46 -61.85 -40.60 -38.53
CA VAL V 46 -61.66 -39.19 -38.81
C VAL V 46 -60.56 -39.05 -39.84
N ASP V 47 -60.76 -38.13 -40.78
CA ASP V 47 -59.68 -37.73 -41.68
C ASP V 47 -59.86 -36.27 -42.05
N ALA V 48 -59.13 -35.42 -41.34
CA ALA V 48 -59.39 -33.99 -41.38
C ALA V 48 -58.18 -33.21 -41.83
N THR V 49 -58.27 -32.67 -43.04
CA THR V 49 -57.21 -31.80 -43.56
C THR V 49 -57.33 -30.41 -42.93
N ILE V 50 -56.29 -30.02 -42.20
CA ILE V 50 -56.29 -28.78 -41.42
C ILE V 50 -56.14 -27.49 -42.26
N VAL V 51 -57.27 -26.86 -42.58
CA VAL V 51 -57.28 -25.56 -43.28
C VAL V 51 -57.89 -24.47 -42.42
N PRO V 52 -57.50 -23.21 -42.66
CA PRO V 52 -58.05 -22.10 -41.87
C PRO V 52 -59.58 -22.07 -41.75
N ASP V 53 -60.30 -22.63 -42.71
CA ASP V 53 -61.77 -22.68 -42.64
C ASP V 53 -62.29 -23.69 -41.59
N LEU V 54 -61.44 -24.64 -41.20
CA LEU V 54 -61.82 -25.65 -40.23
C LEU V 54 -61.85 -25.09 -38.81
N LEU V 55 -60.91 -24.19 -38.52
CA LEU V 55 -60.73 -23.60 -37.20
C LEU V 55 -61.46 -22.26 -37.11
N PRO V 56 -62.74 -22.25 -36.67
CA PRO V 56 -63.64 -21.11 -36.87
C PRO V 56 -63.00 -19.73 -36.71
N ARG V 57 -62.42 -19.42 -35.56
CA ARG V 57 -61.84 -18.07 -35.35
C ARG V 57 -60.72 -17.75 -36.31
N LEU V 58 -59.91 -18.74 -36.69
CA LEU V 58 -58.86 -18.53 -37.71
C LEU V 58 -59.45 -18.36 -39.11
N GLY V 59 -60.68 -18.83 -39.31
CA GLY V 59 -61.42 -18.59 -40.55
C GLY V 59 -61.60 -17.11 -40.88
N HIS V 60 -61.99 -16.31 -39.88
CA HIS V 60 -62.12 -14.87 -40.04
C HIS V 60 -60.74 -14.22 -40.19
N ALA V 61 -59.86 -14.52 -39.25
CA ALA V 61 -58.49 -14.01 -39.28
C ALA V 61 -57.84 -14.26 -40.63
N ALA V 62 -58.29 -15.30 -41.34
CA ALA V 62 -57.82 -15.63 -42.69
C ALA V 62 -58.02 -14.48 -43.68
N ARG V 63 -59.26 -13.99 -43.76
CA ARG V 63 -59.61 -12.98 -44.74
C ARG V 63 -58.84 -11.66 -44.56
N ILE V 64 -58.29 -11.43 -43.37
CA ILE V 64 -57.58 -10.19 -43.03
C ILE V 64 -56.09 -10.19 -43.39
N PHE V 65 -55.43 -11.34 -43.32
CA PHE V 65 -54.01 -11.45 -43.67
C PHE V 65 -53.85 -12.30 -44.92
N GLN V 66 -52.60 -12.59 -45.28
CA GLN V 66 -52.29 -13.37 -46.49
C GLN V 66 -51.55 -14.68 -46.22
N ARG V 67 -50.68 -14.68 -45.22
CA ARG V 67 -49.86 -15.83 -44.92
C ARG V 67 -49.86 -16.11 -43.42
N TYR V 68 -49.94 -17.38 -43.04
CA TYR V 68 -49.84 -17.79 -41.64
C TYR V 68 -48.89 -18.97 -41.47
N ALA V 69 -47.99 -18.87 -40.51
CA ALA V 69 -47.21 -20.02 -40.07
C ALA V 69 -47.82 -20.57 -38.78
N VAL V 70 -47.81 -21.88 -38.63
CA VAL V 70 -48.26 -22.50 -37.37
C VAL V 70 -47.17 -22.39 -36.33
N GLU V 71 -47.53 -22.06 -35.09
CA GLU V 71 -46.55 -21.97 -34.00
C GLU V 71 -46.77 -23.00 -32.89
N THR V 72 -48.03 -23.34 -32.54
CA THR V 72 -48.31 -24.62 -31.82
C THR V 72 -49.60 -25.31 -32.31
N LEU V 73 -49.50 -26.61 -32.59
CA LEU V 73 -50.65 -27.47 -32.89
C LEU V 73 -50.61 -28.62 -31.91
N GLU V 74 -51.81 -29.01 -31.44
CA GLU V 74 -52.03 -30.22 -30.62
C GLU V 74 -53.44 -30.67 -30.87
N PHE V 75 -53.68 -31.98 -30.88
CA PHE V 75 -55.06 -32.48 -31.09
C PHE V 75 -55.57 -33.25 -29.91
N GLU V 76 -56.73 -32.88 -29.41
CA GLU V 76 -57.26 -33.52 -28.23
C GLU V 76 -58.36 -34.50 -28.60
N ILE V 77 -58.02 -35.77 -28.66
CA ILE V 77 -58.96 -36.81 -29.05
C ILE V 77 -59.84 -37.03 -27.84
N GLN V 78 -61.14 -36.89 -28.04
CA GLN V 78 -62.04 -36.82 -26.91
C GLN V 78 -63.28 -37.68 -27.17
N PRO V 79 -63.11 -39.00 -27.22
CA PRO V 79 -64.18 -39.93 -27.45
C PRO V 79 -65.08 -40.05 -26.22
N MET V 80 -66.36 -40.34 -26.48
CA MET V 80 -67.39 -40.34 -25.46
C MET V 80 -68.29 -41.56 -25.52
N CYS V 81 -68.14 -42.44 -24.54
CA CYS V 81 -68.78 -43.74 -24.55
C CYS V 81 -68.71 -44.32 -23.13
N PRO V 82 -69.45 -45.43 -22.87
CA PRO V 82 -69.35 -45.95 -21.54
C PRO V 82 -68.05 -46.71 -21.37
N ALA V 83 -67.62 -46.87 -20.14
CA ALA V 83 -66.37 -47.53 -19.83
C ALA V 83 -66.37 -49.05 -20.02
N ASN V 84 -67.43 -49.61 -20.61
CA ASN V 84 -67.47 -51.02 -20.97
C ASN V 84 -67.40 -51.21 -22.46
N THR V 85 -66.62 -50.35 -23.11
CA THR V 85 -66.48 -50.34 -24.54
C THR V 85 -65.15 -51.00 -24.84
N GLY V 86 -65.16 -51.92 -25.80
CA GLY V 86 -63.95 -52.68 -26.17
C GLY V 86 -63.20 -51.93 -27.27
N GLY V 87 -62.76 -50.75 -26.94
CA GLY V 87 -62.42 -49.82 -27.99
C GLY V 87 -60.99 -49.86 -28.44
N GLY V 88 -60.47 -48.68 -28.72
CA GLY V 88 -59.12 -48.54 -29.24
C GLY V 88 -59.03 -47.63 -30.44
N TYR V 89 -58.19 -46.62 -30.35
CA TYR V 89 -57.82 -45.85 -31.53
C TYR V 89 -56.32 -45.67 -31.58
N VAL V 90 -55.85 -45.20 -32.72
CA VAL V 90 -54.51 -44.65 -32.86
C VAL V 90 -54.78 -43.35 -33.56
N ALA V 91 -54.07 -42.30 -33.17
CA ALA V 91 -54.33 -41.01 -33.74
C ALA V 91 -53.01 -40.36 -33.92
N GLY V 92 -52.74 -39.86 -35.10
CA GLY V 92 -51.48 -39.20 -35.37
C GLY V 92 -51.72 -38.14 -36.39
N PHE V 93 -50.82 -37.16 -36.40
CA PHE V 93 -50.88 -36.08 -37.38
C PHE V 93 -49.73 -36.20 -38.39
N LEU V 94 -50.05 -36.57 -39.64
CA LEU V 94 -49.03 -36.62 -40.72
C LEU V 94 -49.00 -35.32 -41.54
N PRO V 95 -47.78 -34.81 -41.81
CA PRO V 95 -47.58 -33.45 -42.35
C PRO V 95 -47.93 -33.14 -43.83
N ASP V 96 -48.10 -34.15 -44.69
CA ASP V 96 -48.62 -33.88 -46.05
C ASP V 96 -50.11 -33.87 -45.97
N PRO V 97 -50.75 -32.75 -46.38
CA PRO V 97 -52.19 -32.88 -46.66
C PRO V 97 -52.45 -33.86 -47.83
N THR V 98 -51.39 -34.14 -48.58
CA THR V 98 -51.42 -35.03 -49.74
C THR V 98 -51.71 -36.51 -49.39
N ASP V 99 -50.88 -37.10 -48.53
CA ASP V 99 -50.74 -38.57 -48.49
C ASP V 99 -51.94 -39.33 -47.92
N ASN V 100 -52.41 -40.32 -48.70
CA ASN V 100 -53.54 -41.20 -48.32
C ASN V 100 -53.09 -42.49 -47.65
N ASP V 101 -51.89 -42.45 -47.05
CA ASP V 101 -51.32 -43.58 -46.33
C ASP V 101 -51.97 -43.65 -44.95
N HIS V 102 -53.21 -44.15 -44.87
CA HIS V 102 -53.93 -44.21 -43.59
C HIS V 102 -53.85 -45.62 -43.00
N THR V 103 -52.69 -45.97 -42.46
CA THR V 103 -52.50 -47.25 -41.79
C THR V 103 -51.84 -47.01 -40.44
N PHE V 104 -52.09 -47.91 -39.50
CA PHE V 104 -51.51 -47.80 -38.16
C PHE V 104 -50.01 -47.54 -38.12
N ASP V 105 -49.24 -48.29 -38.89
CA ASP V 105 -47.78 -48.18 -38.82
C ASP V 105 -47.30 -46.84 -39.33
N ALA V 106 -48.06 -46.28 -40.26
CA ALA V 106 -47.80 -44.97 -40.81
C ALA V 106 -48.05 -43.85 -39.80
N LEU V 107 -49.13 -43.99 -39.05
CA LEU V 107 -49.48 -43.04 -38.00
C LEU V 107 -48.46 -43.14 -36.89
N GLN V 108 -48.21 -44.36 -36.42
CA GLN V 108 -47.21 -44.60 -35.35
C GLN V 108 -45.82 -44.09 -35.69
N ALA V 109 -45.54 -44.03 -36.98
CA ALA V 109 -44.30 -43.43 -37.46
C ALA V 109 -44.18 -41.93 -37.13
N THR V 110 -45.34 -41.24 -37.03
CA THR V 110 -45.41 -39.78 -36.72
C THR V 110 -45.21 -39.44 -35.23
N ARG V 111 -44.96 -38.16 -34.93
CA ARG V 111 -44.40 -37.82 -33.61
C ARG V 111 -45.48 -37.68 -32.58
N GLY V 112 -46.62 -37.14 -32.98
CA GLY V 112 -47.70 -37.00 -32.02
C GLY V 112 -48.17 -38.34 -31.51
N ALA V 113 -48.26 -39.28 -32.44
CA ALA V 113 -48.98 -40.53 -32.32
C ALA V 113 -49.29 -41.06 -30.93
N VAL V 114 -50.57 -41.24 -30.65
CA VAL V 114 -51.09 -41.78 -29.39
C VAL V 114 -52.09 -42.91 -29.69
N VAL V 115 -52.06 -43.99 -28.90
CA VAL V 115 -53.06 -45.06 -28.98
C VAL V 115 -53.70 -45.21 -27.62
N ALA V 116 -54.99 -45.49 -27.58
CA ALA V 116 -55.75 -45.63 -26.34
C ALA V 116 -57.07 -46.36 -26.56
N LYS V 117 -57.75 -46.72 -25.48
CA LYS V 117 -59.06 -47.38 -25.55
C LYS V 117 -60.08 -46.29 -25.77
N TRP V 118 -61.28 -46.66 -26.20
CA TRP V 118 -62.20 -45.62 -26.61
C TRP V 118 -62.72 -44.80 -25.41
N TRP V 119 -62.50 -45.27 -24.19
CA TRP V 119 -63.01 -44.55 -23.02
C TRP V 119 -61.91 -43.75 -22.35
N GLU V 120 -60.86 -43.43 -23.09
CA GLU V 120 -59.71 -42.68 -22.58
C GLU V 120 -59.39 -41.53 -23.54
N SER V 121 -59.32 -40.31 -22.99
CA SER V 121 -58.91 -39.13 -23.74
C SER V 121 -57.45 -39.20 -23.99
N ARG V 122 -56.98 -38.52 -25.02
CA ARG V 122 -55.60 -38.65 -25.38
C ARG V 122 -55.22 -37.53 -26.32
N THR V 123 -54.03 -36.95 -26.10
CA THR V 123 -53.60 -35.74 -26.80
C THR V 123 -52.38 -36.03 -27.67
N VAL V 124 -52.42 -35.61 -28.93
CA VAL V 124 -51.30 -35.80 -29.87
C VAL V 124 -50.57 -34.48 -30.03
N ARG V 125 -49.26 -34.53 -29.82
CA ARG V 125 -48.37 -33.37 -29.87
C ARG V 125 -47.41 -33.46 -31.04
N PRO V 126 -47.88 -33.16 -32.25
CA PRO V 126 -47.06 -33.50 -33.38
C PRO V 126 -45.88 -32.54 -33.59
N GLN V 127 -44.95 -32.98 -34.45
CA GLN V 127 -43.97 -32.13 -35.13
C GLN V 127 -44.44 -31.99 -36.58
N TYR V 128 -44.27 -30.78 -37.11
CA TYR V 128 -45.00 -30.34 -38.27
C TYR V 128 -44.10 -29.36 -39.02
N THR V 129 -44.66 -28.69 -40.03
CA THR V 129 -43.91 -27.83 -40.96
C THR V 129 -43.05 -26.70 -40.34
N ARG V 130 -43.66 -25.86 -39.49
CA ARG V 130 -42.96 -24.72 -38.83
C ARG V 130 -42.54 -23.66 -39.85
N THR V 131 -43.31 -23.59 -40.94
CA THR V 131 -43.01 -22.78 -42.10
C THR V 131 -44.21 -21.92 -42.50
N LEU V 132 -43.96 -20.98 -43.41
CA LEU V 132 -44.96 -20.02 -43.82
C LEU V 132 -45.92 -20.60 -44.84
N LEU V 133 -47.20 -20.35 -44.66
CA LEU V 133 -48.24 -20.90 -45.54
C LEU V 133 -49.08 -19.76 -46.16
N TRP V 134 -50.29 -20.07 -46.60
CA TRP V 134 -51.12 -19.19 -47.43
C TRP V 134 -52.59 -19.33 -47.07
N THR V 135 -53.26 -18.23 -46.75
CA THR V 135 -54.60 -18.30 -46.15
C THR V 135 -55.80 -18.56 -47.09
N SER V 136 -55.57 -18.86 -48.38
CA SER V 136 -56.64 -19.37 -49.31
C SER V 136 -56.17 -20.25 -50.48
N SER V 137 -57.07 -21.10 -51.00
CA SER V 137 -56.75 -22.23 -51.92
C SER V 137 -55.59 -22.00 -52.91
N GLY V 138 -54.56 -22.85 -52.82
CA GLY V 138 -53.32 -22.69 -53.61
C GLY V 138 -53.14 -23.72 -54.72
N LYS V 139 -52.21 -23.43 -55.64
CA LYS V 139 -51.86 -24.33 -56.76
C LYS V 139 -50.77 -25.33 -56.35
N GLU V 140 -49.89 -24.87 -55.46
CA GLU V 140 -49.05 -25.75 -54.65
C GLU V 140 -49.66 -25.70 -53.24
N GLN V 141 -50.43 -26.73 -52.89
CA GLN V 141 -51.21 -26.71 -51.64
C GLN V 141 -50.45 -27.24 -50.41
N ARG V 142 -49.14 -27.41 -50.57
CA ARG V 142 -48.27 -27.71 -49.45
C ARG V 142 -48.31 -26.50 -48.50
N LEU V 143 -48.48 -25.29 -49.06
CA LEU V 143 -48.49 -24.03 -48.29
C LEU V 143 -49.92 -23.48 -47.95
N THR V 144 -50.94 -24.33 -47.81
CA THR V 144 -52.29 -23.90 -47.27
C THR V 144 -52.83 -24.75 -46.09
N SER V 145 -52.17 -25.88 -45.83
CA SER V 145 -52.57 -26.82 -44.80
C SER V 145 -51.27 -27.46 -44.28
N PRO V 146 -51.01 -27.39 -42.96
CA PRO V 146 -49.75 -27.90 -42.42
C PRO V 146 -49.75 -29.42 -42.32
N GLY V 147 -50.93 -30.01 -42.52
CA GLY V 147 -51.09 -31.44 -42.49
C GLY V 147 -52.51 -31.82 -42.15
N ARG V 148 -52.73 -33.10 -41.88
CA ARG V 148 -54.04 -33.59 -41.50
C ARG V 148 -53.95 -34.58 -40.33
N LEU V 149 -55.11 -34.81 -39.72
CA LEU V 149 -55.22 -35.52 -38.48
C LEU V 149 -56.02 -36.75 -38.84
N ILE V 150 -55.46 -37.94 -38.60
CA ILE V 150 -56.19 -39.18 -38.84
C ILE V 150 -56.51 -39.91 -37.54
N LEU V 151 -57.66 -40.56 -37.52
CA LEU V 151 -58.05 -41.37 -36.40
C LEU V 151 -58.46 -42.70 -36.99
N LEU V 152 -57.85 -43.77 -36.49
CA LEU V 152 -58.06 -45.12 -37.02
C LEU V 152 -58.51 -45.99 -35.92
N CYS V 153 -59.41 -46.92 -36.22
CA CYS V 153 -59.78 -47.92 -35.24
C CYS V 153 -58.66 -48.93 -34.95
N VAL V 154 -58.66 -49.42 -33.71
CA VAL V 154 -57.82 -50.53 -33.26
C VAL V 154 -58.79 -51.42 -32.51
N GLY V 155 -58.83 -52.70 -32.86
CA GLY V 155 -59.92 -53.55 -32.39
C GLY V 155 -61.28 -52.95 -32.78
N ASN V 156 -62.36 -53.65 -32.46
CA ASN V 156 -63.71 -53.16 -32.85
C ASN V 156 -64.45 -52.62 -31.63
N ASN V 157 -65.18 -51.52 -31.82
CA ASN V 157 -65.98 -50.95 -30.74
C ASN V 157 -67.17 -51.85 -30.34
N THR V 158 -67.24 -52.19 -29.06
CA THR V 158 -68.37 -52.92 -28.49
C THR V 158 -69.62 -52.06 -28.37
N ASP V 159 -69.46 -50.74 -28.30
CA ASP V 159 -70.53 -49.82 -27.93
C ASP V 159 -70.45 -48.51 -28.72
N VAL V 160 -71.52 -47.71 -28.70
CA VAL V 160 -71.57 -46.48 -29.50
C VAL V 160 -70.57 -45.49 -28.95
N VAL V 161 -69.91 -44.76 -29.86
CA VAL V 161 -68.82 -43.86 -29.54
C VAL V 161 -68.95 -42.52 -30.27
N ASN V 162 -69.10 -41.42 -29.53
CA ASN V 162 -69.34 -40.09 -30.12
C ASN V 162 -68.05 -39.27 -30.08
N VAL V 163 -67.13 -39.59 -30.98
CA VAL V 163 -65.80 -39.01 -30.95
C VAL V 163 -65.71 -37.57 -31.48
N SER V 164 -65.06 -36.71 -30.71
CA SER V 164 -64.84 -35.33 -31.09
C SER V 164 -63.33 -35.08 -30.95
N VAL V 165 -62.70 -34.65 -32.03
CA VAL V 165 -61.29 -34.26 -31.95
C VAL V 165 -61.28 -32.74 -31.99
N LEU V 166 -60.43 -32.16 -31.17
CA LEU V 166 -60.30 -30.73 -31.00
C LEU V 166 -58.88 -30.40 -31.34
N CYS V 167 -58.70 -29.38 -32.15
CA CYS V 167 -57.39 -28.90 -32.47
C CYS V 167 -57.24 -27.67 -31.63
N ARG V 168 -56.19 -27.63 -30.82
CA ARG V 168 -55.75 -26.41 -30.20
C ARG V 168 -54.62 -25.91 -31.04
N TRP V 169 -54.68 -24.63 -31.38
CA TRP V 169 -53.75 -24.01 -32.30
C TRP V 169 -53.28 -22.68 -31.82
N SER V 170 -52.20 -22.24 -32.41
CA SER V 170 -51.51 -21.05 -32.00
C SER V 170 -50.72 -20.66 -33.24
N VAL V 171 -51.15 -19.58 -33.87
CA VAL V 171 -50.73 -19.21 -35.21
C VAL V 171 -50.18 -17.80 -35.22
N ARG V 172 -49.19 -17.51 -36.06
CA ARG V 172 -48.84 -16.10 -36.37
C ARG V 172 -49.14 -15.68 -37.83
N LEU V 173 -50.05 -14.71 -37.97
CA LEU V 173 -50.46 -14.19 -39.26
C LEU V 173 -49.53 -13.07 -39.71
N SER V 174 -49.44 -12.91 -41.04
CA SER V 174 -48.24 -12.32 -41.65
C SER V 174 -48.48 -11.00 -42.37
N VAL V 175 -49.11 -11.05 -43.55
CA VAL V 175 -49.13 -9.90 -44.47
C VAL V 175 -50.56 -9.35 -44.68
N PRO V 176 -50.81 -8.13 -44.18
CA PRO V 176 -52.16 -7.54 -44.22
C PRO V 176 -52.82 -7.65 -45.59
N SER V 177 -54.14 -7.74 -45.64
CA SER V 177 -54.86 -7.75 -46.93
C SER V 177 -56.36 -7.70 -46.68
N LEU V 178 -57.14 -8.17 -47.64
CA LEU V 178 -58.57 -8.25 -47.46
C LEU V 178 -59.18 -9.16 -48.51
N GLU V 179 -59.66 -10.33 -48.10
CA GLU V 179 -60.05 -11.38 -49.05
C GLU V 179 -61.55 -11.72 -48.95
N ASN V 180 -62.40 -10.85 -49.49
CA ASN V 180 -63.84 -11.14 -49.57
C ASN V 180 -64.09 -12.43 -50.39
N THR W 18 -18.19 -12.24 -48.67
CA THR W 18 -19.54 -12.79 -48.74
C THR W 18 -19.82 -13.25 -50.20
N ASN W 19 -20.97 -13.91 -50.43
CA ASN W 19 -21.24 -14.61 -51.71
C ASN W 19 -22.44 -14.13 -52.55
N ASP W 20 -23.22 -13.19 -52.01
CA ASP W 20 -24.38 -12.64 -52.70
C ASP W 20 -24.02 -11.30 -53.33
N VAL W 21 -24.42 -11.14 -54.58
CA VAL W 21 -24.17 -9.95 -55.37
C VAL W 21 -25.39 -9.01 -55.31
N HIS W 22 -25.29 -7.92 -54.54
CA HIS W 22 -26.38 -6.94 -54.45
C HIS W 22 -26.39 -6.04 -55.70
N LEU W 23 -27.53 -5.40 -55.97
CA LEU W 23 -27.75 -4.66 -57.21
C LEU W 23 -28.97 -3.76 -57.06
N SER W 24 -28.81 -2.46 -57.32
CA SER W 24 -29.92 -1.51 -57.15
C SER W 24 -30.23 -0.76 -58.43
N GLY W 25 -31.38 -0.10 -58.43
CA GLY W 25 -31.75 0.72 -59.56
C GLY W 25 -33.13 1.27 -59.37
N MET W 26 -33.58 2.03 -60.36
CA MET W 26 -34.92 2.55 -60.35
C MET W 26 -35.45 2.54 -61.78
N SER W 27 -36.58 1.89 -62.03
CA SER W 27 -37.00 1.58 -63.39
C SER W 27 -38.42 2.05 -63.65
N ARG W 28 -38.68 2.55 -64.85
CA ARG W 28 -40.06 2.81 -65.18
C ARG W 28 -40.75 1.48 -65.43
N ILE W 29 -41.71 1.17 -64.57
CA ILE W 29 -42.49 -0.04 -64.62
C ILE W 29 -43.59 0.06 -65.65
N SER W 30 -44.12 1.25 -65.84
CA SER W 30 -45.16 1.45 -66.84
C SER W 30 -45.42 2.94 -67.09
N GLN W 31 -46.22 3.20 -68.11
CA GLN W 31 -46.53 4.55 -68.53
C GLN W 31 -47.88 4.45 -69.19
N ALA W 32 -48.93 4.85 -68.51
CA ALA W 32 -50.26 4.94 -69.11
C ALA W 32 -50.57 6.39 -69.46
N VAL W 33 -51.49 6.57 -70.40
CA VAL W 33 -51.98 7.91 -70.77
C VAL W 33 -53.51 7.93 -70.65
N LEU W 34 -53.98 8.55 -69.57
CA LEU W 34 -55.40 8.58 -69.22
C LEU W 34 -56.05 9.87 -69.74
N PRO W 35 -56.88 9.75 -70.79
CA PRO W 35 -57.27 10.89 -71.57
C PRO W 35 -58.41 11.66 -70.94
N ALA W 36 -58.67 12.81 -71.55
CA ALA W 36 -59.77 13.73 -71.23
C ALA W 36 -60.67 13.36 -70.08
N GLY W 37 -61.56 12.38 -70.22
CA GLY W 37 -62.61 12.17 -69.19
C GLY W 37 -62.93 10.74 -68.82
N THR W 38 -62.01 9.83 -69.14
CA THR W 38 -62.28 8.40 -69.09
C THR W 38 -62.15 7.76 -67.68
N GLY W 39 -61.39 8.37 -66.77
CA GLY W 39 -61.23 7.77 -65.45
C GLY W 39 -62.57 7.70 -64.75
N THR W 40 -62.73 6.75 -63.84
CA THR W 40 -63.87 6.71 -62.89
C THR W 40 -63.55 5.73 -61.79
N ASP W 41 -64.21 5.89 -60.65
CA ASP W 41 -63.96 5.05 -59.50
C ASP W 41 -63.78 3.62 -59.98
N GLY W 42 -62.58 3.07 -59.76
CA GLY W 42 -62.28 1.66 -60.04
C GLY W 42 -61.41 1.39 -61.27
N TYR W 43 -61.34 2.36 -62.18
CA TYR W 43 -60.64 2.20 -63.46
C TYR W 43 -59.14 1.88 -63.29
N VAL W 44 -58.73 0.75 -63.86
CA VAL W 44 -57.39 0.18 -63.67
C VAL W 44 -56.43 0.78 -64.68
N VAL W 45 -55.66 1.79 -64.29
CA VAL W 45 -54.80 2.51 -65.24
C VAL W 45 -53.44 1.85 -65.36
N VAL W 46 -53.05 1.09 -64.34
CA VAL W 46 -51.85 0.32 -64.39
C VAL W 46 -52.05 -0.90 -63.53
N ASP W 47 -51.71 -2.05 -64.10
CA ASP W 47 -51.52 -3.27 -63.34
C ASP W 47 -50.28 -3.92 -63.92
N ALA W 48 -49.22 -3.94 -63.12
CA ALA W 48 -47.91 -4.37 -63.61
C ALA W 48 -47.34 -5.44 -62.70
N THR W 49 -47.21 -6.64 -63.26
CA THR W 49 -46.64 -7.75 -62.53
C THR W 49 -45.13 -7.63 -62.63
N ILE W 50 -44.49 -7.54 -61.48
CA ILE W 50 -43.09 -7.21 -61.38
C ILE W 50 -42.23 -8.44 -61.61
N VAL W 51 -41.46 -8.41 -62.70
CA VAL W 51 -40.47 -9.46 -63.05
C VAL W 51 -39.15 -8.81 -63.52
N PRO W 52 -38.03 -9.56 -63.43
CA PRO W 52 -36.75 -9.08 -63.91
C PRO W 52 -36.87 -8.32 -65.21
N ASP W 53 -37.55 -8.90 -66.20
CA ASP W 53 -37.60 -8.26 -67.51
C ASP W 53 -38.18 -6.84 -67.44
N LEU W 54 -39.14 -6.62 -66.54
CA LEU W 54 -39.73 -5.27 -66.34
C LEU W 54 -38.78 -4.20 -65.80
N LEU W 55 -37.71 -4.63 -65.15
CA LEU W 55 -36.69 -3.73 -64.62
C LEU W 55 -35.40 -3.93 -65.43
N PRO W 56 -35.13 -3.05 -66.41
CA PRO W 56 -34.14 -3.37 -67.43
C PRO W 56 -32.73 -3.77 -66.93
N ARG W 57 -32.16 -3.06 -65.95
CA ARG W 57 -30.82 -3.44 -65.45
C ARG W 57 -30.87 -4.85 -64.86
N LEU W 58 -31.91 -5.17 -64.10
CA LEU W 58 -32.06 -6.53 -63.57
C LEU W 58 -32.23 -7.62 -64.67
N GLY W 59 -32.92 -7.27 -65.76
CA GLY W 59 -33.18 -8.19 -66.85
C GLY W 59 -31.94 -8.70 -67.54
N HIS W 60 -30.82 -7.97 -67.40
CA HIS W 60 -29.50 -8.43 -67.83
C HIS W 60 -28.79 -9.29 -66.78
N ALA W 61 -28.82 -8.83 -65.54
CA ALA W 61 -28.39 -9.63 -64.42
C ALA W 61 -29.24 -10.90 -64.31
N ALA W 62 -30.44 -10.91 -64.85
CA ALA W 62 -31.30 -12.11 -64.81
C ALA W 62 -30.73 -13.28 -65.57
N ARG W 63 -29.86 -13.01 -66.53
CA ARG W 63 -29.25 -14.06 -67.32
C ARG W 63 -27.84 -14.49 -66.83
N ILE W 64 -27.31 -13.83 -65.81
CA ILE W 64 -26.06 -14.22 -65.21
C ILE W 64 -26.32 -15.09 -63.97
N PHE W 65 -27.38 -14.77 -63.25
CA PHE W 65 -27.72 -15.43 -62.00
C PHE W 65 -29.04 -16.15 -62.09
N GLN W 66 -29.17 -17.13 -61.22
CA GLN W 66 -30.27 -18.05 -61.25
C GLN W 66 -31.43 -17.53 -60.45
N ARG W 67 -31.12 -16.98 -59.29
CA ARG W 67 -32.13 -16.57 -58.33
C ARG W 67 -31.82 -15.20 -57.77
N TYR W 68 -32.84 -14.61 -57.13
CA TYR W 68 -32.75 -13.29 -56.54
C TYR W 68 -33.73 -13.16 -55.36
N ALA W 69 -33.33 -12.35 -54.38
CA ALA W 69 -34.17 -11.96 -53.24
C ALA W 69 -34.33 -10.46 -53.26
N VAL W 70 -35.55 -9.97 -53.02
CA VAL W 70 -35.79 -8.51 -52.98
C VAL W 70 -35.39 -7.96 -51.62
N GLU W 71 -34.36 -7.13 -51.60
CA GLU W 71 -33.90 -6.52 -50.38
C GLU W 71 -34.62 -5.18 -50.10
N THR W 72 -35.01 -4.44 -51.14
CA THR W 72 -35.92 -3.27 -50.99
C THR W 72 -36.79 -3.07 -52.22
N LEU W 73 -37.88 -2.33 -52.06
CA LEU W 73 -38.84 -2.21 -53.14
C LEU W 73 -39.75 -1.07 -52.84
N GLU W 74 -39.77 -0.09 -53.74
CA GLU W 74 -40.72 1.02 -53.65
C GLU W 74 -41.23 1.34 -55.04
N PHE W 75 -42.34 2.05 -55.06
CA PHE W 75 -42.90 2.52 -56.28
C PHE W 75 -43.29 3.96 -56.09
N GLU W 76 -42.66 4.83 -56.89
CA GLU W 76 -42.97 6.23 -56.94
C GLU W 76 -43.92 6.45 -58.12
N ILE W 77 -45.16 6.81 -57.79
CA ILE W 77 -46.17 7.16 -58.80
C ILE W 77 -45.86 8.58 -59.25
N GLN W 78 -45.74 8.77 -60.55
CA GLN W 78 -45.31 10.05 -61.05
C GLN W 78 -46.20 10.50 -62.23
N PRO W 79 -47.42 10.96 -61.91
CA PRO W 79 -48.37 11.44 -62.89
C PRO W 79 -48.05 12.81 -63.47
N MET W 80 -48.42 13.06 -64.72
CA MET W 80 -48.09 14.32 -65.35
C MET W 80 -49.30 14.94 -66.01
N CYS W 81 -49.78 16.00 -65.37
CA CYS W 81 -50.99 16.65 -65.78
C CYS W 81 -50.95 18.05 -65.23
N PRO W 82 -51.85 18.91 -65.72
CA PRO W 82 -51.97 20.23 -65.15
C PRO W 82 -52.54 20.18 -63.76
N ALA W 83 -52.20 21.20 -62.97
CA ALA W 83 -52.59 21.29 -61.58
C ALA W 83 -54.09 21.55 -61.43
N ASN W 84 -54.77 21.82 -62.55
CA ASN W 84 -56.22 21.95 -62.57
C ASN W 84 -56.95 20.69 -62.95
N THR W 85 -56.46 19.57 -62.44
CA THR W 85 -57.02 18.29 -62.74
C THR W 85 -57.77 17.83 -61.51
N GLY W 86 -59.00 17.34 -61.73
CA GLY W 86 -59.88 16.91 -60.65
C GLY W 86 -59.71 15.42 -60.41
N GLY W 87 -58.49 14.97 -60.56
CA GLY W 87 -58.23 13.57 -60.57
C GLY W 87 -58.30 12.90 -59.23
N GLY W 88 -57.47 11.88 -59.08
CA GLY W 88 -57.54 10.99 -57.97
C GLY W 88 -57.02 9.63 -58.35
N TYR W 89 -56.15 9.08 -57.53
CA TYR W 89 -55.76 7.70 -57.66
C TYR W 89 -55.54 7.07 -56.31
N VAL W 90 -55.60 5.73 -56.30
CA VAL W 90 -55.05 4.93 -55.21
C VAL W 90 -54.09 3.97 -55.86
N ALA W 91 -52.96 3.72 -55.21
CA ALA W 91 -52.00 2.76 -55.72
C ALA W 91 -51.49 1.90 -54.62
N GLY W 92 -51.28 0.64 -54.95
CA GLY W 92 -50.90 -0.33 -53.95
C GLY W 92 -50.32 -1.56 -54.57
N PHE W 93 -49.46 -2.22 -53.79
CA PHE W 93 -48.75 -3.43 -54.21
C PHE W 93 -49.26 -4.66 -53.42
N LEU W 94 -50.09 -5.48 -54.07
CA LEU W 94 -50.53 -6.75 -53.49
C LEU W 94 -49.52 -7.79 -53.86
N PRO W 95 -48.90 -8.43 -52.83
CA PRO W 95 -47.74 -9.30 -53.07
C PRO W 95 -48.09 -10.68 -53.61
N ASP W 96 -49.24 -10.80 -54.26
CA ASP W 96 -49.56 -11.99 -55.00
C ASP W 96 -49.53 -11.67 -56.46
N PRO W 97 -48.43 -12.05 -57.14
CA PRO W 97 -48.42 -11.88 -58.60
C PRO W 97 -49.64 -12.57 -59.22
N THR W 98 -50.12 -13.58 -58.50
CA THR W 98 -51.32 -14.33 -58.82
C THR W 98 -52.60 -13.50 -58.81
N ASP W 99 -52.78 -12.72 -57.75
CA ASP W 99 -54.11 -12.28 -57.29
C ASP W 99 -54.66 -11.05 -58.01
N ASN W 100 -55.94 -11.14 -58.35
CA ASN W 100 -56.63 -10.21 -59.24
C ASN W 100 -57.71 -9.37 -58.53
N ASP W 101 -57.56 -9.14 -57.23
CA ASP W 101 -58.53 -8.31 -56.52
C ASP W 101 -58.16 -6.84 -56.75
N HIS W 102 -58.78 -6.23 -57.77
CA HIS W 102 -58.39 -4.89 -58.22
C HIS W 102 -59.44 -3.85 -57.90
N THR W 103 -59.63 -3.61 -56.61
CA THR W 103 -60.62 -2.68 -56.10
C THR W 103 -59.97 -1.80 -55.03
N PHE W 104 -60.61 -0.66 -54.72
CA PHE W 104 -59.99 0.27 -53.82
C PHE W 104 -59.60 -0.38 -52.49
N ASP W 105 -60.53 -1.11 -51.89
CA ASP W 105 -60.41 -1.48 -50.48
C ASP W 105 -59.38 -2.59 -50.33
N ALA W 106 -59.28 -3.39 -51.39
CA ALA W 106 -58.25 -4.39 -51.48
C ALA W 106 -56.90 -3.70 -51.42
N LEU W 107 -56.66 -2.75 -52.31
CA LEU W 107 -55.43 -1.96 -52.24
C LEU W 107 -55.23 -1.24 -50.92
N GLN W 108 -56.23 -0.51 -50.40
CA GLN W 108 -55.98 0.30 -49.20
C GLN W 108 -55.62 -0.55 -48.00
N ALA W 109 -55.93 -1.84 -48.07
CA ALA W 109 -55.54 -2.82 -47.04
C ALA W 109 -54.04 -3.14 -46.97
N THR W 110 -53.32 -2.92 -48.08
CA THR W 110 -51.87 -3.20 -48.19
C THR W 110 -51.04 -2.12 -47.53
N ARG W 111 -49.74 -2.35 -47.33
CA ARG W 111 -48.98 -1.50 -46.42
C ARG W 111 -48.73 -0.18 -47.05
N GLY W 112 -48.27 -0.21 -48.30
CA GLY W 112 -47.83 1.00 -48.99
C GLY W 112 -48.96 1.95 -49.31
N ALA W 113 -50.14 1.40 -49.51
CA ALA W 113 -51.25 2.08 -50.17
C ALA W 113 -51.26 3.60 -49.95
N VAL W 114 -51.31 4.32 -51.06
CA VAL W 114 -51.41 5.77 -51.05
C VAL W 114 -52.59 6.16 -51.92
N VAL W 115 -53.22 7.28 -51.57
CA VAL W 115 -54.16 7.92 -52.45
C VAL W 115 -53.80 9.40 -52.52
N ALA W 116 -54.10 10.03 -53.64
CA ALA W 116 -53.64 11.40 -53.92
C ALA W 116 -54.33 11.95 -55.18
N LYS W 117 -54.31 13.27 -55.34
CA LYS W 117 -54.88 13.92 -56.54
C LYS W 117 -53.89 13.79 -57.70
N TRP W 118 -54.37 13.71 -58.95
CA TRP W 118 -53.43 13.42 -60.04
C TRP W 118 -52.21 14.35 -60.16
N TRP W 119 -52.18 15.44 -59.42
CA TRP W 119 -51.02 16.32 -59.50
C TRP W 119 -50.09 16.23 -58.26
N GLU W 120 -50.12 15.09 -57.58
CA GLU W 120 -49.18 14.80 -56.49
C GLU W 120 -48.40 13.55 -56.84
N SER W 121 -47.07 13.64 -56.79
CA SER W 121 -46.20 12.49 -56.91
C SER W 121 -46.41 11.78 -55.64
N ARG W 122 -46.14 10.51 -55.61
CA ARG W 122 -46.40 9.78 -54.40
C ARG W 122 -45.67 8.45 -54.38
N THR W 123 -45.31 8.02 -53.19
CA THR W 123 -44.54 6.80 -53.05
C THR W 123 -45.33 5.73 -52.29
N VAL W 124 -45.39 4.53 -52.86
CA VAL W 124 -45.83 3.39 -52.09
C VAL W 124 -44.59 2.59 -51.65
N ARG W 125 -44.58 2.30 -50.35
CA ARG W 125 -43.55 1.50 -49.70
C ARG W 125 -44.23 0.26 -49.16
N PRO W 126 -44.22 -0.84 -49.92
CA PRO W 126 -44.96 -1.97 -49.46
C PRO W 126 -44.11 -2.84 -48.55
N GLN W 127 -44.77 -3.83 -47.99
CA GLN W 127 -44.12 -4.90 -47.26
C GLN W 127 -44.55 -6.12 -48.07
N TYR W 128 -43.62 -7.03 -48.27
CA TYR W 128 -43.73 -7.97 -49.38
C TYR W 128 -43.08 -9.31 -49.04
N THR W 129 -42.80 -10.11 -50.05
CA THR W 129 -42.28 -11.48 -49.87
C THR W 129 -41.00 -11.64 -49.01
N ARG W 130 -40.04 -10.71 -49.12
CA ARG W 130 -38.77 -10.76 -48.37
C ARG W 130 -38.13 -12.17 -48.41
N THR W 131 -38.47 -12.89 -49.49
CA THR W 131 -38.07 -14.28 -49.73
C THR W 131 -37.21 -14.34 -50.97
N LEU W 132 -36.76 -15.56 -51.29
CA LEU W 132 -35.90 -15.81 -52.45
C LEU W 132 -36.70 -16.35 -53.63
N LEU W 133 -36.55 -15.70 -54.77
CA LEU W 133 -37.31 -16.04 -55.95
C LEU W 133 -36.33 -16.50 -57.01
N TRP W 134 -36.71 -16.39 -58.29
CA TRP W 134 -36.08 -17.13 -59.37
C TRP W 134 -36.09 -16.33 -60.70
N THR W 135 -34.92 -16.18 -61.30
CA THR W 135 -34.72 -15.24 -62.41
C THR W 135 -35.31 -15.67 -63.76
N SER W 136 -35.83 -16.91 -63.84
CA SER W 136 -36.64 -17.35 -65.02
C SER W 136 -37.90 -18.14 -64.58
N SER W 137 -38.81 -18.42 -65.53
CA SER W 137 -40.19 -18.89 -65.22
C SER W 137 -40.34 -20.16 -64.32
N GLY W 138 -41.12 -20.06 -63.24
CA GLY W 138 -41.40 -21.19 -62.33
C GLY W 138 -42.80 -21.76 -62.51
N LYS W 139 -42.96 -23.06 -62.28
CA LYS W 139 -44.28 -23.74 -62.35
C LYS W 139 -45.17 -23.34 -61.16
N GLU W 140 -44.51 -23.08 -60.02
CA GLU W 140 -45.08 -22.32 -58.91
C GLU W 140 -44.49 -20.91 -59.03
N GLN W 141 -45.31 -19.93 -59.43
CA GLN W 141 -44.81 -18.58 -59.69
C GLN W 141 -44.89 -17.67 -58.48
N ARG W 142 -45.17 -18.26 -57.32
CA ARG W 142 -44.98 -17.59 -56.05
C ARG W 142 -43.48 -17.32 -55.84
N LEU W 143 -42.63 -17.93 -56.68
CA LEU W 143 -41.18 -17.68 -56.66
C LEU W 143 -40.63 -17.29 -58.08
N THR W 144 -41.20 -16.25 -58.70
CA THR W 144 -40.59 -15.58 -59.87
C THR W 144 -40.99 -14.08 -60.05
N SER W 145 -41.84 -13.59 -59.15
CA SER W 145 -42.31 -12.20 -59.11
C SER W 145 -42.84 -11.90 -57.70
N PRO W 146 -42.38 -10.78 -57.09
CA PRO W 146 -42.68 -10.52 -55.66
C PRO W 146 -44.07 -9.97 -55.44
N GLY W 147 -44.77 -9.65 -56.54
CA GLY W 147 -46.14 -9.14 -56.51
C GLY W 147 -46.50 -8.34 -57.75
N ARG W 148 -47.46 -7.44 -57.61
CA ARG W 148 -47.86 -6.60 -58.72
C ARG W 148 -48.40 -5.26 -58.26
N LEU W 149 -48.15 -4.23 -59.05
CA LEU W 149 -48.46 -2.85 -58.70
C LEU W 149 -49.72 -2.44 -59.39
N ILE W 150 -50.77 -2.20 -58.63
CA ILE W 150 -52.02 -1.78 -59.22
C ILE W 150 -52.17 -0.31 -58.96
N LEU W 151 -52.66 0.43 -59.95
CA LEU W 151 -52.93 1.85 -59.83
C LEU W 151 -54.34 2.10 -60.34
N LEU W 152 -55.18 2.60 -59.44
CA LEU W 152 -56.62 2.79 -59.68
C LEU W 152 -57.02 4.25 -59.65
N CYS W 153 -57.93 4.65 -60.55
CA CYS W 153 -58.58 5.96 -60.45
C CYS W 153 -59.46 6.08 -59.22
N VAL W 154 -59.61 7.32 -58.78
CA VAL W 154 -60.62 7.72 -57.81
C VAL W 154 -61.26 8.94 -58.41
N GLY W 155 -62.57 9.07 -58.26
CA GLY W 155 -63.35 10.02 -59.09
C GLY W 155 -62.90 10.01 -60.56
N ASN W 156 -63.14 11.11 -61.29
CA ASN W 156 -62.67 11.17 -62.69
C ASN W 156 -61.92 12.43 -63.10
N ASN W 157 -60.90 12.21 -63.92
CA ASN W 157 -59.99 13.25 -64.37
C ASN W 157 -60.63 14.30 -65.27
N THR W 158 -60.32 15.56 -65.00
CA THR W 158 -60.77 16.71 -65.80
C THR W 158 -59.87 16.88 -66.99
N ASP W 159 -58.80 16.09 -67.06
CA ASP W 159 -57.75 16.34 -68.04
C ASP W 159 -56.95 15.13 -68.43
N VAL W 160 -56.16 15.32 -69.47
CA VAL W 160 -55.19 14.32 -69.88
C VAL W 160 -54.19 14.11 -68.75
N VAL W 161 -53.76 12.87 -68.55
CA VAL W 161 -52.79 12.57 -67.54
C VAL W 161 -51.82 11.58 -68.13
N ASN W 162 -50.54 11.89 -68.10
CA ASN W 162 -49.51 10.95 -68.55
C ASN W 162 -48.77 10.40 -67.33
N VAL W 163 -49.34 9.36 -66.76
CA VAL W 163 -48.78 8.74 -65.57
C VAL W 163 -47.62 7.82 -65.96
N SER W 164 -46.59 7.84 -65.14
CA SER W 164 -45.44 6.97 -65.30
C SER W 164 -45.17 6.46 -63.90
N VAL W 165 -45.19 5.13 -63.68
CA VAL W 165 -44.80 4.58 -62.37
C VAL W 165 -43.35 4.07 -62.40
N LEU W 166 -42.60 4.34 -61.33
CA LEU W 166 -41.21 3.95 -61.24
C LEU W 166 -41.00 3.08 -60.07
N CYS W 167 -40.36 1.93 -60.30
CA CYS W 167 -39.98 1.02 -59.23
C CYS W 167 -38.51 1.17 -58.82
N ARG W 168 -38.27 1.55 -57.56
CA ARG W 168 -36.91 1.58 -57.03
C ARG W 168 -36.73 0.30 -56.26
N TRP W 169 -35.61 -0.38 -56.52
CA TRP W 169 -35.40 -1.75 -56.07
C TRP W 169 -33.95 -1.98 -55.64
N SER W 170 -33.81 -2.69 -54.53
CA SER W 170 -32.55 -3.31 -54.18
C SER W 170 -32.80 -4.81 -54.09
N VAL W 171 -31.85 -5.58 -54.61
CA VAL W 171 -32.05 -6.97 -54.92
C VAL W 171 -30.73 -7.65 -54.62
N ARG W 172 -30.74 -8.89 -54.14
CA ARG W 172 -29.47 -9.64 -54.08
C ARG W 172 -29.56 -10.90 -54.92
N LEU W 173 -28.52 -11.09 -55.73
CA LEU W 173 -28.50 -12.08 -56.79
C LEU W 173 -27.72 -13.31 -56.33
N SER W 174 -28.21 -14.49 -56.74
CA SER W 174 -27.93 -15.78 -56.09
C SER W 174 -26.86 -16.64 -56.76
N VAL W 175 -27.25 -17.63 -57.57
CA VAL W 175 -26.26 -18.65 -57.93
C VAL W 175 -25.88 -18.55 -59.38
N PRO W 176 -24.57 -18.44 -59.62
CA PRO W 176 -24.13 -18.26 -60.96
C PRO W 176 -24.73 -19.22 -61.98
N SER W 177 -24.87 -18.70 -63.20
CA SER W 177 -25.63 -19.32 -64.26
C SER W 177 -25.36 -18.58 -65.59
N LEU W 178 -26.00 -19.02 -66.66
CA LEU W 178 -25.95 -18.29 -67.94
C LEU W 178 -27.14 -18.69 -68.81
N GLU W 179 -28.33 -18.47 -68.23
CA GLU W 179 -29.60 -18.89 -68.81
C GLU W 179 -29.86 -18.04 -70.06
N ASN W 180 -30.28 -18.67 -71.15
CA ASN W 180 -30.60 -17.96 -72.41
C ASN W 180 -32.03 -17.38 -72.42
N THR X 18 -30.44 -32.55 -30.85
CA THR X 18 -31.38 -32.00 -31.82
C THR X 18 -32.18 -33.11 -32.52
N ASN X 19 -33.30 -32.74 -33.14
CA ASN X 19 -34.15 -33.70 -33.85
C ASN X 19 -33.64 -34.06 -35.26
N ASP X 20 -32.72 -33.25 -35.79
CA ASP X 20 -32.16 -33.44 -37.13
C ASP X 20 -31.09 -34.53 -37.21
N VAL X 21 -31.18 -35.33 -38.28
CA VAL X 21 -30.33 -36.50 -38.48
C VAL X 21 -29.40 -36.27 -39.65
N HIS X 22 -28.10 -36.33 -39.41
CA HIS X 22 -27.10 -36.11 -40.46
C HIS X 22 -26.58 -37.42 -41.10
N LEU X 23 -26.80 -37.57 -42.40
CA LEU X 23 -26.31 -38.70 -43.18
C LEU X 23 -25.25 -38.27 -44.19
N SER X 24 -24.24 -39.11 -44.40
CA SER X 24 -23.20 -38.85 -45.40
C SER X 24 -22.87 -40.10 -46.17
N GLY X 25 -22.45 -39.94 -47.42
CA GLY X 25 -22.09 -41.07 -48.24
C GLY X 25 -21.49 -40.63 -49.55
N MET X 26 -21.23 -41.60 -50.43
CA MET X 26 -20.74 -41.33 -51.77
C MET X 26 -21.17 -42.44 -52.70
N SER X 27 -21.85 -42.09 -53.77
CA SER X 27 -22.57 -43.07 -54.58
C SER X 27 -22.27 -42.86 -56.06
N ARG X 28 -22.37 -43.91 -56.85
CA ARG X 28 -22.27 -43.78 -58.29
C ARG X 28 -23.62 -43.30 -58.84
N ILE X 29 -23.65 -42.06 -59.27
CA ILE X 29 -24.78 -41.41 -59.94
C ILE X 29 -25.08 -42.06 -61.29
N SER X 30 -24.03 -42.38 -62.05
CA SER X 30 -24.20 -42.98 -63.35
C SER X 30 -22.93 -43.65 -63.85
N GLN X 31 -23.10 -44.39 -64.94
CA GLN X 31 -22.01 -45.02 -65.63
C GLN X 31 -22.33 -45.09 -67.10
N ALA X 32 -21.55 -44.38 -67.90
CA ALA X 32 -21.71 -44.38 -69.34
C ALA X 32 -20.51 -45.04 -69.96
N VAL X 33 -20.75 -45.73 -71.05
CA VAL X 33 -19.68 -46.28 -71.84
C VAL X 33 -19.73 -45.55 -73.18
N LEU X 34 -18.62 -44.90 -73.52
CA LEU X 34 -18.55 -44.04 -74.71
C LEU X 34 -17.64 -44.70 -75.76
N PRO X 35 -18.24 -45.28 -76.82
CA PRO X 35 -17.42 -46.09 -77.72
C PRO X 35 -16.38 -45.31 -78.54
N ALA X 36 -15.58 -46.09 -79.26
CA ALA X 36 -14.29 -45.65 -79.72
C ALA X 36 -14.24 -44.25 -80.32
N GLY X 37 -15.23 -43.85 -81.12
CA GLY X 37 -15.14 -42.56 -81.82
C GLY X 37 -16.35 -41.65 -81.72
N THR X 38 -17.24 -41.93 -80.78
CA THR X 38 -18.62 -41.41 -80.86
C THR X 38 -18.89 -40.08 -80.12
N GLY X 39 -17.88 -39.53 -79.45
CA GLY X 39 -18.03 -38.26 -78.74
C GLY X 39 -17.69 -37.09 -79.65
N THR X 40 -18.35 -35.95 -79.45
CA THR X 40 -18.00 -34.70 -80.15
C THR X 40 -18.46 -33.50 -79.39
N ASP X 41 -17.82 -32.36 -79.65
CA ASP X 41 -18.16 -31.14 -78.92
C ASP X 41 -19.66 -31.09 -78.63
N GLY X 42 -20.00 -31.13 -77.36
CA GLY X 42 -21.37 -30.90 -76.93
C GLY X 42 -22.18 -32.15 -76.67
N TYR X 43 -21.66 -33.31 -77.05
CA TYR X 43 -22.36 -34.58 -76.83
C TYR X 43 -22.60 -34.84 -75.35
N VAL X 44 -23.87 -34.99 -74.96
CA VAL X 44 -24.22 -35.23 -73.56
C VAL X 44 -23.97 -36.69 -73.23
N VAL X 45 -23.01 -36.98 -72.36
CA VAL X 45 -22.72 -38.37 -71.96
C VAL X 45 -23.34 -38.72 -70.62
N VAL X 46 -23.63 -37.73 -69.79
CA VAL X 46 -24.32 -37.95 -68.52
C VAL X 46 -25.23 -36.78 -68.21
N ASP X 47 -26.43 -37.08 -67.80
CA ASP X 47 -27.38 -36.06 -67.43
C ASP X 47 -28.25 -36.65 -66.34
N ALA X 48 -27.84 -36.43 -65.09
CA ALA X 48 -28.44 -37.09 -63.97
C ALA X 48 -29.06 -36.12 -63.02
N THR X 49 -30.38 -36.22 -62.87
CA THR X 49 -31.12 -35.40 -61.92
C THR X 49 -31.00 -36.00 -60.52
N ILE X 50 -30.55 -35.18 -59.58
CA ILE X 50 -30.17 -35.67 -58.26
C ILE X 50 -31.39 -35.82 -57.37
N VAL X 51 -31.74 -37.08 -57.15
CA VAL X 51 -32.89 -37.45 -56.31
C VAL X 51 -32.39 -38.47 -55.29
N PRO X 52 -33.04 -38.55 -54.11
CA PRO X 52 -32.55 -39.50 -53.09
C PRO X 52 -32.54 -40.95 -53.58
N ASP X 53 -33.47 -41.29 -54.46
CA ASP X 53 -33.52 -42.64 -55.02
C ASP X 53 -32.23 -43.00 -55.76
N LEU X 54 -31.54 -41.99 -56.29
CA LEU X 54 -30.34 -42.19 -57.11
C LEU X 54 -29.11 -42.54 -56.25
N LEU X 55 -29.10 -42.05 -55.01
CA LEU X 55 -28.03 -42.33 -54.05
C LEU X 55 -28.51 -43.43 -53.13
N PRO X 56 -28.01 -44.66 -53.30
CA PRO X 56 -28.75 -45.81 -52.77
C PRO X 56 -28.95 -45.78 -51.23
N ARG X 57 -27.92 -45.44 -50.47
CA ARG X 57 -28.05 -45.35 -49.00
C ARG X 57 -29.05 -44.27 -48.60
N LEU X 58 -29.02 -43.15 -49.29
CA LEU X 58 -29.98 -42.10 -49.01
C LEU X 58 -31.38 -42.52 -49.48
N GLY X 59 -31.44 -43.31 -50.54
CA GLY X 59 -32.69 -43.84 -51.04
C GLY X 59 -33.49 -44.56 -49.97
N HIS X 60 -32.78 -45.25 -49.08
CA HIS X 60 -33.41 -45.99 -47.97
C HIS X 60 -33.87 -45.06 -46.83
N ALA X 61 -33.01 -44.12 -46.48
CA ALA X 61 -33.35 -43.13 -45.47
C ALA X 61 -34.41 -42.15 -45.94
N ALA X 62 -34.61 -42.06 -47.26
CA ALA X 62 -35.65 -41.25 -47.84
C ALA X 62 -37.04 -41.72 -47.42
N ARG X 63 -37.17 -43.01 -47.13
CA ARG X 63 -38.47 -43.59 -46.75
C ARG X 63 -38.79 -43.54 -45.27
N ILE X 64 -37.87 -42.98 -44.49
CA ILE X 64 -38.01 -42.87 -43.04
C ILE X 64 -38.36 -41.43 -42.61
N PHE X 65 -37.75 -40.46 -43.29
CA PHE X 65 -38.07 -39.06 -43.08
C PHE X 65 -38.81 -38.57 -44.29
N GLN X 66 -39.19 -37.29 -44.26
CA GLN X 66 -40.02 -36.74 -45.30
C GLN X 66 -39.43 -35.52 -45.99
N ARG X 67 -38.67 -34.70 -45.27
CA ARG X 67 -37.91 -33.63 -45.90
C ARG X 67 -36.42 -33.81 -45.62
N TYR X 68 -35.62 -33.66 -46.68
CA TYR X 68 -34.16 -33.71 -46.60
C TYR X 68 -33.58 -32.40 -47.07
N ALA X 69 -32.49 -31.97 -46.45
CA ALA X 69 -31.81 -30.75 -46.86
C ALA X 69 -30.31 -30.99 -47.11
N VAL X 70 -29.80 -30.49 -48.23
CA VAL X 70 -28.46 -30.84 -48.68
C VAL X 70 -27.40 -29.94 -48.08
N GLU X 71 -26.46 -30.53 -47.36
CA GLU X 71 -25.48 -29.77 -46.63
C GLU X 71 -24.13 -29.70 -47.35
N THR X 72 -23.69 -30.81 -47.98
CA THR X 72 -22.53 -30.76 -48.91
C THR X 72 -22.76 -31.63 -50.14
N LEU X 73 -22.34 -31.14 -51.30
CA LEU X 73 -22.42 -31.86 -52.56
C LEU X 73 -21.15 -31.69 -53.36
N GLU X 74 -20.61 -32.81 -53.85
CA GLU X 74 -19.49 -32.80 -54.79
C GLU X 74 -19.66 -33.95 -55.72
N PHE X 75 -19.13 -33.83 -56.91
CA PHE X 75 -19.20 -34.91 -57.88
C PHE X 75 -17.79 -35.20 -58.31
N GLU X 76 -17.44 -36.47 -58.29
CA GLU X 76 -16.13 -36.92 -58.72
C GLU X 76 -16.28 -37.59 -60.07
N ILE X 77 -15.66 -36.99 -61.09
CA ILE X 77 -15.71 -37.55 -62.43
C ILE X 77 -14.56 -38.53 -62.55
N GLN X 78 -14.91 -39.78 -62.85
CA GLN X 78 -13.95 -40.85 -62.85
C GLN X 78 -13.98 -41.64 -64.19
N PRO X 79 -13.38 -41.06 -65.24
CA PRO X 79 -13.34 -41.64 -66.54
C PRO X 79 -12.19 -42.61 -66.62
N MET X 80 -12.43 -43.71 -67.32
CA MET X 80 -11.52 -44.82 -67.35
C MET X 80 -11.22 -45.23 -68.78
N CYS X 81 -10.02 -44.86 -69.19
CA CYS X 81 -9.59 -45.03 -70.55
C CYS X 81 -8.08 -45.01 -70.56
N PRO X 82 -7.48 -45.37 -71.70
CA PRO X 82 -6.03 -45.31 -71.76
C PRO X 82 -5.51 -43.88 -71.81
N ALA X 83 -4.28 -43.70 -71.39
CA ALA X 83 -3.65 -42.39 -71.37
C ALA X 83 -3.44 -41.82 -72.77
N ASN X 84 -3.61 -42.65 -73.80
CA ASN X 84 -3.52 -42.22 -75.19
C ASN X 84 -4.85 -41.85 -75.82
N THR X 85 -5.76 -41.28 -75.03
CA THR X 85 -7.07 -40.92 -75.54
C THR X 85 -7.08 -39.44 -75.78
N GLY X 86 -7.57 -39.05 -76.97
CA GLY X 86 -7.70 -37.65 -77.35
C GLY X 86 -9.02 -37.17 -76.81
N GLY X 87 -9.08 -37.07 -75.50
CA GLY X 87 -10.36 -36.93 -74.87
C GLY X 87 -10.75 -35.50 -74.66
N GLY X 88 -11.54 -35.31 -73.61
CA GLY X 88 -12.02 -34.00 -73.25
C GLY X 88 -13.42 -34.07 -72.73
N TYR X 89 -13.64 -33.51 -71.53
CA TYR X 89 -14.98 -33.32 -71.04
C TYR X 89 -15.10 -32.04 -70.27
N VAL X 90 -16.33 -31.57 -70.16
CA VAL X 90 -16.69 -30.54 -69.22
C VAL X 90 -17.80 -31.12 -68.38
N ALA X 91 -17.68 -30.94 -67.07
CA ALA X 91 -18.66 -31.44 -66.12
C ALA X 91 -19.10 -30.30 -65.24
N GLY X 92 -20.41 -30.20 -65.02
CA GLY X 92 -20.95 -29.11 -64.22
C GLY X 92 -22.25 -29.52 -63.55
N PHE X 93 -22.55 -28.86 -62.44
CA PHE X 93 -23.80 -29.10 -61.75
C PHE X 93 -24.67 -27.85 -61.78
N LEU X 94 -25.72 -27.86 -62.58
CA LEU X 94 -26.70 -26.75 -62.57
C LEU X 94 -27.84 -26.97 -61.56
N PRO X 95 -28.06 -25.96 -60.67
CA PRO X 95 -28.95 -26.10 -59.53
C PRO X 95 -30.45 -26.19 -59.78
N ASP X 96 -30.91 -26.22 -61.03
CA ASP X 96 -32.33 -26.50 -61.25
C ASP X 96 -32.47 -27.85 -61.85
N PRO X 97 -33.25 -28.71 -61.21
CA PRO X 97 -33.58 -29.92 -61.94
C PRO X 97 -34.39 -29.61 -63.20
N THR X 98 -34.97 -28.41 -63.22
CA THR X 98 -35.88 -27.95 -64.27
C THR X 98 -35.27 -27.93 -65.66
N ASP X 99 -34.24 -27.12 -65.88
CA ASP X 99 -33.91 -26.70 -67.24
C ASP X 99 -32.89 -27.56 -68.00
N ASN X 100 -33.13 -27.62 -69.32
CA ASN X 100 -32.38 -28.44 -70.28
C ASN X 100 -31.27 -27.69 -71.03
N ASP X 101 -30.76 -26.60 -70.46
CA ASP X 101 -29.71 -25.83 -71.12
C ASP X 101 -28.35 -26.57 -71.00
N HIS X 102 -28.10 -27.52 -71.90
CA HIS X 102 -26.91 -28.40 -71.82
C HIS X 102 -25.87 -28.04 -72.88
N THR X 103 -25.35 -26.83 -72.75
CA THR X 103 -24.27 -26.32 -73.59
C THR X 103 -23.02 -26.09 -72.75
N PHE X 104 -21.84 -26.13 -73.39
CA PHE X 104 -20.59 -25.89 -72.68
C PHE X 104 -20.61 -24.61 -71.84
N ASP X 105 -20.96 -23.49 -72.49
CA ASP X 105 -20.89 -22.18 -71.82
C ASP X 105 -21.80 -22.11 -70.60
N ALA X 106 -22.94 -22.78 -70.69
CA ALA X 106 -23.90 -22.83 -69.58
C ALA X 106 -23.37 -23.64 -68.42
N LEU X 107 -22.67 -24.73 -68.70
CA LEU X 107 -21.99 -25.51 -67.67
C LEU X 107 -20.84 -24.73 -67.02
N GLN X 108 -19.97 -24.15 -67.84
CA GLN X 108 -18.84 -23.41 -67.33
C GLN X 108 -19.23 -22.18 -66.52
N ALA X 109 -20.46 -21.70 -66.71
CA ALA X 109 -20.99 -20.60 -65.89
C ALA X 109 -21.24 -20.98 -64.45
N THR X 110 -21.45 -22.27 -64.17
CA THR X 110 -21.68 -22.79 -62.80
C THR X 110 -20.35 -22.86 -62.02
N ARG X 111 -20.41 -23.11 -60.71
CA ARG X 111 -19.25 -22.87 -59.86
C ARG X 111 -18.33 -24.06 -59.88
N GLY X 112 -18.90 -25.24 -59.76
CA GLY X 112 -18.09 -26.44 -59.70
C GLY X 112 -17.29 -26.68 -60.96
N ALA X 113 -17.81 -26.15 -62.08
CA ALA X 113 -17.42 -26.55 -63.43
C ALA X 113 -15.95 -26.85 -63.63
N VAL X 114 -15.69 -28.04 -64.17
CA VAL X 114 -14.35 -28.49 -64.48
C VAL X 114 -14.24 -28.98 -65.92
N VAL X 115 -13.08 -28.77 -66.54
CA VAL X 115 -12.78 -29.40 -67.83
C VAL X 115 -11.43 -30.11 -67.77
N ALA X 116 -11.34 -31.21 -68.50
CA ALA X 116 -10.16 -32.05 -68.44
C ALA X 116 -10.16 -33.03 -69.60
N LYS X 117 -9.00 -33.61 -69.86
CA LYS X 117 -8.85 -34.69 -70.85
C LYS X 117 -9.42 -35.94 -70.23
N TRP X 118 -9.89 -36.87 -71.05
CA TRP X 118 -10.61 -38.04 -70.53
C TRP X 118 -9.79 -38.99 -69.67
N TRP X 119 -8.46 -38.86 -69.71
CA TRP X 119 -7.62 -39.65 -68.82
C TRP X 119 -7.21 -38.91 -67.54
N GLU X 120 -8.05 -37.96 -67.12
CA GLU X 120 -7.81 -37.15 -65.94
C GLU X 120 -9.06 -37.17 -65.07
N SER X 121 -8.91 -37.59 -63.81
CA SER X 121 -9.98 -37.55 -62.81
C SER X 121 -10.18 -36.11 -62.44
N ARG X 122 -11.35 -35.81 -61.91
CA ARG X 122 -11.66 -34.42 -61.62
C ARG X 122 -12.87 -34.31 -60.69
N THR X 123 -12.93 -33.24 -59.92
CA THR X 123 -13.99 -33.07 -58.92
C THR X 123 -14.69 -31.72 -59.07
N VAL X 124 -16.01 -31.76 -59.24
CA VAL X 124 -16.79 -30.54 -59.31
C VAL X 124 -17.35 -30.28 -57.92
N ARG X 125 -17.08 -29.07 -57.44
CA ARG X 125 -17.51 -28.59 -56.13
C ARG X 125 -18.48 -27.46 -56.34
N PRO X 126 -19.76 -27.79 -56.56
CA PRO X 126 -20.68 -26.75 -56.97
C PRO X 126 -21.18 -25.94 -55.79
N GLN X 127 -21.94 -24.91 -56.11
CA GLN X 127 -22.77 -24.20 -55.15
C GLN X 127 -24.22 -24.40 -55.62
N TYR X 128 -25.10 -24.61 -54.65
CA TYR X 128 -26.43 -25.19 -54.88
C TYR X 128 -27.47 -24.42 -54.08
N THR X 129 -28.70 -24.93 -54.09
CA THR X 129 -29.81 -24.36 -53.30
C THR X 129 -29.50 -24.13 -51.80
N ARG X 130 -28.90 -25.12 -51.14
CA ARG X 130 -28.51 -25.05 -49.70
C ARG X 130 -29.76 -24.98 -48.78
N THR X 131 -30.90 -25.43 -49.32
CA THR X 131 -32.21 -25.16 -48.72
C THR X 131 -32.92 -26.47 -48.39
N LEU X 132 -34.05 -26.35 -47.67
CA LEU X 132 -34.91 -27.51 -47.37
C LEU X 132 -35.61 -28.03 -48.63
N LEU X 133 -35.71 -29.33 -48.71
CA LEU X 133 -36.28 -29.98 -49.86
C LEU X 133 -37.32 -30.97 -49.40
N TRP X 134 -37.61 -31.97 -50.24
CA TRP X 134 -38.69 -32.92 -50.04
C TRP X 134 -38.28 -34.29 -50.54
N THR X 135 -38.42 -35.32 -49.72
CA THR X 135 -37.91 -36.68 -50.04
C THR X 135 -38.77 -37.45 -51.04
N SER X 136 -39.92 -36.86 -51.41
CA SER X 136 -40.79 -37.45 -52.43
C SER X 136 -41.42 -36.39 -53.36
N SER X 137 -41.85 -36.84 -54.55
CA SER X 137 -42.27 -35.97 -55.68
C SER X 137 -43.30 -34.91 -55.32
N GLY X 138 -43.24 -33.78 -56.02
CA GLY X 138 -44.14 -32.66 -55.78
C GLY X 138 -44.72 -32.11 -57.07
N LYS X 139 -45.74 -31.26 -56.93
CA LYS X 139 -46.34 -30.57 -58.06
C LYS X 139 -45.33 -29.53 -58.58
N GLU X 140 -44.65 -28.87 -57.65
CA GLU X 140 -43.50 -28.00 -57.95
C GLU X 140 -42.22 -28.72 -57.55
N GLN X 141 -41.40 -29.08 -58.54
CA GLN X 141 -40.20 -29.90 -58.28
C GLN X 141 -38.95 -29.10 -57.93
N ARG X 142 -39.10 -27.82 -57.62
CA ARG X 142 -38.01 -26.98 -57.11
C ARG X 142 -37.60 -27.42 -55.71
N LEU X 143 -38.46 -28.19 -55.03
CA LEU X 143 -38.20 -28.67 -53.66
C LEU X 143 -37.99 -30.20 -53.53
N THR X 144 -37.91 -30.94 -54.64
CA THR X 144 -37.65 -32.40 -54.57
C THR X 144 -36.25 -32.87 -55.05
N SER X 145 -35.49 -31.98 -55.71
CA SER X 145 -34.10 -32.24 -56.16
C SER X 145 -33.27 -30.96 -56.19
N PRO X 146 -32.01 -31.04 -55.76
CA PRO X 146 -31.23 -29.80 -55.58
C PRO X 146 -30.55 -29.31 -56.86
N GLY X 147 -30.69 -30.10 -57.93
CA GLY X 147 -30.08 -29.79 -59.21
C GLY X 147 -29.80 -31.04 -60.01
N ARG X 148 -28.92 -30.92 -61.00
CA ARG X 148 -28.57 -32.07 -61.83
C ARG X 148 -27.16 -31.94 -62.40
N LEU X 149 -26.53 -33.08 -62.58
CA LEU X 149 -25.12 -33.16 -62.94
C LEU X 149 -25.01 -33.51 -64.40
N ILE X 150 -24.33 -32.65 -65.16
CA ILE X 150 -24.21 -32.82 -66.61
C ILE X 150 -22.75 -33.03 -66.99
N LEU X 151 -22.52 -33.93 -67.93
CA LEU X 151 -21.18 -34.21 -68.40
C LEU X 151 -21.17 -34.19 -69.91
N LEU X 152 -20.36 -33.31 -70.47
CA LEU X 152 -20.33 -33.06 -71.91
C LEU X 152 -19.00 -33.41 -72.51
N CYS X 153 -19.02 -33.89 -73.74
CA CYS X 153 -17.79 -34.10 -74.48
C CYS X 153 -17.16 -32.81 -74.92
N VAL X 154 -15.84 -32.79 -74.90
CA VAL X 154 -15.06 -31.73 -75.50
C VAL X 154 -14.16 -32.45 -76.47
N GLY X 155 -14.06 -31.91 -77.67
CA GLY X 155 -13.40 -32.63 -78.75
C GLY X 155 -14.02 -34.00 -78.93
N ASN X 156 -13.26 -34.93 -79.50
CA ASN X 156 -13.80 -36.26 -79.74
C ASN X 156 -12.81 -37.35 -79.37
N ASN X 157 -13.29 -38.33 -78.64
CA ASN X 157 -12.45 -39.38 -78.06
C ASN X 157 -11.88 -40.38 -79.07
N THR X 158 -10.57 -40.62 -78.97
CA THR X 158 -9.83 -41.57 -79.80
C THR X 158 -10.16 -42.99 -79.42
N ASP X 159 -10.61 -43.18 -78.18
CA ASP X 159 -10.63 -44.50 -77.60
C ASP X 159 -11.86 -44.68 -76.73
N VAL X 160 -12.07 -45.90 -76.26
CA VAL X 160 -13.26 -46.21 -75.48
C VAL X 160 -13.09 -45.68 -74.07
N VAL X 161 -14.13 -45.00 -73.59
CA VAL X 161 -14.14 -44.40 -72.26
C VAL X 161 -15.27 -44.98 -71.42
N ASN X 162 -14.96 -45.45 -70.22
CA ASN X 162 -15.96 -45.97 -69.31
C ASN X 162 -16.07 -45.03 -68.12
N VAL X 163 -16.80 -43.94 -68.34
CA VAL X 163 -16.93 -42.91 -67.31
C VAL X 163 -17.97 -43.32 -66.28
N SER X 164 -17.59 -43.14 -65.01
CA SER X 164 -18.52 -43.31 -63.88
C SER X 164 -18.44 -42.01 -63.08
N VAL X 165 -19.56 -41.33 -62.88
CA VAL X 165 -19.54 -40.15 -62.00
C VAL X 165 -20.07 -40.56 -60.63
N LEU X 166 -19.44 -40.00 -59.61
CA LEU X 166 -19.76 -40.32 -58.23
C LEU X 166 -20.16 -39.06 -57.55
N CYS X 167 -21.20 -39.15 -56.74
CA CYS X 167 -21.67 -38.01 -55.99
C CYS X 167 -21.31 -38.26 -54.56
N ARG X 168 -20.52 -37.38 -53.96
CA ARG X 168 -20.34 -37.41 -52.52
C ARG X 168 -21.27 -36.36 -51.89
N TRP X 169 -21.97 -36.78 -50.85
CA TRP X 169 -23.10 -36.05 -50.34
C TRP X 169 -23.14 -36.11 -48.85
N SER X 170 -23.61 -35.01 -48.27
CA SER X 170 -23.85 -34.90 -46.86
C SER X 170 -25.20 -34.19 -46.72
N VAL X 171 -26.11 -34.81 -45.98
CA VAL X 171 -27.51 -34.42 -45.98
C VAL X 171 -28.02 -34.41 -44.55
N ARG X 172 -28.87 -33.44 -44.20
CA ARG X 172 -29.59 -33.49 -42.91
C ARG X 172 -31.10 -33.73 -43.10
N LEU X 173 -31.60 -34.80 -42.47
CA LEU X 173 -32.96 -35.29 -42.67
C LEU X 173 -33.91 -34.89 -41.55
N SER X 174 -35.19 -34.71 -41.91
CA SER X 174 -36.17 -34.11 -41.01
C SER X 174 -37.56 -34.72 -41.15
N VAL X 175 -38.44 -34.32 -40.25
CA VAL X 175 -39.77 -34.94 -39.98
C VAL X 175 -39.91 -36.44 -40.27
N PRO X 176 -39.88 -37.26 -39.21
CA PRO X 176 -40.14 -38.69 -39.28
C PRO X 176 -41.42 -39.04 -40.02
N SER X 177 -41.46 -40.23 -40.57
CA SER X 177 -42.45 -40.60 -41.57
C SER X 177 -42.20 -42.04 -41.99
N LEU X 178 -43.01 -42.57 -42.90
CA LEU X 178 -42.82 -43.92 -43.42
C LEU X 178 -43.58 -44.16 -44.73
N GLU X 179 -42.88 -44.07 -45.86
CA GLU X 179 -43.53 -44.21 -47.16
C GLU X 179 -43.31 -45.62 -47.74
N ASN X 180 -44.41 -46.37 -47.87
CA ASN X 180 -44.42 -47.74 -48.36
C ASN X 180 -45.11 -47.86 -49.72
N THR Y 18 17.59 2.14 -50.34
CA THR Y 18 18.84 1.43 -50.75
C THR Y 18 19.17 1.70 -52.24
N ASN Y 19 20.43 1.98 -52.54
CA ASN Y 19 20.89 2.21 -53.93
C ASN Y 19 20.86 0.97 -54.82
N ASP Y 20 20.33 -0.14 -54.30
CA ASP Y 20 20.26 -1.38 -55.04
C ASP Y 20 18.88 -1.65 -55.61
N VAL Y 21 18.92 -2.02 -56.89
CA VAL Y 21 17.75 -2.35 -57.67
C VAL Y 21 17.64 -3.86 -57.76
N HIS Y 22 16.50 -4.40 -57.33
CA HIS Y 22 16.26 -5.84 -57.39
C HIS Y 22 15.47 -6.13 -58.65
N LEU Y 23 15.79 -7.26 -59.26
CA LEU Y 23 15.24 -7.61 -60.54
C LEU Y 23 14.93 -9.09 -60.53
N SER Y 24 13.74 -9.43 -60.96
CA SER Y 24 13.36 -10.83 -61.06
C SER Y 24 12.93 -11.22 -62.47
N GLY Y 25 13.04 -12.51 -62.74
CA GLY Y 25 12.62 -13.02 -64.01
C GLY Y 25 12.68 -14.52 -64.05
N MET Y 26 12.44 -15.04 -65.24
CA MET Y 26 12.66 -16.44 -65.55
C MET Y 26 12.78 -16.50 -67.04
N SER Y 27 13.84 -17.12 -67.53
CA SER Y 27 14.19 -17.02 -68.95
C SER Y 27 14.57 -18.37 -69.49
N ARG Y 28 14.66 -18.51 -70.82
CA ARG Y 28 15.22 -19.75 -71.38
C ARG Y 28 16.75 -19.69 -71.55
N ILE Y 29 17.45 -20.55 -70.84
CA ILE Y 29 18.89 -20.69 -70.92
C ILE Y 29 19.24 -21.37 -72.24
N SER Y 30 18.48 -22.38 -72.61
CA SER Y 30 18.78 -23.13 -73.82
C SER Y 30 17.61 -23.96 -74.27
N GLN Y 31 17.71 -24.44 -75.50
CA GLN Y 31 16.77 -25.39 -76.06
C GLN Y 31 17.61 -26.30 -76.93
N ALA Y 32 17.49 -27.61 -76.72
CA ALA Y 32 18.20 -28.61 -77.52
C ALA Y 32 17.17 -29.60 -78.00
N VAL Y 33 17.42 -30.19 -79.17
CA VAL Y 33 16.55 -31.22 -79.67
C VAL Y 33 17.40 -32.49 -79.79
N LEU Y 34 17.07 -33.44 -78.93
CA LEU Y 34 17.76 -34.69 -78.87
C LEU Y 34 17.04 -35.73 -79.75
N PRO Y 35 17.61 -36.08 -80.93
CA PRO Y 35 16.86 -36.89 -81.91
C PRO Y 35 16.74 -38.36 -81.54
N ALA Y 36 15.88 -39.02 -82.30
CA ALA Y 36 15.41 -40.37 -82.02
C ALA Y 36 16.24 -41.18 -81.04
N GLY Y 37 17.43 -41.64 -81.41
CA GLY Y 37 18.12 -42.60 -80.54
C GLY Y 37 19.49 -42.24 -80.03
N THR Y 38 19.81 -40.95 -79.92
CA THR Y 38 21.21 -40.53 -79.78
C THR Y 38 21.74 -40.31 -78.35
N GLY Y 39 20.88 -40.38 -77.34
CA GLY Y 39 21.33 -40.23 -75.96
C GLY Y 39 22.10 -41.44 -75.44
N THR Y 40 22.98 -41.20 -74.49
CA THR Y 40 23.63 -42.28 -73.77
C THR Y 40 24.34 -41.79 -72.53
N ASP Y 41 24.47 -42.68 -71.55
CA ASP Y 41 24.99 -42.28 -70.27
C ASP Y 41 26.17 -41.35 -70.50
N GLY Y 42 26.03 -40.12 -70.02
CA GLY Y 42 27.13 -39.15 -70.04
C GLY Y 42 27.14 -38.21 -71.21
N TYR Y 43 26.20 -38.38 -72.14
CA TYR Y 43 26.05 -37.46 -73.26
C TYR Y 43 25.58 -36.08 -72.78
N VAL Y 44 26.35 -35.05 -73.08
CA VAL Y 44 26.07 -33.69 -72.58
C VAL Y 44 25.13 -32.94 -73.50
N VAL Y 45 23.88 -32.72 -73.09
CA VAL Y 45 22.93 -32.08 -73.99
C VAL Y 45 22.78 -30.60 -73.71
N VAL Y 46 23.39 -30.11 -72.63
CA VAL Y 46 23.34 -28.67 -72.32
C VAL Y 46 24.46 -28.37 -71.34
N ASP Y 47 25.18 -27.29 -71.61
CA ASP Y 47 26.26 -26.91 -70.74
C ASP Y 47 26.34 -25.39 -70.83
N ALA Y 48 25.51 -24.73 -70.03
CA ALA Y 48 25.28 -23.30 -70.15
C ALA Y 48 25.82 -22.59 -68.95
N THR Y 49 26.86 -21.81 -69.18
CA THR Y 49 27.45 -20.94 -68.17
C THR Y 49 26.65 -19.64 -68.06
N ILE Y 50 26.28 -19.31 -66.81
CA ILE Y 50 25.26 -18.30 -66.56
C ILE Y 50 25.82 -16.90 -66.53
N VAL Y 51 25.40 -16.07 -67.48
CA VAL Y 51 25.80 -14.66 -67.53
C VAL Y 51 24.57 -13.83 -67.93
N PRO Y 52 24.56 -12.53 -67.58
CA PRO Y 52 23.37 -11.71 -67.87
C PRO Y 52 22.97 -11.66 -69.34
N ASP Y 53 23.92 -11.79 -70.27
CA ASP Y 53 23.57 -11.85 -71.71
C ASP Y 53 22.62 -12.99 -71.99
N LEU Y 54 22.70 -14.05 -71.18
CA LEU Y 54 21.92 -15.25 -71.42
C LEU Y 54 20.51 -15.16 -70.92
N LEU Y 55 20.24 -14.27 -69.96
CA LEU Y 55 18.87 -14.02 -69.48
C LEU Y 55 18.43 -12.67 -70.05
N PRO Y 56 17.51 -12.67 -71.03
CA PRO Y 56 17.26 -11.50 -71.87
C PRO Y 56 17.04 -10.20 -71.10
N ARG Y 57 16.11 -10.21 -70.14
CA ARG Y 57 15.81 -9.01 -69.36
C ARG Y 57 17.01 -8.58 -68.53
N LEU Y 58 17.67 -9.51 -67.85
CA LEU Y 58 18.91 -9.15 -67.15
C LEU Y 58 19.98 -8.62 -68.12
N GLY Y 59 20.04 -9.16 -69.35
CA GLY Y 59 20.94 -8.62 -70.37
C GLY Y 59 20.86 -7.11 -70.49
N HIS Y 60 19.64 -6.61 -70.63
CA HIS Y 60 19.37 -5.17 -70.69
C HIS Y 60 19.71 -4.43 -69.38
N ALA Y 61 19.33 -4.99 -68.25
CA ALA Y 61 19.62 -4.34 -66.98
C ALA Y 61 21.11 -4.40 -66.65
N ALA Y 62 21.83 -5.35 -67.25
CA ALA Y 62 23.26 -5.47 -67.04
C ALA Y 62 23.99 -4.29 -67.66
N ARG Y 63 23.48 -3.75 -68.78
CA ARG Y 63 24.15 -2.63 -69.46
C ARG Y 63 24.08 -1.29 -68.67
N ILE Y 64 23.00 -1.16 -67.93
CA ILE Y 64 22.76 -0.05 -67.06
C ILE Y 64 23.64 -0.08 -65.80
N PHE Y 65 23.95 -1.24 -65.26
CA PHE Y 65 24.70 -1.31 -64.02
C PHE Y 65 26.11 -1.89 -64.23
N GLN Y 66 26.82 -2.05 -63.12
CA GLN Y 66 28.22 -2.49 -63.10
C GLN Y 66 28.45 -3.78 -62.34
N ARG Y 67 27.64 -4.03 -61.32
CA ARG Y 67 27.79 -5.22 -60.50
C ARG Y 67 26.45 -5.77 -60.11
N TYR Y 68 26.37 -7.10 -60.06
CA TYR Y 68 25.13 -7.82 -59.74
C TYR Y 68 25.46 -8.98 -58.83
N ALA Y 69 24.45 -9.45 -58.11
CA ALA Y 69 24.62 -10.51 -57.12
C ALA Y 69 23.37 -11.38 -57.12
N VAL Y 70 23.57 -12.69 -57.21
CA VAL Y 70 22.45 -13.62 -57.34
C VAL Y 70 21.78 -13.87 -56.00
N GLU Y 71 20.49 -13.59 -55.92
CA GLU Y 71 19.75 -13.69 -54.67
C GLU Y 71 18.85 -14.91 -54.61
N THR Y 72 18.27 -15.33 -55.74
CA THR Y 72 17.67 -16.68 -55.89
C THR Y 72 18.02 -17.19 -57.28
N LEU Y 73 18.07 -18.51 -57.46
CA LEU Y 73 18.56 -19.12 -58.70
C LEU Y 73 18.10 -20.55 -58.79
N GLU Y 74 17.12 -20.81 -59.65
CA GLU Y 74 16.60 -22.15 -59.85
C GLU Y 74 16.55 -22.44 -61.33
N PHE Y 75 16.60 -23.72 -61.67
CA PHE Y 75 16.50 -24.17 -63.03
C PHE Y 75 15.35 -25.18 -63.20
N GLU Y 76 14.45 -24.85 -64.10
CA GLU Y 76 13.31 -25.69 -64.43
C GLU Y 76 13.67 -26.40 -65.73
N ILE Y 77 13.87 -27.70 -65.67
CA ILE Y 77 14.16 -28.53 -66.85
C ILE Y 77 12.82 -28.92 -67.46
N GLN Y 78 12.63 -28.59 -68.71
CA GLN Y 78 11.32 -28.77 -69.26
C GLN Y 78 11.35 -29.58 -70.57
N PRO Y 79 11.50 -30.91 -70.45
CA PRO Y 79 11.59 -31.77 -71.60
C PRO Y 79 10.23 -32.13 -72.11
N MET Y 80 10.13 -32.10 -73.44
CA MET Y 80 8.90 -32.36 -74.16
C MET Y 80 9.08 -33.51 -75.13
N CYS Y 81 8.29 -34.55 -74.91
CA CYS Y 81 8.40 -35.82 -75.61
C CYS Y 81 7.24 -36.68 -75.18
N PRO Y 82 6.97 -37.75 -75.93
CA PRO Y 82 5.82 -38.51 -75.54
C PRO Y 82 6.09 -39.25 -74.24
N ALA Y 83 5.02 -39.61 -73.56
CA ALA Y 83 5.14 -40.38 -72.35
C ALA Y 83 5.87 -41.72 -72.62
N ASN Y 84 5.78 -42.26 -73.83
CA ASN Y 84 6.45 -43.54 -74.16
C ASN Y 84 7.95 -43.47 -74.52
N THR Y 85 8.72 -42.75 -73.71
CA THR Y 85 10.13 -42.52 -74.00
C THR Y 85 11.01 -43.06 -72.89
N GLY Y 86 11.95 -43.94 -73.23
CA GLY Y 86 12.80 -44.64 -72.25
C GLY Y 86 13.98 -43.82 -71.79
N GLY Y 87 13.75 -42.54 -71.63
CA GLY Y 87 14.82 -41.60 -71.44
C GLY Y 87 15.37 -41.50 -70.04
N GLY Y 88 15.70 -40.29 -69.62
CA GLY Y 88 16.52 -40.08 -68.46
C GLY Y 88 17.50 -38.93 -68.60
N TYR Y 89 17.48 -38.04 -67.62
CA TYR Y 89 18.43 -36.96 -67.56
C TYR Y 89 18.83 -36.68 -66.12
N VAL Y 90 20.02 -36.13 -65.94
CA VAL Y 90 20.47 -35.68 -64.63
C VAL Y 90 20.89 -34.27 -64.88
N ALA Y 91 20.33 -33.34 -64.13
CA ALA Y 91 20.61 -31.93 -64.31
C ALA Y 91 21.16 -31.43 -63.00
N GLY Y 92 22.15 -30.56 -63.10
CA GLY Y 92 22.69 -29.87 -61.93
C GLY Y 92 23.31 -28.53 -62.28
N PHE Y 93 23.61 -27.73 -61.26
CA PHE Y 93 24.28 -26.47 -61.47
C PHE Y 93 25.56 -26.52 -60.70
N LEU Y 94 26.70 -26.58 -61.39
CA LEU Y 94 27.98 -26.43 -60.68
C LEU Y 94 28.39 -24.99 -60.62
N PRO Y 95 28.68 -24.50 -59.40
CA PRO Y 95 29.06 -23.11 -59.20
C PRO Y 95 30.55 -22.69 -59.38
N ASP Y 96 31.22 -23.08 -60.48
CA ASP Y 96 32.27 -22.23 -61.08
C ASP Y 96 31.92 -22.21 -62.51
N PRO Y 97 32.03 -21.03 -63.11
CA PRO Y 97 32.03 -21.03 -64.56
C PRO Y 97 33.24 -21.79 -65.13
N THR Y 98 34.25 -21.97 -64.30
CA THR Y 98 35.54 -22.53 -64.69
C THR Y 98 35.66 -24.06 -64.71
N ASP Y 99 34.67 -24.82 -64.24
CA ASP Y 99 34.85 -26.28 -64.13
C ASP Y 99 34.12 -27.10 -65.19
N ASN Y 100 34.92 -27.89 -65.94
CA ASN Y 100 34.43 -28.78 -67.01
C ASN Y 100 34.03 -30.20 -66.61
N ASP Y 101 34.13 -30.54 -65.33
CA ASP Y 101 33.73 -31.87 -64.84
C ASP Y 101 32.25 -32.08 -65.24
N HIS Y 102 32.00 -32.86 -66.29
CA HIS Y 102 30.63 -33.04 -66.80
C HIS Y 102 30.18 -34.51 -66.77
N THR Y 103 30.60 -35.19 -65.72
CA THR Y 103 30.20 -36.57 -65.43
C THR Y 103 28.99 -36.51 -64.54
N PHE Y 104 28.29 -37.64 -64.41
CA PHE Y 104 27.11 -37.76 -63.55
C PHE Y 104 27.49 -37.49 -62.10
N ASP Y 105 28.50 -38.19 -61.59
CA ASP Y 105 28.83 -38.13 -60.16
C ASP Y 105 29.06 -36.70 -59.79
N ALA Y 106 29.79 -35.98 -60.62
CA ALA Y 106 30.03 -34.57 -60.37
C ALA Y 106 28.74 -33.75 -60.34
N LEU Y 107 27.79 -34.02 -61.24
CA LEU Y 107 26.48 -33.32 -61.20
C LEU Y 107 25.65 -33.70 -59.98
N GLN Y 108 25.59 -34.99 -59.65
CA GLN Y 108 24.82 -35.44 -58.46
C GLN Y 108 25.35 -34.92 -57.12
N ALA Y 109 26.58 -34.44 -57.09
CA ALA Y 109 27.19 -33.97 -55.87
C ALA Y 109 26.76 -32.56 -55.53
N THR Y 110 26.22 -31.84 -56.52
CA THR Y 110 25.76 -30.47 -56.31
C THR Y 110 24.38 -30.55 -55.69
N ARG Y 111 23.85 -29.43 -55.17
CA ARG Y 111 22.71 -29.51 -54.25
C ARG Y 111 21.48 -29.69 -55.08
N GLY Y 112 21.35 -28.89 -56.12
CA GLY Y 112 20.10 -28.97 -56.87
C GLY Y 112 19.81 -30.32 -57.50
N ALA Y 113 20.86 -31.12 -57.69
CA ALA Y 113 20.91 -32.13 -58.74
C ALA Y 113 19.72 -33.04 -58.76
N VAL Y 114 19.04 -33.11 -59.90
CA VAL Y 114 17.85 -33.94 -60.02
C VAL Y 114 18.04 -34.92 -61.16
N VAL Y 115 17.43 -36.09 -61.03
CA VAL Y 115 17.40 -37.02 -62.15
C VAL Y 115 15.94 -37.32 -62.39
N ALA Y 116 15.64 -37.77 -63.60
CA ALA Y 116 14.25 -37.96 -64.03
C ALA Y 116 14.19 -38.58 -65.40
N LYS Y 117 13.17 -39.38 -65.64
CA LYS Y 117 12.89 -39.82 -67.00
C LYS Y 117 12.46 -38.63 -67.83
N TRP Y 118 12.74 -38.69 -69.14
CA TRP Y 118 12.59 -37.51 -70.03
C TRP Y 118 11.18 -36.98 -70.20
N TRP Y 119 10.18 -37.73 -69.72
CA TRP Y 119 8.81 -37.24 -69.76
C TRP Y 119 8.35 -36.74 -68.39
N GLU Y 120 9.29 -36.24 -67.59
CA GLU Y 120 9.00 -35.72 -66.24
C GLU Y 120 9.75 -34.39 -66.18
N SER Y 121 9.04 -33.34 -65.72
CA SER Y 121 9.60 -31.99 -65.50
C SER Y 121 10.17 -31.91 -64.11
N ARG Y 122 11.10 -31.00 -63.90
CA ARG Y 122 11.93 -31.11 -62.73
C ARG Y 122 12.64 -29.81 -62.47
N THR Y 123 12.84 -29.46 -61.20
CA THR Y 123 13.49 -28.20 -60.84
C THR Y 123 14.72 -28.45 -59.97
N VAL Y 124 15.81 -27.77 -60.30
CA VAL Y 124 17.04 -27.86 -59.50
C VAL Y 124 17.15 -26.58 -58.70
N ARG Y 125 17.09 -26.71 -57.37
CA ARG Y 125 17.30 -25.61 -56.44
C ARG Y 125 18.67 -25.79 -55.82
N PRO Y 126 19.68 -25.17 -56.45
CA PRO Y 126 21.06 -25.39 -56.05
C PRO Y 126 21.43 -24.48 -54.91
N GLN Y 127 22.69 -24.51 -54.50
CA GLN Y 127 23.23 -23.52 -53.59
C GLN Y 127 24.48 -23.00 -54.28
N TYR Y 128 24.69 -21.70 -54.16
CA TYR Y 128 25.49 -20.98 -55.12
C TYR Y 128 26.24 -19.84 -54.46
N THR Y 129 26.92 -19.05 -55.31
CA THR Y 129 27.81 -18.00 -54.86
C THR Y 129 27.29 -17.13 -53.70
N ARG Y 130 26.20 -16.40 -53.94
CA ARG Y 130 25.67 -15.46 -52.97
C ARG Y 130 26.63 -14.29 -52.78
N THR Y 131 27.48 -14.07 -53.78
CA THR Y 131 28.52 -13.08 -53.72
C THR Y 131 28.19 -12.03 -54.75
N LEU Y 132 29.01 -10.97 -54.79
CA LEU Y 132 28.86 -9.86 -55.73
C LEU Y 132 29.78 -10.04 -56.92
N LEU Y 133 29.20 -10.09 -58.11
CA LEU Y 133 29.91 -10.38 -59.33
C LEU Y 133 29.98 -9.09 -60.15
N TRP Y 134 30.45 -9.17 -61.41
CA TRP Y 134 30.54 -8.05 -62.34
C TRP Y 134 29.75 -8.32 -63.60
N THR Y 135 29.12 -7.30 -64.16
CA THR Y 135 28.26 -7.46 -65.34
C THR Y 135 29.03 -7.66 -66.65
N SER Y 136 30.33 -7.38 -66.64
CA SER Y 136 31.15 -7.42 -67.84
C SER Y 136 32.32 -8.38 -67.72
N SER Y 137 32.75 -8.95 -68.85
CA SER Y 137 33.90 -9.89 -68.93
C SER Y 137 35.21 -9.31 -68.39
N GLY Y 138 35.95 -10.15 -67.68
CA GLY Y 138 37.20 -9.76 -67.06
C GLY Y 138 38.14 -10.93 -67.14
N LYS Y 139 39.37 -10.76 -66.68
CA LYS Y 139 40.39 -11.81 -66.77
C LYS Y 139 40.03 -12.99 -65.87
N GLU Y 140 39.78 -12.73 -64.59
CA GLU Y 140 39.16 -13.78 -63.77
C GLU Y 140 37.66 -13.74 -63.93
N GLN Y 141 37.13 -14.90 -64.30
CA GLN Y 141 35.71 -15.06 -64.62
C GLN Y 141 34.85 -15.69 -63.51
N ARG Y 142 35.41 -15.86 -62.32
CA ARG Y 142 34.62 -16.27 -61.19
C ARG Y 142 34.03 -15.04 -60.59
N LEU Y 143 34.37 -13.89 -61.14
CA LEU Y 143 33.76 -12.62 -60.76
C LEU Y 143 32.66 -12.18 -61.75
N THR Y 144 32.44 -12.94 -62.82
CA THR Y 144 31.55 -12.53 -63.87
C THR Y 144 30.38 -13.50 -64.07
N SER Y 145 30.54 -14.77 -63.69
CA SER Y 145 29.45 -15.76 -63.71
C SER Y 145 29.37 -16.52 -62.36
N PRO Y 146 28.16 -16.93 -61.94
CA PRO Y 146 28.02 -17.66 -60.67
C PRO Y 146 28.21 -19.17 -60.80
N GLY Y 147 28.30 -19.66 -62.04
CA GLY Y 147 28.44 -21.08 -62.32
C GLY Y 147 27.78 -21.44 -63.64
N ARG Y 148 27.56 -22.75 -63.86
CA ARG Y 148 27.00 -23.23 -65.13
C ARG Y 148 26.07 -24.45 -64.98
N LEU Y 149 24.97 -24.43 -65.74
CA LEU Y 149 23.93 -25.46 -65.74
C LEU Y 149 24.32 -26.58 -66.72
N ILE Y 150 24.28 -27.83 -66.24
CA ILE Y 150 24.59 -28.98 -67.08
C ILE Y 150 23.41 -29.97 -67.10
N LEU Y 151 23.21 -30.60 -68.26
CA LEU Y 151 22.18 -31.60 -68.48
C LEU Y 151 22.82 -32.75 -69.19
N LEU Y 152 22.63 -33.94 -68.62
CA LEU Y 152 23.23 -35.17 -69.09
C LEU Y 152 22.17 -36.24 -69.33
N CYS Y 153 22.43 -37.13 -70.28
CA CYS Y 153 21.55 -38.25 -70.54
C CYS Y 153 21.83 -39.31 -69.54
N VAL Y 154 20.76 -39.93 -69.09
CA VAL Y 154 20.80 -41.18 -68.37
C VAL Y 154 20.01 -42.17 -69.23
N GLY Y 155 20.69 -43.24 -69.66
CA GLY Y 155 20.11 -44.19 -70.61
C GLY Y 155 19.88 -43.54 -71.97
N ASN Y 156 19.42 -44.31 -72.96
CA ASN Y 156 19.12 -43.72 -74.27
C ASN Y 156 17.67 -43.47 -74.48
N ASN Y 157 17.35 -42.29 -74.96
CA ASN Y 157 16.00 -41.95 -75.35
C ASN Y 157 15.57 -42.78 -76.55
N THR Y 158 14.45 -43.47 -76.36
CA THR Y 158 13.68 -44.14 -77.40
C THR Y 158 13.18 -43.17 -78.41
N ASP Y 159 12.94 -41.93 -78.01
CA ASP Y 159 12.21 -41.00 -78.85
C ASP Y 159 12.83 -39.58 -78.89
N VAL Y 160 12.18 -38.69 -79.64
CA VAL Y 160 12.67 -37.33 -79.79
C VAL Y 160 12.26 -36.45 -78.62
N VAL Y 161 13.25 -35.80 -78.02
CA VAL Y 161 13.02 -34.94 -76.89
C VAL Y 161 13.39 -33.55 -77.30
N ASN Y 162 12.52 -32.60 -76.98
CA ASN Y 162 12.75 -31.20 -77.24
C ASN Y 162 12.83 -30.56 -75.89
N VAL Y 163 14.05 -30.53 -75.36
CA VAL Y 163 14.29 -30.04 -74.02
C VAL Y 163 14.66 -28.56 -73.97
N SER Y 164 13.93 -27.82 -73.12
CA SER Y 164 14.18 -26.41 -72.84
C SER Y 164 14.49 -26.37 -71.35
N VAL Y 165 15.65 -25.83 -70.95
CA VAL Y 165 15.88 -25.51 -69.52
C VAL Y 165 15.64 -24.03 -69.30
N LEU Y 166 14.76 -23.76 -68.34
CA LEU Y 166 14.45 -22.41 -67.93
C LEU Y 166 15.15 -22.13 -66.61
N CYS Y 167 15.47 -20.86 -66.42
CA CYS Y 167 16.14 -20.41 -65.23
C CYS Y 167 15.34 -19.28 -64.61
N ARG Y 168 14.75 -19.52 -63.45
CA ARG Y 168 14.12 -18.45 -62.72
C ARG Y 168 15.19 -17.80 -61.87
N TRP Y 169 15.31 -16.47 -61.95
CA TRP Y 169 16.40 -15.70 -61.32
C TRP Y 169 15.90 -14.45 -60.61
N SER Y 170 16.61 -14.07 -59.55
CA SER Y 170 16.23 -12.95 -58.70
C SER Y 170 17.55 -12.30 -58.33
N VAL Y 171 17.87 -11.18 -58.93
CA VAL Y 171 19.24 -10.68 -58.91
C VAL Y 171 19.24 -9.26 -58.35
N ARG Y 172 20.34 -8.80 -57.74
CA ARG Y 172 20.41 -7.40 -57.27
C ARG Y 172 21.56 -6.57 -57.86
N LEU Y 173 21.17 -5.53 -58.60
CA LEU Y 173 22.06 -4.78 -59.47
C LEU Y 173 22.48 -3.51 -58.77
N SER Y 174 23.72 -3.05 -58.99
CA SER Y 174 24.39 -2.34 -57.92
C SER Y 174 25.07 -1.03 -58.28
N VAL Y 175 25.95 -1.01 -59.26
CA VAL Y 175 26.68 0.24 -59.53
C VAL Y 175 26.33 0.81 -60.92
N PRO Y 176 25.66 1.98 -60.97
CA PRO Y 176 25.22 2.47 -62.27
C PRO Y 176 26.32 2.83 -63.26
N SER Y 177 26.03 2.55 -64.53
CA SER Y 177 26.90 2.83 -65.64
C SER Y 177 26.10 2.84 -66.95
N LEU Y 178 26.78 2.56 -68.06
CA LEU Y 178 26.12 2.51 -69.36
C LEU Y 178 27.08 1.95 -70.41
N GLU Y 179 26.98 0.65 -70.70
CA GLU Y 179 27.95 0.02 -71.60
C GLU Y 179 27.40 -0.13 -73.02
N ASN Y 180 27.63 0.90 -73.84
CA ASN Y 180 27.22 0.90 -75.25
C ASN Y 180 27.93 -0.17 -76.09
N THR Z 18 40.79 -1.55 -32.84
CA THR Z 18 40.73 -2.04 -34.21
C THR Z 18 42.17 -2.20 -34.77
N ASN Z 19 42.36 -3.18 -35.67
CA ASN Z 19 43.64 -3.34 -36.38
C ASN Z 19 43.81 -2.41 -37.58
N ASP Z 20 42.71 -1.76 -37.98
CA ASP Z 20 42.66 -0.94 -39.20
C ASP Z 20 43.27 0.43 -39.06
N VAL Z 21 44.11 0.75 -40.03
CA VAL Z 21 44.85 1.98 -40.05
C VAL Z 21 44.25 2.91 -41.10
N HIS Z 22 43.54 3.93 -40.65
CA HIS Z 22 42.87 4.89 -41.55
C HIS Z 22 43.84 5.97 -42.02
N LEU Z 23 43.71 6.36 -43.30
CA LEU Z 23 44.65 7.28 -43.95
C LEU Z 23 43.93 8.16 -44.95
N SER Z 24 43.92 9.47 -44.69
CA SER Z 24 43.20 10.43 -45.53
C SER Z 24 44.17 11.47 -46.03
N GLY Z 25 43.94 11.92 -47.26
CA GLY Z 25 44.81 12.88 -47.89
C GLY Z 25 44.12 13.46 -49.10
N MET Z 26 44.79 14.37 -49.81
CA MET Z 26 44.23 14.94 -51.02
C MET Z 26 45.35 15.24 -51.99
N SER Z 27 45.25 14.72 -53.20
CA SER Z 27 46.39 14.64 -54.09
C SER Z 27 46.10 15.04 -55.53
N ARG Z 28 47.09 15.58 -56.21
CA ARG Z 28 47.00 15.81 -57.65
C ARG Z 28 47.24 14.51 -58.48
N ILE Z 29 46.20 14.15 -59.21
CA ILE Z 29 46.16 12.97 -60.05
C ILE Z 29 46.80 13.29 -61.39
N SER Z 30 46.52 14.49 -61.89
CA SER Z 30 47.11 14.93 -63.14
C SER Z 30 46.95 16.43 -63.37
N GLN Z 31 47.80 16.96 -64.21
CA GLN Z 31 47.77 18.35 -64.59
C GLN Z 31 47.92 18.38 -66.08
N ALA Z 32 46.84 18.62 -66.81
CA ALA Z 32 46.96 18.84 -68.25
C ALA Z 32 47.15 20.33 -68.48
N VAL Z 33 47.60 20.66 -69.68
CA VAL Z 33 47.67 22.04 -70.15
C VAL Z 33 47.08 22.09 -71.55
N LEU Z 34 45.81 22.46 -71.63
CA LEU Z 34 45.07 22.39 -72.88
C LEU Z 34 45.25 23.69 -73.67
N PRO Z 35 46.05 23.67 -74.77
CA PRO Z 35 46.41 24.93 -75.42
C PRO Z 35 45.33 25.59 -76.28
N ALA Z 36 45.58 26.87 -76.56
CA ALA Z 36 44.67 27.80 -77.21
C ALA Z 36 43.32 27.28 -77.72
N GLY Z 37 43.31 26.33 -78.65
CA GLY Z 37 42.07 25.92 -79.30
C GLY Z 37 42.01 24.46 -79.69
N THR Z 38 42.48 23.57 -78.81
CA THR Z 38 42.64 22.14 -79.12
C THR Z 38 41.67 21.15 -78.41
N GLY Z 39 40.65 21.66 -77.70
CA GLY Z 39 39.56 20.81 -77.20
C GLY Z 39 38.49 20.62 -78.27
N THR Z 40 37.58 19.67 -78.07
CA THR Z 40 36.39 19.53 -78.94
C THR Z 40 35.54 18.36 -78.45
N ASP Z 41 34.22 18.52 -78.48
CA ASP Z 41 33.32 17.48 -77.99
C ASP Z 41 34.02 16.14 -77.99
N GLY Z 42 34.16 15.56 -76.81
CA GLY Z 42 34.70 14.21 -76.67
C GLY Z 42 36.22 14.09 -76.75
N TYR Z 43 36.96 15.18 -76.59
CA TYR Z 43 38.41 15.06 -76.46
C TYR Z 43 38.73 14.63 -75.03
N VAL Z 44 39.60 13.65 -74.88
CA VAL Z 44 40.04 13.14 -73.56
C VAL Z 44 41.28 13.86 -73.02
N VAL Z 45 41.16 14.58 -71.89
CA VAL Z 45 42.28 15.37 -71.34
C VAL Z 45 42.95 14.72 -70.15
N VAL Z 46 42.21 13.80 -69.50
CA VAL Z 46 42.68 13.04 -68.34
C VAL Z 46 41.92 11.72 -68.29
N ASP Z 47 42.65 10.61 -68.15
CA ASP Z 47 42.07 9.27 -68.06
C ASP Z 47 42.92 8.48 -67.04
N ALA Z 48 42.79 8.88 -65.79
CA ALA Z 48 43.68 8.39 -64.77
C ALA Z 48 43.09 7.15 -64.15
N THR Z 49 43.89 6.08 -64.11
CA THR Z 49 43.49 4.84 -63.45
C THR Z 49 44.06 4.85 -62.04
N ILE Z 50 43.16 4.71 -61.07
CA ILE Z 50 43.46 5.05 -59.67
C ILE Z 50 44.08 3.89 -58.87
N VAL Z 51 45.29 4.12 -58.38
CA VAL Z 51 46.07 3.12 -57.68
C VAL Z 51 46.85 3.87 -56.66
N PRO Z 52 47.35 3.17 -55.62
CA PRO Z 52 48.13 3.83 -54.57
C PRO Z 52 49.27 4.71 -55.04
N ASP Z 53 49.95 4.33 -56.12
CA ASP Z 53 51.07 5.14 -56.65
C ASP Z 53 50.72 6.50 -57.24
N LEU Z 54 49.48 6.68 -57.67
CA LEU Z 54 49.03 8.01 -58.12
C LEU Z 54 48.86 9.02 -56.99
N LEU Z 55 48.61 8.50 -55.79
CA LEU Z 55 48.41 9.29 -54.60
C LEU Z 55 49.69 9.24 -53.75
N PRO Z 56 50.51 10.32 -53.78
CA PRO Z 56 51.86 10.30 -53.18
C PRO Z 56 51.93 9.73 -51.76
N ARG Z 57 51.31 10.37 -50.77
CA ARG Z 57 51.31 9.85 -49.41
C ARG Z 57 50.92 8.36 -49.40
N LEU Z 58 49.81 8.02 -50.05
CA LEU Z 58 49.32 6.63 -50.05
C LEU Z 58 50.29 5.65 -50.71
N GLY Z 59 51.08 6.14 -51.68
CA GLY Z 59 52.12 5.33 -52.31
C GLY Z 59 53.10 4.77 -51.29
N HIS Z 60 53.44 5.55 -50.28
CA HIS Z 60 54.32 5.08 -49.23
C HIS Z 60 53.56 4.12 -48.35
N ALA Z 61 52.36 4.49 -47.94
CA ALA Z 61 51.59 3.61 -47.06
C ALA Z 61 51.25 2.29 -47.74
N ALA Z 62 51.23 2.25 -49.08
CA ALA Z 62 51.07 0.98 -49.83
C ALA Z 62 52.29 0.05 -49.75
N ARG Z 63 53.49 0.60 -49.61
CA ARG Z 63 54.65 -0.24 -49.44
C ARG Z 63 54.73 -0.84 -48.04
N ILE Z 64 53.82 -0.42 -47.17
CA ILE Z 64 53.76 -0.89 -45.78
C ILE Z 64 52.67 -1.98 -45.60
N PHE Z 65 51.53 -1.84 -46.25
CA PHE Z 65 50.45 -2.81 -46.10
C PHE Z 65 50.20 -3.55 -47.41
N GLN Z 66 49.40 -4.62 -47.34
CA GLN Z 66 49.13 -5.49 -48.49
C GLN Z 66 47.84 -5.19 -49.18
N ARG Z 67 46.82 -4.89 -48.38
CA ARG Z 67 45.52 -4.55 -48.91
C ARG Z 67 45.04 -3.17 -48.47
N TYR Z 68 44.02 -2.67 -49.13
CA TYR Z 68 43.36 -1.46 -48.69
C TYR Z 68 41.92 -1.47 -49.18
N ALA Z 69 41.09 -0.57 -48.65
CA ALA Z 69 39.69 -0.43 -49.08
C ALA Z 69 39.33 1.04 -49.17
N VAL Z 70 38.60 1.45 -50.20
CA VAL Z 70 38.34 2.86 -50.34
C VAL Z 70 37.13 3.26 -49.55
N GLU Z 71 37.32 4.22 -48.66
CA GLU Z 71 36.30 4.61 -47.67
C GLU Z 71 35.61 5.90 -48.07
N THR Z 72 36.36 6.87 -48.59
CA THR Z 72 35.77 7.98 -49.35
C THR Z 72 36.69 8.34 -50.52
N LEU Z 73 36.09 8.69 -51.65
CA LEU Z 73 36.78 9.10 -52.90
C LEU Z 73 36.08 10.27 -53.56
N GLU Z 74 36.79 11.38 -53.71
CA GLU Z 74 36.30 12.49 -54.50
C GLU Z 74 37.38 13.05 -55.39
N PHE Z 75 36.93 13.78 -56.39
CA PHE Z 75 37.81 14.40 -57.35
C PHE Z 75 37.36 15.83 -57.52
N GLU Z 76 38.30 16.73 -57.41
CA GLU Z 76 38.03 18.13 -57.55
C GLU Z 76 38.65 18.59 -58.86
N ILE Z 77 37.81 18.94 -59.82
CA ILE Z 77 38.26 19.42 -61.12
C ILE Z 77 38.60 20.90 -60.94
N GLN Z 78 39.87 21.23 -61.14
CA GLN Z 78 40.38 22.55 -60.87
C GLN Z 78 41.10 23.09 -62.10
N PRO Z 79 40.35 23.76 -62.99
CA PRO Z 79 40.83 24.21 -64.28
C PRO Z 79 41.11 25.71 -64.28
N MET Z 80 42.31 26.08 -64.68
CA MET Z 80 42.78 27.46 -64.57
C MET Z 80 42.89 28.12 -65.92
N CYS Z 81 42.19 29.23 -66.04
CA CYS Z 81 41.97 29.89 -67.30
C CYS Z 81 41.14 31.13 -67.02
N PRO Z 82 41.06 32.05 -67.99
CA PRO Z 82 40.27 33.26 -67.77
C PRO Z 82 38.78 33.03 -67.90
N ALA Z 83 38.01 33.95 -67.36
CA ALA Z 83 36.58 33.79 -67.32
C ALA Z 83 35.96 33.90 -68.68
N ASN Z 84 36.77 34.29 -69.67
CA ASN Z 84 36.34 34.36 -71.08
C ASN Z 84 36.88 33.19 -71.87
N THR Z 85 36.83 32.02 -71.28
CA THR Z 85 37.05 30.82 -72.00
C THR Z 85 35.65 30.29 -72.35
N GLY Z 86 35.44 29.88 -73.59
CA GLY Z 86 34.13 29.42 -74.04
C GLY Z 86 34.01 27.92 -74.04
N GLY Z 87 34.90 27.25 -73.32
CA GLY Z 87 34.97 25.79 -73.33
C GLY Z 87 33.87 25.09 -72.56
N GLY Z 88 34.25 24.06 -71.81
CA GLY Z 88 33.30 23.11 -71.27
C GLY Z 88 33.99 21.80 -71.01
N TYR Z 89 33.60 21.11 -69.96
CA TYR Z 89 34.06 19.76 -69.71
C TYR Z 89 32.98 18.95 -68.99
N VAL Z 90 33.04 17.62 -69.18
CA VAL Z 90 32.30 16.64 -68.38
C VAL Z 90 33.35 15.78 -67.69
N ALA Z 91 33.19 15.57 -66.39
CA ALA Z 91 34.11 14.72 -65.64
C ALA Z 91 33.32 13.78 -64.79
N GLY Z 92 33.80 12.54 -64.72
CA GLY Z 92 33.12 11.47 -63.98
C GLY Z 92 34.05 10.31 -63.70
N PHE Z 93 33.71 9.54 -62.68
CA PHE Z 93 34.55 8.42 -62.25
C PHE Z 93 33.93 7.07 -62.61
N LEU Z 94 34.49 6.34 -63.59
CA LEU Z 94 33.97 5.01 -63.90
C LEU Z 94 34.60 4.00 -62.93
N PRO Z 95 33.77 3.18 -62.25
CA PRO Z 95 34.25 2.23 -61.26
C PRO Z 95 34.95 0.96 -61.75
N ASP Z 96 35.15 0.83 -63.05
CA ASP Z 96 35.91 -0.28 -63.61
C ASP Z 96 37.28 0.20 -63.97
N PRO Z 97 38.30 -0.40 -63.37
CA PRO Z 97 39.62 -0.07 -63.89
C PRO Z 97 39.81 -0.62 -65.32
N THR Z 98 39.05 -1.65 -65.64
CA THR Z 98 39.12 -2.33 -66.91
C THR Z 98 38.42 -1.64 -68.09
N ASP Z 99 37.43 -0.78 -67.86
CA ASP Z 99 36.59 -0.31 -68.97
C ASP Z 99 37.09 0.97 -69.65
N ASN Z 100 37.15 0.89 -70.99
CA ASN Z 100 37.66 1.95 -71.85
C ASN Z 100 36.61 2.92 -72.45
N ASP Z 101 35.39 2.92 -71.90
CA ASP Z 101 34.26 3.66 -72.48
C ASP Z 101 34.40 5.16 -72.14
N HIS Z 102 34.99 5.95 -73.06
CA HIS Z 102 35.40 7.32 -72.76
C HIS Z 102 34.63 8.33 -73.56
N THR Z 103 33.31 8.27 -73.41
CA THR Z 103 32.37 9.11 -74.14
C THR Z 103 31.45 9.82 -73.15
N PHE Z 104 30.87 10.96 -73.55
CA PHE Z 104 30.03 11.75 -72.65
C PHE Z 104 28.92 10.98 -71.95
N ASP Z 105 28.12 10.21 -72.70
CA ASP Z 105 26.96 9.53 -72.08
C ASP Z 105 27.43 8.59 -70.99
N ALA Z 106 28.53 7.90 -71.27
CA ALA Z 106 29.11 6.92 -70.34
C ALA Z 106 29.54 7.55 -69.03
N LEU Z 107 30.22 8.69 -69.10
CA LEU Z 107 30.53 9.46 -67.88
C LEU Z 107 29.29 9.99 -67.14
N GLN Z 108 28.36 10.64 -67.85
CA GLN Z 108 27.19 11.24 -67.20
C GLN Z 108 26.27 10.18 -66.64
N ALA Z 109 26.52 8.93 -67.03
CA ALA Z 109 25.85 7.77 -66.45
C ALA Z 109 26.41 7.36 -65.10
N THR Z 110 27.56 7.87 -64.70
CA THR Z 110 28.03 7.64 -63.35
C THR Z 110 27.43 8.68 -62.37
N ARG Z 111 27.79 8.57 -61.08
CA ARG Z 111 27.07 9.24 -60.01
C ARG Z 111 27.59 10.62 -59.76
N GLY Z 112 28.88 10.81 -59.84
CA GLY Z 112 29.41 12.11 -59.52
C GLY Z 112 29.33 13.02 -60.73
N ALA Z 113 29.28 12.41 -61.90
CA ALA Z 113 29.65 13.07 -63.13
C ALA Z 113 29.15 14.49 -63.20
N VAL Z 114 30.09 15.42 -63.30
CA VAL Z 114 29.75 16.83 -63.33
C VAL Z 114 29.97 17.38 -64.72
N VAL Z 115 29.27 18.46 -65.03
CA VAL Z 115 29.57 19.21 -66.23
C VAL Z 115 29.54 20.70 -65.91
N ALA Z 116 30.48 21.41 -66.53
CA ALA Z 116 30.87 22.74 -66.10
C ALA Z 116 31.71 23.43 -67.17
N LYS Z 117 31.58 24.74 -67.26
CA LYS Z 117 32.42 25.54 -68.16
C LYS Z 117 33.82 25.53 -67.58
N TRP Z 118 34.85 25.78 -68.40
CA TRP Z 118 36.23 25.62 -67.90
C TRP Z 118 36.65 26.57 -66.76
N TRP Z 119 35.92 27.66 -66.57
CA TRP Z 119 36.22 28.62 -65.50
C TRP Z 119 35.33 28.43 -64.24
N GLU Z 120 34.73 27.25 -64.12
CA GLU Z 120 34.09 26.79 -62.90
C GLU Z 120 34.88 25.61 -62.40
N SER Z 121 35.25 25.64 -61.13
CA SER Z 121 35.78 24.45 -60.45
C SER Z 121 34.60 23.59 -60.05
N ARG Z 122 34.77 22.27 -59.99
CA ARG Z 122 33.67 21.43 -59.58
C ARG Z 122 34.13 20.14 -58.92
N THR Z 123 33.25 19.46 -58.19
CA THR Z 123 33.65 18.19 -57.57
C THR Z 123 32.75 17.02 -57.97
N VAL Z 124 33.38 15.88 -58.28
CA VAL Z 124 32.65 14.65 -58.59
C VAL Z 124 32.67 13.76 -57.35
N ARG Z 125 31.48 13.34 -56.94
CA ARG Z 125 31.28 12.45 -55.81
C ARG Z 125 30.74 11.12 -56.31
N PRO Z 126 31.61 10.18 -56.60
CA PRO Z 126 31.11 8.94 -57.17
C PRO Z 126 30.38 8.06 -56.15
N GLN Z 127 29.81 6.96 -56.64
CA GLN Z 127 29.52 5.78 -55.83
C GLN Z 127 30.35 4.71 -56.51
N TYR Z 128 31.01 3.88 -55.71
CA TYR Z 128 32.13 3.07 -56.21
C TYR Z 128 32.16 1.66 -55.60
N THR Z 129 33.28 0.97 -55.81
CA THR Z 129 33.54 -0.39 -55.28
C THR Z 129 33.19 -0.57 -53.78
N ARG Z 130 33.70 0.33 -52.92
CA ARG Z 130 33.45 0.32 -51.47
C ARG Z 130 33.93 -1.00 -50.86
N THR Z 131 34.93 -1.60 -51.50
CA THR Z 131 35.28 -3.02 -51.37
C THR Z 131 36.72 -3.08 -50.89
N LEU Z 132 37.24 -4.30 -50.65
CA LEU Z 132 38.64 -4.48 -50.21
C LEU Z 132 39.60 -4.97 -51.31
N LEU Z 133 40.52 -4.10 -51.67
CA LEU Z 133 41.37 -4.31 -52.83
C LEU Z 133 42.74 -4.75 -52.35
N TRP Z 134 43.73 -4.69 -53.25
CA TRP Z 134 45.11 -5.03 -52.98
C TRP Z 134 46.01 -3.87 -53.39
N THR Z 135 47.13 -3.73 -52.69
CA THR Z 135 48.11 -2.65 -52.97
C THR Z 135 49.01 -2.92 -54.19
N SER Z 136 49.14 -4.21 -54.53
CA SER Z 136 50.15 -4.70 -55.44
C SER Z 136 49.50 -5.32 -56.66
N SER Z 137 50.09 -5.06 -57.84
CA SER Z 137 49.47 -5.40 -59.13
C SER Z 137 49.20 -6.90 -59.25
N GLY Z 138 48.02 -7.23 -59.78
CA GLY Z 138 47.53 -8.60 -59.81
C GLY Z 138 47.11 -9.02 -61.21
N LYS Z 139 46.80 -10.29 -61.35
CA LYS Z 139 46.29 -10.78 -62.62
C LYS Z 139 44.92 -10.16 -62.91
N GLU Z 140 44.01 -10.25 -61.93
CA GLU Z 140 42.70 -9.56 -61.96
C GLU Z 140 42.89 -8.19 -61.35
N GLN Z 141 42.76 -7.19 -62.18
CA GLN Z 141 43.04 -5.84 -61.77
C GLN Z 141 41.81 -5.09 -61.29
N ARG Z 142 40.68 -5.80 -61.17
CA ARG Z 142 39.49 -5.27 -60.51
C ARG Z 142 39.68 -5.35 -59.03
N LEU Z 143 40.69 -6.12 -58.60
CA LEU Z 143 41.07 -6.21 -57.20
C LEU Z 143 42.24 -5.30 -56.83
N THR Z 144 42.66 -4.40 -57.72
CA THR Z 144 43.75 -3.49 -57.41
C THR Z 144 43.37 -2.02 -57.58
N SER Z 145 42.31 -1.72 -58.31
CA SER Z 145 41.93 -0.31 -58.56
C SER Z 145 40.41 -0.10 -58.43
N PRO Z 146 39.98 0.99 -57.76
CA PRO Z 146 38.55 1.20 -57.54
C PRO Z 146 37.85 1.78 -58.77
N GLY Z 147 38.65 2.29 -59.71
CA GLY Z 147 38.13 2.73 -60.99
C GLY Z 147 39.10 3.70 -61.65
N ARG Z 148 38.58 4.51 -62.56
CA ARG Z 148 39.40 5.52 -63.21
C ARG Z 148 38.63 6.82 -63.45
N LEU Z 149 39.39 7.92 -63.55
CA LEU Z 149 38.83 9.26 -63.61
C LEU Z 149 39.03 9.87 -65.00
N ILE Z 150 37.91 10.13 -65.68
CA ILE Z 150 37.92 10.71 -67.00
C ILE Z 150 37.54 12.19 -66.94
N LEU Z 151 38.04 12.95 -67.91
CA LEU Z 151 37.76 14.38 -68.02
C LEU Z 151 37.66 14.74 -69.49
N LEU Z 152 36.45 14.99 -69.98
CA LEU Z 152 36.20 15.16 -71.41
C LEU Z 152 35.90 16.59 -71.81
N CYS Z 153 36.37 17.01 -72.98
CA CYS Z 153 35.98 18.31 -73.50
C CYS Z 153 34.51 18.35 -73.92
N VAL Z 154 33.92 19.51 -73.68
CA VAL Z 154 32.67 19.91 -74.27
C VAL Z 154 33.03 21.18 -75.02
N GLY Z 155 32.38 21.35 -76.18
CA GLY Z 155 32.68 22.43 -77.11
C GLY Z 155 34.18 22.57 -77.26
N ASN Z 156 34.65 23.74 -77.68
CA ASN Z 156 36.09 23.98 -77.71
C ASN Z 156 36.49 25.24 -76.99
N ASN Z 157 37.66 25.18 -76.39
CA ASN Z 157 38.19 26.25 -75.59
C ASN Z 157 38.65 27.45 -76.42
N THR Z 158 38.32 28.64 -75.93
CA THR Z 158 38.73 29.89 -76.53
C THR Z 158 40.12 30.29 -76.07
N ASP Z 159 40.59 29.72 -74.97
CA ASP Z 159 41.85 30.16 -74.36
C ASP Z 159 42.62 28.94 -73.91
N VAL Z 160 43.82 29.18 -73.39
CA VAL Z 160 44.58 28.12 -72.75
C VAL Z 160 43.81 27.68 -71.51
N VAL Z 161 43.95 26.43 -71.14
CA VAL Z 161 43.41 25.91 -69.89
C VAL Z 161 44.49 25.10 -69.17
N ASN Z 162 44.89 25.53 -67.99
CA ASN Z 162 45.80 24.75 -67.19
C ASN Z 162 45.09 23.94 -66.12
N VAL Z 163 44.43 22.87 -66.56
CA VAL Z 163 43.56 22.04 -65.72
C VAL Z 163 44.32 21.02 -64.87
N SER Z 164 44.11 21.07 -63.56
CA SER Z 164 44.63 20.08 -62.63
C SER Z 164 43.42 19.36 -62.03
N VAL Z 165 43.51 18.03 -61.84
CA VAL Z 165 42.45 17.29 -61.15
C VAL Z 165 43.04 16.73 -59.87
N LEU Z 166 42.26 16.83 -58.80
CA LEU Z 166 42.71 16.47 -57.49
C LEU Z 166 41.80 15.43 -56.95
N CYS Z 167 42.36 14.46 -56.23
CA CYS Z 167 41.63 13.34 -55.68
C CYS Z 167 41.72 13.34 -54.16
N ARG Z 168 40.70 13.86 -53.49
CA ARG Z 168 40.58 13.72 -52.03
C ARG Z 168 40.17 12.29 -51.70
N TRP Z 169 41.02 11.60 -50.93
CA TRP Z 169 40.87 10.18 -50.67
C TRP Z 169 40.84 9.91 -49.19
N SER Z 170 40.14 8.85 -48.82
CA SER Z 170 40.22 8.34 -47.48
C SER Z 170 40.09 6.85 -47.52
N VAL Z 171 41.04 6.16 -46.92
CA VAL Z 171 41.30 4.76 -47.18
C VAL Z 171 41.57 4.06 -45.87
N ARG Z 172 41.18 2.80 -45.75
CA ARG Z 172 41.69 1.96 -44.64
C ARG Z 172 42.66 0.88 -45.16
N LEU Z 173 43.84 0.80 -44.56
CA LEU Z 173 44.88 -0.13 -45.02
C LEU Z 173 44.92 -1.36 -44.13
N SER Z 174 44.96 -2.52 -44.77
CA SER Z 174 44.58 -3.78 -44.14
C SER Z 174 45.77 -4.50 -43.56
N VAL Z 175 46.42 -5.42 -44.26
CA VAL Z 175 47.39 -6.33 -43.58
C VAL Z 175 48.86 -5.93 -43.81
N PRO Z 176 49.70 -5.98 -42.75
CA PRO Z 176 51.13 -5.58 -42.79
C PRO Z 176 52.10 -6.40 -43.62
N SER Z 177 53.19 -5.76 -44.00
CA SER Z 177 54.02 -6.16 -45.14
C SER Z 177 55.13 -5.12 -45.44
N LEU Z 178 56.01 -5.40 -46.41
CA LEU Z 178 57.05 -4.43 -46.82
C LEU Z 178 57.36 -4.49 -48.31
N GLU Z 179 56.33 -4.38 -49.15
CA GLU Z 179 56.51 -4.65 -50.59
C GLU Z 179 57.63 -3.74 -51.14
N ASN Z 180 58.53 -4.33 -51.94
CA ASN Z 180 59.66 -3.58 -52.52
C ASN Z 180 59.24 -2.89 -53.83
N THR AA 18 23.92 -24.66 -39.15
CA THR AA 18 24.38 -23.92 -40.31
C THR AA 18 24.88 -24.87 -41.42
N ASN AA 19 24.97 -24.37 -42.65
CA ASN AA 19 25.45 -25.16 -43.80
C ASN AA 19 26.97 -25.29 -43.84
N ASP AA 20 27.68 -24.42 -43.11
CA ASP AA 20 29.16 -24.39 -43.08
C ASP AA 20 29.79 -25.48 -42.21
N VAL AA 21 30.86 -26.08 -42.75
CA VAL AA 21 31.54 -27.23 -42.15
C VAL AA 21 32.93 -26.85 -41.71
N HIS AA 22 33.21 -26.98 -40.41
CA HIS AA 22 34.49 -26.58 -39.84
C HIS AA 22 35.43 -27.78 -39.72
N LEU AA 23 36.58 -27.68 -40.37
CA LEU AA 23 37.65 -28.67 -40.30
C LEU AA 23 38.91 -28.11 -39.67
N SER AA 24 39.59 -28.93 -38.88
CA SER AA 24 40.86 -28.53 -38.25
C SER AA 24 41.87 -29.64 -38.33
N GLY AA 25 43.15 -29.28 -38.38
CA GLY AA 25 44.22 -30.25 -38.42
C GLY AA 25 45.60 -29.60 -38.29
N MET AA 26 46.62 -30.42 -38.44
CA MET AA 26 47.99 -29.93 -38.45
C MET AA 26 48.86 -30.85 -39.28
N SER AA 27 49.54 -30.30 -40.28
CA SER AA 27 50.17 -31.10 -41.32
C SER AA 27 51.58 -30.65 -41.58
N ARG AA 28 52.44 -31.56 -42.05
CA ARG AA 28 53.76 -31.14 -42.47
C ARG AA 28 53.72 -30.54 -43.89
N ILE AA 29 53.90 -29.22 -43.94
CA ILE AA 29 54.02 -28.45 -45.17
C ILE AA 29 55.26 -28.84 -45.99
N SER AA 30 56.38 -29.07 -45.31
CA SER AA 30 57.59 -29.42 -46.01
C SER AA 30 58.63 -30.02 -45.08
N GLN AA 31 59.67 -30.55 -45.68
CA GLN AA 31 60.79 -31.10 -44.96
C GLN AA 31 62.04 -30.90 -45.79
N ALA AA 32 62.94 -30.05 -45.31
CA ALA AA 32 64.18 -29.80 -45.97
C ALA AA 32 65.30 -30.38 -45.13
N VAL AA 33 66.33 -30.87 -45.81
CA VAL AA 33 67.57 -31.30 -45.17
C VAL AA 33 68.66 -30.34 -45.66
N LEU AA 34 69.28 -29.67 -44.70
CA LEU AA 34 70.25 -28.63 -44.97
C LEU AA 34 71.61 -29.15 -44.55
N PRO AA 35 72.48 -29.48 -45.53
CA PRO AA 35 73.74 -30.13 -45.18
C PRO AA 35 74.77 -29.28 -44.43
N ALA AA 36 75.82 -29.95 -44.03
CA ALA AA 36 76.66 -29.50 -42.95
C ALA AA 36 76.97 -28.02 -42.99
N GLY AA 37 77.30 -27.46 -44.16
CA GLY AA 37 77.80 -26.07 -44.20
C GLY AA 37 77.15 -25.17 -45.22
N THR AA 38 75.98 -25.54 -45.71
CA THR AA 38 75.46 -24.98 -46.98
C THR AA 38 74.48 -23.80 -46.83
N GLY AA 39 74.15 -23.39 -45.60
CA GLY AA 39 73.25 -22.27 -45.39
C GLY AA 39 74.03 -20.96 -45.30
N THR AA 40 73.43 -19.87 -45.73
CA THR AA 40 74.00 -18.54 -45.53
C THR AA 40 72.93 -17.46 -45.55
N ASP AA 41 73.23 -16.31 -44.94
CA ASP AA 41 72.26 -15.22 -44.89
C ASP AA 41 71.45 -15.16 -46.18
N GLY AA 42 70.16 -15.43 -46.06
CA GLY AA 42 69.23 -15.24 -47.16
C GLY AA 42 68.88 -16.51 -47.94
N TYR AA 43 69.58 -17.59 -47.69
CA TYR AA 43 69.31 -18.85 -48.39
C TYR AA 43 67.89 -19.31 -48.09
N VAL AA 44 67.09 -19.51 -49.13
CA VAL AA 44 65.72 -19.99 -48.98
C VAL AA 44 65.70 -21.50 -48.78
N VAL AA 45 65.35 -21.97 -47.58
CA VAL AA 45 65.31 -23.42 -47.30
C VAL AA 45 63.90 -23.98 -47.44
N VAL AA 46 62.88 -23.15 -47.29
CA VAL AA 46 61.49 -23.57 -47.51
C VAL AA 46 60.73 -22.42 -48.14
N ASP AA 47 59.92 -22.76 -49.12
CA ASP AA 47 59.09 -21.78 -49.79
C ASP AA 47 57.84 -22.49 -50.27
N ALA AA 48 56.84 -22.53 -49.40
CA ALA AA 48 55.67 -23.37 -49.63
C ALA AA 48 54.42 -22.55 -49.79
N THR AA 49 53.81 -22.62 -50.97
CA THR AA 49 52.55 -21.93 -51.23
C THR AA 49 51.40 -22.77 -50.72
N ILE AA 50 50.57 -22.17 -49.87
CA ILE AA 50 49.59 -22.88 -49.07
C ILE AA 50 48.33 -23.17 -49.86
N VAL AA 51 48.15 -24.44 -50.22
CA VAL AA 51 47.03 -24.91 -51.02
C VAL AA 51 46.45 -26.09 -50.26
N PRO AA 52 45.15 -26.38 -50.45
CA PRO AA 52 44.56 -27.52 -49.74
C PRO AA 52 45.27 -28.85 -50.03
N ASP AA 53 45.77 -29.02 -51.25
CA ASP AA 53 46.47 -30.26 -51.62
C ASP AA 53 47.67 -30.52 -50.71
N LEU AA 54 48.24 -29.45 -50.18
CA LEU AA 54 49.46 -29.53 -49.37
C LEU AA 54 49.19 -30.03 -47.97
N LEU AA 55 47.98 -29.79 -47.47
CA LEU AA 55 47.51 -30.29 -46.17
C LEU AA 55 46.67 -31.54 -46.40
N PRO AA 56 47.22 -32.73 -46.10
CA PRO AA 56 46.63 -33.93 -46.68
C PRO AA 56 45.13 -34.17 -46.33
N ARG AA 57 44.77 -34.03 -45.05
CA ARG AA 57 43.38 -34.17 -44.63
C ARG AA 57 42.49 -33.13 -45.32
N LEU AA 58 42.96 -31.90 -45.46
CA LEU AA 58 42.20 -30.88 -46.14
C LEU AA 58 42.18 -31.16 -47.64
N GLY AA 59 43.25 -31.77 -48.14
CA GLY AA 59 43.33 -32.17 -49.55
C GLY AA 59 42.18 -33.04 -49.98
N HIS AA 60 41.71 -33.91 -49.07
CA HIS AA 60 40.56 -34.77 -49.32
C HIS AA 60 39.24 -34.02 -49.27
N ALA AA 61 39.06 -33.20 -48.23
CA ALA AA 61 37.86 -32.41 -48.06
C ALA AA 61 37.75 -31.33 -49.13
N ALA AA 62 38.86 -31.01 -49.77
CA ALA AA 62 38.87 -30.09 -50.89
C ALA AA 62 38.08 -30.60 -52.09
N ARG AA 63 37.94 -31.91 -52.21
CA ARG AA 63 37.20 -32.48 -53.34
C ARG AA 63 35.72 -32.64 -53.07
N ILE AA 64 35.27 -32.28 -51.88
CA ILE AA 64 33.89 -32.43 -51.47
C ILE AA 64 33.15 -31.09 -51.53
N PHE AA 65 33.86 -30.05 -51.14
CA PHE AA 65 33.32 -28.71 -51.21
C PHE AA 65 34.08 -27.98 -52.29
N GLN AA 66 33.70 -26.74 -52.52
CA GLN AA 66 34.25 -25.96 -53.61
C GLN AA 66 34.90 -24.66 -53.22
N ARG AA 67 34.40 -24.00 -52.18
CA ARG AA 67 35.08 -22.87 -51.60
C ARG AA 67 35.42 -23.14 -50.13
N TYR AA 68 36.65 -22.82 -49.75
CA TYR AA 68 37.13 -22.95 -48.35
C TYR AA 68 37.58 -21.60 -47.87
N ALA AA 69 37.35 -21.32 -46.60
CA ALA AA 69 37.79 -20.05 -45.99
C ALA AA 69 38.61 -20.29 -44.72
N VAL AA 70 39.74 -19.61 -44.61
CA VAL AA 70 40.71 -19.94 -43.57
C VAL AA 70 40.44 -19.18 -42.30
N GLU AA 71 40.22 -19.92 -41.21
CA GLU AA 71 39.78 -19.34 -39.94
C GLU AA 71 40.92 -19.19 -38.93
N THR AA 72 41.83 -20.16 -38.86
CA THR AA 72 43.10 -19.99 -38.12
C THR AA 72 44.29 -20.63 -38.85
N LEU AA 73 45.42 -19.93 -38.85
CA LEU AA 73 46.66 -20.42 -39.45
C LEU AA 73 47.81 -20.16 -38.52
N GLU AA 74 48.64 -21.18 -38.32
CA GLU AA 74 49.91 -21.05 -37.62
C GLU AA 74 50.88 -22.02 -38.24
N PHE AA 75 52.16 -21.68 -38.17
CA PHE AA 75 53.22 -22.55 -38.66
C PHE AA 75 54.22 -22.81 -37.55
N GLU AA 76 54.48 -24.08 -37.31
CA GLU AA 76 55.40 -24.49 -36.29
C GLU AA 76 56.68 -24.90 -36.99
N ILE AA 77 57.76 -24.17 -36.75
CA ILE AA 77 59.04 -24.50 -37.34
C ILE AA 77 59.71 -25.48 -36.40
N GLN AA 78 60.07 -26.65 -36.94
CA GLN AA 78 60.59 -27.72 -36.12
C GLN AA 78 61.92 -28.26 -36.67
N PRO AA 79 63.01 -27.52 -36.44
CA PRO AA 79 64.31 -27.87 -36.92
C PRO AA 79 64.96 -28.84 -35.99
N MET AA 80 65.67 -29.79 -36.57
CA MET AA 80 66.22 -30.91 -35.83
C MET AA 80 67.68 -31.06 -36.10
N CYS AA 81 68.45 -30.66 -35.10
CA CYS AA 81 69.89 -30.60 -35.21
C CYS AA 81 70.48 -30.60 -33.82
N PRO AA 82 71.80 -30.77 -33.71
CA PRO AA 82 72.34 -30.78 -32.36
C PRO AA 82 72.39 -29.38 -31.79
N ALA AA 83 72.44 -29.32 -30.46
CA ALA AA 83 72.48 -28.05 -29.75
C ALA AA 83 73.76 -27.25 -30.01
N ASN AA 84 74.73 -27.87 -30.64
CA ASN AA 84 75.97 -27.21 -31.02
C ASN AA 84 75.99 -26.68 -32.45
N THR AA 85 74.84 -26.25 -32.94
CA THR AA 85 74.75 -25.75 -34.28
C THR AA 85 74.76 -24.22 -34.27
N GLY AA 86 75.62 -23.64 -35.10
CA GLY AA 86 75.71 -22.20 -35.25
C GLY AA 86 74.65 -21.79 -36.25
N GLY AA 87 73.41 -21.92 -35.83
CA GLY AA 87 72.34 -21.88 -36.78
C GLY AA 87 71.77 -20.52 -36.93
N GLY AA 88 70.48 -20.49 -37.24
CA GLY AA 88 69.77 -19.24 -37.43
C GLY AA 88 68.79 -19.37 -38.56
N TYR AA 89 67.55 -19.01 -38.29
CA TYR AA 89 66.57 -18.85 -39.33
C TYR AA 89 65.60 -17.73 -39.04
N VAL AA 90 65.00 -17.20 -40.11
CA VAL AA 90 63.84 -16.33 -40.01
C VAL AA 90 62.73 -17.00 -40.79
N ALA AA 91 61.56 -17.08 -40.17
CA ALA AA 91 60.41 -17.73 -40.78
C ALA AA 91 59.25 -16.74 -40.76
N GLY AA 92 58.55 -16.64 -41.89
CA GLY AA 92 57.46 -15.69 -42.03
C GLY AA 92 56.45 -16.13 -43.06
N PHE AA 93 55.21 -15.69 -42.87
CA PHE AA 93 54.12 -16.02 -43.80
C PHE AA 93 53.64 -14.76 -44.48
N LEU AA 94 54.01 -14.59 -45.75
CA LEU AA 94 53.48 -13.47 -46.53
C LEU AA 94 52.16 -13.86 -47.19
N PRO AA 95 51.12 -13.02 -47.03
CA PRO AA 95 49.76 -13.31 -47.49
C PRO AA 95 49.45 -13.29 -48.98
N ASP AA 96 50.41 -13.10 -49.88
CA ASP AA 96 50.14 -13.31 -51.32
C ASP AA 96 50.81 -14.54 -51.78
N PRO AA 97 50.06 -15.48 -52.35
CA PRO AA 97 50.79 -16.54 -53.03
C PRO AA 97 51.60 -15.98 -54.21
N THR AA 98 51.22 -14.77 -54.65
CA THR AA 98 51.78 -14.13 -55.83
C THR AA 98 53.28 -13.86 -55.78
N ASP AA 99 53.75 -13.08 -54.80
CA ASP AA 99 55.08 -12.44 -54.93
C ASP AA 99 56.29 -13.17 -54.32
N ASN AA 100 57.42 -13.02 -55.03
CA ASN AA 100 58.68 -13.69 -54.76
C ASN AA 100 59.64 -12.87 -53.91
N ASP AA 101 59.15 -11.90 -53.15
CA ASP AA 101 60.03 -11.04 -52.35
C ASP AA 101 60.52 -11.82 -51.10
N HIS AA 102 61.58 -12.62 -51.28
CA HIS AA 102 62.08 -13.53 -50.23
C HIS AA 102 63.37 -13.03 -49.56
N THR AA 103 63.28 -11.85 -48.96
CA THR AA 103 64.39 -11.23 -48.25
C THR AA 103 64.06 -11.21 -46.77
N PHE AA 104 65.08 -11.13 -45.91
CA PHE AA 104 64.87 -11.07 -44.46
C PHE AA 104 63.93 -9.95 -44.03
N ASP AA 105 64.19 -8.74 -44.51
CA ASP AA 105 63.41 -7.59 -44.10
C ASP AA 105 61.93 -7.71 -44.47
N ALA AA 106 61.68 -8.31 -45.63
CA ALA AA 106 60.32 -8.51 -46.12
C ALA AA 106 59.57 -9.54 -45.29
N LEU AA 107 60.27 -10.57 -44.85
CA LEU AA 107 59.70 -11.56 -43.93
C LEU AA 107 59.42 -10.94 -42.57
N GLN AA 108 60.39 -10.25 -42.00
CA GLN AA 108 60.23 -9.62 -40.68
C GLN AA 108 59.16 -8.54 -40.66
N ALA AA 109 58.79 -8.01 -41.81
CA ALA AA 109 57.69 -7.06 -41.91
C ALA AA 109 56.30 -7.71 -41.68
N THR AA 110 56.19 -9.02 -41.88
CA THR AA 110 54.92 -9.74 -41.64
C THR AA 110 54.73 -9.98 -40.13
N ARG AA 111 53.54 -10.45 -39.73
CA ARG AA 111 53.14 -10.40 -38.32
C ARG AA 111 53.67 -11.59 -37.58
N GLY AA 112 53.52 -12.77 -38.19
CA GLY AA 112 53.97 -13.97 -37.53
C GLY AA 112 55.46 -13.98 -37.24
N ALA AA 113 56.22 -13.25 -38.07
CA ALA AA 113 57.65 -13.41 -38.24
C ALA AA 113 58.45 -13.72 -36.97
N VAL AA 114 59.22 -14.79 -37.04
CA VAL AA 114 60.08 -15.22 -35.92
C VAL AA 114 61.49 -15.45 -36.40
N VAL AA 115 62.45 -15.22 -35.52
CA VAL AA 115 63.84 -15.62 -35.78
C VAL AA 115 64.35 -16.39 -34.58
N ALA AA 116 65.25 -17.34 -34.84
CA ALA AA 116 65.76 -18.22 -33.81
C ALA AA 116 66.94 -19.01 -34.30
N LYS AA 117 67.72 -19.52 -33.36
CA LYS AA 117 68.85 -20.41 -33.67
C LYS AA 117 68.27 -21.75 -34.10
N TRP AA 118 69.00 -22.49 -34.92
CA TRP AA 118 68.43 -23.70 -35.51
C TRP AA 118 68.08 -24.77 -34.51
N TRP AA 119 68.60 -24.68 -33.29
CA TRP AA 119 68.23 -25.66 -32.28
C TRP AA 119 67.04 -25.20 -31.39
N GLU AA 120 66.22 -24.30 -31.93
CA GLU AA 120 65.11 -23.72 -31.18
C GLU AA 120 63.85 -23.88 -32.04
N SER AA 121 62.83 -24.50 -31.49
CA SER AA 121 61.51 -24.59 -32.12
C SER AA 121 60.86 -23.23 -32.02
N ARG AA 122 59.89 -22.98 -32.87
CA ARG AA 122 59.29 -21.66 -32.94
C ARG AA 122 58.00 -21.67 -33.74
N THR AA 123 57.09 -20.77 -33.41
CA THR AA 123 55.78 -20.76 -34.04
C THR AA 123 55.42 -19.40 -34.60
N VAL AA 124 55.15 -19.34 -35.90
CA VAL AA 124 54.74 -18.08 -36.53
C VAL AA 124 53.22 -18.04 -36.53
N ARG AA 125 52.69 -16.95 -36.00
CA ARG AA 125 51.26 -16.71 -35.88
C ARG AA 125 50.87 -15.54 -36.76
N PRO AA 126 50.63 -15.81 -38.05
CA PRO AA 126 50.52 -14.68 -38.95
C PRO AA 126 49.14 -14.09 -38.93
N GLN AA 127 49.00 -12.97 -39.64
CA GLN AA 127 47.71 -12.42 -40.01
C GLN AA 127 47.65 -12.52 -41.53
N TYR AA 128 46.46 -12.85 -42.03
CA TYR AA 128 46.28 -13.34 -43.40
C TYR AA 128 45.03 -12.69 -44.02
N THR AA 129 44.66 -13.15 -45.21
CA THR AA 129 43.46 -12.70 -45.91
C THR AA 129 42.17 -12.74 -45.05
N ARG AA 130 41.94 -13.86 -44.35
CA ARG AA 130 40.76 -14.05 -43.48
C ARG AA 130 39.45 -14.13 -44.28
N THR AA 131 39.56 -14.41 -45.58
CA THR AA 131 38.49 -14.20 -46.55
C THR AA 131 38.08 -15.53 -47.18
N LEU AA 132 37.02 -15.50 -48.01
CA LEU AA 132 36.60 -16.68 -48.79
C LEU AA 132 37.52 -16.94 -49.97
N LEU AA 133 37.81 -18.22 -50.18
CA LEU AA 133 38.76 -18.64 -51.17
C LEU AA 133 38.11 -19.66 -52.08
N TRP AA 134 38.93 -20.48 -52.75
CA TRP AA 134 38.48 -21.42 -53.75
C TRP AA 134 39.30 -22.70 -53.70
N THR AA 135 38.65 -23.85 -53.63
CA THR AA 135 39.35 -25.12 -53.38
C THR AA 135 40.12 -25.64 -54.59
N SER AA 136 39.93 -25.01 -55.74
CA SER AA 136 40.62 -25.41 -56.96
C SER AA 136 41.10 -24.20 -57.76
N SER AA 137 42.09 -24.42 -58.63
CA SER AA 137 42.82 -23.35 -59.37
C SER AA 137 41.95 -22.36 -60.15
N GLY AA 138 42.44 -21.14 -60.25
CA GLY AA 138 41.69 -20.04 -60.88
C GLY AA 138 42.57 -19.24 -61.80
N LYS AA 139 41.95 -18.40 -62.62
CA LYS AA 139 42.67 -17.51 -63.53
C LYS AA 139 43.37 -16.45 -62.67
N GLU AA 140 42.67 -15.98 -61.64
CA GLU AA 140 43.24 -15.09 -60.60
C GLU AA 140 43.46 -15.89 -59.32
N GLN AA 141 44.71 -16.07 -58.96
CA GLN AA 141 45.05 -16.96 -57.84
C GLN AA 141 45.08 -16.29 -56.47
N ARG AA 142 44.53 -15.08 -56.39
CA ARG AA 142 44.35 -14.39 -55.11
C ARG AA 142 43.28 -15.09 -54.29
N LEU AA 143 42.45 -15.93 -54.92
CA LEU AA 143 41.37 -16.62 -54.24
C LEU AA 143 41.55 -18.13 -54.14
N THR AA 144 42.71 -18.66 -54.51
CA THR AA 144 42.95 -20.12 -54.38
C THR AA 144 43.93 -20.51 -53.25
N SER AA 145 44.70 -19.55 -52.73
CA SER AA 145 45.68 -19.78 -51.65
C SER AA 145 45.79 -18.52 -50.75
N PRO AA 146 45.90 -18.72 -49.41
CA PRO AA 146 45.85 -17.58 -48.51
C PRO AA 146 47.21 -16.91 -48.32
N GLY AA 147 48.25 -17.49 -48.90
CA GLY AA 147 49.61 -16.96 -48.77
C GLY AA 147 50.64 -18.08 -48.89
N ARG AA 148 51.85 -17.81 -48.44
CA ARG AA 148 52.92 -18.81 -48.52
C ARG AA 148 53.93 -18.60 -47.40
N LEU AA 149 54.50 -19.73 -46.95
CA LEU AA 149 55.36 -19.79 -45.79
C LEU AA 149 56.80 -19.87 -46.28
N ILE AA 150 57.61 -18.93 -45.85
CA ILE AA 150 59.01 -18.86 -46.26
C ILE AA 150 59.91 -19.06 -45.06
N LEU AA 151 61.01 -19.77 -45.29
CA LEU AA 151 61.99 -20.01 -44.24
C LEU AA 151 63.37 -19.71 -44.80
N LEU AA 152 64.04 -18.76 -44.16
CA LEU AA 152 65.34 -18.26 -44.61
C LEU AA 152 66.43 -18.57 -43.60
N CYS AA 153 67.63 -18.80 -44.12
CA CYS AA 153 68.80 -18.92 -43.27
C CYS AA 153 69.22 -17.58 -42.73
N VAL AA 154 69.69 -17.59 -41.49
CA VAL AA 154 70.38 -16.47 -40.87
C VAL AA 154 71.71 -17.05 -40.45
N GLY AA 155 72.78 -16.31 -40.74
CA GLY AA 155 74.12 -16.85 -40.57
C GLY AA 155 74.26 -18.16 -41.33
N ASN AA 156 75.21 -18.99 -40.92
CA ASN AA 156 75.44 -20.24 -41.62
C ASN AA 156 75.61 -21.39 -40.65
N ASN AA 157 74.92 -22.49 -40.94
CA ASN AA 157 74.87 -23.65 -40.06
C ASN AA 157 76.16 -24.45 -39.97
N THR AA 158 76.58 -24.75 -38.75
CA THR AA 158 77.73 -25.58 -38.46
C THR AA 158 77.47 -27.04 -38.73
N ASP AA 159 76.22 -27.42 -38.74
CA ASP AA 159 75.89 -28.83 -38.69
C ASP AA 159 74.68 -29.10 -39.57
N VAL AA 160 74.33 -30.37 -39.69
CA VAL AA 160 73.22 -30.77 -40.54
C VAL AA 160 71.91 -30.53 -39.84
N VAL AA 161 70.99 -29.90 -40.55
CA VAL AA 161 69.67 -29.54 -40.01
C VAL AA 161 68.56 -30.21 -40.80
N ASN AA 162 67.64 -30.89 -40.10
CA ASN AA 162 66.52 -31.56 -40.76
C ASN AA 162 65.24 -30.86 -40.39
N VAL AA 163 65.02 -29.70 -41.00
CA VAL AA 163 63.87 -28.87 -40.66
C VAL AA 163 62.58 -29.39 -41.28
N SER AA 164 61.55 -29.49 -40.45
CA SER AA 164 60.21 -29.82 -40.92
C SER AA 164 59.27 -28.71 -40.45
N VAL AA 165 58.59 -28.02 -41.36
CA VAL AA 165 57.61 -27.00 -40.95
C VAL AA 165 56.24 -27.62 -40.96
N LEU AA 166 55.46 -27.28 -39.95
CA LEU AA 166 54.13 -27.83 -39.79
C LEU AA 166 53.14 -26.70 -39.80
N CYS AA 167 52.02 -26.91 -40.48
CA CYS AA 167 50.99 -25.91 -40.53
C CYS AA 167 49.84 -26.43 -39.73
N ARG AA 168 49.45 -25.69 -38.69
CA ARG AA 168 48.21 -25.99 -38.00
C ARG AA 168 47.15 -25.05 -38.53
N TRP AA 169 45.99 -25.61 -38.86
CA TRP AA 169 45.01 -24.92 -39.66
C TRP AA 169 43.61 -25.23 -39.18
N SER AA 170 42.75 -24.23 -39.30
CA SER AA 170 41.34 -24.36 -39.01
C SER AA 170 40.59 -23.65 -40.12
N VAL AA 171 39.71 -24.37 -40.77
CA VAL AA 171 39.13 -23.94 -42.03
C VAL AA 171 37.63 -24.17 -42.03
N ARG AA 172 36.85 -23.24 -42.59
CA ARG AA 172 35.41 -23.51 -42.79
C ARG AA 172 35.09 -23.69 -44.28
N LEU AA 173 34.49 -24.83 -44.61
CA LEU AA 173 34.24 -25.22 -46.00
C LEU AA 173 32.82 -25.00 -46.44
N SER AA 174 32.63 -24.72 -47.73
CA SER AA 174 31.34 -24.24 -48.27
C SER AA 174 31.06 -24.75 -49.69
N VAL AA 175 29.84 -24.49 -50.14
CA VAL AA 175 29.19 -25.13 -51.32
C VAL AA 175 29.63 -26.56 -51.70
N PRO AA 176 28.79 -27.56 -51.37
CA PRO AA 176 28.98 -28.94 -51.77
C PRO AA 176 29.25 -29.09 -53.25
N SER AA 177 29.92 -30.18 -53.58
CA SER AA 177 30.54 -30.35 -54.88
C SER AA 177 31.29 -31.69 -54.92
N LEU AA 178 31.88 -32.03 -56.06
CA LEU AA 178 32.63 -33.29 -56.19
C LEU AA 178 33.56 -33.29 -57.38
N GLU AA 179 34.83 -33.03 -57.13
CA GLU AA 179 35.79 -32.92 -58.23
C GLU AA 179 36.64 -34.18 -58.37
N ASN AA 180 36.44 -34.87 -59.50
CA ASN AA 180 37.10 -36.15 -59.80
C ASN AA 180 38.11 -36.01 -60.94
N THR BA 18 53.08 10.31 1.90
CA THR BA 18 54.17 9.60 2.64
C THR BA 18 55.52 10.28 2.39
N ASN BA 19 56.19 10.72 3.45
CA ASN BA 19 57.51 11.33 3.33
C ASN BA 19 58.56 10.39 2.72
N ASP BA 20 58.30 9.09 2.81
CA ASP BA 20 59.20 8.06 2.33
C ASP BA 20 59.31 8.01 0.80
N VAL BA 21 60.54 8.18 0.32
CA VAL BA 21 60.88 7.95 -1.08
C VAL BA 21 61.05 6.46 -1.32
N HIS BA 22 60.24 5.89 -2.20
CA HIS BA 22 60.48 4.54 -2.66
C HIS BA 22 61.47 4.60 -3.82
N LEU BA 23 62.36 3.61 -3.92
CA LEU BA 23 63.40 3.56 -4.95
C LEU BA 23 63.56 2.11 -5.38
N SER BA 24 63.65 1.87 -6.69
CA SER BA 24 63.76 0.51 -7.22
C SER BA 24 64.87 0.42 -8.26
N GLY BA 25 65.56 -0.73 -8.27
CA GLY BA 25 66.61 -1.03 -9.28
C GLY BA 25 66.96 -2.50 -9.42
N MET BA 26 67.96 -2.76 -10.26
CA MET BA 26 68.64 -4.05 -10.29
C MET BA 26 70.10 -3.75 -10.62
N SER BA 27 71.01 -4.42 -9.89
CA SER BA 27 72.43 -4.08 -9.89
C SER BA 27 73.27 -5.33 -9.80
N ARG BA 28 74.47 -5.29 -10.35
CA ARG BA 28 75.37 -6.44 -10.26
C ARG BA 28 76.12 -6.44 -8.90
N ILE BA 29 75.72 -7.36 -8.04
CA ILE BA 29 76.36 -7.60 -6.76
C ILE BA 29 77.80 -8.08 -6.86
N SER BA 30 78.06 -9.05 -7.75
CA SER BA 30 79.44 -9.48 -7.97
C SER BA 30 79.56 -10.09 -9.34
N GLN BA 31 80.80 -10.35 -9.76
CA GLN BA 31 81.10 -11.13 -10.94
C GLN BA 31 82.34 -11.96 -10.64
N ALA BA 32 82.14 -13.25 -10.48
CA ALA BA 32 83.23 -14.14 -10.15
C ALA BA 32 83.54 -14.98 -11.38
N VAL BA 33 84.81 -15.28 -11.60
CA VAL BA 33 85.19 -16.13 -12.72
C VAL BA 33 85.82 -17.41 -12.15
N LEU BA 34 85.21 -18.56 -12.48
CA LEU BA 34 85.55 -19.84 -11.88
C LEU BA 34 86.35 -20.68 -12.88
N PRO BA 35 87.65 -20.87 -12.61
CA PRO BA 35 88.42 -21.46 -13.69
C PRO BA 35 88.08 -22.91 -13.95
N ALA BA 36 88.69 -23.41 -15.01
CA ALA BA 36 88.49 -24.77 -15.48
C ALA BA 36 88.10 -25.80 -14.43
N GLY BA 37 88.86 -25.98 -13.35
CA GLY BA 37 88.58 -27.10 -12.43
C GLY BA 37 88.59 -26.77 -10.95
N THR BA 38 88.57 -25.49 -10.62
CA THR BA 38 88.78 -25.04 -9.25
C THR BA 38 87.52 -25.10 -8.38
N GLY BA 39 86.46 -25.79 -8.81
CA GLY BA 39 85.21 -25.81 -8.06
C GLY BA 39 85.05 -27.14 -7.36
N THR BA 40 84.71 -27.13 -6.07
CA THR BA 40 84.39 -28.38 -5.34
C THR BA 40 83.38 -28.15 -4.27
N ASP BA 41 82.70 -29.25 -3.91
CA ASP BA 41 81.66 -29.21 -2.91
C ASP BA 41 82.06 -28.20 -1.85
N GLY BA 42 81.31 -27.10 -1.78
CA GLY BA 42 81.48 -26.12 -0.70
C GLY BA 42 82.36 -24.92 -0.99
N TYR BA 43 83.26 -25.05 -1.96
CA TYR BA 43 84.00 -23.91 -2.45
C TYR BA 43 83.05 -22.72 -2.59
N VAL BA 44 83.40 -21.61 -1.96
CA VAL BA 44 82.60 -20.38 -2.01
C VAL BA 44 83.04 -19.57 -3.21
N VAL BA 45 82.12 -19.27 -4.11
CA VAL BA 45 82.48 -18.48 -5.28
C VAL BA 45 82.01 -17.03 -5.13
N VAL BA 46 80.91 -16.84 -4.42
CA VAL BA 46 80.41 -15.51 -4.14
C VAL BA 46 79.96 -15.47 -2.73
N ASP BA 47 80.33 -14.38 -2.08
CA ASP BA 47 79.91 -14.08 -0.74
C ASP BA 47 79.86 -12.59 -0.68
N ALA BA 48 78.68 -12.02 -0.86
CA ALA BA 48 78.55 -10.57 -0.90
C ALA BA 48 77.61 -10.05 0.18
N THR BA 49 78.11 -9.09 0.95
CA THR BA 49 77.34 -8.43 1.99
C THR BA 49 76.63 -7.23 1.39
N ILE BA 50 75.31 -7.24 1.46
CA ILE BA 50 74.51 -6.26 0.74
C ILE BA 50 74.52 -4.90 1.43
N VAL BA 51 75.27 -3.97 0.83
CA VAL BA 51 75.35 -2.59 1.32
C VAL BA 51 74.96 -1.59 0.21
N PRO BA 52 74.30 -0.46 0.57
CA PRO BA 52 73.89 0.51 -0.44
C PRO BA 52 75.02 0.88 -1.38
N ASP BA 53 76.25 0.84 -0.87
CA ASP BA 53 77.41 1.09 -1.70
C ASP BA 53 77.53 0.11 -2.89
N LEU BA 54 77.22 -1.17 -2.67
CA LEU BA 54 77.22 -2.23 -3.70
C LEU BA 54 76.19 -2.08 -4.85
N LEU BA 55 75.02 -1.54 -4.52
CA LEU BA 55 74.00 -1.20 -5.50
C LEU BA 55 74.18 0.24 -6.01
N PRO BA 56 74.91 0.45 -7.11
CA PRO BA 56 75.31 1.80 -7.58
C PRO BA 56 74.31 3.01 -7.43
N ARG BA 57 73.08 2.86 -7.91
CA ARG BA 57 72.09 3.95 -7.82
C ARG BA 57 71.74 4.22 -6.37
N LEU BA 58 71.51 3.17 -5.59
CA LEU BA 58 71.28 3.29 -4.14
C LEU BA 58 72.51 3.87 -3.42
N GLY BA 59 73.68 3.63 -3.97
CA GLY BA 59 74.91 4.26 -3.50
C GLY BA 59 74.80 5.77 -3.41
N HIS BA 60 74.18 6.38 -4.42
CA HIS BA 60 73.95 7.83 -4.44
C HIS BA 60 72.76 8.22 -3.61
N ALA BA 61 71.69 7.45 -3.68
CA ALA BA 61 70.50 7.77 -2.90
C ALA BA 61 70.75 7.62 -1.40
N ALA BA 62 71.80 6.88 -1.04
CA ALA BA 62 72.23 6.78 0.36
C ALA BA 62 72.77 8.14 0.87
N ARG BA 63 73.54 8.85 0.04
CA ARG BA 63 74.07 10.19 0.40
C ARG BA 63 73.02 11.33 0.51
N ILE BA 64 71.77 10.94 0.72
CA ILE BA 64 70.63 11.85 0.60
C ILE BA 64 69.66 11.61 1.76
N PHE BA 65 69.42 10.35 2.08
CA PHE BA 65 68.72 9.98 3.31
C PHE BA 65 69.61 9.26 4.36
N GLN BA 66 69.13 9.27 5.59
CA GLN BA 66 69.86 8.72 6.73
C GLN BA 66 69.62 7.23 6.83
N ARG BA 67 68.38 6.84 6.56
CA ARG BA 67 67.92 5.49 6.82
C ARG BA 67 67.13 4.93 5.66
N TYR BA 68 67.20 3.60 5.51
CA TYR BA 68 66.42 2.88 4.51
C TYR BA 68 65.84 1.60 5.06
N ALA BA 69 64.81 1.10 4.40
CA ALA BA 69 64.19 -0.17 4.73
C ALA BA 69 63.90 -0.93 3.42
N VAL BA 70 64.14 -2.24 3.45
CA VAL BA 70 64.01 -3.08 2.28
C VAL BA 70 62.56 -3.55 2.14
N GLU BA 71 62.02 -3.43 0.93
CA GLU BA 71 60.64 -3.85 0.65
C GLU BA 71 60.59 -5.12 -0.19
N THR BA 72 61.43 -5.26 -1.21
CA THR BA 72 61.67 -6.57 -1.86
C THR BA 72 63.14 -6.80 -2.18
N LEU BA 73 63.56 -8.05 -2.05
CA LEU BA 73 64.90 -8.48 -2.38
C LEU BA 73 64.85 -9.79 -3.12
N GLU BA 74 65.50 -9.85 -4.27
CA GLU BA 74 65.70 -11.09 -5.00
C GLU BA 74 67.04 -11.03 -5.65
N PHE BA 75 67.68 -12.19 -5.72
CA PHE BA 75 68.99 -12.33 -6.32
C PHE BA 75 68.90 -13.28 -7.50
N GLU BA 76 69.45 -12.85 -8.62
CA GLU BA 76 69.40 -13.61 -9.85
C GLU BA 76 70.77 -14.17 -10.17
N ILE BA 77 70.92 -15.47 -9.98
CA ILE BA 77 72.15 -16.16 -10.33
C ILE BA 77 72.12 -16.33 -11.85
N GLN BA 78 73.16 -15.84 -12.51
CA GLN BA 78 73.21 -15.82 -13.96
C GLN BA 78 74.58 -16.32 -14.42
N PRO BA 79 74.83 -17.63 -14.23
CA PRO BA 79 76.12 -18.17 -14.60
C PRO BA 79 76.22 -18.38 -16.09
N MET BA 80 77.40 -18.05 -16.62
CA MET BA 80 77.68 -18.06 -18.04
C MET BA 80 78.79 -19.06 -18.39
N CYS BA 81 78.42 -20.05 -19.19
CA CYS BA 81 79.29 -21.18 -19.48
C CYS BA 81 78.64 -21.99 -20.57
N PRO BA 82 79.36 -23.00 -21.09
CA PRO BA 82 78.75 -23.90 -22.05
C PRO BA 82 77.83 -24.91 -21.40
N ALA BA 83 76.86 -25.36 -22.18
CA ALA BA 83 75.85 -26.29 -21.71
C ALA BA 83 76.46 -27.65 -21.46
N ASN BA 84 77.68 -27.86 -21.98
CA ASN BA 84 78.55 -28.97 -21.59
C ASN BA 84 79.46 -28.63 -20.39
N THR BA 85 78.85 -28.52 -19.21
CA THR BA 85 79.58 -28.19 -17.99
C THR BA 85 79.02 -29.08 -16.90
N GLY BA 86 79.90 -29.69 -16.12
CA GLY BA 86 79.50 -30.60 -15.05
C GLY BA 86 79.31 -29.84 -13.75
N GLY BA 87 78.79 -28.63 -13.86
CA GLY BA 87 78.66 -27.77 -12.73
C GLY BA 87 77.68 -28.14 -11.62
N GLY BA 88 77.06 -27.13 -11.05
CA GLY BA 88 76.32 -27.27 -9.83
C GLY BA 88 76.67 -26.22 -8.81
N TYR BA 89 75.67 -25.47 -8.38
CA TYR BA 89 75.84 -24.53 -7.31
C TYR BA 89 74.66 -24.56 -6.40
N VAL BA 90 74.86 -24.00 -5.21
CA VAL BA 90 73.76 -23.64 -4.32
C VAL BA 90 73.94 -22.18 -3.93
N ALA BA 91 72.84 -21.45 -3.92
CA ALA BA 91 72.84 -20.03 -3.67
C ALA BA 91 71.64 -19.70 -2.79
N GLY BA 92 71.91 -18.86 -1.78
CA GLY BA 92 70.94 -18.46 -0.77
C GLY BA 92 71.42 -17.27 0.02
N PHE BA 93 70.47 -16.67 0.73
CA PHE BA 93 70.69 -15.39 1.39
C PHE BA 93 70.39 -15.54 2.88
N LEU BA 94 71.47 -15.68 3.65
CA LEU BA 94 71.37 -15.70 5.10
C LEU BA 94 71.33 -14.26 5.59
N PRO BA 95 70.40 -13.97 6.52
CA PRO BA 95 70.08 -12.60 6.90
C PRO BA 95 70.91 -11.89 8.01
N ASP BA 96 72.04 -12.44 8.47
CA ASP BA 96 72.94 -11.66 9.33
C ASP BA 96 74.17 -11.35 8.54
N PRO BA 97 74.40 -10.08 8.19
CA PRO BA 97 75.72 -9.80 7.61
C PRO BA 97 76.87 -10.38 8.48
N THR BA 98 76.60 -10.59 9.77
CA THR BA 98 77.56 -11.13 10.74
C THR BA 98 78.00 -12.61 10.51
N ASP BA 99 77.08 -13.51 10.16
CA ASP BA 99 77.28 -14.99 10.29
C ASP BA 99 78.12 -15.68 9.19
N ASN BA 100 79.17 -16.38 9.64
CA ASN BA 100 80.17 -17.08 8.79
C ASN BA 100 79.82 -18.54 8.50
N ASP BA 101 78.53 -18.87 8.50
CA ASP BA 101 78.08 -20.24 8.27
C ASP BA 101 77.84 -20.45 6.76
N HIS BA 102 78.88 -20.87 6.04
CA HIS BA 102 78.83 -21.04 4.60
C HIS BA 102 78.98 -22.49 4.20
N THR BA 103 77.88 -23.21 4.25
CA THR BA 103 77.86 -24.63 4.01
C THR BA 103 76.52 -24.95 3.42
N PHE BA 104 76.47 -25.97 2.56
CA PHE BA 104 75.23 -26.35 1.89
C PHE BA 104 74.02 -26.25 2.83
N ASP BA 105 74.06 -27.02 3.91
CA ASP BA 105 72.86 -27.26 4.72
C ASP BA 105 72.36 -25.97 5.33
N ALA BA 106 73.30 -25.09 5.66
CA ALA BA 106 72.98 -23.79 6.21
C ALA BA 106 72.37 -22.88 5.16
N LEU BA 107 72.88 -22.96 3.93
CA LEU BA 107 72.25 -22.25 2.83
C LEU BA 107 70.87 -22.77 2.48
N GLN BA 108 70.71 -24.10 2.36
CA GLN BA 108 69.39 -24.69 2.05
C GLN BA 108 68.29 -24.42 3.10
N ALA BA 109 68.72 -24.25 4.35
CA ALA BA 109 67.83 -23.84 5.41
C ALA BA 109 67.21 -22.46 5.21
N THR BA 110 67.78 -21.59 4.34
CA THR BA 110 67.10 -20.34 3.99
C THR BA 110 65.92 -20.61 3.03
N ARG BA 111 65.10 -19.59 2.79
CA ARG BA 111 63.77 -19.73 2.21
C ARG BA 111 63.83 -19.75 0.72
N GLY BA 112 64.56 -18.77 0.20
CA GLY BA 112 64.68 -18.59 -1.23
C GLY BA 112 65.61 -19.57 -1.90
N ALA BA 113 66.39 -20.28 -1.08
CA ALA BA 113 67.47 -21.14 -1.51
C ALA BA 113 67.20 -21.95 -2.77
N VAL BA 114 68.20 -21.92 -3.67
CA VAL BA 114 68.16 -22.62 -4.96
C VAL BA 114 69.45 -23.41 -5.19
N VAL BA 115 69.32 -24.56 -5.86
CA VAL BA 115 70.46 -25.28 -6.40
C VAL BA 115 70.21 -25.65 -7.86
N ALA BA 116 71.27 -25.69 -8.64
CA ALA BA 116 71.12 -25.79 -10.09
C ALA BA 116 72.47 -26.00 -10.76
N LYS BA 117 72.44 -26.64 -11.92
CA LYS BA 117 73.67 -26.87 -12.70
C LYS BA 117 74.20 -25.56 -13.28
N TRP BA 118 75.51 -25.49 -13.47
CA TRP BA 118 76.09 -24.18 -13.78
C TRP BA 118 75.60 -23.58 -15.06
N TRP BA 119 74.97 -24.38 -15.90
CA TRP BA 119 74.44 -23.80 -17.12
C TRP BA 119 72.96 -23.42 -17.02
N GLU BA 120 72.52 -23.03 -15.81
CA GLU BA 120 71.10 -22.81 -15.56
C GLU BA 120 70.87 -21.65 -14.58
N SER BA 121 70.21 -20.61 -15.11
CA SER BA 121 69.85 -19.44 -14.35
C SER BA 121 68.79 -19.79 -13.33
N ARG BA 122 68.77 -18.98 -12.30
CA ARG BA 122 68.00 -19.28 -11.12
C ARG BA 122 67.84 -17.98 -10.36
N THR BA 123 66.80 -17.91 -9.53
CA THR BA 123 66.52 -16.71 -8.76
C THR BA 123 66.16 -17.14 -7.33
N VAL BA 124 66.77 -16.50 -6.35
CA VAL BA 124 66.47 -16.80 -4.94
C VAL BA 124 65.63 -15.68 -4.35
N ARG BA 125 64.46 -16.09 -3.85
CA ARG BA 125 63.52 -15.20 -3.18
C ARG BA 125 63.62 -15.42 -1.70
N PRO BA 126 64.53 -14.71 -1.06
CA PRO BA 126 64.75 -14.97 0.34
C PRO BA 126 63.71 -14.26 1.16
N GLN BA 127 63.60 -14.64 2.42
CA GLN BA 127 62.89 -13.86 3.42
C GLN BA 127 63.95 -13.17 4.28
N TYR BA 128 63.62 -12.01 4.84
CA TYR BA 128 64.66 -11.07 5.29
C TYR BA 128 64.20 -10.15 6.43
N THR BA 129 65.09 -9.21 6.79
CA THR BA 129 64.87 -8.20 7.84
C THR BA 129 63.59 -7.35 7.70
N ARG BA 130 63.34 -6.77 6.53
CA ARG BA 130 62.12 -5.98 6.30
C ARG BA 130 61.97 -4.89 7.37
N THR BA 131 63.11 -4.36 7.82
CA THR BA 131 63.21 -3.47 8.96
C THR BA 131 64.04 -2.23 8.59
N LEU BA 132 64.04 -1.24 9.47
CA LEU BA 132 64.70 0.04 9.22
C LEU BA 132 66.18 -0.07 9.45
N LEU BA 133 66.94 0.27 8.42
CA LEU BA 133 68.39 0.15 8.44
C LEU BA 133 68.94 1.54 8.22
N TRP BA 134 70.26 1.62 8.04
CA TRP BA 134 70.98 2.88 8.04
C TRP BA 134 71.99 2.93 6.88
N THR BA 135 72.19 4.11 6.29
CA THR BA 135 72.87 4.21 5.00
C THR BA 135 74.43 4.25 5.04
N SER BA 136 75.01 4.61 6.20
CA SER BA 136 76.50 4.66 6.42
C SER BA 136 76.94 3.69 7.55
N SER BA 137 78.23 3.71 7.93
CA SER BA 137 78.80 2.77 8.95
C SER BA 137 78.07 2.70 10.31
N GLY BA 138 77.92 1.50 10.86
CA GLY BA 138 77.26 1.29 12.16
C GLY BA 138 78.21 0.73 13.19
N LYS BA 139 77.86 0.88 14.48
CA LYS BA 139 78.54 0.20 15.61
C LYS BA 139 77.87 -1.17 15.90
N GLU BA 140 76.55 -1.19 15.69
CA GLU BA 140 75.77 -2.42 15.62
C GLU BA 140 75.27 -2.53 14.17
N GLN BA 141 76.01 -3.28 13.34
CA GLN BA 141 75.65 -3.41 11.91
C GLN BA 141 74.55 -4.45 11.63
N ARG BA 142 73.70 -4.67 12.64
CA ARG BA 142 72.40 -5.34 12.44
C ARG BA 142 71.42 -4.32 11.89
N LEU BA 143 71.89 -3.11 11.56
CA LEU BA 143 71.06 -2.09 10.94
C LEU BA 143 71.79 -1.27 9.81
N THR BA 144 72.80 -1.83 9.13
CA THR BA 144 73.33 -1.20 7.86
C THR BA 144 73.40 -2.10 6.60
N SER BA 145 73.10 -3.39 6.78
CA SER BA 145 72.98 -4.36 5.70
C SER BA 145 71.93 -5.43 6.07
N PRO BA 146 71.10 -5.83 5.10
CA PRO BA 146 70.01 -6.76 5.36
C PRO BA 146 70.43 -8.24 5.37
N GLY BA 147 71.69 -8.51 5.03
CA GLY BA 147 72.21 -9.88 5.00
C GLY BA 147 73.30 -10.04 3.95
N ARG BA 148 73.50 -11.26 3.49
CA ARG BA 148 74.51 -11.50 2.47
C ARG BA 148 74.24 -12.72 1.56
N LEU BA 149 74.54 -12.52 0.27
CA LEU BA 149 74.34 -13.53 -0.78
C LEU BA 149 75.54 -14.43 -0.91
N ILE BA 150 75.30 -15.74 -0.82
CA ILE BA 150 76.34 -16.75 -0.92
C ILE BA 150 76.09 -17.71 -2.06
N LEU BA 151 77.14 -18.08 -2.77
CA LEU BA 151 77.04 -18.97 -3.92
C LEU BA 151 78.11 -20.04 -3.76
N LEU BA 152 77.70 -21.30 -3.79
CA LEU BA 152 78.59 -22.41 -3.44
C LEU BA 152 78.68 -23.44 -4.54
N CYS BA 153 79.89 -23.79 -4.97
CA CYS BA 153 80.08 -24.94 -5.85
C CYS BA 153 79.42 -26.18 -5.28
N VAL BA 154 78.73 -26.93 -6.13
CA VAL BA 154 78.25 -28.27 -5.81
C VAL BA 154 78.84 -29.17 -6.88
N GLY BA 155 79.46 -30.27 -6.47
CA GLY BA 155 80.35 -31.05 -7.37
C GLY BA 155 81.41 -30.13 -7.97
N ASN BA 156 82.07 -30.56 -9.03
CA ASN BA 156 83.16 -29.76 -9.60
C ASN BA 156 82.85 -29.33 -11.01
N ASN BA 157 83.23 -28.11 -11.36
CA ASN BA 157 82.98 -27.56 -12.68
C ASN BA 157 83.99 -28.02 -13.72
N THR BA 158 83.48 -28.59 -14.81
CA THR BA 158 84.24 -29.13 -15.92
C THR BA 158 84.79 -28.05 -16.82
N ASP BA 159 84.39 -26.81 -16.58
CA ASP BA 159 84.60 -25.80 -17.59
C ASP BA 159 84.55 -24.44 -16.91
N VAL BA 160 84.93 -23.40 -17.65
CA VAL BA 160 85.04 -22.07 -17.08
C VAL BA 160 83.65 -21.52 -17.00
N VAL BA 161 83.30 -20.99 -15.83
CA VAL BA 161 82.00 -20.36 -15.57
C VAL BA 161 82.24 -18.89 -15.26
N ASN BA 162 81.49 -17.97 -15.86
CA ASN BA 162 81.64 -16.54 -15.56
C ASN BA 162 80.36 -16.07 -14.88
N VAL BA 163 80.29 -16.37 -13.57
CA VAL BA 163 79.11 -16.00 -12.82
C VAL BA 163 79.03 -14.52 -12.44
N SER BA 164 77.84 -13.97 -12.66
CA SER BA 164 77.47 -12.63 -12.24
C SER BA 164 76.17 -12.81 -11.48
N VAL BA 165 76.13 -12.45 -10.19
CA VAL BA 165 74.83 -12.38 -9.49
C VAL BA 165 74.23 -10.97 -9.54
N LEU BA 166 72.92 -10.89 -9.69
CA LEU BA 166 72.23 -9.62 -9.79
C LEU BA 166 71.22 -9.55 -8.70
N CYS BA 167 71.21 -8.44 -7.98
CA CYS BA 167 70.26 -8.21 -6.93
C CYS BA 167 69.27 -7.21 -7.47
N ARG BA 168 67.99 -7.61 -7.49
CA ARG BA 168 66.92 -6.63 -7.73
C ARG BA 168 66.37 -6.27 -6.37
N TRP BA 169 66.10 -4.97 -6.19
CA TRP BA 169 65.84 -4.40 -4.88
C TRP BA 169 64.80 -3.28 -4.88
N SER BA 170 63.86 -3.35 -3.94
CA SER BA 170 62.88 -2.27 -3.76
C SER BA 170 63.00 -1.71 -2.34
N VAL BA 171 63.36 -0.46 -2.25
CA VAL BA 171 63.77 0.14 -0.99
C VAL BA 171 63.00 1.43 -0.73
N ARG BA 172 62.53 1.66 0.49
CA ARG BA 172 61.98 2.98 0.85
C ARG BA 172 62.96 3.74 1.72
N LEU BA 173 63.33 4.95 1.30
CA LEU BA 173 64.40 5.72 1.93
C LEU BA 173 63.80 6.74 2.87
N SER BA 174 64.46 6.97 4.01
CA SER BA 174 63.74 7.51 5.16
C SER BA 174 64.07 8.94 5.55
N VAL BA 175 65.17 9.19 6.25
CA VAL BA 175 65.34 10.50 6.90
C VAL BA 175 66.32 11.40 6.13
N PRO BA 176 65.83 12.53 5.56
CA PRO BA 176 66.66 13.32 4.64
C PRO BA 176 67.84 14.04 5.26
N SER BA 177 68.97 13.98 4.56
CA SER BA 177 70.24 14.46 5.08
C SER BA 177 71.23 14.74 3.93
N LEU BA 178 72.53 14.77 4.24
CA LEU BA 178 73.54 14.98 3.21
C LEU BA 178 74.91 14.60 3.74
N GLU BA 179 75.27 13.33 3.60
CA GLU BA 179 76.50 12.81 4.17
C GLU BA 179 77.61 12.80 3.10
N ASN BA 180 78.35 13.92 3.02
CA ASN BA 180 79.49 14.07 2.09
C ASN BA 180 80.65 13.15 2.48
N THR CA 18 45.43 3.01 28.44
CA THR CA 18 46.73 2.82 27.81
C THR CA 18 47.85 2.72 28.86
N ASN CA 19 48.82 1.84 28.61
CA ASN CA 19 49.95 1.67 29.53
C ASN CA 19 50.99 2.77 29.41
N ASP CA 20 50.96 3.50 28.30
CA ASP CA 20 51.95 4.55 28.03
C ASP CA 20 51.57 5.89 28.64
N VAL CA 21 52.46 6.38 29.49
CA VAL CA 21 52.32 7.67 30.15
C VAL CA 21 52.92 8.75 29.25
N HIS CA 22 52.22 9.88 29.11
CA HIS CA 22 52.70 10.99 28.28
C HIS CA 22 53.25 12.12 29.14
N LEU CA 23 54.40 12.67 28.77
CA LEU CA 23 55.00 13.78 29.50
C LEU CA 23 55.40 14.88 28.52
N SER CA 24 55.24 16.15 28.91
CA SER CA 24 55.42 17.27 28.00
C SER CA 24 56.11 18.44 28.69
N GLY CA 25 56.75 19.29 27.92
CA GLY CA 25 57.52 20.37 28.51
C GLY CA 25 58.43 21.12 27.54
N MET CA 26 59.09 22.15 28.07
CA MET CA 26 59.98 22.98 27.30
C MET CA 26 61.14 23.40 28.18
N SER CA 27 62.36 23.10 27.74
CA SER CA 27 63.54 23.23 28.58
C SER CA 27 64.63 24.06 27.90
N ARG CA 28 65.49 24.70 28.67
CA ARG CA 28 66.70 25.25 28.09
C ARG CA 28 67.76 24.12 27.89
N ILE CA 29 68.11 23.90 26.63
CA ILE CA 29 69.16 23.01 26.19
C ILE CA 29 70.57 23.67 26.31
N SER CA 30 70.63 24.99 26.18
CA SER CA 30 71.90 25.67 26.09
C SER CA 30 71.73 27.19 26.11
N GLN CA 31 72.49 27.82 26.99
CA GLN CA 31 72.76 29.23 26.91
C GLN CA 31 74.19 29.34 26.40
N ALA CA 32 74.39 30.24 25.43
CA ALA CA 32 75.72 30.56 24.91
C ALA CA 32 75.89 32.08 24.86
N VAL CA 33 77.13 32.54 24.87
CA VAL CA 33 77.38 33.99 24.80
C VAL CA 33 78.56 34.30 23.88
N LEU CA 34 78.22 34.46 22.60
CA LEU CA 34 79.17 34.84 21.57
C LEU CA 34 79.58 36.32 21.75
N PRO CA 35 80.90 36.56 21.98
CA PRO CA 35 81.34 37.91 22.21
C PRO CA 35 81.36 38.77 20.96
N ALA CA 36 81.64 40.05 21.20
CA ALA CA 36 81.36 41.17 20.30
C ALA CA 36 81.86 41.09 18.84
N GLY CA 37 82.60 40.04 18.47
CA GLY CA 37 82.96 39.86 17.05
C GLY CA 37 83.50 38.50 16.61
N THR CA 38 83.30 37.46 17.43
CA THR CA 38 84.12 36.26 17.33
C THR CA 38 83.48 35.09 16.57
N GLY CA 39 82.37 35.35 15.87
CA GLY CA 39 81.76 34.36 14.98
C GLY CA 39 81.99 34.71 13.50
N THR CA 40 82.30 33.72 12.67
CA THR CA 40 82.20 33.79 11.18
C THR CA 40 81.56 32.49 10.76
N ASP CA 41 81.18 32.39 9.49
CA ASP CA 41 80.58 31.16 8.93
C ASP CA 41 81.18 29.91 9.58
N GLY CA 42 80.32 28.97 9.94
CA GLY CA 42 80.78 27.68 10.46
C GLY CA 42 80.95 27.63 11.95
N TYR CA 43 81.13 28.79 12.58
CA TYR CA 43 81.39 28.82 14.02
C TYR CA 43 80.22 28.15 14.77
N VAL CA 44 80.45 26.95 15.29
CA VAL CA 44 79.49 26.31 16.18
C VAL CA 44 79.37 27.12 17.47
N VAL CA 45 78.16 27.62 17.75
CA VAL CA 45 77.85 28.31 19.02
C VAL CA 45 77.02 27.46 19.98
N VAL CA 46 76.39 26.40 19.47
CA VAL CA 46 75.74 25.38 20.31
C VAL CA 46 75.91 24.06 19.62
N ASP CA 47 76.07 23.03 20.43
CA ASP CA 47 76.05 21.69 19.92
C ASP CA 47 75.66 20.88 21.09
N ALA CA 48 74.38 20.58 21.17
CA ALA CA 48 73.84 19.97 22.36
C ALA CA 48 73.16 18.67 22.04
N THR CA 49 73.71 17.58 22.56
CA THR CA 49 73.10 16.27 22.39
C THR CA 49 71.89 16.08 23.32
N ILE CA 50 70.74 15.85 22.69
CA ILE CA 50 69.47 15.75 23.37
C ILE CA 50 69.43 14.47 24.22
N VAL CA 51 69.62 14.65 25.52
CA VAL CA 51 69.45 13.58 26.50
C VAL CA 51 68.45 14.00 27.60
N PRO CA 52 67.82 13.01 28.27
CA PRO CA 52 66.90 13.25 29.41
C PRO CA 52 67.44 14.14 30.54
N ASP CA 53 68.70 13.99 30.92
CA ASP CA 53 69.33 14.90 31.89
C ASP CA 53 69.35 16.36 31.44
N LEU CA 54 69.23 16.60 30.13
CA LEU CA 54 69.19 17.97 29.58
C LEU CA 54 67.80 18.60 29.60
N LEU CA 55 66.77 17.76 29.72
CA LEU CA 55 65.40 18.22 29.88
C LEU CA 55 65.00 17.99 31.35
N PRO CA 56 65.21 19.02 32.18
CA PRO CA 56 65.20 18.82 33.62
C PRO CA 56 63.96 18.05 34.13
N ARG CA 57 62.76 18.47 33.76
CA ARG CA 57 61.56 17.75 34.22
C ARG CA 57 61.75 16.28 33.89
N LEU CA 58 61.89 15.97 32.61
CA LEU CA 58 62.11 14.59 32.18
C LEU CA 58 63.24 13.92 32.96
N GLY CA 59 64.26 14.71 33.32
CA GLY CA 59 65.34 14.24 34.21
C GLY CA 59 64.88 13.34 35.35
N HIS CA 60 63.71 13.64 35.93
CA HIS CA 60 63.12 12.80 36.99
C HIS CA 60 62.25 11.65 36.45
N ALA CA 61 61.53 11.88 35.37
CA ALA CA 61 60.72 10.82 34.76
C ALA CA 61 61.58 9.65 34.28
N ALA CA 62 62.83 9.95 33.94
CA ALA CA 62 63.78 8.95 33.47
C ALA CA 62 64.36 8.10 34.59
N ARG CA 63 64.12 8.44 35.85
CA ARG CA 63 64.48 7.56 36.94
C ARG CA 63 63.31 6.66 37.30
N ILE CA 64 62.10 7.09 36.98
CA ILE CA 64 60.89 6.33 37.27
C ILE CA 64 60.66 5.29 36.21
N PHE CA 65 61.04 5.61 34.97
CA PHE CA 65 60.80 4.72 33.83
C PHE CA 65 62.11 4.29 33.17
N GLN CA 66 61.98 3.30 32.29
CA GLN CA 66 63.13 2.67 31.64
C GLN CA 66 63.42 3.19 30.23
N ARG CA 67 62.35 3.35 29.44
CA ARG CA 67 62.45 3.70 28.03
C ARG CA 67 61.45 4.78 27.68
N TYR CA 68 61.63 5.41 26.52
CA TYR CA 68 60.74 6.48 26.15
C TYR CA 68 60.75 6.70 24.67
N ALA CA 69 59.61 7.07 24.10
CA ALA CA 69 59.48 7.36 22.67
C ALA CA 69 59.12 8.82 22.43
N VAL CA 70 59.98 9.56 21.71
CA VAL CA 70 59.71 10.99 21.40
C VAL CA 70 58.48 11.14 20.53
N GLU CA 71 57.63 12.08 20.89
CA GLU CA 71 56.38 12.21 20.19
C GLU CA 71 56.15 13.59 19.58
N THR CA 72 56.74 14.65 20.13
CA THR CA 72 56.91 15.89 19.37
C THR CA 72 58.19 16.61 19.79
N LEU CA 73 58.93 17.14 18.81
CA LEU CA 73 60.16 17.89 19.07
C LEU CA 73 60.16 19.20 18.28
N GLU CA 74 60.64 20.25 18.93
CA GLU CA 74 60.85 21.54 18.28
C GLU CA 74 61.90 22.24 19.09
N PHE CA 75 62.54 23.22 18.50
CA PHE CA 75 63.58 23.95 19.22
C PHE CA 75 63.40 25.42 18.93
N GLU CA 76 63.43 26.21 19.97
CA GLU CA 76 63.21 27.61 19.85
C GLU CA 76 64.57 28.31 19.92
N ILE CA 77 65.02 28.91 18.84
CA ILE CA 77 66.23 29.72 18.88
C ILE CA 77 65.87 31.11 19.35
N GLN CA 78 66.36 31.46 20.54
CA GLN CA 78 66.01 32.72 21.17
C GLN CA 78 67.28 33.51 21.54
N PRO CA 79 67.80 34.28 20.58
CA PRO CA 79 69.06 34.99 20.70
C PRO CA 79 68.85 36.42 21.14
N MET CA 80 69.59 36.82 22.17
CA MET CA 80 69.35 38.10 22.78
C MET CA 80 70.46 39.04 22.45
N CYS CA 81 70.12 40.09 21.71
CA CYS CA 81 71.09 41.05 21.20
C CYS CA 81 70.35 42.24 20.61
N PRO CA 82 71.08 43.37 20.37
CA PRO CA 82 70.41 44.57 19.86
C PRO CA 82 70.06 44.48 18.38
N ALA CA 83 69.15 45.33 17.95
CA ALA CA 83 68.64 45.23 16.60
C ALA CA 83 69.67 45.71 15.57
N ASN CA 84 70.74 46.36 16.03
CA ASN CA 84 71.86 46.71 15.16
C ASN CA 84 72.99 45.70 15.20
N THR CA 85 72.64 44.42 15.03
CA THR CA 85 73.62 43.36 15.02
C THR CA 85 73.67 42.74 13.63
N GLY CA 86 74.85 42.74 13.05
CA GLY CA 86 75.11 42.10 11.77
C GLY CA 86 75.40 40.65 12.07
N GLY CA 87 74.34 39.94 12.41
CA GLY CA 87 74.52 38.62 12.91
C GLY CA 87 74.29 37.61 11.81
N GLY CA 88 73.58 36.57 12.18
CA GLY CA 88 73.32 35.43 11.32
C GLY CA 88 73.47 34.10 12.02
N TYR CA 89 72.47 33.24 11.84
CA TYR CA 89 72.64 31.87 12.21
C TYR CA 89 71.92 30.94 11.26
N VAL CA 90 72.36 29.70 11.24
CA VAL CA 90 71.56 28.61 10.72
C VAL CA 90 71.47 27.63 11.87
N ALA CA 91 70.31 27.02 12.04
CA ALA CA 91 70.10 26.11 13.15
C ALA CA 91 69.33 24.89 12.67
N GLY CA 92 69.74 23.71 13.12
CA GLY CA 92 69.18 22.46 12.62
C GLY CA 92 69.43 21.27 13.52
N PHE CA 93 68.49 20.34 13.51
CA PHE CA 93 68.53 19.17 14.34
C PHE CA 93 68.84 17.96 13.47
N LEU CA 94 70.03 17.37 13.62
CA LEU CA 94 70.38 16.16 12.86
C LEU CA 94 70.22 14.93 13.73
N PRO CA 95 69.40 13.96 13.28
CA PRO CA 95 68.97 12.80 14.09
C PRO CA 95 70.03 11.73 14.36
N ASP CA 96 71.29 12.11 14.26
CA ASP CA 96 72.35 11.33 14.83
C ASP CA 96 72.82 12.04 16.06
N PRO CA 97 72.86 11.32 17.20
CA PRO CA 97 73.65 11.86 18.31
C PRO CA 97 75.15 11.75 17.98
N THR CA 98 75.48 10.78 17.11
CA THR CA 98 76.84 10.41 16.75
C THR CA 98 77.52 11.40 15.82
N ASP CA 99 76.78 11.90 14.83
CA ASP CA 99 77.39 12.42 13.62
C ASP CA 99 77.95 13.81 13.82
N ASN CA 100 79.20 13.97 13.38
CA ASN CA 100 80.00 15.15 13.66
C ASN CA 100 80.12 16.13 12.49
N ASP CA 101 79.10 16.17 11.63
CA ASP CA 101 79.16 16.93 10.37
C ASP CA 101 78.57 18.36 10.49
N HIS CA 102 79.30 19.28 11.12
CA HIS CA 102 78.76 20.57 11.56
C HIS CA 102 79.04 21.74 10.61
N THR CA 103 78.45 21.62 9.42
CA THR CA 103 78.66 22.53 8.31
C THR CA 103 77.31 23.00 7.76
N PHE CA 104 77.19 24.30 7.46
CA PHE CA 104 75.91 24.92 6.98
C PHE CA 104 75.02 24.02 6.11
N ASP CA 105 75.61 23.46 5.06
CA ASP CA 105 74.82 22.73 4.08
C ASP CA 105 74.33 21.42 4.67
N ALA CA 106 75.10 20.85 5.59
CA ALA CA 106 74.68 19.65 6.32
C ALA CA 106 73.43 19.87 7.17
N LEU CA 107 73.38 21.00 7.87
CA LEU CA 107 72.18 21.41 8.62
C LEU CA 107 71.04 21.69 7.66
N GLN CA 108 71.32 22.49 6.63
CA GLN CA 108 70.26 22.95 5.71
C GLN CA 108 69.50 21.84 5.02
N ALA CA 109 70.15 20.70 4.85
CA ALA CA 109 69.51 19.50 4.32
C ALA CA 109 68.60 18.81 5.32
N THR CA 110 68.65 19.19 6.59
CA THR CA 110 67.72 18.67 7.59
C THR CA 110 66.42 19.48 7.52
N ARG CA 111 65.36 19.02 8.21
CA ARG CA 111 64.01 19.54 7.96
C ARG CA 111 63.70 20.76 8.78
N GLY CA 112 64.10 20.75 10.04
CA GLY CA 112 63.87 21.92 10.87
C GLY CA 112 64.51 23.14 10.21
N ALA CA 113 65.78 22.97 9.85
CA ALA CA 113 66.66 24.01 9.27
C ALA CA 113 66.07 25.41 9.05
N VAL CA 114 66.39 26.31 9.97
CA VAL CA 114 66.04 27.69 9.80
C VAL CA 114 67.32 28.53 9.74
N VAL CA 115 67.29 29.58 8.94
CA VAL CA 115 68.35 30.60 9.00
C VAL CA 115 67.78 32.01 9.15
N ALA CA 116 68.47 32.82 9.97
CA ALA CA 116 67.94 34.08 10.47
C ALA CA 116 69.07 34.97 11.02
N LYS CA 117 68.80 36.28 11.08
CA LYS CA 117 69.72 37.27 11.67
C LYS CA 117 69.77 37.02 13.17
N TRP CA 118 70.79 37.50 13.86
CA TRP CA 118 70.84 37.19 15.30
C TRP CA 118 69.76 37.90 16.13
N TRP CA 119 69.08 38.87 15.53
CA TRP CA 119 68.02 39.57 16.25
C TRP CA 119 66.64 39.08 15.80
N GLU CA 120 66.52 37.75 15.67
CA GLU CA 120 65.29 37.10 15.17
C GLU CA 120 65.10 35.75 15.86
N SER CA 121 64.02 35.63 16.63
CA SER CA 121 63.55 34.35 17.15
C SER CA 121 63.21 33.46 15.97
N ARG CA 122 63.27 32.16 16.16
CA ARG CA 122 63.01 31.25 15.06
C ARG CA 122 62.81 29.87 15.65
N THR CA 123 62.12 28.99 14.93
CA THR CA 123 61.80 27.69 15.51
C THR CA 123 62.16 26.58 14.54
N VAL CA 124 62.98 25.62 14.97
CA VAL CA 124 63.23 24.49 14.10
C VAL CA 124 62.24 23.43 14.54
N ARG CA 125 61.63 22.76 13.54
CA ARG CA 125 60.69 21.66 13.74
C ARG CA 125 61.14 20.42 12.99
N PRO CA 126 62.07 19.67 13.56
CA PRO CA 126 62.68 18.66 12.73
C PRO CA 126 61.79 17.45 12.57
N GLN CA 127 62.21 16.57 11.68
CA GLN CA 127 61.71 15.19 11.58
C GLN CA 127 62.86 14.28 12.03
N TYR CA 128 62.52 13.27 12.83
CA TYR CA 128 63.49 12.56 13.67
C TYR CA 128 63.21 11.07 13.64
N THR CA 129 63.99 10.33 14.43
CA THR CA 129 63.79 8.89 14.71
C THR CA 129 62.33 8.36 14.70
N ARG CA 130 61.47 8.96 15.53
CA ARG CA 130 60.06 8.51 15.76
C ARG CA 130 59.97 7.15 16.50
N THR CA 131 61.11 6.66 16.98
CA THR CA 131 61.22 5.31 17.53
C THR CA 131 61.39 5.33 19.05
N LEU CA 132 61.44 4.13 19.64
CA LEU CA 132 61.57 3.95 21.08
C LEU CA 132 63.01 3.88 21.52
N LEU CA 133 63.36 4.70 22.50
CA LEU CA 133 64.72 4.78 23.03
C LEU CA 133 64.79 4.22 24.45
N TRP CA 134 65.71 4.75 25.25
CA TRP CA 134 66.14 4.20 26.53
C TRP CA 134 66.57 5.34 27.43
N THR CA 135 66.09 5.35 28.68
CA THR CA 135 66.26 6.49 29.58
C THR CA 135 67.61 6.54 30.26
N SER CA 136 68.29 5.41 30.28
CA SER CA 136 69.61 5.28 30.91
C SER CA 136 70.62 4.97 29.79
N SER CA 137 71.90 5.39 29.96
CA SER CA 137 72.93 5.31 28.88
C SER CA 137 73.03 3.96 28.08
N GLY CA 138 73.63 4.02 26.90
CA GLY CA 138 73.64 2.88 25.99
C GLY CA 138 75.03 2.50 25.48
N LYS CA 139 75.17 1.22 25.11
CA LYS CA 139 76.33 0.71 24.38
C LYS CA 139 76.08 0.84 22.87
N GLU CA 140 74.81 0.60 22.47
CA GLU CA 140 74.25 1.10 21.22
C GLU CA 140 73.48 2.36 21.59
N GLN CA 141 74.13 3.52 21.45
CA GLN CA 141 73.48 4.78 21.79
C GLN CA 141 72.52 5.25 20.70
N ARG CA 142 72.31 4.40 19.68
CA ARG CA 142 71.21 4.52 18.72
C ARG CA 142 69.86 4.34 19.40
N LEU CA 143 69.87 4.12 20.73
CA LEU CA 143 68.63 4.12 21.52
C LEU CA 143 68.83 4.80 22.92
N THR CA 144 69.45 5.98 22.97
CA THR CA 144 69.49 6.84 24.21
C THR CA 144 69.45 8.38 23.98
N SER CA 145 69.53 8.81 22.73
CA SER CA 145 69.37 10.21 22.31
C SER CA 145 68.70 10.18 20.93
N PRO CA 146 67.83 11.16 20.63
CA PRO CA 146 67.15 11.17 19.31
C PRO CA 146 67.90 12.01 18.27
N GLY CA 147 68.92 12.75 18.72
CA GLY CA 147 69.74 13.55 17.85
C GLY CA 147 70.49 14.60 18.64
N ARG CA 148 70.80 15.72 18.01
CA ARG CA 148 71.43 16.84 18.68
C ARG CA 148 71.21 18.13 17.90
N LEU CA 149 71.18 19.24 18.61
CA LEU CA 149 70.78 20.53 18.08
C LEU CA 149 72.00 21.38 17.82
N ILE CA 150 72.20 21.76 16.55
CA ILE CA 150 73.41 22.49 16.17
C ILE CA 150 73.03 23.92 15.82
N LEU CA 151 73.88 24.88 16.19
CA LEU CA 151 73.61 26.26 15.89
C LEU CA 151 74.87 26.93 15.37
N LEU CA 152 74.96 27.05 14.05
CA LEU CA 152 76.16 27.56 13.37
C LEU CA 152 75.99 29.02 13.00
N CYS CA 153 77.11 29.72 12.98
CA CYS CA 153 77.14 31.11 12.54
C CYS CA 153 77.00 31.26 11.03
N VAL CA 154 76.53 32.44 10.66
CA VAL CA 154 76.53 32.90 9.29
C VAL CA 154 76.90 34.37 9.36
N GLY CA 155 77.73 34.81 8.43
CA GLY CA 155 78.42 36.08 8.57
C GLY CA 155 79.14 36.16 9.91
N ASN CA 156 79.39 37.38 10.36
CA ASN CA 156 79.96 37.57 11.69
C ASN CA 156 79.28 38.71 12.44
N ASN CA 157 79.04 38.48 13.72
CA ASN CA 157 78.32 39.42 14.58
C ASN CA 157 79.05 40.72 14.89
N THR CA 158 78.39 41.86 14.64
CA THR CA 158 78.87 43.17 15.06
C THR CA 158 78.90 43.29 16.55
N ASP CA 159 78.07 42.50 17.24
CA ASP CA 159 77.83 42.66 18.68
C ASP CA 159 77.72 41.35 19.45
N VAL CA 160 77.76 41.46 20.78
CA VAL CA 160 77.66 40.30 21.68
C VAL CA 160 76.27 39.68 21.58
N VAL CA 161 76.20 38.36 21.45
CA VAL CA 161 74.91 37.68 21.41
C VAL CA 161 74.73 36.74 22.61
N ASN CA 162 73.53 36.72 23.17
CA ASN CA 162 73.19 35.78 24.25
C ASN CA 162 72.08 34.79 23.85
N VAL CA 163 72.45 33.84 22.99
CA VAL CA 163 71.51 32.81 22.56
C VAL CA 163 71.23 31.79 23.67
N SER CA 164 69.95 31.45 23.78
CA SER CA 164 69.45 30.42 24.66
C SER CA 164 68.53 29.63 23.74
N VAL CA 165 68.82 28.35 23.49
CA VAL CA 165 67.92 27.55 22.65
C VAL CA 165 67.14 26.70 23.61
N LEU CA 166 65.86 26.57 23.34
CA LEU CA 166 64.96 25.82 24.16
C LEU CA 166 64.54 24.65 23.32
N CYS CA 167 64.06 23.60 23.97
CA CYS CA 167 63.60 22.39 23.33
C CYS CA 167 62.24 22.10 23.87
N ARG CA 168 61.21 22.36 23.05
CA ARG CA 168 59.85 21.95 23.38
C ARG CA 168 59.74 20.48 23.05
N TRP CA 169 59.25 19.70 24.01
CA TRP CA 169 59.22 18.24 23.90
C TRP CA 169 57.95 17.62 24.40
N SER CA 170 57.56 16.56 23.71
CA SER CA 170 56.54 15.65 24.17
C SER CA 170 57.08 14.23 23.97
N VAL CA 171 56.75 13.36 24.91
CA VAL CA 171 57.44 12.11 25.09
C VAL CA 171 56.39 11.05 25.49
N ARG CA 172 56.67 9.77 25.35
CA ARG CA 172 55.87 8.75 26.05
C ARG CA 172 56.76 7.70 26.72
N LEU CA 173 56.80 7.78 28.05
CA LEU CA 173 57.64 6.93 28.86
C LEU CA 173 57.00 5.57 28.99
N SER CA 174 57.84 4.53 29.08
CA SER CA 174 57.45 3.23 28.60
C SER CA 174 57.35 2.12 29.66
N VAL CA 175 58.42 1.71 30.33
CA VAL CA 175 58.25 0.65 31.35
C VAL CA 175 58.68 1.03 32.77
N PRO CA 176 57.85 0.68 33.78
CA PRO CA 176 58.15 0.95 35.18
C PRO CA 176 59.50 0.42 35.67
N SER CA 177 60.20 1.25 36.42
CA SER CA 177 61.54 0.99 36.84
C SER CA 177 61.97 1.95 37.96
N LEU CA 178 63.19 1.80 38.48
CA LEU CA 178 63.71 2.68 39.54
C LEU CA 178 65.25 2.80 39.49
N GLU CA 179 65.75 3.50 38.47
CA GLU CA 179 67.19 3.62 38.20
C GLU CA 179 67.74 4.90 38.84
N ASN CA 180 68.70 4.78 39.76
CA ASN CA 180 69.28 5.94 40.49
C ASN CA 180 70.03 6.99 39.65
N THR DA 18 50.30 -18.31 8.06
CA THR DA 18 51.40 -17.37 8.24
C THR DA 18 52.74 -18.08 8.35
N ASN DA 19 53.84 -17.35 8.16
CA ASN DA 19 55.19 -17.92 8.26
C ASN DA 19 55.70 -18.07 9.71
N ASP DA 20 55.05 -17.38 10.65
CA ASP DA 20 55.44 -17.40 12.07
C ASP DA 20 55.01 -18.66 12.81
N VAL DA 21 55.91 -19.16 13.65
CA VAL DA 21 55.73 -20.41 14.39
C VAL DA 21 55.63 -20.16 15.88
N HIS DA 22 54.51 -20.56 16.48
CA HIS DA 22 54.24 -20.32 17.90
C HIS DA 22 54.60 -21.54 18.77
N LEU DA 23 55.55 -21.35 19.70
CA LEU DA 23 55.97 -22.36 20.67
C LEU DA 23 55.61 -21.94 22.08
N SER DA 24 55.19 -22.92 22.90
CA SER DA 24 54.87 -22.68 24.30
C SER DA 24 55.47 -23.76 25.18
N GLY DA 25 55.79 -23.43 26.42
CA GLY DA 25 56.32 -24.41 27.36
C GLY DA 25 56.48 -23.85 28.76
N MET DA 26 57.04 -24.66 29.64
CA MET DA 26 57.34 -24.22 31.00
C MET DA 26 58.55 -24.98 31.51
N SER DA 27 59.57 -24.24 31.94
CA SER DA 27 60.87 -24.81 32.20
C SER DA 27 61.43 -24.34 33.53
N ARG DA 28 62.29 -25.15 34.15
CA ARG DA 28 62.98 -24.70 35.35
C ARG DA 28 64.18 -23.83 35.01
N ILE DA 29 64.02 -22.53 35.25
CA ILE DA 29 65.07 -21.52 35.09
C ILE DA 29 66.26 -21.78 36.01
N SER DA 30 65.98 -22.14 37.26
CA SER DA 30 67.04 -22.39 38.22
C SER DA 30 66.55 -23.19 39.43
N GLN DA 31 67.53 -23.62 40.21
CA GLN DA 31 67.25 -24.31 41.44
C GLN DA 31 68.35 -24.00 42.43
N ALA DA 32 67.99 -23.28 43.49
CA ALA DA 32 68.92 -22.93 44.54
C ALA DA 32 68.56 -23.68 45.80
N VAL DA 33 69.57 -24.05 46.56
CA VAL DA 33 69.38 -24.63 47.88
C VAL DA 33 69.95 -23.62 48.89
N LEU DA 34 69.10 -23.17 49.79
CA LEU DA 34 69.46 -22.11 50.71
C LEU DA 34 69.55 -22.70 52.11
N PRO DA 35 70.77 -22.84 52.64
CA PRO DA 35 70.90 -23.62 53.88
C PRO DA 35 70.33 -22.96 55.12
N ALA DA 36 70.36 -23.71 56.20
CA ALA DA 36 69.51 -23.47 57.36
C ALA DA 36 69.37 -22.01 57.79
N GLY DA 37 70.47 -21.25 57.83
CA GLY DA 37 70.39 -19.90 58.39
C GLY DA 37 71.01 -18.79 57.56
N THR DA 38 71.22 -19.04 56.28
CA THR DA 38 72.15 -18.23 55.48
C THR DA 38 71.52 -17.07 54.68
N GLY DA 39 70.20 -16.93 54.69
CA GLY DA 39 69.55 -15.85 53.95
C GLY DA 39 69.44 -14.63 54.82
N THR DA 40 69.47 -13.43 54.22
CA THR DA 40 69.20 -12.15 54.93
C THR DA 40 68.78 -11.09 54.00
N ASP DA 41 68.07 -10.08 54.52
CA ASP DA 41 67.53 -9.02 53.68
C ASP DA 41 68.48 -8.70 52.55
N GLY DA 42 68.05 -8.93 51.32
CA GLY DA 42 68.80 -8.54 50.15
C GLY DA 42 69.65 -9.60 49.49
N TYR DA 43 69.81 -10.74 50.15
CA TYR DA 43 70.62 -11.84 49.62
C TYR DA 43 70.04 -12.34 48.31
N VAL DA 44 70.82 -12.27 47.24
CA VAL DA 44 70.39 -12.75 45.93
C VAL DA 44 70.47 -14.27 45.87
N VAL DA 45 69.32 -14.95 45.81
CA VAL DA 45 69.31 -16.43 45.74
C VAL DA 45 69.12 -16.94 44.32
N VAL DA 46 68.55 -16.12 43.44
CA VAL DA 46 68.44 -16.45 42.02
C VAL DA 46 68.64 -15.20 41.18
N ASP DA 47 69.40 -15.33 40.10
CA ASP DA 47 69.64 -14.22 39.19
C ASP DA 47 69.87 -14.81 37.83
N ALA DA 48 68.77 -14.98 37.10
CA ALA DA 48 68.79 -15.73 35.86
C ALA DA 48 68.44 -14.87 34.65
N THR DA 49 69.40 -14.70 33.75
CA THR DA 49 69.18 -13.95 32.53
C THR DA 49 68.50 -14.88 31.54
N ILE DA 50 67.39 -14.42 31.00
CA ILE DA 50 66.50 -15.25 30.19
C ILE DA 50 66.96 -15.35 28.74
N VAL DA 51 67.49 -16.50 28.39
CA VAL DA 51 68.02 -16.78 27.06
C VAL DA 51 67.38 -18.09 26.61
N PRO DA 52 67.23 -18.30 25.30
CA PRO DA 52 66.58 -19.53 24.84
C PRO DA 52 67.30 -20.81 25.30
N ASP DA 53 68.62 -20.75 25.45
CA ASP DA 53 69.39 -21.89 25.95
C ASP DA 53 68.95 -22.35 27.33
N LEU DA 54 68.39 -21.44 28.10
CA LEU DA 54 67.98 -21.70 29.49
C LEU DA 54 66.66 -22.48 29.56
N LEU DA 55 65.80 -22.28 28.56
CA LEU DA 55 64.53 -23.01 28.44
C LEU DA 55 64.75 -24.16 27.48
N PRO DA 56 64.84 -25.39 27.99
CA PRO DA 56 65.45 -26.44 27.17
C PRO DA 56 64.74 -26.70 25.81
N ARG DA 57 63.41 -26.82 25.81
CA ARG DA 57 62.66 -27.01 24.58
C ARG DA 57 62.87 -25.86 23.62
N LEU DA 58 62.91 -24.64 24.14
CA LEU DA 58 63.16 -23.46 23.29
C LEU DA 58 64.61 -23.46 22.83
N GLY DA 59 65.49 -24.00 23.68
CA GLY DA 59 66.90 -24.11 23.34
C GLY DA 59 67.14 -24.85 22.06
N HIS DA 60 66.30 -25.85 21.77
CA HIS DA 60 66.39 -26.63 20.54
C HIS DA 60 65.81 -25.90 19.33
N ALA DA 61 64.65 -25.31 19.50
CA ALA DA 61 64.02 -24.53 18.43
C ALA DA 61 64.80 -23.24 18.13
N ALA DA 62 65.66 -22.82 19.05
CA ALA DA 62 66.55 -21.68 18.85
C ALA DA 62 67.52 -21.92 17.71
N ARG DA 63 67.87 -23.18 17.45
CA ARG DA 63 68.82 -23.53 16.39
C ARG DA 63 68.19 -23.73 15.01
N ILE DA 64 66.88 -23.57 14.93
CA ILE DA 64 66.13 -23.77 13.69
C ILE DA 64 65.74 -22.43 13.09
N PHE DA 65 65.37 -21.48 13.95
CA PHE DA 65 65.05 -20.14 13.53
C PHE DA 65 66.15 -19.24 14.01
N GLN DA 66 66.02 -17.95 13.70
CA GLN DA 66 67.07 -17.00 14.00
C GLN DA 66 66.65 -15.81 14.84
N ARG DA 67 65.40 -15.37 14.68
CA ARG DA 67 64.86 -14.37 15.59
C ARG DA 67 63.63 -14.93 16.30
N TYR DA 68 63.55 -14.72 17.61
CA TYR DA 68 62.40 -15.11 18.43
C TYR DA 68 61.81 -13.88 19.08
N ALA DA 69 60.49 -13.86 19.24
CA ALA DA 69 59.81 -12.75 19.90
C ALA DA 69 58.89 -13.28 20.99
N VAL DA 70 58.96 -12.67 22.17
CA VAL DA 70 58.30 -13.20 23.36
C VAL DA 70 56.87 -12.69 23.50
N GLU DA 71 55.93 -13.63 23.52
CA GLU DA 71 54.51 -13.30 23.50
C GLU DA 71 53.85 -13.38 24.89
N THR DA 72 54.21 -14.37 25.70
CA THR DA 72 53.84 -14.40 27.14
C THR DA 72 54.96 -14.93 28.06
N LEU DA 73 55.16 -14.26 29.19
CA LEU DA 73 56.16 -14.64 30.16
C LEU DA 73 55.55 -14.59 31.54
N GLU DA 74 55.78 -15.66 32.31
CA GLU DA 74 55.47 -15.66 33.73
C GLU DA 74 56.50 -16.53 34.43
N PHE DA 75 56.72 -16.24 35.70
CA PHE DA 75 57.64 -17.03 36.49
C PHE DA 75 56.89 -17.52 37.71
N GLU DA 76 57.00 -18.81 37.97
CA GLU DA 76 56.38 -19.43 39.11
C GLU DA 76 57.45 -19.75 40.12
N ILE DA 77 57.39 -19.09 41.28
CA ILE DA 77 58.37 -19.31 42.32
C ILE DA 77 57.86 -20.45 43.17
N GLN DA 78 58.67 -21.50 43.28
CA GLN DA 78 58.22 -22.72 43.92
C GLN DA 78 59.21 -23.18 44.99
N PRO DA 79 59.20 -22.50 46.13
CA PRO DA 79 60.10 -22.77 47.23
C PRO DA 79 59.59 -23.93 48.02
N MET DA 80 60.50 -24.76 48.48
CA MET DA 80 60.15 -26.00 49.13
C MET DA 80 60.85 -26.13 50.46
N CYS DA 81 60.06 -25.96 51.51
CA CYS DA 81 60.56 -25.90 52.85
C CYS DA 81 59.41 -26.21 53.79
N PRO DA 82 59.70 -26.38 55.09
CA PRO DA 82 58.60 -26.69 55.99
C PRO DA 82 57.80 -25.44 56.33
N ALA DA 83 56.54 -25.63 56.68
CA ALA DA 83 55.63 -24.52 56.99
C ALA DA 83 56.12 -23.69 58.19
N ASN DA 84 57.08 -24.24 58.93
CA ASN DA 84 57.66 -23.54 60.07
C ASN DA 84 58.92 -22.77 59.73
N THR DA 85 58.97 -22.20 58.55
CA THR DA 85 60.14 -21.47 58.13
C THR DA 85 59.84 -20.00 58.25
N GLY DA 86 60.77 -19.28 58.88
CA GLY DA 86 60.65 -17.81 59.04
C GLY DA 86 61.18 -17.15 57.79
N GLY DA 87 60.48 -17.36 56.71
CA GLY DA 87 61.06 -17.09 55.44
C GLY DA 87 60.80 -15.70 54.97
N GLY DA 88 60.72 -15.57 53.66
CA GLY DA 88 60.50 -14.31 53.02
C GLY DA 88 61.31 -14.19 51.76
N TYR DA 89 60.65 -13.88 50.65
CA TYR DA 89 61.33 -13.52 49.43
C TYR DA 89 60.58 -12.44 48.68
N VAL DA 90 61.32 -11.72 47.84
CA VAL DA 90 60.74 -10.87 46.82
C VAL DA 90 61.29 -11.35 45.48
N ALA DA 91 60.41 -11.53 44.51
CA ALA DA 91 60.78 -12.01 43.20
C ALA DA 91 60.30 -11.00 42.17
N GLY DA 92 61.13 -10.70 41.20
CA GLY DA 92 60.77 -9.72 40.19
C GLY DA 92 61.52 -9.93 38.90
N PHE DA 93 60.92 -9.50 37.80
CA PHE DA 93 61.56 -9.61 36.49
C PHE DA 93 61.85 -8.23 35.92
N LEU DA 94 63.13 -7.84 35.94
CA LEU DA 94 63.51 -6.58 35.30
C LEU DA 94 63.84 -6.81 33.83
N PRO DA 95 63.22 -6.01 32.94
CA PRO DA 95 63.32 -6.19 31.50
C PRO DA 95 64.65 -5.89 30.80
N ASP DA 96 65.73 -5.52 31.50
CA ASP DA 96 67.03 -5.41 30.83
C ASP DA 96 67.92 -6.52 31.28
N PRO DA 97 68.40 -7.34 30.34
CA PRO DA 97 69.43 -8.27 30.78
C PRO DA 97 70.66 -7.52 31.28
N THR DA 98 70.76 -6.23 30.91
CA THR DA 98 71.91 -5.37 31.16
C THR DA 98 72.22 -5.16 32.63
N ASP DA 99 71.30 -4.59 33.39
CA ASP DA 99 71.67 -3.96 34.68
C ASP DA 99 71.58 -4.81 35.95
N ASN DA 100 72.54 -4.55 36.85
CA ASN DA 100 72.76 -5.28 38.09
C ASN DA 100 72.09 -4.66 39.31
N ASP DA 101 71.06 -3.83 39.12
CA ASP DA 101 70.40 -3.17 40.26
C ASP DA 101 69.49 -4.17 41.02
N HIS DA 102 70.08 -4.97 41.91
CA HIS DA 102 69.38 -6.06 42.59
C HIS DA 102 69.06 -5.71 44.02
N THR DA 103 68.23 -4.70 44.18
CA THR DA 103 67.75 -4.27 45.49
C THR DA 103 66.25 -4.49 45.57
N PHE DA 104 65.72 -4.62 46.79
CA PHE DA 104 64.28 -4.85 46.98
C PHE DA 104 63.43 -3.80 46.27
N ASP DA 105 63.74 -2.53 46.51
CA ASP DA 105 62.91 -1.45 45.97
C ASP DA 105 62.89 -1.45 44.43
N ALA DA 106 64.01 -1.82 43.83
CA ALA DA 106 64.11 -1.92 42.37
C ALA DA 106 63.30 -3.07 41.81
N LEU DA 107 63.29 -4.19 42.51
CA LEU DA 107 62.43 -5.32 42.14
C LEU DA 107 60.97 -4.96 42.28
N GLN DA 108 60.58 -4.41 43.43
CA GLN DA 108 59.17 -4.05 43.67
C GLN DA 108 58.62 -2.97 42.72
N ALA DA 109 59.53 -2.21 42.11
CA ALA DA 109 59.16 -1.25 41.09
C ALA DA 109 58.68 -1.87 39.78
N THR DA 110 59.06 -3.13 39.51
CA THR DA 110 58.61 -3.87 38.31
C THR DA 110 57.17 -4.38 38.50
N ARG DA 111 56.55 -4.90 37.44
CA ARG DA 111 55.10 -5.14 37.44
C ARG DA 111 54.77 -6.44 38.05
N GLY DA 112 55.50 -7.47 37.67
CA GLY DA 112 55.21 -8.79 38.20
C GLY DA 112 55.36 -8.88 39.71
N ALA DA 113 56.24 -8.04 40.24
CA ALA DA 113 56.85 -8.24 41.56
C ALA DA 113 55.92 -8.82 42.60
N VAL DA 114 56.40 -9.87 43.25
CA VAL DA 114 55.67 -10.52 44.35
C VAL DA 114 56.54 -10.67 45.59
N VAL DA 115 55.95 -10.61 46.76
CA VAL DA 115 56.63 -10.99 47.99
C VAL DA 115 55.78 -11.97 48.81
N ALA DA 116 56.45 -12.87 49.50
CA ALA DA 116 55.76 -13.95 50.21
C ALA DA 116 56.70 -14.66 51.16
N LYS DA 117 56.14 -15.39 52.11
CA LYS DA 117 56.94 -16.19 53.03
C LYS DA 117 57.43 -17.38 52.24
N TRP DA 118 58.54 -17.99 52.66
CA TRP DA 118 59.15 -19.08 51.88
C TRP DA 118 58.28 -20.32 51.71
N TRP DA 119 57.27 -20.48 52.55
CA TRP DA 119 56.38 -21.61 52.40
C TRP DA 119 55.13 -21.29 51.59
N GLU DA 120 55.26 -20.30 50.68
CA GLU DA 120 54.14 -19.84 49.87
C GLU DA 120 54.61 -19.78 48.43
N SER DA 121 53.95 -20.51 47.55
CA SER DA 121 54.19 -20.44 46.10
C SER DA 121 53.70 -19.13 45.61
N ARG DA 122 54.20 -18.70 44.48
CA ARG DA 122 53.84 -17.38 43.97
C ARG DA 122 54.20 -17.22 42.49
N THR DA 123 53.46 -16.37 41.78
CA THR DA 123 53.67 -16.20 40.34
C THR DA 123 53.87 -14.73 39.99
N VAL DA 124 54.99 -14.45 39.34
CA VAL DA 124 55.24 -13.09 38.86
C VAL DA 124 54.79 -13.05 37.40
N ARG DA 125 53.97 -12.05 37.11
CA ARG DA 125 53.43 -11.81 35.79
C ARG DA 125 53.96 -10.47 35.34
N PRO DA 126 55.16 -10.45 34.75
CA PRO DA 126 55.76 -9.17 34.45
C PRO DA 126 55.26 -8.55 33.15
N GLN DA 127 55.68 -7.32 32.93
CA GLN DA 127 55.55 -6.68 31.63
C GLN DA 127 56.98 -6.48 31.17
N TYR DA 128 57.18 -6.67 29.86
CA TYR DA 128 58.51 -6.88 29.27
C TYR DA 128 58.63 -6.11 27.96
N THR DA 129 59.73 -6.32 27.26
CA THR DA 129 59.97 -5.71 25.94
C THR DA 129 58.81 -5.88 24.93
N ARG DA 130 58.28 -7.11 24.82
CA ARG DA 130 57.16 -7.43 23.90
C ARG DA 130 57.57 -7.29 22.41
N THR DA 131 58.87 -7.33 22.15
CA THR DA 131 59.47 -6.93 20.88
C THR DA 131 60.20 -8.10 20.22
N LEU DA 132 60.65 -7.90 18.97
CA LEU DA 132 61.47 -8.91 18.28
C LEU DA 132 62.87 -8.97 18.86
N LEU DA 133 63.40 -10.18 18.94
CA LEU DA 133 64.68 -10.41 19.55
C LEU DA 133 65.53 -11.23 18.61
N TRP DA 134 66.55 -11.91 19.16
CA TRP DA 134 67.56 -12.62 18.38
C TRP DA 134 67.93 -13.91 19.08
N THR DA 135 67.91 -15.03 18.37
CA THR DA 135 68.12 -16.35 19.01
C THR DA 135 69.57 -16.68 19.32
N SER DA 136 70.49 -15.80 18.91
CA SER DA 136 71.92 -15.96 19.22
C SER DA 136 72.59 -14.63 19.54
N SER DA 137 73.73 -14.70 20.26
CA SER DA 137 74.42 -13.52 20.84
C SER DA 137 74.67 -12.35 19.88
N GLY DA 138 74.66 -11.13 20.43
CA GLY DA 138 74.87 -9.91 19.64
C GLY DA 138 75.87 -8.99 20.30
N LYS DA 139 76.34 -8.01 19.53
CA LYS DA 139 77.23 -6.96 20.04
C LYS DA 139 76.42 -6.07 21.01
N GLU DA 140 75.17 -5.81 20.65
CA GLU DA 140 74.20 -5.15 21.53
C GLU DA 140 73.21 -6.20 22.02
N GLN DA 141 73.25 -6.50 23.33
CA GLN DA 141 72.45 -7.60 23.89
C GLN DA 141 71.03 -7.21 24.32
N ARG DA 142 70.59 -6.01 23.93
CA ARG DA 142 69.20 -5.57 24.14
C ARG DA 142 68.23 -6.38 23.29
N LEU DA 143 68.75 -7.07 22.27
CA LEU DA 143 67.92 -7.88 21.38
C LEU DA 143 68.17 -9.40 21.48
N THR DA 144 68.97 -9.88 22.44
CA THR DA 144 69.18 -11.35 22.61
C THR DA 144 68.50 -12.01 23.85
N SER DA 145 68.00 -11.18 24.78
CA SER DA 145 67.28 -11.62 25.99
C SER DA 145 66.24 -10.58 26.43
N PRO DA 146 65.05 -11.02 26.88
CA PRO DA 146 63.98 -10.09 27.18
C PRO DA 146 64.01 -9.50 28.59
N GLY DA 147 64.96 -9.99 29.39
CA GLY DA 147 65.14 -9.52 30.75
C GLY DA 147 65.74 -10.61 31.62
N ARG DA 148 65.64 -10.44 32.93
CA ARG DA 148 66.18 -11.41 33.85
C ARG DA 148 65.38 -11.46 35.14
N LEU DA 149 65.32 -12.65 35.71
CA LEU DA 149 64.48 -12.94 36.85
C LEU DA 149 65.33 -12.94 38.07
N ILE DA 150 64.99 -12.12 39.05
CA ILE DA 150 65.76 -12.01 40.29
C ILE DA 150 64.92 -12.45 41.49
N LEU DA 151 65.55 -13.13 42.42
CA LEU DA 151 64.88 -13.59 43.60
C LEU DA 151 65.72 -13.20 44.80
N LEU DA 152 65.15 -12.39 45.68
CA LEU DA 152 65.85 -11.86 46.86
C LEU DA 152 65.28 -12.34 48.18
N CYS DA 153 66.16 -12.54 49.17
CA CYS DA 153 65.70 -12.87 50.52
C CYS DA 153 65.05 -11.67 51.14
N VAL DA 154 64.04 -11.96 51.94
CA VAL DA 154 63.43 -11.00 52.86
C VAL DA 154 63.50 -11.66 54.23
N GLY DA 155 63.97 -10.91 55.22
CA GLY DA 155 64.28 -11.49 56.51
C GLY DA 155 65.28 -12.61 56.36
N ASN DA 156 65.29 -13.53 57.29
CA ASN DA 156 66.25 -14.64 57.22
C ASN DA 156 65.61 -15.97 57.57
N ASN DA 157 65.87 -16.97 56.72
CA ASN DA 157 65.23 -18.27 56.84
C ASN DA 157 65.67 -19.09 58.05
N THR DA 158 64.69 -19.65 58.76
CA THR DA 158 64.88 -20.54 59.89
C THR DA 158 65.32 -21.91 59.47
N ASP DA 159 65.04 -22.26 58.23
CA ASP DA 159 65.15 -23.64 57.83
C ASP DA 159 65.68 -23.72 56.40
N VAL DA 160 65.93 -24.94 55.93
CA VAL DA 160 66.50 -25.15 54.60
C VAL DA 160 65.39 -24.99 53.55
N VAL DA 161 65.71 -24.21 52.51
CA VAL DA 161 64.80 -23.95 51.43
C VAL DA 161 65.38 -24.46 50.12
N ASN DA 162 64.58 -25.22 49.36
CA ASN DA 162 64.98 -25.70 48.07
C ASN DA 162 64.12 -25.03 47.00
N VAL DA 163 64.47 -23.79 46.71
CA VAL DA 163 63.69 -23.03 45.74
C VAL DA 163 63.99 -23.42 44.29
N SER DA 164 62.94 -23.63 43.51
CA SER DA 164 63.07 -23.84 42.07
C SER DA 164 62.15 -22.84 41.39
N VAL DA 165 62.69 -21.95 40.56
CA VAL DA 165 61.82 -21.02 39.81
C VAL DA 165 61.56 -21.59 38.44
N LEU DA 166 60.33 -21.45 37.97
CA LEU DA 166 59.90 -21.99 36.69
C LEU DA 166 59.43 -20.85 35.83
N CYS DA 167 59.82 -20.88 34.56
CA CYS DA 167 59.42 -19.88 33.61
C CYS DA 167 58.41 -20.50 32.68
N ARG DA 168 57.18 -19.99 32.64
CA ARG DA 168 56.26 -20.41 31.61
C ARG DA 168 56.29 -19.36 30.53
N TRP DA 169 56.37 -19.82 29.29
CA TRP DA 169 56.72 -18.96 28.18
C TRP DA 169 55.95 -19.34 26.95
N SER DA 170 55.64 -18.32 26.15
CA SER DA 170 54.98 -18.46 24.88
C SER DA 170 55.70 -17.55 23.91
N VAL DA 171 56.22 -18.10 22.84
CA VAL DA 171 57.15 -17.41 21.98
C VAL DA 171 56.75 -17.58 20.51
N ARG DA 172 56.90 -16.54 19.69
CA ARG DA 172 56.74 -16.72 18.23
C ARG DA 172 58.08 -16.60 17.49
N LEU DA 173 58.43 -17.64 16.74
CA LEU DA 173 59.73 -17.78 16.09
C LEU DA 173 59.72 -17.43 14.59
N SER DA 174 60.83 -16.90 14.09
CA SER DA 174 60.89 -16.29 12.75
C SER DA 174 62.25 -16.54 12.07
N VAL DA 175 62.29 -16.16 10.80
CA VAL DA 175 63.33 -16.53 9.83
C VAL DA 175 64.05 -17.87 10.06
N PRO DA 176 63.68 -18.88 9.27
CA PRO DA 176 64.37 -20.16 9.22
C PRO DA 176 65.88 -20.05 9.04
N SER DA 177 66.59 -21.05 9.51
CA SER DA 177 68.03 -20.96 9.72
C SER DA 177 68.53 -22.30 10.27
N LEU DA 178 69.82 -22.42 10.53
CA LEU DA 178 70.37 -23.63 11.13
C LEU DA 178 71.76 -23.42 11.75
N GLU DA 179 71.83 -23.23 13.06
CA GLU DA 179 73.11 -22.94 13.70
C GLU DA 179 73.72 -24.17 14.38
N ASN DA 180 74.85 -24.62 13.83
CA ASN DA 180 75.55 -25.83 14.29
C ASN DA 180 76.87 -25.49 14.99
N THR EA 18 -30.73 44.15 0.93
CA THR EA 18 -32.00 44.61 0.27
C THR EA 18 -32.26 46.08 0.65
N ASN EA 19 -32.58 46.91 -0.35
CA ASN EA 19 -32.93 48.33 -0.09
C ASN EA 19 -34.37 48.50 0.41
N ASP EA 20 -35.08 47.38 0.59
CA ASP EA 20 -36.47 47.35 1.01
C ASP EA 20 -36.69 46.94 2.47
N VAL EA 21 -37.76 47.48 3.03
CA VAL EA 21 -38.06 47.38 4.43
C VAL EA 21 -39.31 46.56 4.59
N HIS EA 22 -39.24 45.55 5.44
CA HIS EA 22 -40.37 44.70 5.75
C HIS EA 22 -41.09 45.22 6.98
N LEU EA 23 -42.38 45.50 6.86
CA LEU EA 23 -43.19 46.01 7.98
C LEU EA 23 -44.42 45.14 8.26
N SER EA 24 -44.60 44.74 9.51
CA SER EA 24 -45.69 43.84 9.93
C SER EA 24 -46.69 44.54 10.81
N GLY EA 25 -47.77 43.85 11.11
CA GLY EA 25 -48.69 44.31 12.13
C GLY EA 25 -50.09 43.75 11.96
N MET EA 26 -50.96 44.14 12.87
CA MET EA 26 -52.31 43.72 12.78
C MET EA 26 -53.24 44.84 13.27
N SER EA 27 -54.23 45.17 12.43
CA SER EA 27 -55.06 46.35 12.64
C SER EA 27 -56.52 45.99 12.50
N ARG EA 28 -57.37 46.84 13.06
CA ARG EA 28 -58.79 46.66 12.99
C ARG EA 28 -59.31 47.36 11.77
N ILE EA 29 -59.52 46.62 10.71
CA ILE EA 29 -60.02 47.19 9.47
C ILE EA 29 -61.34 47.91 9.68
N SER EA 30 -62.27 47.30 10.42
CA SER EA 30 -63.53 47.96 10.70
C SER EA 30 -64.25 47.45 11.93
N GLN EA 31 -65.21 48.25 12.38
CA GLN EA 31 -66.13 47.86 13.44
C GLN EA 31 -67.54 48.24 13.02
N ALA EA 32 -68.49 47.33 13.23
CA ALA EA 32 -69.86 47.52 12.84
C ALA EA 32 -70.73 46.87 13.88
N VAL EA 33 -71.91 47.43 14.12
CA VAL EA 33 -72.78 46.89 15.17
C VAL EA 33 -74.16 46.57 14.61
N LEU EA 34 -74.34 45.30 14.27
CA LEU EA 34 -75.53 44.82 13.61
C LEU EA 34 -76.69 44.67 14.61
N PRO EA 35 -77.62 45.63 14.61
CA PRO EA 35 -78.61 45.67 15.68
C PRO EA 35 -79.58 44.50 15.69
N ALA EA 36 -80.31 44.42 16.80
CA ALA EA 36 -81.05 43.22 17.22
C ALA EA 36 -81.48 42.26 16.11
N GLY EA 37 -82.24 42.69 15.11
CA GLY EA 37 -82.76 41.76 14.11
C GLY EA 37 -82.60 42.21 12.67
N THR EA 38 -81.57 42.99 12.38
CA THR EA 38 -81.54 43.75 11.16
C THR EA 38 -80.78 43.13 9.99
N GLY EA 39 -80.05 42.04 10.21
CA GLY EA 39 -79.31 41.37 9.12
C GLY EA 39 -80.07 40.18 8.53
N THR EA 40 -79.92 39.95 7.22
CA THR EA 40 -80.55 38.83 6.51
C THR EA 40 -79.73 38.44 5.31
N ASP EA 41 -79.93 37.22 4.83
CA ASP EA 41 -79.16 36.71 3.71
C ASP EA 41 -78.81 37.86 2.78
N GLY EA 42 -77.51 38.17 2.65
CA GLY EA 42 -77.04 39.13 1.65
C GLY EA 42 -76.68 40.49 2.21
N TYR EA 43 -77.33 40.88 3.30
CA TYR EA 43 -77.05 42.16 3.96
C TYR EA 43 -75.56 42.37 4.14
N VAL EA 44 -75.02 43.43 3.57
CA VAL EA 44 -73.60 43.74 3.75
C VAL EA 44 -73.41 44.39 5.11
N VAL EA 45 -72.59 43.79 5.99
CA VAL EA 45 -72.26 44.39 7.31
C VAL EA 45 -70.89 45.07 7.33
N VAL EA 46 -69.99 44.63 6.46
CA VAL EA 46 -68.70 45.26 6.27
C VAL EA 46 -68.34 45.07 4.81
N ASP EA 47 -67.60 46.04 4.30
CA ASP EA 47 -67.04 46.01 2.97
C ASP EA 47 -66.01 47.11 3.02
N ALA EA 48 -64.75 46.73 2.91
CA ALA EA 48 -63.67 47.59 3.37
C ALA EA 48 -62.52 47.61 2.40
N THR EA 49 -62.28 48.78 1.80
CA THR EA 49 -61.22 48.92 0.81
C THR EA 49 -59.85 49.11 1.46
N ILE EA 50 -59.00 48.08 1.34
CA ILE EA 50 -57.74 47.95 2.07
C ILE EA 50 -56.68 48.91 1.55
N VAL EA 51 -56.55 50.05 2.23
CA VAL EA 51 -55.50 51.06 1.92
C VAL EA 51 -54.63 51.40 3.13
N PRO EA 52 -53.38 51.83 2.88
CA PRO EA 52 -52.48 52.22 3.98
C PRO EA 52 -53.16 52.98 5.13
N ASP EA 53 -53.80 54.12 4.86
CA ASP EA 53 -54.49 54.92 5.92
C ASP EA 53 -55.43 54.14 6.84
N LEU EA 54 -55.92 53.01 6.35
CA LEU EA 54 -56.77 52.12 7.14
C LEU EA 54 -55.91 51.40 8.18
N LEU EA 55 -54.76 50.89 7.76
CA LEU EA 55 -53.81 50.24 8.66
C LEU EA 55 -52.90 51.28 9.32
N PRO EA 56 -53.21 51.66 10.58
CA PRO EA 56 -52.66 52.87 11.21
C PRO EA 56 -51.12 52.99 11.20
N ARG EA 57 -50.41 51.89 11.44
CA ARG EA 57 -48.95 51.90 11.38
C ARG EA 57 -48.47 52.04 9.96
N LEU EA 58 -49.03 51.24 9.07
CA LEU EA 58 -48.79 51.43 7.64
C LEU EA 58 -49.14 52.84 7.21
N GLY EA 59 -50.20 53.40 7.80
CA GLY EA 59 -50.57 54.80 7.59
C GLY EA 59 -49.39 55.75 7.73
N HIS EA 60 -48.54 55.48 8.72
CA HIS EA 60 -47.34 56.28 8.97
C HIS EA 60 -46.17 55.93 8.04
N ALA EA 61 -45.90 54.65 7.84
CA ALA EA 61 -44.82 54.26 6.94
C ALA EA 61 -45.17 54.74 5.53
N ALA EA 62 -46.47 54.89 5.25
CA ALA EA 62 -46.91 55.41 3.95
C ALA EA 62 -46.31 56.76 3.60
N ARG EA 63 -46.19 57.66 4.57
CA ARG EA 63 -45.63 58.97 4.29
C ARG EA 63 -44.10 58.97 4.08
N ILE EA 64 -43.46 57.82 4.26
CA ILE EA 64 -42.01 57.70 4.16
C ILE EA 64 -41.58 57.14 2.81
N PHE EA 65 -42.30 56.15 2.31
CA PHE EA 65 -41.97 55.54 1.02
C PHE EA 65 -43.10 55.77 0.00
N GLN EA 66 -42.77 55.55 -1.27
CA GLN EA 66 -43.70 55.75 -2.38
C GLN EA 66 -44.54 54.53 -2.66
N ARG EA 67 -43.93 53.36 -2.48
CA ARG EA 67 -44.55 52.10 -2.91
C ARG EA 67 -44.46 51.00 -1.87
N TYR EA 68 -45.34 50.01 -2.01
CA TYR EA 68 -45.33 48.80 -1.17
C TYR EA 68 -45.79 47.57 -1.91
N ALA EA 69 -45.35 46.41 -1.44
CA ALA EA 69 -45.79 45.12 -1.96
C ALA EA 69 -46.27 44.22 -0.83
N VAL EA 70 -47.54 43.89 -0.85
CA VAL EA 70 -48.12 42.98 0.12
C VAL EA 70 -47.45 41.57 0.04
N GLU EA 71 -47.18 40.97 1.19
CA GLU EA 71 -46.42 39.73 1.25
C GLU EA 71 -47.04 38.67 2.17
N THR EA 72 -47.84 39.07 3.17
CA THR EA 72 -48.88 38.19 3.74
C THR EA 72 -50.13 39.04 4.01
N LEU EA 73 -51.30 38.49 3.74
CA LEU EA 73 -52.56 39.11 4.10
C LEU EA 73 -53.49 38.07 4.66
N GLU EA 74 -53.99 38.31 5.87
CA GLU EA 74 -55.03 37.48 6.49
C GLU EA 74 -55.99 38.42 7.14
N PHE EA 75 -57.24 38.02 7.21
CA PHE EA 75 -58.22 38.79 7.93
C PHE EA 75 -58.84 37.91 9.01
N GLU EA 76 -58.80 38.39 10.24
CA GLU EA 76 -59.40 37.70 11.37
C GLU EA 76 -60.74 38.37 11.68
N ILE EA 77 -61.81 37.60 11.48
CA ILE EA 77 -63.19 38.00 11.79
C ILE EA 77 -63.50 37.77 13.25
N GLN EA 78 -63.83 38.85 13.97
CA GLN EA 78 -64.00 38.72 15.42
C GLN EA 78 -65.31 39.36 15.84
N PRO EA 79 -66.39 38.62 15.65
CA PRO EA 79 -67.72 38.99 16.09
C PRO EA 79 -67.84 38.78 17.58
N MET EA 80 -68.62 39.63 18.22
CA MET EA 80 -68.78 39.56 19.66
C MET EA 80 -70.25 39.67 19.97
N CYS EA 81 -70.79 38.57 20.49
CA CYS EA 81 -72.22 38.45 20.73
C CYS EA 81 -72.42 37.31 21.68
N PRO EA 82 -73.65 37.11 22.18
CA PRO EA 82 -73.88 35.94 23.03
C PRO EA 82 -73.80 34.64 22.24
N ALA EA 83 -73.48 33.55 22.92
CA ALA EA 83 -73.43 32.22 22.28
C ALA EA 83 -74.80 31.76 21.81
N ASN EA 84 -75.86 32.39 22.31
CA ASN EA 84 -77.21 32.17 21.82
C ASN EA 84 -77.63 33.09 20.69
N THR EA 85 -76.92 33.07 19.57
CA THR EA 85 -77.27 33.94 18.46
C THR EA 85 -77.49 33.07 17.21
N GLY EA 86 -78.54 33.39 16.46
CA GLY EA 86 -79.04 32.52 15.41
C GLY EA 86 -78.41 32.77 14.07
N GLY EA 87 -77.46 33.70 14.03
CA GLY EA 87 -77.06 34.24 12.75
C GLY EA 87 -76.00 33.47 12.03
N GLY EA 88 -75.29 34.18 11.16
CA GLY EA 88 -74.14 33.61 10.47
C GLY EA 88 -73.55 34.60 9.51
N TYR EA 89 -72.35 34.30 9.04
CA TYR EA 89 -71.71 35.18 8.10
C TYR EA 89 -70.94 34.38 7.07
N VAL EA 90 -70.65 35.02 5.96
CA VAL EA 90 -69.62 34.55 5.07
C VAL EA 90 -68.70 35.74 4.95
N ALA EA 91 -67.40 35.47 4.92
CA ALA EA 91 -66.43 36.54 4.81
C ALA EA 91 -65.35 36.13 3.82
N GLY EA 92 -65.06 37.06 2.91
CA GLY EA 92 -64.05 36.84 1.88
C GLY EA 92 -63.38 38.11 1.36
N PHE EA 93 -62.28 37.89 0.65
CA PHE EA 93 -61.46 38.97 0.12
C PHE EA 93 -61.39 38.87 -1.41
N LEU EA 94 -61.98 39.86 -2.10
CA LEU EA 94 -61.88 39.92 -3.58
C LEU EA 94 -60.87 40.97 -4.02
N PRO EA 95 -59.75 40.52 -4.68
CA PRO EA 95 -58.61 41.34 -5.16
C PRO EA 95 -58.84 42.45 -6.22
N ASP EA 96 -60.04 43.01 -6.32
CA ASP EA 96 -60.21 44.30 -6.97
C ASP EA 96 -60.86 45.24 -5.97
N PRO EA 97 -60.19 46.37 -5.66
CA PRO EA 97 -60.92 47.38 -4.90
C PRO EA 97 -62.16 47.86 -5.67
N THR EA 98 -62.13 47.59 -6.98
CA THR EA 98 -63.15 48.01 -7.96
C THR EA 98 -64.52 47.30 -7.83
N ASP EA 99 -64.52 45.98 -7.78
CA ASP EA 99 -65.73 45.19 -8.09
C ASP EA 99 -66.76 45.08 -6.96
N ASN EA 100 -68.01 45.47 -7.27
CA ASN EA 100 -69.15 45.35 -6.35
C ASN EA 100 -69.96 44.07 -6.57
N ASP EA 101 -69.26 42.94 -6.70
CA ASP EA 101 -69.92 41.64 -6.67
C ASP EA 101 -70.01 41.18 -5.20
N HIS EA 102 -70.93 41.80 -4.45
CA HIS EA 102 -71.10 41.50 -3.03
C HIS EA 102 -72.17 40.45 -2.82
N THR EA 103 -71.87 39.25 -3.28
CA THR EA 103 -72.80 38.12 -3.24
C THR EA 103 -72.09 36.88 -2.71
N PHE EA 104 -72.83 36.09 -1.95
CA PHE EA 104 -72.29 34.92 -1.28
C PHE EA 104 -71.39 34.08 -2.19
N ASP EA 105 -71.90 33.72 -3.37
CA ASP EA 105 -71.19 32.75 -4.21
C ASP EA 105 -69.93 33.39 -4.75
N ALA EA 106 -69.98 34.72 -4.91
CA ALA EA 106 -68.80 35.50 -5.31
C ALA EA 106 -67.76 35.48 -4.22
N LEU EA 107 -68.20 35.59 -2.98
CA LEU EA 107 -67.26 35.45 -1.87
C LEU EA 107 -66.73 34.02 -1.79
N GLN EA 108 -67.64 33.05 -1.71
CA GLN EA 108 -67.26 31.63 -1.61
C GLN EA 108 -66.29 31.15 -2.69
N ALA EA 109 -66.44 31.73 -3.90
CA ALA EA 109 -65.54 31.50 -5.05
C ALA EA 109 -64.07 31.85 -4.81
N THR EA 110 -63.82 32.85 -3.95
CA THR EA 110 -62.49 33.31 -3.55
C THR EA 110 -61.85 32.32 -2.55
N ARG EA 111 -60.54 32.46 -2.29
CA ARG EA 111 -59.76 31.36 -1.70
C ARG EA 111 -59.95 31.31 -0.23
N GLY EA 112 -59.79 32.44 0.43
CA GLY EA 112 -59.89 32.46 1.88
C GLY EA 112 -61.28 32.15 2.41
N ALA EA 113 -62.28 32.64 1.67
CA ALA EA 113 -63.69 32.69 2.07
C ALA EA 113 -64.09 31.74 3.20
N VAL EA 114 -64.54 32.31 4.30
CA VAL EA 114 -65.02 31.47 5.39
C VAL EA 114 -66.47 31.76 5.70
N VAL EA 115 -67.14 30.79 6.30
CA VAL EA 115 -68.49 30.95 6.79
C VAL EA 115 -68.59 30.32 8.18
N ALA EA 116 -69.41 30.93 9.04
CA ALA EA 116 -69.54 30.50 10.41
C ALA EA 116 -70.67 31.24 11.10
N LYS EA 117 -71.05 30.73 12.26
CA LYS EA 117 -72.14 31.28 13.06
C LYS EA 117 -71.58 32.49 13.79
N TRP EA 118 -72.43 33.44 14.21
CA TRP EA 118 -71.86 34.71 14.65
C TRP EA 118 -71.09 34.65 15.97
N TRP EA 119 -71.24 33.57 16.72
CA TRP EA 119 -70.49 33.38 17.96
C TRP EA 119 -69.25 32.48 17.77
N GLU EA 120 -68.69 32.50 16.56
CA GLU EA 120 -67.50 31.75 16.21
C GLU EA 120 -66.54 32.70 15.49
N SER EA 121 -65.33 32.85 16.02
CA SER EA 121 -64.26 33.58 15.32
C SER EA 121 -63.80 32.74 14.17
N ARG EA 122 -62.91 33.27 13.36
CA ARG EA 122 -62.66 32.66 12.08
C ARG EA 122 -61.70 33.52 11.29
N THR EA 123 -60.78 32.89 10.56
CA THR EA 123 -59.76 33.63 9.82
C THR EA 123 -59.78 33.33 8.32
N VAL EA 124 -59.88 34.37 7.50
CA VAL EA 124 -59.80 34.16 6.08
C VAL EA 124 -58.35 34.29 5.67
N ARG EA 125 -57.98 33.44 4.73
CA ARG EA 125 -56.62 33.27 4.27
C ARG EA 125 -56.56 33.47 2.78
N PRO EA 126 -56.68 34.73 2.35
CA PRO EA 126 -56.97 34.97 0.95
C PRO EA 126 -55.72 34.88 0.10
N GLN EA 127 -55.97 34.91 -1.20
CA GLN EA 127 -54.92 34.98 -2.21
C GLN EA 127 -55.17 36.26 -3.01
N TYR EA 128 -54.10 36.96 -3.38
CA TYR EA 128 -54.16 38.37 -3.75
C TYR EA 128 -53.07 38.70 -4.77
N THR EA 129 -52.93 39.99 -5.04
CA THR EA 129 -51.96 40.50 -6.00
C THR EA 129 -50.50 40.00 -5.92
N ARG EA 130 -49.79 40.32 -4.85
CA ARG EA 130 -48.34 40.06 -4.72
C ARG EA 130 -47.53 40.98 -5.65
N THR EA 131 -48.20 42.03 -6.13
CA THR EA 131 -47.60 43.00 -7.05
C THR EA 131 -47.33 44.32 -6.31
N LEU EA 132 -46.58 45.21 -6.97
CA LEU EA 132 -46.16 46.49 -6.38
C LEU EA 132 -47.25 47.54 -6.41
N LEU EA 133 -47.61 48.07 -5.24
CA LEU EA 133 -48.64 49.10 -5.13
C LEU EA 133 -48.02 50.45 -4.72
N TRP EA 134 -48.87 51.46 -4.52
CA TRP EA 134 -48.44 52.83 -4.38
C TRP EA 134 -49.12 53.48 -3.18
N THR EA 135 -48.38 54.28 -2.42
CA THR EA 135 -48.79 54.67 -1.08
C THR EA 135 -49.63 55.95 -0.97
N SER EA 136 -50.07 56.49 -2.11
CA SER EA 136 -51.06 57.60 -2.17
C SER EA 136 -51.98 57.44 -3.39
N SER EA 137 -53.03 58.26 -3.47
CA SER EA 137 -54.10 58.11 -4.48
C SER EA 137 -53.64 57.82 -5.91
N GLY EA 138 -54.46 57.08 -6.67
CA GLY EA 138 -54.14 56.68 -8.04
C GLY EA 138 -55.15 57.13 -9.08
N LYS EA 139 -54.69 57.28 -10.32
CA LYS EA 139 -55.53 57.53 -11.50
C LYS EA 139 -56.03 56.16 -12.01
N GLU EA 140 -55.08 55.23 -12.08
CA GLU EA 140 -55.32 53.80 -12.14
C GLU EA 140 -55.05 53.26 -10.74
N GLN EA 141 -56.09 53.02 -9.95
CA GLN EA 141 -55.96 52.52 -8.56
C GLN EA 141 -55.99 50.99 -8.46
N ARG EA 142 -55.57 50.29 -9.52
CA ARG EA 142 -55.30 48.86 -9.47
C ARG EA 142 -53.96 48.62 -8.77
N LEU EA 143 -53.26 49.69 -8.38
CA LEU EA 143 -51.99 49.59 -7.65
C LEU EA 143 -51.91 50.54 -6.39
N THR EA 144 -53.02 50.70 -5.65
CA THR EA 144 -53.00 51.43 -4.34
C THR EA 144 -53.85 50.78 -3.20
N SER EA 145 -54.38 49.59 -3.48
CA SER EA 145 -55.13 48.77 -2.52
C SER EA 145 -55.15 47.36 -3.08
N PRO EA 146 -54.75 46.35 -2.29
CA PRO EA 146 -54.65 44.99 -2.86
C PRO EA 146 -56.03 44.34 -3.14
N GLY EA 147 -57.08 44.92 -2.55
CA GLY EA 147 -58.45 44.43 -2.67
C GLY EA 147 -59.37 45.02 -1.61
N ARG EA 148 -60.34 44.21 -1.17
CA ARG EA 148 -61.24 44.60 -0.12
C ARG EA 148 -61.91 43.42 0.56
N LEU EA 149 -62.18 43.58 1.84
CA LEU EA 149 -62.71 42.51 2.67
C LEU EA 149 -64.22 42.74 2.85
N ILE EA 150 -64.99 41.76 2.37
CA ILE EA 150 -66.44 41.81 2.44
C ILE EA 150 -66.90 40.85 3.52
N LEU EA 151 -67.93 41.28 4.25
CA LEU EA 151 -68.58 40.45 5.26
C LEU EA 151 -70.09 40.55 5.05
N LEU EA 152 -70.76 39.41 4.96
CA LEU EA 152 -72.18 39.34 4.64
C LEU EA 152 -72.90 38.47 5.61
N CYS EA 153 -74.12 38.86 5.95
CA CYS EA 153 -74.99 38.00 6.74
C CYS EA 153 -75.36 36.74 5.98
N VAL EA 154 -75.44 35.65 6.73
CA VAL EA 154 -76.04 34.39 6.34
C VAL EA 154 -77.10 34.18 7.38
N GLY EA 155 -78.33 33.97 6.95
CA GLY EA 155 -79.44 33.97 7.88
C GLY EA 155 -79.46 35.27 8.68
N ASN EA 156 -80.20 35.28 9.77
CA ASN EA 156 -80.45 36.54 10.49
C ASN EA 156 -80.16 36.52 11.99
N ASN EA 157 -79.40 37.52 12.44
CA ASN EA 157 -79.05 37.62 13.85
C ASN EA 157 -80.27 37.76 14.75
N THR EA 158 -80.35 36.82 15.70
CA THR EA 158 -81.18 36.88 16.88
C THR EA 158 -80.81 38.03 17.75
N ASP EA 159 -79.58 38.54 17.60
CA ASP EA 159 -79.02 39.37 18.64
C ASP EA 159 -78.10 40.45 18.13
N VAL EA 160 -77.63 41.29 19.05
CA VAL EA 160 -76.74 42.39 18.68
C VAL EA 160 -75.38 41.79 18.42
N VAL EA 161 -74.77 42.20 17.33
CA VAL EA 161 -73.45 41.69 17.02
C VAL EA 161 -72.45 42.84 16.87
N ASN EA 162 -71.40 42.84 17.71
CA ASN EA 162 -70.39 43.89 17.63
C ASN EA 162 -69.10 43.41 16.97
N VAL EA 163 -69.21 43.17 15.67
CA VAL EA 163 -68.12 42.61 14.89
C VAL EA 163 -67.00 43.61 14.58
N SER EA 164 -65.77 43.19 14.87
CA SER EA 164 -64.56 43.92 14.54
C SER EA 164 -63.74 43.01 13.63
N VAL EA 165 -63.36 43.48 12.43
CA VAL EA 165 -62.49 42.66 11.61
C VAL EA 165 -61.10 43.28 11.66
N LEU EA 166 -60.12 42.40 11.81
CA LEU EA 166 -58.73 42.76 11.94
C LEU EA 166 -58.03 42.24 10.71
N CYS EA 167 -57.15 43.04 10.12
CA CYS EA 167 -56.27 42.55 9.06
C CYS EA 167 -54.87 42.40 9.60
N ARG EA 168 -54.26 41.23 9.40
CA ARG EA 168 -52.84 41.06 9.74
C ARG EA 168 -52.06 41.11 8.45
N TRP EA 169 -50.96 41.85 8.48
CA TRP EA 169 -50.35 42.28 7.25
C TRP EA 169 -48.85 42.36 7.37
N SER EA 170 -48.18 41.56 6.55
CA SER EA 170 -46.77 41.73 6.29
C SER EA 170 -46.64 42.40 4.93
N VAL EA 171 -45.62 43.27 4.81
CA VAL EA 171 -45.51 44.21 3.69
C VAL EA 171 -44.04 44.41 3.40
N ARG EA 172 -43.69 44.85 2.19
CA ARG EA 172 -42.33 45.36 1.96
C ARG EA 172 -42.34 46.72 1.22
N LEU EA 173 -41.83 47.76 1.92
CA LEU EA 173 -41.89 49.14 1.44
C LEU EA 173 -40.60 49.50 0.73
N SER EA 174 -40.70 50.41 -0.25
CA SER EA 174 -39.83 50.41 -1.43
C SER EA 174 -39.00 51.66 -1.68
N VAL EA 175 -39.67 52.72 -2.16
CA VAL EA 175 -38.98 53.88 -2.74
C VAL EA 175 -39.04 55.06 -1.74
N PRO EA 176 -37.88 55.43 -1.15
CA PRO EA 176 -37.83 56.48 -0.12
C PRO EA 176 -38.25 57.90 -0.51
N SER EA 177 -39.11 58.51 0.31
CA SER EA 177 -39.62 59.87 0.05
C SER EA 177 -40.23 60.55 1.32
N LEU EA 178 -41.21 61.44 1.17
CA LEU EA 178 -41.70 62.27 2.28
C LEU EA 178 -42.98 63.07 1.95
N GLU EA 179 -44.13 62.42 2.03
CA GLU EA 179 -45.37 63.08 1.59
C GLU EA 179 -46.02 63.85 2.74
N ASN EA 180 -45.74 65.16 2.78
CA ASN EA 180 -46.45 66.10 3.67
C ASN EA 180 -47.82 66.52 3.11
N THR FA 18 -28.86 37.04 -26.62
CA THR FA 18 -30.06 37.62 -26.01
C THR FA 18 -30.93 38.36 -27.04
N ASN FA 19 -32.07 38.87 -26.59
CA ASN FA 19 -33.00 39.64 -27.43
C ASN FA 19 -33.06 41.14 -27.12
N ASP FA 20 -32.70 41.52 -25.90
CA ASP FA 20 -32.72 42.94 -25.48
C ASP FA 20 -31.58 43.76 -26.10
N VAL FA 21 -31.81 45.06 -26.21
CA VAL FA 21 -30.83 45.98 -26.76
C VAL FA 21 -30.48 47.08 -25.76
N HIS FA 22 -29.21 47.08 -25.33
CA HIS FA 22 -28.67 48.05 -24.38
C HIS FA 22 -28.15 49.28 -25.09
N LEU FA 23 -28.58 50.46 -24.65
CA LEU FA 23 -28.14 51.71 -25.22
C LEU FA 23 -27.67 52.62 -24.08
N SER FA 24 -26.54 53.31 -24.27
CA SER FA 24 -26.04 54.28 -23.27
C SER FA 24 -25.88 55.70 -23.81
N GLY FA 25 -25.63 56.65 -22.92
CA GLY FA 25 -25.37 58.00 -23.34
C GLY FA 25 -25.57 58.98 -22.22
N MET FA 26 -25.37 60.26 -22.53
CA MET FA 26 -25.31 61.32 -21.54
C MET FA 26 -25.68 62.62 -22.21
N SER FA 27 -26.71 63.28 -21.71
CA SER FA 27 -27.34 64.35 -22.47
C SER FA 27 -27.75 65.53 -21.61
N ARG FA 28 -27.69 66.73 -22.16
CA ARG FA 28 -28.21 67.87 -21.43
C ARG FA 28 -29.73 67.87 -21.35
N ILE FA 29 -30.25 67.65 -20.15
CA ILE FA 29 -31.68 67.60 -19.86
C ILE FA 29 -32.32 69.00 -19.83
N SER FA 30 -31.60 69.97 -19.29
CA SER FA 30 -32.04 71.37 -19.35
C SER FA 30 -30.86 72.33 -19.24
N GLN FA 31 -31.10 73.56 -19.68
CA GLN FA 31 -30.22 74.68 -19.38
C GLN FA 31 -31.06 75.82 -18.79
N ALA FA 32 -30.71 76.29 -17.61
CA ALA FA 32 -31.32 77.49 -17.05
C ALA FA 32 -30.23 78.53 -16.86
N VAL FA 33 -30.61 79.78 -17.03
CA VAL FA 33 -29.71 80.90 -16.80
C VAL FA 33 -30.27 81.85 -15.70
N LEU FA 34 -29.75 81.69 -14.48
CA LEU FA 34 -30.26 82.36 -13.28
C LEU FA 34 -29.67 83.76 -13.08
N PRO FA 35 -30.46 84.78 -13.40
CA PRO FA 35 -29.89 86.12 -13.46
C PRO FA 35 -29.53 86.71 -12.09
N ALA FA 36 -28.76 87.81 -12.18
CA ALA FA 36 -28.22 88.62 -11.08
C ALA FA 36 -28.54 88.18 -9.66
N GLY FA 37 -29.75 88.44 -9.18
CA GLY FA 37 -30.13 88.13 -7.78
C GLY FA 37 -31.53 87.54 -7.65
N THR FA 38 -31.84 86.53 -8.47
CA THR FA 38 -33.22 86.08 -8.63
C THR FA 38 -33.61 84.84 -7.83
N GLY FA 39 -32.64 84.06 -7.36
CA GLY FA 39 -32.91 82.83 -6.58
C GLY FA 39 -33.39 83.09 -5.15
N THR FA 40 -34.09 82.13 -4.55
CA THR FA 40 -34.38 82.13 -3.09
C THR FA 40 -34.77 80.74 -2.57
N ASP FA 41 -34.38 80.44 -1.32
CA ASP FA 41 -34.75 79.17 -0.69
C ASP FA 41 -36.03 78.65 -1.35
N GLY FA 42 -35.95 77.54 -2.06
CA GLY FA 42 -37.14 76.90 -2.63
C GLY FA 42 -37.49 77.22 -4.09
N TYR FA 43 -36.85 78.24 -4.67
CA TYR FA 43 -37.11 78.66 -6.06
C TYR FA 43 -36.68 77.60 -7.05
N VAL FA 44 -37.60 77.18 -7.92
CA VAL FA 44 -37.30 76.14 -8.90
C VAL FA 44 -36.54 76.73 -10.08
N VAL FA 45 -35.40 76.13 -10.40
CA VAL FA 45 -34.59 76.51 -11.59
C VAL FA 45 -34.67 75.44 -12.69
N VAL FA 46 -34.94 74.20 -12.30
CA VAL FA 46 -35.18 73.13 -13.24
C VAL FA 46 -36.22 72.21 -12.63
N ASP FA 47 -37.17 71.77 -13.43
CA ASP FA 47 -38.09 70.69 -13.09
C ASP FA 47 -38.34 69.92 -14.38
N ALA FA 48 -37.42 69.04 -14.70
CA ALA FA 48 -37.41 68.43 -16.01
C ALA FA 48 -37.90 67.02 -15.86
N THR FA 49 -38.81 66.63 -16.75
CA THR FA 49 -39.45 65.32 -16.69
C THR FA 49 -38.90 64.39 -17.76
N ILE FA 50 -38.27 63.33 -17.31
CA ILE FA 50 -37.32 62.60 -18.11
C ILE FA 50 -38.02 61.65 -19.03
N VAL FA 51 -38.03 62.03 -20.31
CA VAL FA 51 -38.69 61.28 -21.38
C VAL FA 51 -37.73 61.01 -22.55
N PRO FA 52 -37.85 59.84 -23.21
CA PRO FA 52 -37.10 59.53 -24.42
C PRO FA 52 -36.64 60.73 -25.24
N ASP FA 53 -37.53 61.67 -25.56
CA ASP FA 53 -37.16 62.80 -26.41
C ASP FA 53 -36.17 63.79 -25.79
N LEU FA 54 -36.14 63.86 -24.46
CA LEU FA 54 -35.17 64.72 -23.78
C LEU FA 54 -33.74 64.23 -23.95
N LEU FA 55 -33.58 62.92 -23.97
CA LEU FA 55 -32.28 62.29 -24.19
C LEU FA 55 -32.14 62.02 -25.68
N PRO FA 56 -31.48 62.93 -26.43
CA PRO FA 56 -31.64 63.02 -27.88
C PRO FA 56 -31.36 61.70 -28.61
N ARG FA 57 -30.33 60.94 -28.20
CA ARG FA 57 -30.04 59.63 -28.82
C ARG FA 57 -31.14 58.63 -28.56
N LEU FA 58 -31.54 58.51 -27.31
CA LEU FA 58 -32.66 57.65 -26.97
C LEU FA 58 -33.96 58.08 -27.65
N GLY FA 59 -34.12 59.37 -27.96
CA GLY FA 59 -35.31 59.85 -28.68
C GLY FA 59 -35.50 59.18 -30.03
N HIS FA 60 -34.39 58.75 -30.64
CA HIS FA 60 -34.38 58.04 -31.93
C HIS FA 60 -34.62 56.53 -31.82
N ALA FA 61 -33.91 55.87 -30.92
CA ALA FA 61 -34.10 54.45 -30.65
C ALA FA 61 -35.50 54.17 -30.07
N ALA FA 62 -36.16 55.19 -29.54
CA ALA FA 62 -37.55 55.07 -29.08
C ALA FA 62 -38.52 54.99 -30.24
N ARG FA 63 -38.10 55.35 -31.43
CA ARG FA 63 -38.95 55.18 -32.60
C ARG FA 63 -38.82 53.77 -33.20
N ILE FA 64 -37.81 53.02 -32.78
CA ILE FA 64 -37.52 51.66 -33.28
C ILE FA 64 -38.09 50.56 -32.37
N PHE FA 65 -38.04 50.78 -31.06
CA PHE FA 65 -38.60 49.82 -30.10
C PHE FA 65 -39.83 50.40 -29.40
N GLN FA 66 -40.49 49.56 -28.60
CA GLN FA 66 -41.79 49.88 -28.01
C GLN FA 66 -41.72 50.29 -26.57
N ARG FA 67 -40.87 49.59 -25.82
CA ARG FA 67 -40.72 49.82 -24.39
C ARG FA 67 -39.25 49.82 -24.02
N TYR FA 68 -38.98 50.28 -22.81
CA TYR FA 68 -37.62 50.43 -22.32
C TYR FA 68 -37.56 50.40 -20.82
N ALA FA 69 -36.51 49.78 -20.29
CA ALA FA 69 -36.26 49.80 -18.85
C ALA FA 69 -35.01 50.63 -18.52
N VAL FA 70 -35.08 51.43 -17.46
CA VAL FA 70 -33.94 52.21 -17.02
C VAL FA 70 -33.01 51.33 -16.22
N GLU FA 71 -31.79 51.18 -16.70
CA GLU FA 71 -30.82 50.30 -16.08
C GLU FA 71 -29.80 51.04 -15.25
N THR FA 72 -29.47 52.28 -15.60
CA THR FA 72 -28.72 53.20 -14.72
C THR FA 72 -29.08 54.66 -15.00
N LEU FA 73 -28.92 55.51 -13.99
CA LEU FA 73 -29.35 56.89 -14.09
C LEU FA 73 -28.56 57.74 -13.13
N GLU FA 74 -27.98 58.83 -13.62
CA GLU FA 74 -27.34 59.79 -12.74
C GLU FA 74 -27.50 61.12 -13.41
N PHE FA 75 -27.64 62.17 -12.64
CA PHE FA 75 -27.68 63.49 -13.23
C PHE FA 75 -26.47 64.25 -12.75
N GLU FA 76 -25.88 65.02 -13.64
CA GLU FA 76 -24.72 65.79 -13.32
C GLU FA 76 -25.11 67.26 -13.30
N ILE FA 77 -25.17 67.85 -12.11
CA ILE FA 77 -25.53 69.24 -11.99
C ILE FA 77 -24.30 70.02 -12.34
N GLN FA 78 -24.43 70.91 -13.32
CA GLN FA 78 -23.24 71.52 -13.89
C GLN FA 78 -23.38 73.03 -14.08
N PRO FA 79 -23.37 73.77 -12.95
CA PRO FA 79 -23.55 75.21 -12.93
C PRO FA 79 -22.26 75.90 -13.26
N MET FA 80 -22.42 77.11 -13.82
CA MET FA 80 -21.31 77.85 -14.40
C MET FA 80 -21.31 79.34 -14.09
N CYS FA 81 -20.48 79.70 -13.11
CA CYS FA 81 -20.49 81.01 -12.53
C CYS FA 81 -19.10 81.28 -11.96
N PRO FA 82 -18.85 82.53 -11.52
CA PRO FA 82 -17.61 82.83 -10.82
C PRO FA 82 -17.61 82.24 -9.42
N ALA FA 83 -16.43 81.85 -8.94
CA ALA FA 83 -16.33 81.23 -7.64
C ALA FA 83 -16.78 82.15 -6.49
N ASN FA 84 -17.07 83.41 -6.82
CA ASN FA 84 -17.59 84.39 -5.84
C ASN FA 84 -19.10 84.56 -5.86
N THR FA 85 -19.84 83.46 -5.93
CA THR FA 85 -21.30 83.51 -5.94
C THR FA 85 -21.86 82.93 -4.64
N GLY FA 86 -22.85 83.62 -4.08
CA GLY FA 86 -23.39 83.25 -2.77
C GLY FA 86 -24.50 82.25 -2.96
N GLY FA 87 -24.19 81.23 -3.71
CA GLY FA 87 -25.23 80.41 -4.24
C GLY FA 87 -25.65 79.31 -3.32
N GLY FA 88 -25.90 78.17 -3.91
CA GLY FA 88 -26.49 77.08 -3.22
C GLY FA 88 -27.66 76.53 -4.01
N TYR FA 89 -27.68 75.21 -4.13
CA TYR FA 89 -28.83 74.50 -4.65
C TYR FA 89 -28.98 73.19 -3.92
N VAL FA 90 -30.14 72.60 -4.09
CA VAL FA 90 -30.36 71.21 -3.77
C VAL FA 90 -30.99 70.63 -5.02
N ALA FA 91 -30.40 69.52 -5.51
CA ALA FA 91 -30.93 68.76 -6.65
C ALA FA 91 -31.38 67.40 -6.18
N GLY FA 92 -32.45 66.90 -6.78
CA GLY FA 92 -33.00 65.58 -6.45
C GLY FA 92 -33.88 65.03 -7.56
N PHE FA 93 -34.04 63.70 -7.54
CA PHE FA 93 -34.88 62.98 -8.51
C PHE FA 93 -36.04 62.25 -7.82
N LEU FA 94 -37.28 62.76 -7.98
CA LEU FA 94 -38.46 62.01 -7.50
C LEU FA 94 -39.10 61.12 -8.58
N PRO FA 95 -39.22 59.81 -8.30
CA PRO FA 95 -39.67 58.85 -9.29
C PRO FA 95 -41.16 58.88 -9.58
N ASP FA 96 -41.88 59.82 -9.00
CA ASP FA 96 -43.20 60.09 -9.49
C ASP FA 96 -43.03 61.11 -10.56
N PRO FA 97 -43.16 60.69 -11.84
CA PRO FA 97 -43.22 61.74 -12.85
C PRO FA 97 -44.43 62.64 -12.56
N THR FA 98 -45.29 62.14 -11.66
CA THR FA 98 -46.56 62.73 -11.31
C THR FA 98 -46.56 63.75 -10.15
N ASP FA 99 -45.54 63.72 -9.29
CA ASP FA 99 -45.59 64.37 -7.96
C ASP FA 99 -44.98 65.79 -7.89
N ASN FA 100 -45.79 66.75 -7.41
CA ASN FA 100 -45.48 68.20 -7.37
C ASN FA 100 -45.02 68.74 -5.99
N ASP FA 101 -44.42 67.88 -5.18
CA ASP FA 101 -43.91 68.27 -3.88
C ASP FA 101 -42.50 68.80 -4.12
N HIS FA 102 -42.40 70.06 -4.57
CA HIS FA 102 -41.10 70.67 -4.94
C HIS FA 102 -40.53 71.52 -3.78
N THR FA 103 -40.22 70.84 -2.69
CA THR FA 103 -39.78 71.44 -1.43
C THR FA 103 -38.45 70.81 -1.04
N PHE FA 104 -37.58 71.60 -0.41
CA PHE FA 104 -36.25 71.14 -0.03
C PHE FA 104 -36.31 69.75 0.53
N ASP FA 105 -37.08 69.59 1.58
CA ASP FA 105 -37.02 68.38 2.36
C ASP FA 105 -37.54 67.21 1.58
N ALA FA 106 -38.53 67.45 0.72
CA ALA FA 106 -39.03 66.39 -0.17
C ALA FA 106 -37.90 65.88 -1.08
N LEU FA 107 -37.12 66.80 -1.64
CA LEU FA 107 -35.95 66.40 -2.42
C LEU FA 107 -35.00 65.58 -1.57
N GLN FA 108 -34.52 66.15 -0.46
CA GLN FA 108 -33.51 65.49 0.39
C GLN FA 108 -33.86 64.08 0.89
N ALA FA 109 -35.17 63.79 1.03
CA ALA FA 109 -35.63 62.45 1.34
C ALA FA 109 -35.24 61.40 0.31
N THR FA 110 -35.01 61.82 -0.95
CA THR FA 110 -34.63 60.93 -2.08
C THR FA 110 -33.15 60.56 -1.99
N ARG FA 111 -32.71 59.60 -2.78
CA ARG FA 111 -31.41 58.93 -2.55
C ARG FA 111 -30.23 59.60 -3.24
N GLY FA 112 -30.48 60.14 -4.43
CA GLY FA 112 -29.41 60.85 -5.12
C GLY FA 112 -29.06 62.13 -4.39
N ALA FA 113 -30.12 62.85 -4.02
CA ALA FA 113 -30.11 64.12 -3.31
C ALA FA 113 -28.74 64.72 -2.96
N VAL FA 114 -28.35 65.78 -3.67
CA VAL FA 114 -27.14 66.56 -3.32
C VAL FA 114 -27.43 68.04 -3.02
N VAL FA 115 -26.64 68.66 -2.13
CA VAL FA 115 -26.64 70.12 -2.01
C VAL FA 115 -25.22 70.67 -2.11
N ALA FA 116 -25.11 71.91 -2.61
CA ALA FA 116 -23.80 72.52 -2.87
C ALA FA 116 -23.93 73.98 -3.30
N LYS FA 117 -22.83 74.73 -3.17
CA LYS FA 117 -22.79 76.14 -3.59
C LYS FA 117 -22.78 76.16 -5.11
N TRP FA 118 -23.31 77.23 -5.70
CA TRP FA 118 -23.47 77.25 -7.16
C TRP FA 118 -22.17 77.09 -7.94
N TRP FA 119 -21.04 77.20 -7.27
CA TRP FA 119 -19.78 77.03 -7.95
C TRP FA 119 -19.14 75.66 -7.68
N GLU FA 120 -19.99 74.69 -7.37
CA GLU FA 120 -19.57 73.31 -7.10
C GLU FA 120 -20.33 72.43 -8.09
N SER FA 121 -19.60 71.53 -8.74
CA SER FA 121 -20.21 70.53 -9.61
C SER FA 121 -20.70 69.43 -8.72
N ARG FA 122 -21.65 68.65 -9.18
CA ARG FA 122 -22.21 67.59 -8.34
C ARG FA 122 -23.01 66.56 -9.14
N THR FA 123 -22.98 65.29 -8.71
CA THR FA 123 -23.73 64.23 -9.38
C THR FA 123 -24.78 63.61 -8.46
N VAL FA 124 -26.07 63.70 -8.83
CA VAL FA 124 -27.12 62.99 -8.07
C VAL FA 124 -27.24 61.59 -8.63
N ARG FA 125 -27.35 60.60 -7.74
CA ARG FA 125 -27.42 59.19 -8.13
C ARG FA 125 -28.62 58.47 -7.55
N PRO FA 126 -29.79 58.55 -8.18
CA PRO FA 126 -30.99 58.18 -7.44
C PRO FA 126 -31.29 56.70 -7.49
N GLN FA 127 -32.32 56.30 -6.76
CA GLN FA 127 -32.90 54.97 -6.85
C GLN FA 127 -34.36 55.18 -7.25
N TYR FA 128 -34.83 54.33 -8.18
CA TYR FA 128 -35.97 54.66 -9.04
C TYR FA 128 -37.03 53.55 -9.19
N THR FA 129 -37.96 53.77 -10.10
CA THR FA 129 -38.89 52.76 -10.60
C THR FA 129 -38.22 51.39 -10.90
N ARG FA 130 -37.11 51.39 -11.64
CA ARG FA 130 -36.39 50.16 -12.07
C ARG FA 130 -37.30 49.20 -12.88
N THR FA 131 -38.28 49.79 -13.57
CA THR FA 131 -39.39 49.08 -14.19
C THR FA 131 -39.31 49.11 -15.70
N LEU FA 132 -40.21 48.36 -16.34
CA LEU FA 132 -40.36 48.36 -17.80
C LEU FA 132 -41.42 49.38 -18.26
N LEU FA 133 -40.93 50.49 -18.84
CA LEU FA 133 -41.78 51.60 -19.25
C LEU FA 133 -42.22 51.45 -20.73
N TRP FA 134 -42.35 52.57 -21.44
CA TRP FA 134 -43.08 52.64 -22.71
C TRP FA 134 -42.61 53.88 -23.51
N THR FA 135 -42.10 53.66 -24.72
CA THR FA 135 -41.40 54.71 -25.51
C THR FA 135 -42.32 55.76 -26.18
N SER FA 136 -43.63 55.46 -26.22
CA SER FA 136 -44.64 56.35 -26.78
C SER FA 136 -45.73 56.62 -25.73
N SER FA 137 -46.26 57.85 -25.72
CA SER FA 137 -47.09 58.41 -24.62
C SER FA 137 -48.20 57.53 -24.02
N GLY FA 138 -48.51 57.76 -22.74
CA GLY FA 138 -49.39 56.89 -21.98
C GLY FA 138 -50.72 57.52 -21.57
N LYS FA 139 -51.71 56.66 -21.36
CA LYS FA 139 -52.92 57.01 -20.60
C LYS FA 139 -52.69 56.74 -19.09
N GLU FA 140 -51.90 55.70 -18.78
CA GLU FA 140 -51.24 55.57 -17.46
C GLU FA 140 -49.75 55.85 -17.67
N GLN FA 141 -49.34 57.08 -17.35
CA GLN FA 141 -47.99 57.57 -17.62
C GLN FA 141 -46.95 57.11 -16.61
N ARG FA 142 -47.36 56.26 -15.67
CA ARG FA 142 -46.45 55.68 -14.69
C ARG FA 142 -45.35 54.88 -15.40
N LEU FA 143 -45.64 54.39 -16.61
CA LEU FA 143 -44.69 53.62 -17.41
C LEU FA 143 -44.18 54.36 -18.70
N THR FA 144 -44.13 55.70 -18.72
CA THR FA 144 -43.50 56.39 -19.88
C THR FA 144 -42.39 57.41 -19.53
N SER FA 145 -42.12 57.58 -18.23
CA SER FA 145 -41.04 58.44 -17.73
C SER FA 145 -40.65 57.90 -16.34
N PRO FA 146 -39.34 57.72 -16.06
CA PRO FA 146 -38.93 57.10 -14.79
C PRO FA 146 -38.97 58.02 -13.55
N GLY FA 147 -39.24 59.30 -13.76
CA GLY FA 147 -39.35 60.27 -12.70
C GLY FA 147 -39.05 61.64 -13.26
N ARG FA 148 -38.71 62.57 -12.39
CA ARG FA 148 -38.32 63.88 -12.87
C ARG FA 148 -37.23 64.41 -11.97
N LEU FA 149 -36.47 65.34 -12.53
CA LEU FA 149 -35.25 65.86 -11.94
C LEU FA 149 -35.51 67.31 -11.57
N ILE FA 150 -35.42 67.62 -10.28
CA ILE FA 150 -35.65 68.97 -9.77
C ILE FA 150 -34.34 69.58 -9.29
N LEU FA 151 -34.27 70.90 -9.36
CA LEU FA 151 -33.15 71.64 -8.83
C LEU FA 151 -33.82 72.83 -8.19
N LEU FA 152 -33.56 73.04 -6.90
CA LEU FA 152 -34.12 74.18 -6.16
C LEU FA 152 -33.01 75.08 -5.69
N CYS FA 153 -33.33 76.33 -5.40
CA CYS FA 153 -32.34 77.20 -4.79
C CYS FA 153 -32.15 76.94 -3.30
N VAL FA 154 -30.98 77.32 -2.82
CA VAL FA 154 -30.67 77.42 -1.41
C VAL FA 154 -29.94 78.74 -1.23
N GLY FA 155 -30.46 79.56 -0.32
CA GLY FA 155 -29.99 80.94 -0.20
C GLY FA 155 -30.23 81.65 -1.51
N ASN FA 156 -29.64 82.82 -1.66
CA ASN FA 156 -29.86 83.60 -2.88
C ASN FA 156 -28.57 83.91 -3.62
N ASN FA 157 -28.65 83.84 -4.94
CA ASN FA 157 -27.46 83.93 -5.79
C ASN FA 157 -27.09 85.37 -6.12
N THR FA 158 -25.81 85.67 -5.93
CA THR FA 158 -25.28 87.01 -5.95
C THR FA 158 -24.75 87.30 -7.33
N ASP FA 159 -24.72 86.28 -8.17
CA ASP FA 159 -24.15 86.44 -9.48
C ASP FA 159 -24.99 85.59 -10.43
N VAL FA 160 -24.74 85.76 -11.72
CA VAL FA 160 -25.47 85.02 -12.74
C VAL FA 160 -24.93 83.61 -12.94
N VAL FA 161 -25.86 82.66 -12.85
CA VAL FA 161 -25.55 81.25 -12.95
C VAL FA 161 -26.08 80.73 -14.29
N ASN FA 162 -25.24 79.94 -14.97
CA ASN FA 162 -25.70 79.21 -16.12
C ASN FA 162 -25.65 77.75 -15.78
N VAL FA 163 -26.77 77.25 -15.25
CA VAL FA 163 -26.82 75.85 -14.84
C VAL FA 163 -27.33 74.96 -15.97
N SER FA 164 -26.60 73.86 -16.20
CA SER FA 164 -26.88 72.96 -17.29
C SER FA 164 -26.85 71.58 -16.66
N VAL FA 165 -27.97 70.85 -16.66
CA VAL FA 165 -27.97 69.51 -16.02
C VAL FA 165 -27.89 68.41 -17.08
N LEU FA 166 -27.09 67.40 -16.78
CA LEU FA 166 -26.84 66.30 -17.68
C LEU FA 166 -27.33 65.03 -17.04
N CYS FA 167 -28.08 64.27 -17.80
CA CYS FA 167 -28.47 62.95 -17.37
C CYS FA 167 -27.56 61.95 -18.04
N ARG FA 168 -26.79 61.16 -17.32
CA ARG FA 168 -26.18 59.99 -17.93
C ARG FA 168 -27.16 58.86 -17.73
N TRP FA 169 -27.37 58.07 -18.77
CA TRP FA 169 -28.38 57.01 -18.75
C TRP FA 169 -27.88 55.78 -19.44
N SER FA 170 -28.18 54.62 -18.90
CA SER FA 170 -28.13 53.38 -19.67
C SER FA 170 -29.49 52.72 -19.61
N VAL FA 171 -29.90 52.12 -20.73
CA VAL FA 171 -31.29 51.73 -20.94
C VAL FA 171 -31.32 50.52 -21.84
N ARG FA 172 -32.23 49.58 -21.56
CA ARG FA 172 -32.45 48.41 -22.43
C ARG FA 172 -33.85 48.42 -23.04
N LEU FA 173 -33.89 48.43 -24.39
CA LEU FA 173 -35.10 48.63 -25.19
C LEU FA 173 -35.71 47.29 -25.52
N SER FA 174 -37.03 47.26 -25.69
CA SER FA 174 -37.80 46.03 -25.48
C SER FA 174 -38.33 45.35 -26.73
N VAL FA 175 -39.40 45.87 -27.33
CA VAL FA 175 -40.08 45.09 -28.35
C VAL FA 175 -40.16 45.79 -29.72
N PRO FA 176 -39.55 45.18 -30.75
CA PRO FA 176 -39.42 45.82 -32.06
C PRO FA 176 -40.70 46.46 -32.63
N SER FA 177 -40.53 47.54 -33.38
CA SER FA 177 -41.66 48.36 -33.78
C SER FA 177 -41.19 49.52 -34.69
N LEU FA 178 -42.11 50.42 -35.07
CA LEU FA 178 -41.80 51.55 -35.96
C LEU FA 178 -42.82 52.71 -35.84
N GLU FA 179 -42.85 53.34 -34.67
CA GLU FA 179 -43.79 54.42 -34.40
C GLU FA 179 -43.29 55.71 -35.05
N ASN FA 180 -44.19 56.47 -35.66
CA ASN FA 180 -43.87 57.85 -36.09
C ASN FA 180 -43.68 58.79 -34.88
N THR GA 18 -49.18 23.65 -7.80
CA THR GA 18 -49.28 25.12 -7.81
C THR GA 18 -50.75 25.57 -7.97
N ASN GA 19 -51.01 26.83 -7.62
CA ASN GA 19 -52.36 27.40 -7.73
C ASN GA 19 -52.73 27.81 -9.16
N ASP GA 20 -51.72 27.95 -10.03
CA ASP GA 20 -51.92 28.39 -11.42
C ASP GA 20 -52.45 27.29 -12.33
N VAL GA 21 -53.39 27.67 -13.19
CA VAL GA 21 -54.10 26.75 -14.08
C VAL GA 21 -53.75 27.03 -15.54
N HIS GA 22 -53.18 26.04 -16.22
CA HIS GA 22 -52.76 26.18 -17.61
C HIS GA 22 -53.84 25.70 -18.62
N LEU GA 23 -54.29 26.61 -19.47
CA LEU GA 23 -55.24 26.32 -20.55
C LEU GA 23 -54.60 26.52 -21.93
N SER GA 24 -54.96 25.67 -22.88
CA SER GA 24 -54.47 25.77 -24.24
C SER GA 24 -55.59 25.51 -25.20
N GLY GA 25 -55.51 26.12 -26.38
CA GLY GA 25 -56.51 25.92 -27.41
C GLY GA 25 -56.12 26.56 -28.73
N MET GA 26 -57.04 26.54 -29.69
CA MET GA 26 -56.84 27.22 -30.96
C MET GA 26 -58.19 27.60 -31.52
N SER GA 27 -58.37 28.88 -31.84
CA SER GA 27 -59.70 29.42 -32.11
C SER GA 27 -59.67 30.31 -33.34
N ARG GA 28 -60.80 30.43 -34.02
CA ARG GA 28 -60.91 31.36 -35.13
C ARG GA 28 -61.19 32.77 -34.62
N ILE GA 29 -60.15 33.59 -34.68
CA ILE GA 29 -60.20 35.02 -34.36
C ILE GA 29 -61.16 35.78 -35.27
N SER GA 30 -61.13 35.49 -36.57
CA SER GA 30 -61.99 36.19 -37.51
C SER GA 30 -62.10 35.47 -38.83
N GLN GA 31 -63.05 35.92 -39.63
CA GLN GA 31 -63.28 35.38 -40.95
C GLN GA 31 -63.76 36.49 -41.84
N ALA GA 32 -62.95 36.84 -42.82
CA ALA GA 32 -63.29 37.87 -43.77
C ALA GA 32 -63.46 37.26 -45.14
N VAL GA 33 -64.41 37.80 -45.90
CA VAL GA 33 -64.60 37.40 -47.29
C VAL GA 33 -64.25 38.61 -48.12
N LEU GA 34 -63.28 38.44 -49.01
CA LEU GA 34 -62.74 39.54 -49.77
C LEU GA 34 -63.14 39.33 -51.20
N PRO GA 35 -64.09 40.13 -51.71
CA PRO GA 35 -64.62 39.87 -53.04
C PRO GA 35 -63.66 40.06 -54.21
N ALA GA 36 -64.14 39.72 -55.39
CA ALA GA 36 -63.29 39.41 -56.53
C ALA GA 36 -62.16 40.38 -56.78
N GLY GA 37 -62.38 41.68 -56.67
CA GLY GA 37 -61.34 42.63 -57.04
C GLY GA 37 -61.04 43.73 -56.04
N THR GA 38 -61.45 43.54 -54.79
CA THR GA 38 -61.58 44.68 -53.88
C THR GA 38 -60.40 44.94 -52.94
N GLY GA 39 -59.35 44.13 -53.01
CA GLY GA 39 -58.17 44.36 -52.17
C GLY GA 39 -57.19 45.28 -52.88
N THR GA 40 -56.41 46.04 -52.11
CA THR GA 40 -55.29 46.82 -52.68
C THR GA 40 -54.27 47.15 -51.63
N ASP GA 41 -53.04 47.42 -52.04
CA ASP GA 41 -51.97 47.70 -51.10
C ASP GA 41 -52.49 48.48 -49.92
N GLY GA 42 -52.43 47.86 -48.74
CA GLY GA 42 -52.76 48.54 -47.48
C GLY GA 42 -54.17 48.33 -46.95
N TYR GA 43 -55.04 47.70 -47.74
CA TYR GA 43 -56.41 47.45 -47.31
C TYR GA 43 -56.44 46.53 -46.09
N VAL GA 44 -57.03 47.00 -45.00
CA VAL GA 44 -57.12 46.20 -43.79
C VAL GA 44 -58.24 45.19 -43.92
N VAL GA 45 -57.91 43.90 -43.97
CA VAL GA 45 -58.93 42.87 -44.10
C VAL GA 45 -59.29 42.23 -42.77
N VAL GA 46 -58.37 42.28 -41.80
CA VAL GA 46 -58.62 41.79 -40.44
C VAL GA 46 -57.90 42.70 -39.46
N ASP GA 47 -58.59 43.04 -38.38
CA ASP GA 47 -58.02 43.85 -37.33
C ASP GA 47 -58.70 43.42 -36.06
N ALA GA 48 -58.09 42.47 -35.37
CA ALA GA 48 -58.73 41.82 -34.24
C ALA GA 48 -57.94 42.04 -32.97
N THR GA 49 -58.56 42.72 -32.01
CA THR GA 49 -57.95 42.92 -30.72
C THR GA 49 -58.17 41.69 -29.85
N ILE GA 50 -57.08 41.16 -29.31
CA ILE GA 50 -57.09 39.86 -28.67
C ILE GA 50 -57.58 39.93 -27.23
N VAL GA 51 -58.80 39.45 -27.02
CA VAL GA 51 -59.46 39.45 -25.71
C VAL GA 51 -59.93 38.03 -25.45
N PRO GA 52 -60.05 37.63 -24.18
CA PRO GA 52 -60.49 36.26 -23.90
C PRO GA 52 -61.86 35.94 -24.47
N ASP GA 53 -62.75 36.93 -24.59
CA ASP GA 53 -64.06 36.72 -25.19
C ASP GA 53 -63.99 36.24 -26.63
N LEU GA 54 -62.90 36.59 -27.32
CA LEU GA 54 -62.71 36.28 -28.74
C LEU GA 54 -62.31 34.82 -28.95
N LEU GA 55 -61.63 34.24 -27.98
CA LEU GA 55 -61.26 32.82 -27.99
C LEU GA 55 -62.28 32.04 -27.18
N PRO GA 56 -63.19 31.31 -27.84
CA PRO GA 56 -64.41 30.91 -27.14
C PRO GA 56 -64.19 30.06 -25.87
N ARG GA 57 -63.30 29.06 -25.93
CA ARG GA 57 -62.98 28.23 -24.75
C ARG GA 57 -62.37 29.06 -23.62
N LEU GA 58 -61.50 30.00 -23.97
CA LEU GA 58 -60.92 30.89 -22.98
C LEU GA 58 -61.97 31.87 -22.48
N GLY GA 59 -62.90 32.24 -23.35
CA GLY GA 59 -64.02 33.11 -22.98
C GLY GA 59 -64.78 32.60 -21.78
N HIS GA 60 -64.94 31.28 -21.70
CA HIS GA 60 -65.64 30.64 -20.58
C HIS GA 60 -64.78 30.64 -19.32
N ALA GA 61 -63.51 30.26 -19.45
CA ALA GA 61 -62.58 30.24 -18.32
C ALA GA 61 -62.23 31.64 -17.83
N ALA GA 62 -62.51 32.64 -18.65
CA ALA GA 62 -62.37 34.04 -18.25
C ALA GA 62 -63.30 34.43 -17.11
N ARG GA 63 -64.44 33.76 -17.00
CA ARG GA 63 -65.42 34.07 -15.95
C ARG GA 63 -65.19 33.32 -14.64
N ILE GA 64 -64.16 32.48 -14.60
CA ILE GA 64 -63.86 31.66 -13.42
C ILE GA 64 -62.69 32.25 -12.67
N PHE GA 65 -61.72 32.75 -13.42
CA PHE GA 65 -60.57 33.43 -12.85
C PHE GA 65 -60.68 34.91 -13.17
N GLN GA 66 -59.70 35.67 -12.70
CA GLN GA 66 -59.77 37.11 -12.82
C GLN GA 66 -58.57 37.74 -13.51
N ARG GA 67 -57.39 37.15 -13.35
CA ARG GA 67 -56.24 37.56 -14.15
C ARG GA 67 -55.69 36.38 -14.96
N TYR GA 68 -55.42 36.64 -16.25
CA TYR GA 68 -54.83 35.65 -17.15
C TYR GA 68 -53.52 36.16 -17.67
N ALA GA 69 -52.55 35.26 -17.85
CA ALA GA 69 -51.25 35.62 -18.40
C ALA GA 69 -50.87 34.73 -19.60
N VAL GA 70 -50.44 35.36 -20.68
CA VAL GA 70 -50.29 34.68 -21.96
C VAL GA 70 -48.93 34.05 -22.07
N GLU GA 71 -48.90 32.73 -22.25
CA GLU GA 71 -47.66 31.96 -22.25
C GLU GA 71 -47.15 31.61 -23.66
N THR GA 72 -48.06 31.25 -24.58
CA THR GA 72 -47.71 31.16 -26.02
C THR GA 72 -48.82 31.68 -26.95
N LEU GA 73 -48.42 32.43 -27.98
CA LEU GA 73 -49.34 32.97 -28.97
C LEU GA 73 -48.80 32.74 -30.34
N GLU GA 74 -49.65 32.25 -31.22
CA GLU GA 74 -49.35 32.18 -32.66
C GLU GA 74 -50.65 32.39 -33.41
N PHE GA 75 -50.52 32.88 -34.64
CA PHE GA 75 -51.67 33.09 -35.49
C PHE GA 75 -51.43 32.39 -36.80
N GLU GA 76 -52.39 31.58 -37.19
CA GLU GA 76 -52.32 30.83 -38.42
C GLU GA 76 -53.24 31.49 -39.40
N ILE GA 77 -52.66 32.04 -40.47
CA ILE GA 77 -53.43 32.69 -41.52
C ILE GA 77 -53.84 31.59 -42.53
N GLN GA 78 -55.13 31.48 -42.72
CA GLN GA 78 -55.65 30.41 -43.52
C GLN GA 78 -56.61 30.95 -44.59
N PRO GA 79 -56.04 31.53 -45.66
CA PRO GA 79 -56.80 32.09 -46.75
C PRO GA 79 -57.19 31.01 -47.72
N MET GA 80 -58.40 31.13 -48.25
CA MET GA 80 -58.98 30.07 -49.06
C MET GA 80 -59.46 30.62 -50.37
N CYS GA 81 -58.69 30.31 -51.40
CA CYS GA 81 -58.92 30.85 -52.71
C CYS GA 81 -58.25 29.95 -53.73
N PRO GA 82 -58.53 30.16 -55.02
CA PRO GA 82 -57.89 29.29 -55.98
C PRO GA 82 -56.43 29.65 -56.14
N ALA GA 83 -55.64 28.69 -56.60
CA ALA GA 83 -54.20 28.86 -56.82
C ALA GA 83 -53.88 29.89 -57.91
N ASN GA 84 -54.89 30.29 -58.66
CA ASN GA 84 -54.76 31.33 -59.68
C ASN GA 84 -55.12 32.73 -59.21
N THR GA 85 -54.86 33.01 -57.94
CA THR GA 85 -55.19 34.30 -57.38
C THR GA 85 -53.93 35.13 -57.34
N GLY GA 86 -54.02 36.36 -57.84
CA GLY GA 86 -52.91 37.33 -57.82
C GLY GA 86 -52.92 38.01 -56.48
N GLY GA 87 -52.63 37.25 -55.46
CA GLY GA 87 -52.95 37.69 -54.15
C GLY GA 87 -51.81 38.41 -53.50
N GLY GA 88 -51.78 38.32 -52.18
CA GLY GA 88 -50.77 38.96 -51.39
C GLY GA 88 -51.33 39.49 -50.10
N TYR GA 89 -50.70 39.11 -49.00
CA TYR GA 89 -51.01 39.70 -47.71
C TYR GA 89 -49.79 39.85 -46.84
N VAL GA 90 -49.87 40.77 -45.90
CA VAL GA 90 -48.91 40.83 -44.80
C VAL GA 90 -49.73 40.72 -43.54
N ALA GA 91 -49.28 39.86 -42.63
CA ALA GA 91 -49.95 39.63 -41.36
C ALA GA 91 -48.95 39.85 -40.24
N GLY GA 92 -49.40 40.54 -39.19
CA GLY GA 92 -48.51 40.84 -38.09
C GLY GA 92 -49.29 41.08 -36.82
N PHE GA 93 -48.63 40.81 -35.70
CA PHE GA 93 -49.25 41.03 -34.39
C PHE GA 93 -48.51 42.13 -33.65
N LEU GA 94 -49.12 43.32 -33.56
CA LEU GA 94 -48.54 44.39 -32.75
C LEU GA 94 -49.04 44.29 -31.31
N PRO GA 95 -48.09 44.32 -30.33
CA PRO GA 95 -48.36 44.12 -28.91
C PRO GA 95 -49.12 45.20 -28.12
N ASP GA 96 -49.60 46.27 -28.73
CA ASP GA 96 -50.51 47.17 -28.03
C ASP GA 96 -51.90 47.04 -28.58
N PRO GA 97 -52.86 46.71 -27.73
CA PRO GA 97 -54.22 46.85 -28.23
C PRO GA 97 -54.53 48.32 -28.57
N THR GA 98 -53.73 49.22 -28.03
CA THR GA 98 -53.91 50.67 -28.14
C THR GA 98 -53.90 51.21 -29.57
N ASP GA 99 -52.79 51.06 -30.28
CA ASP GA 99 -52.54 51.92 -31.45
C ASP GA 99 -52.99 51.40 -32.82
N ASN GA 100 -53.42 52.37 -33.64
CA ASN GA 100 -54.01 52.15 -34.96
C ASN GA 100 -53.02 52.25 -36.13
N ASP GA 101 -51.73 52.07 -35.87
CA ASP GA 101 -50.72 52.19 -36.94
C ASP GA 101 -50.76 50.94 -37.84
N HIS GA 102 -51.68 50.94 -38.81
CA HIS GA 102 -51.92 49.77 -39.66
C HIS GA 102 -51.34 49.93 -41.08
N THR GA 103 -50.03 50.08 -41.13
CA THR GA 103 -49.29 50.20 -42.38
C THR GA 103 -48.36 48.99 -42.54
N PHE GA 104 -48.02 48.66 -43.78
CA PHE GA 104 -47.16 47.52 -44.05
C PHE GA 104 -45.88 47.57 -43.22
N ASP GA 105 -45.17 48.68 -43.30
CA ASP GA 105 -43.85 48.77 -42.66
C ASP GA 105 -43.95 48.57 -41.17
N ALA GA 106 -45.03 49.06 -40.58
CA ALA GA 106 -45.26 48.91 -39.15
C ALA GA 106 -45.54 47.47 -38.76
N LEU GA 107 -46.28 46.75 -39.59
CA LEU GA 107 -46.46 45.31 -39.39
C LEU GA 107 -45.17 44.54 -39.53
N GLN GA 108 -44.44 44.80 -40.61
CA GLN GA 108 -43.18 44.08 -40.88
C GLN GA 108 -42.14 44.32 -39.83
N ALA GA 109 -42.27 45.41 -39.08
CA ALA GA 109 -41.37 45.71 -37.97
C ALA GA 109 -41.51 44.74 -36.80
N THR GA 110 -42.70 44.13 -36.65
CA THR GA 110 -42.98 43.17 -35.57
C THR GA 110 -42.31 41.84 -35.87
N ARG GA 111 -42.33 40.90 -34.91
CA ARG GA 111 -41.45 39.72 -35.00
C ARG GA 111 -42.10 38.64 -35.79
N GLY GA 112 -43.37 38.39 -35.52
CA GLY GA 112 -44.08 37.33 -36.22
C GLY GA 112 -44.15 37.54 -37.71
N ALA GA 113 -44.15 38.81 -38.11
CA ALA GA 113 -44.59 39.28 -39.42
C ALA GA 113 -44.27 38.35 -40.56
N VAL GA 114 -45.32 38.03 -41.32
CA VAL GA 114 -45.22 37.19 -42.51
C VAL GA 114 -45.90 37.83 -43.72
N VAL GA 115 -45.34 37.59 -44.90
CA VAL GA 115 -45.99 37.96 -46.15
C VAL GA 115 -46.01 36.78 -47.10
N ALA GA 116 -47.08 36.69 -47.89
CA ALA GA 116 -47.33 35.54 -48.75
C ALA GA 116 -48.43 35.84 -49.75
N LYS GA 117 -48.48 35.04 -50.80
CA LYS GA 117 -49.55 35.14 -51.79
C LYS GA 117 -50.79 34.53 -51.19
N TRP GA 118 -51.97 34.95 -51.64
CA TRP GA 118 -53.20 34.54 -50.96
C TRP GA 118 -53.48 33.04 -51.00
N TRP GA 119 -52.81 32.31 -51.88
CA TRP GA 119 -52.96 30.87 -51.90
C TRP GA 119 -51.86 30.13 -51.10
N GLU GA 120 -51.35 30.79 -50.07
CA GLU GA 120 -50.31 30.21 -49.25
C GLU GA 120 -50.70 30.43 -47.80
N SER GA 121 -50.79 29.33 -47.03
CA SER GA 121 -51.02 29.38 -45.58
C SER GA 121 -49.76 29.87 -44.94
N ARG GA 122 -49.89 30.42 -43.73
CA ARG GA 122 -48.76 31.05 -43.08
C ARG GA 122 -49.01 31.25 -41.60
N THR GA 123 -47.94 31.23 -40.82
CA THR GA 123 -48.06 31.34 -39.37
C THR GA 123 -47.20 32.45 -38.81
N VAL GA 124 -47.82 33.37 -38.09
CA VAL GA 124 -47.07 34.45 -37.43
C VAL GA 124 -46.82 34.02 -36.00
N ARG GA 125 -45.54 34.08 -35.61
CA ARG GA 125 -45.05 33.70 -34.30
C ARG GA 125 -44.52 34.93 -33.62
N PRO GA 126 -45.40 35.71 -32.98
CA PRO GA 126 -44.95 37.00 -32.51
C PRO GA 126 -44.25 36.91 -31.16
N GLN GA 127 -43.69 38.05 -30.76
CA GLN GA 127 -43.22 38.27 -29.40
C GLN GA 127 -44.11 39.37 -28.86
N TYR GA 128 -44.47 39.21 -27.59
CA TYR GA 128 -45.60 39.93 -26.98
C TYR GA 128 -45.22 40.40 -25.58
N THR GA 129 -46.19 40.95 -24.87
CA THR GA 129 -46.02 41.39 -23.49
C THR GA 129 -45.41 40.32 -22.54
N ARG GA 130 -45.90 39.08 -22.61
CA ARG GA 130 -45.39 37.95 -21.79
C ARG GA 130 -45.67 38.18 -20.29
N THR GA 131 -46.65 39.03 -19.98
CA THR GA 131 -46.86 39.57 -18.65
C THR GA 131 -48.24 39.20 -18.12
N LEU GA 132 -48.49 39.50 -16.84
CA LEU GA 132 -49.82 39.32 -16.24
C LEU GA 132 -50.81 40.33 -16.78
N LEU GA 133 -52.04 39.87 -16.98
CA LEU GA 133 -53.08 40.69 -17.55
C LEU GA 133 -54.32 40.60 -16.68
N TRP GA 134 -55.48 40.90 -17.27
CA TRP GA 134 -56.76 41.02 -16.57
C TRP GA 134 -57.89 40.47 -17.42
N THR GA 135 -58.69 39.56 -16.86
CA THR GA 135 -59.72 38.88 -17.67
C THR GA 135 -60.95 39.73 -17.96
N SER GA 136 -61.01 40.94 -17.41
CA SER GA 136 -62.11 41.86 -17.69
C SER GA 136 -61.62 43.32 -17.82
N SER GA 137 -62.44 44.15 -18.48
CA SER GA 137 -62.07 45.53 -18.89
C SER GA 137 -61.49 46.41 -17.77
N GLY GA 138 -60.61 47.33 -18.14
CA GLY GA 138 -59.95 48.22 -17.20
C GLY GA 138 -59.97 49.65 -17.68
N LYS GA 139 -59.64 50.58 -16.78
CA LYS GA 139 -59.50 52.00 -17.11
C LYS GA 139 -58.25 52.17 -18.00
N GLU GA 140 -57.19 51.43 -17.66
CA GLU GA 140 -55.98 51.30 -18.49
C GLU GA 140 -56.01 49.91 -19.15
N GLN GA 141 -56.16 49.89 -20.47
CA GLN GA 141 -56.32 48.63 -21.21
C GLN GA 141 -55.00 47.96 -21.65
N ARG GA 142 -53.88 48.43 -21.11
CA ARG GA 142 -52.58 47.80 -21.32
C ARG GA 142 -52.53 46.43 -20.64
N LEU GA 143 -53.43 46.20 -19.68
CA LEU GA 143 -53.47 44.93 -18.93
C LEU GA 143 -54.71 44.05 -19.21
N THR GA 144 -55.54 44.40 -20.20
CA THR GA 144 -56.72 43.56 -20.54
C THR GA 144 -56.61 42.76 -21.87
N SER GA 145 -55.63 43.10 -22.72
CA SER GA 145 -55.37 42.43 -24.01
C SER GA 145 -53.87 42.47 -24.34
N PRO GA 146 -53.30 41.37 -24.88
CA PRO GA 146 -51.86 41.31 -25.08
C PRO GA 146 -51.38 41.93 -26.41
N GLY GA 147 -52.34 42.35 -27.24
CA GLY GA 147 -52.05 42.95 -28.53
C GLY GA 147 -53.18 42.75 -29.50
N ARG GA 148 -52.89 42.94 -30.78
CA ARG GA 148 -53.90 42.74 -31.80
C ARG GA 148 -53.31 42.27 -33.12
N LEU GA 149 -54.10 41.49 -33.85
CA LEU GA 149 -53.64 40.82 -35.07
C LEU GA 149 -54.17 41.55 -36.26
N ILE GA 150 -53.27 42.00 -37.12
CA ILE GA 150 -53.66 42.77 -38.30
C ILE GA 150 -53.29 42.02 -39.56
N LEU GA 151 -54.18 42.09 -40.54
CA LEU GA 151 -53.96 41.43 -41.81
C LEU GA 151 -54.23 42.44 -42.90
N LEU GA 152 -53.19 42.68 -43.71
CA LEU GA 152 -53.22 43.69 -44.78
C LEU GA 152 -53.08 43.06 -46.16
N CYS GA 153 -53.76 43.67 -47.13
CA CYS GA 153 -53.59 43.31 -48.51
C CYS GA 153 -52.25 43.79 -49.04
N VAL GA 154 -51.66 42.96 -49.88
CA VAL GA 154 -50.51 43.32 -50.69
C VAL GA 154 -50.97 43.06 -52.12
N GLY GA 155 -50.68 44.02 -52.99
CA GLY GA 155 -51.20 43.97 -54.35
C GLY GA 155 -52.69 43.84 -54.26
N ASN GA 156 -53.31 43.36 -55.33
CA ASN GA 156 -54.78 43.26 -55.38
C ASN GA 156 -55.25 41.91 -55.92
N ASN GA 157 -56.19 41.30 -55.20
CA ASN GA 157 -56.65 39.94 -55.49
C ASN GA 157 -57.47 39.80 -56.76
N THR GA 158 -57.10 38.80 -57.58
CA THR GA 158 -57.78 38.46 -58.82
C THR GA 158 -59.09 37.76 -58.57
N ASP GA 159 -59.23 37.18 -57.39
CA ASP GA 159 -60.29 36.25 -57.16
C ASP GA 159 -60.81 36.39 -55.75
N VAL GA 160 -61.89 35.68 -55.43
CA VAL GA 160 -62.51 35.79 -54.13
C VAL GA 160 -61.68 35.01 -53.13
N VAL GA 161 -61.45 35.64 -51.98
CA VAL GA 161 -60.67 35.04 -50.89
C VAL GA 161 -61.52 34.93 -49.63
N ASN GA 162 -61.52 33.76 -49.00
CA ASN GA 162 -62.25 33.57 -47.77
C ASN GA 162 -61.25 33.30 -46.67
N VAL GA 163 -60.63 34.37 -46.19
CA VAL GA 163 -59.60 34.25 -45.17
C VAL GA 163 -60.15 34.06 -43.77
N SER GA 164 -59.61 33.09 -43.05
CA SER GA 164 -59.96 32.86 -41.66
C SER GA 164 -58.64 32.86 -40.94
N VAL GA 165 -58.46 33.72 -39.95
CA VAL GA 165 -57.23 33.64 -39.12
C VAL GA 165 -57.54 32.87 -37.85
N LEU GA 166 -56.57 32.09 -37.41
CA LEU GA 166 -56.75 31.26 -36.23
C LEU GA 166 -55.67 31.60 -35.26
N CYS GA 167 -56.04 31.71 -33.99
CA CYS GA 167 -55.10 32.01 -32.95
C CYS GA 167 -54.90 30.76 -32.16
N ARG GA 168 -53.67 30.26 -32.08
CA ARG GA 168 -53.37 29.19 -31.15
C ARG GA 168 -52.73 29.84 -29.95
N TRP GA 169 -53.19 29.42 -28.78
CA TRP GA 169 -52.91 30.11 -27.54
C TRP GA 169 -52.67 29.14 -26.38
N SER GA 170 -51.78 29.55 -25.50
CA SER GA 170 -51.52 28.85 -24.27
C SER GA 170 -51.44 29.89 -23.17
N VAL GA 171 -52.25 29.71 -22.15
CA VAL GA 171 -52.50 30.75 -21.16
C VAL GA 171 -52.40 30.14 -19.76
N ARG GA 172 -51.86 30.89 -18.80
CA ARG GA 172 -51.98 30.48 -17.39
C ARG GA 172 -52.87 31.44 -16.58
N LEU GA 173 -53.91 30.88 -15.96
CA LEU GA 173 -54.96 31.62 -15.28
C LEU GA 173 -54.77 31.68 -13.77
N SER GA 174 -55.25 32.77 -13.16
CA SER GA 174 -54.96 33.08 -11.76
C SER GA 174 -56.14 33.76 -11.04
N VAL GA 175 -55.97 33.91 -9.73
CA VAL GA 175 -57.03 34.28 -8.76
C VAL GA 175 -58.47 33.89 -9.13
N PRO GA 176 -58.98 32.83 -8.50
CA PRO GA 176 -60.37 32.40 -8.59
C PRO GA 176 -61.38 33.51 -8.35
N SER GA 177 -62.56 33.38 -8.93
CA SER GA 177 -63.50 34.47 -9.04
C SER GA 177 -64.75 33.96 -9.72
N LEU GA 178 -65.74 34.84 -9.95
CA LEU GA 178 -66.93 34.45 -10.69
C LEU GA 178 -67.71 35.67 -11.20
N GLU GA 179 -67.56 36.00 -12.48
CA GLU GA 179 -68.23 37.17 -13.05
C GLU GA 179 -69.47 36.80 -13.86
N ASN GA 180 -70.63 37.22 -13.33
CA ASN GA 180 -71.95 36.94 -13.89
C ASN GA 180 -72.61 38.20 -14.47
N THR HA 18 -8.13 48.50 19.40
CA THR HA 18 -9.42 48.88 20.07
C THR HA 18 -9.43 50.37 20.49
N ASN HA 19 -10.63 50.98 20.50
CA ASN HA 19 -10.79 52.37 20.91
C ASN HA 19 -11.15 52.53 22.40
N ASP HA 20 -10.94 51.46 23.17
CA ASP HA 20 -11.14 51.42 24.64
C ASP HA 20 -9.83 51.40 25.39
N VAL HA 21 -9.58 52.46 26.16
CA VAL HA 21 -8.43 52.51 27.04
C VAL HA 21 -8.73 51.71 28.30
N HIS HA 22 -7.69 51.14 28.91
CA HIS HA 22 -7.79 50.45 30.19
C HIS HA 22 -6.93 51.16 31.23
N LEU HA 23 -7.57 51.60 32.32
CA LEU HA 23 -6.90 52.24 33.46
C LEU HA 23 -7.07 51.39 34.74
N SER HA 24 -6.00 51.34 35.55
CA SER HA 24 -5.96 50.60 36.79
C SER HA 24 -5.24 51.42 37.82
N GLY HA 25 -5.70 51.34 39.04
CA GLY HA 25 -4.96 51.93 40.15
C GLY HA 25 -5.54 51.51 41.48
N MET HA 26 -5.26 52.31 42.50
CA MET HA 26 -5.83 52.12 43.81
C MET HA 26 -5.73 53.43 44.55
N SER HA 27 -6.84 53.91 45.11
CA SER HA 27 -6.90 55.28 45.62
C SER HA 27 -7.55 55.32 47.01
N ARG HA 28 -7.30 56.38 47.79
CA ARG HA 28 -7.97 56.50 49.10
C ARG HA 28 -9.35 57.12 48.96
N ILE HA 29 -10.38 56.31 49.21
CA ILE HA 29 -11.77 56.73 49.15
C ILE HA 29 -12.16 57.65 50.30
N SER HA 30 -11.72 57.32 51.51
CA SER HA 30 -12.13 58.09 52.66
C SER HA 30 -11.22 57.81 53.82
N GLN HA 31 -11.15 58.77 54.73
CA GLN HA 31 -10.40 58.62 55.94
C GLN HA 31 -11.29 59.15 57.03
N ALA HA 32 -11.70 58.27 57.93
CA ALA HA 32 -12.47 58.66 59.09
C ALA HA 32 -11.60 58.49 60.33
N VAL HA 33 -11.75 59.45 61.24
CA VAL HA 33 -11.15 59.34 62.56
C VAL HA 33 -12.32 59.14 63.55
N LEU HA 34 -12.16 58.17 64.44
CA LEU HA 34 -13.22 57.70 65.29
C LEU HA 34 -12.72 57.69 66.72
N PRO HA 35 -13.17 58.66 67.54
CA PRO HA 35 -12.58 58.79 68.89
C PRO HA 35 -12.88 57.67 69.89
N ALA HA 36 -12.38 57.88 71.10
CA ALA HA 36 -12.13 56.84 72.07
C ALA HA 36 -13.27 55.90 72.37
N GLY HA 37 -14.51 56.35 72.33
CA GLY HA 37 -15.62 55.45 72.64
C GLY HA 37 -16.89 55.74 71.90
N THR HA 38 -16.77 56.14 70.63
CA THR HA 38 -17.89 56.74 69.90
C THR HA 38 -18.48 55.84 68.79
N GLY HA 39 -17.88 54.67 68.56
CA GLY HA 39 -18.54 53.63 67.76
C GLY HA 39 -19.67 52.99 68.53
N THR HA 40 -20.60 52.36 67.82
CA THR HA 40 -21.63 51.54 68.46
C THR HA 40 -22.35 50.80 67.38
N ASP HA 41 -22.66 49.53 67.60
CA ASP HA 41 -23.44 48.78 66.64
C ASP HA 41 -24.21 49.75 65.75
N GLY HA 42 -23.91 49.71 64.45
CA GLY HA 42 -24.77 50.36 63.47
C GLY HA 42 -24.33 51.74 63.09
N TYR HA 43 -23.46 52.33 63.89
CA TYR HA 43 -22.91 53.65 63.60
C TYR HA 43 -22.24 53.63 62.24
N VAL HA 44 -22.51 54.65 61.42
CA VAL HA 44 -21.98 54.70 60.05
C VAL HA 44 -20.69 55.53 59.98
N VAL HA 45 -19.58 54.86 59.73
CA VAL HA 45 -18.29 55.52 59.78
C VAL HA 45 -17.85 55.97 58.40
N VAL HA 46 -18.30 55.30 57.36
CA VAL HA 46 -18.00 55.71 56.00
C VAL HA 46 -19.19 55.39 55.12
N ASP HA 47 -19.57 56.35 54.29
CA ASP HA 47 -20.52 56.12 53.25
C ASP HA 47 -20.06 56.90 52.04
N ALA HA 48 -19.59 56.19 51.01
CA ALA HA 48 -18.91 56.81 49.88
C ALA HA 48 -19.38 56.27 48.52
N THR HA 49 -20.17 57.08 47.80
CA THR HA 49 -20.64 56.76 46.45
C THR HA 49 -19.53 56.91 45.43
N ILE HA 50 -19.28 55.83 44.71
CA ILE HA 50 -18.08 55.69 43.94
C ILE HA 50 -18.28 56.39 42.63
N VAL HA 51 -17.59 57.52 42.47
CA VAL HA 51 -17.54 58.23 41.20
C VAL HA 51 -16.06 58.36 40.81
N PRO HA 52 -15.79 58.80 39.60
CA PRO HA 52 -14.38 59.01 39.23
C PRO HA 52 -13.67 60.11 40.05
N ASP HA 53 -14.38 61.18 40.38
CA ASP HA 53 -13.81 62.23 41.22
C ASP HA 53 -13.25 61.72 42.52
N LEU HA 54 -13.79 60.62 43.00
CA LEU HA 54 -13.36 60.06 44.26
C LEU HA 54 -12.08 59.23 44.13
N LEU HA 55 -11.72 58.85 42.91
CA LEU HA 55 -10.49 58.07 42.63
C LEU HA 55 -9.50 58.90 41.79
N PRO HA 56 -8.60 59.70 42.43
CA PRO HA 56 -7.88 60.80 41.77
C PRO HA 56 -7.41 60.57 40.33
N ARG HA 57 -6.53 59.59 40.10
CA ARG HA 57 -6.10 59.33 38.71
C ARG HA 57 -7.26 59.12 37.73
N LEU HA 58 -8.39 58.60 38.21
CA LEU HA 58 -9.55 58.40 37.36
C LEU HA 58 -10.21 59.75 37.16
N GLY HA 59 -10.19 60.59 38.19
CA GLY HA 59 -10.66 61.96 38.06
C GLY HA 59 -10.19 62.50 36.72
N HIS HA 60 -8.88 62.53 36.52
CA HIS HA 60 -8.28 63.15 35.33
C HIS HA 60 -8.75 62.47 34.06
N ALA HA 61 -8.67 61.15 34.08
CA ALA HA 61 -8.98 60.37 32.90
C ALA HA 61 -10.47 60.43 32.57
N ALA HA 62 -11.31 60.82 33.52
CA ALA HA 62 -12.73 60.99 33.25
C ALA HA 62 -13.01 62.29 32.52
N ARG HA 63 -12.21 63.32 32.76
CA ARG HA 63 -12.35 64.58 32.02
C ARG HA 63 -12.04 64.40 30.50
N ILE HA 64 -11.17 63.44 30.20
CA ILE HA 64 -10.73 63.09 28.85
C ILE HA 64 -11.76 62.29 28.03
N PHE HA 65 -12.53 61.42 28.68
CA PHE HA 65 -13.51 60.57 28.00
C PHE HA 65 -14.92 60.86 28.45
N GLN HA 66 -15.93 60.30 27.77
CA GLN HA 66 -17.34 60.52 28.15
C GLN HA 66 -17.91 59.35 28.92
N ARG HA 67 -17.43 58.12 28.65
CA ARG HA 67 -17.94 56.93 29.35
C ARG HA 67 -16.87 55.99 29.88
N TYR HA 68 -17.27 55.20 30.88
CA TYR HA 68 -16.37 54.27 31.57
C TYR HA 68 -17.14 53.04 32.09
N ALA HA 69 -16.44 51.91 32.12
CA ALA HA 69 -17.06 50.64 32.43
C ALA HA 69 -16.18 49.93 33.44
N VAL HA 70 -16.75 49.65 34.61
CA VAL HA 70 -15.97 49.13 35.72
C VAL HA 70 -15.67 47.67 35.43
N GLU HA 71 -14.38 47.36 35.26
CA GLU HA 71 -13.93 46.00 34.92
C GLU HA 71 -13.49 45.22 36.18
N THR HA 72 -12.74 45.83 37.09
CA THR HA 72 -12.56 45.24 38.44
C THR HA 72 -12.59 46.26 39.62
N LEU HA 73 -13.23 45.83 40.73
CA LEU HA 73 -13.41 46.62 41.97
C LEU HA 73 -13.11 45.86 43.25
N GLU HA 74 -12.29 46.45 44.13
CA GLU HA 74 -12.07 45.91 45.49
C GLU HA 74 -11.77 47.03 46.45
N PHE HA 75 -12.24 46.88 47.68
CA PHE HA 75 -11.99 47.87 48.71
C PHE HA 75 -11.22 47.22 49.84
N GLU HA 76 -10.09 47.85 50.14
CA GLU HA 76 -9.20 47.36 51.17
C GLU HA 76 -9.34 48.26 52.37
N ILE HA 77 -9.96 47.75 53.42
CA ILE HA 77 -10.28 48.56 54.60
C ILE HA 77 -9.10 48.55 55.56
N GLN HA 78 -8.44 49.70 55.67
CA GLN HA 78 -7.22 49.81 56.45
C GLN HA 78 -7.36 50.69 57.70
N PRO HA 79 -7.90 50.11 58.79
CA PRO HA 79 -7.98 50.83 60.04
C PRO HA 79 -6.68 50.75 60.81
N MET HA 80 -6.39 51.82 61.54
CA MET HA 80 -5.14 51.95 62.31
C MET HA 80 -5.34 52.32 63.78
N CYS HA 81 -5.16 51.34 64.65
CA CYS HA 81 -5.35 51.49 66.07
C CYS HA 81 -4.40 50.52 66.78
N PRO HA 82 -4.38 50.51 68.11
CA PRO HA 82 -3.60 49.49 68.75
C PRO HA 82 -4.34 48.19 68.83
N ALA HA 83 -3.58 47.09 68.78
CA ALA HA 83 -4.11 45.74 68.92
C ALA HA 83 -4.91 45.52 70.20
N ASN HA 84 -4.93 46.52 71.08
CA ASN HA 84 -5.81 46.50 72.25
C ASN HA 84 -7.09 47.36 72.12
N THR HA 85 -7.94 46.96 71.20
CA THR HA 85 -9.11 47.71 70.86
C THR HA 85 -10.29 46.76 70.71
N GLY HA 86 -11.45 47.16 71.20
CA GLY HA 86 -12.60 46.24 71.35
C GLY HA 86 -13.55 46.41 70.20
N GLY HA 87 -12.99 46.34 69.02
CA GLY HA 87 -13.60 46.94 67.92
C GLY HA 87 -14.32 45.98 67.04
N GLY HA 88 -14.62 46.45 65.85
CA GLY HA 88 -15.37 45.71 64.89
C GLY HA 88 -15.86 46.63 63.82
N TYR HA 89 -15.89 46.13 62.62
CA TYR HA 89 -16.59 46.77 61.55
C TYR HA 89 -17.22 45.72 60.66
N VAL HA 90 -18.19 46.15 59.87
CA VAL HA 90 -18.60 45.40 58.70
C VAL HA 90 -18.51 46.40 57.60
N ALA HA 91 -17.98 45.97 56.47
CA ALA HA 91 -17.84 46.84 55.31
C ALA HA 91 -18.38 46.08 54.15
N GLY HA 92 -18.95 46.80 53.20
CA GLY HA 92 -19.53 46.16 52.04
C GLY HA 92 -19.82 47.18 50.97
N PHE HA 93 -19.94 46.68 49.75
CA PHE HA 93 -20.28 47.51 48.63
C PHE HA 93 -21.71 47.20 48.29
N LEU HA 94 -22.63 48.14 48.51
CA LEU HA 94 -23.91 48.00 47.85
C LEU HA 94 -23.87 48.71 46.52
N PRO HA 95 -24.34 48.04 45.45
CA PRO HA 95 -24.36 48.56 44.09
C PRO HA 95 -25.58 49.38 43.54
N ASP HA 96 -26.35 50.10 44.36
CA ASP HA 96 -27.08 51.28 43.83
C ASP HA 96 -26.44 52.46 44.51
N PRO HA 97 -26.01 53.41 43.70
CA PRO HA 97 -25.75 54.70 44.31
C PRO HA 97 -27.00 55.31 45.02
N THR HA 98 -28.19 54.78 44.69
CA THR HA 98 -29.46 55.30 45.21
C THR HA 98 -29.86 54.80 46.60
N ASP HA 99 -29.37 53.64 47.02
CA ASP HA 99 -29.88 52.99 48.23
C ASP HA 99 -29.29 53.50 49.56
N ASN HA 100 -30.17 54.07 50.38
CA ASN HA 100 -29.83 54.50 51.71
C ASN HA 100 -29.93 53.41 52.77
N ASP HA 101 -30.03 52.13 52.39
CA ASP HA 101 -30.04 51.02 53.37
C ASP HA 101 -28.61 50.87 53.94
N HIS HA 102 -28.42 51.20 55.22
CA HIS HA 102 -27.09 51.18 55.86
C HIS HA 102 -27.10 50.40 57.18
N THR HA 103 -27.71 49.22 57.14
CA THR HA 103 -27.79 48.30 58.26
C THR HA 103 -26.78 47.17 58.03
N PHE HA 104 -26.50 46.39 59.08
CA PHE HA 104 -25.54 45.29 58.99
C PHE HA 104 -25.97 44.16 58.05
N ASP HA 105 -27.23 43.75 58.18
CA ASP HA 105 -27.72 42.64 57.38
C ASP HA 105 -27.69 42.99 55.90
N ALA HA 106 -27.99 44.24 55.57
CA ALA HA 106 -27.94 44.72 54.18
C ALA HA 106 -26.54 44.82 53.62
N LEU HA 107 -25.55 44.95 54.51
CA LEU HA 107 -24.17 44.97 54.08
C LEU HA 107 -23.71 43.58 53.88
N GLN HA 108 -23.99 42.73 54.88
CA GLN HA 108 -23.50 41.36 54.84
C GLN HA 108 -24.12 40.56 53.74
N ALA HA 109 -25.30 40.95 53.29
CA ALA HA 109 -25.90 40.28 52.12
C ALA HA 109 -25.19 40.49 50.78
N THR HA 110 -24.47 41.60 50.61
CA THR HA 110 -23.65 41.81 49.41
C THR HA 110 -22.47 40.81 49.41
N ARG HA 111 -21.71 40.69 48.31
CA ARG HA 111 -20.77 39.56 48.14
C ARG HA 111 -19.43 39.94 48.70
N GLY HA 112 -19.08 41.20 48.54
CA GLY HA 112 -17.82 41.65 49.11
C GLY HA 112 -17.81 41.47 50.62
N ALA HA 113 -18.88 41.93 51.25
CA ALA HA 113 -19.04 41.96 52.69
C ALA HA 113 -17.99 41.22 53.50
N VAL HA 114 -17.40 41.92 54.47
CA VAL HA 114 -16.46 41.36 55.44
C VAL HA 114 -16.65 41.99 56.81
N VAL HA 115 -16.33 41.25 57.86
CA VAL HA 115 -16.42 41.80 59.21
C VAL HA 115 -15.22 41.38 60.01
N ALA HA 116 -14.74 42.25 60.87
CA ALA HA 116 -13.45 42.03 61.50
C ALA HA 116 -13.23 42.95 62.70
N LYS HA 117 -12.21 42.63 63.49
CA LYS HA 117 -11.84 43.49 64.60
C LYS HA 117 -11.05 44.63 64.01
N TRP HA 118 -11.02 45.76 64.73
CA TRP HA 118 -10.48 47.01 64.21
C TRP HA 118 -8.96 46.99 64.01
N TRP HA 119 -8.29 46.02 64.60
CA TRP HA 119 -6.87 45.84 64.34
C TRP HA 119 -6.57 44.71 63.30
N GLU HA 120 -7.57 44.39 62.47
CA GLU HA 120 -7.39 43.48 61.36
C GLU HA 120 -7.75 44.28 60.12
N SER HA 121 -6.87 44.27 59.13
CA SER HA 121 -7.25 44.71 57.80
C SER HA 121 -8.05 43.64 57.14
N ARG HA 122 -8.59 43.97 55.98
CA ARG HA 122 -9.52 43.09 55.35
C ARG HA 122 -9.85 43.65 53.99
N THR HA 123 -10.15 42.77 53.03
CA THR HA 123 -10.50 43.24 51.70
C THR HA 123 -11.90 42.82 51.33
N VAL HA 124 -12.61 43.68 50.62
CA VAL HA 124 -13.94 43.32 50.16
C VAL HA 124 -13.87 43.17 48.65
N ARG HA 125 -14.45 42.07 48.19
CA ARG HA 125 -14.51 41.69 46.77
C ARG HA 125 -15.94 41.61 46.25
N PRO HA 126 -16.49 42.73 45.78
CA PRO HA 126 -17.92 42.73 45.53
C PRO HA 126 -18.28 42.10 44.21
N GLN HA 127 -19.55 42.20 43.85
CA GLN HA 127 -19.98 42.05 42.46
C GLN HA 127 -20.96 43.19 42.13
N TYR HA 128 -20.94 43.64 40.88
CA TYR HA 128 -21.28 45.02 40.56
C TYR HA 128 -21.67 45.23 39.09
N THR HA 129 -21.65 46.50 38.69
CA THR HA 129 -22.20 46.96 37.42
C THR HA 129 -21.79 46.11 36.18
N ARG HA 130 -20.49 46.11 35.85
CA ARG HA 130 -19.95 45.53 34.60
C ARG HA 130 -20.48 46.22 33.34
N THR HA 131 -21.05 47.42 33.52
CA THR HA 131 -21.89 48.12 32.53
C THR HA 131 -21.19 49.42 32.04
N LEU HA 132 -21.70 50.04 30.98
CA LEU HA 132 -21.16 51.30 30.47
C LEU HA 132 -21.79 52.45 31.24
N LEU HA 133 -20.96 53.21 31.94
CA LEU HA 133 -21.44 54.31 32.75
C LEU HA 133 -21.06 55.63 32.09
N TRP HA 134 -21.20 56.73 32.83
CA TRP HA 134 -20.89 58.03 32.33
C TRP HA 134 -20.01 58.77 33.32
N THR HA 135 -19.01 59.46 32.78
CA THR HA 135 -17.99 60.11 33.58
C THR HA 135 -18.47 61.48 34.11
N SER HA 136 -19.67 61.89 33.69
CA SER HA 136 -20.30 63.15 34.09
C SER HA 136 -21.59 62.82 34.83
N SER HA 137 -22.07 63.72 35.70
CA SER HA 137 -23.32 63.51 36.45
C SER HA 137 -24.50 63.65 35.52
N GLY HA 138 -25.53 62.87 35.80
CA GLY HA 138 -26.70 62.80 34.96
C GLY HA 138 -27.95 62.79 35.82
N LYS HA 139 -29.09 62.96 35.19
CA LYS HA 139 -30.35 63.06 35.94
C LYS HA 139 -30.60 61.73 36.66
N GLU HA 140 -30.48 60.63 35.93
CA GLU HA 140 -30.54 59.29 36.52
C GLU HA 140 -29.15 58.88 36.94
N GLN HA 141 -29.00 58.62 38.25
CA GLN HA 141 -27.67 58.38 38.77
C GLN HA 141 -27.24 56.92 38.90
N ARG HA 142 -27.87 56.02 38.17
CA ARG HA 142 -27.41 54.63 38.11
C ARG HA 142 -26.61 54.43 36.88
N LEU HA 143 -26.41 55.49 36.11
CA LEU HA 143 -25.45 55.46 35.02
C LEU HA 143 -24.21 56.31 35.28
N THR HA 144 -24.09 56.88 36.48
CA THR HA 144 -22.93 57.68 36.83
C THR HA 144 -22.00 56.90 37.79
N SER HA 145 -22.57 56.10 38.68
CA SER HA 145 -21.79 55.40 39.70
C SER HA 145 -22.13 53.93 39.74
N PRO HA 146 -21.16 53.07 40.09
CA PRO HA 146 -21.43 51.65 40.24
C PRO HA 146 -21.97 51.26 41.62
N GLY HA 147 -21.90 52.13 42.60
CA GLY HA 147 -22.42 51.82 43.94
C GLY HA 147 -21.67 52.56 45.02
N ARG HA 148 -21.98 52.26 46.28
CA ARG HA 148 -21.29 52.93 47.37
C ARG HA 148 -20.69 51.98 48.41
N LEU HA 149 -19.58 52.40 48.99
CA LEU HA 149 -18.85 51.59 49.93
C LEU HA 149 -19.19 52.05 51.32
N ILE HA 150 -19.78 51.15 52.10
CA ILE HA 150 -20.28 51.46 53.43
C ILE HA 150 -19.39 50.82 54.46
N LEU HA 151 -19.24 51.49 55.59
CA LEU HA 151 -18.51 50.97 56.72
C LEU HA 151 -19.29 51.28 58.02
N LEU HA 152 -19.64 50.22 58.77
CA LEU HA 152 -20.35 50.34 60.05
C LEU HA 152 -19.52 49.88 61.21
N CYS HA 153 -19.85 50.37 62.40
CA CYS HA 153 -19.26 49.86 63.62
C CYS HA 153 -20.01 48.62 64.05
N VAL HA 154 -19.25 47.62 64.48
CA VAL HA 154 -19.77 46.45 65.15
C VAL HA 154 -19.17 46.59 66.53
N GLY HA 155 -20.04 46.60 67.54
CA GLY HA 155 -19.64 46.89 68.92
C GLY HA 155 -19.12 48.31 69.04
N ASN HA 156 -18.51 48.63 70.19
CA ASN HA 156 -17.95 49.96 70.41
C ASN HA 156 -16.46 49.90 70.64
N ASN HA 157 -15.75 50.83 70.03
CA ASN HA 157 -14.30 50.88 70.10
C ASN HA 157 -13.68 51.43 71.39
N THR HA 158 -12.80 50.63 71.99
CA THR HA 158 -12.03 50.93 73.20
C THR HA 158 -11.05 52.06 73.07
N ASP HA 159 -10.92 52.58 71.86
CA ASP HA 159 -9.74 53.31 71.51
C ASP HA 159 -9.95 54.06 70.19
N VAL HA 160 -9.05 54.98 69.92
CA VAL HA 160 -9.16 55.82 68.74
C VAL HA 160 -8.82 55.06 67.48
N VAL HA 161 -9.78 54.93 66.57
CA VAL HA 161 -9.47 54.36 65.26
C VAL HA 161 -9.31 55.44 64.15
N ASN HA 162 -8.30 55.30 63.30
CA ASN HA 162 -8.13 56.17 62.16
C ASN HA 162 -8.20 55.34 60.90
N VAL HA 163 -9.43 55.04 60.50
CA VAL HA 163 -9.67 54.17 59.39
C VAL HA 163 -9.50 54.89 58.04
N SER HA 164 -8.84 54.20 57.12
CA SER HA 164 -8.72 54.60 55.71
C SER HA 164 -9.27 53.41 54.91
N VAL HA 165 -10.15 53.68 53.94
CA VAL HA 165 -10.60 52.65 52.97
C VAL HA 165 -9.95 52.97 51.62
N LEU HA 166 -9.51 51.93 50.93
CA LEU HA 166 -8.81 52.09 49.66
C LEU HA 166 -9.49 51.26 48.62
N CYS HA 167 -9.62 51.81 47.42
CA CYS HA 167 -10.37 51.17 46.35
C CYS HA 167 -9.45 50.82 45.23
N ARG HA 168 -9.23 49.54 44.96
CA ARG HA 168 -8.41 49.23 43.81
C ARG HA 168 -9.32 48.98 42.63
N TRP HA 169 -8.97 49.58 41.51
CA TRP HA 169 -9.86 49.63 40.40
C TRP HA 169 -9.13 49.30 39.12
N SER HA 170 -9.94 48.91 38.15
CA SER HA 170 -9.51 48.55 36.84
C SER HA 170 -10.73 48.96 36.04
N VAL HA 171 -10.56 49.91 35.14
CA VAL HA 171 -11.70 50.54 34.51
C VAL HA 171 -11.38 50.56 33.04
N ARG HA 172 -12.40 50.55 32.17
CA ARG HA 172 -12.12 50.77 30.76
C ARG HA 172 -12.92 51.95 30.18
N LEU HA 173 -12.19 52.99 29.81
CA LEU HA 173 -12.79 54.23 29.31
C LEU HA 173 -12.97 54.20 27.78
N SER HA 174 -13.83 55.06 27.24
CA SER HA 174 -14.42 54.77 25.97
C SER HA 174 -14.57 55.92 24.95
N VAL HA 175 -15.47 56.88 25.19
CA VAL HA 175 -15.74 57.89 24.15
C VAL HA 175 -14.93 59.15 24.39
N PRO HA 176 -14.13 59.61 23.41
CA PRO HA 176 -13.32 60.81 23.70
C PRO HA 176 -14.11 62.09 23.86
N SER HA 177 -13.56 63.02 24.65
CA SER HA 177 -14.18 64.32 24.94
C SER HA 177 -13.22 65.24 25.75
N LEU HA 178 -13.76 66.24 26.43
CA LEU HA 178 -12.95 67.18 27.17
C LEU HA 178 -13.88 68.01 28.04
N GLU HA 179 -13.79 67.88 29.37
CA GLU HA 179 -14.67 68.65 30.25
C GLU HA 179 -13.82 69.68 31.05
N ASN HA 180 -14.15 70.96 30.94
CA ASN HA 180 -13.46 72.03 31.71
C ASN HA 180 -14.24 72.47 32.97
N THR IA 18 -34.04 38.13 10.88
CA THR IA 18 -33.85 39.05 12.00
C THR IA 18 -35.13 39.87 12.22
N ASN IA 19 -35.44 40.17 13.48
CA ASN IA 19 -36.63 40.99 13.79
C ASN IA 19 -36.44 42.46 13.43
N ASP IA 20 -35.20 42.92 13.53
CA ASP IA 20 -34.87 44.34 13.39
C ASP IA 20 -35.07 44.94 11.99
N VAL IA 21 -35.61 46.17 12.00
CA VAL IA 21 -35.90 46.98 10.82
C VAL IA 21 -34.86 48.10 10.63
N HIS IA 22 -33.99 47.96 9.63
CA HIS IA 22 -32.96 48.98 9.34
C HIS IA 22 -33.58 50.11 8.46
N LEU IA 23 -33.16 51.36 8.67
CA LEU IA 23 -33.80 52.53 8.00
C LEU IA 23 -32.78 53.67 7.85
N SER IA 24 -32.64 54.20 6.64
CA SER IA 24 -31.54 55.13 6.35
C SER IA 24 -31.97 56.33 5.54
N GLY IA 25 -31.47 57.50 5.91
CA GLY IA 25 -31.73 58.72 5.16
C GLY IA 25 -30.63 59.75 5.30
N MET IA 26 -30.92 60.94 4.82
CA MET IA 26 -30.02 62.05 5.01
C MET IA 26 -30.82 63.33 5.04
N SER IA 27 -30.79 64.02 6.16
CA SER IA 27 -31.76 65.05 6.39
C SER IA 27 -31.10 66.32 6.83
N ARG IA 28 -31.74 67.44 6.54
CA ARG IA 28 -31.26 68.72 7.04
C ARG IA 28 -31.71 68.99 8.50
N ILE IA 29 -30.73 68.84 9.39
CA ILE IA 29 -30.77 69.21 10.81
C ILE IA 29 -31.04 70.70 11.07
N SER IA 30 -30.31 71.59 10.38
CA SER IA 30 -30.44 73.05 10.59
C SER IA 30 -30.09 73.89 9.36
N GLN IA 31 -30.43 75.18 9.44
CA GLN IA 31 -30.00 76.12 8.41
C GLN IA 31 -29.90 77.52 8.97
N ALA IA 32 -28.68 77.96 9.21
CA ALA IA 32 -28.46 79.31 9.69
C ALA IA 32 -27.99 80.16 8.54
N VAL IA 33 -28.46 81.40 8.53
CA VAL IA 33 -27.96 82.36 7.57
C VAL IA 33 -27.22 83.43 8.37
N LEU IA 34 -25.92 83.42 8.21
CA LEU IA 34 -25.01 84.19 9.02
C LEU IA 34 -24.65 85.47 8.27
N PRO IA 35 -25.16 86.62 8.73
CA PRO IA 35 -24.99 87.83 7.94
C PRO IA 35 -23.58 88.35 7.88
N ALA IA 36 -23.43 89.32 7.00
CA ALA IA 36 -22.17 89.78 6.45
C ALA IA 36 -21.01 89.95 7.45
N GLY IA 37 -21.25 90.12 8.75
CA GLY IA 37 -20.12 90.21 9.69
C GLY IA 37 -20.37 89.73 11.11
N THR IA 38 -21.31 88.81 11.28
CA THR IA 38 -21.79 88.45 12.61
C THR IA 38 -21.28 87.09 13.18
N GLY IA 39 -20.36 86.42 12.48
CA GLY IA 39 -19.66 85.21 13.01
C GLY IA 39 -18.46 85.64 13.85
N THR IA 40 -18.07 84.90 14.89
CA THR IA 40 -16.92 85.34 15.71
C THR IA 40 -16.27 84.25 16.57
N ASP IA 41 -14.94 84.18 16.58
CA ASP IA 41 -14.28 83.03 17.20
C ASP IA 41 -15.16 82.58 18.33
N GLY IA 42 -15.88 81.47 18.14
CA GLY IA 42 -16.60 80.84 19.26
C GLY IA 42 -18.09 80.99 19.26
N TYR IA 43 -18.61 81.87 18.41
CA TYR IA 43 -20.06 82.00 18.23
C TYR IA 43 -20.69 80.67 17.72
N VAL IA 44 -21.70 80.20 18.45
CA VAL IA 44 -22.41 78.98 18.12
C VAL IA 44 -23.49 79.25 17.09
N VAL IA 45 -23.37 78.69 15.88
CA VAL IA 45 -24.38 78.88 14.80
C VAL IA 45 -25.35 77.71 14.74
N VAL IA 46 -24.87 76.53 15.14
CA VAL IA 46 -25.71 75.34 15.20
C VAL IA 46 -25.40 74.60 16.47
N ASP IA 47 -26.47 74.11 17.07
CA ASP IA 47 -26.40 73.30 18.25
C ASP IA 47 -27.68 72.46 18.30
N ALA IA 48 -27.68 71.36 17.58
CA ALA IA 48 -28.90 70.56 17.47
C ALA IA 48 -28.77 69.24 18.20
N THR IA 49 -29.74 68.96 19.06
CA THR IA 49 -29.81 67.68 19.74
C THR IA 49 -30.57 66.70 18.87
N ILE IA 50 -29.88 65.60 18.56
CA ILE IA 50 -30.31 64.65 17.56
C ILE IA 50 -31.40 63.76 18.12
N VAL IA 51 -32.61 64.03 17.68
CA VAL IA 51 -33.76 63.29 18.06
C VAL IA 51 -34.45 62.88 16.75
N PRO IA 52 -35.26 61.81 16.78
CA PRO IA 52 -36.02 61.37 15.61
C PRO IA 52 -36.82 62.45 14.91
N ASP IA 53 -37.39 63.39 15.65
CA ASP IA 53 -38.06 64.54 15.03
C ASP IA 53 -37.22 65.37 14.05
N LEU IA 54 -35.94 65.54 14.31
CA LEU IA 54 -35.08 66.39 13.46
C LEU IA 54 -34.84 65.85 12.06
N LEU IA 55 -34.95 64.52 11.95
CA LEU IA 55 -34.79 63.80 10.72
C LEU IA 55 -36.18 63.38 10.27
N PRO IA 56 -36.69 63.97 9.16
CA PRO IA 56 -38.08 63.90 8.77
C PRO IA 56 -38.56 62.46 8.55
N ARG IA 57 -37.78 61.64 7.84
CA ARG IA 57 -38.21 60.29 7.53
C ARG IA 57 -38.24 59.51 8.83
N LEU IA 58 -37.15 59.58 9.59
CA LEU IA 58 -37.09 58.88 10.85
C LEU IA 58 -38.15 59.37 11.86
N GLY IA 59 -38.53 60.64 11.76
CA GLY IA 59 -39.61 61.23 12.58
C GLY IA 59 -40.96 60.53 12.47
N HIS IA 60 -41.19 59.86 11.33
CA HIS IA 60 -42.36 59.01 11.10
C HIS IA 60 -42.17 57.55 11.52
N ALA IA 61 -41.00 56.98 11.23
CA ALA IA 61 -40.68 55.62 11.67
C ALA IA 61 -40.63 55.57 13.19
N ALA IA 62 -40.52 56.75 13.82
CA ALA IA 62 -40.48 56.86 15.27
C ALA IA 62 -41.86 56.73 15.92
N ARG IA 63 -42.94 57.08 15.20
CA ARG IA 63 -44.29 56.97 15.78
C ARG IA 63 -44.86 55.55 15.73
N ILE IA 64 -44.15 54.71 14.99
CA ILE IA 64 -44.52 53.36 14.71
C ILE IA 64 -43.79 52.41 15.64
N PHE IA 65 -42.51 52.68 15.88
CA PHE IA 65 -41.69 51.83 16.70
C PHE IA 65 -41.38 52.52 18.01
N GLN IA 66 -40.79 51.76 18.89
CA GLN IA 66 -40.69 52.12 20.27
C GLN IA 66 -39.30 52.51 20.65
N ARG IA 67 -38.34 51.79 20.07
CA ARG IA 67 -36.96 52.09 20.29
C ARG IA 67 -36.22 52.19 19.00
N TYR IA 68 -34.98 52.65 19.09
CA TYR IA 68 -34.07 52.66 17.96
C TYR IA 68 -32.64 52.80 18.44
N ALA IA 69 -31.75 52.12 17.72
CA ALA IA 69 -30.33 52.21 17.92
C ALA IA 69 -29.74 52.84 16.66
N VAL IA 70 -28.79 53.73 16.84
CA VAL IA 70 -28.07 54.32 15.72
C VAL IA 70 -27.12 53.24 15.16
N GLU IA 71 -26.90 53.27 13.85
CA GLU IA 71 -26.02 52.31 13.17
C GLU IA 71 -24.95 53.00 12.33
N THR IA 72 -25.28 54.16 11.77
CA THR IA 72 -24.26 55.12 11.31
C THR IA 72 -24.79 56.55 11.31
N LEU IA 73 -23.89 57.48 11.61
CA LEU IA 73 -24.22 58.89 11.74
C LEU IA 73 -23.08 59.68 11.12
N GLU IA 74 -23.43 60.60 10.23
CA GLU IA 74 -22.45 61.51 9.64
C GLU IA 74 -23.10 62.86 9.40
N PHE IA 75 -22.36 63.90 9.75
CA PHE IA 75 -22.83 65.25 9.56
C PHE IA 75 -22.01 65.98 8.51
N GLU IA 76 -22.71 66.44 7.48
CA GLU IA 76 -22.13 67.09 6.31
C GLU IA 76 -22.40 68.56 6.45
N ILE IA 77 -21.33 69.31 6.64
CA ILE IA 77 -21.46 70.74 6.77
C ILE IA 77 -21.44 71.33 5.37
N GLN IA 78 -22.47 72.10 5.01
CA GLN IA 78 -22.59 72.64 3.68
C GLN IA 78 -22.92 74.12 3.79
N PRO IA 79 -21.86 74.90 3.97
CA PRO IA 79 -21.94 76.32 4.03
C PRO IA 79 -21.83 76.90 2.64
N MET IA 80 -22.79 77.72 2.25
CA MET IA 80 -22.78 78.28 0.91
C MET IA 80 -22.54 79.76 0.90
N CYS IA 81 -21.33 80.12 0.49
CA CYS IA 81 -20.88 81.49 0.49
C CYS IA 81 -19.86 81.62 -0.61
N PRO IA 82 -19.31 82.82 -0.81
CA PRO IA 82 -18.30 82.93 -1.87
C PRO IA 82 -16.91 82.48 -1.46
N ALA IA 83 -16.11 82.12 -2.47
CA ALA IA 83 -14.71 81.73 -2.28
C ALA IA 83 -13.84 82.83 -1.69
N ASN IA 84 -14.32 84.08 -1.67
CA ASN IA 84 -13.59 85.21 -1.05
C ASN IA 84 -13.95 85.43 0.40
N THR IA 85 -14.58 84.44 1.04
CA THR IA 85 -15.00 84.60 2.41
C THR IA 85 -13.86 84.25 3.36
N GLY IA 86 -13.58 85.19 4.27
CA GLY IA 86 -12.48 85.06 5.22
C GLY IA 86 -12.89 84.31 6.48
N GLY IA 87 -14.08 83.74 6.44
CA GLY IA 87 -14.59 82.93 7.52
C GLY IA 87 -13.76 81.83 8.18
N GLY IA 88 -14.35 80.65 8.35
CA GLY IA 88 -13.80 79.62 9.23
C GLY IA 88 -14.79 79.03 10.24
N TYR IA 89 -14.87 77.70 10.31
CA TYR IA 89 -15.74 76.99 11.26
C TYR IA 89 -15.07 75.79 11.90
N VAL IA 90 -15.64 75.34 13.02
CA VAL IA 90 -15.33 74.05 13.57
C VAL IA 90 -16.66 73.42 13.84
N ALA IA 91 -16.74 72.14 13.56
CA ALA IA 91 -17.95 71.41 13.73
C ALA IA 91 -17.58 70.07 14.38
N GLY IA 92 -18.46 69.53 15.20
CA GLY IA 92 -18.19 68.23 15.81
C GLY IA 92 -19.36 67.69 16.56
N PHE IA 93 -19.38 66.39 16.79
CA PHE IA 93 -20.53 65.78 17.44
C PHE IA 93 -20.17 65.31 18.82
N LEU IA 94 -20.67 66.00 19.87
CA LEU IA 94 -20.50 65.48 21.24
C LEU IA 94 -21.63 64.55 21.60
N PRO IA 95 -21.28 63.34 22.05
CA PRO IA 95 -22.21 62.29 22.42
C PRO IA 95 -23.06 62.42 23.71
N ASP IA 96 -23.07 63.53 24.45
CA ASP IA 96 -24.14 63.69 25.46
C ASP IA 96 -25.17 64.60 24.89
N PRO IA 97 -26.42 64.16 24.92
CA PRO IA 97 -27.41 65.20 24.66
C PRO IA 97 -27.48 66.23 25.79
N THR IA 98 -26.94 65.88 26.96
CA THR IA 98 -26.98 66.70 28.17
C THR IA 98 -25.90 67.77 28.32
N ASP IA 99 -24.79 67.70 27.60
CA ASP IA 99 -23.70 68.64 27.90
C ASP IA 99 -23.72 69.89 27.04
N ASN IA 100 -23.65 71.04 27.73
CA ASN IA 100 -23.60 72.36 27.16
C ASN IA 100 -22.16 72.92 27.03
N ASP IA 101 -21.19 72.08 26.72
CA ASP IA 101 -19.79 72.52 26.66
C ASP IA 101 -19.45 72.95 25.23
N HIS IA 102 -19.79 74.18 24.87
CA HIS IA 102 -19.70 74.61 23.49
C HIS IA 102 -18.49 75.48 23.16
N THR IA 103 -17.30 74.92 23.35
CA THR IA 103 -16.05 75.63 23.16
C THR IA 103 -15.25 74.89 22.08
N PHE IA 104 -14.37 75.60 21.37
CA PHE IA 104 -13.61 74.96 20.28
C PHE IA 104 -12.96 73.68 20.72
N ASP IA 105 -12.16 73.80 21.77
CA ASP IA 105 -11.33 72.71 22.21
C ASP IA 105 -12.19 71.54 22.63
N ALA IA 106 -13.37 71.82 23.18
CA ALA IA 106 -14.26 70.74 23.54
C ALA IA 106 -14.73 69.99 22.30
N LEU IA 107 -15.14 70.71 21.25
CA LEU IA 107 -15.55 70.08 19.99
C LEU IA 107 -14.42 69.32 19.35
N GLN IA 108 -13.26 69.95 19.24
CA GLN IA 108 -12.08 69.34 18.58
C GLN IA 108 -11.61 68.03 19.23
N ALA IA 109 -11.86 67.92 20.53
CA ALA IA 109 -11.57 66.74 21.29
C ALA IA 109 -12.49 65.58 21.00
N THR IA 110 -13.52 65.77 20.18
CA THR IA 110 -14.35 64.65 19.68
C THR IA 110 -13.77 64.00 18.41
N ARG IA 111 -14.40 62.95 17.89
CA ARG IA 111 -13.77 62.14 16.84
C ARG IA 111 -14.03 62.70 15.48
N GLY IA 112 -15.24 63.18 15.28
CA GLY IA 112 -15.59 63.71 13.97
C GLY IA 112 -14.85 65.00 13.72
N ALA IA 113 -14.79 65.80 14.78
CA ALA IA 113 -14.39 67.19 14.71
C ALA IA 113 -13.62 67.57 13.44
N VAL IA 114 -14.20 68.50 12.68
CA VAL IA 114 -13.61 69.05 11.49
C VAL IA 114 -13.48 70.54 11.69
N VAL IA 115 -12.40 71.12 11.14
CA VAL IA 115 -12.26 72.58 10.96
C VAL IA 115 -11.97 72.91 9.49
N ALA IA 116 -12.65 73.92 8.95
CA ALA IA 116 -12.47 74.31 7.57
C ALA IA 116 -12.87 75.79 7.36
N LYS IA 117 -12.53 76.33 6.20
CA LYS IA 117 -12.94 77.68 5.83
C LYS IA 117 -14.42 77.66 5.44
N TRP IA 118 -15.10 78.81 5.52
CA TRP IA 118 -16.51 78.79 5.15
C TRP IA 118 -16.79 78.41 3.69
N TRP IA 119 -15.76 78.36 2.84
CA TRP IA 119 -15.95 77.91 1.45
C TRP IA 119 -15.41 76.49 1.17
N GLU IA 120 -15.41 75.69 2.23
CA GLU IA 120 -15.09 74.28 2.16
C GLU IA 120 -16.21 73.54 2.85
N SER IA 121 -16.75 72.55 2.14
CA SER IA 121 -17.69 71.59 2.69
C SER IA 121 -16.90 70.59 3.49
N ARG IA 122 -17.49 70.07 4.54
CA ARG IA 122 -16.80 69.10 5.34
C ARG IA 122 -17.73 68.11 6.06
N THR IA 123 -17.20 66.92 6.36
CA THR IA 123 -18.00 65.82 6.86
C THR IA 123 -17.48 65.30 8.17
N VAL IA 124 -18.28 65.46 9.23
CA VAL IA 124 -17.86 64.98 10.54
C VAL IA 124 -18.38 63.56 10.65
N ARG IA 125 -17.50 62.67 11.11
CA ARG IA 125 -17.76 61.25 11.29
C ARG IA 125 -17.49 60.86 12.71
N PRO IA 126 -18.47 61.09 13.60
CA PRO IA 126 -18.11 60.91 14.99
C PRO IA 126 -18.13 59.44 15.33
N GLN IA 127 -17.52 59.11 16.46
CA GLN IA 127 -17.80 57.86 17.17
C GLN IA 127 -18.77 58.28 18.28
N TYR IA 128 -19.59 57.33 18.70
CA TYR IA 128 -20.78 57.65 19.45
C TYR IA 128 -21.24 56.47 20.31
N THR IA 129 -22.39 56.67 20.96
CA THR IA 129 -23.02 55.67 21.82
C THR IA 129 -23.04 54.22 21.29
N ARG IA 130 -23.47 54.03 20.03
CA ARG IA 130 -23.60 52.70 19.40
C ARG IA 130 -24.70 51.84 20.08
N THR IA 131 -25.41 52.44 21.04
CA THR IA 131 -26.28 51.72 21.98
C THR IA 131 -27.68 51.75 21.43
N LEU IA 132 -28.61 51.22 22.21
CA LEU IA 132 -30.01 51.26 21.85
C LEU IA 132 -30.75 52.25 22.74
N LEU IA 133 -31.52 53.13 22.12
CA LEU IA 133 -32.19 54.23 22.80
C LEU IA 133 -33.69 54.02 22.71
N TRP IA 134 -34.45 55.11 22.66
CA TRP IA 134 -35.91 55.10 22.84
C TRP IA 134 -36.51 56.23 21.99
N THR IA 135 -37.59 55.95 21.26
CA THR IA 135 -38.13 56.92 20.30
C THR IA 135 -38.93 58.01 20.95
N SER IA 136 -39.08 57.97 22.25
CA SER IA 136 -40.02 58.79 22.94
C SER IA 136 -39.28 59.55 24.02
N SER IA 137 -39.67 60.79 24.31
CA SER IA 137 -39.01 61.55 25.38
C SER IA 137 -39.09 60.79 26.70
N GLY IA 138 -38.10 61.01 27.55
CA GLY IA 138 -37.98 60.29 28.82
C GLY IA 138 -37.40 61.19 29.89
N LYS IA 139 -37.29 60.68 31.10
CA LYS IA 139 -36.88 61.48 32.24
C LYS IA 139 -35.37 61.58 32.30
N GLU IA 140 -34.69 60.51 31.92
CA GLU IA 140 -33.25 60.57 31.63
C GLU IA 140 -33.12 60.63 30.12
N GLN IA 141 -32.50 61.70 29.62
CA GLN IA 141 -32.47 61.93 28.19
C GLN IA 141 -31.25 61.33 27.51
N ARG IA 142 -30.41 60.62 28.25
CA ARG IA 142 -29.32 59.83 27.66
C ARG IA 142 -29.84 58.54 27.06
N LEU IA 143 -31.07 58.16 27.39
CA LEU IA 143 -31.74 57.04 26.73
C LEU IA 143 -32.61 57.42 25.55
N THR IA 144 -32.54 58.66 25.07
CA THR IA 144 -33.41 59.11 23.97
C THR IA 144 -32.65 59.65 22.73
N SER IA 145 -31.48 60.28 22.93
CA SER IA 145 -30.69 60.93 21.86
C SER IA 145 -29.19 60.56 21.94
N PRO IA 146 -28.55 60.28 20.81
CA PRO IA 146 -27.18 59.81 20.82
C PRO IA 146 -26.10 60.89 20.93
N GLY IA 147 -26.49 62.16 21.02
CA GLY IA 147 -25.55 63.26 21.16
C GLY IA 147 -26.11 64.54 20.58
N ARG IA 148 -25.25 65.55 20.36
CA ARG IA 148 -25.64 66.75 19.61
C ARG IA 148 -24.52 67.33 18.74
N LEU IA 149 -24.94 67.85 17.58
CA LEU IA 149 -24.04 68.42 16.57
C LEU IA 149 -23.89 69.90 16.86
N ILE IA 150 -22.65 70.37 16.91
CA ILE IA 150 -22.35 71.76 17.25
C ILE IA 150 -21.54 72.41 16.13
N LEU IA 151 -21.83 73.67 15.82
CA LEU IA 151 -21.07 74.40 14.79
C LEU IA 151 -20.70 75.78 15.33
N LEU IA 152 -19.41 76.07 15.28
CA LEU IA 152 -18.82 77.26 15.90
C LEU IA 152 -18.01 78.05 14.88
N CYS IA 153 -18.10 79.36 14.92
CA CYS IA 153 -17.31 80.17 14.04
C CYS IA 153 -15.84 80.15 14.50
N VAL IA 154 -14.93 80.26 13.53
CA VAL IA 154 -13.48 80.47 13.76
C VAL IA 154 -13.03 81.73 12.95
N GLY IA 155 -12.62 82.79 13.65
CA GLY IA 155 -12.37 84.09 13.01
C GLY IA 155 -13.72 84.70 12.66
N ASN IA 156 -13.75 85.83 11.94
CA ASN IA 156 -15.07 86.33 11.48
C ASN IA 156 -15.27 86.25 9.97
N ASN IA 157 -16.52 86.06 9.59
CA ASN IA 157 -16.87 85.97 8.18
C ASN IA 157 -16.90 87.34 7.53
N THR IA 158 -16.37 87.39 6.31
CA THR IA 158 -16.31 88.58 5.46
C THR IA 158 -17.49 88.68 4.52
N ASP IA 159 -18.49 87.83 4.68
CA ASP IA 159 -19.56 87.70 3.69
C ASP IA 159 -20.72 86.94 4.24
N VAL IA 160 -21.84 87.05 3.56
CA VAL IA 160 -23.00 86.34 4.02
C VAL IA 160 -22.70 84.85 3.89
N VAL IA 161 -23.22 84.03 4.80
CA VAL IA 161 -23.00 82.61 4.72
C VAL IA 161 -24.26 81.86 5.10
N ASN IA 162 -24.78 81.06 4.17
CA ASN IA 162 -26.06 80.37 4.36
C ASN IA 162 -25.77 78.92 4.58
N VAL IA 163 -25.30 78.64 5.79
CA VAL IA 163 -24.89 77.30 6.16
C VAL IA 163 -26.07 76.37 6.46
N SER IA 164 -25.99 75.16 5.91
CA SER IA 164 -26.99 74.15 6.13
C SER IA 164 -26.21 72.89 6.55
N VAL IA 165 -26.58 72.28 7.68
CA VAL IA 165 -25.92 71.05 8.08
C VAL IA 165 -26.88 69.88 7.79
N LEU IA 166 -26.32 68.80 7.29
CA LEU IA 166 -27.09 67.62 6.89
C LEU IA 166 -26.66 66.44 7.72
N CYS IA 167 -27.60 65.77 8.36
CA CYS IA 167 -27.28 64.55 9.06
C CYS IA 167 -27.57 63.41 8.08
N ARG IA 168 -26.58 62.54 7.88
CA ARG IA 168 -26.81 61.29 7.19
C ARG IA 168 -26.86 60.26 8.26
N TRP IA 169 -27.92 59.46 8.21
CA TRP IA 169 -28.24 58.58 9.30
C TRP IA 169 -28.70 57.23 8.79
N SER IA 170 -28.28 56.20 9.50
CA SER IA 170 -28.64 54.80 9.27
C SER IA 170 -29.04 54.24 10.63
N VAL IA 171 -30.26 53.71 10.73
CA VAL IA 171 -30.88 53.45 12.04
C VAL IA 171 -31.69 52.13 12.10
N ARG IA 172 -31.51 51.34 13.16
CA ARG IA 172 -32.39 50.18 13.38
C ARG IA 172 -33.46 50.50 14.45
N LEU IA 173 -34.71 50.20 14.11
CA LEU IA 173 -35.86 50.47 14.97
C LEU IA 173 -36.42 49.12 15.45
N SER IA 174 -36.74 49.01 16.74
CA SER IA 174 -36.86 47.69 17.36
C SER IA 174 -38.28 47.23 17.57
N VAL IA 175 -38.99 47.79 18.54
CA VAL IA 175 -40.20 47.11 19.04
C VAL IA 175 -41.49 47.80 18.60
N PRO IA 176 -42.34 47.07 17.84
CA PRO IA 176 -43.54 47.70 17.29
C PRO IA 176 -44.42 48.44 18.27
N SER IA 177 -45.17 49.39 17.76
CA SER IA 177 -45.96 50.29 18.59
C SER IA 177 -46.76 51.32 17.75
N LEU IA 178 -47.43 52.27 18.39
CA LEU IA 178 -48.22 53.24 17.66
C LEU IA 178 -48.47 54.47 18.50
N GLU IA 179 -47.38 55.18 18.75
CA GLU IA 179 -47.46 56.37 19.57
C GLU IA 179 -48.14 57.41 18.70
N ASN IA 180 -48.72 58.40 19.35
CA ASN IA 180 -49.18 59.61 18.69
C ASN IA 180 -48.21 60.74 19.00
N THR JA 18 -22.87 29.15 36.32
CA THR JA 18 -22.94 30.60 36.15
C THR JA 18 -23.46 31.28 37.43
N ASN JA 19 -23.22 32.58 37.55
CA ASN JA 19 -23.70 33.36 38.71
C ASN JA 19 -25.18 33.72 38.62
N ASP JA 20 -25.76 33.67 37.41
CA ASP JA 20 -27.16 34.05 37.15
C ASP JA 20 -28.18 33.01 37.62
N VAL JA 21 -29.26 33.52 38.21
CA VAL JA 21 -30.30 32.68 38.80
C VAL JA 21 -31.61 32.82 38.04
N HIS JA 22 -32.12 31.71 37.52
CA HIS JA 22 -33.34 31.72 36.70
C HIS JA 22 -34.59 31.35 37.52
N LEU JA 23 -35.53 32.28 37.58
CA LEU JA 23 -36.83 32.09 38.27
C LEU JA 23 -37.99 32.09 37.29
N SER JA 24 -38.99 31.24 37.53
CA SER JA 24 -40.18 31.19 36.69
C SER JA 24 -41.41 31.04 37.53
N GLY JA 25 -42.52 31.60 37.06
CA GLY JA 25 -43.79 31.54 37.76
C GLY JA 25 -44.96 32.03 36.93
N MET JA 26 -46.14 32.09 37.55
CA MET JA 26 -47.31 32.67 36.92
C MET JA 26 -48.23 33.23 37.97
N SER JA 27 -48.57 34.52 37.85
CA SER JA 27 -49.18 35.26 38.92
C SER JA 27 -50.36 36.06 38.45
N ARG JA 28 -51.34 36.30 39.32
CA ARG JA 28 -52.43 37.19 38.98
C ARG JA 28 -51.99 38.66 39.13
N ILE JA 29 -51.81 39.31 37.99
CA ILE JA 29 -51.52 40.74 37.87
C ILE JA 29 -52.66 41.62 38.39
N SER JA 30 -53.90 41.25 38.08
CA SER JA 30 -55.04 42.02 38.53
C SER JA 30 -56.35 41.24 38.45
N GLN JA 31 -57.38 41.81 39.06
CA GLN JA 31 -58.71 41.25 39.03
C GLN JA 31 -59.68 42.40 39.06
N ALA JA 32 -60.43 42.53 37.99
CA ALA JA 32 -61.46 43.53 37.88
C ALA JA 32 -62.82 42.87 37.82
N VAL JA 33 -63.80 43.50 38.42
CA VAL JA 33 -65.18 43.05 38.31
C VAL JA 33 -65.95 44.13 37.54
N LEU JA 34 -66.51 43.75 36.39
CA LEU JA 34 -67.10 44.70 35.48
C LEU JA 34 -68.61 44.46 35.54
N PRO JA 35 -69.35 45.40 36.19
CA PRO JA 35 -70.79 45.14 36.41
C PRO JA 35 -71.63 45.12 35.15
N ALA JA 36 -72.90 44.82 35.36
CA ALA JA 36 -73.78 44.35 34.30
C ALA JA 36 -73.71 45.11 32.99
N GLY JA 37 -73.68 46.43 33.00
CA GLY JA 37 -73.76 47.16 31.73
C GLY JA 37 -72.75 48.24 31.52
N THR JA 38 -71.64 48.20 32.26
CA THR JA 38 -70.79 49.37 32.42
C THR JA 38 -69.54 49.49 31.50
N GLY JA 39 -69.30 48.50 30.64
CA GLY JA 39 -68.20 48.57 29.69
C GLY JA 39 -68.61 49.27 28.42
N THR JA 40 -67.69 49.95 27.74
CA THR JA 40 -67.95 50.49 26.38
C THR JA 40 -66.67 50.70 25.61
N ASP JA 41 -66.78 50.72 24.28
CA ASP JA 41 -65.60 50.87 23.44
C ASP JA 41 -64.59 51.78 24.12
N GLY JA 42 -63.44 51.22 24.47
CA GLY JA 42 -62.32 51.99 24.98
C GLY JA 42 -62.18 52.06 26.48
N TYR JA 43 -63.18 51.58 27.22
CA TYR JA 43 -63.11 51.62 28.69
C TYR JA 43 -61.96 50.79 29.19
N VAL JA 44 -61.08 51.40 29.98
CA VAL JA 44 -59.91 50.69 30.54
C VAL JA 44 -60.30 49.88 31.77
N VAL JA 45 -60.26 48.56 31.66
CA VAL JA 45 -60.63 47.70 32.79
C VAL JA 45 -59.43 47.20 33.55
N VAL JA 46 -58.28 47.15 32.91
CA VAL JA 46 -57.04 46.80 33.57
C VAL JA 46 -55.93 47.63 32.99
N ASP JA 47 -55.06 48.13 33.86
CA ASP JA 47 -53.90 48.89 33.46
C ASP JA 47 -52.78 48.70 34.50
N ALA JA 48 -51.98 47.68 34.27
CA ALA JA 48 -51.06 47.18 35.28
C ALA JA 48 -49.63 47.31 34.82
N THR JA 49 -48.88 48.16 35.52
CA THR JA 49 -47.45 48.34 35.25
C THR JA 49 -46.65 47.23 35.92
N ILE JA 50 -45.86 46.54 35.12
CA ILE JA 50 -45.23 45.29 35.52
C ILE JA 50 -44.00 45.55 36.35
N VAL JA 51 -44.10 45.27 37.64
CA VAL JA 51 -43.02 45.45 38.59
C VAL JA 51 -42.88 44.13 39.35
N PRO JA 52 -41.68 43.81 39.85
CA PRO JA 52 -41.53 42.56 40.62
C PRO JA 52 -42.51 42.43 41.83
N ASP JA 53 -42.83 43.56 42.47
CA ASP JA 53 -43.72 43.55 43.60
C ASP JA 53 -45.08 42.97 43.23
N LEU JA 54 -45.45 43.12 41.97
CA LEU JA 54 -46.78 42.70 41.46
C LEU JA 54 -46.89 41.17 41.26
N LEU JA 55 -45.75 40.53 41.00
CA LEU JA 55 -45.65 39.07 40.90
C LEU JA 55 -45.11 38.52 42.23
N PRO JA 56 -45.99 37.91 43.03
CA PRO JA 56 -45.64 37.78 44.45
C PRO JA 56 -44.34 37.00 44.69
N ARG JA 57 -44.17 35.85 44.04
CA ARG JA 57 -42.94 35.05 44.18
C ARG JA 57 -41.72 35.81 43.75
N LEU JA 58 -41.83 36.59 42.68
CA LEU JA 58 -40.72 37.42 42.23
C LEU JA 58 -40.56 38.60 43.18
N GLY JA 59 -41.65 39.05 43.78
CA GLY JA 59 -41.59 40.12 44.76
C GLY JA 59 -40.62 39.83 45.89
N HIS JA 60 -40.54 38.56 46.28
CA HIS JA 60 -39.63 38.10 47.35
C HIS JA 60 -38.19 37.99 46.87
N ALA JA 61 -38.00 37.42 45.70
CA ALA JA 61 -36.67 37.30 45.12
C ALA JA 61 -36.11 38.65 44.66
N ALA JA 62 -36.97 39.65 44.54
CA ALA JA 62 -36.57 41.02 44.26
C ALA JA 62 -35.76 41.63 45.38
N ARG JA 63 -35.95 41.17 46.62
CA ARG JA 63 -35.19 41.67 47.76
C ARG JA 63 -33.87 40.98 48.02
N ILE JA 64 -33.54 39.97 47.22
CA ILE JA 64 -32.33 39.21 47.37
C ILE JA 64 -31.29 39.64 46.34
N PHE JA 65 -31.76 39.91 45.13
CA PHE JA 65 -30.91 40.41 44.07
C PHE JA 65 -31.27 41.85 43.80
N GLN JA 66 -30.53 42.47 42.90
CA GLN JA 66 -30.67 43.88 42.67
C GLN JA 66 -31.01 44.24 41.24
N ARG JA 67 -30.52 43.48 40.26
CA ARG JA 67 -31.00 43.64 38.91
C ARG JA 67 -31.68 42.34 38.44
N TYR JA 68 -32.82 42.49 37.77
CA TYR JA 68 -33.52 41.37 37.14
C TYR JA 68 -33.66 41.62 35.64
N ALA JA 69 -33.56 40.57 34.84
CA ALA JA 69 -33.77 40.66 33.39
C ALA JA 69 -34.84 39.68 32.94
N VAL JA 70 -35.76 40.15 32.10
CA VAL JA 70 -36.95 39.38 31.72
C VAL JA 70 -36.69 38.53 30.51
N GLU JA 71 -36.85 37.22 30.66
CA GLU JA 71 -36.50 36.26 29.63
C GLU JA 71 -37.72 35.75 28.85
N THR JA 72 -38.84 35.53 29.54
CA THR JA 72 -40.14 35.28 28.86
C THR JA 72 -41.32 35.98 29.56
N LEU JA 73 -42.22 36.56 28.77
CA LEU JA 73 -43.41 37.19 29.30
C LEU JA 73 -44.62 36.80 28.48
N GLU JA 74 -45.69 36.41 29.15
CA GLU JA 74 -46.98 36.22 28.50
C GLU JA 74 -48.07 36.61 29.48
N PHE JA 75 -49.22 37.01 28.95
CA PHE JA 75 -50.35 37.33 29.80
C PHE JA 75 -51.55 36.54 29.34
N GLU JA 76 -52.18 35.87 30.29
CA GLU JA 76 -53.33 35.04 30.03
C GLU JA 76 -54.51 35.82 30.54
N ILE JA 77 -55.39 36.21 29.63
CA ILE JA 77 -56.62 36.92 30.00
C ILE JA 77 -57.66 35.87 30.31
N GLN JA 78 -58.21 35.94 31.52
CA GLN JA 78 -59.11 34.93 31.99
C GLN JA 78 -60.39 35.58 32.53
N PRO JA 79 -61.27 36.02 31.62
CA PRO JA 79 -62.54 36.61 31.95
C PRO JA 79 -63.55 35.52 32.28
N MET JA 80 -64.42 35.81 33.25
CA MET JA 80 -65.32 34.82 33.76
C MET JA 80 -66.72 35.35 33.79
N CYS JA 81 -67.51 34.86 32.85
CA CYS JA 81 -68.84 35.36 32.65
C CYS JA 81 -69.62 34.29 31.91
N PRO JA 82 -70.95 34.47 31.82
CA PRO JA 82 -71.71 33.46 31.11
C PRO JA 82 -71.48 33.56 29.61
N ALA JA 83 -71.72 32.46 28.92
CA ALA JA 83 -71.55 32.39 27.48
C ALA JA 83 -72.54 33.26 26.70
N ASN JA 84 -73.54 33.79 27.39
CA ASN JA 84 -74.49 34.75 26.82
C ASN JA 84 -74.13 36.23 27.03
N THR JA 85 -72.84 36.54 27.07
CA THR JA 85 -72.40 37.89 27.30
C THR JA 85 -72.00 38.53 25.99
N GLY JA 86 -72.55 39.72 25.73
CA GLY JA 86 -72.25 40.46 24.51
C GLY JA 86 -70.98 41.21 24.76
N GLY JA 87 -69.91 40.47 24.86
CA GLY JA 87 -68.72 41.05 25.41
C GLY JA 87 -67.81 41.62 24.37
N GLY JA 88 -66.52 41.58 24.68
CA GLY JA 88 -65.49 42.07 23.80
C GLY JA 88 -64.39 42.76 24.58
N TYR JA 89 -63.16 42.32 24.35
CA TYR JA 89 -62.01 43.03 24.87
C TYR JA 89 -60.86 43.01 23.88
N VAL JA 90 -59.97 43.98 24.06
CA VAL JA 90 -58.66 43.95 23.42
C VAL JA 90 -57.67 44.05 24.55
N ALA JA 91 -56.66 43.18 24.53
CA ALA JA 91 -55.63 43.15 25.54
C ALA JA 91 -54.30 43.26 24.83
N GLY JA 92 -53.39 44.05 25.39
CA GLY JA 92 -52.09 44.26 24.76
C GLY JA 92 -51.06 44.69 25.77
N PHE JA 93 -49.80 44.40 25.48
CA PHE JA 93 -48.70 44.78 26.36
C PHE JA 93 -47.81 45.80 25.65
N LEU JA 94 -47.92 47.08 26.05
CA LEU JA 94 -46.98 48.07 25.53
C LEU JA 94 -45.70 48.14 26.39
N PRO JA 95 -44.53 48.03 25.75
CA PRO JA 95 -43.24 47.95 26.42
C PRO JA 95 -42.68 49.17 27.13
N ASP JA 96 -43.40 50.29 27.24
CA ASP JA 96 -42.93 51.39 28.13
C ASP JA 96 -43.83 51.47 29.32
N PRO JA 97 -43.25 51.39 30.51
CA PRO JA 97 -44.10 51.71 31.64
C PRO JA 97 -44.52 53.17 31.61
N THR JA 98 -43.79 53.96 30.83
CA THR JA 98 -43.98 55.41 30.71
C THR JA 98 -45.35 55.84 30.21
N ASP JA 99 -45.75 55.44 29.01
CA ASP JA 99 -46.82 56.18 28.32
C ASP JA 99 -48.25 55.68 28.49
N ASN JA 100 -49.18 56.66 28.51
CA ASN JA 100 -50.61 56.48 28.77
C ASN JA 100 -51.48 56.35 27.50
N ASP JA 101 -50.88 55.97 26.38
CA ASP JA 101 -51.64 55.88 25.14
C ASP JA 101 -52.50 54.60 25.19
N HIS JA 102 -53.69 54.70 25.79
CA HIS JA 102 -54.57 53.54 26.00
C HIS JA 102 -55.78 53.51 25.07
N THR JA 103 -55.50 53.45 23.78
CA THR JA 103 -56.52 53.36 22.73
C THR JA 103 -56.43 51.99 22.06
N PHE JA 104 -57.53 51.55 21.43
CA PHE JA 104 -57.55 50.28 20.74
C PHE JA 104 -56.42 50.15 19.72
N ASP JA 105 -56.31 51.14 18.85
CA ASP JA 105 -55.35 51.05 17.75
C ASP JA 105 -53.93 50.94 18.28
N ALA JA 106 -53.65 51.64 19.38
CA ALA JA 106 -52.33 51.60 20.02
C ALA JA 106 -52.00 50.26 20.64
N LEU JA 107 -52.99 49.62 21.24
CA LEU JA 107 -52.85 48.26 21.70
C LEU JA 107 -52.63 47.26 20.57
N GLN JA 108 -53.50 47.30 19.56
CA GLN JA 108 -53.41 46.38 18.43
C GLN JA 108 -52.11 46.52 17.65
N ALA JA 109 -51.43 47.66 17.81
CA ALA JA 109 -50.10 47.86 17.19
C ALA JA 109 -48.99 47.04 17.83
N THR JA 110 -49.18 46.61 19.08
CA THR JA 110 -48.21 45.76 19.78
C THR JA 110 -48.34 44.31 19.33
N ARG JA 111 -47.40 43.44 19.72
CA ARG JA 111 -47.24 42.13 19.07
C ARG JA 111 -48.17 41.12 19.67
N GLY JA 112 -48.24 41.11 20.99
CA GLY JA 112 -49.08 40.14 21.65
C GLY JA 112 -50.55 40.29 21.29
N ALA JA 113 -50.94 41.53 20.98
CA ALA JA 113 -52.33 41.99 21.00
C ALA JA 113 -53.35 40.97 20.57
N VAL JA 114 -54.36 40.77 21.42
CA VAL JA 114 -55.47 39.86 21.15
C VAL JA 114 -56.79 40.56 21.35
N VAL JA 115 -57.80 40.16 20.58
CA VAL JA 115 -59.18 40.59 20.83
C VAL JA 115 -60.09 39.37 20.83
N ALA JA 116 -61.13 39.43 21.66
CA ALA JA 116 -62.00 38.27 21.86
C ALA JA 116 -63.26 38.69 22.60
N LYS JA 117 -64.28 37.87 22.48
CA LYS JA 117 -65.53 38.07 23.22
C LYS JA 117 -65.23 37.73 24.69
N TRP JA 118 -65.99 38.31 25.62
CA TRP JA 118 -65.67 38.15 27.03
C TRP JA 118 -65.76 36.73 27.54
N TRP JA 119 -66.41 35.84 26.80
CA TRP JA 119 -66.49 34.44 27.21
C TRP JA 119 -65.42 33.57 26.52
N GLU JA 120 -64.30 34.20 26.17
CA GLU JA 120 -63.21 33.51 25.50
C GLU JA 120 -61.90 33.86 26.21
N SER JA 121 -61.19 32.85 26.69
CA SER JA 121 -59.86 33.01 27.27
C SER JA 121 -58.91 33.31 26.16
N ARG JA 122 -57.78 33.91 26.48
CA ARG JA 122 -56.88 34.37 25.44
C ARG JA 122 -55.50 34.68 26.01
N THR JA 123 -54.46 34.55 25.19
CA THR JA 123 -53.12 34.74 25.66
C THR JA 123 -52.34 35.74 24.79
N VAL JA 124 -51.84 36.80 25.41
CA VAL JA 124 -51.02 37.77 24.68
C VAL JA 124 -49.57 37.39 24.89
N ARG JA 125 -48.86 37.26 23.77
CA ARG JA 125 -47.46 36.87 23.72
C ARG JA 125 -46.68 38.05 23.15
N PRO JA 126 -46.29 39.00 24.02
CA PRO JA 126 -45.73 40.21 23.49
C PRO JA 126 -44.27 40.07 23.17
N GLN JA 127 -43.74 41.11 22.57
CA GLN JA 127 -42.31 41.31 22.44
C GLN JA 127 -42.02 42.57 23.25
N TYR JA 128 -40.88 42.55 23.94
CA TYR JA 128 -40.60 43.49 25.02
C TYR JA 128 -39.15 43.95 24.95
N THR JA 129 -38.73 44.70 25.96
CA THR JA 129 -37.34 45.18 26.09
C THR JA 129 -36.27 44.08 25.93
N ARG JA 130 -36.45 42.94 26.61
CA ARG JA 130 -35.52 41.79 26.54
C ARG JA 130 -34.15 42.10 27.19
N THR JA 131 -34.12 43.14 28.02
CA THR JA 131 -32.88 43.79 28.46
C THR JA 131 -32.70 43.67 29.97
N LEU JA 132 -31.56 44.10 30.48
CA LEU JA 132 -31.34 44.18 31.93
C LEU JA 132 -32.11 45.33 32.56
N LEU JA 133 -32.64 45.08 33.75
CA LEU JA 133 -33.49 46.02 34.43
C LEU JA 133 -32.97 46.19 35.86
N TRP JA 134 -33.83 46.64 36.77
CA TRP JA 134 -33.48 47.02 38.13
C TRP JA 134 -34.62 46.64 39.09
N THR JA 135 -34.31 45.92 40.16
CA THR JA 135 -35.37 45.36 41.04
C THR JA 135 -36.04 46.40 41.92
N SER JA 136 -35.49 47.63 41.93
CA SER JA 136 -36.04 48.72 42.75
C SER JA 136 -36.08 50.04 42.01
N SER JA 137 -36.92 50.96 42.46
CA SER JA 137 -37.21 52.23 41.77
C SER JA 137 -36.00 53.09 41.39
N GLY JA 138 -36.13 53.84 40.30
CA GLY JA 138 -35.05 54.65 39.75
C GLY JA 138 -35.54 56.04 39.38
N LYS JA 139 -34.60 56.93 39.13
CA LYS JA 139 -34.91 58.27 38.65
C LYS JA 139 -35.46 58.13 37.22
N GLU JA 140 -34.82 57.26 36.41
CA GLU JA 140 -35.29 56.88 35.09
C GLU JA 140 -35.91 55.49 35.19
N GLN JA 141 -37.22 55.43 34.98
CA GLN JA 141 -37.95 54.17 35.16
C GLN JA 141 -38.04 53.27 33.91
N ARG JA 142 -37.23 53.56 32.89
CA ARG JA 142 -37.10 52.71 31.72
C ARG JA 142 -36.39 51.42 32.09
N LEU JA 143 -35.70 51.41 33.24
CA LEU JA 143 -34.96 50.24 33.71
C LEU JA 143 -35.52 49.58 34.98
N THR JA 144 -36.71 49.97 35.43
CA THR JA 144 -37.33 49.32 36.59
C THR JA 144 -38.58 48.43 36.25
N SER JA 145 -39.13 48.58 35.05
CA SER JA 145 -40.30 47.80 34.58
C SER JA 145 -40.23 47.54 33.06
N PRO JA 146 -40.60 46.33 32.61
CA PRO JA 146 -40.43 46.02 31.20
C PRO JA 146 -41.58 46.48 30.31
N GLY JA 147 -42.62 47.04 30.92
CA GLY JA 147 -43.80 47.51 30.23
C GLY JA 147 -45.05 47.42 31.09
N ARG JA 148 -46.21 47.48 30.45
CA ARG JA 148 -47.46 47.40 31.18
C ARG JA 148 -48.56 46.78 30.35
N LEU JA 149 -49.45 46.06 31.03
CA LEU JA 149 -50.49 45.26 30.40
C LEU JA 149 -51.78 46.07 30.48
N ILE JA 150 -52.41 46.27 29.32
CA ILE JA 150 -53.66 47.03 29.25
C ILE JA 150 -54.77 46.13 28.75
N LEU JA 151 -55.96 46.32 29.30
CA LEU JA 151 -57.13 45.56 28.88
C LEU JA 151 -58.27 46.53 28.64
N LEU JA 152 -58.79 46.55 27.43
CA LEU JA 152 -59.82 47.51 27.02
C LEU JA 152 -61.08 46.81 26.64
N CYS JA 153 -62.20 47.46 26.93
CA CYS JA 153 -63.49 46.99 26.45
C CYS JA 153 -63.67 47.18 24.95
N VAL JA 154 -64.32 46.22 24.33
CA VAL JA 154 -64.80 46.36 22.96
C VAL JA 154 -66.28 46.11 23.08
N GLY JA 155 -67.06 46.95 22.42
CA GLY JA 155 -68.50 46.92 22.55
C GLY JA 155 -68.82 47.03 24.02
N ASN JA 156 -70.01 46.59 24.42
CA ASN JA 156 -70.44 46.75 25.82
C ASN JA 156 -71.09 45.50 26.37
N ASN JA 157 -70.64 45.09 27.55
CA ASN JA 157 -71.02 43.81 28.14
C ASN JA 157 -72.45 43.74 28.60
N THR JA 158 -73.12 42.65 28.22
CA THR JA 158 -74.50 42.35 28.61
C THR JA 158 -74.60 41.88 30.04
N ASP JA 159 -73.49 41.39 30.57
CA ASP JA 159 -73.54 40.68 31.82
C ASP JA 159 -72.29 40.97 32.66
N VAL JA 160 -72.29 40.46 33.88
CA VAL JA 160 -71.20 40.73 34.81
C VAL JA 160 -70.00 39.86 34.47
N VAL JA 161 -68.84 40.51 34.39
CA VAL JA 161 -67.61 39.86 34.02
C VAL JA 161 -66.65 39.99 35.18
N ASN JA 162 -66.04 38.89 35.59
CA ASN JA 162 -65.01 38.88 36.62
C ASN JA 162 -63.67 38.51 35.99
N VAL JA 163 -63.05 39.49 35.32
CA VAL JA 163 -61.80 39.25 34.63
C VAL JA 163 -60.59 39.23 35.57
N SER JA 164 -59.75 38.21 35.41
CA SER JA 164 -58.48 38.13 36.14
C SER JA 164 -57.41 37.96 35.07
N VAL JA 165 -56.41 38.84 35.01
CA VAL JA 165 -55.32 38.62 34.06
C VAL JA 165 -54.14 38.02 34.83
N LEU JA 166 -53.47 37.08 34.18
CA LEU JA 166 -52.38 36.35 34.78
C LEU JA 166 -51.15 36.61 33.95
N CYS JA 167 -50.03 36.84 34.61
CA CYS JA 167 -48.78 37.01 33.92
C CYS JA 167 -47.94 35.77 34.15
N ARG JA 168 -47.56 35.08 33.09
CA ARG JA 168 -46.58 34.03 33.24
C ARG JA 168 -45.24 34.60 32.83
N TRP JA 169 -44.23 34.34 33.65
CA TRP JA 169 -42.97 35.04 33.57
C TRP JA 169 -41.79 34.11 33.80
N SER JA 170 -40.70 34.42 33.14
CA SER JA 170 -39.46 33.73 33.35
C SER JA 170 -38.37 34.79 33.36
N VAL JA 171 -37.59 34.83 34.42
CA VAL JA 171 -36.73 35.95 34.73
C VAL JA 171 -35.36 35.43 35.14
N ARG JA 172 -34.29 36.12 34.74
CA ARG JA 172 -32.96 35.81 35.28
C ARG JA 172 -32.45 36.95 36.18
N LEU JA 173 -32.09 36.62 37.41
CA LEU JA 173 -31.72 37.58 38.45
C LEU JA 173 -30.24 37.66 38.72
N SER JA 174 -29.77 38.83 39.10
CA SER JA 174 -28.33 39.15 39.13
C SER JA 174 -27.97 40.06 40.30
N VAL JA 175 -26.68 40.29 40.45
CA VAL JA 175 -26.02 40.89 41.64
C VAL JA 175 -26.76 40.75 42.99
N PRO JA 176 -26.29 39.80 43.83
CA PRO JA 176 -26.76 39.59 45.19
C PRO JA 176 -26.78 40.89 46.00
N SER JA 177 -27.65 40.92 46.98
CA SER JA 177 -28.04 42.15 47.63
C SER JA 177 -29.09 41.84 48.69
N LEU JA 178 -29.53 42.83 49.45
CA LEU JA 178 -30.57 42.59 50.48
C LEU JA 178 -31.28 43.87 50.91
N GLU JA 179 -32.46 44.11 50.36
CA GLU JA 179 -33.16 45.36 50.62
C GLU JA 179 -34.26 45.19 51.66
N ASN JA 180 -34.06 45.84 52.82
CA ASN JA 180 -34.95 45.76 53.98
C ASN JA 180 -35.67 47.06 54.24
N THR KA 18 8.61 48.42 -22.12
CA THR KA 18 9.78 49.34 -22.02
C THR KA 18 9.51 50.68 -22.72
N ASN KA 19 10.24 51.71 -22.30
CA ASN KA 19 10.12 53.05 -22.87
C ASN KA 19 11.00 53.23 -24.10
N ASP KA 20 11.93 52.30 -24.32
CA ASP KA 20 12.84 52.28 -25.48
C ASP KA 20 12.10 52.07 -26.78
N VAL KA 21 12.71 52.55 -27.87
CA VAL KA 21 12.13 52.41 -29.20
C VAL KA 21 13.21 51.88 -30.12
N HIS KA 22 13.02 50.65 -30.61
CA HIS KA 22 13.97 49.98 -31.48
C HIS KA 22 13.69 50.35 -32.93
N LEU KA 23 14.69 50.91 -33.61
CA LEU KA 23 14.53 51.41 -34.96
C LEU KA 23 15.60 50.77 -35.82
N SER KA 24 15.24 50.30 -37.01
CA SER KA 24 16.20 49.63 -37.88
C SER KA 24 16.04 50.08 -39.29
N GLY KA 25 17.16 50.15 -39.98
CA GLY KA 25 17.17 50.42 -41.42
C GLY KA 25 18.52 50.09 -42.02
N MET KA 26 18.76 50.63 -43.19
CA MET KA 26 20.03 50.49 -43.85
C MET KA 26 20.18 51.57 -44.88
N SER KA 27 21.27 52.30 -44.77
CA SER KA 27 21.41 53.53 -45.50
C SER KA 27 22.78 53.64 -46.15
N ARG KA 28 22.87 54.49 -47.18
CA ARG KA 28 24.12 54.68 -47.90
C ARG KA 28 24.96 55.74 -47.22
N ILE KA 29 26.00 55.28 -46.53
CA ILE KA 29 26.97 56.15 -45.89
C ILE KA 29 27.66 57.09 -46.88
N SER KA 30 28.12 56.55 -48.00
CA SER KA 30 28.81 57.36 -48.98
C SER KA 30 28.91 56.70 -50.35
N GLN KA 31 29.44 57.47 -51.29
CA GLN KA 31 29.68 57.06 -52.66
C GLN KA 31 30.94 57.75 -53.16
N ALA KA 32 31.86 56.98 -53.70
CA ALA KA 32 33.08 57.53 -54.26
C ALA KA 32 33.23 57.03 -55.69
N VAL KA 33 33.83 57.83 -56.54
CA VAL KA 33 34.02 57.42 -57.93
C VAL KA 33 35.50 57.54 -58.32
N LEU KA 34 36.20 56.42 -58.26
CA LEU KA 34 37.66 56.35 -58.43
C LEU KA 34 38.06 56.10 -59.90
N PRO KA 35 38.57 57.14 -60.59
CA PRO KA 35 38.76 56.98 -62.02
C PRO KA 35 39.94 56.10 -62.41
N ALA KA 36 40.10 55.99 -63.72
CA ALA KA 36 41.03 55.06 -64.39
C ALA KA 36 42.14 54.41 -63.54
N GLY KA 37 43.06 55.19 -62.97
CA GLY KA 37 44.24 54.58 -62.33
C GLY KA 37 44.71 55.28 -61.06
N THR KA 38 43.78 55.90 -60.35
CA THR KA 38 44.09 56.88 -59.31
C THR KA 38 43.91 56.38 -57.86
N GLY KA 39 43.93 55.06 -57.66
CA GLY KA 39 43.96 54.44 -56.32
C GLY KA 39 45.32 53.78 -56.15
N THR KA 40 45.91 53.84 -54.95
CA THR KA 40 47.21 53.19 -54.68
C THR KA 40 47.32 52.78 -53.22
N ASP KA 41 48.13 51.77 -52.94
CA ASP KA 41 48.26 51.21 -51.58
C ASP KA 41 48.05 52.25 -50.48
N GLY KA 42 46.97 52.10 -49.70
CA GLY KA 42 46.65 53.01 -48.59
C GLY KA 42 45.78 54.22 -48.89
N TYR KA 43 45.56 54.56 -50.15
CA TYR KA 43 44.77 55.75 -50.49
C TYR KA 43 43.36 55.63 -49.94
N VAL KA 44 43.02 56.49 -49.00
CA VAL KA 44 41.68 56.50 -48.40
C VAL KA 44 40.69 56.95 -49.47
N VAL KA 45 39.72 56.10 -49.79
CA VAL KA 45 38.65 56.42 -50.73
C VAL KA 45 37.39 56.88 -50.00
N VAL KA 46 37.23 56.43 -48.76
CA VAL KA 46 36.09 56.79 -47.93
C VAL KA 46 36.54 56.87 -46.48
N ASP KA 47 36.08 57.90 -45.78
CA ASP KA 47 36.39 58.05 -44.37
C ASP KA 47 35.22 58.74 -43.67
N ALA KA 48 34.17 57.95 -43.43
CA ALA KA 48 32.92 58.49 -42.96
C ALA KA 48 32.73 58.28 -41.47
N THR KA 49 32.29 59.33 -40.78
CA THR KA 49 32.03 59.26 -39.35
C THR KA 49 30.54 59.06 -39.06
N ILE KA 50 30.23 58.00 -38.32
CA ILE KA 50 28.84 57.54 -38.12
C ILE KA 50 28.04 58.38 -37.14
N VAL KA 51 27.27 59.30 -37.70
CA VAL KA 51 26.42 60.20 -36.93
C VAL KA 51 24.98 60.09 -37.42
N PRO KA 52 24.01 60.08 -36.50
CA PRO KA 52 22.60 59.96 -36.86
C PRO KA 52 22.17 60.70 -38.13
N ASP KA 53 22.73 61.88 -38.39
CA ASP KA 53 22.38 62.62 -39.62
C ASP KA 53 22.76 61.89 -40.91
N LEU KA 54 23.83 61.09 -40.85
CA LEU KA 54 24.35 60.29 -42.00
C LEU KA 54 23.51 59.02 -42.34
N LEU KA 55 22.58 58.69 -41.44
CA LEU KA 55 21.65 57.59 -41.61
C LEU KA 55 20.22 58.17 -41.74
N PRO KA 56 19.89 58.72 -42.91
CA PRO KA 56 18.73 59.59 -43.06
C PRO KA 56 17.61 59.25 -42.11
N ARG KA 57 17.13 58.02 -42.16
CA ARG KA 57 15.98 57.60 -41.37
C ARG KA 57 16.21 57.89 -39.89
N LEU KA 58 17.44 57.73 -39.42
CA LEU KA 58 17.77 58.00 -38.04
C LEU KA 58 17.90 59.50 -37.76
N GLY KA 59 18.40 60.24 -38.74
CA GLY KA 59 18.48 61.70 -38.67
C GLY KA 59 17.23 62.38 -38.14
N HIS KA 60 16.06 61.90 -38.60
CA HIS KA 60 14.74 62.38 -38.12
C HIS KA 60 14.39 61.85 -36.74
N ALA KA 61 14.61 60.54 -36.55
CA ALA KA 61 14.34 59.89 -35.28
C ALA KA 61 15.22 60.42 -34.15
N ALA KA 62 16.38 60.98 -34.51
CA ALA KA 62 17.25 61.69 -33.56
C ALA KA 62 16.60 62.97 -32.98
N ARG KA 63 15.82 63.68 -33.79
CA ARG KA 63 15.17 64.88 -33.34
C ARG KA 63 14.09 64.60 -32.28
N ILE KA 64 13.51 63.41 -32.31
CA ILE KA 64 12.46 62.98 -31.36
C ILE KA 64 12.99 62.52 -30.00
N PHE KA 65 14.22 62.00 -29.95
CA PHE KA 65 14.78 61.44 -28.72
C PHE KA 65 16.14 62.07 -28.45
N GLN KA 66 16.66 61.78 -27.27
CA GLN KA 66 17.90 62.40 -26.81
C GLN KA 66 19.09 61.49 -26.92
N ARG KA 67 18.91 60.25 -26.50
CA ARG KA 67 20.01 59.29 -26.54
C ARG KA 67 19.68 58.04 -27.36
N TYR KA 68 20.71 57.48 -28.00
CA TYR KA 68 20.57 56.28 -28.81
C TYR KA 68 21.73 55.34 -28.59
N ALA KA 69 21.41 54.05 -28.46
CA ALA KA 69 22.42 53.02 -28.21
C ALA KA 69 22.51 52.00 -29.36
N VAL KA 70 23.63 51.99 -30.07
CA VAL KA 70 23.79 51.13 -31.24
C VAL KA 70 23.73 49.66 -30.81
N GLU KA 71 22.79 48.92 -31.40
CA GLU KA 71 22.50 47.53 -31.01
C GLU KA 71 22.86 46.50 -32.07
N THR KA 72 22.91 46.88 -33.35
CA THR KA 72 23.62 46.09 -34.38
C THR KA 72 24.23 47.02 -35.45
N LEU KA 73 25.46 46.73 -35.86
CA LEU KA 73 26.12 47.51 -36.93
C LEU KA 73 26.82 46.59 -37.92
N GLU KA 74 26.55 46.83 -39.21
CA GLU KA 74 27.32 46.25 -40.31
C GLU KA 74 27.44 47.27 -41.43
N PHE KA 75 28.53 47.15 -42.19
CA PHE KA 75 28.73 47.98 -43.35
C PHE KA 75 28.95 47.08 -44.56
N GLU KA 76 28.10 47.21 -45.55
CA GLU KA 76 28.21 46.40 -46.74
C GLU KA 76 29.00 47.23 -47.76
N ILE KA 77 30.20 46.76 -48.10
CA ILE KA 77 31.06 47.42 -49.10
C ILE KA 77 30.65 46.92 -50.49
N GLN KA 78 30.24 47.87 -51.33
CA GLN KA 78 29.49 47.58 -52.54
C GLN KA 78 30.07 48.31 -53.75
N PRO KA 79 31.26 47.89 -54.19
CA PRO KA 79 31.93 48.47 -55.32
C PRO KA 79 31.37 47.95 -56.62
N MET KA 80 31.35 48.82 -57.62
CA MET KA 80 30.71 48.53 -58.90
C MET KA 80 31.61 48.81 -60.07
N CYS KA 81 32.09 47.75 -60.69
CA CYS KA 81 33.09 47.84 -61.72
C CYS KA 81 33.13 46.53 -62.50
N PRO KA 82 33.68 46.57 -63.71
CA PRO KA 82 33.75 45.34 -64.49
C PRO KA 82 34.61 44.33 -63.78
N ALA KA 83 34.35 43.05 -64.02
CA ALA KA 83 35.15 41.99 -63.39
C ALA KA 83 36.60 41.90 -63.90
N ASN KA 84 37.03 42.92 -64.65
CA ASN KA 84 38.40 43.04 -65.15
C ASN KA 84 39.09 44.28 -64.57
N THR KA 85 39.23 44.27 -63.25
CA THR KA 85 39.78 45.39 -62.51
C THR KA 85 40.89 44.85 -61.59
N GLY KA 86 42.10 45.36 -61.74
CA GLY KA 86 43.27 44.84 -61.03
C GLY KA 86 43.33 45.27 -59.58
N GLY KA 87 42.25 45.90 -59.12
CA GLY KA 87 42.23 46.51 -57.81
C GLY KA 87 42.01 45.61 -56.59
N GLY KA 88 41.53 46.24 -55.53
CA GLY KA 88 41.53 45.65 -54.22
C GLY KA 88 41.21 46.72 -53.19
N TYR KA 89 40.61 46.32 -52.06
CA TYR KA 89 40.30 47.28 -51.01
C TYR KA 89 40.33 46.65 -49.67
N VAL KA 90 40.55 47.48 -48.67
CA VAL KA 90 40.40 47.06 -47.29
C VAL KA 90 39.39 48.00 -46.65
N ALA KA 91 38.57 47.45 -45.77
CA ALA KA 91 37.52 48.22 -45.12
C ALA KA 91 37.45 47.81 -43.68
N GLY KA 92 37.47 48.81 -42.80
CA GLY KA 92 37.45 48.60 -41.37
C GLY KA 92 36.58 49.61 -40.66
N PHE KA 93 36.04 49.19 -39.52
CA PHE KA 93 35.34 50.08 -38.63
C PHE KA 93 36.10 50.21 -37.31
N LEU KA 94 36.95 51.25 -37.23
CA LEU KA 94 37.62 51.60 -35.97
C LEU KA 94 36.74 52.46 -35.07
N PRO KA 95 36.62 52.10 -33.77
CA PRO KA 95 35.63 52.76 -32.90
C PRO KA 95 36.04 54.05 -32.14
N ASP KA 96 36.85 54.93 -32.74
CA ASP KA 96 37.03 56.29 -32.20
C ASP KA 96 36.60 57.27 -33.25
N PRO KA 97 35.53 58.01 -32.99
CA PRO KA 97 35.34 59.09 -33.96
C PRO KA 97 36.64 59.90 -34.12
N THR KA 98 37.48 59.83 -33.08
CA THR KA 98 38.73 60.58 -32.99
C THR KA 98 39.86 60.19 -33.97
N ASP KA 99 40.39 58.97 -33.87
CA ASP KA 99 41.69 58.64 -34.49
C ASP KA 99 41.72 58.71 -36.02
N ASN KA 100 42.82 59.24 -36.56
CA ASN KA 100 43.09 59.24 -38.00
C ASN KA 100 44.15 58.21 -38.43
N ASP KA 101 44.24 57.10 -37.69
CA ASP KA 101 45.15 56.04 -38.09
C ASP KA 101 44.49 55.36 -39.30
N HIS KA 102 44.76 55.89 -40.48
CA HIS KA 102 44.19 55.38 -41.74
C HIS KA 102 45.23 54.58 -42.50
N THR KA 103 45.67 53.48 -41.90
CA THR KA 103 46.64 52.59 -42.52
C THR KA 103 46.08 51.17 -42.53
N PHE KA 104 46.63 50.33 -43.40
CA PHE KA 104 46.13 48.97 -43.56
C PHE KA 104 46.20 48.15 -42.28
N ASP KA 105 47.38 48.05 -41.70
CA ASP KA 105 47.57 47.13 -40.55
C ASP KA 105 46.71 47.57 -39.37
N ALA KA 106 46.49 48.88 -39.29
CA ALA KA 106 45.54 49.48 -38.38
C ALA KA 106 44.15 48.92 -38.67
N LEU KA 107 43.63 49.18 -39.86
CA LEU KA 107 42.28 48.71 -40.20
C LEU KA 107 42.15 47.20 -40.03
N GLN KA 108 43.05 46.44 -40.62
CA GLN KA 108 42.99 44.98 -40.49
C GLN KA 108 42.95 44.52 -39.04
N ALA KA 109 43.63 45.23 -38.15
CA ALA KA 109 43.62 44.88 -36.74
C ALA KA 109 42.23 44.88 -36.08
N THR KA 110 41.25 45.65 -36.61
CA THR KA 110 39.87 45.71 -36.04
C THR KA 110 39.16 44.38 -36.28
N ARG KA 111 37.92 44.24 -35.83
CA ARG KA 111 37.25 42.94 -35.85
C ARG KA 111 36.63 42.75 -37.21
N GLY KA 112 35.86 43.74 -37.66
CA GLY KA 112 35.11 43.58 -38.89
C GLY KA 112 35.97 43.44 -40.13
N ALA KA 113 37.17 44.01 -40.10
CA ALA KA 113 37.91 44.33 -41.31
C ALA KA 113 37.89 43.24 -42.40
N VAL KA 114 37.59 43.69 -43.62
CA VAL KA 114 37.59 42.82 -44.81
C VAL KA 114 38.54 43.34 -45.87
N VAL KA 115 39.16 42.42 -46.62
CA VAL KA 115 39.89 42.73 -47.85
C VAL KA 115 39.36 41.92 -49.05
N ALA KA 116 39.38 42.53 -50.24
CA ALA KA 116 38.72 41.95 -51.39
C ALA KA 116 39.17 42.64 -52.65
N LYS KA 117 38.96 41.99 -53.80
CA LYS KA 117 39.15 42.64 -55.11
C LYS KA 117 38.00 43.61 -55.39
N TRP KA 118 38.15 44.54 -56.33
CA TRP KA 118 37.11 45.56 -56.48
C TRP KA 118 35.80 45.05 -57.11
N TRP KA 119 35.83 43.90 -57.78
CA TRP KA 119 34.59 43.33 -58.33
C TRP KA 119 33.88 42.39 -57.33
N GLU KA 120 34.17 42.57 -56.04
CA GLU KA 120 33.73 41.64 -55.01
C GLU KA 120 33.07 42.47 -53.92
N SER KA 121 31.80 42.17 -53.66
CA SER KA 121 31.08 42.78 -52.54
C SER KA 121 31.53 42.13 -51.26
N ARG KA 122 31.35 42.81 -50.15
CA ARG KA 122 31.87 42.33 -48.89
C ARG KA 122 31.25 43.11 -47.74
N THR KA 123 31.11 42.49 -46.59
CA THR KA 123 30.38 43.09 -45.46
C THR KA 123 31.18 43.04 -44.14
N VAL KA 124 31.62 44.19 -43.64
CA VAL KA 124 32.42 44.19 -42.40
C VAL KA 124 31.48 44.14 -41.20
N ARG KA 125 31.81 43.27 -40.25
CA ARG KA 125 31.00 43.04 -39.05
C ARG KA 125 31.73 43.51 -37.79
N PRO KA 126 31.73 44.81 -37.55
CA PRO KA 126 32.73 45.30 -36.64
C PRO KA 126 32.31 45.03 -35.22
N GLN KA 127 33.23 45.25 -34.27
CA GLN KA 127 32.86 45.33 -32.86
C GLN KA 127 33.14 46.77 -32.37
N TYR KA 128 32.21 47.27 -31.56
CA TYR KA 128 31.95 48.72 -31.44
C TYR KA 128 31.48 49.08 -30.04
N THR KA 129 31.23 50.36 -29.80
CA THR KA 129 31.02 50.90 -28.43
C THR KA 129 29.84 50.38 -27.57
N ARG KA 130 28.73 49.98 -28.20
CA ARG KA 130 27.60 49.31 -27.51
C ARG KA 130 27.09 50.04 -26.26
N THR KA 131 27.37 51.34 -26.20
CA THR KA 131 27.11 52.20 -25.06
C THR KA 131 26.00 53.17 -25.47
N LEU KA 132 25.57 54.03 -24.55
CA LEU KA 132 24.50 55.01 -24.82
C LEU KA 132 25.04 56.39 -25.23
N LEU KA 133 24.89 56.71 -26.50
CA LEU KA 133 25.43 57.92 -27.07
C LEU KA 133 24.36 59.00 -27.03
N TRP KA 134 24.58 60.08 -27.77
CA TRP KA 134 23.77 61.28 -27.72
C TRP KA 134 23.53 61.81 -29.13
N THR KA 135 22.31 62.29 -29.38
CA THR KA 135 21.77 62.43 -30.74
C THR KA 135 22.10 63.77 -31.45
N SER KA 136 22.59 64.75 -30.70
CA SER KA 136 23.22 65.94 -31.30
C SER KA 136 24.63 66.16 -30.69
N SER KA 137 25.37 67.12 -31.27
CA SER KA 137 26.78 67.38 -30.93
C SER KA 137 27.11 67.47 -29.41
N GLY KA 138 28.21 66.83 -29.00
CA GLY KA 138 28.68 66.87 -27.62
C GLY KA 138 30.04 67.55 -27.49
N LYS KA 139 30.43 67.85 -26.26
CA LYS KA 139 31.73 68.51 -25.99
C LYS KA 139 32.83 67.45 -25.89
N GLU KA 140 32.47 66.31 -25.31
CA GLU KA 140 33.24 65.09 -25.47
C GLU KA 140 32.44 64.16 -26.39
N GLN KA 141 32.91 64.06 -27.64
CA GLN KA 141 32.24 63.26 -28.69
C GLN KA 141 32.60 61.76 -28.66
N ARG KA 142 32.90 61.25 -27.46
CA ARG KA 142 32.99 59.80 -27.19
C ARG KA 142 31.61 59.31 -26.80
N LEU KA 143 30.59 60.17 -26.96
CA LEU KA 143 29.19 59.84 -26.72
C LEU KA 143 28.22 60.39 -27.82
N THR KA 144 28.70 60.62 -29.05
CA THR KA 144 27.81 61.03 -30.18
C THR KA 144 27.98 60.23 -31.51
N SER KA 145 28.88 59.26 -31.54
CA SER KA 145 29.22 58.52 -32.76
C SER KA 145 30.09 57.30 -32.40
N PRO KA 146 29.57 56.07 -32.62
CA PRO KA 146 30.24 54.89 -32.11
C PRO KA 146 31.47 54.42 -32.93
N GLY KA 147 31.92 55.25 -33.88
CA GLY KA 147 33.14 54.99 -34.65
C GLY KA 147 33.13 55.61 -36.03
N ARG KA 148 33.95 55.08 -36.94
CA ARG KA 148 33.99 55.53 -38.33
C ARG KA 148 34.49 54.44 -39.32
N LEU KA 149 33.92 54.45 -40.53
CA LEU KA 149 34.19 53.43 -41.55
C LEU KA 149 35.20 53.99 -42.53
N ILE KA 150 36.31 53.27 -42.67
CA ILE KA 150 37.37 53.66 -43.57
C ILE KA 150 37.42 52.59 -44.65
N LEU KA 151 37.81 53.01 -45.85
CA LEU KA 151 37.98 52.15 -46.99
C LEU KA 151 39.26 52.61 -47.69
N LEU KA 152 40.26 51.74 -47.73
CA LEU KA 152 41.55 52.07 -48.35
C LEU KA 152 41.75 51.19 -49.57
N CYS KA 153 42.60 51.64 -50.48
CA CYS KA 153 42.96 50.84 -51.63
C CYS KA 153 44.06 49.85 -51.28
N VAL KA 154 44.04 48.71 -51.95
CA VAL KA 154 45.17 47.80 -52.00
C VAL KA 154 45.46 47.69 -53.46
N GLY KA 155 46.75 47.74 -53.83
CA GLY KA 155 47.14 47.76 -55.24
C GLY KA 155 46.53 48.97 -55.93
N ASN KA 156 46.57 48.99 -57.26
CA ASN KA 156 46.01 50.13 -58.02
C ASN KA 156 44.98 49.68 -59.03
N ASN KA 157 43.87 50.42 -59.09
CA ASN KA 157 42.72 50.06 -59.92
C ASN KA 157 42.90 50.24 -61.44
N THR KA 158 42.62 49.17 -62.19
CA THR KA 158 42.74 49.12 -63.66
C THR KA 158 41.58 49.77 -64.37
N ASP KA 159 40.52 50.12 -63.65
CA ASP KA 159 39.30 50.66 -64.27
C ASP KA 159 38.53 51.59 -63.33
N VAL KA 160 37.46 52.21 -63.82
CA VAL KA 160 36.67 53.11 -62.98
C VAL KA 160 35.99 52.25 -61.93
N VAL KA 161 35.69 52.81 -60.75
CA VAL KA 161 34.98 52.08 -59.69
C VAL KA 161 34.00 53.00 -58.95
N ASN KA 162 32.71 52.70 -59.02
CA ASN KA 162 31.68 53.50 -58.35
C ASN KA 162 31.19 52.82 -57.05
N VAL KA 163 32.09 52.83 -56.08
CA VAL KA 163 31.86 52.24 -54.76
C VAL KA 163 30.83 53.00 -53.90
N SER KA 164 29.83 52.26 -53.40
CA SER KA 164 28.89 52.77 -52.39
C SER KA 164 29.02 51.87 -51.18
N VAL KA 165 29.27 52.44 -49.99
CA VAL KA 165 29.19 51.64 -48.77
C VAL KA 165 27.86 51.94 -48.11
N LEU KA 166 27.24 50.87 -47.64
CA LEU KA 166 25.96 50.92 -46.99
C LEU KA 166 26.17 50.52 -45.55
N CYS KA 167 25.45 51.16 -44.64
CA CYS KA 167 25.48 50.78 -43.24
C CYS KA 167 24.12 50.25 -42.87
N ARG KA 168 24.07 49.02 -42.40
CA ARG KA 168 22.84 48.57 -41.77
C ARG KA 168 23.00 48.77 -40.27
N TRP KA 169 21.90 49.10 -39.63
CA TRP KA 169 21.95 49.54 -38.26
C TRP KA 169 20.66 49.20 -37.55
N SER KA 170 20.80 49.01 -36.25
CA SER KA 170 19.72 48.67 -35.38
C SER KA 170 20.08 49.35 -34.09
N VAL KA 171 19.19 50.20 -33.62
CA VAL KA 171 19.50 51.20 -32.64
C VAL KA 171 18.37 51.21 -31.65
N ARG KA 172 18.66 51.43 -30.37
CA ARG KA 172 17.59 51.75 -29.43
C ARG KA 172 17.67 53.22 -29.01
N LEU KA 173 16.52 53.88 -29.18
CA LEU KA 173 16.31 55.30 -28.91
C LEU KA 173 15.61 55.50 -27.56
N SER KA 174 16.05 56.52 -26.82
CA SER KA 174 15.90 56.54 -25.37
C SER KA 174 15.02 57.64 -24.78
N VAL KA 175 15.53 58.88 -24.70
CA VAL KA 175 14.88 59.90 -23.84
C VAL KA 175 14.18 61.01 -24.66
N PRO KA 176 12.85 61.11 -24.53
CA PRO KA 176 12.08 62.07 -25.33
C PRO KA 176 12.49 63.54 -25.26
N SER KA 177 12.30 64.24 -26.37
CA SER KA 177 12.74 65.61 -26.54
C SER KA 177 12.23 66.16 -27.88
N LEU KA 178 12.71 67.34 -28.31
CA LEU KA 178 12.34 67.88 -29.62
C LEU KA 178 13.34 68.93 -30.11
N GLU KA 179 14.32 68.49 -30.90
CA GLU KA 179 15.42 69.35 -31.33
C GLU KA 179 15.09 70.08 -32.63
N ASN KA 180 14.49 71.26 -32.51
CA ASN KA 180 14.17 72.12 -33.67
C ASN KA 180 15.40 72.85 -34.23
N THR LA 18 25.51 46.78 1.70
CA THR LA 18 25.88 47.49 0.48
C THR LA 18 26.81 48.66 0.80
N ASN LA 19 27.76 48.92 -0.10
CA ASN LA 19 28.70 50.04 0.06
C ASN LA 19 28.04 51.38 -0.21
N ASP LA 20 27.01 51.37 -1.05
CA ASP LA 20 26.30 52.59 -1.42
C ASP LA 20 25.41 53.11 -0.31
N VAL LA 21 25.18 54.43 -0.38
CA VAL LA 21 24.43 55.18 0.60
C VAL LA 21 23.26 55.88 -0.07
N HIS LA 22 22.06 55.68 0.45
CA HIS LA 22 20.89 56.41 -0.02
C HIS LA 22 20.65 57.70 0.74
N LEU LA 23 20.62 58.83 0.03
CA LEU LA 23 20.12 60.09 0.55
C LEU LA 23 18.88 60.57 -0.20
N SER LA 24 17.84 60.98 0.52
CA SER LA 24 16.63 61.56 -0.08
C SER LA 24 16.24 62.86 0.60
N GLY LA 25 15.63 63.77 -0.16
CA GLY LA 25 15.19 65.03 0.42
C GLY LA 25 14.19 65.76 -0.45
N MET LA 26 13.98 67.03 -0.12
CA MET LA 26 13.23 67.91 -0.99
C MET LA 26 13.70 69.33 -0.72
N SER LA 27 13.92 70.10 -1.78
CA SER LA 27 14.75 71.31 -1.70
C SER LA 27 14.17 72.43 -2.53
N ARG LA 28 14.40 73.68 -2.13
CA ARG LA 28 13.97 74.79 -2.96
C ARG LA 28 15.05 75.15 -3.97
N ILE LA 29 14.77 74.81 -5.22
CA ILE LA 29 15.66 75.00 -6.35
C ILE LA 29 15.68 76.46 -6.79
N SER LA 30 14.56 77.14 -6.64
CA SER LA 30 14.44 78.53 -7.06
C SER LA 30 13.22 79.20 -6.41
N GLN LA 31 13.30 80.53 -6.32
CA GLN LA 31 12.15 81.33 -5.94
C GLN LA 31 12.25 82.56 -6.79
N ALA LA 32 11.33 82.70 -7.75
CA ALA LA 32 11.23 83.92 -8.54
C ALA LA 32 10.03 84.65 -8.08
N VAL LA 33 9.95 85.92 -8.47
CA VAL LA 33 8.78 86.75 -8.17
C VAL LA 33 8.38 87.51 -9.45
N LEU LA 34 7.41 86.92 -10.15
CA LEU LA 34 6.91 87.46 -11.39
C LEU LA 34 5.90 88.55 -11.06
N PRO LA 35 6.16 89.80 -11.49
CA PRO LA 35 5.32 90.91 -11.06
C PRO LA 35 4.17 91.26 -11.99
N ALA LA 36 3.42 92.27 -11.55
CA ALA LA 36 2.24 92.80 -12.20
C ALA LA 36 1.85 92.15 -13.52
N GLY LA 37 2.54 92.52 -14.59
CA GLY LA 37 2.07 92.23 -15.94
C GLY LA 37 3.12 91.66 -16.85
N THR LA 38 4.14 91.03 -16.28
CA THR LA 38 5.39 90.73 -17.02
C THR LA 38 5.54 89.26 -17.53
N GLY LA 39 4.47 88.48 -17.53
CA GLY LA 39 4.48 87.15 -18.13
C GLY LA 39 4.09 87.29 -19.59
N THR LA 40 4.48 86.31 -20.42
CA THR LA 40 3.92 86.14 -21.77
C THR LA 40 4.41 84.90 -22.49
N ASP LA 41 3.47 84.28 -23.21
CA ASP LA 41 3.73 83.07 -23.97
C ASP LA 41 5.22 83.06 -24.32
N GLY LA 42 6.03 82.47 -23.43
CA GLY LA 42 7.42 82.19 -23.72
C GLY LA 42 8.46 82.77 -22.80
N TYR LA 43 8.02 83.54 -21.81
CA TYR LA 43 8.94 84.17 -20.86
C TYR LA 43 9.52 83.14 -19.86
N VAL LA 44 10.83 83.15 -19.69
CA VAL LA 44 11.52 82.18 -18.82
C VAL LA 44 11.52 82.69 -17.38
N VAL LA 45 10.91 81.93 -16.46
CA VAL LA 45 10.87 82.34 -15.06
C VAL LA 45 11.77 81.52 -14.14
N VAL LA 46 12.21 80.35 -14.62
CA VAL LA 46 13.08 79.46 -13.83
C VAL LA 46 13.89 78.54 -14.74
N ASP LA 47 15.21 78.69 -14.69
CA ASP LA 47 16.12 77.90 -15.49
C ASP LA 47 17.25 77.52 -14.57
N ALA LA 48 17.04 76.41 -13.86
CA ALA LA 48 17.92 75.96 -12.78
C ALA LA 48 18.50 74.61 -13.14
N THR LA 49 19.80 74.60 -13.38
CA THR LA 49 20.54 73.37 -13.71
C THR LA 49 20.85 72.61 -12.43
N ILE LA 50 20.34 71.38 -12.34
CA ILE LA 50 20.36 70.61 -11.09
C ILE LA 50 21.77 70.05 -10.74
N VAL LA 51 22.27 70.46 -9.58
CA VAL LA 51 23.60 70.10 -9.10
C VAL LA 51 23.59 70.04 -7.57
N PRO LA 52 24.38 69.13 -6.97
CA PRO LA 52 24.46 68.97 -5.52
C PRO LA 52 24.17 70.24 -4.73
N ASP LA 53 24.87 71.32 -5.03
CA ASP LA 53 24.77 72.55 -4.25
C ASP LA 53 23.36 73.17 -4.19
N LEU LA 54 22.58 73.01 -5.26
CA LEU LA 54 21.18 73.50 -5.26
C LEU LA 54 20.30 72.83 -4.19
N LEU LA 55 20.61 71.59 -3.86
CA LEU LA 55 19.89 70.84 -2.87
C LEU LA 55 20.64 70.93 -1.52
N PRO LA 56 20.19 71.83 -0.63
CA PRO LA 56 21.02 72.15 0.51
C PRO LA 56 21.64 70.94 1.21
N ARG LA 57 20.87 69.91 1.55
CA ARG LA 57 21.44 68.77 2.30
C ARG LA 57 22.49 68.02 1.49
N LEU LA 58 22.28 67.94 0.17
CA LEU LA 58 23.18 67.21 -0.73
C LEU LA 58 24.48 67.97 -0.96
N GLY LA 59 24.42 69.30 -0.90
CA GLY LA 59 25.65 70.10 -0.98
C GLY LA 59 26.67 69.72 0.08
N HIS LA 60 26.17 69.25 1.22
CA HIS LA 60 27.02 68.72 2.29
C HIS LA 60 27.45 67.28 1.99
N ALA LA 61 26.51 66.45 1.56
CA ALA LA 61 26.84 65.09 1.14
C ALA LA 61 27.80 65.07 -0.06
N ALA LA 62 27.79 66.14 -0.85
CA ALA LA 62 28.68 66.28 -1.99
C ALA LA 62 30.13 66.32 -1.55
N ARG LA 63 30.42 66.99 -0.45
CA ARG LA 63 31.78 67.14 0.02
C ARG LA 63 32.36 65.85 0.66
N ILE LA 64 31.51 64.85 0.82
CA ILE LA 64 31.88 63.61 1.45
C ILE LA 64 32.20 62.54 0.41
N PHE LA 65 31.26 62.36 -0.53
CA PHE LA 65 31.38 61.34 -1.60
C PHE LA 65 31.78 61.93 -2.94
N GLN LA 66 32.23 61.07 -3.82
CA GLN LA 66 32.80 61.49 -5.10
C GLN LA 66 31.80 61.57 -6.22
N ARG LA 67 30.90 60.61 -6.25
CA ARG LA 67 29.95 60.53 -7.32
C ARG LA 67 28.57 60.29 -6.75
N TYR LA 68 27.57 60.35 -7.63
CA TYR LA 68 26.20 60.05 -7.26
C TYR LA 68 25.35 59.65 -8.43
N ALA LA 69 24.40 58.75 -8.19
CA ALA LA 69 23.42 58.39 -9.21
C ALA LA 69 22.09 58.99 -8.80
N VAL LA 70 21.35 59.54 -9.76
CA VAL LA 70 20.01 60.01 -9.47
C VAL LA 70 19.06 58.83 -9.58
N GLU LA 71 18.22 58.64 -8.57
CA GLU LA 71 17.41 57.44 -8.42
C GLU LA 71 15.92 57.71 -8.57
N THR LA 72 15.38 58.68 -7.84
CA THR LA 72 14.07 59.29 -8.19
C THR LA 72 14.27 60.81 -8.29
N LEU LA 73 13.45 61.45 -9.10
CA LEU LA 73 13.56 62.89 -9.27
C LEU LA 73 12.18 63.36 -9.61
N GLU LA 74 11.72 64.37 -8.89
CA GLU LA 74 10.47 65.05 -9.22
C GLU LA 74 10.61 66.54 -8.93
N PHE LA 75 9.66 67.31 -9.44
CA PHE LA 75 9.65 68.73 -9.18
C PHE LA 75 8.21 69.18 -8.87
N GLU LA 76 8.10 70.02 -7.88
CA GLU LA 76 6.82 70.48 -7.44
C GLU LA 76 6.74 71.97 -7.67
N ILE LA 77 5.86 72.38 -8.57
CA ILE LA 77 5.70 73.77 -8.89
C ILE LA 77 4.74 74.39 -7.91
N GLN LA 78 5.21 75.40 -7.20
CA GLN LA 78 4.46 75.93 -6.08
C GLN LA 78 4.38 77.46 -6.17
N PRO LA 79 3.56 77.93 -7.14
CA PRO LA 79 3.38 79.33 -7.39
C PRO LA 79 2.37 79.90 -6.43
N MET LA 80 2.58 81.12 -5.98
CA MET LA 80 1.71 81.69 -4.98
C MET LA 80 1.12 83.03 -5.35
N CYS LA 81 -0.20 83.04 -5.46
CA CYS LA 81 -0.94 84.18 -6.00
C CYS LA 81 -2.41 84.06 -5.64
N PRO LA 82 -3.19 85.10 -5.90
CA PRO LA 82 -4.58 84.93 -5.62
C PRO LA 82 -5.21 84.04 -6.65
N ALA LA 83 -6.39 83.52 -6.34
CA ALA LA 83 -7.14 82.69 -7.27
C ALA LA 83 -7.66 83.48 -8.49
N ASN LA 84 -7.52 84.81 -8.48
CA ASN LA 84 -7.95 85.60 -9.63
C ASN LA 84 -6.86 85.97 -10.62
N THR LA 85 -5.71 85.33 -10.50
CA THR LA 85 -4.68 85.54 -11.49
C THR LA 85 -5.12 84.94 -12.82
N GLY LA 86 -4.74 85.59 -13.91
CA GLY LA 86 -5.06 85.07 -15.25
C GLY LA 86 -3.83 84.49 -15.93
N GLY LA 87 -3.12 83.68 -15.20
CA GLY LA 87 -1.80 83.27 -15.62
C GLY LA 87 -1.76 81.96 -16.36
N GLY LA 88 -0.71 81.22 -16.11
CA GLY LA 88 -0.46 79.97 -16.78
C GLY LA 88 1.02 79.68 -16.81
N TYR LA 89 1.38 78.42 -16.69
CA TYR LA 89 2.76 78.03 -16.90
C TYR LA 89 2.86 76.65 -17.49
N VAL LA 90 4.07 76.38 -17.96
CA VAL LA 90 4.44 75.07 -18.43
C VAL LA 90 5.78 74.77 -17.75
N ALA LA 91 5.89 73.56 -17.21
CA ALA LA 91 7.08 73.17 -16.47
C ALA LA 91 7.54 71.82 -16.95
N GLY LA 92 8.82 71.76 -17.32
CA GLY LA 92 9.45 70.53 -17.73
C GLY LA 92 10.89 70.49 -17.30
N PHE LA 93 11.37 69.27 -17.15
CA PHE LA 93 12.77 69.02 -16.92
C PHE LA 93 13.34 68.37 -18.19
N LEU LA 94 14.19 69.11 -18.92
CA LEU LA 94 14.95 68.53 -20.05
C LEU LA 94 16.30 68.00 -19.58
N PRO LA 95 16.52 66.67 -19.72
CA PRO LA 95 17.68 65.97 -19.15
C PRO LA 95 19.08 66.37 -19.61
N ASP LA 96 19.21 67.24 -20.60
CA ASP LA 96 20.53 67.72 -21.00
C ASP LA 96 20.87 68.98 -20.25
N PRO LA 97 21.83 68.92 -19.33
CA PRO LA 97 22.33 70.17 -18.70
C PRO LA 97 22.88 71.15 -19.74
N THR LA 98 23.30 70.55 -20.85
CA THR LA 98 23.81 71.22 -22.02
C THR LA 98 22.75 72.04 -22.77
N ASP LA 99 21.58 71.45 -22.99
CA ASP LA 99 20.66 71.94 -24.01
C ASP LA 99 19.87 73.17 -23.58
N ASN LA 100 19.85 74.16 -24.48
CA ASN LA 100 19.27 75.48 -24.23
C ASN LA 100 17.87 75.67 -24.85
N ASP LA 101 17.31 74.63 -25.45
CA ASP LA 101 16.03 74.73 -26.15
C ASP LA 101 14.95 75.16 -25.13
N HIS LA 102 14.65 76.47 -25.06
CA HIS LA 102 13.73 77.04 -24.03
C HIS LA 102 12.40 77.57 -24.61
N THR LA 103 11.57 76.63 -25.05
CA THR LA 103 10.31 76.91 -25.74
C THR LA 103 9.23 75.90 -25.32
N PHE LA 104 7.96 76.27 -25.51
CA PHE LA 104 6.84 75.46 -25.06
C PHE LA 104 6.89 74.02 -25.55
N ASP LA 105 7.16 73.83 -26.84
CA ASP LA 105 7.00 72.52 -27.43
C ASP LA 105 8.19 71.63 -27.10
N ALA LA 106 9.33 72.24 -26.78
CA ALA LA 106 10.50 71.49 -26.30
C ALA LA 106 10.39 71.01 -24.85
N LEU LA 107 9.69 71.75 -24.00
CA LEU LA 107 9.32 71.23 -22.68
C LEU LA 107 8.33 70.07 -22.82
N GLN LA 108 7.23 70.31 -23.52
CA GLN LA 108 6.09 69.39 -23.55
C GLN LA 108 6.41 68.07 -24.22
N ALA LA 109 7.52 68.00 -24.94
CA ALA LA 109 8.02 66.73 -25.46
C ALA LA 109 8.77 65.93 -24.40
N THR LA 110 9.12 66.55 -23.26
CA THR LA 110 9.73 65.81 -22.12
C THR LA 110 8.60 65.17 -21.30
N ARG LA 111 8.95 64.32 -20.34
CA ARG LA 111 7.96 63.41 -19.75
C ARG LA 111 7.14 64.07 -18.67
N GLY LA 112 7.79 64.75 -17.74
CA GLY LA 112 7.07 65.33 -16.61
C GLY LA 112 6.07 66.34 -17.11
N ALA LA 113 6.57 67.17 -18.00
CA ALA LA 113 5.88 68.35 -18.49
C ALA LA 113 4.44 68.51 -18.00
N VAL LA 114 4.21 69.60 -17.26
CA VAL LA 114 2.87 69.92 -16.78
C VAL LA 114 2.51 71.31 -17.28
N VAL LA 115 1.23 71.59 -17.45
CA VAL LA 115 0.82 72.97 -17.67
C VAL LA 115 -0.39 73.26 -16.77
N ALA LA 116 -0.53 74.52 -16.34
CA ALA LA 116 -1.50 74.82 -15.31
C ALA LA 116 -1.64 76.30 -15.16
N LYS LA 117 -2.73 76.71 -14.52
CA LYS LA 117 -2.95 78.12 -14.22
C LYS LA 117 -2.09 78.43 -13.03
N TRP LA 118 -1.70 79.70 -12.87
CA TRP LA 118 -0.78 80.04 -11.80
C TRP LA 118 -1.37 79.80 -10.42
N TRP LA 119 -2.68 79.83 -10.29
CA TRP LA 119 -3.28 79.48 -9.00
C TRP LA 119 -3.43 77.95 -8.77
N GLU LA 120 -2.53 77.16 -9.35
CA GLU LA 120 -2.59 75.70 -9.24
C GLU LA 120 -1.18 75.17 -9.13
N SER LA 121 -0.93 74.44 -8.04
CA SER LA 121 0.28 73.68 -7.84
C SER LA 121 0.26 72.56 -8.81
N ARG LA 122 1.44 72.00 -9.09
CA ARG LA 122 1.56 70.91 -10.04
C ARG LA 122 2.87 70.20 -9.87
N THR LA 123 2.91 68.93 -10.23
CA THR LA 123 4.11 68.13 -10.02
C THR LA 123 4.57 67.45 -11.30
N VAL LA 124 5.73 67.88 -11.79
CA VAL LA 124 6.35 67.21 -12.93
C VAL LA 124 7.04 65.92 -12.44
N ARG LA 125 6.78 64.82 -13.12
CA ARG LA 125 7.47 63.55 -12.87
C ARG LA 125 8.26 63.11 -14.09
N PRO LA 126 9.57 63.42 -14.14
CA PRO LA 126 10.28 63.24 -15.39
C PRO LA 126 11.03 61.90 -15.47
N GLN LA 127 11.55 61.63 -16.67
CA GLN LA 127 12.53 60.56 -16.89
C GLN LA 127 13.80 61.22 -17.41
N TYR LA 128 14.94 60.66 -17.01
CA TYR LA 128 16.21 61.39 -17.00
C TYR LA 128 17.38 60.49 -17.36
N THR LA 129 18.59 60.96 -17.06
CA THR LA 129 19.81 60.14 -17.17
C THR LA 129 19.76 58.80 -16.44
N ARG LA 130 19.23 58.79 -15.21
CA ARG LA 130 19.08 57.56 -14.40
C ARG LA 130 20.40 56.78 -14.26
N THR LA 131 21.51 57.43 -14.62
CA THR LA 131 22.80 56.78 -14.76
C THR LA 131 23.66 57.12 -13.54
N LEU LA 132 24.98 56.91 -13.61
CA LEU LA 132 25.90 57.34 -12.55
C LEU LA 132 26.65 58.62 -12.92
N LEU LA 133 26.56 59.63 -12.05
CA LEU LA 133 27.15 60.95 -12.29
C LEU LA 133 28.33 61.23 -11.36
N TRP LA 134 28.57 62.50 -11.03
CA TRP LA 134 29.80 62.96 -10.35
C TRP LA 134 29.54 64.22 -9.48
N THR LA 135 30.01 64.21 -8.23
CA THR LA 135 29.63 65.22 -7.23
C THR LA 135 30.36 66.55 -7.36
N SER LA 136 31.34 66.63 -8.25
CA SER LA 136 32.09 67.85 -8.48
C SER LA 136 31.99 68.20 -9.96
N SER LA 137 32.46 69.40 -10.34
CA SER LA 137 32.33 69.92 -11.71
C SER LA 137 33.21 69.16 -12.71
N GLY LA 138 32.67 68.88 -13.90
CA GLY LA 138 33.31 67.98 -14.86
C GLY LA 138 33.50 68.64 -16.21
N LYS LA 139 34.55 68.25 -16.92
CA LYS LA 139 34.84 68.78 -18.27
C LYS LA 139 33.80 68.28 -19.29
N GLU LA 140 33.38 67.02 -19.15
CA GLU LA 140 32.17 66.50 -19.79
C GLU LA 140 31.07 66.64 -18.75
N GLN LA 141 30.17 67.60 -18.96
CA GLN LA 141 29.15 67.91 -17.95
C GLN LA 141 27.85 67.13 -18.12
N ARG LA 142 27.92 66.03 -18.88
CA ARG LA 142 26.81 65.08 -19.00
C ARG LA 142 26.80 64.13 -17.79
N LEU LA 143 27.84 64.19 -16.97
CA LEU LA 143 27.97 63.38 -15.75
C LEU LA 143 28.09 64.20 -14.43
N THR LA 144 27.84 65.52 -14.44
CA THR LA 144 27.90 66.35 -13.21
C THR LA 144 26.53 66.89 -12.72
N SER LA 145 25.53 66.77 -13.59
CA SER LA 145 24.20 67.34 -13.40
C SER LA 145 23.24 66.48 -14.19
N PRO LA 146 22.05 66.17 -13.63
CA PRO LA 146 21.16 65.26 -14.33
C PRO LA 146 20.28 65.95 -15.36
N GLY LA 147 20.23 67.29 -15.29
CA GLY LA 147 19.47 68.10 -16.25
C GLY LA 147 19.14 69.50 -15.74
N ARG LA 148 18.07 70.09 -16.28
CA ARG LA 148 17.64 71.39 -15.81
C ARG LA 148 16.14 71.60 -15.92
N LEU LA 149 15.63 72.40 -14.99
CA LEU LA 149 14.21 72.57 -14.77
C LEU LA 149 13.81 73.88 -15.41
N ILE LA 150 12.85 73.83 -16.31
CA ILE LA 150 12.36 75.04 -16.93
C ILE LA 150 10.91 75.33 -16.55
N LEU LA 151 10.65 76.59 -16.27
CA LEU LA 151 9.31 77.04 -16.06
C LEU LA 151 9.05 78.24 -17.00
N LEU LA 152 8.01 78.14 -17.82
CA LEU LA 152 7.67 79.17 -18.80
C LEU LA 152 6.29 79.73 -18.52
N CYS LA 153 6.06 80.99 -18.87
CA CYS LA 153 4.71 81.54 -18.77
C CYS LA 153 3.87 81.11 -19.94
N VAL LA 154 2.57 81.11 -19.72
CA VAL LA 154 1.60 80.81 -20.75
C VAL LA 154 0.52 81.83 -20.56
N GLY LA 155 0.16 82.49 -21.65
CA GLY LA 155 -0.55 83.75 -21.56
C GLY LA 155 0.25 84.63 -20.61
N ASN LA 156 -0.42 85.60 -20.00
CA ASN LA 156 0.26 86.47 -19.04
C ASN LA 156 -0.55 86.77 -17.79
N ASN LA 157 0.19 87.07 -16.73
CA ASN LA 157 -0.36 87.23 -15.40
C ASN LA 157 -0.97 88.60 -15.09
N THR LA 158 -2.18 88.54 -14.55
CA THR LA 158 -2.94 89.71 -14.14
C THR LA 158 -2.50 90.17 -12.77
N ASP LA 159 -1.71 89.36 -12.07
CA ASP LA 159 -1.50 89.57 -10.64
C ASP LA 159 -0.13 89.11 -10.24
N VAL LA 160 0.31 89.50 -9.06
CA VAL LA 160 1.68 89.20 -8.63
C VAL LA 160 1.84 87.74 -8.23
N VAL LA 161 2.80 87.05 -8.85
CA VAL LA 161 3.07 85.62 -8.60
C VAL LA 161 4.40 85.40 -7.94
N ASN LA 162 4.41 84.62 -6.87
CA ASN LA 162 5.64 84.30 -6.16
C ASN LA 162 5.84 82.80 -6.22
N VAL LA 163 6.54 82.38 -7.26
CA VAL LA 163 6.59 80.98 -7.61
C VAL LA 163 7.87 80.32 -7.12
N SER LA 164 7.71 79.38 -6.19
CA SER LA 164 8.84 78.66 -5.64
C SER LA 164 8.79 77.25 -6.25
N VAL LA 165 9.90 76.75 -6.82
CA VAL LA 165 9.94 75.34 -7.29
C VAL LA 165 10.73 74.43 -6.34
N LEU LA 166 10.17 73.27 -6.06
CA LEU LA 166 10.79 72.35 -5.14
C LEU LA 166 11.09 71.08 -5.87
N CYS LA 167 12.34 70.66 -5.75
CA CYS LA 167 12.77 69.37 -6.28
C CYS LA 167 12.70 68.35 -5.16
N ARG LA 168 12.13 67.18 -5.41
CA ARG LA 168 12.19 66.10 -4.42
C ARG LA 168 13.13 65.01 -4.93
N TRP LA 169 14.14 64.68 -4.15
CA TRP LA 169 15.24 63.87 -4.66
C TRP LA 169 15.61 62.68 -3.78
N SER LA 170 15.86 61.58 -4.47
CA SER LA 170 16.46 60.38 -3.93
C SER LA 170 17.70 60.14 -4.77
N VAL LA 171 18.83 59.86 -4.13
CA VAL LA 171 20.14 59.80 -4.78
C VAL LA 171 20.94 58.65 -4.13
N ARG LA 172 21.87 58.02 -4.86
CA ARG LA 172 22.78 57.10 -4.19
C ARG LA 172 24.23 57.49 -4.43
N LEU LA 173 24.92 57.76 -3.32
CA LEU LA 173 26.26 58.32 -3.36
C LEU LA 173 27.28 57.23 -3.27
N SER LA 174 28.43 57.54 -3.84
CA SER LA 174 29.26 56.55 -4.50
C SER LA 174 30.52 56.20 -3.73
N VAL LA 175 31.57 57.01 -3.85
CA VAL LA 175 32.87 56.60 -3.29
C VAL LA 175 33.43 57.67 -2.33
N PRO LA 176 33.90 57.23 -1.15
CA PRO LA 176 34.39 58.17 -0.17
C PRO LA 176 35.53 59.03 -0.63
N SER LA 177 35.64 60.19 0.02
CA SER LA 177 36.44 61.32 -0.42
C SER LA 177 36.22 62.49 0.57
N LEU LA 178 36.78 63.68 0.30
CA LEU LA 178 36.64 64.83 1.22
C LEU LA 178 36.63 66.21 0.53
N GLU LA 179 36.05 66.28 -0.68
CA GLU LA 179 36.13 67.49 -1.53
C GLU LA 179 35.80 68.74 -0.67
N ASN LA 180 36.69 69.73 -0.70
CA ASN LA 180 36.48 71.00 0.06
C ASN LA 180 35.18 71.73 -0.35
N THR MA 18 34.94 34.63 -24.22
CA THR MA 18 34.56 36.03 -24.33
C THR MA 18 35.60 36.82 -25.11
N ASN MA 19 35.22 38.00 -25.57
CA ASN MA 19 36.13 38.88 -26.32
C ASN MA 19 37.08 39.66 -25.41
N ASP MA 20 36.76 39.74 -24.11
CA ASP MA 20 37.58 40.51 -23.15
C ASP MA 20 38.84 39.79 -22.70
N VAL MA 21 39.93 40.56 -22.59
CA VAL MA 21 41.25 40.04 -22.29
C VAL MA 21 41.72 40.54 -20.94
N HIS MA 22 42.00 39.62 -20.02
CA HIS MA 22 42.41 39.96 -18.65
C HIS MA 22 43.94 39.95 -18.46
N LEU MA 23 44.50 41.11 -18.12
CA LEU MA 23 45.93 41.27 -17.84
C LEU MA 23 46.15 41.60 -16.37
N SER MA 24 47.23 41.06 -15.80
CA SER MA 24 47.63 41.34 -14.41
C SER MA 24 49.12 41.56 -14.28
N GLY MA 25 49.52 42.38 -13.34
CA GLY MA 25 50.92 42.65 -13.12
C GLY MA 25 51.17 43.45 -11.85
N MET MA 26 52.42 43.85 -11.67
CA MET MA 26 52.81 44.73 -10.59
C MET MA 26 54.06 45.53 -10.97
N SER MA 27 53.95 46.84 -10.88
CA SER MA 27 54.94 47.72 -11.47
C SER MA 27 55.35 48.83 -10.52
N ARG MA 28 56.57 49.33 -10.65
CA ARG MA 28 56.98 50.47 -9.87
C ARG MA 28 56.44 51.76 -10.48
N ILE MA 29 55.46 52.33 -9.82
CA ILE MA 29 54.86 53.62 -10.16
C ILE MA 29 55.88 54.75 -10.06
N SER MA 30 56.69 54.74 -9.01
CA SER MA 30 57.65 55.80 -8.81
C SER MA 30 58.74 55.41 -7.83
N GLN MA 31 59.77 56.24 -7.78
CA GLN MA 31 60.84 56.08 -6.84
C GLN MA 31 61.37 57.44 -6.47
N ALA MA 32 61.20 57.80 -5.20
CA ALA MA 32 61.69 59.06 -4.69
C ALA MA 32 62.81 58.80 -3.71
N VAL MA 33 63.77 59.70 -3.68
CA VAL MA 33 64.82 59.67 -2.68
C VAL MA 33 64.62 60.93 -1.84
N LEU MA 34 64.44 60.73 -0.55
CA LEU MA 34 64.12 61.81 0.37
C LEU MA 34 65.31 62.01 1.29
N PRO MA 35 66.08 63.11 1.08
CA PRO MA 35 67.34 63.23 1.82
C PRO MA 35 67.21 63.45 3.32
N ALA MA 36 68.37 63.47 3.97
CA ALA MA 36 68.47 63.24 5.41
C ALA MA 36 67.41 63.96 6.26
N GLY MA 37 67.11 65.23 5.98
CA GLY MA 37 66.24 65.99 6.89
C GLY MA 37 65.13 66.77 6.23
N THR MA 38 64.77 66.42 5.01
CA THR MA 38 64.00 67.32 4.15
C THR MA 38 62.48 67.12 4.14
N GLY MA 39 61.98 66.11 4.86
CA GLY MA 39 60.54 65.87 4.92
C GLY MA 39 59.91 66.67 6.04
N THR MA 40 58.64 67.06 5.87
CA THR MA 40 57.85 67.65 6.96
C THR MA 40 56.37 67.52 6.70
N ASP MA 41 55.58 67.57 7.79
CA ASP MA 41 54.14 67.38 7.70
C ASP MA 41 53.60 67.97 6.41
N GLY MA 42 53.09 67.12 5.54
CA GLY MA 42 52.41 67.56 4.34
C GLY MA 42 53.25 67.58 3.08
N TYR MA 43 54.56 67.35 3.20
CA TYR MA 43 55.44 67.33 2.03
C TYR MA 43 55.06 66.20 1.08
N VAL MA 44 54.75 66.55 -0.17
CA VAL MA 44 54.40 65.56 -1.19
C VAL MA 44 55.64 64.87 -1.74
N VAL MA 45 55.83 63.59 -1.44
CA VAL MA 45 57.00 62.84 -1.94
C VAL MA 45 56.69 62.04 -3.19
N VAL MA 46 55.43 61.69 -3.40
CA VAL MA 46 55.01 61.00 -4.61
C VAL MA 46 53.63 61.48 -4.98
N ASP MA 47 53.43 61.73 -6.26
CA ASP MA 47 52.15 62.14 -6.77
C ASP MA 47 52.07 61.63 -8.20
N ALA MA 48 51.50 60.44 -8.34
CA ALA MA 48 51.55 59.71 -9.60
C ALA MA 48 50.16 59.48 -10.13
N THR MA 49 49.88 60.05 -11.29
CA THR MA 49 48.61 59.82 -11.97
C THR MA 49 48.69 58.51 -12.74
N ILE MA 50 47.72 57.65 -12.50
CA ILE MA 50 47.74 56.28 -12.97
C ILE MA 50 47.27 56.18 -14.41
N VAL MA 51 48.22 55.95 -15.29
CA VAL MA 51 47.97 55.82 -16.72
C VAL MA 51 48.63 54.51 -17.17
N PRO MA 52 48.11 53.87 -18.23
CA PRO MA 52 48.72 52.63 -18.70
C PRO MA 52 50.22 52.78 -19.05
N ASP MA 53 50.64 53.95 -19.54
CA ASP MA 53 52.04 54.17 -19.87
C ASP MA 53 52.95 53.98 -18.65
N LEU MA 54 52.39 54.23 -17.45
CA LEU MA 54 53.16 54.20 -16.20
C LEU MA 54 53.44 52.76 -15.72
N LEU MA 55 52.55 51.83 -16.07
CA LEU MA 55 52.74 50.42 -15.79
C LEU MA 55 53.28 49.73 -17.03
N PRO MA 56 54.57 49.36 -17.04
CA PRO MA 56 55.23 49.12 -18.32
C PRO MA 56 54.60 48.00 -19.18
N ARG MA 57 54.26 46.88 -18.56
CA ARG MA 57 53.61 45.77 -19.27
C ARG MA 57 52.22 46.15 -19.79
N LEU MA 58 51.49 46.92 -19.02
CA LEU MA 58 50.21 47.40 -19.50
C LEU MA 58 50.43 48.47 -20.58
N GLY MA 59 51.53 49.23 -20.47
CA GLY MA 59 51.89 50.24 -21.47
C GLY MA 59 51.97 49.69 -22.89
N HIS MA 60 52.42 48.45 -23.00
CA HIS MA 60 52.50 47.76 -24.29
C HIS MA 60 51.14 47.28 -24.77
N ALA MA 61 50.38 46.65 -23.89
CA ALA MA 61 49.02 46.17 -24.21
C ALA MA 61 48.04 47.32 -24.43
N ALA MA 62 48.40 48.53 -23.98
CA ALA MA 62 47.63 49.74 -24.25
C ALA MA 62 47.56 50.08 -25.75
N ARG MA 63 48.60 49.68 -26.49
CA ARG MA 63 48.66 49.97 -27.93
C ARG MA 63 47.98 48.92 -28.81
N ILE MA 64 47.44 47.89 -28.19
CA ILE MA 64 46.78 46.80 -28.91
C ILE MA 64 45.27 46.92 -28.81
N PHE MA 65 44.79 47.33 -27.64
CA PHE MA 65 43.37 47.58 -27.43
C PHE MA 65 43.18 49.06 -27.29
N GLN MA 66 41.94 49.46 -27.09
CA GLN MA 66 41.62 50.88 -27.07
C GLN MA 66 40.94 51.35 -25.80
N ARG MA 67 40.10 50.50 -25.21
CA ARG MA 67 39.55 50.79 -23.90
C ARG MA 67 39.98 49.72 -22.89
N TYR MA 68 40.44 50.17 -21.72
CA TYR MA 68 40.80 49.28 -20.61
C TYR MA 68 39.93 49.58 -19.42
N ALA MA 69 39.55 48.54 -18.68
CA ALA MA 69 38.76 48.71 -17.45
C ALA MA 69 39.45 48.05 -16.24
N VAL MA 70 39.54 48.78 -15.12
CA VAL MA 70 40.36 48.38 -13.97
C VAL MA 70 39.59 47.50 -13.01
N GLU MA 71 40.08 46.28 -12.80
CA GLU MA 71 39.36 45.26 -12.05
C GLU MA 71 39.89 45.10 -10.61
N THR MA 72 41.20 45.20 -10.42
CA THR MA 72 41.79 45.32 -9.07
C THR MA 72 42.97 46.30 -9.05
N LEU MA 73 43.03 47.12 -8.00
CA LEU MA 73 44.14 48.06 -7.79
C LEU MA 73 44.59 48.00 -6.34
N GLU MA 74 45.91 47.92 -6.16
CA GLU MA 74 46.52 48.09 -4.85
C GLU MA 74 47.86 48.76 -5.03
N PHE MA 75 48.30 49.46 -4.01
CA PHE MA 75 49.61 50.07 -4.03
C PHE MA 75 50.36 49.61 -2.81
N GLU MA 76 51.60 49.17 -3.05
CA GLU MA 76 52.48 48.69 -2.01
C GLU MA 76 53.56 49.76 -1.81
N ILE MA 77 53.57 50.38 -0.63
CA ILE MA 77 54.52 51.42 -0.31
C ILE MA 77 55.73 50.75 0.29
N GLN MA 78 56.87 50.94 -0.33
CA GLN MA 78 58.04 50.18 0.02
C GLN MA 78 59.21 51.13 0.27
N PRO MA 79 59.21 51.76 1.46
CA PRO MA 79 60.23 52.70 1.85
C PRO MA 79 61.43 51.96 2.40
N MET MA 80 62.61 52.47 2.10
CA MET MA 80 63.84 51.78 2.42
C MET MA 80 64.80 52.70 3.12
N CYS MA 81 64.92 52.46 4.41
CA CYS MA 81 65.67 53.32 5.30
C CYS MA 81 66.01 52.51 6.53
N PRO MA 82 66.87 53.05 7.39
CA PRO MA 82 67.22 52.28 8.57
C PRO MA 82 66.10 52.33 9.59
N ALA MA 83 66.06 51.33 10.46
CA ALA MA 83 65.03 51.21 11.49
C ALA MA 83 65.06 52.35 12.50
N ASN MA 84 66.15 53.13 12.49
CA ASN MA 84 66.29 54.30 13.34
C ASN MA 84 65.88 55.60 12.71
N THR MA 85 64.85 55.56 11.87
CA THR MA 85 64.39 56.74 11.19
C THR MA 85 63.14 57.25 11.89
N GLY MA 86 63.11 58.54 12.19
CA GLY MA 86 61.96 59.19 12.80
C GLY MA 86 61.00 59.56 11.71
N GLY MA 87 60.44 58.55 11.10
CA GLY MA 87 59.77 58.75 9.84
C GLY MA 87 58.32 59.08 9.98
N GLY MA 88 57.56 58.65 8.97
CA GLY MA 88 56.15 58.85 8.95
C GLY MA 88 55.68 59.19 7.56
N TYR MA 89 54.69 58.45 7.08
CA TYR MA 89 54.02 58.82 5.86
C TYR MA 89 52.55 58.49 5.91
N VAL MA 90 51.79 59.17 5.07
CA VAL MA 90 50.42 58.77 4.78
C VAL MA 90 50.34 58.58 3.28
N ALA MA 91 49.76 57.46 2.85
CA ALA MA 91 49.64 57.13 1.44
C ALA MA 91 48.20 56.86 1.16
N GLY MA 92 47.71 57.41 0.04
CA GLY MA 92 46.30 57.27 -0.31
C GLY MA 92 46.09 57.36 -1.81
N PHE MA 93 45.01 56.76 -2.29
CA PHE MA 93 44.67 56.81 -3.70
C PHE MA 93 43.33 57.53 -3.88
N LEU MA 94 43.37 58.77 -4.37
CA LEU MA 94 42.13 59.50 -4.70
C LEU MA 94 41.73 59.21 -6.13
N PRO MA 95 40.45 58.80 -6.33
CA PRO MA 95 39.92 58.36 -7.62
C PRO MA 95 39.72 59.39 -8.75
N ASP MA 96 40.08 60.66 -8.57
CA ASP MA 96 40.08 61.57 -9.72
C ASP MA 96 41.47 61.89 -10.10
N PRO MA 97 41.83 61.64 -11.38
CA PRO MA 97 43.11 62.18 -11.79
C PRO MA 97 43.08 63.70 -11.76
N THR MA 98 41.87 64.26 -11.74
CA THR MA 98 41.64 65.70 -11.81
C THR MA 98 42.25 66.53 -10.67
N ASP MA 99 41.88 66.28 -9.42
CA ASP MA 99 42.08 67.29 -8.37
C ASP MA 99 43.38 67.19 -7.56
N ASN MA 100 43.87 68.38 -7.18
CA ASN MA 100 45.14 68.59 -6.48
C ASN MA 100 45.01 68.71 -4.96
N ASP MA 101 43.94 68.18 -4.37
CA ASP MA 101 43.74 68.28 -2.93
C ASP MA 101 44.67 67.30 -2.20
N HIS MA 102 45.92 67.71 -1.97
CA HIS MA 102 46.97 66.84 -1.40
C HIS MA 102 47.27 67.16 0.07
N THR MA 103 46.25 67.03 0.90
CA THR MA 103 46.38 67.25 2.33
C THR MA 103 46.16 65.92 3.05
N PHE MA 104 46.71 65.79 4.26
CA PHE MA 104 46.57 64.57 5.03
C PHE MA 104 45.11 64.15 5.16
N ASP MA 105 44.26 65.07 5.60
CA ASP MA 105 42.85 64.74 5.89
C ASP MA 105 42.12 64.24 4.66
N ALA MA 106 42.45 64.81 3.50
CA ALA MA 106 41.86 64.41 2.21
C ALA MA 106 42.32 63.02 1.76
N LEU MA 107 43.57 62.69 2.03
CA LEU MA 107 44.06 61.32 1.80
C LEU MA 107 43.38 60.32 2.74
N GLN MA 108 43.37 60.60 4.04
CA GLN MA 108 42.80 59.68 5.03
C GLN MA 108 41.31 59.48 4.83
N ALA MA 109 40.66 60.38 4.12
CA ALA MA 109 39.25 60.22 3.77
C ALA MA 109 38.99 59.12 2.75
N THR MA 110 40.00 58.75 1.95
CA THR MA 110 39.91 57.67 0.97
C THR MA 110 39.99 56.31 1.66
N ARG MA 111 39.74 55.22 0.93
CA ARG MA 111 39.50 53.92 1.57
C ARG MA 111 40.78 53.20 1.84
N GLY MA 112 41.66 53.20 0.85
CA GLY MA 112 42.91 52.51 1.02
C GLY MA 112 43.76 53.04 2.17
N ALA MA 113 43.58 54.34 2.44
CA ALA MA 113 44.54 55.16 3.18
C ALA MA 113 45.26 54.47 4.33
N VAL MA 114 46.59 54.56 4.30
CA VAL MA 114 47.43 53.99 5.34
C VAL MA 114 48.42 55.02 5.85
N VAL MA 115 48.77 54.92 7.13
CA VAL MA 115 49.87 55.71 7.69
C VAL MA 115 50.82 54.79 8.46
N ALA MA 116 52.09 55.13 8.45
CA ALA MA 116 53.10 54.27 9.03
C ALA MA 116 54.41 55.00 9.15
N LYS MA 117 55.29 54.51 10.01
CA LYS MA 117 56.63 55.05 10.14
C LYS MA 117 57.40 54.64 8.89
N TRP MA 118 58.42 55.39 8.52
CA TRP MA 118 59.11 55.12 7.25
C TRP MA 118 59.83 53.77 7.19
N TRP MA 119 60.04 53.12 8.32
CA TRP MA 119 60.64 51.80 8.27
C TRP MA 119 59.59 50.67 8.30
N GLU MA 120 58.40 50.97 7.79
CA GLU MA 120 57.31 50.02 7.79
C GLU MA 120 56.73 50.00 6.37
N SER MA 121 56.70 48.81 5.77
CA SER MA 121 56.02 48.60 4.50
C SER MA 121 54.55 48.65 4.74
N ARG MA 122 53.78 48.93 3.69
CA ARG MA 122 52.36 49.12 3.85
C ARG MA 122 51.62 49.06 2.51
N THR MA 123 50.36 48.61 2.54
CA THR MA 123 49.60 48.42 1.32
C THR MA 123 48.27 49.17 1.37
N VAL MA 124 48.06 50.03 0.38
CA VAL MA 124 46.78 50.73 0.28
C VAL MA 124 45.90 49.96 -0.69
N ARG MA 125 44.71 49.63 -0.21
CA ARG MA 125 43.71 48.88 -0.97
C ARG MA 125 42.53 49.80 -1.23
N PRO MA 126 42.58 50.59 -2.30
CA PRO MA 126 41.58 51.62 -2.43
C PRO MA 126 40.30 51.08 -3.03
N GLN MA 127 39.30 51.96 -3.07
CA GLN MA 127 38.11 51.77 -3.88
C GLN MA 127 38.14 52.89 -4.91
N TYR MA 128 37.74 52.56 -6.13
CA TYR MA 128 38.02 53.36 -7.32
C TYR MA 128 36.79 53.42 -8.22
N THR MA 129 36.96 54.02 -9.40
CA THR MA 129 35.90 54.09 -10.40
C THR MA 129 35.22 52.73 -10.72
N ARG MA 130 36.01 51.68 -10.94
CA ARG MA 130 35.51 50.32 -11.25
C ARG MA 130 34.81 50.25 -12.63
N THR MA 131 35.11 51.22 -13.49
CA THR MA 131 34.32 51.49 -14.70
C THR MA 131 35.19 51.33 -15.95
N LEU MA 132 34.56 51.42 -17.13
CA LEU MA 132 35.31 51.43 -18.40
C LEU MA 132 36.05 52.74 -18.61
N LEU MA 133 37.24 52.63 -19.16
CA LEU MA 133 38.11 53.76 -19.37
C LEU MA 133 38.59 53.79 -20.82
N TRP MA 134 39.71 54.46 -21.06
CA TRP MA 134 40.22 54.72 -22.39
C TRP MA 134 41.73 54.64 -22.38
N THR MA 135 42.32 53.87 -23.29
CA THR MA 135 43.77 53.61 -23.26
C THR MA 135 44.61 54.77 -23.79
N SER MA 136 43.95 55.80 -24.33
CA SER MA 136 44.64 57.00 -24.79
C SER MA 136 43.89 58.30 -24.46
N SER MA 137 44.63 59.41 -24.42
CA SER MA 137 44.16 60.72 -23.91
C SER MA 137 42.81 61.17 -24.48
N GLY MA 138 42.08 61.94 -23.68
CA GLY MA 138 40.76 62.43 -24.07
C GLY MA 138 40.60 63.90 -23.74
N LYS MA 139 39.54 64.50 -24.29
CA LYS MA 139 39.19 65.89 -23.99
C LYS MA 139 38.69 65.95 -22.53
N GLU MA 140 37.93 64.93 -22.14
CA GLU MA 140 37.53 64.70 -20.74
C GLU MA 140 38.33 63.53 -20.17
N GLN MA 141 39.22 63.83 -19.22
CA GLN MA 141 40.16 62.83 -18.70
C GLN MA 141 39.61 61.99 -17.54
N ARG MA 142 38.30 62.06 -17.30
CA ARG MA 142 37.64 61.20 -16.32
C ARG MA 142 37.62 59.76 -16.80
N LEU MA 143 37.85 59.54 -18.09
CA LEU MA 143 37.84 58.19 -18.67
C LEU MA 143 39.21 57.70 -19.18
N THR MA 144 40.31 58.42 -18.91
CA THR MA 144 41.66 57.97 -19.32
C THR MA 144 42.56 57.47 -18.15
N SER MA 145 42.19 57.77 -16.90
CA SER MA 145 42.94 57.34 -15.70
C SER MA 145 41.98 57.12 -14.53
N PRO MA 146 42.20 56.05 -13.73
CA PRO MA 146 41.24 55.70 -12.68
C PRO MA 146 41.44 56.46 -11.36
N GLY MA 147 42.51 57.26 -11.29
CA GLY MA 147 42.84 58.04 -10.11
C GLY MA 147 44.33 58.33 -10.03
N ARG MA 148 44.80 58.70 -8.86
CA ARG MA 148 46.22 58.96 -8.64
C ARG MA 148 46.64 58.68 -7.21
N LEU MA 149 47.89 58.23 -7.07
CA LEU MA 149 48.42 57.75 -5.82
C LEU MA 149 49.27 58.85 -5.24
N ILE MA 150 48.97 59.25 -4.01
CA ILE MA 150 49.70 60.32 -3.33
C ILE MA 150 50.41 59.76 -2.10
N LEU MA 151 51.60 60.25 -1.84
CA LEU MA 151 52.34 59.86 -0.69
C LEU MA 151 52.85 61.12 -0.01
N LEU MA 152 52.46 61.31 1.25
CA LEU MA 152 52.79 62.52 2.03
C LEU MA 152 53.66 62.19 3.22
N CYS MA 153 54.52 63.14 3.59
CA CYS MA 153 55.28 63.03 4.82
C CYS MA 153 54.41 63.28 6.04
N VAL MA 154 54.71 62.54 7.10
CA VAL MA 154 54.16 62.80 8.42
C VAL MA 154 55.39 62.96 9.26
N GLY MA 155 55.39 64.00 10.09
CA GLY MA 155 56.58 64.38 10.85
C GLY MA 155 57.72 64.63 9.89
N ASN MA 156 58.96 64.49 10.38
CA ASN MA 156 60.13 64.73 9.53
C ASN MA 156 61.20 63.68 9.72
N ASN MA 157 61.70 63.17 8.61
CA ASN MA 157 62.65 62.05 8.62
C ASN MA 157 64.03 62.39 9.16
N THR MA 158 64.52 61.53 10.05
CA THR MA 158 65.86 61.62 10.63
C THR MA 158 66.93 61.21 9.64
N ASP MA 159 66.55 60.43 8.64
CA ASP MA 159 67.53 59.74 7.83
C ASP MA 159 67.08 59.70 6.40
N VAL MA 160 67.94 59.17 5.53
CA VAL MA 160 67.64 59.11 4.10
C VAL MA 160 66.68 57.96 3.78
N VAL MA 161 65.65 58.27 3.01
CA VAL MA 161 64.62 57.31 2.65
C VAL MA 161 64.58 57.13 1.13
N ASN MA 162 64.61 55.87 0.68
CA ASN MA 162 64.50 55.57 -0.74
C ASN MA 162 63.20 54.85 -0.99
N VAL MA 163 62.11 55.62 -1.01
CA VAL MA 163 60.80 55.05 -1.18
C VAL MA 163 60.53 54.68 -2.63
N SER MA 164 60.00 53.48 -2.84
CA SER MA 164 59.52 53.06 -4.16
C SER MA 164 58.09 52.58 -3.96
N VAL MA 165 57.12 53.18 -4.66
CA VAL MA 165 55.75 52.67 -4.57
C VAL MA 165 55.50 51.75 -5.76
N LEU MA 166 54.77 50.67 -5.50
CA LEU MA 166 54.47 49.66 -6.49
C LEU MA 166 52.99 49.55 -6.62
N CYS MA 167 52.52 49.46 -7.85
CA CYS MA 167 51.11 49.30 -8.12
C CYS MA 167 50.90 47.88 -8.59
N ARG MA 168 50.08 47.12 -7.87
CA ARG MA 168 49.66 45.84 -8.39
C ARG MA 168 48.28 46.04 -8.97
N TRP MA 169 48.09 45.49 -10.17
CA TRP MA 169 46.94 45.81 -11.00
C TRP MA 169 46.43 44.60 -11.74
N SER MA 170 45.13 44.59 -11.93
CA SER MA 170 44.43 43.60 -12.71
C SER MA 170 43.39 44.32 -13.58
N VAL MA 171 43.51 44.14 -14.88
CA VAL MA 171 42.81 44.99 -15.85
C VAL MA 171 42.13 44.09 -16.88
N ARG MA 172 40.92 44.45 -17.33
CA ARG MA 172 40.35 43.79 -18.51
C ARG MA 172 40.27 44.73 -19.74
N LEU MA 173 40.90 44.30 -20.83
CA LEU MA 173 41.08 45.12 -22.02
C LEU MA 173 40.05 44.81 -23.13
N SER MA 174 39.73 45.82 -23.94
CA SER MA 174 38.62 45.74 -24.90
C SER MA 174 38.89 46.51 -26.17
N VAL MA 175 37.97 46.33 -27.13
CA VAL MA 175 38.10 46.73 -28.56
C VAL MA 175 39.54 46.76 -29.12
N PRO MA 176 39.90 45.73 -29.90
CA PRO MA 176 41.15 45.66 -30.66
C PRO MA 176 41.43 46.89 -31.51
N SER MA 177 42.70 47.16 -31.75
CA SER MA 177 43.15 48.45 -32.24
C SER MA 177 44.66 48.40 -32.44
N LEU MA 178 45.26 49.50 -32.89
CA LEU MA 178 46.72 49.56 -33.02
C LEU MA 178 47.24 50.99 -33.15
N GLU MA 179 47.73 51.55 -32.04
CA GLU MA 179 48.17 52.94 -32.04
C GLU MA 179 49.70 53.06 -32.14
N ASN MA 180 50.14 53.62 -33.27
CA ASN MA 180 51.55 53.77 -33.61
C ASN MA 180 51.99 55.24 -33.59
N THR NA 18 -18.85 44.34 -23.59
CA THR NA 18 -18.51 45.16 -24.80
C THR NA 18 -19.30 46.49 -24.80
N ASN NA 19 -19.13 47.28 -25.87
CA ASN NA 19 -19.92 48.50 -26.08
C ASN NA 19 -20.77 48.51 -27.36
N ASP NA 20 -20.60 47.48 -28.20
CA ASP NA 20 -21.33 47.34 -29.46
C ASP NA 20 -22.79 46.96 -29.26
N VAL NA 21 -23.65 47.64 -30.00
CA VAL NA 21 -25.08 47.34 -30.04
C VAL NA 21 -25.38 46.37 -31.17
N HIS NA 22 -26.06 45.27 -30.85
CA HIS NA 22 -26.54 44.32 -31.84
C HIS NA 22 -28.03 44.58 -32.11
N LEU NA 23 -28.41 44.65 -33.38
CA LEU NA 23 -29.73 45.09 -33.78
C LEU NA 23 -30.19 44.25 -34.97
N SER NA 24 -31.34 43.59 -34.82
CA SER NA 24 -31.93 42.73 -35.88
C SER NA 24 -33.26 43.27 -36.40
N GLY NA 25 -33.73 42.70 -37.50
CA GLY NA 25 -34.99 43.13 -38.12
C GLY NA 25 -35.13 42.56 -39.52
N MET NA 26 -36.32 42.71 -40.08
CA MET NA 26 -36.58 42.23 -41.42
C MET NA 26 -37.43 43.25 -42.14
N SER NA 27 -36.88 43.79 -43.22
CA SER NA 27 -37.46 44.96 -43.85
C SER NA 27 -37.79 44.68 -45.30
N ARG NA 28 -38.69 45.49 -45.87
CA ARG NA 28 -38.98 45.42 -47.30
C ARG NA 28 -37.94 46.22 -48.10
N ILE NA 29 -37.08 45.54 -48.84
CA ILE NA 29 -36.11 46.21 -49.70
C ILE NA 29 -36.78 46.87 -50.88
N SER NA 30 -37.74 46.21 -51.53
CA SER NA 30 -38.44 46.81 -52.67
C SER NA 30 -39.81 46.18 -52.93
N GLN NA 31 -40.59 46.84 -53.77
CA GLN NA 31 -41.86 46.27 -54.21
C GLN NA 31 -42.19 46.66 -55.66
N ALA NA 32 -41.82 45.80 -56.60
CA ALA NA 32 -42.06 46.03 -58.03
C ALA NA 32 -43.29 45.32 -58.52
N VAL NA 33 -43.99 45.97 -59.44
CA VAL NA 33 -45.11 45.35 -60.16
C VAL NA 33 -44.68 45.15 -61.64
N LEU NA 34 -44.58 43.89 -62.05
CA LEU NA 34 -44.21 43.52 -63.41
C LEU NA 34 -45.52 43.29 -64.15
N PRO NA 35 -45.79 44.12 -65.15
CA PRO NA 35 -47.09 44.01 -65.83
C PRO NA 35 -47.20 42.78 -66.72
N ALA NA 36 -48.38 42.64 -67.31
CA ALA NA 36 -48.79 41.42 -68.05
C ALA NA 36 -47.70 40.61 -68.76
N GLY NA 37 -47.02 41.17 -69.76
CA GLY NA 37 -46.04 40.39 -70.57
C GLY NA 37 -44.68 41.04 -70.76
N THR NA 38 -44.28 41.88 -69.81
CA THR NA 38 -43.21 42.83 -70.04
C THR NA 38 -41.81 42.36 -69.58
N GLY NA 39 -41.72 41.23 -68.89
CA GLY NA 39 -40.42 40.65 -68.52
C GLY NA 39 -39.90 39.86 -69.71
N THR NA 40 -38.57 39.71 -69.78
CA THR NA 40 -37.89 38.78 -70.73
C THR NA 40 -36.53 38.57 -70.19
N ASP NA 41 -35.78 37.61 -70.73
CA ASP NA 41 -34.47 37.30 -70.19
C ASP NA 41 -33.72 38.57 -69.85
N GLY NA 42 -33.34 38.72 -68.59
CA GLY NA 42 -32.42 39.78 -68.20
C GLY NA 42 -33.06 41.06 -67.77
N TYR NA 43 -34.38 41.21 -67.94
CA TYR NA 43 -35.08 42.43 -67.50
C TYR NA 43 -34.90 42.51 -66.01
N VAL NA 44 -34.19 43.52 -65.54
CA VAL NA 44 -34.03 43.72 -64.11
C VAL NA 44 -35.36 44.18 -63.50
N VAL NA 45 -35.97 43.43 -62.59
CA VAL NA 45 -37.18 43.94 -61.91
C VAL NA 45 -36.89 44.57 -60.54
N VAL NA 46 -35.77 44.19 -59.92
CA VAL NA 46 -35.33 44.79 -58.66
C VAL NA 46 -33.82 45.05 -58.70
N ASP NA 47 -33.37 46.12 -58.08
CA ASP NA 47 -31.96 46.44 -58.02
C ASP NA 47 -31.79 47.45 -56.91
N ALA NA 48 -31.71 46.94 -55.69
CA ALA NA 48 -31.68 47.79 -54.52
C ALA NA 48 -30.31 47.76 -53.82
N THR NA 49 -29.73 48.95 -53.65
CA THR NA 49 -28.45 49.07 -52.99
C THR NA 49 -28.72 49.19 -51.53
N ILE NA 50 -28.17 48.28 -50.73
CA ILE NA 50 -28.51 48.14 -49.30
C ILE NA 50 -27.81 49.22 -48.48
N VAL NA 51 -28.58 50.10 -47.87
CA VAL NA 51 -28.06 51.15 -46.99
C VAL NA 51 -29.02 51.30 -45.81
N PRO NA 52 -28.56 51.92 -44.70
CA PRO NA 52 -29.42 51.85 -43.54
C PRO NA 52 -30.79 52.55 -43.74
N ASP NA 53 -30.84 53.59 -44.57
CA ASP NA 53 -32.12 54.25 -44.87
C ASP NA 53 -33.14 53.36 -45.58
N LEU NA 54 -32.66 52.30 -46.22
CA LEU NA 54 -33.55 51.36 -46.92
C LEU NA 54 -34.29 50.48 -45.92
N LEU NA 55 -33.60 50.11 -44.83
CA LEU NA 55 -34.14 49.21 -43.78
C LEU NA 55 -34.70 50.03 -42.61
N PRO NA 56 -35.98 50.43 -42.68
CA PRO NA 56 -36.51 51.55 -41.90
C PRO NA 56 -36.08 51.61 -40.43
N ARG NA 57 -36.15 50.49 -39.72
CA ARG NA 57 -35.70 50.47 -38.33
C ARG NA 57 -34.26 50.91 -38.33
N LEU NA 58 -33.41 50.22 -39.07
CA LEU NA 58 -31.98 50.57 -39.16
C LEU NA 58 -31.77 52.04 -39.50
N GLY NA 59 -32.63 52.60 -40.36
CA GLY NA 59 -32.58 54.01 -40.69
C GLY NA 59 -32.46 54.90 -39.47
N HIS NA 60 -33.14 54.53 -38.38
CA HIS NA 60 -33.19 55.35 -37.15
C HIS NA 60 -32.00 55.15 -36.27
N ALA NA 61 -31.58 53.90 -36.07
CA ALA NA 61 -30.39 53.63 -35.29
C ALA NA 61 -29.11 54.14 -35.96
N ALA NA 62 -29.16 54.42 -37.26
CA ALA NA 62 -28.01 54.94 -37.98
C ALA NA 62 -27.77 56.44 -37.71
N ARG NA 63 -28.76 57.15 -37.19
CA ARG NA 63 -28.54 58.53 -36.72
C ARG NA 63 -28.03 58.63 -35.26
N ILE NA 64 -27.68 57.50 -34.68
CA ILE NA 64 -27.33 57.39 -33.26
C ILE NA 64 -25.90 56.92 -33.17
N PHE NA 65 -25.50 56.03 -34.08
CA PHE NA 65 -24.13 55.61 -34.14
C PHE NA 65 -23.55 56.14 -35.44
N GLN NA 66 -22.30 55.77 -35.71
CA GLN NA 66 -21.48 56.30 -36.83
C GLN NA 66 -21.12 55.25 -37.86
N ARG NA 67 -21.00 54.02 -37.39
CA ARG NA 67 -20.54 52.93 -38.23
C ARG NA 67 -21.32 51.69 -37.87
N TYR NA 68 -21.51 50.80 -38.85
CA TYR NA 68 -22.17 49.52 -38.65
C TYR NA 68 -21.47 48.45 -39.46
N ALA NA 69 -21.47 47.23 -38.94
CA ALA NA 69 -20.91 46.05 -39.62
C ALA NA 69 -22.01 45.00 -39.65
N VAL NA 70 -22.14 44.37 -40.82
CA VAL NA 70 -23.24 43.45 -41.06
C VAL NA 70 -22.85 42.05 -40.58
N GLU NA 71 -23.76 41.41 -39.85
CA GLU NA 71 -23.46 40.16 -39.20
C GLU NA 71 -24.28 38.97 -39.75
N THR NA 72 -25.52 39.19 -40.18
CA THR NA 72 -26.26 38.20 -40.99
C THR NA 72 -27.11 38.94 -42.06
N LEU NA 73 -27.14 38.39 -43.26
CA LEU NA 73 -27.87 38.98 -44.38
C LEU NA 73 -28.52 37.91 -45.21
N GLU NA 74 -29.83 38.04 -45.40
CA GLU NA 74 -30.58 37.15 -46.27
C GLU NA 74 -31.71 37.95 -46.87
N PHE NA 75 -32.02 37.66 -48.11
CA PHE NA 75 -33.17 38.27 -48.74
C PHE NA 75 -34.19 37.19 -49.05
N GLU NA 76 -35.44 37.51 -48.77
CA GLU NA 76 -36.56 36.64 -49.08
C GLU NA 76 -37.21 37.24 -50.32
N ILE NA 77 -37.21 36.52 -51.43
CA ILE NA 77 -37.94 36.94 -52.62
C ILE NA 77 -39.36 36.36 -52.52
N GLN NA 78 -40.35 37.25 -52.58
CA GLN NA 78 -41.71 36.90 -52.28
C GLN NA 78 -42.64 37.38 -53.37
N PRO NA 79 -42.61 36.69 -54.51
CA PRO NA 79 -43.34 37.11 -55.68
C PRO NA 79 -44.79 36.66 -55.63
N MET NA 80 -45.69 37.54 -55.99
CA MET NA 80 -47.12 37.28 -55.88
C MET NA 80 -47.86 37.34 -57.19
N CYS NA 81 -48.29 36.17 -57.63
CA CYS NA 81 -48.95 36.02 -58.91
C CYS NA 81 -49.70 34.69 -58.91
N PRO NA 82 -50.58 34.50 -59.91
CA PRO NA 82 -51.27 33.23 -59.99
C PRO NA 82 -50.31 32.12 -60.36
N ALA NA 83 -50.57 30.91 -59.87
CA ALA NA 83 -49.70 29.76 -60.14
C ALA NA 83 -49.62 29.39 -61.62
N ASN NA 84 -50.58 29.87 -62.42
CA ASN NA 84 -50.51 29.79 -63.88
C ASN NA 84 -49.65 30.88 -64.53
N THR NA 85 -48.53 31.21 -63.92
CA THR NA 85 -47.69 32.25 -64.45
C THR NA 85 -46.49 31.59 -65.09
N GLY NA 86 -46.02 32.16 -66.19
CA GLY NA 86 -44.99 31.53 -67.03
C GLY NA 86 -43.62 32.09 -66.68
N GLY NA 87 -43.42 32.26 -65.40
CA GLY NA 87 -42.46 33.20 -64.97
C GLY NA 87 -41.02 32.75 -65.00
N GLY NA 88 -40.33 33.06 -63.90
CA GLY NA 88 -38.92 32.84 -63.82
C GLY NA 88 -38.15 34.06 -63.40
N TYR NA 89 -37.30 33.86 -62.40
CA TYR NA 89 -36.33 34.85 -61.99
C TYR NA 89 -35.05 34.22 -61.46
N VAL NA 90 -33.96 34.99 -61.50
CA VAL NA 90 -32.77 34.71 -60.69
C VAL NA 90 -32.55 35.93 -59.80
N ALA NA 91 -32.21 35.73 -58.54
CA ALA NA 91 -31.89 36.81 -57.65
C ALA NA 91 -30.47 36.63 -57.17
N GLY NA 92 -29.85 37.70 -56.69
CA GLY NA 92 -28.49 37.58 -56.22
C GLY NA 92 -27.97 38.84 -55.59
N PHE NA 93 -27.18 38.69 -54.54
CA PHE NA 93 -26.59 39.81 -53.86
C PHE NA 93 -25.11 39.88 -54.26
N LEU NA 94 -24.82 40.80 -55.17
CA LEU NA 94 -23.43 41.15 -55.45
C LEU NA 94 -22.99 42.23 -54.46
N PRO NA 95 -21.80 42.04 -53.86
CA PRO NA 95 -21.31 42.85 -52.74
C PRO NA 95 -20.62 44.18 -53.01
N ASP NA 96 -20.66 44.75 -54.21
CA ASP NA 96 -20.12 46.11 -54.40
C ASP NA 96 -21.19 47.02 -54.91
N PRO NA 97 -21.69 47.90 -54.04
CA PRO NA 97 -22.69 48.84 -54.54
C PRO NA 97 -22.29 49.45 -55.90
N THR NA 98 -21.01 49.28 -56.24
CA THR NA 98 -20.41 49.77 -57.49
C THR NA 98 -20.90 49.08 -58.75
N ASP NA 99 -20.85 47.74 -58.80
CA ASP NA 99 -20.90 47.00 -60.08
C ASP NA 99 -22.26 46.99 -60.76
N ASN NA 100 -22.28 47.49 -62.00
CA ASN NA 100 -23.48 47.57 -62.84
C ASN NA 100 -23.72 46.34 -63.70
N ASP NA 101 -22.87 45.32 -63.55
CA ASP NA 101 -22.84 44.18 -64.45
C ASP NA 101 -23.92 43.14 -64.11
N HIS NA 102 -25.15 43.47 -64.51
CA HIS NA 102 -26.35 42.68 -64.21
C HIS NA 102 -26.68 41.81 -65.39
N THR NA 103 -26.26 40.57 -65.31
CA THR NA 103 -26.54 39.59 -66.32
C THR NA 103 -26.79 38.32 -65.53
N PHE NA 104 -27.36 37.29 -66.17
CA PHE NA 104 -27.65 36.05 -65.46
C PHE NA 104 -26.37 35.41 -64.92
N ASP NA 105 -25.34 35.36 -65.76
CA ASP NA 105 -24.14 34.61 -65.39
C ASP NA 105 -23.38 35.26 -64.21
N ALA NA 106 -23.41 36.60 -64.15
CA ALA NA 106 -22.81 37.37 -63.07
C ALA NA 106 -23.49 37.17 -61.73
N LEU NA 107 -24.83 37.11 -61.77
CA LEU NA 107 -25.58 36.81 -60.58
C LEU NA 107 -25.35 35.39 -60.10
N GLN NA 108 -25.33 34.42 -61.01
CA GLN NA 108 -25.12 33.01 -60.61
C GLN NA 108 -23.68 32.71 -60.18
N ALA NA 109 -22.74 33.61 -60.48
CA ALA NA 109 -21.39 33.56 -59.91
C ALA NA 109 -21.32 33.94 -58.41
N THR NA 110 -22.35 34.62 -57.88
CA THR NA 110 -22.46 34.94 -56.44
C THR NA 110 -22.92 33.70 -55.64
N ARG NA 111 -22.67 33.68 -54.34
CA ARG NA 111 -22.82 32.45 -53.55
C ARG NA 111 -24.24 32.22 -53.13
N GLY NA 112 -25.02 33.29 -53.04
CA GLY NA 112 -26.40 33.13 -52.59
C GLY NA 112 -27.41 32.76 -53.67
N ALA NA 113 -27.07 33.05 -54.92
CA ALA NA 113 -28.06 33.25 -55.96
C ALA NA 113 -29.00 32.09 -56.11
N VAL NA 114 -30.26 32.41 -56.38
CA VAL NA 114 -31.31 31.42 -56.51
C VAL NA 114 -32.05 31.67 -57.78
N VAL NA 115 -32.54 30.60 -58.42
CA VAL NA 115 -33.47 30.77 -59.53
C VAL NA 115 -34.69 29.91 -59.30
N ALA NA 116 -35.84 30.36 -59.77
CA ALA NA 116 -37.11 29.76 -59.39
C ALA NA 116 -38.14 30.17 -60.42
N LYS NA 117 -39.40 29.81 -60.23
CA LYS NA 117 -40.46 30.32 -61.09
C LYS NA 117 -41.09 31.46 -60.32
N TRP NA 118 -41.92 32.26 -60.96
CA TRP NA 118 -42.48 33.40 -60.22
C TRP NA 118 -43.53 33.05 -59.19
N TRP NA 119 -44.11 31.86 -59.26
CA TRP NA 119 -45.08 31.45 -58.24
C TRP NA 119 -44.39 30.66 -57.11
N GLU NA 120 -43.10 30.94 -56.94
CA GLU NA 120 -42.24 30.17 -56.06
C GLU NA 120 -41.43 31.18 -55.25
N SER NA 121 -41.67 31.24 -53.92
CA SER NA 121 -40.89 32.09 -52.99
C SER NA 121 -39.52 31.52 -52.77
N ARG NA 122 -38.55 32.36 -52.51
CA ARG NA 122 -37.17 31.88 -52.39
C ARG NA 122 -36.25 32.80 -51.54
N THR NA 123 -35.29 32.21 -50.84
CA THR NA 123 -34.35 32.98 -50.03
C THR NA 123 -32.93 32.88 -50.52
N VAL NA 124 -32.27 34.02 -50.67
CA VAL NA 124 -30.87 34.02 -51.05
C VAL NA 124 -30.08 34.31 -49.79
N ARG NA 125 -28.99 33.56 -49.64
CA ARG NA 125 -28.16 33.58 -48.48
C ARG NA 125 -26.81 33.99 -48.97
N PRO NA 126 -26.56 35.28 -49.14
CA PRO NA 126 -25.30 35.71 -49.74
C PRO NA 126 -24.10 35.63 -48.81
N GLN NA 127 -22.91 35.57 -49.41
CA GLN NA 127 -21.68 35.83 -48.68
C GLN NA 127 -21.25 37.23 -49.12
N TYR NA 128 -20.72 37.99 -48.17
CA TYR NA 128 -20.65 39.45 -48.25
C TYR NA 128 -19.41 40.02 -47.54
N THR NA 129 -19.36 41.35 -47.49
CA THR NA 129 -18.23 42.10 -46.93
C THR NA 129 -17.73 41.65 -45.53
N ARG NA 130 -18.61 41.61 -44.52
CA ARG NA 130 -18.24 41.23 -43.14
C ARG NA 130 -17.20 42.20 -42.53
N THR NA 131 -17.31 43.47 -42.94
CA THR NA 131 -16.30 44.50 -42.70
C THR NA 131 -17.01 45.70 -42.10
N LEU NA 132 -16.27 46.65 -41.55
CA LEU NA 132 -16.90 47.83 -40.89
C LEU NA 132 -17.29 48.95 -41.87
N LEU NA 133 -18.59 49.22 -41.96
CA LEU NA 133 -19.12 50.22 -42.87
C LEU NA 133 -19.39 51.50 -42.09
N TRP NA 134 -20.08 52.45 -42.73
CA TRP NA 134 -20.32 53.77 -42.17
C TRP NA 134 -21.79 54.12 -42.38
N THR NA 135 -22.43 54.68 -41.37
CA THR NA 135 -23.88 54.94 -41.40
C THR NA 135 -24.33 56.19 -42.15
N SER NA 136 -23.40 57.06 -42.56
CA SER NA 136 -23.71 58.24 -43.39
C SER NA 136 -22.89 58.29 -44.67
N SER NA 137 -23.46 58.89 -45.73
CA SER NA 137 -22.82 59.06 -47.05
C SER NA 137 -21.27 59.18 -47.05
N GLY NA 138 -20.60 58.36 -47.86
CA GLY NA 138 -19.14 58.27 -47.88
C GLY NA 138 -18.54 58.58 -49.25
N LYS NA 139 -17.48 59.38 -49.24
CA LYS NA 139 -16.70 59.73 -50.45
C LYS NA 139 -16.27 58.46 -51.21
N GLU NA 140 -15.68 57.53 -50.47
CA GLU NA 140 -15.42 56.16 -50.93
C GLU NA 140 -16.59 55.32 -50.41
N GLN NA 141 -17.54 54.98 -51.27
CA GLN NA 141 -18.80 54.34 -50.82
C GLN NA 141 -18.71 52.82 -50.63
N ARG NA 142 -17.51 52.27 -50.73
CA ARG NA 142 -17.24 50.87 -50.41
C ARG NA 142 -17.55 50.59 -48.93
N LEU NA 143 -17.62 51.65 -48.11
CA LEU NA 143 -17.94 51.53 -46.68
C LEU NA 143 -19.29 52.19 -46.26
N THR NA 144 -20.25 52.34 -47.16
CA THR NA 144 -21.60 52.74 -46.72
C THR NA 144 -22.77 51.78 -47.09
N SER NA 145 -22.45 50.74 -47.85
CA SER NA 145 -23.41 49.72 -48.33
C SER NA 145 -22.70 48.37 -48.50
N PRO NA 146 -23.33 47.27 -48.08
CA PRO NA 146 -22.66 45.97 -48.16
C PRO NA 146 -22.81 45.27 -49.50
N GLY NA 147 -23.62 45.87 -50.39
CA GLY NA 147 -23.89 45.32 -51.70
C GLY NA 147 -25.29 45.69 -52.16
N ARG NA 148 -25.70 45.13 -53.29
CA ARG NA 148 -27.05 45.35 -53.79
C ARG NA 148 -27.66 44.07 -54.33
N LEU NA 149 -28.97 44.02 -54.25
CA LEU NA 149 -29.75 42.83 -54.41
C LEU NA 149 -30.37 42.99 -55.75
N ILE NA 150 -30.02 42.12 -56.69
CA ILE NA 150 -30.55 42.24 -58.03
C ILE NA 150 -31.47 41.08 -58.29
N LEU NA 151 -32.51 41.35 -59.07
CA LEU NA 151 -33.49 40.37 -59.40
C LEU NA 151 -33.79 40.45 -60.91
N LEU NA 152 -33.42 39.40 -61.66
CA LEU NA 152 -33.64 39.28 -63.11
C LEU NA 152 -34.77 38.38 -63.56
N CYS NA 153 -35.50 38.79 -64.61
CA CYS NA 153 -36.43 37.89 -65.25
C CYS NA 153 -35.69 36.78 -65.92
N VAL NA 154 -36.39 35.66 -65.99
CA VAL NA 154 -36.02 34.48 -66.79
C VAL NA 154 -37.29 34.14 -67.57
N GLY NA 155 -37.18 34.11 -68.90
CA GLY NA 155 -38.34 33.99 -69.77
C GLY NA 155 -39.32 35.12 -69.55
N ASN NA 156 -40.48 35.04 -70.18
CA ASN NA 156 -41.48 36.13 -70.10
C ASN NA 156 -42.68 35.81 -69.19
N ASN NA 157 -42.85 36.58 -68.13
CA ASN NA 157 -44.08 36.51 -67.34
C ASN NA 157 -45.32 36.57 -68.22
N THR NA 158 -46.22 35.63 -67.92
CA THR NA 158 -47.50 35.43 -68.59
C THR NA 158 -48.56 36.21 -67.90
N ASP NA 159 -48.30 36.64 -66.67
CA ASP NA 159 -49.31 37.29 -65.89
C ASP NA 159 -48.67 38.29 -64.95
N VAL NA 160 -49.51 39.07 -64.26
CA VAL NA 160 -49.05 40.17 -63.39
C VAL NA 160 -48.32 39.61 -62.18
N VAL NA 161 -47.15 40.15 -61.88
CA VAL NA 161 -46.39 39.72 -60.73
C VAL NA 161 -46.16 40.95 -59.88
N ASN NA 162 -46.42 40.82 -58.58
CA ASN NA 162 -46.26 41.90 -57.63
C ASN NA 162 -45.17 41.51 -56.64
N VAL NA 163 -43.92 41.76 -57.01
CA VAL NA 163 -42.79 41.22 -56.27
C VAL NA 163 -42.25 42.13 -55.15
N SER NA 164 -42.27 41.61 -53.92
CA SER NA 164 -41.81 42.33 -52.74
C SER NA 164 -40.65 41.54 -52.17
N VAL NA 165 -39.43 42.07 -52.25
CA VAL NA 165 -38.27 41.35 -51.71
C VAL NA 165 -37.94 41.86 -50.32
N LEU NA 166 -37.75 40.93 -49.39
CA LEU NA 166 -37.49 41.27 -48.01
C LEU NA 166 -36.05 40.98 -47.70
N CYS NA 167 -35.53 41.70 -46.72
CA CYS NA 167 -34.14 41.56 -46.30
C CYS NA 167 -34.17 41.35 -44.82
N ARG NA 168 -33.65 40.21 -44.34
CA ARG NA 168 -33.54 40.00 -42.92
C ARG NA 168 -32.11 40.30 -42.55
N TRP NA 169 -31.94 41.10 -41.50
CA TRP NA 169 -30.65 41.65 -41.20
C TRP NA 169 -30.31 41.56 -39.73
N SER NA 170 -29.02 41.38 -39.49
CA SER NA 170 -28.43 41.36 -38.18
C SER NA 170 -27.21 42.25 -38.31
N VAL NA 171 -27.26 43.39 -37.65
CA VAL NA 171 -26.24 44.43 -37.77
C VAL NA 171 -25.62 44.69 -36.38
N ARG NA 172 -24.32 44.97 -36.30
CA ARG NA 172 -23.75 45.46 -35.02
C ARG NA 172 -23.15 46.87 -35.10
N LEU NA 173 -23.81 47.81 -34.42
CA LEU NA 173 -23.49 49.23 -34.51
C LEU NA 173 -22.42 49.67 -33.51
N SER NA 174 -21.50 50.50 -33.96
CA SER NA 174 -20.29 50.74 -33.21
C SER NA 174 -20.20 52.12 -32.55
N VAL NA 175 -19.77 53.15 -33.27
CA VAL NA 175 -19.30 54.40 -32.63
C VAL NA 175 -20.49 55.30 -32.33
N PRO NA 176 -20.62 55.74 -31.05
CA PRO NA 176 -21.75 56.63 -30.74
C PRO NA 176 -21.65 58.05 -31.28
N SER NA 177 -22.80 58.64 -31.61
CA SER NA 177 -22.90 59.96 -32.23
C SER NA 177 -24.35 60.51 -32.32
N LEU NA 178 -24.56 61.62 -33.04
CA LEU NA 178 -25.94 62.14 -33.26
C LEU NA 178 -26.12 62.93 -34.60
N GLU NA 179 -26.17 62.21 -35.71
CA GLU NA 179 -26.05 62.83 -37.04
C GLU NA 179 -27.37 63.47 -37.53
N ASN NA 180 -27.68 64.68 -37.06
CA ASN NA 180 -28.83 65.46 -37.59
C ASN NA 180 -28.57 65.94 -39.03
N THR OA 18 8.43 41.79 -32.21
CA THR OA 18 7.33 42.57 -32.76
C THR OA 18 7.85 43.67 -33.72
N ASN OA 19 7.33 43.70 -34.95
CA ASN OA 19 7.75 44.67 -35.97
C ASN OA 19 7.35 46.11 -35.67
N ASP OA 20 6.27 46.27 -34.90
CA ASP OA 20 5.70 47.57 -34.64
C ASP OA 20 6.52 48.41 -33.68
N VAL OA 21 6.71 49.67 -34.10
CA VAL OA 21 7.36 50.73 -33.30
C VAL OA 21 6.30 51.56 -32.57
N HIS OA 22 6.25 51.41 -31.25
CA HIS OA 22 5.34 52.21 -30.42
C HIS OA 22 5.98 53.57 -30.23
N LEU OA 23 5.15 54.59 -30.08
CA LEU OA 23 5.60 55.95 -29.86
C LEU OA 23 4.58 56.67 -28.98
N SER OA 24 5.08 57.41 -27.99
CA SER OA 24 4.21 58.16 -27.07
C SER OA 24 4.65 59.60 -26.95
N GLY OA 25 3.71 60.42 -26.47
CA GLY OA 25 3.97 61.84 -26.24
C GLY OA 25 2.74 62.55 -25.75
N MET OA 26 2.92 63.81 -25.43
CA MET OA 26 1.82 64.73 -25.18
C MET OA 26 2.22 66.05 -25.79
N SER OA 27 1.29 66.68 -26.49
CA SER OA 27 1.62 67.76 -27.40
C SER OA 27 0.52 68.80 -27.34
N ARG OA 28 0.88 70.08 -27.48
CA ARG OA 28 -0.15 71.11 -27.55
C ARG OA 28 -0.79 71.14 -28.94
N ILE OA 29 -2.08 70.86 -28.96
CA ILE OA 29 -2.85 70.83 -30.17
C ILE OA 29 -3.18 72.23 -30.64
N SER OA 30 -3.59 73.09 -29.72
CA SER OA 30 -3.90 74.46 -30.07
C SER OA 30 -3.81 75.35 -28.86
N GLN OA 31 -4.07 76.63 -29.07
CA GLN OA 31 -4.09 77.60 -28.01
C GLN OA 31 -4.98 78.77 -28.43
N ALA OA 32 -6.23 78.75 -27.99
CA ALA OA 32 -7.14 79.84 -28.28
C ALA OA 32 -7.11 80.88 -27.14
N VAL OA 33 -7.26 82.15 -27.49
CA VAL OA 33 -7.40 83.20 -26.47
C VAL OA 33 -8.78 83.87 -26.61
N LEU OA 34 -9.70 83.43 -25.76
CA LEU OA 34 -11.08 83.84 -25.79
C LEU OA 34 -11.18 85.18 -25.08
N PRO OA 35 -11.51 86.25 -25.82
CA PRO OA 35 -11.37 87.54 -25.17
C PRO OA 35 -12.45 87.84 -24.16
N ALA OA 36 -12.29 88.98 -23.52
CA ALA OA 36 -13.13 89.46 -22.44
C ALA OA 36 -14.61 89.06 -22.46
N GLY OA 37 -15.29 89.08 -23.61
CA GLY OA 37 -16.72 88.73 -23.62
C GLY OA 37 -17.25 88.01 -24.84
N THR OA 38 -16.36 87.53 -25.71
CA THR OA 38 -16.77 86.99 -27.00
C THR OA 38 -17.40 85.57 -26.93
N GLY OA 39 -17.47 84.94 -25.77
CA GLY OA 39 -18.01 83.57 -25.69
C GLY OA 39 -19.51 83.61 -25.68
N THR OA 40 -20.17 82.70 -26.39
CA THR OA 40 -21.60 82.44 -26.20
C THR OA 40 -21.95 81.07 -26.68
N ASP OA 41 -23.07 80.55 -26.19
CA ASP OA 41 -23.45 79.17 -26.46
C ASP OA 41 -23.15 78.81 -27.92
N GLY OA 42 -22.33 77.78 -28.10
CA GLY OA 42 -22.05 77.23 -29.42
C GLY OA 42 -20.78 77.76 -30.07
N TYR OA 43 -20.41 79.01 -29.78
CA TYR OA 43 -19.17 79.58 -30.28
C TYR OA 43 -18.02 78.56 -30.20
N VAL OA 44 -17.36 78.32 -31.32
CA VAL OA 44 -16.28 77.36 -31.43
C VAL OA 44 -14.94 78.04 -31.08
N VAL OA 45 -14.23 77.55 -30.07
CA VAL OA 45 -12.95 78.18 -29.70
C VAL OA 45 -11.75 77.34 -30.18
N VAL OA 46 -11.94 76.03 -30.24
CA VAL OA 46 -10.95 75.12 -30.78
C VAL OA 46 -11.66 74.08 -31.59
N ASP OA 47 -11.14 73.86 -32.79
CA ASP OA 47 -11.57 72.78 -33.65
C ASP OA 47 -10.33 72.27 -34.35
N ALA OA 48 -9.63 71.34 -33.70
CA ALA OA 48 -8.35 70.87 -34.21
C ALA OA 48 -8.49 69.52 -34.88
N THR OA 49 -8.03 69.45 -36.12
CA THR OA 49 -8.04 68.21 -36.89
C THR OA 49 -6.74 67.45 -36.64
N ILE OA 50 -6.87 66.25 -36.05
CA ILE OA 50 -5.74 65.52 -35.49
C ILE OA 50 -4.83 64.86 -36.54
N VAL OA 51 -3.74 65.56 -36.85
CA VAL OA 51 -2.74 65.10 -37.80
C VAL OA 51 -1.35 65.00 -37.12
N PRO OA 52 -0.49 64.09 -37.63
CA PRO OA 52 0.91 63.98 -37.22
C PRO OA 52 1.66 65.29 -37.19
N ASP OA 53 1.34 66.21 -38.09
CA ASP OA 53 2.00 67.50 -38.08
C ASP OA 53 1.72 68.27 -36.81
N LEU OA 54 0.50 68.19 -36.29
CA LEU OA 54 0.12 68.90 -35.05
C LEU OA 54 0.84 68.37 -33.81
N LEU OA 55 1.17 67.08 -33.80
CA LEU OA 55 1.92 66.45 -32.72
C LEU OA 55 3.41 66.45 -33.03
N PRO OA 56 4.14 67.49 -32.64
CA PRO OA 56 5.51 67.74 -33.17
C PRO OA 56 6.49 66.55 -33.22
N ARG OA 57 6.68 65.83 -32.10
CA ARG OA 57 7.56 64.65 -32.11
C ARG OA 57 7.10 63.68 -33.19
N LEU OA 58 5.82 63.30 -33.16
CA LEU OA 58 5.23 62.43 -34.19
C LEU OA 58 5.29 63.01 -35.61
N GLY OA 59 5.44 64.33 -35.73
CA GLY OA 59 5.66 64.97 -37.02
C GLY OA 59 7.07 64.82 -37.55
N HIS OA 60 7.94 64.16 -36.79
CA HIS OA 60 9.21 63.65 -37.31
C HIS OA 60 9.15 62.15 -37.49
N ALA OA 61 8.36 61.48 -36.67
CA ALA OA 61 8.24 60.04 -36.82
C ALA OA 61 7.47 59.76 -38.10
N ALA OA 62 6.74 60.75 -38.61
CA ALA OA 62 5.94 60.55 -39.80
C ALA OA 62 6.80 60.55 -41.08
N ARG OA 63 8.00 61.14 -41.03
CA ARG OA 63 8.93 61.11 -42.18
C ARG OA 63 9.82 59.84 -42.23
N ILE OA 64 9.44 58.84 -41.47
CA ILE OA 64 10.24 57.63 -41.29
C ILE OA 64 9.38 56.42 -41.60
N PHE OA 65 8.19 56.37 -41.02
CA PHE OA 65 7.23 55.30 -41.28
C PHE OA 65 6.07 55.79 -42.16
N GLN OA 66 5.30 54.82 -42.63
CA GLN OA 66 4.34 55.01 -43.72
C GLN OA 66 2.93 55.13 -43.23
N ARG OA 67 2.59 54.23 -42.33
CA ARG OA 67 1.28 54.24 -41.75
C ARG OA 67 1.45 54.26 -40.24
N TYR OA 68 0.35 54.50 -39.53
CA TYR OA 68 0.35 54.49 -38.09
C TYR OA 68 -1.04 54.19 -37.57
N ALA OA 69 -1.11 53.52 -36.43
CA ALA OA 69 -2.37 53.27 -35.74
C ALA OA 69 -2.36 53.90 -34.36
N VAL OA 70 -3.54 54.34 -33.92
CA VAL OA 70 -3.72 55.00 -32.64
C VAL OA 70 -4.05 53.95 -31.58
N GLU OA 71 -3.25 53.92 -30.52
CA GLU OA 71 -3.45 52.96 -29.44
C GLU OA 71 -4.15 53.60 -28.24
N THR OA 72 -3.79 54.84 -27.88
CA THR OA 72 -4.55 55.63 -26.89
C THR OA 72 -4.63 57.10 -27.28
N LEU OA 73 -5.79 57.72 -27.05
CA LEU OA 73 -5.99 59.16 -27.23
C LEU OA 73 -6.74 59.76 -26.05
N GLU OA 74 -6.19 60.82 -25.48
CA GLU OA 74 -6.87 61.65 -24.50
C GLU OA 74 -6.53 63.11 -24.78
N PHE OA 75 -7.53 63.97 -24.70
CA PHE OA 75 -7.31 65.42 -24.81
C PHE OA 75 -7.54 66.06 -23.46
N GLU OA 76 -6.75 67.08 -23.17
CA GLU OA 76 -6.72 67.68 -21.85
C GLU OA 76 -7.00 69.15 -21.98
N ILE OA 77 -8.24 69.54 -21.69
CA ILE OA 77 -8.58 70.96 -21.72
C ILE OA 77 -7.94 71.56 -20.46
N GLN OA 78 -7.40 72.76 -20.64
CA GLN OA 78 -6.46 73.32 -19.69
C GLN OA 78 -6.60 74.84 -19.76
N PRO OA 79 -7.78 75.34 -19.39
CA PRO OA 79 -8.07 76.74 -19.57
C PRO OA 79 -7.56 77.58 -18.42
N MET OA 80 -7.06 78.76 -18.78
CA MET OA 80 -6.41 79.63 -17.83
C MET OA 80 -7.12 81.00 -17.75
N CYS OA 81 -7.46 81.38 -16.53
CA CYS OA 81 -8.38 82.48 -16.27
C CYS OA 81 -8.57 82.58 -14.77
N PRO OA 82 -9.12 83.71 -14.30
CA PRO OA 82 -9.35 83.79 -12.86
C PRO OA 82 -10.46 82.87 -12.41
N ALA OA 83 -10.46 82.57 -11.12
CA ALA OA 83 -11.48 81.73 -10.55
C ALA OA 83 -12.84 82.44 -10.56
N ASN OA 84 -12.85 83.69 -11.00
CA ASN OA 84 -14.08 84.50 -11.10
C ASN OA 84 -14.62 84.69 -12.52
N THR OA 85 -14.26 83.78 -13.41
CA THR OA 85 -14.84 83.76 -14.71
C THR OA 85 -16.19 83.06 -14.67
N GLY OA 86 -17.22 83.73 -15.16
CA GLY OA 86 -18.48 83.08 -15.46
C GLY OA 86 -18.32 82.27 -16.73
N GLY OA 87 -17.52 81.24 -16.64
CA GLY OA 87 -17.16 80.50 -17.83
C GLY OA 87 -18.12 79.40 -18.23
N GLY OA 88 -17.59 78.38 -18.89
CA GLY OA 88 -18.40 77.30 -19.42
C GLY OA 88 -18.02 76.83 -20.81
N TYR OA 89 -17.53 75.60 -20.90
CA TYR OA 89 -17.30 74.98 -22.18
C TYR OA 89 -17.83 73.59 -22.22
N VAL OA 90 -18.03 73.10 -23.45
CA VAL OA 90 -18.08 71.67 -23.71
C VAL OA 90 -16.99 71.29 -24.72
N ALA OA 91 -16.37 70.14 -24.47
CA ALA OA 91 -15.37 69.59 -25.35
C ALA OA 91 -15.63 68.11 -25.64
N GLY OA 92 -15.44 67.77 -26.90
CA GLY OA 92 -15.57 66.41 -27.39
C GLY OA 92 -14.73 66.15 -28.62
N PHE OA 93 -14.59 64.87 -28.94
CA PHE OA 93 -13.81 64.45 -30.09
C PHE OA 93 -14.66 63.52 -30.93
N LEU OA 94 -15.15 64.06 -32.06
CA LEU OA 94 -15.92 63.28 -33.02
C LEU OA 94 -14.94 62.62 -33.96
N PRO OA 95 -15.11 61.30 -34.19
CA PRO OA 95 -14.14 60.50 -34.93
C PRO OA 95 -14.14 60.63 -36.47
N ASP OA 96 -14.81 61.65 -37.01
CA ASP OA 96 -14.77 61.94 -38.45
C ASP OA 96 -14.04 63.25 -38.67
N PRO OA 97 -12.76 63.18 -39.06
CA PRO OA 97 -12.12 64.46 -39.39
C PRO OA 97 -12.92 65.25 -40.46
N THR OA 98 -13.83 64.56 -41.15
CA THR OA 98 -14.78 65.14 -42.10
C THR OA 98 -15.92 65.95 -41.46
N ASP OA 99 -16.41 65.52 -40.29
CA ASP OA 99 -17.78 65.81 -39.78
C ASP OA 99 -18.00 67.21 -39.18
N ASN OA 100 -18.91 67.96 -39.80
CA ASN OA 100 -19.13 69.39 -39.55
C ASN OA 100 -20.13 69.71 -38.44
N ASP OA 101 -20.57 68.70 -37.69
CA ASP OA 101 -21.58 68.87 -36.64
C ASP OA 101 -20.91 69.45 -35.37
N HIS OA 102 -20.97 70.78 -35.21
CA HIS OA 102 -20.27 71.46 -34.12
C HIS OA 102 -21.22 72.17 -33.17
N THR OA 103 -22.03 71.38 -32.49
CA THR OA 103 -23.08 71.89 -31.62
C THR OA 103 -22.97 71.12 -30.31
N PHE OA 104 -23.55 71.66 -29.24
CA PHE OA 104 -23.53 70.96 -27.95
C PHE OA 104 -23.88 69.50 -28.13
N ASP OA 105 -25.11 69.23 -28.56
CA ASP OA 105 -25.65 67.87 -28.51
C ASP OA 105 -24.87 66.87 -29.34
N ALA OA 106 -24.25 67.35 -30.40
CA ALA OA 106 -23.36 66.53 -31.21
C ALA OA 106 -22.15 66.13 -30.39
N LEU OA 107 -21.47 67.12 -29.81
CA LEU OA 107 -20.33 66.85 -28.94
C LEU OA 107 -20.68 65.93 -27.78
N GLN OA 108 -21.76 66.23 -27.06
CA GLN OA 108 -22.12 65.40 -25.90
C GLN OA 108 -22.35 63.92 -26.23
N ALA OA 109 -22.85 63.66 -27.43
CA ALA OA 109 -23.06 62.29 -27.89
C ALA OA 109 -21.77 61.47 -28.06
N THR OA 110 -20.59 62.11 -28.03
CA THR OA 110 -19.35 61.36 -28.00
C THR OA 110 -19.11 60.86 -26.56
N ARG OA 111 -18.05 60.05 -26.40
CA ARG OA 111 -17.84 59.23 -25.20
C ARG OA 111 -17.11 59.98 -24.13
N GLY OA 112 -16.04 60.64 -24.54
CA GLY OA 112 -15.18 61.36 -23.61
C GLY OA 112 -15.82 62.62 -23.10
N ALA OA 113 -16.82 63.09 -23.85
CA ALA OA 113 -17.44 64.39 -23.68
C ALA OA 113 -17.45 64.90 -22.24
N VAL OA 114 -16.81 66.06 -22.08
CA VAL OA 114 -16.74 66.80 -20.83
C VAL OA 114 -17.38 68.18 -20.98
N VAL OA 115 -18.01 68.67 -19.92
CA VAL OA 115 -18.33 70.09 -19.82
C VAL OA 115 -17.96 70.62 -18.42
N ALA OA 116 -17.46 71.84 -18.35
CA ALA OA 116 -16.91 72.38 -17.09
C ALA OA 116 -16.76 73.89 -17.12
N LYS OA 117 -16.72 74.50 -15.95
CA LYS OA 117 -16.51 75.95 -15.86
C LYS OA 117 -15.15 76.32 -16.42
N TRP OA 118 -15.00 77.55 -16.91
CA TRP OA 118 -13.75 77.86 -17.56
C TRP OA 118 -12.57 77.84 -16.61
N TRP OA 119 -12.82 77.82 -15.31
CA TRP OA 119 -11.68 77.73 -14.40
C TRP OA 119 -11.41 76.30 -13.90
N GLU OA 120 -11.76 75.31 -14.73
CA GLU OA 120 -11.65 73.91 -14.38
C GLU OA 120 -11.03 73.13 -15.51
N SER OA 121 -9.90 72.48 -15.21
CA SER OA 121 -9.29 71.49 -16.09
C SER OA 121 -10.16 70.24 -16.20
N ARG OA 122 -10.02 69.57 -17.34
CA ARG OA 122 -10.84 68.45 -17.68
C ARG OA 122 -10.09 67.56 -18.67
N THR OA 123 -10.52 66.31 -18.78
CA THR OA 123 -9.88 65.40 -19.70
C THR OA 123 -10.95 64.58 -20.43
N VAL OA 124 -10.85 64.56 -21.75
CA VAL OA 124 -11.78 63.83 -22.61
C VAL OA 124 -11.09 62.54 -23.06
N ARG OA 125 -11.74 61.44 -22.69
CA ARG OA 125 -11.34 60.09 -23.08
C ARG OA 125 -12.28 59.59 -24.16
N PRO OA 126 -11.92 59.77 -25.43
CA PRO OA 126 -12.86 59.36 -26.43
C PRO OA 126 -12.66 57.89 -26.74
N GLN OA 127 -13.64 57.34 -27.42
CA GLN OA 127 -13.52 56.06 -28.10
C GLN OA 127 -13.51 56.44 -29.59
N TYR OA 128 -12.54 55.88 -30.31
CA TYR OA 128 -12.16 56.40 -31.64
C TYR OA 128 -12.15 55.25 -32.66
N THR OA 129 -11.70 55.55 -33.88
CA THR OA 129 -11.57 54.56 -34.95
C THR OA 129 -10.82 53.27 -34.54
N ARG OA 130 -9.70 53.42 -33.83
CA ARG OA 130 -8.89 52.30 -33.35
C ARG OA 130 -8.34 51.47 -34.53
N THR OA 131 -8.11 52.14 -35.65
CA THR OA 131 -7.75 51.51 -36.92
C THR OA 131 -6.34 51.90 -37.35
N LEU OA 132 -5.95 51.40 -38.52
CA LEU OA 132 -4.65 51.68 -39.13
C LEU OA 132 -4.73 52.80 -40.15
N LEU OA 133 -4.00 53.88 -39.90
CA LEU OA 133 -4.07 55.09 -40.71
C LEU OA 133 -2.80 55.26 -41.55
N TRP OA 134 -2.46 56.49 -41.95
CA TRP OA 134 -1.49 56.76 -43.02
C TRP OA 134 -0.75 58.11 -42.81
N THR OA 135 0.58 58.08 -42.71
CA THR OA 135 1.34 59.22 -42.18
C THR OA 135 1.38 60.47 -43.06
N SER OA 136 0.95 60.37 -44.32
CA SER OA 136 0.94 61.52 -45.25
C SER OA 136 -0.44 61.61 -46.00
N SER OA 137 -0.64 62.61 -46.87
CA SER OA 137 -2.00 62.99 -47.39
C SER OA 137 -2.71 61.93 -48.28
N GLY OA 138 -4.00 61.70 -48.00
CA GLY OA 138 -4.76 60.67 -48.71
C GLY OA 138 -5.62 61.22 -49.85
N LYS OA 139 -6.41 60.32 -50.44
CA LYS OA 139 -7.60 60.69 -51.26
C LYS OA 139 -8.87 60.28 -50.47
N GLU OA 140 -8.83 59.09 -49.88
CA GLU OA 140 -9.71 58.71 -48.79
C GLU OA 140 -9.00 59.14 -47.49
N GLN OA 141 -9.49 60.19 -46.84
CA GLN OA 141 -8.86 60.70 -45.60
C GLN OA 141 -9.48 60.14 -44.31
N ARG OA 142 -10.29 59.09 -44.44
CA ARG OA 142 -10.78 58.33 -43.30
C ARG OA 142 -9.63 57.55 -42.66
N LEU OA 143 -8.46 57.57 -43.30
CA LEU OA 143 -7.27 56.86 -42.83
C LEU OA 143 -5.99 57.76 -42.72
N THR OA 144 -6.11 59.09 -42.54
CA THR OA 144 -4.90 59.96 -42.27
C THR OA 144 -4.95 60.89 -41.02
N SER OA 145 -6.12 60.96 -40.39
CA SER OA 145 -6.36 61.74 -39.18
C SER OA 145 -7.53 61.04 -38.45
N PRO OA 146 -7.35 60.70 -37.17
CA PRO OA 146 -8.38 59.88 -36.50
C PRO OA 146 -9.66 60.60 -36.11
N GLY OA 147 -9.72 61.91 -36.30
CA GLY OA 147 -10.89 62.69 -35.91
C GLY OA 147 -10.49 64.14 -35.66
N ARG OA 148 -11.26 64.84 -34.86
CA ARG OA 148 -10.93 66.20 -34.55
C ARG OA 148 -11.52 66.68 -33.23
N LEU OA 149 -10.71 67.49 -32.54
CA LEU OA 149 -11.03 67.98 -31.20
C LEU OA 149 -11.83 69.26 -31.26
N ILE OA 150 -12.98 69.28 -30.61
CA ILE OA 150 -13.84 70.46 -30.60
C ILE OA 150 -14.11 71.01 -29.20
N LEU OA 151 -14.01 72.32 -29.04
CA LEU OA 151 -14.20 72.94 -27.76
C LEU OA 151 -15.19 74.08 -27.96
N LEU OA 152 -16.33 73.99 -27.30
CA LEU OA 152 -17.40 74.95 -27.49
C LEU OA 152 -17.60 75.74 -26.25
N CYS OA 153 -17.92 77.01 -26.41
CA CYS OA 153 -18.41 77.84 -25.31
C CYS OA 153 -19.77 77.37 -24.80
N VAL OA 154 -20.00 77.60 -23.53
CA VAL OA 154 -21.27 77.39 -22.91
C VAL OA 154 -21.51 78.64 -22.10
N GLY OA 155 -22.69 79.24 -22.21
CA GLY OA 155 -22.93 80.59 -21.65
C GLY OA 155 -21.84 81.52 -22.17
N ASN OA 156 -21.60 82.65 -21.52
CA ASN OA 156 -20.56 83.57 -21.99
C ASN OA 156 -19.51 83.89 -20.94
N ASN OA 157 -18.25 83.78 -21.33
CA ASN OA 157 -17.13 84.09 -20.45
C ASN OA 157 -17.10 85.56 -20.08
N THR OA 158 -16.93 85.81 -18.80
CA THR OA 158 -16.89 87.14 -18.21
C THR OA 158 -15.46 87.64 -18.11
N ASP OA 159 -14.52 86.87 -18.64
CA ASP OA 159 -13.11 87.20 -18.49
C ASP OA 159 -12.31 86.58 -19.60
N VAL OA 160 -11.10 87.09 -19.77
CA VAL OA 160 -10.20 86.59 -20.77
C VAL OA 160 -9.87 85.17 -20.31
N VAL OA 161 -9.77 84.27 -21.27
CA VAL OA 161 -9.38 82.88 -21.02
C VAL OA 161 -8.25 82.56 -21.98
N ASN OA 162 -7.22 81.86 -21.53
CA ASN OA 162 -6.17 81.43 -22.44
C ASN OA 162 -6.16 79.92 -22.48
N VAL OA 163 -7.07 79.38 -23.29
CA VAL OA 163 -7.23 77.94 -23.40
C VAL OA 163 -6.20 77.24 -24.31
N SER OA 164 -5.59 76.19 -23.78
CA SER OA 164 -4.54 75.47 -24.46
C SER OA 164 -4.91 74.01 -24.32
N VAL OA 165 -5.40 73.36 -25.40
CA VAL OA 165 -5.68 71.91 -25.29
C VAL OA 165 -4.42 71.08 -25.52
N LEU OA 166 -4.29 70.00 -24.78
CA LEU OA 166 -3.15 69.14 -24.88
C LEU OA 166 -3.64 67.79 -25.26
N CYS OA 167 -2.95 67.15 -26.17
CA CYS OA 167 -3.34 65.84 -26.63
C CYS OA 167 -2.26 64.89 -26.19
N ARG OA 168 -2.61 63.90 -25.38
CA ARG OA 168 -1.67 62.81 -25.12
C ARG OA 168 -2.05 61.70 -26.08
N TRP OA 169 -1.04 61.01 -26.59
CA TRP OA 169 -1.19 60.13 -27.73
C TRP OA 169 -0.21 58.99 -27.67
N SER OA 170 -0.71 57.76 -27.85
CA SER OA 170 0.14 56.57 -27.98
C SER OA 170 -0.18 55.93 -29.32
N VAL OA 171 0.84 55.71 -30.13
CA VAL OA 171 0.67 55.41 -31.55
C VAL OA 171 1.65 54.34 -31.99
N ARG OA 172 1.20 53.26 -32.66
CA ARG OA 172 2.17 52.29 -33.23
C ARG OA 172 2.43 52.54 -34.70
N LEU OA 173 3.70 52.67 -35.08
CA LEU OA 173 4.09 53.10 -36.42
C LEU OA 173 4.42 51.89 -37.27
N SER OA 174 4.00 51.92 -38.54
CA SER OA 174 3.86 50.69 -39.35
C SER OA 174 5.05 50.43 -40.26
N VAL OA 175 5.05 50.88 -41.51
CA VAL OA 175 6.03 50.31 -42.48
C VAL OA 175 7.19 51.26 -42.91
N PRO OA 176 8.44 50.85 -42.64
CA PRO OA 176 9.59 51.72 -42.87
C PRO OA 176 9.60 52.45 -44.18
N SER OA 177 10.06 53.70 -44.15
CA SER OA 177 10.00 54.59 -45.31
C SER OA 177 10.93 55.81 -45.18
N LEU OA 178 10.89 56.71 -46.16
CA LEU OA 178 11.57 58.02 -46.07
C LEU OA 178 10.85 59.08 -46.88
N GLU OA 179 9.62 59.39 -46.45
CA GLU OA 179 8.79 60.38 -47.12
C GLU OA 179 9.34 61.76 -46.72
N ASN OA 180 9.71 62.57 -47.69
CA ASN OA 180 10.26 63.93 -47.41
C ASN OA 180 9.22 64.89 -46.79
N THR PA 18 -11.94 25.75 -46.15
CA THR PA 18 -12.22 27.19 -46.12
C THR PA 18 -12.66 27.70 -47.49
N ASN PA 19 -13.29 28.87 -47.52
CA ASN PA 19 -13.75 29.48 -48.77
C ASN PA 19 -12.63 30.18 -49.55
N ASP PA 20 -11.51 30.46 -48.89
CA ASP PA 20 -10.37 31.16 -49.49
C ASP PA 20 -9.50 30.28 -50.40
N VAL PA 21 -9.11 30.85 -51.53
CA VAL PA 21 -8.37 30.14 -52.55
C VAL PA 21 -6.95 30.70 -52.66
N HIS PA 22 -5.95 29.84 -52.48
CA HIS PA 22 -4.55 30.25 -52.53
C HIS PA 22 -3.92 30.00 -53.91
N LEU PA 23 -3.46 31.07 -54.55
CA LEU PA 23 -2.73 31.00 -55.81
C LEU PA 23 -1.29 31.45 -55.65
N SER PA 24 -0.38 30.81 -56.38
CA SER PA 24 1.04 31.17 -56.38
C SER PA 24 1.59 31.14 -57.78
N GLY PA 25 2.61 31.95 -58.01
CA GLY PA 25 3.26 31.97 -59.32
C GLY PA 25 4.47 32.88 -59.35
N MET PA 26 5.05 33.04 -60.53
CA MET PA 26 6.17 33.94 -60.74
C MET PA 26 6.16 34.45 -62.17
N SER PA 27 6.16 35.77 -62.31
CA SER PA 27 5.88 36.39 -63.59
C SER PA 27 6.89 37.47 -63.92
N ARG PA 28 7.12 37.74 -65.20
CA ARG PA 28 7.92 38.89 -65.57
C ARG PA 28 7.09 40.18 -65.51
N ILE PA 29 7.38 40.98 -64.49
CA ILE PA 29 6.81 42.32 -64.31
C ILE PA 29 7.19 43.27 -65.45
N SER PA 30 8.43 43.21 -65.89
CA SER PA 30 8.89 44.10 -66.95
C SER PA 30 10.19 43.64 -67.57
N GLN PA 31 10.52 44.27 -68.69
CA GLN PA 31 11.75 44.02 -69.36
C GLN PA 31 12.19 45.32 -69.99
N ALA PA 32 13.34 45.81 -69.54
CA ALA PA 32 13.92 47.00 -70.11
C ALA PA 32 15.21 46.64 -70.80
N VAL PA 33 15.51 47.37 -71.87
CA VAL PA 33 16.79 47.26 -72.53
C VAL PA 33 17.48 48.60 -72.37
N LEU PA 34 18.66 48.57 -71.77
CA LEU PA 34 19.38 49.79 -71.41
C LEU PA 34 20.63 49.88 -72.28
N PRO PA 35 20.60 50.79 -73.27
CA PRO PA 35 21.69 50.78 -74.25
C PRO PA 35 23.05 51.17 -73.69
N ALA PA 36 24.05 51.07 -74.57
CA ALA PA 36 25.44 50.98 -74.19
C ALA PA 36 25.91 51.96 -73.12
N GLY PA 37 25.48 53.22 -73.16
CA GLY PA 37 26.02 54.22 -72.23
C GLY PA 37 25.00 55.09 -71.52
N THR PA 38 23.74 54.70 -71.52
CA THR PA 38 22.64 55.63 -71.24
C THR PA 38 22.13 55.68 -69.81
N GLY PA 39 22.69 54.86 -68.91
CA GLY PA 39 22.30 54.89 -67.49
C GLY PA 39 23.15 55.87 -66.71
N THR PA 40 22.58 56.49 -65.68
CA THR PA 40 23.34 57.34 -64.72
C THR PA 40 22.64 57.43 -63.41
N ASP PA 41 23.41 57.74 -62.37
CA ASP PA 41 22.86 57.80 -61.02
C ASP PA 41 21.43 58.33 -61.04
N GLY PA 42 20.49 57.49 -60.65
CA GLY PA 42 19.11 57.92 -60.47
C GLY PA 42 18.19 57.65 -61.63
N TYR PA 43 18.74 57.22 -62.77
CA TYR PA 43 17.91 56.91 -63.94
C TYR PA 43 16.94 55.78 -63.64
N VAL PA 44 15.65 56.06 -63.78
CA VAL PA 44 14.62 55.03 -63.56
C VAL PA 44 14.55 54.10 -64.76
N VAL PA 45 14.94 52.84 -64.60
CA VAL PA 45 14.86 51.85 -65.69
C VAL PA 45 13.63 50.96 -65.60
N VAL PA 46 13.04 50.84 -64.42
CA VAL PA 46 11.77 50.11 -64.26
C VAL PA 46 10.96 50.79 -63.19
N ASP PA 47 9.66 50.91 -63.45
CA ASP PA 47 8.76 51.49 -62.49
C ASP PA 47 7.41 50.85 -62.72
N ALA PA 48 7.17 49.76 -62.01
CA ALA PA 48 6.02 48.92 -62.29
C ALA PA 48 5.08 48.86 -61.11
N THR PA 49 3.87 49.35 -61.32
CA THR PA 49 2.85 49.29 -60.29
C THR PA 49 2.20 47.91 -60.32
N ILE PA 50 2.16 47.27 -59.16
CA ILE PA 50 1.78 45.87 -59.07
C ILE PA 50 0.27 45.71 -59.04
N VAL PA 51 -0.25 45.23 -60.16
CA VAL PA 51 -1.69 44.98 -60.35
C VAL PA 51 -1.84 43.54 -60.86
N PRO PA 52 -2.99 42.90 -60.56
CA PRO PA 52 -3.17 41.51 -61.02
C PRO PA 52 -3.02 41.34 -62.54
N ASP PA 53 -3.40 42.35 -63.31
CA ASP PA 53 -3.28 42.30 -64.76
C ASP PA 53 -1.84 42.09 -65.19
N LEU PA 54 -0.90 42.55 -64.37
CA LEU PA 54 0.52 42.53 -64.69
C LEU PA 54 1.13 41.13 -64.50
N LEU PA 55 0.55 40.35 -63.60
CA LEU PA 55 0.94 38.96 -63.38
C LEU PA 55 -0.04 38.05 -64.13
N PRO PA 56 0.40 37.45 -65.25
CA PRO PA 56 -0.58 36.96 -66.21
C PRO PA 56 -1.55 35.89 -65.65
N ARG PA 57 -1.01 34.89 -64.95
CA ARG PA 57 -1.84 33.86 -64.35
C ARG PA 57 -2.80 34.46 -63.35
N LEU PA 58 -2.35 35.43 -62.57
CA LEU PA 58 -3.23 36.08 -61.60
C LEU PA 58 -4.22 36.96 -62.33
N GLY PA 59 -3.80 37.50 -63.47
CA GLY PA 59 -4.67 38.33 -64.31
C GLY PA 59 -5.94 37.62 -64.70
N HIS PA 60 -5.86 36.30 -64.89
CA HIS PA 60 -7.03 35.46 -65.20
C HIS PA 60 -7.91 35.17 -63.99
N ALA PA 61 -7.28 34.83 -62.88
CA ALA PA 61 -8.00 34.55 -61.63
C ALA PA 61 -8.59 35.81 -61.03
N ALA PA 62 -8.10 36.97 -61.47
CA ALA PA 62 -8.65 38.27 -61.07
C ALA PA 62 -10.08 38.45 -61.53
N ARG PA 63 -10.46 37.79 -62.63
CA ARG PA 63 -11.80 37.90 -63.19
C ARG PA 63 -12.80 36.90 -62.63
N ILE PA 64 -12.35 36.06 -61.71
CA ILE PA 64 -13.18 35.04 -61.09
C ILE PA 64 -13.56 35.43 -59.68
N PHE PA 65 -12.63 36.05 -58.97
CA PHE PA 65 -12.88 36.59 -57.65
C PHE PA 65 -12.87 38.10 -57.71
N GLN PA 66 -13.14 38.73 -56.58
CA GLN PA 66 -13.28 40.16 -56.56
C GLN PA 66 -12.31 40.88 -55.62
N ARG PA 67 -11.98 40.26 -54.49
CA ARG PA 67 -10.92 40.77 -53.65
C ARG PA 67 -9.78 39.76 -53.52
N TYR PA 68 -8.55 40.25 -53.66
CA TYR PA 68 -7.36 39.44 -53.49
C TYR PA 68 -6.52 40.02 -52.38
N ALA PA 69 -5.87 39.17 -51.61
CA ALA PA 69 -4.97 39.59 -50.53
C ALA PA 69 -3.58 38.95 -50.66
N VAL PA 70 -2.53 39.77 -50.55
CA VAL PA 70 -1.17 39.34 -50.89
C VAL PA 70 -0.48 38.70 -49.70
N GLU PA 71 -0.07 37.45 -49.87
CA GLU PA 71 0.48 36.68 -48.78
C GLU PA 71 2.01 36.58 -48.82
N THR PA 72 2.61 36.47 -50.00
CA THR PA 72 4.07 36.64 -50.14
C THR PA 72 4.43 37.38 -51.44
N LEU PA 73 5.41 38.28 -51.33
CA LEU PA 73 5.91 39.01 -52.48
C LEU PA 73 7.41 39.04 -52.46
N GLU PA 74 8.03 38.78 -53.61
CA GLU PA 74 9.45 38.98 -53.81
C GLU PA 74 9.67 39.37 -55.23
N PHE PA 75 10.76 40.06 -55.48
CA PHE PA 75 11.11 40.44 -56.84
C PHE PA 75 12.53 40.01 -57.12
N GLU PA 76 12.70 39.29 -58.22
CA GLU PA 76 14.00 38.81 -58.61
C GLU PA 76 14.49 39.70 -59.74
N ILE PA 77 15.57 40.43 -59.51
CA ILE PA 77 16.15 41.29 -60.53
C ILE PA 77 17.14 40.48 -61.33
N GLN PA 78 16.88 40.38 -62.63
CA GLN PA 78 17.63 39.48 -63.49
C GLN PA 78 18.21 40.22 -64.69
N PRO PA 79 19.31 40.94 -64.48
CA PRO PA 79 19.95 41.73 -65.50
C PRO PA 79 20.91 40.87 -66.28
N MET PA 80 20.95 41.13 -67.58
CA MET PA 80 21.67 40.26 -68.49
C MET PA 80 22.60 41.06 -69.34
N CYS PA 81 23.87 40.93 -69.02
CA CYS PA 81 24.90 41.73 -69.63
C CYS PA 81 26.22 41.00 -69.42
N PRO PA 82 27.29 41.46 -70.08
CA PRO PA 82 28.57 40.81 -69.87
C PRO PA 82 29.17 41.16 -68.52
N ALA PA 83 30.03 40.29 -68.03
CA ALA PA 83 30.69 40.48 -66.74
C ALA PA 83 31.63 41.68 -66.71
N ASN PA 84 31.90 42.24 -67.87
CA ASN PA 84 32.69 43.46 -67.98
C ASN PA 84 31.88 44.75 -68.05
N THR PA 85 30.76 44.79 -67.33
CA THR PA 85 29.90 45.96 -67.33
C THR PA 85 30.14 46.75 -66.05
N GLY PA 86 30.37 48.05 -66.21
CA GLY PA 86 30.56 48.96 -65.08
C GLY PA 86 29.18 49.36 -64.63
N GLY PA 87 28.47 48.41 -64.06
CA GLY PA 87 27.07 48.60 -63.87
C GLY PA 87 26.75 49.16 -62.53
N GLY PA 88 25.57 48.80 -62.05
CA GLY PA 88 25.07 49.25 -60.78
C GLY PA 88 23.57 49.49 -60.83
N TYR PA 89 22.85 48.90 -59.89
CA TYR PA 89 21.48 49.25 -59.71
C TYR PA 89 21.10 49.21 -58.25
N VAL PA 90 20.04 49.93 -57.91
CA VAL PA 90 19.34 49.75 -56.65
C VAL PA 90 17.89 49.41 -57.01
N ALA PA 91 17.35 48.39 -56.36
CA ALA PA 91 15.99 47.94 -56.62
C ALA PA 91 15.26 47.92 -55.31
N GLY PA 92 14.02 48.39 -55.29
CA GLY PA 92 13.24 48.47 -54.07
C GLY PA 92 11.76 48.49 -54.34
N PHE PA 93 10.99 48.02 -53.37
CA PHE PA 93 9.54 47.98 -53.50
C PHE PA 93 8.94 48.90 -52.47
N LEU PA 94 8.44 50.05 -52.90
CA LEU PA 94 7.68 50.94 -51.98
C LEU PA 94 6.20 50.64 -51.98
N PRO PA 95 5.62 50.41 -50.77
CA PRO PA 95 4.25 49.90 -50.58
C PRO PA 95 3.08 50.80 -50.94
N ASP PA 96 3.31 51.99 -51.49
CA ASP PA 96 2.19 52.76 -52.02
C ASP PA 96 2.25 52.76 -53.52
N PRO PA 97 1.17 52.33 -54.18
CA PRO PA 97 1.14 52.59 -55.62
C PRO PA 97 1.11 54.10 -55.90
N THR PA 98 0.72 54.87 -54.87
CA THR PA 98 0.50 56.31 -54.95
C THR PA 98 1.73 57.11 -55.37
N ASP PA 99 2.80 57.07 -54.57
CA ASP PA 99 3.80 58.14 -54.64
C ASP PA 99 4.99 57.91 -55.59
N ASN PA 100 5.45 59.03 -56.17
CA ASN PA 100 6.51 59.10 -57.17
C ASN PA 100 7.90 59.40 -56.62
N ASP PA 101 8.14 59.15 -55.33
CA ASP PA 101 9.43 59.44 -54.73
C ASP PA 101 10.47 58.38 -55.19
N HIS PA 102 11.07 58.59 -56.37
CA HIS PA 102 11.98 57.61 -56.99
C HIS PA 102 13.45 58.01 -56.90
N THR PA 103 13.93 58.15 -55.67
CA THR PA 103 15.32 58.50 -55.39
C THR PA 103 15.98 57.31 -54.72
N PHE PA 104 17.31 57.22 -54.84
CA PHE PA 104 18.06 56.14 -54.21
C PHE PA 104 17.76 55.98 -52.71
N ASP PA 105 17.86 57.08 -51.96
CA ASP PA 105 17.69 57.03 -50.51
C ASP PA 105 16.31 56.55 -50.11
N ALA PA 106 15.30 56.94 -50.88
CA ALA PA 106 13.93 56.51 -50.65
C ALA PA 106 13.73 55.01 -50.90
N LEU PA 107 14.39 54.50 -51.94
CA LEU PA 107 14.39 53.05 -52.19
C LEU PA 107 15.09 52.29 -51.08
N GLN PA 108 16.31 52.72 -50.73
CA GLN PA 108 17.10 52.06 -49.69
C GLN PA 108 16.46 52.09 -48.32
N ALA PA 109 15.53 53.01 -48.11
CA ALA PA 109 14.74 53.04 -46.87
C ALA PA 109 13.74 51.90 -46.72
N THR PA 110 13.33 51.28 -47.86
CA THR PA 110 12.42 50.14 -47.84
C THR PA 110 13.17 48.87 -47.44
N ARG PA 111 12.45 47.77 -47.20
CA ARG PA 111 13.03 46.61 -46.51
C ARG PA 111 13.73 45.72 -47.49
N GLY PA 112 13.08 45.45 -48.62
CA GLY PA 112 13.66 44.55 -49.59
C GLY PA 112 14.99 45.06 -50.14
N ALA PA 113 15.12 46.38 -50.15
CA ALA PA 113 16.11 47.09 -50.96
C ALA PA 113 17.44 46.39 -51.14
N VAL PA 114 17.83 46.25 -52.39
CA VAL PA 114 19.10 45.66 -52.75
C VAL PA 114 19.87 46.57 -53.71
N VAL PA 115 21.20 46.54 -53.62
CA VAL PA 115 22.04 47.16 -54.64
C VAL PA 115 23.12 46.17 -55.08
N ALA PA 116 23.49 46.28 -56.36
CA ALA PA 116 24.40 45.32 -56.98
C ALA PA 116 24.89 45.85 -58.31
N LYS PA 117 26.00 45.27 -58.77
CA LYS PA 117 26.53 45.57 -60.11
C LYS PA 117 25.61 44.90 -61.13
N TRP PA 118 25.56 45.41 -62.34
CA TRP PA 118 24.58 44.89 -63.29
C TRP PA 118 24.79 43.44 -63.70
N TRP PA 119 25.97 42.89 -63.44
CA TRP PA 119 26.19 41.49 -63.74
C TRP PA 119 25.94 40.57 -62.54
N GLU PA 120 25.06 41.00 -61.64
CA GLU PA 120 24.75 40.26 -60.42
C GLU PA 120 23.23 40.19 -60.28
N SER PA 121 22.71 38.98 -60.20
CA SER PA 121 21.29 38.74 -59.92
C SER PA 121 21.05 39.08 -58.47
N ARG PA 122 19.79 39.36 -58.13
CA ARG PA 122 19.50 39.81 -56.81
C ARG PA 122 18.01 39.75 -56.52
N THR PA 123 17.65 39.58 -55.26
CA THR PA 123 16.25 39.40 -54.89
C THR PA 123 15.82 40.37 -53.80
N VAL PA 124 14.78 41.14 -54.07
CA VAL PA 124 14.23 42.03 -53.06
C VAL PA 124 13.08 41.33 -52.37
N ARG PA 125 13.16 41.28 -51.04
CA ARG PA 125 12.18 40.63 -50.18
C ARG PA 125 11.52 41.71 -49.32
N PRO PA 126 10.50 42.39 -49.88
CA PRO PA 126 10.01 43.54 -49.19
C PRO PA 126 9.04 43.18 -48.08
N GLN PA 127 8.65 44.20 -47.33
CA GLN PA 127 7.52 44.15 -46.44
C GLN PA 127 6.50 45.14 -46.98
N TYR PA 128 5.23 44.75 -46.92
CA TYR PA 128 4.16 45.37 -47.71
C TYR PA 128 2.93 45.54 -46.85
N THR PA 129 1.84 45.96 -47.48
CA THR PA 129 0.53 46.11 -46.81
C THR PA 129 0.06 44.89 -46.00
N ARG PA 130 0.16 43.69 -46.59
CA ARG PA 130 -0.23 42.42 -45.95
C ARG PA 130 -1.75 42.34 -45.69
N THR PA 131 -2.51 43.14 -46.44
CA THR PA 131 -3.92 43.41 -46.14
C THR PA 131 -4.80 42.98 -47.29
N LEU PA 132 -6.12 43.03 -47.08
CA LEU PA 132 -7.11 42.77 -48.14
C LEU PA 132 -7.14 43.89 -49.17
N LEU PA 133 -7.28 43.51 -50.42
CA LEU PA 133 -7.24 44.43 -51.53
C LEU PA 133 -8.46 44.22 -52.42
N TRP PA 134 -8.37 44.66 -53.67
CA TRP PA 134 -9.48 44.67 -54.61
C TRP PA 134 -8.98 44.33 -56.01
N THR PA 135 -9.62 43.36 -56.68
CA THR PA 135 -9.11 42.86 -57.97
C THR PA 135 -9.40 43.77 -59.14
N SER PA 136 -10.15 44.84 -58.90
CA SER PA 136 -10.43 45.84 -59.94
C SER PA 136 -10.41 47.28 -59.39
N SER PA 137 -10.21 48.24 -60.31
CA SER PA 137 -9.95 49.66 -59.97
C SER PA 137 -10.94 50.30 -58.97
N GLY PA 138 -10.44 51.26 -58.19
CA GLY PA 138 -11.24 51.93 -57.18
C GLY PA 138 -11.05 53.43 -57.22
N LYS PA 139 -11.93 54.15 -56.55
CA LYS PA 139 -11.82 55.61 -56.39
C LYS PA 139 -10.61 55.91 -55.50
N GLU PA 140 -10.43 55.09 -54.46
CA GLU PA 140 -9.23 55.09 -53.62
C GLU PA 140 -8.37 53.87 -53.97
N GLN PA 141 -7.21 54.10 -54.57
CA GLN PA 141 -6.37 53.01 -55.08
C GLN PA 141 -5.40 52.41 -54.05
N ARG PA 142 -5.60 52.75 -52.78
CA ARG PA 142 -4.84 52.13 -51.67
C ARG PA 142 -5.22 50.68 -51.50
N LEU PA 143 -6.38 50.28 -52.07
CA LEU PA 143 -6.87 48.90 -51.97
C LEU PA 143 -6.89 48.12 -53.32
N THR PA 144 -6.32 48.66 -54.39
CA THR PA 144 -6.24 47.93 -55.67
C THR PA 144 -4.83 47.42 -56.08
N SER PA 145 -3.78 47.90 -55.41
CA SER PA 145 -2.39 47.47 -55.65
C SER PA 145 -1.56 47.55 -54.35
N PRO PA 146 -0.68 46.57 -54.11
CA PRO PA 146 0.01 46.50 -52.83
C PRO PA 146 1.28 47.35 -52.79
N GLY PA 147 1.64 47.95 -53.92
CA GLY PA 147 2.82 48.79 -54.03
C GLY PA 147 3.36 48.79 -55.44
N ARG PA 148 4.61 49.20 -55.59
CA ARG PA 148 5.24 49.22 -56.91
C ARG PA 148 6.74 49.04 -56.81
N LEU PA 149 7.29 48.41 -57.84
CA LEU PA 149 8.68 47.98 -57.86
C LEU PA 149 9.46 48.96 -58.70
N ILE PA 150 10.50 49.54 -58.10
CA ILE PA 150 11.33 50.53 -58.78
C ILE PA 150 12.75 50.02 -58.94
N LEU PA 151 13.35 50.30 -60.09
CA LEU PA 151 14.71 49.91 -60.37
C LEU PA 151 15.46 51.10 -60.88
N LEU PA 152 16.51 51.49 -60.17
CA LEU PA 152 17.28 52.69 -60.47
C LEU PA 152 18.71 52.37 -60.85
N CYS PA 153 19.28 53.17 -61.73
CA CYS PA 153 20.69 53.06 -62.04
C CYS PA 153 21.56 53.59 -60.91
N VAL PA 154 22.70 52.93 -60.72
CA VAL PA 154 23.76 53.42 -59.88
C VAL PA 154 24.97 53.44 -60.78
N GLY PA 155 25.72 54.54 -60.74
CA GLY PA 155 26.77 54.78 -61.71
C GLY PA 155 26.21 54.70 -63.12
N ASN PA 156 27.07 54.41 -64.10
CA ASN PA 156 26.62 54.35 -65.48
C ASN PA 156 27.20 53.14 -66.21
N ASN PA 157 26.33 52.43 -66.91
CA ASN PA 157 26.69 51.18 -67.56
C ASN PA 157 27.64 51.34 -68.76
N THR PA 158 28.66 50.50 -68.77
CA THR PA 158 29.63 50.41 -69.87
C THR PA 158 29.06 49.72 -71.08
N ASP PA 159 28.03 48.91 -70.86
CA ASP PA 159 27.59 47.97 -71.87
C ASP PA 159 26.08 47.85 -71.87
N VAL PA 160 25.55 47.10 -72.84
CA VAL PA 160 24.12 46.97 -73.00
C VAL PA 160 23.59 45.99 -71.96
N VAL PA 161 22.52 46.38 -71.28
CA VAL PA 161 21.89 45.55 -70.24
C VAL PA 161 20.46 45.22 -70.64
N ASN PA 162 20.10 43.95 -70.54
CA ASN PA 162 18.73 43.52 -70.82
C ASN PA 162 18.10 43.02 -69.53
N VAL PA 163 17.71 43.97 -68.69
CA VAL PA 163 17.14 43.63 -67.40
C VAL PA 163 15.69 43.17 -67.55
N SER PA 164 15.38 42.08 -66.85
CA SER PA 164 14.00 41.58 -66.73
C SER PA 164 13.77 41.39 -65.24
N VAL PA 165 12.76 42.05 -64.66
CA VAL PA 165 12.44 41.82 -63.23
C VAL PA 165 11.26 40.87 -63.17
N LEU PA 166 11.33 39.95 -62.20
CA LEU PA 166 10.34 38.90 -62.04
C LEU PA 166 9.75 39.06 -60.67
N CYS PA 167 8.44 38.91 -60.58
CA CYS PA 167 7.74 38.98 -59.32
C CYS PA 167 7.29 37.60 -58.96
N ARG PA 168 7.76 37.06 -57.84
CA ARG PA 168 7.19 35.83 -57.34
C ARG PA 168 6.17 36.22 -56.30
N TRP PA 169 5.02 35.58 -56.38
CA TRP PA 169 3.86 36.01 -55.62
C TRP PA 169 3.05 34.84 -55.12
N SER PA 170 2.45 35.05 -53.96
CA SER PA 170 1.54 34.11 -53.35
C SER PA 170 0.39 34.92 -52.81
N VAL PA 171 -0.81 34.58 -53.25
CA VAL PA 171 -1.98 35.41 -53.06
C VAL PA 171 -3.14 34.56 -52.57
N ARG PA 172 -3.97 35.08 -51.66
CA ARG PA 172 -5.25 34.41 -51.34
C ARG PA 172 -6.49 35.20 -51.82
N LEU PA 173 -7.29 34.56 -52.67
CA LEU PA 173 -8.40 35.19 -53.37
C LEU PA 173 -9.73 34.94 -52.69
N SER PA 174 -10.64 35.92 -52.81
CA SER PA 174 -11.90 35.93 -52.06
C SER PA 174 -13.09 36.47 -52.86
N VAL PA 175 -14.28 36.35 -52.26
CA VAL PA 175 -15.61 36.55 -52.89
C VAL PA 175 -15.68 36.28 -54.39
N PRO PA 176 -16.27 35.13 -54.76
CA PRO PA 176 -16.58 34.77 -56.12
C PRO PA 176 -17.36 35.83 -56.89
N SER PA 177 -17.20 35.84 -58.20
CA SER PA 177 -17.58 36.97 -59.03
C SER PA 177 -17.26 36.63 -60.48
N LEU PA 178 -17.56 37.54 -61.41
CA LEU PA 178 -17.23 37.33 -62.82
C LEU PA 178 -17.24 38.62 -63.63
N GLU PA 179 -16.07 39.21 -63.87
CA GLU PA 179 -15.99 40.49 -64.57
C GLU PA 179 -15.61 40.33 -66.05
N ASN PA 180 -16.57 40.66 -66.92
CA ASN PA 180 -16.45 40.52 -68.36
C ASN PA 180 -16.34 41.88 -69.06
N THR QA 18 14.96 50.60 5.14
CA THR QA 18 15.47 51.27 6.37
C THR QA 18 15.85 52.73 6.04
N ASN QA 19 15.25 53.68 6.74
CA ASN QA 19 15.57 55.11 6.57
C ASN QA 19 17.04 55.44 6.86
N ASP QA 20 17.68 54.61 7.68
CA ASP QA 20 19.05 54.84 8.15
C ASP QA 20 20.13 54.67 7.11
N VAL QA 21 21.16 55.48 7.32
CA VAL QA 21 22.23 55.67 6.39
C VAL QA 21 23.53 55.25 7.06
N HIS QA 22 24.07 54.09 6.71
CA HIS QA 22 25.34 53.66 7.27
C HIS QA 22 26.49 54.44 6.64
N LEU QA 23 27.40 54.92 7.49
CA LEU QA 23 28.53 55.72 7.04
C LEU QA 23 29.80 55.24 7.74
N SER QA 24 30.86 55.01 6.97
CA SER QA 24 32.10 54.46 7.51
C SER QA 24 33.30 55.21 6.98
N GLY QA 25 34.24 55.46 7.88
CA GLY QA 25 35.41 56.28 7.56
C GLY QA 25 36.48 56.14 8.61
N MET QA 26 37.66 56.64 8.31
CA MET QA 26 38.79 56.56 9.21
C MET QA 26 39.53 57.88 9.24
N SER QA 27 39.53 58.54 10.41
CA SER QA 27 39.96 59.92 10.54
C SER QA 27 41.05 60.12 11.59
N ARG QA 28 41.75 61.25 11.47
CA ARG QA 28 42.71 61.70 12.48
C ARG QA 28 42.05 62.54 13.62
N ILE QA 29 42.04 61.95 14.81
CA ILE QA 29 41.55 62.57 16.01
C ILE QA 29 42.56 63.60 16.52
N SER QA 30 43.84 63.28 16.41
CA SER QA 30 44.86 64.19 16.90
C SER QA 30 46.26 63.84 16.43
N GLN QA 31 47.10 64.87 16.42
CA GLN QA 31 48.52 64.72 16.15
C GLN QA 31 49.28 65.47 17.24
N ALA QA 32 50.04 64.76 18.06
CA ALA QA 32 50.93 65.41 19.00
C ALA QA 32 52.34 65.26 18.48
N VAL QA 33 53.19 66.21 18.87
CA VAL QA 33 54.61 66.11 18.65
C VAL QA 33 55.31 66.24 19.98
N LEU QA 34 55.80 65.11 20.47
CA LEU QA 34 56.34 65.02 21.81
C LEU QA 34 57.87 65.18 21.76
N PRO QA 35 58.39 66.34 22.22
CA PRO QA 35 59.83 66.55 22.06
C PRO QA 35 60.73 65.67 22.95
N ALA QA 36 62.01 65.71 22.62
CA ALA QA 36 63.03 64.74 23.03
C ALA QA 36 63.05 64.16 24.47
N GLY QA 37 62.30 64.71 25.42
CA GLY QA 37 62.26 64.09 26.73
C GLY QA 37 61.21 64.65 27.68
N THR QA 38 60.06 65.02 27.13
CA THR QA 38 59.01 65.74 27.88
C THR QA 38 57.79 64.87 28.26
N GLY QA 39 57.93 63.55 28.20
CA GLY QA 39 56.85 62.64 28.61
C GLY QA 39 57.31 61.78 29.76
N THR QA 40 56.44 61.59 30.76
CA THR QA 40 56.77 60.79 31.96
C THR QA 40 55.54 60.08 32.48
N ASP QA 41 55.74 58.97 33.18
CA ASP QA 41 54.61 58.24 33.76
C ASP QA 41 53.48 59.19 34.01
N GLY QA 42 52.32 58.90 33.40
CA GLY QA 42 51.10 59.64 33.64
C GLY QA 42 50.85 60.84 32.76
N TYR QA 43 51.86 61.33 32.03
CA TYR QA 43 51.69 62.54 31.23
C TYR QA 43 50.64 62.29 30.14
N VAL QA 44 49.65 63.17 30.04
CA VAL QA 44 48.59 63.09 29.02
C VAL QA 44 49.03 63.71 27.70
N VAL QA 45 49.03 62.94 26.61
CA VAL QA 45 49.52 63.43 25.28
C VAL QA 45 48.35 63.74 24.32
N VAL QA 46 47.22 63.08 24.56
CA VAL QA 46 46.01 63.19 23.74
C VAL QA 46 44.81 62.88 24.64
N ASP QA 47 43.93 63.84 24.82
CA ASP QA 47 42.61 63.62 25.39
C ASP QA 47 41.59 64.34 24.51
N ALA QA 48 40.82 63.54 23.80
CA ALA QA 48 39.90 64.06 22.81
C ALA QA 48 38.55 63.45 23.07
N THR QA 49 37.53 64.29 23.05
CA THR QA 49 36.17 63.82 23.23
C THR QA 49 35.54 63.70 21.85
N ILE QA 50 34.99 62.52 21.57
CA ILE QA 50 34.64 62.11 20.22
C ILE QA 50 33.25 62.64 19.85
N VAL QA 51 33.20 63.50 18.83
CA VAL QA 51 31.95 64.08 18.34
C VAL QA 51 32.04 64.17 16.85
N PRO QA 52 30.88 64.18 16.16
CA PRO QA 52 30.87 64.24 14.71
C PRO QA 52 31.90 65.18 14.10
N ASP QA 53 31.99 66.40 14.60
CA ASP QA 53 32.95 67.39 14.07
C ASP QA 53 34.42 67.04 14.25
N LEU QA 54 34.74 66.12 15.13
CA LEU QA 54 36.12 65.65 15.23
C LEU QA 54 36.51 64.74 14.04
N LEU QA 55 35.51 64.10 13.44
CA LEU QA 55 35.70 63.22 12.29
C LEU QA 55 35.19 63.87 10.97
N PRO QA 56 36.11 64.42 10.13
CA PRO QA 56 35.79 65.25 8.94
C PRO QA 56 34.53 64.87 8.13
N ARG QA 57 34.54 63.71 7.50
CA ARG QA 57 33.39 63.21 6.74
C ARG QA 57 32.11 63.16 7.59
N LEU QA 58 32.20 62.64 8.81
CA LEU QA 58 31.01 62.61 9.68
C LEU QA 58 30.57 64.05 10.03
N GLY QA 59 31.53 64.94 10.26
CA GLY QA 59 31.23 66.34 10.48
C GLY QA 59 30.25 66.90 9.45
N HIS QA 60 30.35 66.44 8.21
CA HIS QA 60 29.43 66.86 7.18
C HIS QA 60 28.14 66.08 7.30
N ALA QA 61 28.24 64.77 7.43
CA ALA QA 61 27.04 63.94 7.48
C ALA QA 61 26.18 64.27 8.70
N ALA QA 62 26.80 64.82 9.74
CA ALA QA 62 26.08 65.29 10.94
C ALA QA 62 25.26 66.55 10.68
N ARG QA 63 25.73 67.44 9.81
CA ARG QA 63 24.95 68.62 9.43
C ARG QA 63 23.72 68.28 8.57
N ILE QA 64 23.58 67.01 8.20
CA ILE QA 64 22.46 66.51 7.42
C ILE QA 64 21.44 65.72 8.27
N PHE QA 65 21.88 65.10 9.36
CA PHE QA 65 20.99 64.30 10.22
C PHE QA 65 21.01 64.77 11.68
N GLN QA 66 19.95 64.48 12.41
CA GLN QA 66 19.83 64.89 13.81
C GLN QA 66 20.43 63.87 14.75
N ARG QA 67 20.29 62.59 14.44
CA ARG QA 67 20.85 61.56 15.31
C ARG QA 67 21.81 60.63 14.61
N TYR QA 68 22.74 60.10 15.39
CA TYR QA 68 23.58 59.02 14.92
C TYR QA 68 23.73 58.00 16.04
N ALA QA 69 24.23 56.82 15.68
CA ALA QA 69 24.42 55.73 16.63
C ALA QA 69 25.72 54.99 16.30
N VAL QA 70 26.65 54.92 17.23
CA VAL QA 70 27.96 54.40 16.89
C VAL QA 70 27.86 52.90 16.72
N GLU QA 71 28.40 52.39 15.62
CA GLU QA 71 28.23 50.99 15.24
C GLU QA 71 29.54 50.22 15.30
N THR QA 72 30.64 50.84 14.90
CA THR QA 72 31.97 50.34 15.26
C THR QA 72 32.88 51.50 15.51
N LEU QA 73 33.70 51.37 16.56
CA LEU QA 73 34.71 52.35 16.94
C LEU QA 73 35.99 51.64 17.27
N GLU QA 74 37.06 52.03 16.59
CA GLU QA 74 38.41 51.57 16.90
C GLU QA 74 39.38 52.74 16.77
N PHE QA 75 40.46 52.67 17.50
CA PHE QA 75 41.43 53.73 17.51
C PHE QA 75 42.78 53.12 17.26
N GLU QA 76 43.43 53.62 16.23
CA GLU QA 76 44.76 53.19 15.88
C GLU QA 76 45.73 54.23 16.42
N ILE QA 77 46.59 53.81 17.32
CA ILE QA 77 47.61 54.69 17.84
C ILE QA 77 48.77 54.47 16.90
N GLN QA 78 49.13 55.51 16.16
CA GLN QA 78 50.21 55.43 15.20
C GLN QA 78 51.32 56.42 15.56
N PRO QA 79 52.33 55.94 16.30
CA PRO QA 79 53.44 56.74 16.75
C PRO QA 79 54.64 56.59 15.82
N MET QA 80 55.31 57.71 15.56
CA MET QA 80 56.44 57.79 14.61
C MET QA 80 57.73 58.32 15.22
N CYS QA 81 58.71 57.43 15.30
CA CYS QA 81 59.94 57.72 15.99
C CYS QA 81 60.91 56.57 15.71
N PRO QA 82 62.21 56.78 15.95
CA PRO QA 82 63.14 55.68 15.70
C PRO QA 82 62.97 54.51 16.68
N ALA QA 83 63.49 53.37 16.27
CA ALA QA 83 63.33 52.17 17.06
C ALA QA 83 64.15 52.19 18.33
N ASN QA 84 65.00 53.22 18.48
CA ASN QA 84 65.75 53.46 19.73
C ASN QA 84 65.10 54.57 20.55
N THR QA 85 63.84 54.35 20.90
CA THR QA 85 63.12 55.22 21.76
C THR QA 85 62.74 54.39 22.98
N GLY QA 86 62.99 54.93 24.17
CA GLY QA 86 62.85 54.16 25.40
C GLY QA 86 61.47 54.27 26.01
N GLY QA 87 60.63 55.07 25.40
CA GLY QA 87 59.37 55.41 26.00
C GLY QA 87 58.33 54.31 25.98
N GLY QA 88 57.11 54.73 26.33
CA GLY QA 88 55.94 53.87 26.25
C GLY QA 88 54.65 54.66 26.30
N TYR QA 89 53.54 54.03 25.96
CA TYR QA 89 52.23 54.64 26.11
C TYR QA 89 51.15 53.63 26.49
N VAL QA 90 50.10 54.14 27.13
CA VAL QA 90 48.87 53.40 27.39
C VAL QA 90 47.77 54.21 26.72
N ALA QA 91 47.03 53.59 25.80
CA ALA QA 91 45.89 54.26 25.18
C ALA QA 91 44.62 53.47 25.45
N GLY QA 92 43.53 54.20 25.60
CA GLY QA 92 42.25 53.58 25.91
C GLY QA 92 41.09 54.53 25.78
N PHE QA 93 39.91 53.97 25.58
CA PHE QA 93 38.72 54.76 25.31
C PHE QA 93 37.72 54.65 26.45
N LEU QA 94 37.62 55.69 27.28
CA LEU QA 94 36.62 55.65 28.34
C LEU QA 94 35.29 56.21 27.82
N PRO QA 95 34.19 55.47 28.08
CA PRO QA 95 32.92 55.81 27.46
C PRO QA 95 32.02 56.93 28.01
N ASP QA 96 32.45 57.81 28.94
CA ASP QA 96 31.67 59.06 29.12
C ASP QA 96 32.44 60.12 28.46
N PRO QA 97 31.73 61.01 27.79
CA PRO QA 97 32.41 62.25 27.50
C PRO QA 97 32.79 62.97 28.80
N THR QA 98 31.98 62.78 29.84
CA THR QA 98 32.11 63.48 31.11
C THR QA 98 33.41 63.23 31.92
N ASP QA 99 33.74 61.99 32.27
CA ASP QA 99 34.77 61.76 33.31
C ASP QA 99 36.22 62.12 32.89
N ASN QA 100 36.89 62.86 33.79
CA ASN QA 100 38.27 63.28 33.64
C ASN QA 100 39.28 62.51 34.49
N ASP QA 101 39.00 61.22 34.78
CA ASP QA 101 40.00 60.35 35.43
C ASP QA 101 41.01 60.02 34.30
N HIS QA 102 42.25 60.51 34.43
CA HIS QA 102 43.32 60.33 33.41
C HIS QA 102 44.56 59.70 34.00
N THR QA 103 44.35 58.54 34.62
CA THR QA 103 45.41 57.74 35.24
C THR QA 103 45.51 56.40 34.55
N PHE QA 104 46.68 55.78 34.62
CA PHE QA 104 46.92 54.50 33.95
C PHE QA 104 45.87 53.45 34.30
N ASP QA 105 45.61 53.23 35.59
CA ASP QA 105 44.71 52.15 36.02
C ASP QA 105 43.30 52.34 35.49
N ALA QA 106 42.89 53.60 35.39
CA ALA QA 106 41.58 53.98 34.86
C ALA QA 106 41.42 53.63 33.39
N LEU QA 107 42.49 53.85 32.62
CA LEU QA 107 42.53 53.43 31.23
C LEU QA 107 42.60 51.92 31.04
N GLN QA 108 43.44 51.24 31.83
CA GLN QA 108 43.61 49.80 31.66
C GLN QA 108 42.38 49.02 32.12
N ALA QA 109 41.46 49.71 32.78
CA ALA QA 109 40.15 49.17 33.16
C ALA QA 109 39.13 49.16 32.04
N THR QA 110 39.37 49.93 30.98
CA THR QA 110 38.55 49.86 29.80
C THR QA 110 38.95 48.66 28.94
N ARG QA 111 38.24 48.43 27.83
CA ARG QA 111 38.34 47.16 27.12
C ARG QA 111 39.35 47.27 26.04
N GLY QA 112 39.39 48.38 25.37
CA GLY QA 112 40.29 48.48 24.25
C GLY QA 112 41.72 48.61 24.70
N ALA QA 113 41.89 49.16 25.91
CA ALA QA 113 43.13 49.76 26.36
C ALA QA 113 44.33 48.95 26.05
N VAL QA 114 45.34 49.61 25.49
CA VAL QA 114 46.53 48.92 25.00
C VAL QA 114 47.78 49.56 25.59
N VAL QA 115 48.79 48.77 25.92
CA VAL QA 115 50.05 49.38 26.27
C VAL QA 115 51.16 48.81 25.40
N ALA QA 116 52.14 49.68 25.14
CA ALA QA 116 53.13 49.46 24.10
C ALA QA 116 54.22 50.53 24.11
N LYS QA 117 55.39 50.13 23.66
CA LYS QA 117 56.53 51.04 23.49
C LYS QA 117 56.25 51.96 22.32
N TRP QA 118 56.88 53.14 22.28
CA TRP QA 118 56.54 54.16 21.25
C TRP QA 118 56.85 53.81 19.79
N TRP QA 119 57.66 52.78 19.56
CA TRP QA 119 57.91 52.34 18.20
C TRP QA 119 57.11 51.07 17.84
N GLU QA 120 55.92 50.96 18.41
CA GLU QA 120 55.02 49.89 18.08
C GLU QA 120 53.63 50.49 17.93
N SER QA 121 53.10 50.41 16.70
CA SER QA 121 51.72 50.83 16.39
C SER QA 121 50.80 49.84 17.02
N ARG QA 122 49.65 50.29 17.47
CA ARG QA 122 48.77 49.37 18.15
C ARG QA 122 47.36 49.89 18.04
N THR QA 123 46.39 48.99 18.19
CA THR QA 123 44.99 49.33 18.02
C THR QA 123 44.11 49.02 19.28
N VAL QA 124 43.31 50.01 19.66
CA VAL QA 124 42.38 49.84 20.77
C VAL QA 124 41.00 49.52 20.20
N ARG QA 125 40.43 48.44 20.73
CA ARG QA 125 39.12 47.94 20.38
C ARG QA 125 38.17 48.00 21.56
N PRO QA 126 37.51 49.14 21.76
CA PRO QA 126 36.72 49.31 22.98
C PRO QA 126 35.39 48.62 22.93
N GLN QA 127 34.67 48.64 24.05
CA GLN QA 127 33.22 48.38 24.11
C GLN QA 127 32.61 49.68 24.64
N TYR QA 128 31.49 50.09 24.04
CA TYR QA 128 31.03 51.48 24.13
C TYR QA 128 29.52 51.60 24.17
N THR QA 129 29.02 52.80 23.84
CA THR QA 129 27.61 53.13 24.07
C THR QA 129 26.62 52.25 23.27
N ARG QA 130 26.82 52.12 21.95
CA ARG QA 130 25.96 51.26 21.12
C ARG QA 130 24.54 51.77 21.18
N THR QA 131 24.42 53.09 21.20
CA THR QA 131 23.24 53.81 21.71
C THR QA 131 22.98 54.93 20.71
N LEU QA 132 21.80 55.54 20.77
CA LEU QA 132 21.41 56.56 19.80
C LEU QA 132 21.57 57.98 20.36
N LEU QA 133 22.60 58.65 19.87
CA LEU QA 133 23.01 59.94 20.40
C LEU QA 133 22.36 61.01 19.54
N TRP QA 134 22.81 62.24 19.71
CA TRP QA 134 22.45 63.35 18.86
C TRP QA 134 23.71 63.96 18.29
N THR QA 135 23.52 64.61 17.15
CA THR QA 135 24.59 65.27 16.39
C THR QA 135 24.97 66.68 16.88
N SER QA 136 24.02 67.34 17.56
CA SER QA 136 24.19 68.68 18.11
C SER QA 136 24.41 68.65 19.62
N SER QA 137 25.20 69.59 20.12
CA SER QA 137 25.47 69.70 21.56
C SER QA 137 24.18 70.04 22.33
N GLY QA 138 24.07 69.52 23.55
CA GLY QA 138 22.87 69.67 24.36
C GLY QA 138 23.19 69.81 25.84
N LYS QA 139 22.17 70.11 26.63
CA LYS QA 139 22.35 70.23 28.08
C LYS QA 139 23.04 68.99 28.63
N GLU QA 140 22.49 67.82 28.32
CA GLU QA 140 23.12 66.54 28.67
C GLU QA 140 23.98 66.08 27.53
N GLN QA 141 25.30 66.04 27.80
CA GLN QA 141 26.28 65.67 26.81
C GLN QA 141 26.63 64.18 26.76
N ARG QA 142 25.93 63.36 27.53
CA ARG QA 142 26.00 61.89 27.42
C ARG QA 142 25.13 61.39 26.29
N LEU QA 143 24.30 62.28 25.73
CA LEU QA 143 23.56 61.99 24.53
C LEU QA 143 24.20 62.61 23.30
N THR QA 144 25.45 63.08 23.39
CA THR QA 144 26.12 63.71 22.25
C THR QA 144 27.51 63.12 21.94
N SER QA 145 28.08 62.34 22.86
CA SER QA 145 29.38 61.72 22.61
C SER QA 145 29.46 60.32 23.23
N PRO QA 146 30.14 59.38 22.54
CA PRO QA 146 30.22 58.01 23.04
C PRO QA 146 31.36 57.78 24.03
N GLY QA 147 32.31 58.69 24.09
CA GLY QA 147 33.38 58.61 25.07
C GLY QA 147 34.48 59.58 24.72
N ARG QA 148 35.69 59.28 25.18
CA ARG QA 148 36.85 60.05 24.77
C ARG QA 148 38.10 59.19 24.84
N LEU QA 149 39.04 59.50 23.95
CA LEU QA 149 40.23 58.71 23.75
C LEU QA 149 41.39 59.37 24.46
N ILE QA 150 41.95 58.65 25.43
CA ILE QA 150 43.13 59.15 26.09
C ILE QA 150 44.33 58.36 25.63
N LEU QA 151 45.46 59.05 25.62
CA LEU QA 151 46.75 58.43 25.38
C LEU QA 151 47.65 58.96 26.46
N LEU QA 152 48.39 58.09 27.12
CA LEU QA 152 49.19 58.46 28.28
C LEU QA 152 50.61 57.99 28.12
N CYS QA 153 51.58 58.78 28.57
CA CYS QA 153 52.98 58.32 28.59
C CYS QA 153 53.19 57.25 29.67
N VAL QA 154 53.96 56.25 29.29
CA VAL QA 154 54.53 55.30 30.21
C VAL QA 154 56.04 55.52 30.06
N GLY QA 155 56.75 55.42 31.18
CA GLY QA 155 58.17 55.77 31.23
C GLY QA 155 58.42 57.12 30.59
N ASN QA 156 59.61 57.32 30.03
CA ASN QA 156 59.94 58.59 29.39
C ASN QA 156 60.67 58.41 28.09
N ASN QA 157 60.25 59.20 27.11
CA ASN QA 157 60.73 59.07 25.73
C ASN QA 157 62.14 59.60 25.54
N THR QA 158 63.01 58.69 25.09
CA THR QA 158 64.37 59.00 24.70
C THR QA 158 64.41 60.02 23.59
N ASP QA 159 63.53 59.89 22.61
CA ASP QA 159 63.65 60.58 21.33
C ASP QA 159 62.38 61.36 21.04
N VAL QA 160 62.37 62.07 19.92
CA VAL QA 160 61.17 62.79 19.49
C VAL QA 160 60.15 61.77 18.99
N VAL QA 161 58.88 62.07 19.22
CA VAL QA 161 57.78 61.19 18.79
C VAL QA 161 56.71 62.02 18.07
N ASN QA 162 56.33 61.59 16.87
CA ASN QA 162 55.29 62.30 16.14
C ASN QA 162 54.00 61.50 16.08
N VAL QA 163 53.39 61.35 17.26
CA VAL QA 163 52.22 60.50 17.49
C VAL QA 163 50.96 61.03 16.84
N SER QA 164 50.27 60.17 16.08
CA SER QA 164 48.96 60.49 15.51
C SER QA 164 48.01 59.39 15.97
N VAL QA 165 46.77 59.74 16.36
CA VAL QA 165 45.78 58.73 16.70
C VAL QA 165 44.67 58.82 15.69
N LEU QA 166 44.30 57.65 15.17
CA LEU QA 166 43.30 57.55 14.14
C LEU QA 166 42.13 56.80 14.69
N CYS QA 167 40.94 57.25 14.30
CA CYS QA 167 39.68 56.66 14.70
C CYS QA 167 38.96 56.12 13.47
N ARG QA 168 39.00 54.81 13.27
CA ARG QA 168 38.17 54.17 12.27
C ARG QA 168 36.81 53.97 12.91
N TRP QA 169 35.77 54.35 12.19
CA TRP QA 169 34.43 54.40 12.76
C TRP QA 169 33.42 53.90 11.78
N SER QA 170 32.34 53.34 12.29
CA SER QA 170 31.17 53.10 11.49
C SER QA 170 29.93 53.48 12.27
N VAL QA 171 29.00 54.12 11.58
CA VAL QA 171 27.95 54.88 12.22
C VAL QA 171 26.68 54.79 11.39
N ARG QA 172 25.52 54.73 12.04
CA ARG QA 172 24.29 54.96 11.30
C ARG QA 172 23.66 56.29 11.71
N LEU QA 173 23.28 57.09 10.72
CA LEU QA 173 22.73 58.41 10.94
C LEU QA 173 21.24 58.35 10.69
N SER QA 174 20.45 58.98 11.55
CA SER QA 174 19.04 58.66 11.62
C SER QA 174 18.12 59.70 11.04
N VAL QA 175 17.93 60.83 11.72
CA VAL QA 175 16.79 61.70 11.38
C VAL QA 175 17.19 62.90 10.54
N PRO QA 176 16.53 63.10 9.38
CA PRO QA 176 16.91 64.19 8.46
C PRO QA 176 16.68 65.63 8.98
N SER QA 177 17.55 66.54 8.52
CA SER QA 177 17.61 67.92 9.00
C SER QA 177 18.69 68.66 8.21
N LEU QA 178 19.06 69.86 8.66
CA LEU QA 178 20.07 70.67 7.97
C LEU QA 178 20.58 71.77 8.88
N GLU QA 179 21.66 71.52 9.62
CA GLU QA 179 22.06 72.52 10.60
C GLU QA 179 22.99 73.51 9.92
N ASN QA 180 22.38 74.56 9.38
CA ASN QA 180 23.11 75.63 8.71
C ASN QA 180 23.87 76.51 9.69
N THR RA 18 -0.33 43.85 28.39
CA THR RA 18 0.51 45.04 28.42
C THR RA 18 0.05 45.96 29.58
N ASN RA 19 0.95 46.79 30.10
CA ASN RA 19 0.60 47.85 31.06
C ASN RA 19 0.41 49.20 30.35
N ASP RA 20 0.89 49.31 29.11
CA ASP RA 20 0.82 50.56 28.32
C ASP RA 20 -0.57 50.93 27.84
N VAL RA 21 -0.94 52.16 28.15
CA VAL RA 21 -2.19 52.75 27.71
C VAL RA 21 -1.94 53.51 26.42
N HIS RA 22 -2.85 53.37 25.46
CA HIS RA 22 -2.70 54.02 24.16
C HIS RA 22 -3.80 55.04 23.96
N LEU RA 23 -3.42 56.27 23.72
CA LEU RA 23 -4.34 57.41 23.68
C LEU RA 23 -4.20 58.12 22.34
N SER RA 24 -5.32 58.58 21.78
CA SER RA 24 -5.28 59.34 20.53
C SER RA 24 -6.35 60.41 20.39
N GLY RA 25 -5.93 61.53 19.82
CA GLY RA 25 -6.84 62.59 19.45
C GLY RA 25 -6.17 63.56 18.49
N MET RA 26 -6.85 64.64 18.21
CA MET RA 26 -6.33 65.67 17.37
C MET RA 26 -6.65 67.01 18.02
N SER RA 27 -5.62 67.83 18.27
CA SER RA 27 -5.80 69.04 19.05
C SER RA 27 -5.30 70.28 18.31
N ARG RA 28 -5.79 71.47 18.67
CA ARG RA 28 -5.26 72.71 18.06
C ARG RA 28 -4.06 73.31 18.84
N ILE RA 29 -2.91 73.19 18.22
CA ILE RA 29 -1.62 73.65 18.74
C ILE RA 29 -1.46 75.17 18.78
N SER RA 30 -2.15 75.90 17.91
CA SER RA 30 -2.12 77.35 17.98
C SER RA 30 -3.18 77.99 17.10
N GLN RA 31 -3.31 79.30 17.23
CA GLN RA 31 -4.14 80.08 16.33
C GLN RA 31 -3.51 81.48 16.23
N ALA RA 32 -2.70 81.68 15.19
CA ALA RA 32 -2.20 82.98 14.88
C ALA RA 32 -3.21 83.76 14.03
N VAL RA 33 -3.02 85.08 13.97
CA VAL RA 33 -3.77 85.96 13.08
C VAL RA 33 -2.82 87.01 12.43
N LEU RA 34 -2.42 86.70 11.22
CA LEU RA 34 -1.48 87.50 10.44
C LEU RA 34 -2.22 88.61 9.75
N PRO RA 35 -1.99 89.88 10.15
CA PRO RA 35 -2.78 91.00 9.62
C PRO RA 35 -2.46 91.43 8.21
N ALA RA 36 -3.33 92.31 7.71
CA ALA RA 36 -3.46 92.55 6.28
C ALA RA 36 -2.18 92.19 5.57
N GLY RA 37 -1.11 92.96 5.84
CA GLY RA 37 0.13 92.81 5.08
C GLY RA 37 1.34 92.78 5.96
N THR RA 38 1.48 91.75 6.79
CA THR RA 38 2.62 91.67 7.73
C THR RA 38 3.46 90.37 7.56
N GLY RA 39 3.19 89.58 6.53
CA GLY RA 39 4.01 88.40 6.23
C GLY RA 39 5.13 88.78 5.28
N THR RA 40 6.26 88.08 5.35
CA THR RA 40 7.36 88.23 4.37
C THR RA 40 8.32 87.04 4.41
N ASP RA 41 8.98 86.77 3.29
CA ASP RA 41 9.93 85.66 3.21
C ASP RA 41 10.60 85.56 4.58
N GLY RA 42 10.26 84.52 5.32
CA GLY RA 42 10.96 84.18 6.57
C GLY RA 42 10.24 84.51 7.86
N TYR RA 43 9.17 85.28 7.78
CA TYR RA 43 8.46 85.69 8.99
C TYR RA 43 7.78 84.54 9.71
N VAL RA 44 8.12 84.39 10.98
CA VAL RA 44 7.65 83.28 11.76
C VAL RA 44 6.24 83.60 12.27
N VAL RA 45 5.28 82.70 12.02
CA VAL RA 45 3.90 82.88 12.52
C VAL RA 45 3.52 81.86 13.56
N VAL RA 46 4.10 80.67 13.56
CA VAL RA 46 3.83 79.70 14.63
C VAL RA 46 5.09 78.93 14.94
N ASP RA 47 5.29 78.68 16.21
CA ASP RA 47 6.50 78.03 16.65
C ASP RA 47 6.16 77.37 17.97
N ALA RA 48 5.41 76.27 17.92
CA ALA RA 48 4.96 75.62 19.16
C ALA RA 48 5.83 74.43 19.51
N THR RA 49 6.50 74.50 20.66
CA THR RA 49 7.28 73.36 21.11
C THR RA 49 6.33 72.41 21.78
N ILE RA 50 6.24 71.22 21.18
CA ILE RA 50 5.20 70.23 21.44
C ILE RA 50 5.40 69.50 22.76
N VAL RA 51 4.54 69.82 23.71
CA VAL RA 51 4.51 69.15 24.99
C VAL RA 51 3.09 68.64 25.16
N PRO RA 52 2.86 67.86 26.24
CA PRO RA 52 1.51 67.43 26.57
C PRO RA 52 0.53 68.56 26.80
N ASP RA 53 0.88 69.57 27.58
CA ASP RA 53 -0.06 70.65 27.90
C ASP RA 53 -0.69 71.23 26.66
N LEU RA 54 0.09 71.34 25.61
CA LEU RA 54 -0.42 71.84 24.35
C LEU RA 54 -1.64 71.07 23.89
N LEU RA 55 -1.63 69.75 24.11
CA LEU RA 55 -2.71 68.88 23.65
C LEU RA 55 -3.69 68.57 24.80
N PRO RA 56 -4.83 69.27 24.87
CA PRO RA 56 -5.74 69.23 26.02
C PRO RA 56 -6.02 67.86 26.67
N ARG RA 57 -6.53 66.90 25.91
CA ARG RA 57 -6.77 65.54 26.43
C ARG RA 57 -5.47 64.85 26.82
N LEU RA 58 -4.36 65.20 26.19
CA LEU RA 58 -3.07 64.69 26.59
C LEU RA 58 -2.52 65.44 27.83
N GLY RA 59 -2.80 66.73 27.94
CA GLY RA 59 -2.40 67.50 29.11
C GLY RA 59 -2.96 66.91 30.39
N HIS RA 60 -4.12 66.25 30.27
CA HIS RA 60 -4.79 65.58 31.38
C HIS RA 60 -4.17 64.23 31.63
N ALA RA 61 -4.04 63.44 30.57
CA ALA RA 61 -3.52 62.10 30.71
C ALA RA 61 -2.08 62.13 31.23
N ALA RA 62 -1.34 63.18 30.91
CA ALA RA 62 0.01 63.38 31.45
C ALA RA 62 0.05 63.59 32.98
N ARG RA 63 -0.99 64.13 33.59
CA ARG RA 63 -1.01 64.24 35.04
C ARG RA 63 -1.28 62.88 35.71
N ILE RA 64 -1.47 61.84 34.93
CA ILE RA 64 -1.81 60.53 35.43
C ILE RA 64 -0.64 59.54 35.35
N PHE RA 65 0.14 59.61 34.27
CA PHE RA 65 1.33 58.77 34.10
C PHE RA 65 2.60 59.61 34.16
N GLN RA 66 3.73 58.92 34.13
CA GLN RA 66 5.04 59.53 34.28
C GLN RA 66 5.71 59.80 32.96
N ARG RA 67 5.68 58.80 32.09
CA ARG RA 67 6.28 58.91 30.76
C ARG RA 67 5.28 58.60 29.67
N TYR RA 68 5.67 58.90 28.44
CA TYR RA 68 4.79 58.75 27.29
C TYR RA 68 5.73 58.65 26.13
N ALA RA 69 5.24 58.06 25.04
CA ALA RA 69 6.06 57.85 23.84
C ALA RA 69 5.24 58.05 22.59
N VAL RA 70 5.75 58.88 21.69
CA VAL RA 70 4.99 59.31 20.50
C VAL RA 70 4.94 58.20 19.47
N GLU RA 71 3.73 57.77 19.14
CA GLU RA 71 3.52 56.64 18.25
C GLU RA 71 3.11 57.12 16.85
N THR RA 72 2.37 58.21 16.76
CA THR RA 72 2.18 58.92 15.48
C THR RA 72 1.99 60.44 15.66
N LEU RA 73 2.61 61.22 14.78
CA LEU RA 73 2.50 62.68 14.76
C LEU RA 73 2.17 63.14 13.36
N GLU RA 74 1.18 64.01 13.27
CA GLU RA 74 0.82 64.71 12.04
C GLU RA 74 0.31 66.10 12.46
N PHE RA 75 0.64 67.10 11.64
CA PHE RA 75 0.16 68.45 11.84
C PHE RA 75 -0.65 68.86 10.63
N GLU RA 76 -1.79 69.43 10.88
CA GLU RA 76 -2.64 69.90 9.82
C GLU RA 76 -2.60 71.41 9.90
N ILE RA 77 -1.98 72.05 8.91
CA ILE RA 77 -2.01 73.49 8.81
C ILE RA 77 -3.33 73.86 8.16
N GLN RA 78 -4.11 74.70 8.83
CA GLN RA 78 -5.47 74.94 8.43
C GLN RA 78 -5.76 76.46 8.45
N PRO RA 79 -5.33 77.18 7.38
CA PRO RA 79 -5.44 78.61 7.28
C PRO RA 79 -6.73 79.01 6.63
N MET RA 80 -7.30 80.07 7.19
CA MET RA 80 -8.59 80.57 6.76
C MET RA 80 -8.45 81.98 6.27
N CYS RA 81 -8.80 82.17 5.01
CA CYS RA 81 -8.63 83.44 4.33
C CYS RA 81 -9.35 83.37 3.00
N PRO RA 82 -9.45 84.52 2.30
CA PRO RA 82 -10.09 84.44 0.99
C PRO RA 82 -9.21 83.77 -0.04
N ALA RA 83 -9.81 83.25 -1.09
CA ALA RA 83 -9.08 82.63 -2.19
C ALA RA 83 -8.36 83.66 -3.06
N ASN RA 84 -8.56 84.93 -2.79
CA ASN RA 84 -7.79 85.96 -3.45
C ASN RA 84 -6.67 86.48 -2.57
N THR RA 85 -6.16 85.62 -1.71
CA THR RA 85 -4.98 85.95 -0.91
C THR RA 85 -3.68 85.45 -1.55
N GLY RA 86 -2.80 86.39 -1.88
CA GLY RA 86 -1.47 86.07 -2.41
C GLY RA 86 -0.58 85.64 -1.27
N GLY RA 87 -0.71 84.40 -0.87
CA GLY RA 87 -0.17 84.02 0.39
C GLY RA 87 1.10 83.25 0.25
N GLY RA 88 1.18 82.16 1.00
CA GLY RA 88 2.35 81.30 1.01
C GLY RA 88 2.72 80.93 2.43
N TYR RA 89 2.90 79.64 2.69
CA TYR RA 89 3.58 79.22 3.89
C TYR RA 89 4.48 78.04 3.61
N VAL RA 90 5.46 77.85 4.50
CA VAL RA 90 6.13 76.58 4.65
C VAL RA 90 6.00 76.17 6.09
N ALA RA 91 5.78 74.87 6.30
CA ALA RA 91 5.50 74.31 7.62
C ALA RA 91 6.28 73.01 7.71
N GLY RA 92 6.75 72.69 8.90
CA GLY RA 92 7.66 71.58 9.09
C GLY RA 92 7.91 71.36 10.55
N PHE RA 93 8.15 70.11 10.92
CA PHE RA 93 8.30 69.73 12.32
C PHE RA 93 9.75 69.37 12.51
N LEU RA 94 10.52 70.24 13.17
CA LEU RA 94 11.91 69.88 13.50
C LEU RA 94 11.95 69.12 14.81
N PRO RA 95 12.67 67.97 14.83
CA PRO RA 95 12.82 67.07 15.98
C PRO RA 95 13.90 67.45 16.99
N ASP RA 96 13.86 68.68 17.46
CA ASP RA 96 14.63 69.13 18.59
C ASP RA 96 13.79 70.12 19.28
N PRO RA 97 13.31 69.79 20.47
CA PRO RA 97 12.63 70.89 21.12
C PRO RA 97 13.60 72.06 21.39
N THR RA 98 14.91 71.80 21.15
CA THR RA 98 15.99 72.74 21.39
C THR RA 98 16.48 73.60 20.23
N ASP RA 99 15.93 73.46 19.01
CA ASP RA 99 16.51 74.16 17.83
C ASP RA 99 15.75 75.41 17.35
N ASN RA 100 16.50 76.51 17.29
CA ASN RA 100 16.01 77.82 16.87
C ASN RA 100 16.27 78.12 15.39
N ASP RA 101 16.62 77.12 14.59
CA ASP RA 101 16.83 77.33 13.17
C ASP RA 101 15.45 77.42 12.47
N HIS RA 102 14.97 78.65 12.28
CA HIS RA 102 13.62 78.89 11.74
C HIS RA 102 13.64 79.53 10.35
N THR RA 103 14.41 78.94 9.44
CA THR RA 103 14.60 79.44 8.09
C THR RA 103 13.93 78.48 7.12
N PHE RA 104 13.66 78.92 5.89
CA PHE RA 104 12.99 78.06 4.92
C PHE RA 104 13.70 76.74 4.69
N ASP RA 105 15.00 76.81 4.43
CA ASP RA 105 15.76 75.60 4.08
C ASP RA 105 15.82 74.62 5.24
N ALA RA 106 15.92 75.16 6.45
CA ALA RA 106 15.93 74.37 7.66
C ALA RA 106 14.65 73.57 7.84
N LEU RA 107 13.50 74.21 7.68
CA LEU RA 107 12.22 73.52 7.67
C LEU RA 107 12.06 72.54 6.51
N GLN RA 108 12.43 72.96 5.28
CA GLN RA 108 12.34 72.06 4.12
C GLN RA 108 13.29 70.85 4.22
N ALA RA 109 14.21 70.85 5.18
CA ALA RA 109 15.02 69.67 5.44
C ALA RA 109 14.28 68.60 6.28
N THR RA 110 13.23 69.00 7.00
CA THR RA 110 12.46 68.02 7.76
C THR RA 110 11.52 67.27 6.82
N ARG RA 111 10.95 66.16 7.28
CA ARG RA 111 10.31 65.20 6.40
C ARG RA 111 8.94 65.68 6.08
N GLY RA 112 8.24 66.12 7.11
CA GLY RA 112 6.88 66.56 6.91
C GLY RA 112 6.75 67.64 5.84
N ALA RA 113 7.82 68.42 5.68
CA ALA RA 113 7.77 69.77 5.16
C ALA RA 113 6.95 69.98 3.92
N VAL RA 114 6.05 70.95 4.02
CA VAL RA 114 5.14 71.29 2.96
C VAL RA 114 5.11 72.80 2.80
N VAL RA 115 4.85 73.23 1.57
CA VAL RA 115 4.59 74.61 1.30
C VAL RA 115 3.33 74.68 0.45
N ALA RA 116 2.66 75.82 0.50
CA ALA RA 116 1.38 75.97 -0.15
C ALA RA 116 0.95 77.42 -0.04
N LYS RA 117 -0.05 77.78 -0.82
CA LYS RA 117 -0.67 79.11 -0.79
C LYS RA 117 -1.45 79.20 0.51
N TRP RA 118 -1.76 80.41 0.98
CA TRP RA 118 -2.51 80.51 2.22
C TRP RA 118 -3.96 80.03 2.14
N TRP RA 119 -4.48 79.76 0.95
CA TRP RA 119 -5.84 79.27 0.86
C TRP RA 119 -5.88 77.74 0.62
N GLU RA 120 -4.78 77.06 0.96
CA GLU RA 120 -4.71 75.59 0.88
C GLU RA 120 -4.40 75.00 2.25
N SER RA 121 -5.19 74.02 2.68
CA SER RA 121 -4.86 73.20 3.86
C SER RA 121 -3.78 72.21 3.44
N ARG RA 122 -3.21 71.48 4.38
CA ARG RA 122 -2.01 70.70 4.14
C ARG RA 122 -1.61 69.96 5.41
N THR RA 123 -0.99 68.79 5.27
CA THR RA 123 -0.68 67.98 6.44
C THR RA 123 0.78 67.56 6.44
N VAL RA 124 1.50 67.99 7.48
CA VAL RA 124 2.92 67.65 7.63
C VAL RA 124 3.04 66.32 8.37
N ARG RA 125 3.75 65.39 7.72
CA ARG RA 125 3.99 64.03 8.19
C ARG RA 125 5.43 63.79 8.55
N PRO RA 126 5.85 64.23 9.74
CA PRO RA 126 7.26 64.21 9.98
C PRO RA 126 7.71 62.85 10.43
N GLN RA 127 9.02 62.73 10.64
CA GLN RA 127 9.64 61.61 11.36
C GLN RA 127 10.41 62.25 12.54
N TYR RA 128 10.40 61.54 13.65
CA TYR RA 128 10.64 62.14 14.95
C TYR RA 128 11.31 61.14 15.88
N THR RA 129 11.47 61.55 17.14
CA THR RA 129 12.09 60.74 18.18
C THR RA 129 11.71 59.25 18.10
N ARG RA 130 10.42 58.92 18.16
CA ARG RA 130 9.91 57.53 18.32
C ARG RA 130 10.28 56.96 19.71
N THR RA 131 11.01 57.75 20.50
CA THR RA 131 11.67 57.32 21.73
C THR RA 131 10.67 57.44 22.89
N LEU RA 132 11.15 57.28 24.13
CA LEU RA 132 10.33 57.43 25.33
C LEU RA 132 10.65 58.72 26.07
N LEU RA 133 9.63 59.55 26.25
CA LEU RA 133 9.81 60.86 26.83
C LEU RA 133 9.24 60.85 28.25
N TRP RA 134 8.96 62.03 28.81
CA TRP RA 134 8.66 62.22 30.19
C TRP RA 134 7.65 63.32 30.27
N THR RA 135 6.59 63.11 31.03
CA THR RA 135 5.44 64.03 31.01
C THR RA 135 5.70 65.36 31.69
N SER RA 136 6.81 65.43 32.43
CA SER RA 136 7.19 66.54 33.26
C SER RA 136 8.47 67.18 32.70
N SER RA 137 8.65 68.49 32.90
CA SER RA 137 9.89 69.18 32.53
C SER RA 137 11.14 68.55 33.20
N GLY RA 138 12.28 68.67 32.53
CA GLY RA 138 13.53 68.11 33.03
C GLY RA 138 14.67 69.08 32.77
N LYS RA 139 15.89 68.67 33.11
CA LYS RA 139 17.06 69.54 32.88
C LYS RA 139 17.55 69.40 31.43
N GLU RA 140 17.35 68.22 30.85
CA GLU RA 140 17.59 67.99 29.42
C GLU RA 140 16.24 67.87 28.75
N GLN RA 141 15.91 68.86 27.92
CA GLN RA 141 14.55 68.97 27.41
C GLN RA 141 14.29 68.11 26.19
N ARG RA 142 15.25 67.26 25.82
CA ARG RA 142 15.08 66.33 24.69
C ARG RA 142 14.25 65.15 25.10
N LEU RA 143 14.13 64.96 26.42
CA LEU RA 143 13.37 63.85 26.97
C LEU RA 143 11.93 64.22 27.36
N THR RA 144 11.51 65.47 27.15
CA THR RA 144 10.16 65.89 27.53
C THR RA 144 9.24 66.19 26.32
N SER RA 145 9.85 66.55 25.19
CA SER RA 145 9.13 66.94 23.96
C SER RA 145 9.82 66.31 22.73
N PRO RA 146 9.05 65.92 21.72
CA PRO RA 146 9.62 65.28 20.56
C PRO RA 146 9.98 66.24 19.42
N GLY RA 147 9.80 67.55 19.64
CA GLY RA 147 10.10 68.54 18.61
C GLY RA 147 9.14 69.70 18.66
N ARG RA 148 9.15 70.50 17.60
CA ARG RA 148 8.34 71.69 17.56
C ARG RA 148 8.03 72.00 16.12
N LEU RA 149 6.86 72.61 15.94
CA LEU RA 149 6.16 72.81 14.68
C LEU RA 149 6.31 74.26 14.31
N ILE RA 150 6.96 74.51 13.19
CA ILE RA 150 7.24 75.86 12.77
C ILE RA 150 6.37 76.17 11.58
N LEU RA 151 5.94 77.42 11.45
CA LEU RA 151 5.13 77.87 10.32
C LEU RA 151 5.71 79.17 9.84
N LEU RA 152 6.19 79.16 8.60
CA LEU RA 152 6.87 80.30 8.02
C LEU RA 152 6.05 80.94 6.91
N CYS RA 153 6.27 82.25 6.73
CA CYS RA 153 5.78 82.97 5.56
C CYS RA 153 6.63 82.73 4.33
N VAL RA 154 5.96 82.49 3.21
CA VAL RA 154 6.56 82.55 1.91
C VAL RA 154 5.83 83.68 1.23
N GLY RA 155 6.64 84.54 0.59
CA GLY RA 155 6.14 85.79 0.01
C GLY RA 155 5.33 86.53 1.05
N ASN RA 156 4.62 87.57 0.63
CA ASN RA 156 3.77 88.27 1.56
C ASN RA 156 2.33 88.30 1.15
N ASN RA 157 1.48 88.18 2.16
CA ASN RA 157 0.03 88.06 2.03
C ASN RA 157 -0.82 89.32 1.75
N THR RA 158 -1.47 89.39 0.58
CA THR RA 158 -2.53 90.37 0.31
C THR RA 158 -3.43 90.66 1.52
N ASP RA 159 -3.82 89.62 2.24
CA ASP RA 159 -4.99 89.69 3.10
C ASP RA 159 -4.73 89.17 4.51
N VAL RA 160 -5.75 89.27 5.36
CA VAL RA 160 -5.67 88.74 6.71
C VAL RA 160 -5.93 87.26 6.72
N VAL RA 161 -5.02 86.52 7.35
CA VAL RA 161 -5.03 85.06 7.42
C VAL RA 161 -5.18 84.60 8.85
N ASN RA 162 -6.13 83.72 9.11
CA ASN RA 162 -6.37 83.24 10.46
C ASN RA 162 -6.09 81.77 10.53
N VAL RA 163 -4.82 81.44 10.75
CA VAL RA 163 -4.40 80.04 10.68
C VAL RA 163 -4.48 79.34 12.03
N SER RA 164 -5.07 78.16 12.02
CA SER RA 164 -5.05 77.27 13.18
C SER RA 164 -4.23 76.00 12.79
N VAL RA 165 -3.15 75.65 13.53
CA VAL RA 165 -2.51 74.36 13.26
C VAL RA 165 -3.14 73.34 14.19
N LEU RA 166 -3.19 72.09 13.73
CA LEU RA 166 -3.83 71.03 14.49
C LEU RA 166 -2.86 69.89 14.52
N CYS RA 167 -2.57 69.40 15.71
CA CYS RA 167 -1.73 68.24 15.84
C CYS RA 167 -2.65 67.04 15.92
N ARG RA 168 -2.35 66.01 15.15
CA ARG RA 168 -3.06 64.74 15.31
C ARG RA 168 -2.02 63.72 15.79
N TRP RA 169 -2.30 63.16 16.96
CA TRP RA 169 -1.30 62.52 17.79
C TRP RA 169 -1.80 61.18 18.31
N SER RA 170 -0.84 60.33 18.66
CA SER RA 170 -1.10 58.97 19.08
C SER RA 170 0.05 58.60 19.98
N VAL RA 171 -0.24 58.33 21.23
CA VAL RA 171 0.81 58.30 22.21
C VAL RA 171 0.54 57.11 23.10
N ARG RA 172 1.59 56.53 23.68
CA ARG RA 172 1.37 55.49 24.66
C ARG RA 172 2.00 55.89 25.98
N LEU RA 173 1.21 55.82 27.05
CA LEU RA 173 1.63 56.36 28.31
C LEU RA 173 2.19 55.27 29.21
N SER RA 174 3.18 55.65 30.02
CA SER RA 174 4.14 54.71 30.60
C SER RA 174 3.77 54.28 31.99
N VAL RA 175 4.18 55.06 33.01
CA VAL RA 175 4.18 54.56 34.39
C VAL RA 175 3.38 55.54 35.28
N PRO RA 176 2.48 55.03 36.14
CA PRO RA 176 1.57 55.88 36.93
C PRO RA 176 2.11 56.90 37.96
N SER RA 177 1.28 57.91 38.22
CA SER RA 177 1.69 59.16 38.86
C SER RA 177 0.46 60.06 39.13
N LEU RA 178 0.67 61.17 39.83
CA LEU RA 178 -0.37 62.18 40.03
C LEU RA 178 0.30 63.54 40.20
N GLU RA 179 0.79 64.09 39.09
CA GLU RA 179 1.79 65.17 39.12
C GLU RA 179 1.19 66.60 39.04
N ASN RA 180 1.09 67.24 40.20
CA ASN RA 180 0.75 68.68 40.27
C ASN RA 180 1.78 69.55 39.50
N THR SA 18 27.14 36.31 27.46
CA THR SA 18 26.93 37.73 27.19
C THR SA 18 27.92 38.60 28.00
N ASN SA 19 28.08 39.86 27.59
CA ASN SA 19 28.95 40.81 28.30
C ASN SA 19 28.33 41.41 29.57
N ASP SA 20 27.01 41.31 29.70
CA ASP SA 20 26.26 41.87 30.84
C ASP SA 20 26.35 41.03 32.11
N VAL SA 21 26.53 41.72 33.23
CA VAL SA 21 26.73 41.12 34.54
C VAL SA 21 25.58 41.39 35.47
N HIS SA 22 24.94 40.33 35.95
CA HIS SA 22 23.73 40.45 36.78
C HIS SA 22 24.11 40.36 38.26
N LEU SA 23 23.77 41.41 39.01
CA LEU SA 23 23.93 41.47 40.49
C LEU SA 23 22.59 41.58 41.21
N SER SA 24 22.49 40.92 42.35
CA SER SA 24 21.28 40.97 43.17
C SER SA 24 21.65 41.13 44.62
N GLY SA 25 20.77 41.75 45.38
CA GLY SA 25 20.98 41.91 46.81
C GLY SA 25 19.79 42.51 47.51
N MET SA 26 19.97 42.81 48.79
CA MET SA 26 18.94 43.49 49.56
C MET SA 26 19.61 44.28 50.66
N SER SA 27 19.32 45.58 50.74
CA SER SA 27 20.10 46.51 51.57
C SER SA 27 19.20 47.42 52.37
N ARG SA 28 19.68 47.90 53.50
CA ARG SA 28 18.92 48.91 54.24
C ARG SA 28 19.16 50.31 53.65
N ILE SA 29 18.12 50.82 52.99
CA ILE SA 29 18.06 52.16 52.42
C ILE SA 29 18.13 53.23 53.48
N SER SA 30 17.41 53.02 54.58
CA SER SA 30 17.41 53.99 55.66
C SER SA 30 16.91 53.41 56.99
N GLN SA 31 17.08 54.20 58.03
CA GLN SA 31 16.58 53.83 59.34
C GLN SA 31 16.21 55.10 60.05
N ALA SA 32 14.93 55.24 60.35
CA ALA SA 32 14.45 56.39 61.09
C ALA SA 32 13.90 55.94 62.42
N VAL SA 33 14.08 56.80 63.43
CA VAL SA 33 13.50 56.57 64.72
C VAL SA 33 12.47 57.68 64.89
N LEU SA 34 11.23 57.29 65.11
CA LEU SA 34 10.14 58.23 65.21
C LEU SA 34 9.62 58.25 66.65
N PRO SA 35 9.92 59.33 67.41
CA PRO SA 35 9.65 59.29 68.86
C PRO SA 35 8.17 59.29 69.23
N ALA SA 36 7.95 59.17 70.54
CA ALA SA 36 6.68 58.72 71.06
C ALA SA 36 5.44 59.34 70.41
N GLY SA 37 5.43 60.63 70.15
CA GLY SA 37 4.19 61.26 69.69
C GLY SA 37 4.31 62.16 68.49
N THR SA 38 5.39 62.05 67.74
CA THR SA 38 5.81 63.12 66.83
C THR SA 38 5.33 62.98 65.37
N GLY SA 39 4.66 61.89 65.02
CA GLY SA 39 4.18 61.68 63.66
C GLY SA 39 2.82 62.29 63.49
N THR SA 40 2.50 62.74 62.28
CA THR SA 40 1.14 63.19 61.93
C THR SA 40 0.91 63.17 60.45
N ASP SA 41 -0.36 63.11 60.05
CA ASP SA 41 -0.73 62.97 58.64
C ASP SA 41 0.21 63.77 57.77
N GLY SA 42 0.98 63.09 56.94
CA GLY SA 42 1.85 63.75 55.96
C GLY SA 42 3.29 63.94 56.37
N TYR SA 43 3.63 63.66 57.62
CA TYR SA 43 5.01 63.78 58.07
C TYR SA 43 5.91 62.82 57.26
N VAL SA 44 6.94 63.36 56.60
CA VAL SA 44 7.90 62.54 55.86
C VAL SA 44 8.94 61.89 56.79
N VAL SA 45 8.88 60.57 56.96
CA VAL SA 45 9.83 59.90 57.84
C VAL SA 45 11.00 59.32 57.07
N VAL SA 46 10.82 59.06 55.79
CA VAL SA 46 11.91 58.58 54.96
C VAL SA 46 11.75 59.16 53.59
N ASP SA 47 12.84 59.60 53.01
CA ASP SA 47 12.83 60.14 51.65
C ASP SA 47 14.19 59.87 51.01
N ALA SA 48 14.30 58.72 50.37
CA ALA SA 48 15.59 58.19 49.97
C ALA SA 48 15.65 58.07 48.48
N THR SA 49 16.56 58.83 47.89
CA THR SA 49 16.79 58.78 46.44
C THR SA 49 17.75 57.63 46.15
N ILE SA 50 17.32 56.77 45.24
CA ILE SA 50 17.97 55.48 45.00
C ILE SA 50 19.19 55.60 44.09
N VAL SA 51 20.37 55.46 44.69
CA VAL SA 51 21.65 55.57 44.00
C VAL SA 51 22.43 54.33 44.38
N PRO SA 52 23.36 53.89 43.51
CA PRO SA 52 24.15 52.71 43.84
C PRO SA 52 24.95 52.84 45.14
N ASP SA 53 25.37 54.06 45.48
CA ASP SA 53 26.12 54.28 46.72
C ASP SA 53 25.30 53.88 47.94
N LEU SA 54 23.97 53.96 47.83
CA LEU SA 54 23.06 53.71 48.93
C LEU SA 54 22.90 52.23 49.23
N LEU SA 55 23.05 51.39 48.21
CA LEU SA 55 23.03 49.93 48.35
C LEU SA 55 24.47 49.42 48.41
N PRO SA 56 24.93 49.00 49.59
CA PRO SA 56 26.38 48.94 49.78
C PRO SA 56 27.12 47.99 48.80
N ARG SA 57 26.59 46.78 48.61
CA ARG SA 57 27.19 45.83 47.68
C ARG SA 57 27.19 46.38 46.27
N LEU SA 58 26.11 47.03 45.87
CA LEU SA 58 26.08 47.65 44.55
C LEU SA 58 27.02 48.86 44.50
N GLY SA 59 27.17 49.55 45.63
CA GLY SA 59 28.07 50.68 45.73
C GLY SA 59 29.48 50.34 45.27
N HIS SA 60 29.92 49.12 45.56
CA HIS SA 60 31.23 48.64 45.17
C HIS SA 60 31.30 48.30 43.69
N ALA SA 61 30.29 47.58 43.20
CA ALA SA 61 30.23 47.19 41.80
C ALA SA 61 29.97 48.39 40.89
N ALA SA 62 29.51 49.48 41.49
CA ALA SA 62 29.34 50.74 40.78
C ALA SA 62 30.67 51.30 40.30
N ARG SA 63 31.77 50.99 40.98
CA ARG SA 63 33.08 51.50 40.60
C ARG SA 63 33.82 50.64 39.57
N ILE SA 64 33.22 49.53 39.19
CA ILE SA 64 33.81 48.60 38.25
C ILE SA 64 33.19 48.77 36.86
N PHE SA 65 31.90 49.01 36.83
CA PHE SA 65 31.20 49.28 35.60
C PHE SA 65 30.80 50.74 35.57
N GLN SA 66 30.16 51.15 34.49
CA GLN SA 66 29.86 52.54 34.31
C GLN SA 66 28.40 52.83 34.07
N ARG SA 67 27.70 51.92 33.41
CA ARG SA 67 26.24 52.03 33.33
C ARG SA 67 25.60 50.80 33.95
N TYR SA 68 24.57 51.04 34.78
CA TYR SA 68 23.77 50.00 35.43
C TYR SA 68 22.33 50.15 35.02
N ALA SA 69 21.64 49.03 34.86
CA ALA SA 69 20.21 49.04 34.53
C ALA SA 69 19.41 48.18 35.49
N VAL SA 70 18.31 48.71 35.98
CA VAL SA 70 17.57 48.09 37.08
C VAL SA 70 16.55 47.09 36.57
N GLU SA 71 16.68 45.85 37.00
CA GLU SA 71 15.86 44.76 36.50
C GLU SA 71 14.73 44.35 37.44
N THR SA 72 14.97 44.37 38.75
CA THR SA 72 13.86 44.27 39.75
C THR SA 72 14.09 45.15 40.98
N LEU SA 73 13.03 45.82 41.43
CA LEU SA 73 13.07 46.68 42.60
C LEU SA 73 11.86 46.41 43.48
N GLU SA 74 12.11 46.22 44.77
CA GLU SA 74 11.07 46.17 45.77
C GLU SA 74 11.59 46.78 47.02
N PHE SA 75 10.68 47.33 47.83
CA PHE SA 75 11.04 47.90 49.10
C PHE SA 75 10.21 47.25 50.19
N GLU SA 76 10.90 46.78 51.22
CA GLU SA 76 10.28 46.12 52.33
C GLU SA 76 10.30 47.11 53.48
N ILE SA 77 9.13 47.55 53.90
CA ILE SA 77 9.02 48.47 55.04
C ILE SA 77 8.94 47.65 56.33
N GLN SA 78 9.88 47.89 57.22
CA GLN SA 78 10.04 47.05 58.38
C GLN SA 78 10.05 47.90 59.65
N PRO SA 79 8.87 48.34 60.08
CA PRO SA 79 8.71 49.17 61.25
C PRO SA 79 8.65 48.32 62.49
N MET SA 80 9.28 48.82 63.56
CA MET SA 80 9.50 48.03 64.77
C MET SA 80 9.04 48.79 65.98
N CYS SA 81 7.90 48.34 66.49
CA CYS SA 81 7.19 49.03 67.54
C CYS SA 81 6.25 48.03 68.19
N PRO SA 82 5.64 48.40 69.31
CA PRO SA 82 4.74 47.45 69.94
C PRO SA 82 3.41 47.37 69.24
N ALA SA 83 2.72 46.24 69.39
CA ALA SA 83 1.46 46.01 68.71
C ALA SA 83 0.38 46.99 69.18
N ASN SA 84 0.65 47.70 70.26
CA ASN SA 84 -0.26 48.71 70.78
C ASN SA 84 0.00 50.13 70.28
N THR SA 85 0.46 50.25 69.04
CA THR SA 85 0.79 51.56 68.49
C THR SA 85 -0.34 52.00 67.57
N GLY SA 86 -0.80 53.22 67.75
CA GLY SA 86 -1.84 53.82 66.92
C GLY SA 86 -1.20 54.38 65.68
N GLY SA 87 -0.68 53.50 64.87
CA GLY SA 87 0.26 53.91 63.87
C GLY SA 87 -0.40 54.21 62.58
N GLY SA 88 0.36 54.02 61.51
CA GLY SA 88 -0.11 54.29 60.18
C GLY SA 88 1.00 54.86 59.32
N TYR SA 89 1.24 54.23 58.18
CA TYR SA 89 2.12 54.81 57.18
C TYR SA 89 1.65 54.49 55.77
N VAL SA 90 2.05 55.35 54.84
CA VAL SA 90 1.91 55.07 53.43
C VAL SA 90 3.31 55.11 52.87
N ALA SA 91 3.65 54.10 52.09
CA ALA SA 91 4.98 54.01 51.49
C ALA SA 91 4.81 53.83 50.00
N GLY SA 92 5.63 54.55 49.24
CA GLY SA 92 5.53 54.52 47.78
C GLY SA 92 6.86 54.83 47.13
N PHE SA 93 7.03 54.37 45.90
CA PHE SA 93 8.23 54.67 45.12
C PHE SA 93 7.86 55.48 43.87
N LEU SA 94 8.14 56.79 43.88
CA LEU SA 94 7.95 57.59 42.67
C LEU SA 94 9.20 57.54 41.81
N PRO SA 95 9.02 57.19 40.52
CA PRO SA 95 10.12 57.00 39.56
C PRO SA 95 10.97 58.22 39.10
N ASP SA 96 10.78 59.43 39.61
CA ASP SA 96 11.73 60.50 39.30
C ASP SA 96 12.52 60.83 40.52
N PRO SA 97 13.85 60.76 40.42
CA PRO SA 97 14.58 61.30 41.55
C PRO SA 97 14.35 62.79 41.68
N THR SA 98 13.84 63.39 40.60
CA THR SA 98 13.64 64.82 40.47
C THR SA 98 12.68 65.44 41.49
N ASP SA 99 11.42 65.00 41.50
CA ASP SA 99 10.37 65.85 42.13
C ASP SA 99 10.03 65.58 43.60
N ASN SA 100 9.70 66.69 44.28
CA ASN SA 100 9.43 66.74 45.72
C ASN SA 100 7.96 66.63 46.10
N ASP SA 101 7.13 66.05 45.23
CA ASP SA 101 5.70 65.94 45.52
C ASP SA 101 5.45 64.82 46.54
N HIS SA 102 5.57 65.14 47.83
CA HIS SA 102 5.52 64.15 48.92
C HIS SA 102 4.22 64.18 49.70
N THR SA 103 3.12 64.00 48.99
CA THR SA 103 1.79 64.00 49.58
C THR SA 103 1.23 62.60 49.49
N PHE SA 104 0.28 62.26 50.37
CA PHE SA 104 -0.34 60.93 50.38
C PHE SA 104 -0.89 60.54 49.01
N ASP SA 105 -1.72 61.41 48.43
CA ASP SA 105 -2.39 61.09 47.16
C ASP SA 105 -1.39 60.81 46.05
N ALA SA 106 -0.29 61.55 46.04
CA ALA SA 106 0.75 61.39 45.03
C ALA SA 106 1.47 60.07 45.20
N LEU SA 107 1.70 59.65 46.45
CA LEU SA 107 2.27 58.32 46.74
C LEU SA 107 1.33 57.20 46.37
N GLN SA 108 0.07 57.29 46.78
CA GLN SA 108 -0.93 56.27 46.45
C GLN SA 108 -1.20 56.12 44.93
N ALA SA 109 -0.87 57.16 44.16
CA ALA SA 109 -1.00 57.09 42.72
C ALA SA 109 0.02 56.14 42.08
N THR SA 110 1.14 55.89 42.76
CA THR SA 110 2.19 55.00 42.24
C THR SA 110 1.76 53.55 42.43
N ARG SA 111 2.50 52.59 41.86
CA ARG SA 111 1.99 51.22 41.69
C ARG SA 111 2.28 50.43 42.92
N GLY SA 112 3.49 50.54 43.43
CA GLY SA 112 3.80 49.78 44.62
C GLY SA 112 2.92 50.11 45.83
N ALA SA 113 2.44 51.35 45.87
CA ALA SA 113 1.96 52.01 47.07
C ALA SA 113 1.25 51.09 48.05
N VAL SA 114 1.68 51.15 49.30
CA VAL SA 114 1.06 50.40 50.39
C VAL SA 114 0.78 51.27 51.61
N VAL SA 115 -0.30 50.96 52.32
CA VAL SA 115 -0.58 51.63 53.58
C VAL SA 115 -0.84 50.56 54.60
N ALA SA 116 -0.47 50.86 55.84
CA ALA SA 116 -0.56 49.89 56.93
C ALA SA 116 -0.36 50.54 58.28
N LYS SA 117 -0.80 49.87 59.34
CA LYS SA 117 -0.55 50.33 60.70
C LYS SA 117 0.91 50.07 60.99
N TRP SA 118 1.51 50.83 61.90
CA TRP SA 118 2.96 50.76 62.14
C TRP SA 118 3.47 49.44 62.70
N TRP SA 119 2.58 48.60 63.19
CA TRP SA 119 2.99 47.27 63.63
C TRP SA 119 2.79 46.20 62.55
N GLU SA 120 2.80 46.61 61.27
CA GLU SA 120 2.55 45.70 60.16
C GLU SA 120 3.71 45.95 59.18
N SER SA 121 4.40 44.87 58.81
CA SER SA 121 5.41 44.88 57.73
C SER SA 121 4.70 44.94 56.42
N ARG SA 122 5.39 45.40 55.40
CA ARG SA 122 4.73 45.62 54.14
C ARG SA 122 5.74 45.76 53.01
N THR SA 123 5.36 45.39 51.79
CA THR SA 123 6.28 45.43 50.66
C THR SA 123 5.69 46.21 49.49
N VAL SA 124 6.42 47.22 49.04
CA VAL SA 124 6.01 47.98 47.86
C VAL SA 124 6.73 47.35 46.66
N ARG SA 125 5.95 47.02 45.65
CA ARG SA 125 6.43 46.46 44.40
C ARG SA 125 6.15 47.43 43.27
N PRO SA 126 7.06 48.39 43.04
CA PRO SA 126 6.71 49.47 42.16
C PRO SA 126 6.91 49.08 40.73
N GLN SA 127 6.52 49.99 39.84
CA GLN SA 127 6.93 49.97 38.44
C GLN SA 127 7.75 51.23 38.24
N TYR SA 128 8.81 51.11 37.44
CA TYR SA 128 9.90 52.09 37.41
C TYR SA 128 10.34 52.34 35.97
N THR SA 129 11.40 53.11 35.80
CA THR SA 129 11.99 53.39 34.49
C THR SA 129 12.24 52.12 33.62
N ARG SA 130 12.84 51.09 34.21
CA ARG SA 130 13.16 49.82 33.53
C ARG SA 130 14.23 49.99 32.44
N THR SA 131 15.01 51.07 32.52
CA THR SA 131 15.84 51.56 31.42
C THR SA 131 17.30 51.55 31.82
N LEU SA 132 18.19 51.84 30.87
CA LEU SA 132 19.63 52.00 31.16
C LEU SA 132 19.90 53.27 31.92
N LEU SA 133 20.83 53.21 32.86
CA LEU SA 133 21.14 54.33 33.71
C LEU SA 133 22.63 54.54 33.70
N TRP SA 134 23.15 55.23 34.72
CA TRP SA 134 24.53 55.65 34.81
C TRP SA 134 25.03 55.52 36.23
N THR SA 135 26.18 54.89 36.42
CA THR SA 135 26.65 54.58 37.77
C THR SA 135 27.24 55.79 38.51
N SER SA 136 27.40 56.91 37.80
CA SER SA 136 27.93 58.12 38.42
C SER SA 136 27.20 59.36 37.94
N SER SA 137 27.26 60.43 38.75
CA SER SA 137 26.47 61.67 38.58
C SER SA 137 26.51 62.30 37.18
N GLY SA 138 25.42 62.94 36.80
CA GLY SA 138 25.27 63.53 35.48
C GLY SA 138 24.67 64.91 35.54
N LYS SA 139 24.76 65.63 34.44
CA LYS SA 139 24.19 66.99 34.34
C LYS SA 139 22.66 66.81 34.36
N GLU SA 140 22.19 65.80 33.67
CA GLU SA 140 20.77 65.40 33.71
C GLU SA 140 20.67 64.13 34.53
N GLN SA 141 20.03 64.24 35.68
CA GLN SA 141 19.97 63.12 36.64
C GLN SA 141 18.80 62.14 36.45
N ARG SA 142 18.14 62.23 35.30
CA ARG SA 142 17.13 61.25 34.92
C ARG SA 142 17.77 59.91 34.62
N LEU SA 143 19.09 59.88 34.40
CA LEU SA 143 19.80 58.65 34.08
C LEU SA 143 20.78 58.17 35.16
N THR SA 144 20.79 58.79 36.34
CA THR SA 144 21.68 58.35 37.42
C THR SA 144 20.95 57.62 38.58
N SER SA 145 19.63 57.77 38.66
CA SER SA 145 18.81 57.13 39.72
C SER SA 145 17.42 56.74 39.14
N PRO SA 146 16.90 55.57 39.52
CA PRO SA 146 15.66 55.11 38.94
C PRO SA 146 14.41 55.67 39.62
N GLY SA 147 14.59 56.42 40.71
CA GLY SA 147 13.49 57.00 41.47
C GLY SA 147 13.86 57.17 42.93
N ARG SA 148 12.85 57.33 43.77
CA ARG SA 148 13.08 57.51 45.20
C ARG SA 148 11.91 56.98 46.04
N LEU SA 149 12.24 56.48 47.23
CA LEU SA 149 11.31 55.79 48.09
C LEU SA 149 10.90 56.77 49.16
N ILE SA 150 9.59 56.99 49.31
CA ILE SA 150 9.06 57.91 50.30
C ILE SA 150 8.20 57.16 51.30
N LEU SA 151 8.31 57.56 52.57
CA LEU SA 151 7.50 56.96 53.63
C LEU SA 151 6.85 58.08 54.40
N LEU SA 152 5.53 58.06 54.45
CA LEU SA 152 4.75 59.10 55.10
C LEU SA 152 3.93 58.57 56.29
N CYS SA 153 3.77 59.43 57.32
CA CYS SA 153 2.91 59.09 58.42
C CYS SA 153 1.48 59.18 58.00
N VAL SA 154 0.68 58.28 58.55
CA VAL SA 154 -0.77 58.34 58.50
C VAL SA 154 -1.20 58.32 59.95
N GLY SA 155 -2.12 59.21 60.31
CA GLY SA 155 -2.49 59.42 61.71
C GLY SA 155 -1.24 59.72 62.51
N ASN SA 156 -1.28 59.51 63.81
CA ASN SA 156 -0.13 59.84 64.65
C ASN SA 156 0.19 58.74 65.63
N ASN SA 157 1.46 58.39 65.71
CA ASN SA 157 1.91 57.25 66.48
C ASN SA 157 1.80 57.48 67.98
N THR SA 158 1.26 56.49 68.67
CA THR SA 158 1.15 56.43 70.13
C THR SA 158 2.49 56.14 70.77
N ASP SA 159 3.40 55.53 70.04
CA ASP SA 159 4.56 54.93 70.65
C ASP SA 159 5.80 55.17 69.76
N VAL SA 160 6.94 54.72 70.24
CA VAL SA 160 8.17 54.89 69.50
C VAL SA 160 8.27 53.82 68.40
N VAL SA 161 8.63 54.27 67.19
CA VAL SA 161 8.75 53.40 66.04
C VAL SA 161 10.16 53.48 65.53
N ASN SA 162 10.79 52.33 65.28
CA ASN SA 162 12.12 52.27 64.70
C ASN SA 162 12.02 51.63 63.33
N VAL SA 163 11.61 52.45 62.37
CA VAL SA 163 11.41 51.97 61.02
C VAL SA 163 12.73 51.86 60.24
N SER SA 164 12.92 50.71 59.59
CA SER SA 164 14.04 50.50 58.70
C SER SA 164 13.40 50.07 57.38
N VAL SA 165 13.67 50.78 56.28
CA VAL SA 165 13.23 50.31 54.95
C VAL SA 165 14.38 49.60 54.24
N LEU SA 166 14.03 48.50 53.58
CA LEU SA 166 15.00 47.68 52.88
C LEU SA 166 14.65 47.63 51.41
N CYS SA 167 15.65 47.77 50.58
CA CYS SA 167 15.47 47.69 49.16
C CYS SA 167 16.03 46.37 48.69
N ARG SA 168 15.19 45.52 48.09
CA ARG SA 168 15.72 44.35 47.42
C ARG SA 168 15.81 44.72 45.96
N TRP SA 169 16.94 44.38 45.35
CA TRP SA 169 17.29 44.88 44.03
C TRP SA 169 17.97 43.83 43.18
N SER SA 170 17.71 43.89 41.89
CA SER SA 170 18.35 43.05 40.91
C SER SA 170 18.74 43.95 39.77
N VAL SA 171 20.02 43.95 39.42
CA VAL SA 171 20.57 44.96 38.54
C VAL SA 171 21.46 44.30 37.49
N ARG SA 172 21.42 44.75 36.23
CA ARG SA 172 22.41 44.30 35.22
C ARG SA 172 23.41 45.41 34.87
N LEU SA 173 24.69 45.12 35.05
CA LEU SA 173 25.78 46.10 34.91
C LEU SA 173 26.55 45.99 33.61
N SER SA 174 27.03 47.14 33.10
CA SER SA 174 27.55 47.23 31.72
C SER SA 174 28.73 48.18 31.65
N VAL SA 175 29.33 48.21 30.46
CA VAL SA 175 30.66 48.79 30.18
C VAL SA 175 31.64 48.87 31.36
N PRO SA 176 32.64 47.97 31.35
CA PRO SA 176 33.76 47.98 32.29
C PRO SA 176 34.47 49.31 32.37
N SER SA 177 35.07 49.56 33.51
CA SER SA 177 35.51 50.88 33.90
C SER SA 177 36.16 50.82 35.29
N LEU SA 178 36.66 51.94 35.79
CA LEU SA 178 37.27 51.96 37.12
C LEU SA 178 37.38 53.37 37.70
N GLU SA 179 36.43 53.73 38.56
CA GLU SA 179 36.40 55.10 39.10
C GLU SA 179 36.98 55.16 40.51
N ASN SA 180 38.11 55.87 40.61
CA ASN SA 180 38.88 56.01 41.85
C ASN SA 180 38.82 57.43 42.40
N THR TA 18 -48.55 -11.56 -23.28
CA THR TA 18 -49.88 -10.89 -23.32
C THR TA 18 -50.91 -11.61 -24.21
N ASN TA 19 -52.16 -11.68 -23.73
CA ASN TA 19 -53.31 -12.22 -24.51
C ASN TA 19 -53.90 -11.20 -25.47
N ASP TA 20 -53.52 -9.93 -25.30
CA ASP TA 20 -53.99 -8.85 -26.14
C ASP TA 20 -53.41 -8.97 -27.55
N VAL TA 21 -54.25 -8.69 -28.53
CA VAL TA 21 -53.93 -8.80 -29.94
C VAL TA 21 -53.88 -7.42 -30.57
N HIS TA 22 -52.74 -7.07 -31.14
CA HIS TA 22 -52.52 -5.75 -31.72
C HIS TA 22 -52.68 -5.79 -33.26
N LEU TA 23 -53.74 -5.15 -33.75
CA LEU TA 23 -54.10 -5.13 -35.18
C LEU TA 23 -54.11 -3.67 -35.75
N SER TA 24 -53.43 -3.43 -36.86
CA SER TA 24 -53.39 -2.08 -37.45
C SER TA 24 -53.82 -2.04 -38.91
N GLY TA 25 -54.26 -0.88 -39.37
CA GLY TA 25 -54.66 -0.73 -40.75
C GLY TA 25 -54.85 0.70 -41.20
N MET TA 26 -55.43 0.84 -42.39
CA MET TA 26 -55.70 2.15 -42.96
C MET TA 26 -56.85 2.01 -43.95
N SER TA 27 -58.04 2.44 -43.55
CA SER TA 27 -59.26 2.21 -44.33
C SER TA 27 -59.87 3.48 -44.88
N ARG TA 28 -60.71 3.36 -45.91
CA ARG TA 28 -61.48 4.52 -46.35
C ARG TA 28 -62.76 4.64 -45.54
N ILE TA 29 -62.83 5.70 -44.76
CA ILE TA 29 -64.00 6.00 -43.95
C ILE TA 29 -65.16 6.33 -44.84
N SER TA 30 -65.01 7.38 -45.65
CA SER TA 30 -66.03 7.71 -46.64
C SER TA 30 -65.47 8.49 -47.84
N GLN TA 31 -66.29 8.58 -48.87
CA GLN TA 31 -65.93 9.29 -50.08
C GLN TA 31 -67.15 10.11 -50.43
N ALA TA 32 -67.03 11.43 -50.31
CA ALA TA 32 -68.14 12.32 -50.64
C ALA TA 32 -67.81 13.06 -51.93
N VAL TA 33 -68.84 13.37 -52.72
CA VAL TA 33 -68.68 14.22 -53.90
C VAL TA 33 -69.46 15.49 -53.64
N LEU TA 34 -68.80 16.62 -53.88
CA LEU TA 34 -69.35 17.92 -53.57
C LEU TA 34 -69.45 18.67 -54.87
N PRO TA 35 -70.68 18.90 -55.37
CA PRO TA 35 -70.84 19.38 -56.73
C PRO TA 35 -70.49 20.83 -56.98
N ALA TA 36 -70.49 21.17 -58.27
CA ALA TA 36 -70.10 22.46 -58.80
C ALA TA 36 -70.00 23.49 -57.68
N GLY TA 37 -71.08 24.20 -57.38
CA GLY TA 37 -70.97 25.30 -56.44
C GLY TA 37 -71.59 25.06 -55.08
N THR TA 38 -72.04 23.84 -54.81
CA THR TA 38 -73.03 23.64 -53.74
C THR TA 38 -72.48 23.64 -52.30
N GLY TA 39 -71.29 24.18 -52.08
CA GLY TA 39 -70.74 24.26 -50.72
C GLY TA 39 -71.04 25.60 -50.08
N THR TA 40 -71.07 25.64 -48.74
CA THR TA 40 -71.26 26.88 -47.99
C THR TA 40 -70.88 26.71 -46.55
N ASP TA 41 -70.39 27.78 -45.93
CA ASP TA 41 -69.95 27.72 -44.55
C ASP TA 41 -70.92 26.82 -43.81
N GLY TA 42 -70.42 25.72 -43.25
CA GLY TA 42 -71.21 24.98 -42.28
C GLY TA 42 -71.79 23.69 -42.80
N TYR TA 43 -71.97 23.61 -44.12
CA TYR TA 43 -72.40 22.40 -44.84
C TYR TA 43 -71.57 21.15 -44.49
N VAL TA 44 -72.22 20.16 -43.91
CA VAL TA 44 -71.54 18.91 -43.59
C VAL TA 44 -71.41 18.14 -44.87
N VAL TA 45 -70.19 17.81 -45.26
CA VAL TA 45 -69.98 16.93 -46.41
C VAL TA 45 -69.67 15.52 -45.97
N VAL TA 46 -69.15 15.36 -44.74
CA VAL TA 46 -68.87 14.04 -44.19
C VAL TA 46 -69.22 13.96 -42.73
N ASP TA 47 -70.06 12.99 -42.43
CA ASP TA 47 -70.49 12.72 -41.10
C ASP TA 47 -70.33 11.22 -41.06
N ALA TA 48 -69.26 10.78 -40.40
CA ALA TA 48 -68.91 9.36 -40.32
C ALA TA 48 -68.56 8.96 -38.89
N THR TA 49 -69.43 8.10 -38.33
CA THR TA 49 -69.29 7.54 -36.99
C THR TA 49 -68.43 6.27 -37.02
N ILE TA 50 -67.33 6.27 -36.27
CA ILE TA 50 -66.28 5.27 -36.42
C ILE TA 50 -66.63 3.95 -35.72
N VAL TA 51 -66.90 2.92 -36.50
CA VAL TA 51 -67.23 1.60 -35.95
C VAL TA 51 -66.36 0.52 -36.62
N PRO TA 52 -66.20 -0.65 -35.96
CA PRO TA 52 -65.36 -1.71 -36.54
C PRO TA 52 -65.83 -2.12 -37.93
N ASP TA 53 -67.13 -2.09 -38.16
CA ASP TA 53 -67.67 -2.37 -39.50
C ASP TA 53 -67.25 -1.38 -40.60
N LEU TA 54 -66.86 -0.17 -40.20
CA LEU TA 54 -66.55 0.88 -41.16
C LEU TA 54 -65.14 0.70 -41.71
N LEU TA 55 -64.27 0.17 -40.86
CA LEU TA 55 -62.91 -0.18 -41.22
C LEU TA 55 -62.89 -1.67 -41.56
N PRO TA 56 -62.81 -2.03 -42.86
CA PRO TA 56 -63.09 -3.40 -43.30
C PRO TA 56 -62.24 -4.50 -42.61
N ARG TA 57 -60.91 -4.34 -42.54
CA ARG TA 57 -60.08 -5.35 -41.90
C ARG TA 57 -60.49 -5.58 -40.46
N LEU TA 58 -60.62 -4.51 -39.68
CA LEU TA 58 -61.17 -4.63 -38.31
C LEU TA 58 -62.53 -5.35 -38.30
N GLY TA 59 -63.39 -4.97 -39.26
CA GLY TA 59 -64.73 -5.52 -39.39
C GLY TA 59 -64.85 -7.02 -39.22
N HIS TA 60 -63.84 -7.75 -39.69
CA HIS TA 60 -63.76 -9.21 -39.56
C HIS TA 60 -63.21 -9.63 -38.22
N ALA TA 61 -62.10 -9.01 -37.78
CA ALA TA 61 -61.48 -9.36 -36.50
C ALA TA 61 -62.44 -9.06 -35.35
N ALA TA 62 -63.50 -8.30 -35.66
CA ALA TA 62 -64.57 -7.96 -34.72
C ALA TA 62 -65.59 -9.10 -34.47
N ARG TA 63 -65.64 -10.09 -35.35
CA ARG TA 63 -66.39 -11.33 -35.07
C ARG TA 63 -65.58 -12.37 -34.24
N ILE TA 64 -64.31 -12.08 -33.97
CA ILE TA 64 -63.41 -13.01 -33.32
C ILE TA 64 -63.18 -12.65 -31.85
N PHE TA 65 -63.15 -11.36 -31.54
CA PHE TA 65 -63.03 -10.93 -30.16
C PHE TA 65 -64.31 -10.22 -29.66
N GLN TA 66 -64.36 -10.03 -28.33
CA GLN TA 66 -65.47 -9.38 -27.63
C GLN TA 66 -65.33 -7.88 -27.49
N ARG TA 67 -64.10 -7.42 -27.25
CA ARG TA 67 -63.82 -6.03 -26.95
C ARG TA 67 -62.49 -5.59 -27.56
N TYR TA 68 -62.45 -4.32 -27.98
CA TYR TA 68 -61.23 -3.68 -28.45
C TYR TA 68 -61.06 -2.33 -27.82
N ALA TA 69 -59.81 -1.89 -27.70
CA ALA TA 69 -59.48 -0.53 -27.30
C ALA TA 69 -58.73 0.11 -28.46
N VAL TA 70 -58.86 1.43 -28.60
CA VAL TA 70 -58.15 2.12 -29.67
C VAL TA 70 -56.81 2.57 -29.12
N GLU TA 71 -55.76 2.39 -29.92
CA GLU TA 71 -54.42 2.76 -29.51
C GLU TA 71 -53.96 3.98 -30.30
N THR TA 72 -54.10 3.95 -31.63
CA THR TA 72 -53.89 5.16 -32.43
C THR TA 72 -55.01 5.36 -33.51
N LEU TA 73 -55.40 6.62 -33.69
CA LEU TA 73 -56.40 7.02 -34.65
C LEU TA 73 -55.96 8.31 -35.27
N GLU TA 74 -55.75 8.30 -36.57
CA GLU TA 74 -55.59 9.54 -37.32
C GLU TA 74 -56.49 9.41 -38.52
N PHE TA 75 -56.93 10.56 -39.01
CA PHE TA 75 -57.71 10.61 -40.21
C PHE TA 75 -56.97 11.47 -41.22
N GLU TA 76 -56.75 10.90 -42.39
CA GLU TA 76 -56.13 11.60 -43.48
C GLU TA 76 -57.25 12.09 -44.37
N ILE TA 77 -57.37 13.42 -44.47
CA ILE TA 77 -58.33 14.03 -45.41
C ILE TA 77 -57.66 14.18 -46.76
N GLN TA 78 -58.36 13.76 -47.81
CA GLN TA 78 -57.74 13.63 -49.10
C GLN TA 78 -58.67 14.07 -50.23
N PRO TA 79 -58.95 15.39 -50.29
CA PRO TA 79 -59.83 15.99 -51.26
C PRO TA 79 -59.19 16.10 -52.62
N MET TA 80 -60.02 15.98 -53.64
CA MET TA 80 -59.53 15.78 -54.97
C MET TA 80 -60.20 16.66 -55.99
N CYS TA 81 -59.50 17.73 -56.32
CA CYS TA 81 -60.06 18.83 -57.09
C CYS TA 81 -58.95 19.68 -57.73
N PRO TA 82 -59.34 20.60 -58.63
CA PRO TA 82 -58.31 21.39 -59.26
C PRO TA 82 -57.77 22.43 -58.31
N ALA TA 83 -56.54 22.84 -58.58
CA ALA TA 83 -55.89 23.86 -57.76
C ALA TA 83 -56.67 25.16 -57.81
N ASN TA 84 -57.39 25.40 -58.92
CA ASN TA 84 -58.29 26.54 -59.08
C ASN TA 84 -59.63 26.40 -58.38
N THR TA 85 -59.60 25.93 -57.15
CA THR TA 85 -60.80 25.77 -56.39
C THR TA 85 -60.78 26.77 -55.23
N GLY TA 86 -61.83 27.57 -55.14
CA GLY TA 86 -61.98 28.50 -54.05
C GLY TA 86 -62.66 27.84 -52.87
N GLY TA 87 -62.18 26.67 -52.52
CA GLY TA 87 -62.79 25.92 -51.46
C GLY TA 87 -62.15 26.22 -50.14
N GLY TA 88 -62.30 25.25 -49.24
CA GLY TA 88 -62.10 25.43 -47.82
C GLY TA 88 -62.90 24.41 -47.03
N TYR TA 89 -62.21 23.71 -46.12
CA TYR TA 89 -62.87 22.74 -45.25
C TYR TA 89 -62.31 22.82 -43.84
N VAL TA 90 -63.06 22.30 -42.87
CA VAL TA 90 -62.53 22.04 -41.50
C VAL TA 90 -62.89 20.65 -40.99
N ALA TA 91 -61.85 19.89 -40.66
CA ALA TA 91 -62.00 18.53 -40.23
C ALA TA 91 -61.70 18.48 -38.75
N GLY TA 92 -62.38 17.57 -38.06
CA GLY TA 92 -62.25 17.41 -36.62
C GLY TA 92 -63.03 16.19 -36.15
N PHE TA 93 -62.46 15.51 -35.16
CA PHE TA 93 -63.03 14.26 -34.63
C PHE TA 93 -63.47 14.52 -33.19
N LEU TA 94 -64.78 14.53 -32.99
CA LEU TA 94 -65.31 14.70 -31.64
C LEU TA 94 -65.55 13.35 -30.98
N PRO TA 95 -65.19 13.23 -29.68
CA PRO TA 95 -65.18 11.93 -29.05
C PRO TA 95 -66.50 11.28 -28.58
N ASP TA 96 -67.68 11.90 -28.73
CA ASP TA 96 -68.92 11.09 -28.65
C ASP TA 96 -69.39 10.69 -30.03
N PRO TA 97 -69.79 9.43 -30.18
CA PRO TA 97 -70.58 9.15 -31.37
C PRO TA 97 -71.91 9.93 -31.32
N THR TA 98 -72.42 10.16 -30.10
CA THR TA 98 -73.72 10.78 -29.82
C THR TA 98 -73.93 12.20 -30.32
N ASP TA 99 -72.91 13.06 -30.17
CA ASP TA 99 -73.12 14.51 -30.16
C ASP TA 99 -73.35 15.04 -31.56
N ASN TA 100 -74.43 15.81 -31.73
CA ASN TA 100 -74.82 16.40 -33.02
C ASN TA 100 -74.35 17.85 -33.24
N ASP TA 101 -73.37 18.33 -32.48
CA ASP TA 101 -72.95 19.73 -32.58
C ASP TA 101 -71.93 19.91 -33.71
N HIS TA 102 -72.42 20.06 -34.95
CA HIS TA 102 -71.55 20.09 -36.13
C HIS TA 102 -71.29 21.52 -36.61
N THR TA 103 -70.68 22.28 -35.73
CA THR TA 103 -70.36 23.68 -35.98
C THR TA 103 -68.83 23.81 -36.02
N PHE TA 104 -68.35 24.77 -36.81
CA PHE TA 104 -66.93 25.07 -36.92
C PHE TA 104 -66.32 25.28 -35.55
N ASP TA 105 -66.97 26.12 -34.76
CA ASP TA 105 -66.45 26.46 -33.44
C ASP TA 105 -66.22 25.21 -32.61
N ALA TA 106 -67.16 24.28 -32.68
CA ALA TA 106 -67.12 23.06 -31.89
C ALA TA 106 -66.10 22.09 -32.46
N LEU TA 107 -65.86 22.12 -33.77
CA LEU TA 107 -64.78 21.33 -34.35
C LEU TA 107 -63.41 21.87 -33.94
N GLN TA 108 -63.19 23.19 -34.04
CA GLN TA 108 -61.92 23.80 -33.56
C GLN TA 108 -61.76 23.82 -32.03
N ALA TA 109 -62.76 23.37 -31.30
CA ALA TA 109 -62.58 23.07 -29.89
C ALA TA 109 -61.79 21.76 -29.76
N THR TA 110 -62.10 20.77 -30.63
CA THR TA 110 -61.46 19.43 -30.61
C THR TA 110 -59.97 19.52 -30.90
N ARG TA 111 -59.26 18.41 -30.76
CA ARG TA 111 -57.79 18.48 -30.73
C ARG TA 111 -57.13 18.36 -32.09
N GLY TA 112 -57.58 17.41 -32.90
CA GLY TA 112 -56.91 17.21 -34.19
C GLY TA 112 -57.17 18.33 -35.18
N ALA TA 113 -58.19 19.12 -34.86
CA ALA TA 113 -58.86 20.03 -35.78
C ALA TA 113 -57.91 20.67 -36.76
N VAL TA 114 -58.33 20.62 -38.03
CA VAL TA 114 -57.56 21.17 -39.13
C VAL TA 114 -58.49 21.97 -40.05
N VAL TA 115 -57.97 23.08 -40.57
CA VAL TA 115 -58.61 23.80 -41.66
C VAL TA 115 -57.60 23.89 -42.80
N ALA TA 116 -58.10 23.82 -44.03
CA ALA TA 116 -57.29 23.95 -45.21
C ALA TA 116 -58.19 24.16 -46.40
N LYS TA 117 -57.62 24.71 -47.46
CA LYS TA 117 -58.34 24.88 -48.72
C LYS TA 117 -58.53 23.53 -49.34
N TRP TA 118 -59.60 23.40 -50.13
CA TRP TA 118 -60.00 22.09 -50.65
C TRP TA 118 -58.98 21.38 -51.56
N TRP TA 119 -58.00 22.12 -52.08
CA TRP TA 119 -56.91 21.51 -52.86
C TRP TA 119 -55.65 21.20 -52.02
N GLU TA 120 -55.86 20.86 -50.75
CA GLU TA 120 -54.78 20.71 -49.78
C GLU TA 120 -55.11 19.52 -48.89
N SER TA 121 -54.20 18.55 -48.87
CA SER TA 121 -54.32 17.39 -47.98
C SER TA 121 -53.95 17.77 -46.59
N ARG TA 122 -54.31 16.91 -45.66
CA ARG TA 122 -54.28 17.29 -44.29
C ARG TA 122 -54.68 16.12 -43.40
N THR TA 123 -53.86 15.87 -42.38
CA THR TA 123 -54.08 14.75 -41.48
C THR TA 123 -54.49 15.31 -40.12
N VAL TA 124 -55.62 14.81 -39.58
CA VAL TA 124 -56.09 15.19 -38.22
C VAL TA 124 -55.74 14.10 -37.20
N ARG TA 125 -55.14 14.55 -36.09
CA ARG TA 125 -54.58 13.71 -35.03
C ARG TA 125 -55.32 13.97 -33.72
N PRO TA 126 -56.45 13.28 -33.49
CA PRO TA 126 -57.27 13.61 -32.35
C PRO TA 126 -56.78 12.98 -31.09
N GLN TA 127 -57.31 13.49 -29.98
CA GLN TA 127 -57.29 12.85 -28.68
C GLN TA 127 -58.70 12.29 -28.45
N TYR TA 128 -58.75 11.08 -27.91
CA TYR TA 128 -59.93 10.23 -27.98
C TYR TA 128 -60.09 9.41 -26.70
N THR TA 129 -61.07 8.51 -26.71
CA THR TA 129 -61.45 7.70 -25.55
C THR TA 129 -60.26 7.00 -24.83
N ARG TA 130 -59.39 6.31 -25.57
CA ARG TA 130 -58.24 5.60 -24.99
C ARG TA 130 -58.74 4.64 -23.92
N THR TA 131 -59.81 3.93 -24.28
CA THR TA 131 -60.65 3.14 -23.36
C THR TA 131 -61.22 1.91 -24.08
N LEU TA 132 -61.67 0.93 -23.30
CA LEU TA 132 -62.10 -0.38 -23.82
C LEU TA 132 -63.56 -0.41 -24.25
N LEU TA 133 -63.75 -0.52 -25.55
CA LEU TA 133 -65.05 -0.47 -26.17
C LEU TA 133 -65.51 -1.90 -26.34
N TRP TA 134 -66.58 -2.06 -27.10
CA TRP TA 134 -67.18 -3.35 -27.41
C TRP TA 134 -67.22 -3.54 -28.93
N THR TA 135 -67.33 -4.79 -29.38
CA THR TA 135 -67.23 -5.11 -30.81
C THR TA 135 -68.56 -5.17 -31.56
N SER TA 136 -69.66 -5.46 -30.84
CA SER TA 136 -71.05 -5.45 -31.35
C SER TA 136 -71.92 -4.41 -30.61
N SER TA 137 -73.24 -4.42 -30.84
CA SER TA 137 -74.18 -3.36 -30.41
C SER TA 137 -74.41 -3.18 -28.89
N GLY TA 138 -74.02 -2.01 -28.35
CA GLY TA 138 -74.32 -1.67 -26.95
C GLY TA 138 -75.78 -1.28 -26.78
N LYS TA 139 -76.29 -1.42 -25.55
CA LYS TA 139 -77.54 -0.75 -25.15
C LYS TA 139 -77.16 0.61 -24.52
N GLU TA 140 -75.94 0.67 -24.00
CA GLU TA 140 -75.20 1.92 -23.79
C GLU TA 140 -74.10 1.92 -24.87
N GLN TA 141 -74.18 2.85 -25.83
CA GLN TA 141 -73.16 2.97 -26.90
C GLN TA 141 -72.21 4.16 -26.73
N ARG TA 142 -71.93 4.48 -25.46
CA ARG TA 142 -70.69 5.15 -25.06
C ARG TA 142 -69.61 4.05 -25.03
N LEU TA 143 -70.04 2.80 -25.22
CA LEU TA 143 -69.16 1.69 -25.57
C LEU TA 143 -69.68 0.97 -26.87
N THR TA 144 -69.07 1.35 -28.00
CA THR TA 144 -68.99 0.64 -29.33
C THR TA 144 -68.39 1.43 -30.55
N SER TA 145 -67.91 2.67 -30.31
CA SER TA 145 -67.39 3.62 -31.32
C SER TA 145 -66.60 4.74 -30.61
N PRO TA 146 -65.38 5.05 -31.08
CA PRO TA 146 -64.55 5.98 -30.34
C PRO TA 146 -64.83 7.47 -30.65
N GLY TA 147 -65.57 7.74 -31.72
CA GLY TA 147 -66.03 9.09 -32.02
C GLY TA 147 -66.62 9.15 -33.43
N ARG TA 148 -66.96 10.37 -33.88
CA ARG TA 148 -67.19 10.59 -35.31
C ARG TA 148 -66.35 11.71 -35.91
N LEU TA 149 -65.91 11.47 -37.15
CA LEU TA 149 -65.12 12.40 -37.91
C LEU TA 149 -66.09 13.32 -38.63
N ILE TA 150 -65.86 14.63 -38.57
CA ILE TA 150 -66.75 15.58 -39.25
C ILE TA 150 -65.93 16.44 -40.19
N LEU TA 151 -66.43 16.63 -41.40
CA LEU TA 151 -65.78 17.42 -42.43
C LEU TA 151 -66.79 18.45 -42.88
N LEU TA 152 -66.40 19.73 -42.83
CA LEU TA 152 -67.31 20.87 -43.05
C LEU TA 152 -66.76 21.81 -44.15
N CYS TA 153 -67.65 22.40 -44.95
CA CYS TA 153 -67.21 23.41 -45.88
C CYS TA 153 -66.90 24.72 -45.17
N VAL TA 154 -65.92 25.44 -45.72
CA VAL TA 154 -65.48 26.78 -45.30
C VAL TA 154 -65.55 27.59 -46.58
N GLY TA 155 -66.36 28.62 -46.62
CA GLY TA 155 -66.63 29.31 -47.89
C GLY TA 155 -67.35 28.42 -48.90
N ASN TA 156 -67.08 28.58 -50.19
CA ASN TA 156 -67.69 27.69 -51.18
C ASN TA 156 -66.78 27.31 -52.33
N ASN TA 157 -66.95 26.07 -52.78
CA ASN TA 157 -66.11 25.44 -53.79
C ASN TA 157 -66.47 25.91 -55.18
N THR TA 158 -65.49 26.41 -55.92
CA THR TA 158 -65.64 26.76 -57.33
C THR TA 158 -65.84 25.54 -58.19
N ASP TA 159 -65.34 24.40 -57.74
CA ASP TA 159 -65.29 23.20 -58.56
C ASP TA 159 -65.70 21.95 -57.81
N VAL TA 160 -65.94 20.90 -58.57
CA VAL TA 160 -66.36 19.64 -58.00
C VAL TA 160 -65.18 19.10 -57.15
N VAL TA 161 -65.47 18.55 -55.96
CA VAL TA 161 -64.45 17.96 -55.11
C VAL TA 161 -64.82 16.52 -54.81
N ASN TA 162 -63.89 15.60 -55.02
CA ASN TA 162 -64.10 14.22 -54.64
C ASN TA 162 -63.27 13.91 -53.43
N VAL TA 163 -63.71 14.44 -52.30
CA VAL TA 163 -63.06 14.20 -51.02
C VAL TA 163 -63.20 12.78 -50.51
N SER TA 164 -62.08 12.23 -50.04
CA SER TA 164 -62.05 10.88 -49.48
C SER TA 164 -61.30 10.97 -48.14
N VAL TA 165 -61.92 10.41 -47.09
CA VAL TA 165 -61.27 10.36 -45.79
C VAL TA 165 -60.91 8.94 -45.46
N LEU TA 166 -59.70 8.80 -44.98
CA LEU TA 166 -59.09 7.53 -44.66
C LEU TA 166 -58.81 7.56 -43.18
N CYS TA 167 -58.96 6.43 -42.54
CA CYS TA 167 -58.72 6.32 -41.12
C CYS TA 167 -57.53 5.41 -40.95
N ARG TA 168 -56.47 5.89 -40.33
CA ARG TA 168 -55.41 4.99 -39.98
C ARG TA 168 -55.65 4.73 -38.53
N TRP TA 169 -55.49 3.45 -38.15
CA TRP TA 169 -55.91 2.91 -36.86
C TRP TA 169 -55.02 1.79 -36.35
N SER TA 170 -54.73 1.86 -35.05
CA SER TA 170 -53.95 0.88 -34.34
C SER TA 170 -54.81 0.51 -33.15
N VAL TA 171 -55.14 -0.76 -33.03
CA VAL TA 171 -56.24 -1.23 -32.19
C VAL TA 171 -55.87 -2.53 -31.48
N ARG TA 172 -55.96 -2.58 -30.14
CA ARG TA 172 -55.73 -3.86 -29.43
C ARG TA 172 -57.03 -4.58 -29.05
N LEU TA 173 -57.12 -5.84 -29.47
CA LEU TA 173 -58.32 -6.64 -29.26
C LEU TA 173 -58.21 -7.56 -28.05
N SER TA 174 -59.36 -7.77 -27.39
CA SER TA 174 -59.35 -8.24 -26.01
C SER TA 174 -59.84 -9.65 -25.83
N VAL TA 175 -61.15 -9.87 -25.75
CA VAL TA 175 -61.63 -11.16 -25.21
C VAL TA 175 -62.13 -12.11 -26.30
N PRO TA 176 -61.38 -13.21 -26.56
CA PRO TA 176 -61.77 -14.09 -27.65
C PRO TA 176 -63.20 -14.57 -27.56
N SER TA 177 -63.85 -14.64 -28.71
CA SER TA 177 -65.25 -14.97 -28.80
C SER TA 177 -65.53 -15.47 -30.21
N LEU TA 178 -66.80 -15.58 -30.56
CA LEU TA 178 -67.17 -15.95 -31.93
C LEU TA 178 -68.54 -15.39 -32.28
N GLU TA 179 -68.53 -14.16 -32.81
CA GLU TA 179 -69.76 -13.43 -33.11
C GLU TA 179 -70.24 -13.71 -34.55
N ASN TA 180 -70.98 -14.79 -34.72
CA ASN TA 180 -71.61 -15.11 -36.01
C ASN TA 180 -72.53 -13.99 -36.48
N THR UA 18 -53.68 -1.63 2.35
CA THR UA 18 -54.69 -1.63 1.30
C THR UA 18 -56.11 -1.50 1.90
N ASN UA 19 -56.97 -0.75 1.22
CA ASN UA 19 -58.36 -0.53 1.67
C ASN UA 19 -59.33 -1.64 1.31
N ASP UA 20 -58.85 -2.62 0.54
CA ASP UA 20 -59.71 -3.60 -0.07
C ASP UA 20 -59.66 -4.96 0.61
N VAL UA 21 -60.84 -5.56 0.69
CA VAL UA 21 -61.03 -6.82 1.38
C VAL UA 21 -61.09 -7.97 0.41
N HIS UA 22 -60.18 -8.94 0.55
CA HIS UA 22 -60.14 -10.11 -0.34
C HIS UA 22 -60.86 -11.25 0.31
N LEU UA 23 -61.77 -11.85 -0.46
CA LEU UA 23 -62.75 -12.81 0.02
C LEU UA 23 -62.87 -13.97 -0.97
N SER UA 24 -62.43 -15.16 -0.57
CA SER UA 24 -62.52 -16.34 -1.44
C SER UA 24 -63.63 -17.27 -1.00
N GLY UA 25 -63.85 -18.31 -1.79
CA GLY UA 25 -64.85 -19.29 -1.46
C GLY UA 25 -65.14 -20.15 -2.65
N MET UA 26 -65.83 -21.25 -2.40
CA MET UA 26 -66.21 -22.13 -3.47
C MET UA 26 -67.64 -22.60 -3.25
N SER UA 27 -68.49 -22.38 -4.22
CA SER UA 27 -69.91 -22.56 -4.01
C SER UA 27 -70.57 -23.32 -5.14
N ARG UA 28 -71.70 -23.95 -4.80
CA ARG UA 28 -72.53 -24.55 -5.82
C ARG UA 28 -73.38 -23.48 -6.58
N ILE UA 29 -73.03 -23.31 -7.86
CA ILE UA 29 -73.77 -22.48 -8.80
C ILE UA 29 -75.10 -23.10 -9.17
N SER UA 30 -75.14 -24.40 -9.38
CA SER UA 30 -76.40 -25.05 -9.71
C SER UA 30 -76.28 -26.57 -9.66
N GLN UA 31 -77.43 -27.21 -9.87
CA GLN UA 31 -77.51 -28.66 -9.77
C GLN UA 31 -78.59 -29.12 -10.72
N ALA UA 32 -78.19 -29.48 -11.94
CA ALA UA 32 -79.12 -30.08 -12.88
C ALA UA 32 -79.15 -31.60 -12.72
N VAL UA 33 -80.34 -32.15 -12.87
CA VAL UA 33 -80.55 -33.60 -12.92
C VAL UA 33 -81.08 -33.91 -14.32
N LEU UA 34 -80.18 -34.41 -15.18
CA LEU UA 34 -80.49 -34.75 -16.56
C LEU UA 34 -80.98 -36.19 -16.62
N PRO UA 35 -82.25 -36.41 -17.03
CA PRO UA 35 -82.80 -37.75 -16.88
C PRO UA 35 -82.27 -38.72 -17.92
N ALA UA 36 -82.62 -39.99 -17.69
CA ALA UA 36 -82.10 -41.16 -18.40
C ALA UA 36 -81.71 -40.98 -19.88
N GLY UA 37 -82.53 -40.28 -20.69
CA GLY UA 37 -82.25 -40.16 -22.12
C GLY UA 37 -82.54 -38.82 -22.77
N THR UA 38 -82.70 -37.77 -21.98
CA THR UA 38 -83.15 -36.49 -22.53
C THR UA 38 -81.99 -35.54 -22.95
N GLY UA 39 -80.85 -36.08 -23.36
CA GLY UA 39 -79.72 -35.23 -23.76
C GLY UA 39 -79.58 -35.22 -25.27
N THR UA 40 -78.92 -34.21 -25.85
CA THR UA 40 -78.46 -34.26 -27.25
C THR UA 40 -77.60 -33.09 -27.57
N ASP UA 41 -76.84 -33.23 -28.66
CA ASP UA 41 -75.99 -32.15 -29.09
C ASP UA 41 -76.81 -30.86 -29.04
N GLY UA 42 -76.42 -29.99 -28.13
CA GLY UA 42 -77.00 -28.66 -28.03
C GLY UA 42 -77.75 -28.48 -26.74
N TYR UA 43 -78.53 -29.48 -26.35
CA TYR UA 43 -79.39 -29.37 -25.15
C TYR UA 43 -78.64 -28.75 -23.96
N VAL UA 44 -79.17 -27.60 -23.49
CA VAL UA 44 -78.57 -26.77 -22.41
C VAL UA 44 -78.97 -27.34 -21.05
N VAL UA 45 -78.00 -27.77 -20.24
CA VAL UA 45 -78.31 -28.37 -18.93
C VAL UA 45 -78.09 -27.43 -17.74
N VAL UA 46 -77.19 -26.47 -17.92
CA VAL UA 46 -76.93 -25.43 -16.93
C VAL UA 46 -76.63 -24.16 -17.70
N ASP UA 47 -77.29 -23.07 -17.30
CA ASP UA 47 -77.01 -21.73 -17.83
C ASP UA 47 -77.12 -20.69 -16.71
N ALA UA 48 -76.06 -20.59 -15.93
CA ALA UA 48 -76.10 -19.82 -14.70
C ALA UA 48 -75.37 -18.48 -14.83
N THR UA 49 -76.09 -17.37 -14.64
CA THR UA 49 -75.46 -16.05 -14.61
C THR UA 49 -74.89 -15.71 -13.23
N ILE UA 50 -73.58 -15.46 -13.20
CA ILE UA 50 -72.81 -15.29 -11.96
C ILE UA 50 -73.07 -13.93 -11.30
N VAL UA 51 -73.74 -13.94 -10.15
CA VAL UA 51 -74.06 -12.72 -9.39
C VAL UA 51 -73.77 -13.02 -7.92
N PRO UA 52 -73.51 -11.99 -7.11
CA PRO UA 52 -73.19 -12.24 -5.70
C PRO UA 52 -74.22 -13.09 -4.90
N ASP UA 53 -75.50 -13.05 -5.23
CA ASP UA 53 -76.46 -13.82 -4.46
C ASP UA 53 -76.32 -15.33 -4.69
N LEU UA 54 -75.80 -15.69 -5.86
CA LEU UA 54 -75.54 -17.10 -6.16
C LEU UA 54 -74.49 -17.68 -5.24
N LEU UA 55 -73.38 -16.97 -5.14
CA LEU UA 55 -72.29 -17.40 -4.28
C LEU UA 55 -72.67 -17.09 -2.82
N PRO UA 56 -73.22 -18.08 -2.09
CA PRO UA 56 -73.80 -17.81 -0.77
C PRO UA 56 -72.91 -17.00 0.18
N ARG UA 57 -71.68 -17.44 0.43
CA ARG UA 57 -70.76 -16.64 1.27
C ARG UA 57 -70.75 -15.17 0.81
N LEU UA 58 -70.63 -14.96 -0.50
CA LEU UA 58 -70.49 -13.63 -1.07
C LEU UA 58 -71.79 -12.86 -0.93
N GLY UA 59 -72.92 -13.55 -1.04
CA GLY UA 59 -74.23 -12.93 -0.87
C GLY UA 59 -74.21 -12.00 0.32
N HIS UA 60 -73.81 -12.53 1.47
CA HIS UA 60 -73.66 -11.73 2.68
C HIS UA 60 -72.63 -10.60 2.54
N ALA UA 61 -71.47 -10.86 1.94
CA ALA UA 61 -70.45 -9.81 1.83
C ALA UA 61 -70.90 -8.65 0.92
N ALA UA 62 -71.86 -8.93 0.05
CA ALA UA 62 -72.34 -7.93 -0.90
C ALA UA 62 -73.22 -6.89 -0.22
N ARG UA 63 -73.86 -7.21 0.91
CA ARG UA 63 -74.70 -6.24 1.57
C ARG UA 63 -73.89 -5.23 2.40
N ILE UA 64 -72.58 -5.45 2.48
CA ILE UA 64 -71.68 -4.63 3.29
C ILE UA 64 -70.92 -3.64 2.43
N PHE UA 65 -70.34 -4.13 1.34
CA PHE UA 65 -69.62 -3.26 0.43
C PHE UA 65 -70.47 -2.96 -0.78
N GLN UA 66 -70.08 -1.91 -1.51
CA GLN UA 66 -70.92 -1.37 -2.58
C GLN UA 66 -70.56 -1.85 -3.96
N ARG UA 67 -69.29 -2.20 -4.16
CA ARG UA 67 -68.81 -2.74 -5.43
C ARG UA 67 -67.82 -3.88 -5.21
N TYR UA 68 -67.59 -4.70 -6.24
CA TYR UA 68 -66.55 -5.75 -6.20
C TYR UA 68 -65.89 -6.01 -7.54
N ALA UA 69 -64.61 -6.36 -7.49
CA ALA UA 69 -63.85 -6.80 -8.68
C ALA UA 69 -63.53 -8.29 -8.52
N VAL UA 70 -63.49 -9.00 -9.64
CA VAL UA 70 -63.22 -10.43 -9.62
C VAL UA 70 -61.75 -10.65 -9.80
N GLU UA 71 -61.17 -11.57 -9.03
CA GLU UA 71 -59.72 -11.77 -9.03
C GLU UA 71 -59.28 -13.19 -9.45
N THR UA 72 -60.11 -14.19 -9.14
CA THR UA 72 -59.99 -15.53 -9.74
C THR UA 72 -61.41 -16.07 -10.00
N LEU UA 73 -61.60 -16.74 -11.12
CA LEU UA 73 -62.85 -17.45 -11.39
C LEU UA 73 -62.53 -18.78 -11.98
N GLU UA 74 -63.11 -19.84 -11.46
CA GLU UA 74 -63.04 -21.13 -12.10
C GLU UA 74 -64.31 -21.84 -11.82
N PHE UA 75 -64.68 -22.72 -12.72
CA PHE UA 75 -65.82 -23.53 -12.49
C PHE UA 75 -65.37 -24.97 -12.54
N GLU UA 76 -65.94 -25.78 -11.67
CA GLU UA 76 -65.58 -27.17 -11.56
C GLU UA 76 -66.81 -27.99 -11.83
N ILE UA 77 -66.89 -28.55 -13.03
CA ILE UA 77 -68.04 -29.34 -13.41
C ILE UA 77 -67.92 -30.68 -12.69
N GLN UA 78 -68.96 -31.06 -11.96
CA GLN UA 78 -68.85 -32.23 -11.11
C GLN UA 78 -70.04 -33.16 -11.33
N PRO UA 79 -70.05 -33.83 -12.50
CA PRO UA 79 -71.19 -34.66 -12.86
C PRO UA 79 -71.14 -35.95 -12.11
N MET UA 80 -72.31 -36.54 -11.91
CA MET UA 80 -72.44 -37.72 -11.05
C MET UA 80 -73.31 -38.77 -11.69
N CYS UA 81 -72.67 -39.78 -12.24
CA CYS UA 81 -73.37 -40.79 -12.98
C CYS UA 81 -72.51 -42.04 -13.03
N PRO UA 82 -73.13 -43.17 -13.36
CA PRO UA 82 -72.32 -44.37 -13.46
C PRO UA 82 -71.28 -44.21 -14.56
N ALA UA 83 -70.24 -45.02 -14.51
CA ALA UA 83 -69.21 -44.97 -15.52
C ALA UA 83 -69.67 -45.60 -16.83
N ASN UA 84 -70.79 -46.30 -16.80
CA ASN UA 84 -71.48 -46.66 -18.04
C ASN UA 84 -72.48 -45.59 -18.36
N THR UA 85 -71.98 -44.46 -18.86
CA THR UA 85 -72.83 -43.45 -19.47
C THR UA 85 -72.16 -43.01 -20.77
N GLY UA 86 -72.98 -42.88 -21.80
CA GLY UA 86 -72.49 -42.59 -23.15
C GLY UA 86 -72.56 -41.11 -23.42
N GLY UA 87 -72.26 -40.33 -22.39
CA GLY UA 87 -72.56 -38.94 -22.40
C GLY UA 87 -71.59 -38.04 -23.12
N GLY UA 88 -71.54 -36.81 -22.65
CA GLY UA 88 -70.74 -35.79 -23.25
C GLY UA 88 -71.25 -34.45 -22.78
N TYR UA 89 -70.32 -33.59 -22.38
CA TYR UA 89 -70.61 -32.17 -22.22
C TYR UA 89 -69.50 -31.29 -22.77
N VAL UA 90 -69.85 -30.02 -22.97
CA VAL UA 90 -68.88 -28.93 -23.11
C VAL UA 90 -69.31 -27.81 -22.18
N ALA UA 91 -68.38 -27.34 -21.37
CA ALA UA 91 -68.65 -26.29 -20.39
C ALA UA 91 -67.72 -25.14 -20.72
N GLY UA 92 -68.22 -23.93 -20.57
CA GLY UA 92 -67.46 -22.75 -20.91
C GLY UA 92 -68.16 -21.58 -20.27
N PHE UA 93 -67.42 -20.49 -20.14
CA PHE UA 93 -67.94 -19.31 -19.45
C PHE UA 93 -67.86 -18.11 -20.38
N LEU UA 94 -69.02 -17.71 -20.92
CA LEU UA 94 -69.09 -16.54 -21.80
C LEU UA 94 -69.23 -15.27 -20.96
N PRO UA 95 -68.33 -14.27 -21.16
CA PRO UA 95 -68.24 -13.08 -20.31
C PRO UA 95 -69.29 -11.95 -20.52
N ASP UA 96 -70.36 -12.20 -21.25
CA ASP UA 96 -71.55 -11.33 -21.24
C ASP UA 96 -72.65 -11.99 -20.46
N PRO UA 97 -72.95 -11.49 -19.26
CA PRO UA 97 -74.15 -12.07 -18.64
C PRO UA 97 -75.35 -11.86 -19.56
N THR UA 98 -75.29 -10.82 -20.38
CA THR UA 98 -76.31 -10.46 -21.37
C THR UA 98 -76.53 -11.48 -22.48
N ASP UA 99 -75.47 -12.17 -22.92
CA ASP UA 99 -75.44 -12.79 -24.27
C ASP UA 99 -75.83 -14.28 -24.39
N ASN UA 100 -76.78 -14.51 -25.31
CA ASN UA 100 -77.55 -15.76 -25.43
C ASN UA 100 -77.11 -16.72 -26.56
N ASP UA 101 -75.85 -16.66 -26.97
CA ASP UA 101 -75.34 -17.53 -28.04
C ASP UA 101 -74.80 -18.83 -27.42
N HIS UA 102 -75.72 -19.70 -27.00
CA HIS UA 102 -75.38 -20.96 -26.30
C HIS UA 102 -75.21 -22.12 -27.25
N THR UA 103 -74.09 -22.12 -27.96
CA THR UA 103 -73.81 -23.14 -28.96
C THR UA 103 -72.36 -23.61 -28.85
N PHE UA 104 -72.11 -24.88 -29.18
CA PHE UA 104 -70.79 -25.49 -29.01
C PHE UA 104 -69.65 -24.62 -29.49
N ASP UA 105 -69.69 -24.22 -30.77
CA ASP UA 105 -68.56 -23.47 -31.37
C ASP UA 105 -68.35 -22.10 -30.75
N ALA UA 106 -69.43 -21.53 -30.20
CA ALA UA 106 -69.35 -20.34 -29.37
C ALA UA 106 -68.69 -20.63 -28.04
N LEU UA 107 -69.04 -21.76 -27.41
CA LEU UA 107 -68.40 -22.16 -26.16
C LEU UA 107 -66.92 -22.47 -26.33
N GLN UA 108 -66.57 -23.29 -27.33
CA GLN UA 108 -65.17 -23.67 -27.49
C GLN UA 108 -64.33 -22.48 -27.91
N ALA UA 109 -65.00 -21.40 -28.34
CA ALA UA 109 -64.30 -20.13 -28.61
C ALA UA 109 -63.76 -19.43 -27.36
N THR UA 110 -64.39 -19.66 -26.19
CA THR UA 110 -63.89 -19.14 -24.89
C THR UA 110 -62.68 -19.93 -24.37
N ARG UA 111 -62.02 -19.41 -23.33
CA ARG UA 111 -60.66 -19.83 -22.97
C ARG UA 111 -60.59 -21.03 -22.06
N GLY UA 112 -61.55 -21.15 -21.16
CA GLY UA 112 -61.52 -22.27 -20.25
C GLY UA 112 -62.12 -23.51 -20.86
N ALA UA 113 -62.77 -23.35 -22.00
CA ALA UA 113 -63.79 -24.29 -22.45
C ALA UA 113 -63.27 -25.71 -22.46
N VAL UA 114 -64.03 -26.60 -21.85
CA VAL UA 114 -63.62 -27.98 -21.73
C VAL UA 114 -64.71 -28.85 -22.29
N VAL UA 115 -64.33 -30.00 -22.86
CA VAL UA 115 -65.30 -31.06 -23.21
C VAL UA 115 -64.80 -32.38 -22.62
N ALA UA 116 -65.73 -33.22 -22.16
CA ALA UA 116 -65.41 -34.44 -21.42
C ALA UA 116 -66.62 -35.30 -21.32
N LYS UA 117 -66.44 -36.55 -20.93
CA LYS UA 117 -67.55 -37.49 -20.86
C LYS UA 117 -68.25 -37.22 -19.53
N TRP UA 118 -69.52 -37.61 -19.41
CA TRP UA 118 -70.26 -37.27 -18.19
C TRP UA 118 -69.68 -37.89 -16.90
N TRP UA 119 -68.85 -38.92 -17.03
CA TRP UA 119 -68.21 -39.52 -15.85
C TRP UA 119 -66.74 -39.05 -15.66
N GLU UA 120 -66.42 -37.84 -16.13
CA GLU UA 120 -65.11 -37.21 -15.92
C GLU UA 120 -65.38 -35.83 -15.33
N SER UA 121 -64.94 -35.56 -14.12
CA SER UA 121 -64.97 -34.18 -13.60
C SER UA 121 -64.02 -33.37 -14.42
N ARG UA 122 -64.04 -32.07 -14.22
CA ARG UA 122 -63.33 -31.19 -15.12
C ARG UA 122 -63.45 -29.73 -14.62
N THR UA 123 -62.45 -28.91 -14.94
CA THR UA 123 -62.38 -27.52 -14.45
C THR UA 123 -62.17 -26.51 -15.60
N VAL UA 124 -63.09 -25.56 -15.72
CA VAL UA 124 -62.97 -24.54 -16.76
C VAL UA 124 -62.36 -23.30 -16.12
N ARG UA 125 -61.30 -22.81 -16.76
CA ARG UA 125 -60.46 -21.71 -16.27
C ARG UA 125 -60.53 -20.55 -17.25
N PRO UA 126 -61.62 -19.77 -17.19
CA PRO UA 126 -61.91 -18.79 -18.22
C PRO UA 126 -61.20 -17.46 -18.04
N GLN UA 127 -61.13 -16.69 -19.12
CA GLN UA 127 -60.64 -15.31 -19.10
C GLN UA 127 -61.88 -14.44 -19.17
N TYR UA 128 -61.91 -13.42 -18.32
CA TYR UA 128 -63.14 -12.67 -18.01
C TYR UA 128 -62.89 -11.16 -18.13
N THR UA 129 -63.87 -10.37 -17.69
CA THR UA 129 -63.76 -8.91 -17.60
C THR UA 129 -62.60 -8.32 -16.74
N ARG UA 130 -62.25 -8.99 -15.63
CA ARG UA 130 -61.12 -8.61 -14.73
C ARG UA 130 -61.23 -7.17 -14.24
N THR UA 131 -62.48 -6.77 -14.00
CA THR UA 131 -62.88 -5.37 -13.88
C THR UA 131 -63.80 -5.17 -12.68
N LEU UA 132 -64.11 -3.90 -12.38
CA LEU UA 132 -64.86 -3.52 -11.17
C LEU UA 132 -66.36 -3.36 -11.35
N LEU UA 133 -67.11 -4.28 -10.74
CA LEU UA 133 -68.55 -4.39 -10.92
C LEU UA 133 -69.28 -3.67 -9.75
N TRP UA 134 -70.44 -4.20 -9.32
CA TRP UA 134 -71.39 -3.51 -8.45
C TRP UA 134 -72.21 -4.59 -7.75
N THR UA 135 -72.40 -4.53 -6.43
CA THR UA 135 -72.95 -5.68 -5.67
C THR UA 135 -74.48 -5.83 -5.64
N SER UA 136 -75.20 -4.81 -6.08
CA SER UA 136 -76.66 -4.93 -6.19
C SER UA 136 -77.18 -4.52 -7.57
N SER UA 137 -78.49 -4.63 -7.80
CA SER UA 137 -79.12 -4.42 -9.15
C SER UA 137 -78.60 -3.22 -9.97
N GLY UA 138 -78.46 -3.41 -11.28
CA GLY UA 138 -77.84 -2.39 -12.15
C GLY UA 138 -78.72 -1.98 -13.32
N LYS UA 139 -78.68 -0.69 -13.65
CA LYS UA 139 -79.34 -0.13 -14.84
C LYS UA 139 -78.55 -0.48 -16.11
N GLU UA 140 -77.22 -0.33 -16.03
CA GLU UA 140 -76.28 -1.01 -16.93
C GLU UA 140 -75.65 -2.15 -16.09
N GLN UA 141 -75.97 -3.39 -16.46
CA GLN UA 141 -75.56 -4.56 -15.69
C GLN UA 141 -74.42 -5.37 -16.32
N ARG UA 142 -73.57 -4.64 -17.06
CA ARG UA 142 -72.23 -5.08 -17.44
C ARG UA 142 -71.39 -5.02 -16.17
N LEU UA 143 -71.72 -4.07 -15.30
CA LEU UA 143 -71.19 -3.96 -13.93
C LEU UA 143 -72.25 -4.46 -12.87
N THR UA 144 -72.38 -5.79 -12.79
CA THR UA 144 -73.01 -6.54 -11.66
C THR UA 144 -72.93 -8.09 -11.73
N SER UA 145 -72.50 -8.63 -12.88
CA SER UA 145 -72.21 -10.05 -13.06
C SER UA 145 -71.05 -10.19 -14.05
N PRO UA 146 -70.04 -11.01 -13.72
CA PRO UA 146 -68.88 -11.12 -14.60
C PRO UA 146 -69.09 -11.99 -15.85
N GLY UA 147 -70.23 -12.71 -15.91
CA GLY UA 147 -70.60 -13.52 -17.06
C GLY UA 147 -71.60 -14.60 -16.71
N ARG UA 148 -71.58 -15.70 -17.46
CA ARG UA 148 -72.42 -16.88 -17.13
C ARG UA 148 -71.87 -18.25 -17.60
N LEU UA 149 -72.31 -19.30 -16.93
CA LEU UA 149 -71.73 -20.63 -17.05
C LEU UA 149 -72.74 -21.49 -17.74
N ILE UA 150 -72.37 -21.94 -18.94
CA ILE UA 150 -73.21 -22.80 -19.73
C ILE UA 150 -72.60 -24.17 -19.80
N LEU UA 151 -73.48 -25.15 -19.70
CA LEU UA 151 -73.09 -26.53 -19.80
C LEU UA 151 -74.03 -27.14 -20.84
N LEU UA 152 -73.45 -27.56 -21.95
CA LEU UA 152 -74.20 -28.14 -23.08
C LEU UA 152 -74.04 -29.66 -23.12
N CYS UA 153 -75.01 -30.34 -23.69
CA CYS UA 153 -74.82 -31.75 -24.02
C CYS UA 153 -73.95 -31.95 -25.29
N VAL UA 154 -73.11 -32.97 -25.25
CA VAL UA 154 -72.46 -33.49 -26.43
C VAL UA 154 -72.82 -34.96 -26.47
N GLY UA 155 -73.36 -35.41 -27.61
CA GLY UA 155 -73.95 -36.75 -27.72
C GLY UA 155 -75.08 -36.87 -26.73
N ASN UA 156 -75.62 -38.05 -26.55
CA ASN UA 156 -76.74 -38.18 -25.62
C ASN UA 156 -76.42 -39.11 -24.46
N ASN UA 157 -76.95 -38.76 -23.29
CA ASN UA 157 -76.73 -39.54 -22.06
C ASN UA 157 -77.61 -40.78 -22.02
N THR UA 158 -77.00 -41.89 -21.63
CA THR UA 158 -77.67 -43.18 -21.52
C THR UA 158 -77.96 -43.49 -20.06
N ASP UA 159 -78.15 -42.46 -19.26
CA ASP UA 159 -78.21 -42.62 -17.82
C ASP UA 159 -78.39 -41.27 -17.14
N VAL UA 160 -78.99 -41.32 -15.97
CA VAL UA 160 -79.27 -40.12 -15.19
C VAL UA 160 -77.96 -39.50 -14.84
N VAL UA 161 -77.86 -38.19 -15.02
CA VAL UA 161 -76.72 -37.45 -14.53
C VAL UA 161 -77.17 -36.42 -13.50
N ASN UA 162 -76.61 -36.50 -12.31
CA ASN UA 162 -76.78 -35.43 -11.35
C ASN UA 162 -75.56 -34.47 -11.34
N VAL UA 163 -75.45 -33.64 -12.38
CA VAL UA 163 -74.36 -32.68 -12.44
C VAL UA 163 -74.53 -31.58 -11.40
N SER UA 164 -73.40 -31.12 -10.85
CA SER UA 164 -73.35 -29.97 -9.94
C SER UA 164 -72.11 -29.16 -10.39
N VAL UA 165 -72.29 -27.91 -10.82
CA VAL UA 165 -71.13 -27.09 -11.19
C VAL UA 165 -70.83 -26.21 -9.98
N LEU UA 166 -69.55 -26.08 -9.68
CA LEU UA 166 -69.14 -25.31 -8.54
C LEU UA 166 -68.30 -24.19 -9.06
N CYS UA 167 -68.33 -23.08 -8.34
CA CYS UA 167 -67.60 -21.91 -8.76
C CYS UA 167 -66.54 -21.57 -7.72
N ARG UA 168 -65.28 -21.64 -8.11
CA ARG UA 168 -64.23 -21.22 -7.19
C ARG UA 168 -63.89 -19.79 -7.50
N TRP UA 169 -63.99 -18.95 -6.47
CA TRP UA 169 -63.91 -17.50 -6.63
C TRP UA 169 -63.05 -16.85 -5.58
N SER UA 170 -62.36 -15.81 -6.03
CA SER UA 170 -61.63 -14.92 -5.18
C SER UA 170 -61.98 -13.56 -5.72
N VAL UA 171 -62.21 -12.60 -4.83
CA VAL UA 171 -62.85 -11.33 -5.17
C VAL UA 171 -62.32 -10.22 -4.27
N ARG UA 172 -62.36 -8.98 -4.73
CA ARG UA 172 -62.04 -7.90 -3.81
C ARG UA 172 -63.15 -6.87 -3.82
N LEU UA 173 -63.57 -6.51 -2.60
CA LEU UA 173 -64.75 -5.69 -2.34
C LEU UA 173 -64.34 -4.24 -2.02
N SER UA 174 -65.14 -3.29 -2.49
CA SER UA 174 -64.64 -1.93 -2.78
C SER UA 174 -64.98 -0.87 -1.76
N VAL UA 175 -66.23 -0.45 -1.65
CA VAL UA 175 -66.50 0.68 -0.75
C VAL UA 175 -67.54 0.40 0.34
N PRO UA 176 -67.15 0.64 1.61
CA PRO UA 176 -68.05 0.30 2.70
C PRO UA 176 -69.40 0.91 2.53
N SER UA 177 -70.39 0.24 3.07
CA SER UA 177 -71.77 0.46 2.73
C SER UA 177 -72.68 -0.43 3.59
N LEU UA 178 -73.99 -0.29 3.48
CA LEU UA 178 -74.92 -1.16 4.20
C LEU UA 178 -76.23 -1.20 3.45
N GLU UA 179 -76.34 -2.10 2.48
CA GLU UA 179 -77.50 -2.11 1.59
C GLU UA 179 -78.48 -3.20 2.00
N ASN UA 180 -79.75 -2.84 2.11
CA ASN UA 180 -80.82 -3.79 2.41
C ASN UA 180 -81.10 -4.76 1.25
N THR VA 18 -48.81 18.21 -19.25
CA THR VA 18 -49.89 17.26 -19.52
C THR VA 18 -51.13 17.98 -20.09
N ASN VA 19 -52.02 17.21 -20.72
CA ASN VA 19 -53.26 17.77 -21.27
C ASN VA 19 -54.35 18.00 -20.23
N ASP VA 20 -54.22 17.37 -19.06
CA ASP VA 20 -55.21 17.45 -17.97
C ASP VA 20 -55.15 18.75 -17.17
N VAL VA 21 -56.33 19.29 -16.88
CA VAL VA 21 -56.49 20.58 -16.22
C VAL VA 21 -57.08 20.40 -14.85
N HIS VA 22 -56.35 20.84 -13.82
CA HIS VA 22 -56.77 20.70 -12.43
C HIS VA 22 -57.48 21.96 -11.90
N LEU VA 23 -58.74 21.81 -11.50
CA LEU VA 23 -59.54 22.86 -10.88
C LEU VA 23 -59.86 22.54 -9.42
N SER VA 24 -59.86 23.56 -8.57
CA SER VA 24 -60.24 23.41 -7.16
C SER VA 24 -61.14 24.54 -6.71
N GLY VA 25 -61.98 24.28 -5.74
CA GLY VA 25 -62.86 25.32 -5.20
C GLY VA 25 -63.61 24.83 -3.98
N MET VA 26 -64.55 25.64 -3.52
CA MET VA 26 -65.45 25.27 -2.44
C MET VA 26 -66.74 26.04 -2.56
N SER VA 27 -67.85 25.32 -2.58
CA SER VA 27 -69.14 25.90 -2.99
C SER VA 27 -70.24 25.49 -2.06
N ARG VA 28 -71.26 26.33 -1.93
CA ARG VA 28 -72.43 25.94 -1.16
C ARG VA 28 -73.34 25.03 -1.99
N ILE VA 29 -73.34 23.75 -1.63
CA ILE VA 29 -74.21 22.73 -2.18
C ILE VA 29 -75.68 23.00 -1.89
N SER VA 30 -75.98 23.44 -0.68
CA SER VA 30 -77.38 23.72 -0.31
C SER VA 30 -77.49 24.61 0.94
N GLN VA 31 -78.72 25.07 1.17
CA GLN VA 31 -79.03 25.84 2.34
C GLN VA 31 -80.44 25.57 2.76
N ALA VA 32 -80.61 24.93 3.91
CA ALA VA 32 -81.92 24.61 4.41
C ALA VA 32 -82.15 25.43 5.66
N VAL VA 33 -83.41 25.82 5.86
CA VAL VA 33 -83.81 26.49 7.08
C VAL VA 33 -84.78 25.55 7.76
N LEU VA 34 -84.45 25.15 8.98
CA LEU VA 34 -85.20 24.14 9.70
C LEU VA 34 -85.91 24.80 10.88
N PRO VA 35 -87.23 24.96 10.79
CA PRO VA 35 -87.89 25.82 11.77
C PRO VA 35 -87.93 25.25 13.18
N ALA VA 36 -88.48 26.05 14.08
CA ALA VA 36 -88.26 25.90 15.50
C ALA VA 36 -88.37 24.48 16.03
N GLY VA 37 -89.36 23.69 15.60
CA GLY VA 37 -89.56 22.36 16.22
C GLY VA 37 -89.73 21.19 15.29
N THR VA 38 -89.33 21.36 14.03
CA THR VA 38 -89.82 20.50 12.94
C THR VA 38 -88.90 19.32 12.57
N GLY VA 39 -87.75 19.19 13.22
CA GLY VA 39 -86.84 18.07 12.93
C GLY VA 39 -87.18 16.88 13.81
N THR VA 40 -86.94 15.66 13.32
CA THR VA 40 -87.03 14.45 14.15
C THR VA 40 -86.23 13.33 13.56
N ASP VA 41 -85.86 12.37 14.41
CA ASP VA 41 -85.01 11.25 13.99
C ASP VA 41 -85.33 10.82 12.57
N GLY VA 42 -84.38 11.01 11.66
CA GLY VA 42 -84.53 10.55 10.30
C GLY VA 42 -85.02 11.57 9.28
N TYR VA 43 -85.46 12.75 9.73
CA TYR VA 43 -85.92 13.79 8.81
C TYR VA 43 -84.79 14.25 7.86
N VAL VA 44 -85.01 14.11 6.56
CA VAL VA 44 -84.01 14.52 5.56
C VAL VA 44 -84.04 16.02 5.39
N VAL VA 45 -82.99 16.72 5.82
CA VAL VA 45 -82.92 18.18 5.65
C VAL VA 45 -82.11 18.61 4.43
N VAL VA 46 -81.20 17.76 3.97
CA VAL VA 46 -80.46 18.01 2.75
C VAL VA 46 -80.27 16.70 2.02
N ASP VA 47 -80.46 16.75 0.70
CA ASP VA 47 -80.25 15.60 -0.14
C ASP VA 47 -79.82 16.12 -1.50
N ALA VA 48 -78.52 16.25 -1.69
CA ALA VA 48 -78.00 16.94 -2.84
C ALA VA 48 -77.16 16.01 -3.68
N THR VA 49 -77.60 15.79 -4.92
CA THR VA 49 -76.85 15.00 -5.86
C THR VA 49 -75.76 15.86 -6.51
N ILE VA 50 -74.51 15.38 -6.43
CA ILE VA 50 -73.35 16.17 -6.78
C ILE VA 50 -73.13 16.16 -8.29
N VAL VA 51 -73.42 17.30 -8.89
CA VAL VA 51 -73.27 17.52 -10.34
C VAL VA 51 -72.47 18.79 -10.53
N PRO VA 52 -71.74 18.92 -11.65
CA PRO VA 52 -70.93 20.13 -11.84
C PRO VA 52 -71.77 21.41 -11.85
N ASP VA 53 -73.01 21.32 -12.28
CA ASP VA 53 -73.88 22.49 -12.26
C ASP VA 53 -74.08 23.06 -10.85
N LEU VA 54 -73.98 22.19 -9.85
CA LEU VA 54 -74.23 22.55 -8.44
C LEU VA 54 -73.08 23.34 -7.81
N LEU VA 55 -71.87 23.10 -8.30
CA LEU VA 55 -70.67 23.83 -7.89
C LEU VA 55 -70.39 24.91 -8.91
N PRO VA 56 -70.69 26.19 -8.59
CA PRO VA 56 -70.87 27.19 -9.65
C PRO VA 56 -69.63 27.42 -10.54
N ARG VA 57 -68.44 27.50 -9.94
CA ARG VA 57 -67.21 27.63 -10.70
C ARG VA 57 -66.95 26.42 -11.59
N LEU VA 58 -67.23 25.23 -11.07
CA LEU VA 58 -67.08 24.02 -11.88
C LEU VA 58 -68.16 23.97 -12.95
N GLY VA 59 -69.34 24.51 -12.64
CA GLY VA 59 -70.45 24.59 -13.58
C GLY VA 59 -70.08 25.27 -14.89
N HIS VA 60 -69.19 26.27 -14.81
CA HIS VA 60 -68.69 26.98 -15.99
C HIS VA 60 -67.65 26.18 -16.76
N ALA VA 61 -66.70 25.61 -16.03
CA ALA VA 61 -65.66 24.76 -16.64
C ALA VA 61 -66.21 23.44 -17.17
N ALA VA 62 -67.41 23.06 -16.75
CA ALA VA 62 -68.13 21.90 -17.27
C ALA VA 62 -68.49 22.06 -18.74
N ARG VA 63 -68.64 23.30 -19.20
CA ARG VA 63 -69.01 23.60 -20.59
C ARG VA 63 -67.82 23.73 -21.53
N ILE VA 64 -66.61 23.60 -21.00
CA ILE VA 64 -65.40 23.72 -21.78
C ILE VA 64 -64.78 22.37 -22.06
N PHE VA 65 -64.85 21.47 -21.08
CA PHE VA 65 -64.40 20.11 -21.23
C PHE VA 65 -65.60 19.19 -21.21
N GLN VA 66 -65.35 17.90 -21.38
CA GLN VA 66 -66.43 16.97 -21.53
C GLN VA 66 -66.45 15.85 -20.52
N ARG VA 67 -65.28 15.42 -20.08
CA ARG VA 67 -65.22 14.50 -18.96
C ARG VA 67 -64.42 15.11 -17.81
N TYR VA 68 -64.96 14.98 -16.59
CA TYR VA 68 -64.31 15.44 -15.36
C TYR VA 68 -64.12 14.28 -14.43
N ALA VA 69 -62.99 14.26 -13.73
CA ALA VA 69 -62.71 13.20 -12.73
C ALA VA 69 -62.39 13.81 -11.36
N VAL VA 70 -63.00 13.25 -10.32
CA VAL VA 70 -62.96 13.85 -8.99
C VAL VA 70 -61.76 13.37 -8.18
N GLU VA 71 -60.92 14.32 -7.77
CA GLU VA 71 -59.65 14.02 -7.16
C GLU VA 71 -59.69 14.17 -5.64
N THR VA 72 -60.39 15.20 -5.14
CA THR VA 72 -60.68 15.29 -3.70
C THR VA 72 -62.09 15.84 -3.45
N LEU VA 73 -62.80 15.25 -2.48
CA LEU VA 73 -64.13 15.70 -2.08
C LEU VA 73 -64.24 15.76 -0.57
N GLU VA 74 -64.76 16.87 -0.06
CA GLU VA 74 -65.13 16.96 1.35
C GLU VA 74 -66.37 17.83 1.44
N PHE VA 75 -67.14 17.62 2.50
CA PHE VA 75 -68.29 18.43 2.75
C PHE VA 75 -68.21 19.00 4.15
N GLU VA 76 -68.37 20.31 4.24
CA GLU VA 76 -68.32 21.00 5.50
C GLU VA 76 -69.74 21.35 5.88
N ILE VA 77 -70.23 20.75 6.96
CA ILE VA 77 -71.58 21.03 7.45
C ILE VA 77 -71.51 22.25 8.37
N GLN VA 78 -72.26 23.29 8.02
CA GLN VA 78 -72.13 24.54 8.72
C GLN VA 78 -73.47 25.04 9.20
N PRO VA 79 -73.97 24.45 10.29
CA PRO VA 79 -75.28 24.77 10.83
C PRO VA 79 -75.17 25.98 11.71
N MET VA 80 -76.19 26.82 11.66
CA MET VA 80 -76.15 28.09 12.31
C MET VA 80 -77.37 28.30 13.17
N CYS VA 81 -77.13 28.20 14.47
CA CYS VA 81 -78.18 28.22 15.44
C CYS VA 81 -77.58 28.60 16.79
N PRO VA 82 -78.42 28.87 17.78
CA PRO VA 82 -77.85 29.22 19.06
C PRO VA 82 -77.31 27.99 19.76
N ALA VA 83 -76.35 28.21 20.67
CA ALA VA 83 -75.73 27.14 21.43
C ALA VA 83 -76.70 26.38 22.35
N ASN VA 84 -77.90 26.94 22.53
CA ASN VA 84 -78.94 26.31 23.31
C ASN VA 84 -79.92 25.50 22.48
N THR VA 85 -79.44 24.88 21.40
CA THR VA 85 -80.31 24.07 20.56
C THR VA 85 -80.12 22.59 20.89
N GLY VA 86 -81.23 21.90 21.11
CA GLY VA 86 -81.23 20.47 21.40
C GLY VA 86 -81.17 19.75 20.08
N GLY VA 87 -80.04 19.89 19.41
CA GLY VA 87 -79.97 19.56 18.02
C GLY VA 87 -79.51 18.16 17.81
N GLY VA 88 -78.87 17.95 16.67
CA GLY VA 88 -78.39 16.65 16.27
C GLY VA 88 -78.53 16.42 14.79
N TYR VA 89 -77.44 16.06 14.13
CA TYR VA 89 -77.50 15.62 12.76
C TYR VA 89 -76.50 14.52 12.48
N VAL VA 90 -76.80 13.74 11.44
CA VAL VA 90 -75.82 12.83 10.87
C VAL VA 90 -75.72 13.21 9.41
N ALA VA 91 -74.49 13.36 8.94
CA ALA VA 91 -74.23 13.74 7.56
C ALA VA 91 -73.35 12.69 6.94
N GLY VA 92 -73.64 12.31 5.71
CA GLY VA 92 -72.87 11.27 5.05
C GLY VA 92 -72.98 11.39 3.56
N PHE VA 93 -71.92 10.95 2.87
CA PHE VA 93 -71.89 10.98 1.41
C PHE VA 93 -71.92 9.57 0.87
N LEU VA 94 -73.06 9.16 0.31
CA LEU VA 94 -73.12 7.85 -0.38
C LEU VA 94 -72.77 7.95 -1.87
N PRO VA 95 -71.81 7.09 -2.32
CA PRO VA 95 -71.21 7.20 -3.66
C PRO VA 95 -72.08 6.86 -4.86
N ASP VA 96 -73.36 6.52 -4.68
CA ASP VA 96 -74.22 6.36 -5.87
C ASP VA 96 -75.18 7.49 -5.93
N PRO VA 97 -75.19 8.22 -7.05
CA PRO VA 97 -76.30 9.16 -7.20
C PRO VA 97 -77.64 8.41 -7.28
N THR VA 98 -77.55 7.12 -7.60
CA THR VA 98 -78.70 6.26 -7.83
C THR VA 98 -79.66 6.15 -6.63
N ASP VA 99 -79.19 5.61 -5.50
CA ASP VA 99 -80.11 5.04 -4.51
C ASP VA 99 -80.60 5.97 -3.38
N ASN VA 100 -81.85 5.74 -3.00
CA ASN VA 100 -82.60 6.55 -2.03
C ASN VA 100 -82.58 5.99 -0.61
N ASP VA 101 -81.57 5.20 -0.25
CA ASP VA 101 -81.49 4.63 1.10
C ASP VA 101 -81.02 5.69 2.11
N HIS VA 102 -81.96 6.52 2.60
CA HIS VA 102 -81.65 7.67 3.47
C HIS VA 102 -82.01 7.42 4.94
N THR VA 103 -81.36 6.42 5.51
CA THR VA 103 -81.54 6.06 6.92
C THR VA 103 -80.23 6.31 7.65
N PHE VA 104 -80.32 6.52 8.96
CA PHE VA 104 -79.11 6.80 9.77
C PHE VA 104 -78.04 5.73 9.60
N ASP VA 105 -78.42 4.47 9.74
CA ASP VA 105 -77.45 3.38 9.69
C ASP VA 105 -76.74 3.29 8.34
N ALA VA 106 -77.47 3.59 7.27
CA ALA VA 106 -76.91 3.59 5.93
C ALA VA 106 -75.93 4.73 5.71
N LEU VA 107 -76.21 5.89 6.28
CA LEU VA 107 -75.26 7.00 6.27
C LEU VA 107 -74.01 6.68 7.07
N GLN VA 108 -74.19 6.22 8.31
CA GLN VA 108 -73.06 5.89 9.20
C GLN VA 108 -72.18 4.76 8.68
N ALA VA 109 -72.70 3.97 7.76
CA ALA VA 109 -71.91 2.95 7.08
C ALA VA 109 -70.86 3.53 6.11
N THR VA 110 -71.08 4.75 5.61
CA THR VA 110 -70.13 5.40 4.70
C THR VA 110 -68.92 5.91 5.49
N ARG VA 111 -67.89 6.40 4.79
CA ARG VA 111 -66.59 6.67 5.43
C ARG VA 111 -66.54 8.03 6.05
N GLY VA 112 -67.02 9.02 5.32
CA GLY VA 112 -67.00 10.38 5.85
C GLY VA 112 -67.80 10.53 7.12
N ALA VA 113 -68.85 9.72 7.25
CA ALA VA 113 -69.98 9.95 8.14
C ALA VA 113 -69.64 10.60 9.48
N VAL VA 114 -70.34 11.71 9.77
CA VAL VA 114 -70.18 12.45 11.00
C VAL VA 114 -71.51 12.69 11.69
N VAL VA 115 -71.51 12.72 13.01
CA VAL VA 115 -72.70 13.11 13.78
C VAL VA 115 -72.29 14.15 14.80
N ALA VA 116 -73.20 15.07 15.10
CA ALA VA 116 -72.90 16.18 15.96
C ALA VA 116 -74.17 16.91 16.35
N LYS VA 117 -74.09 17.71 17.39
CA LYS VA 117 -75.20 18.57 17.81
C LYS VA 117 -75.26 19.73 16.82
N TRP VA 118 -76.44 20.32 16.65
CA TRP VA 118 -76.60 21.34 15.61
C TRP VA 118 -75.77 22.60 15.78
N TRP VA 119 -75.22 22.80 16.98
CA TRP VA 119 -74.34 23.94 17.20
C TRP VA 119 -72.86 23.58 17.07
N GLU VA 120 -72.57 22.55 16.26
CA GLU VA 120 -71.22 22.07 16.06
C GLU VA 120 -70.99 21.94 14.55
N SER VA 121 -69.98 22.63 14.03
CA SER VA 121 -69.54 22.46 12.64
C SER VA 121 -68.88 21.13 12.52
N ARG VA 122 -68.80 20.63 11.31
CA ARG VA 122 -68.28 19.29 11.11
C ARG VA 122 -67.95 19.05 9.65
N THR VA 123 -66.99 18.16 9.40
CA THR VA 123 -66.53 17.90 8.04
C THR VA 123 -66.56 16.42 7.71
N VAL VA 124 -67.27 16.07 6.63
CA VAL VA 124 -67.30 14.69 6.16
C VAL VA 124 -66.24 14.55 5.08
N ARG VA 125 -65.38 13.55 5.28
CA ARG VA 125 -64.30 13.25 4.37
C ARG VA 125 -64.55 11.89 3.78
N PRO VA 126 -65.35 11.81 2.70
CA PRO VA 126 -65.78 10.50 2.23
C PRO VA 126 -64.76 9.82 1.34
N GLN VA 127 -65.04 8.58 1.01
CA GLN VA 127 -64.35 7.86 -0.03
C GLN VA 127 -65.41 7.60 -1.09
N TYR VA 128 -64.98 7.72 -2.35
CA TYR VA 128 -65.90 7.88 -3.48
C TYR VA 128 -65.41 7.03 -4.63
N THR VA 129 -66.07 7.18 -5.78
CA THR VA 129 -65.70 6.50 -7.02
C THR VA 129 -64.20 6.63 -7.41
N ARG VA 130 -63.65 7.85 -7.34
CA ARG VA 130 -62.24 8.14 -7.68
C ARG VA 130 -61.93 7.90 -9.16
N THR VA 131 -62.98 7.93 -9.99
CA THR VA 131 -62.94 7.46 -11.38
C THR VA 131 -63.29 8.57 -12.36
N LEU VA 132 -63.12 8.29 -13.65
CA LEU VA 132 -63.51 9.22 -14.71
C LEU VA 132 -65.03 9.28 -14.82
N LEU VA 133 -65.52 10.48 -15.05
CA LEU VA 133 -66.94 10.74 -15.11
C LEU VA 133 -67.26 11.49 -16.40
N TRP VA 134 -68.39 12.19 -16.42
CA TRP VA 134 -68.94 12.86 -17.61
C TRP VA 134 -69.59 14.18 -17.23
N THR VA 135 -69.22 15.25 -17.90
CA THR VA 135 -69.68 16.60 -17.51
C THR VA 135 -71.11 16.92 -17.91
N SER VA 136 -71.74 16.00 -18.65
CA SER VA 136 -73.16 16.13 -19.03
C SER VA 136 -73.93 14.80 -19.01
N SER VA 137 -75.26 14.90 -18.88
CA SER VA 137 -76.15 13.74 -18.60
C SER VA 137 -75.95 12.53 -19.51
N GLY VA 138 -76.21 11.34 -18.95
CA GLY VA 138 -76.04 10.10 -19.67
C GLY VA 138 -77.25 9.19 -19.51
N LYS VA 139 -77.32 8.15 -20.33
CA LYS VA 139 -78.36 7.13 -20.21
C LYS VA 139 -78.10 6.31 -18.92
N GLU VA 140 -76.81 6.04 -18.65
CA GLU VA 140 -76.37 5.45 -17.39
C GLU VA 140 -75.70 6.56 -16.56
N GLN VA 141 -76.32 6.93 -15.45
CA GLN VA 141 -75.84 8.06 -14.64
C GLN VA 141 -74.79 7.71 -13.58
N ARG VA 142 -74.23 6.50 -13.66
CA ARG VA 142 -73.10 6.10 -12.82
C ARG VA 142 -71.86 6.89 -13.18
N LEU VA 143 -71.84 7.50 -14.37
CA LEU VA 143 -70.68 8.27 -14.85
C LEU VA 143 -70.92 9.80 -14.97
N THR VA 144 -72.05 10.32 -14.49
CA THR VA 144 -72.29 11.78 -14.52
C THR VA 144 -72.24 12.52 -13.14
N SER VA 145 -72.26 11.77 -12.03
CA SER VA 145 -72.16 12.30 -10.66
C SER VA 145 -71.46 11.29 -9.72
N PRO VA 146 -70.59 11.79 -8.82
CA PRO VA 146 -69.76 10.87 -8.04
C PRO VA 146 -70.46 10.36 -6.79
N GLY VA 147 -71.67 10.86 -6.53
CA GLY VA 147 -72.46 10.47 -5.37
C GLY VA 147 -73.40 11.60 -4.95
N ARG VA 148 -73.88 11.52 -3.71
CA ARG VA 148 -74.77 12.54 -3.18
C ARG VA 148 -74.64 12.68 -1.68
N LEU VA 149 -74.83 13.90 -1.20
CA LEU VA 149 -74.60 14.28 0.19
C LEU VA 149 -75.92 14.37 0.92
N ILE VA 150 -76.06 13.59 1.98
CA ILE VA 150 -77.31 13.52 2.73
C ILE VA 150 -77.08 14.06 4.13
N LEU VA 151 -78.08 14.78 4.64
CA LEU VA 151 -78.02 15.32 5.96
C LEU VA 151 -79.32 14.98 6.64
N LEU VA 152 -79.23 14.26 7.76
CA LEU VA 152 -80.39 13.77 8.52
C LEU VA 152 -80.47 14.36 9.93
N CYS VA 153 -81.68 14.56 10.41
CA CYS VA 153 -81.87 14.99 11.78
C CYS VA 153 -81.58 13.85 12.71
N VAL VA 154 -81.04 14.18 13.87
CA VAL VA 154 -80.95 13.26 15.00
C VAL VA 154 -81.63 14.02 16.11
N GLY VA 155 -82.49 13.32 16.85
CA GLY VA 155 -83.34 13.97 17.83
C GLY VA 155 -84.12 15.09 17.16
N ASN VA 156 -84.58 16.05 17.94
CA ASN VA 156 -85.40 17.12 17.39
C ASN VA 156 -84.98 18.47 17.91
N ASN VA 157 -84.83 19.41 16.99
CA ASN VA 157 -84.30 20.74 17.30
C ASN VA 157 -85.23 21.61 18.15
N THR VA 158 -84.65 22.24 19.17
CA THR VA 158 -85.32 23.17 20.04
C THR VA 158 -85.49 24.52 19.39
N ASP VA 159 -84.68 24.80 18.39
CA ASP VA 159 -84.57 26.15 17.89
C ASP VA 159 -84.38 26.15 16.38
N VAL VA 160 -84.41 27.33 15.79
CA VAL VA 160 -84.31 27.44 14.35
C VAL VA 160 -82.85 27.26 13.90
N VAL VA 161 -82.67 26.42 12.88
CA VAL VA 161 -81.35 26.12 12.34
C VAL VA 161 -81.26 26.53 10.86
N ASN VA 162 -80.22 27.26 10.51
CA ASN VA 162 -80.00 27.66 9.15
C ASN VA 162 -78.75 26.93 8.67
N VAL VA 163 -78.92 25.66 8.33
CA VAL VA 163 -77.80 24.87 7.87
C VAL VA 163 -77.43 25.16 6.43
N SER VA 164 -76.14 25.33 6.19
CA SER VA 164 -75.59 25.45 4.83
C SER VA 164 -74.49 24.41 4.71
N VAL VA 165 -74.59 23.49 3.75
CA VAL VA 165 -73.48 22.54 3.53
C VAL VA 165 -72.61 23.03 2.37
N LEU VA 166 -71.32 22.88 2.53
CA LEU VA 166 -70.36 23.37 1.57
C LEU VA 166 -69.56 22.20 1.10
N CYS VA 167 -69.33 22.14 -0.20
CA CYS VA 167 -68.53 21.08 -0.79
C CYS VA 167 -67.21 21.68 -1.17
N ARG VA 168 -66.13 21.15 -0.63
CA ARG VA 168 -64.82 21.51 -1.15
C ARG VA 168 -64.39 20.39 -2.07
N TRP VA 169 -63.90 20.79 -3.24
CA TRP VA 169 -63.68 19.89 -4.36
C TRP VA 169 -62.42 20.21 -5.13
N SER VA 170 -61.79 19.15 -5.60
CA SER VA 170 -60.63 19.22 -6.44
C SER VA 170 -60.85 18.21 -7.58
N VAL VA 171 -60.80 18.72 -8.81
CA VAL VA 171 -61.25 17.98 -9.97
C VAL VA 171 -60.22 18.08 -11.08
N ARG VA 172 -59.98 17.00 -11.82
CA ARG VA 172 -59.19 17.10 -13.06
C ARG VA 172 -60.04 16.91 -14.34
N LEU VA 173 -59.99 17.90 -15.21
CA LEU VA 173 -60.87 17.98 -16.38
C LEU VA 173 -60.18 17.53 -17.67
N SER VA 174 -60.97 16.97 -18.59
CA SER VA 174 -60.43 16.28 -19.78
C SER VA 174 -61.31 16.45 -21.01
N VAL VA 175 -60.76 16.01 -22.15
CA VAL VA 175 -61.22 16.31 -23.52
C VAL VA 175 -61.98 17.64 -23.74
N PRO VA 176 -61.27 18.62 -24.35
CA PRO VA 176 -61.84 19.90 -24.76
C PRO VA 176 -63.08 19.78 -25.60
N SER VA 177 -63.93 20.80 -25.53
CA SER VA 177 -65.30 20.69 -25.98
C SER VA 177 -65.96 22.05 -25.84
N LEU VA 178 -67.24 22.16 -26.18
CA LEU VA 178 -67.99 23.39 -25.98
C LEU VA 178 -69.51 23.18 -26.06
N GLU VA 179 -70.18 23.06 -24.91
CA GLU VA 179 -71.63 22.79 -24.90
C GLU VA 179 -72.44 24.05 -24.64
N ASN VA 180 -73.20 24.45 -25.67
CA ASN VA 180 -74.03 25.66 -25.67
C ASN VA 180 -75.52 25.35 -25.64
N THR WA 18 -36.22 -5.96 37.69
CA THR WA 18 -36.30 -5.04 38.86
C THR WA 18 -37.41 -5.49 39.85
N ASN WA 19 -37.22 -5.18 41.13
CA ASN WA 19 -38.19 -5.55 42.17
C ASN WA 19 -39.48 -4.72 42.13
N ASP WA 20 -39.33 -3.43 41.77
CA ASP WA 20 -40.42 -2.43 41.78
C ASP WA 20 -41.56 -2.68 40.82
N VAL WA 21 -42.77 -2.54 41.34
CA VAL WA 21 -43.97 -2.60 40.55
C VAL WA 21 -44.42 -1.21 40.13
N HIS WA 22 -44.57 -0.98 38.83
CA HIS WA 22 -45.19 0.24 38.32
C HIS WA 22 -46.70 0.02 38.05
N LEU WA 23 -47.55 0.91 38.55
CA LEU WA 23 -49.01 0.76 38.50
C LEU WA 23 -49.60 2.07 38.02
N SER WA 24 -50.70 2.04 37.26
CA SER WA 24 -51.29 3.30 36.72
C SER WA 24 -52.80 3.40 36.74
N GLY WA 25 -53.28 4.62 36.75
CA GLY WA 25 -54.70 4.80 36.76
C GLY WA 25 -55.10 6.25 36.87
N MET WA 26 -56.41 6.41 37.00
CA MET WA 26 -57.04 7.71 37.14
C MET WA 26 -58.29 7.55 37.99
N SER WA 27 -58.39 8.33 39.07
CA SER WA 27 -59.48 8.15 40.00
C SER WA 27 -60.19 9.47 40.29
N ARG WA 28 -61.47 9.38 40.67
CA ARG WA 28 -62.17 10.53 41.24
C ARG WA 28 -61.77 10.78 42.71
N ILE WA 29 -60.87 11.72 42.88
CA ILE WA 29 -60.47 12.27 44.17
C ILE WA 29 -61.65 12.81 44.96
N SER WA 30 -62.53 13.54 44.33
CA SER WA 30 -63.60 14.17 45.07
C SER WA 30 -64.72 14.63 44.15
N GLN WA 31 -65.89 14.83 44.73
CA GLN WA 31 -67.02 15.30 43.99
C GLN WA 31 -67.76 16.22 44.90
N ALA WA 32 -67.98 17.45 44.47
CA ALA WA 32 -68.64 18.44 45.27
C ALA WA 32 -69.72 19.10 44.48
N VAL WA 33 -70.75 19.53 45.20
CA VAL WA 33 -71.90 20.19 44.59
C VAL WA 33 -72.02 21.58 45.18
N LEU WA 34 -71.63 22.55 44.38
CA LEU WA 34 -71.57 23.93 44.77
C LEU WA 34 -72.93 24.58 44.49
N PRO WA 35 -73.70 24.85 45.56
CA PRO WA 35 -75.02 25.36 45.24
C PRO WA 35 -74.98 26.66 44.48
N ALA WA 36 -76.15 27.05 44.00
CA ALA WA 36 -76.28 28.02 42.93
C ALA WA 36 -75.81 29.44 43.20
N GLY WA 37 -75.37 29.82 44.41
CA GLY WA 37 -74.82 31.19 44.58
C GLY WA 37 -73.65 31.40 45.54
N THR WA 38 -73.16 30.28 46.07
CA THR WA 38 -72.42 30.26 47.32
C THR WA 38 -70.96 30.66 47.11
N GLY WA 39 -70.45 30.47 45.90
CA GLY WA 39 -69.07 30.85 45.59
C GLY WA 39 -68.72 32.31 45.88
N THR WA 40 -67.47 32.52 46.31
CA THR WA 40 -66.84 33.83 46.36
C THR WA 40 -65.36 33.60 46.28
N ASP WA 41 -64.65 34.65 45.92
CA ASP WA 41 -63.21 34.61 45.88
C ASP WA 41 -62.66 33.97 47.14
N GLY WA 42 -61.95 32.84 46.98
CA GLY WA 42 -61.30 32.13 48.10
C GLY WA 42 -62.12 31.05 48.82
N TYR WA 43 -63.28 30.71 48.29
CA TYR WA 43 -64.08 29.63 48.84
C TYR WA 43 -63.45 28.31 48.44
N VAL WA 44 -63.20 27.45 49.42
CA VAL WA 44 -62.60 26.15 49.16
C VAL WA 44 -63.65 25.12 48.81
N VAL WA 45 -63.72 24.71 47.56
CA VAL WA 45 -64.75 23.74 47.19
C VAL WA 45 -64.19 22.31 47.24
N VAL WA 46 -62.88 22.18 47.03
CA VAL WA 46 -62.19 20.92 47.26
C VAL WA 46 -60.88 21.16 47.96
N ASP WA 47 -60.58 20.27 48.89
CA ASP WA 47 -59.29 20.26 49.58
C ASP WA 47 -59.00 18.80 49.92
N ALA WA 48 -58.24 18.15 49.04
CA ALA WA 48 -58.09 16.71 49.04
C ALA WA 48 -56.66 16.30 49.21
N THR WA 49 -56.31 15.85 50.39
CA THR WA 49 -54.99 15.30 50.66
C THR WA 49 -54.81 13.89 50.06
N ILE WA 50 -53.75 13.75 49.26
CA ILE WA 50 -53.57 12.59 48.37
C ILE WA 50 -52.85 11.40 48.99
N VAL WA 51 -53.60 10.35 49.27
CA VAL WA 51 -53.04 9.13 49.84
C VAL WA 51 -53.58 7.93 49.06
N PRO WA 52 -52.88 6.77 49.12
CA PRO WA 52 -53.31 5.59 48.36
C PRO WA 52 -54.79 5.18 48.55
N ASP WA 53 -55.35 5.44 49.73
CA ASP WA 53 -56.74 5.07 50.00
C ASP WA 53 -57.69 5.88 49.14
N LEU WA 54 -57.26 7.06 48.71
CA LEU WA 54 -58.13 7.96 47.98
C LEU WA 54 -58.29 7.55 46.52
N LEU WA 55 -57.29 6.86 46.00
CA LEU WA 55 -57.25 6.40 44.62
C LEU WA 55 -57.53 4.90 44.59
N PRO WA 56 -58.82 4.51 44.56
CA PRO WA 56 -59.30 3.14 44.82
C PRO WA 56 -58.47 1.94 44.33
N ARG WA 57 -57.95 1.96 43.11
CA ARG WA 57 -57.06 0.87 42.70
C ARG WA 57 -55.79 0.87 43.56
N LEU WA 58 -55.03 1.96 43.54
CA LEU WA 58 -53.86 2.07 44.41
C LEU WA 58 -54.17 1.68 45.85
N GLY WA 59 -55.30 2.18 46.37
CA GLY WA 59 -55.88 1.67 47.62
C GLY WA 59 -55.55 0.21 47.88
N HIS WA 60 -55.74 -0.64 46.89
CA HIS WA 60 -55.54 -2.08 47.05
C HIS WA 60 -54.07 -2.46 46.97
N ALA WA 61 -53.34 -1.91 46.02
CA ALA WA 61 -51.89 -2.16 45.90
C ALA WA 61 -51.09 -1.62 47.07
N ALA WA 62 -51.68 -0.67 47.79
CA ALA WA 62 -51.06 -0.11 48.94
C ALA WA 62 -51.15 -1.08 50.13
N ARG WA 63 -52.20 -1.90 50.16
CA ARG WA 63 -52.30 -2.93 51.18
C ARG WA 63 -51.28 -4.07 50.98
N ILE WA 64 -50.73 -4.17 49.78
CA ILE WA 64 -49.83 -5.23 49.41
C ILE WA 64 -48.37 -4.81 49.62
N PHE WA 65 -48.07 -3.53 49.45
CA PHE WA 65 -46.69 -3.05 49.56
C PHE WA 65 -46.56 -2.01 50.67
N GLN WA 66 -45.32 -1.77 51.09
CA GLN WA 66 -45.01 -0.94 52.25
C GLN WA 66 -44.64 0.45 51.86
N ARG WA 67 -44.12 0.62 50.65
CA ARG WA 67 -43.72 1.93 50.15
C ARG WA 67 -44.16 2.13 48.72
N TYR WA 68 -44.27 3.40 48.36
CA TYR WA 68 -44.66 3.81 47.02
C TYR WA 68 -44.04 5.16 46.71
N ALA WA 69 -43.66 5.34 45.44
CA ALA WA 69 -43.13 6.62 44.95
C ALA WA 69 -43.95 7.07 43.74
N VAL WA 70 -44.29 8.34 43.69
CA VAL WA 70 -45.18 8.86 42.68
C VAL WA 70 -44.35 9.21 41.46
N GLU WA 71 -44.65 8.58 40.33
CA GLU WA 71 -43.89 8.84 39.10
C GLU WA 71 -44.54 9.92 38.25
N THR WA 72 -45.86 9.84 38.04
CA THR WA 72 -46.64 10.95 37.43
C THR WA 72 -47.87 11.35 38.27
N LEU WA 73 -48.16 12.65 38.30
CA LEU WA 73 -49.38 13.18 38.88
C LEU WA 73 -49.90 14.27 37.97
N GLU WA 74 -51.19 14.19 37.68
CA GLU WA 74 -51.93 15.24 37.02
C GLU WA 74 -53.36 15.17 37.55
N PHE WA 75 -54.00 16.34 37.57
CA PHE WA 75 -55.32 16.51 38.16
C PHE WA 75 -56.26 17.14 37.14
N GLU WA 76 -57.34 16.42 36.82
CA GLU WA 76 -58.28 16.86 35.80
C GLU WA 76 -59.55 17.44 36.43
N ILE WA 77 -59.65 18.76 36.44
CA ILE WA 77 -60.81 19.44 36.98
C ILE WA 77 -61.95 19.32 35.97
N GLN WA 78 -63.00 18.60 36.34
CA GLN WA 78 -64.14 18.41 35.44
C GLN WA 78 -65.49 18.90 36.04
N PRO WA 79 -65.73 20.23 35.99
CA PRO WA 79 -66.95 20.83 36.52
C PRO WA 79 -68.08 20.70 35.54
N MET WA 80 -69.28 20.51 36.06
CA MET WA 80 -70.40 20.15 35.23
C MET WA 80 -71.54 21.08 35.54
N CYS WA 81 -71.90 21.87 34.54
CA CYS WA 81 -72.78 22.99 34.75
C CYS WA 81 -73.12 23.61 33.38
N PRO WA 82 -74.08 24.55 33.35
CA PRO WA 82 -74.44 25.12 32.07
C PRO WA 82 -73.41 26.10 31.62
N ALA WA 83 -73.45 26.42 30.34
CA ALA WA 83 -72.50 27.33 29.74
C ALA WA 83 -72.84 28.76 30.10
N ASN WA 84 -74.04 28.97 30.62
CA ASN WA 84 -74.42 30.26 31.17
C ASN WA 84 -74.06 30.39 32.64
N THR WA 85 -72.87 29.90 33.02
CA THR WA 85 -72.44 30.01 34.40
C THR WA 85 -71.34 31.07 34.43
N GLY WA 86 -71.57 32.15 35.20
CA GLY WA 86 -70.55 33.21 35.43
C GLY WA 86 -69.55 32.80 36.51
N GLY WA 87 -68.90 31.70 36.27
CA GLY WA 87 -68.20 31.01 37.30
C GLY WA 87 -66.77 31.42 37.35
N GLY WA 88 -65.91 30.44 37.67
CA GLY WA 88 -64.51 30.69 37.90
C GLY WA 88 -63.91 29.88 39.02
N TYR WA 89 -62.90 29.10 38.71
CA TYR WA 89 -62.11 28.41 39.71
C TYR WA 89 -60.61 28.59 39.47
N VAL WA 90 -59.83 28.26 40.49
CA VAL WA 90 -58.41 28.07 40.34
C VAL WA 90 -58.06 26.78 41.06
N ALA WA 91 -57.37 25.89 40.37
CA ALA WA 91 -57.05 24.59 40.90
C ALA WA 91 -55.53 24.52 40.98
N GLY WA 92 -55.01 23.80 41.97
CA GLY WA 92 -53.56 23.71 42.13
C GLY WA 92 -53.19 22.68 43.16
N PHE WA 93 -52.11 21.93 42.90
CA PHE WA 93 -51.65 20.89 43.80
C PHE WA 93 -50.45 21.39 44.55
N LEU WA 94 -50.58 21.52 45.88
CA LEU WA 94 -49.43 21.95 46.71
C LEU WA 94 -48.86 20.78 47.44
N PRO WA 95 -47.52 20.62 47.39
CA PRO WA 95 -46.87 19.42 47.90
C PRO WA 95 -46.30 19.41 49.32
N ASP WA 96 -46.96 19.99 50.33
CA ASP WA 96 -46.83 19.43 51.70
C ASP WA 96 -48.23 19.06 51.97
N PRO WA 97 -48.46 17.82 52.33
CA PRO WA 97 -49.78 17.61 52.88
C PRO WA 97 -50.02 18.53 54.09
N THR WA 98 -48.96 18.95 54.77
CA THR WA 98 -49.08 19.81 55.93
C THR WA 98 -49.65 21.20 55.69
N ASP WA 99 -49.56 21.75 54.47
CA ASP WA 99 -49.81 23.20 54.26
C ASP WA 99 -51.27 23.60 54.01
N ASN WA 100 -51.76 24.45 54.93
CA ASN WA 100 -53.11 24.97 54.93
C ASN WA 100 -53.29 26.33 54.23
N ASP WA 101 -52.25 26.83 53.55
CA ASP WA 101 -52.38 28.09 52.82
C ASP WA 101 -53.36 27.86 51.66
N HIS WA 102 -54.63 28.23 51.84
CA HIS WA 102 -55.65 28.00 50.79
C HIS WA 102 -56.15 29.30 50.21
N THR WA 103 -55.24 29.97 49.53
CA THR WA 103 -55.52 31.26 48.95
C THR WA 103 -55.04 31.29 47.49
N PHE WA 104 -55.73 32.08 46.66
CA PHE WA 104 -55.40 32.16 45.23
C PHE WA 104 -53.90 32.31 44.93
N ASP WA 105 -53.25 33.25 45.61
CA ASP WA 105 -51.84 33.52 45.32
C ASP WA 105 -51.05 32.28 45.60
N ALA WA 106 -51.33 31.64 46.74
CA ALA WA 106 -50.64 30.41 47.13
C ALA WA 106 -50.79 29.22 46.17
N LEU WA 107 -51.90 29.14 45.47
CA LEU WA 107 -52.11 28.09 44.49
C LEU WA 107 -51.44 28.45 43.21
N GLN WA 108 -51.62 29.69 42.73
CA GLN WA 108 -51.03 30.08 41.43
C GLN WA 108 -49.51 30.12 41.49
N ALA WA 109 -48.96 29.98 42.69
CA ALA WA 109 -47.52 29.89 42.87
C ALA WA 109 -46.96 28.50 42.58
N THR WA 110 -47.80 27.47 42.76
CA THR WA 110 -47.46 26.09 42.37
C THR WA 110 -47.41 25.96 40.85
N ARG WA 111 -46.95 24.82 40.34
CA ARG WA 111 -46.59 24.71 38.92
C ARG WA 111 -47.77 24.39 38.04
N GLY WA 112 -48.54 23.40 38.45
CA GLY WA 112 -49.60 22.92 37.58
C GLY WA 112 -50.75 23.90 37.41
N ALA WA 113 -50.84 24.85 38.35
CA ALA WA 113 -52.01 25.69 38.60
C ALA WA 113 -52.66 26.32 37.39
N VAL WA 114 -53.98 26.21 37.38
CA VAL WA 114 -54.79 26.68 36.29
C VAL WA 114 -55.97 27.45 36.83
N VAL WA 115 -56.46 28.41 36.04
CA VAL WA 115 -57.67 29.16 36.39
C VAL WA 115 -58.58 29.26 35.17
N ALA WA 116 -59.87 29.14 35.38
CA ALA WA 116 -60.77 28.91 34.24
C ALA WA 116 -62.23 29.06 34.66
N LYS WA 117 -63.10 29.29 33.68
CA LYS WA 117 -64.51 29.51 33.99
C LYS WA 117 -65.14 28.16 34.27
N TRP WA 118 -66.19 28.10 35.11
CA TRP WA 118 -66.72 26.81 35.61
C TRP WA 118 -67.26 25.88 34.54
N TRP WA 119 -67.31 26.33 33.30
CA TRP WA 119 -67.82 25.52 32.20
C TRP WA 119 -66.72 25.13 31.21
N GLU WA 120 -65.50 25.07 31.74
CA GLU WA 120 -64.29 24.84 30.97
C GLU WA 120 -63.52 23.80 31.78
N SER WA 121 -63.23 22.65 31.15
CA SER WA 121 -62.34 21.64 31.72
C SER WA 121 -60.92 22.12 31.69
N ARG WA 122 -60.10 21.47 32.51
CA ARG WA 122 -58.75 21.93 32.78
C ARG WA 122 -57.93 20.92 33.56
N THR WA 123 -56.66 20.81 33.22
CA THR WA 123 -55.76 19.91 33.91
C THR WA 123 -54.59 20.66 34.59
N VAL WA 124 -54.25 20.20 35.80
CA VAL WA 124 -53.07 20.67 36.49
C VAL WA 124 -51.99 19.59 36.38
N ARG WA 125 -50.80 20.08 36.03
CA ARG WA 125 -49.62 19.30 35.78
C ARG WA 125 -48.54 19.75 36.74
N PRO WA 126 -48.55 19.19 37.97
CA PRO WA 126 -47.73 19.80 38.95
C PRO WA 126 -46.33 19.25 38.88
N GLN WA 127 -45.47 19.90 39.64
CA GLN WA 127 -44.21 19.33 40.03
C GLN WA 127 -44.39 19.08 41.53
N TYR WA 128 -43.71 18.04 41.99
CA TYR WA 128 -44.05 17.37 43.24
C TYR WA 128 -42.84 16.64 43.77
N THR WA 129 -43.11 15.80 44.75
CA THR WA 129 -42.08 15.16 45.53
C THR WA 129 -41.06 14.38 44.69
N ARG WA 130 -41.51 13.38 43.93
CA ARG WA 130 -40.62 12.52 43.17
C ARG WA 130 -39.67 11.81 44.15
N THR WA 131 -40.25 11.30 45.24
CA THR WA 131 -39.54 10.88 46.46
C THR WA 131 -40.23 9.61 46.98
N LEU WA 132 -39.61 8.90 47.94
CA LEU WA 132 -40.15 7.60 48.41
C LEU WA 132 -40.93 7.63 49.72
N LEU WA 133 -42.23 7.38 49.60
CA LEU WA 133 -43.14 7.53 50.69
C LEU WA 133 -43.52 6.17 51.24
N TRP WA 134 -44.43 6.19 52.22
CA TRP WA 134 -44.92 5.00 52.87
C TRP WA 134 -46.41 4.87 52.63
N THR WA 135 -46.86 3.64 52.55
CA THR WA 135 -48.26 3.39 52.31
C THR WA 135 -49.12 3.56 53.57
N SER WA 136 -48.55 3.52 54.76
CA SER WA 136 -49.32 3.71 56.01
C SER WA 136 -49.08 5.05 56.68
N SER WA 137 -50.06 5.52 57.44
CA SER WA 137 -49.94 6.74 58.25
C SER WA 137 -48.69 6.70 59.13
N GLY WA 138 -48.13 7.86 59.41
CA GLY WA 138 -46.88 7.99 60.14
C GLY WA 138 -46.95 9.19 61.05
N LYS WA 139 -46.00 9.29 62.00
CA LYS WA 139 -45.94 10.44 62.91
C LYS WA 139 -45.62 11.70 62.12
N GLU WA 140 -44.67 11.61 61.20
CA GLU WA 140 -44.40 12.67 60.22
C GLU WA 140 -45.09 12.26 58.94
N GLN WA 141 -45.84 13.19 58.35
CA GLN WA 141 -46.59 12.83 57.16
C GLN WA 141 -46.14 13.39 55.81
N ARG WA 142 -44.90 13.87 55.72
CA ARG WA 142 -44.29 14.19 54.42
C ARG WA 142 -43.49 12.99 53.96
N LEU WA 143 -43.59 11.91 54.71
CA LEU WA 143 -43.18 10.59 54.24
C LEU WA 143 -44.41 9.75 53.86
N THR WA 144 -45.61 10.34 53.85
CA THR WA 144 -46.80 9.51 53.67
C THR WA 144 -47.79 9.99 52.57
N SER WA 145 -47.78 11.28 52.25
CA SER WA 145 -48.53 11.83 51.11
C SER WA 145 -47.67 12.84 50.33
N PRO WA 146 -47.88 12.94 49.00
CA PRO WA 146 -47.09 13.86 48.20
C PRO WA 146 -47.66 15.27 48.14
N GLY WA 147 -48.81 15.50 48.79
CA GLY WA 147 -49.41 16.81 48.86
C GLY WA 147 -50.92 16.73 48.80
N ARG WA 148 -51.54 17.88 48.54
CA ARG WA 148 -53.00 17.99 48.46
C ARG WA 148 -53.45 18.90 47.35
N LEU WA 149 -54.64 18.62 46.83
CA LEU WA 149 -55.21 19.30 45.69
C LEU WA 149 -56.26 20.27 46.18
N ILE WA 150 -56.09 21.55 45.89
CA ILE WA 150 -57.02 22.57 46.33
C ILE WA 150 -57.80 23.09 45.13
N LEU WA 151 -59.12 23.18 45.28
CA LEU WA 151 -59.96 23.83 44.29
C LEU WA 151 -60.68 24.98 44.99
N LEU WA 152 -60.42 26.20 44.51
CA LEU WA 152 -60.92 27.43 45.10
C LEU WA 152 -61.89 28.07 44.15
N CYS WA 153 -62.89 28.78 44.68
CA CYS WA 153 -63.71 29.66 43.84
C CYS WA 153 -62.98 30.95 43.40
N VAL WA 154 -63.41 31.45 42.24
CA VAL WA 154 -63.07 32.78 41.77
C VAL WA 154 -64.38 33.39 41.35
N GLY WA 155 -64.73 34.56 41.89
CA GLY WA 155 -66.09 35.14 41.72
C GLY WA 155 -67.24 34.27 42.25
N ASN WA 156 -68.50 34.65 41.98
CA ASN WA 156 -69.61 33.70 42.24
C ASN WA 156 -70.12 33.03 41.02
N ASN WA 157 -70.50 31.78 41.22
CA ASN WA 157 -71.26 31.00 40.28
C ASN WA 157 -72.69 31.45 40.24
N THR WA 158 -73.14 31.81 39.05
CA THR WA 158 -74.53 32.15 38.75
C THR WA 158 -75.47 30.97 38.93
N ASP WA 159 -74.89 29.77 38.93
CA ASP WA 159 -75.59 28.53 38.70
C ASP WA 159 -74.93 27.37 39.48
N VAL WA 160 -75.68 26.29 39.69
CA VAL WA 160 -75.14 25.07 40.34
C VAL WA 160 -73.98 24.49 39.54
N VAL WA 161 -72.97 24.01 40.24
CA VAL WA 161 -71.87 23.30 39.60
C VAL WA 161 -71.66 21.96 40.31
N ASN WA 162 -71.41 20.91 39.54
CA ASN WA 162 -71.21 19.58 40.10
C ASN WA 162 -69.81 19.09 39.78
N VAL WA 163 -68.85 19.58 40.55
CA VAL WA 163 -67.46 19.35 40.23
C VAL WA 163 -66.97 17.97 40.67
N SER WA 164 -66.27 17.31 39.76
CA SER WA 164 -65.55 16.07 40.02
C SER WA 164 -64.08 16.32 39.63
N VAL WA 165 -63.14 16.16 40.58
CA VAL WA 165 -61.71 16.25 40.22
C VAL WA 165 -61.17 14.84 40.14
N LEU WA 166 -60.34 14.61 39.14
CA LEU WA 166 -59.86 13.29 38.85
C LEU WA 166 -58.37 13.40 38.87
N CYS WA 167 -57.77 12.45 39.52
CA CYS WA 167 -56.35 12.37 39.59
C CYS WA 167 -55.93 11.28 38.63
N ARG WA 168 -54.98 11.60 37.76
CA ARG WA 168 -54.36 10.56 36.94
C ARG WA 168 -52.95 10.40 37.51
N TRP WA 169 -52.58 9.13 37.73
CA TRP WA 169 -51.39 8.75 38.47
C TRP WA 169 -50.70 7.55 37.87
N SER WA 170 -49.44 7.44 38.29
CA SER WA 170 -48.48 6.50 37.82
C SER WA 170 -47.49 6.45 39.00
N VAL WA 171 -47.26 5.26 39.50
CA VAL WA 171 -46.74 5.10 40.82
C VAL WA 171 -45.90 3.83 40.80
N ARG WA 172 -44.76 3.81 41.49
CA ARG WA 172 -43.96 2.58 41.61
C ARG WA 172 -43.86 2.07 43.04
N LEU WA 173 -44.55 0.96 43.31
CA LEU WA 173 -44.68 0.39 44.65
C LEU WA 173 -43.52 -0.52 44.96
N SER WA 174 -43.14 -0.63 46.22
CA SER WA 174 -41.79 -1.06 46.53
C SER WA 174 -41.64 -2.24 47.52
N VAL WA 175 -41.96 -2.08 48.80
CA VAL WA 175 -41.51 -3.13 49.72
C VAL WA 175 -42.65 -4.12 50.09
N PRO WA 176 -42.54 -5.42 49.72
CA PRO WA 176 -43.67 -6.34 49.92
C PRO WA 176 -44.11 -6.56 51.36
N SER WA 177 -45.42 -6.52 51.59
CA SER WA 177 -46.00 -6.75 52.90
C SER WA 177 -47.50 -7.09 52.80
N LEU WA 178 -48.25 -6.91 53.88
CA LEU WA 178 -49.68 -7.10 53.83
C LEU WA 178 -50.31 -6.47 55.06
N GLU WA 179 -50.85 -5.26 54.89
CA GLU WA 179 -51.36 -4.48 56.03
C GLU WA 179 -52.88 -4.70 56.23
N ASN WA 180 -53.23 -5.86 56.79
CA ASN WA 180 -54.62 -6.28 57.05
C ASN WA 180 -55.34 -5.40 58.08
N THR XA 18 -12.54 7.28 50.96
CA THR XA 18 -13.92 7.63 51.32
C THR XA 18 -14.08 7.76 52.84
N ASN XA 19 -15.14 8.45 53.25
CA ASN XA 19 -15.33 8.81 54.66
C ASN XA 19 -16.18 7.82 55.47
N ASP XA 20 -17.04 7.06 54.79
CA ASP XA 20 -17.94 6.10 55.46
C ASP XA 20 -17.17 4.94 56.08
N VAL XA 21 -17.59 4.55 57.29
CA VAL XA 21 -17.03 3.42 58.02
C VAL XA 21 -17.98 2.22 57.88
N HIS XA 22 -17.43 1.07 57.50
CA HIS XA 22 -18.21 -0.17 57.37
C HIS XA 22 -17.93 -1.12 58.52
N LEU XA 23 -18.96 -1.84 58.93
CA LEU XA 23 -18.98 -2.54 60.22
C LEU XA 23 -19.95 -3.72 60.18
N SER XA 24 -19.55 -4.85 60.79
CA SER XA 24 -20.29 -6.11 60.74
C SER XA 24 -20.14 -6.95 61.99
N GLY XA 25 -21.17 -7.70 62.33
CA GLY XA 25 -21.12 -8.59 63.47
C GLY XA 25 -22.22 -9.62 63.36
N MET XA 26 -22.42 -10.35 64.43
CA MET XA 26 -23.58 -11.18 64.56
C MET XA 26 -23.92 -11.23 66.03
N SER XA 27 -25.16 -10.86 66.34
CA SER XA 27 -25.59 -10.57 67.69
C SER XA 27 -26.84 -11.35 68.01
N ARG XA 28 -26.94 -11.89 69.23
CA ARG XA 28 -28.18 -12.53 69.66
C ARG XA 28 -29.21 -11.45 69.91
N ILE XA 29 -30.33 -11.49 69.20
CA ILE XA 29 -31.36 -10.46 69.32
C ILE XA 29 -32.32 -10.80 70.44
N SER XA 30 -32.40 -12.08 70.80
CA SER XA 30 -33.23 -12.46 71.91
C SER XA 30 -32.99 -13.90 72.29
N GLN XA 31 -33.60 -14.34 73.38
CA GLN XA 31 -33.51 -15.70 73.80
C GLN XA 31 -34.71 -15.88 74.64
N ALA XA 32 -35.67 -16.67 74.18
CA ALA XA 32 -36.85 -16.97 74.95
C ALA XA 32 -36.90 -18.46 75.22
N VAL XA 33 -37.47 -18.82 76.37
CA VAL XA 33 -37.54 -20.22 76.81
C VAL XA 33 -39.00 -20.62 77.01
N LEU XA 34 -39.53 -21.20 75.95
CA LEU XA 34 -40.91 -21.54 75.79
C LEU XA 34 -41.14 -22.89 76.49
N PRO XA 35 -41.95 -22.91 77.55
CA PRO XA 35 -42.03 -24.15 78.31
C PRO XA 35 -42.97 -25.19 77.71
N ALA XA 36 -43.12 -26.27 78.45
CA ALA XA 36 -43.68 -27.54 77.99
C ALA XA 36 -44.80 -27.51 76.94
N GLY XA 37 -45.93 -26.85 77.20
CA GLY XA 37 -47.06 -26.99 76.28
C GLY XA 37 -47.65 -25.70 75.76
N THR XA 38 -46.81 -24.66 75.67
CA THR XA 38 -47.30 -23.26 75.68
C THR XA 38 -47.17 -22.45 74.39
N GLY XA 39 -46.89 -23.09 73.26
CA GLY XA 39 -47.07 -22.45 71.95
C GLY XA 39 -48.55 -22.40 71.60
N THR XA 40 -48.90 -21.79 70.47
CA THR XA 40 -50.20 -21.99 69.80
C THR XA 40 -50.29 -21.07 68.61
N ASP XA 41 -50.82 -21.58 67.50
CA ASP XA 41 -50.86 -20.77 66.31
C ASP XA 41 -51.01 -19.29 66.71
N GLY XA 42 -49.95 -18.51 66.55
CA GLY XA 42 -50.04 -17.05 66.70
C GLY XA 42 -49.30 -16.47 67.87
N TYR XA 43 -49.10 -17.26 68.93
CA TYR XA 43 -48.38 -16.76 70.09
C TYR XA 43 -47.04 -16.14 69.67
N VAL XA 44 -46.76 -14.95 70.18
CA VAL XA 44 -45.59 -14.17 69.77
C VAL XA 44 -44.47 -14.49 70.70
N VAL XA 45 -43.38 -15.09 70.22
CA VAL XA 45 -42.28 -15.44 71.12
C VAL XA 45 -41.14 -14.45 71.05
N VAL XA 46 -41.00 -13.78 69.92
CA VAL XA 46 -40.02 -12.74 69.78
C VAL XA 46 -40.66 -11.63 68.98
N ASP XA 47 -40.36 -10.39 69.35
CA ASP XA 47 -40.90 -9.23 68.67
C ASP XA 47 -39.92 -8.07 68.78
N ALA XA 48 -38.77 -8.22 68.13
CA ALA XA 48 -37.60 -7.38 68.38
C ALA XA 48 -37.42 -6.30 67.36
N THR XA 49 -37.62 -5.06 67.77
CA THR XA 49 -37.41 -3.89 66.91
C THR XA 49 -35.90 -3.56 66.79
N ILE XA 50 -35.41 -3.45 65.57
CA ILE XA 50 -33.95 -3.38 65.35
C ILE XA 50 -33.38 -2.00 65.54
N VAL XA 51 -32.56 -1.82 66.56
CA VAL XA 51 -31.83 -0.56 66.82
C VAL XA 51 -30.38 -0.86 67.16
N PRO XA 52 -29.48 0.14 67.04
CA PRO XA 52 -28.09 -0.08 67.40
C PRO XA 52 -27.86 -0.76 68.74
N ASP XA 53 -28.63 -0.40 69.76
CA ASP XA 53 -28.37 -0.90 71.10
C ASP XA 53 -28.68 -2.36 71.27
N LEU XA 54 -29.53 -2.92 70.40
CA LEU XA 54 -29.78 -4.35 70.39
C LEU XA 54 -28.64 -5.15 69.81
N LEU XA 55 -27.80 -4.50 69.01
CA LEU XA 55 -26.65 -5.13 68.41
C LEU XA 55 -25.40 -4.64 69.13
N PRO XA 56 -24.98 -5.36 70.19
CA PRO XA 56 -24.06 -4.82 71.19
C PRO XA 56 -22.80 -4.18 70.58
N ARG XA 57 -22.16 -4.80 69.59
CA ARG XA 57 -21.00 -4.16 68.94
C ARG XA 57 -21.42 -2.85 68.24
N LEU XA 58 -22.55 -2.86 67.52
CA LEU XA 58 -23.03 -1.66 66.85
C LEU XA 58 -23.59 -0.65 67.85
N GLY XA 59 -23.91 -1.12 69.04
CA GLY XA 59 -24.30 -0.24 70.13
C GLY XA 59 -23.21 0.76 70.45
N HIS XA 60 -22.00 0.24 70.63
CA HIS XA 60 -20.84 1.10 70.87
C HIS XA 60 -20.55 2.00 69.67
N ALA XA 61 -20.58 1.45 68.46
CA ALA XA 61 -20.26 2.23 67.26
C ALA XA 61 -21.24 3.38 67.05
N ALA XA 62 -22.49 3.15 67.41
CA ALA XA 62 -23.51 4.18 67.31
C ALA XA 62 -23.28 5.43 68.20
N ARG XA 63 -22.59 5.31 69.34
CA ARG XA 63 -22.31 6.47 70.17
C ARG XA 63 -21.25 7.38 69.53
N ILE XA 64 -20.38 6.79 68.72
CA ILE XA 64 -19.31 7.51 68.02
C ILE XA 64 -19.82 8.25 66.79
N PHE XA 65 -20.71 7.61 66.03
CA PHE XA 65 -21.22 8.20 64.79
C PHE XA 65 -22.64 8.72 65.00
N GLN XA 66 -23.27 9.22 63.95
CA GLN XA 66 -24.58 9.86 64.06
C GLN XA 66 -25.65 9.23 63.21
N ARG XA 67 -25.22 8.65 62.10
CA ARG XA 67 -26.12 7.99 61.18
C ARG XA 67 -25.56 6.66 60.71
N TYR XA 68 -26.45 5.88 60.14
CA TYR XA 68 -26.14 4.52 59.82
C TYR XA 68 -27.16 3.98 58.85
N ALA XA 69 -26.67 3.14 57.94
CA ALA XA 69 -27.45 2.64 56.84
C ALA XA 69 -27.25 1.16 56.79
N VAL XA 70 -28.33 0.42 56.64
CA VAL XA 70 -28.24 -1.02 56.71
C VAL XA 70 -27.81 -1.53 55.35
N GLU XA 71 -26.67 -2.21 55.31
CA GLU XA 71 -26.11 -2.73 54.07
C GLU XA 71 -26.40 -4.23 53.91
N THR XA 72 -26.46 -4.98 55.01
CA THR XA 72 -27.12 -6.31 55.01
C THR XA 72 -27.73 -6.68 56.37
N LEU XA 73 -28.84 -7.42 56.32
CA LEU XA 73 -29.54 -7.99 57.51
C LEU XA 73 -29.97 -9.42 57.16
N GLU XA 74 -29.68 -10.33 58.07
CA GLU XA 74 -30.30 -11.63 58.08
C GLU XA 74 -30.50 -11.96 59.53
N PHE XA 75 -31.49 -12.78 59.79
CA PHE XA 75 -31.72 -13.27 61.10
C PHE XA 75 -31.71 -14.76 61.00
N GLU XA 76 -31.04 -15.38 61.95
CA GLU XA 76 -30.89 -16.81 61.97
C GLU XA 76 -31.65 -17.28 63.18
N ILE XA 77 -32.59 -18.20 62.96
CA ILE XA 77 -33.49 -18.64 64.00
C ILE XA 77 -32.92 -19.95 64.54
N GLN XA 78 -32.64 -19.99 65.84
CA GLN XA 78 -31.85 -21.07 66.39
C GLN XA 78 -32.49 -21.72 67.60
N PRO XA 79 -33.60 -22.42 67.37
CA PRO XA 79 -34.36 -23.09 68.43
C PRO XA 79 -33.72 -24.38 68.91
N MET XA 80 -33.72 -24.60 70.20
CA MET XA 80 -33.00 -25.75 70.73
C MET XA 80 -33.85 -26.62 71.62
N CYS XA 81 -34.18 -27.78 71.06
CA CYS XA 81 -35.16 -28.69 71.62
C CYS XA 81 -34.78 -30.08 71.12
N PRO XA 82 -35.46 -31.12 71.64
CA PRO XA 82 -35.20 -32.43 71.07
C PRO XA 82 -35.88 -32.58 69.72
N ALA XA 83 -35.41 -33.54 68.93
CA ALA XA 83 -35.96 -33.75 67.59
C ALA XA 83 -37.38 -34.32 67.65
N ASN XA 84 -37.84 -34.69 68.86
CA ASN XA 84 -39.23 -35.09 69.10
C ASN XA 84 -40.05 -33.97 69.66
N THR XA 85 -40.19 -32.91 68.90
CA THR XA 85 -40.95 -31.77 69.35
C THR XA 85 -41.97 -31.48 68.31
N GLY XA 86 -43.18 -31.18 68.75
CA GLY XA 86 -44.30 -31.04 67.82
C GLY XA 86 -44.43 -29.66 67.24
N GLY XA 87 -43.37 -28.89 67.38
CA GLY XA 87 -43.46 -27.48 67.25
C GLY XA 87 -43.66 -26.99 65.86
N GLY XA 88 -43.44 -25.69 65.71
CA GLY XA 88 -43.52 -24.99 64.44
C GLY XA 88 -43.31 -23.50 64.68
N TYR XA 89 -42.66 -22.83 63.74
CA TYR XA 89 -42.63 -21.40 63.80
C TYR XA 89 -42.63 -20.76 62.44
N VAL XA 90 -43.10 -19.53 62.38
CA VAL XA 90 -42.94 -18.67 61.22
C VAL XA 90 -42.23 -17.47 61.75
N ALA XA 91 -41.31 -16.93 60.98
CA ALA XA 91 -40.43 -15.89 61.47
C ALA XA 91 -40.21 -14.95 60.32
N GLY XA 92 -40.40 -13.64 60.53
CA GLY XA 92 -40.32 -12.71 59.40
C GLY XA 92 -39.71 -11.40 59.81
N PHE XA 93 -39.32 -10.60 58.84
CA PHE XA 93 -38.86 -9.24 59.15
C PHE XA 93 -39.75 -8.17 58.52
N LEU XA 94 -40.65 -7.61 59.31
CA LEU XA 94 -41.48 -6.52 58.81
C LEU XA 94 -40.62 -5.26 58.87
N PRO XA 95 -40.48 -4.55 57.73
CA PRO XA 95 -39.76 -3.26 57.61
C PRO XA 95 -40.50 -1.98 58.04
N ASP XA 96 -41.31 -2.07 59.07
CA ASP XA 96 -41.83 -0.89 59.73
C ASP XA 96 -41.52 -1.11 61.17
N PRO XA 97 -40.71 -0.21 61.74
CA PRO XA 97 -40.62 -0.30 63.20
C PRO XA 97 -42.00 -0.12 63.85
N THR XA 98 -42.86 0.69 63.21
CA THR XA 98 -44.16 1.08 63.76
C THR XA 98 -45.28 0.02 63.68
N ASP XA 99 -45.11 -1.06 62.93
CA ASP XA 99 -46.24 -1.98 62.65
C ASP XA 99 -46.44 -3.13 63.65
N ASN XA 100 -47.45 -2.97 64.51
CA ASN XA 100 -47.91 -4.01 65.41
C ASN XA 100 -48.86 -5.00 64.73
N ASP XA 101 -48.44 -5.59 63.62
CA ASP XA 101 -49.26 -6.60 62.94
C ASP XA 101 -48.48 -7.91 63.00
N HIS XA 102 -48.90 -8.81 63.89
CA HIS XA 102 -48.07 -9.95 64.25
C HIS XA 102 -48.82 -11.27 64.06
N THR XA 103 -49.27 -11.48 62.83
CA THR XA 103 -50.05 -12.66 62.46
C THR XA 103 -49.40 -13.45 61.30
N PHE XA 104 -49.70 -14.73 61.20
CA PHE XA 104 -48.96 -15.58 60.32
C PHE XA 104 -48.89 -15.02 58.91
N ASP XA 105 -50.00 -14.49 58.40
CA ASP XA 105 -50.05 -14.08 56.98
C ASP XA 105 -49.26 -12.79 56.76
N ALA XA 106 -49.24 -11.90 57.76
CA ALA XA 106 -48.44 -10.66 57.72
C ALA XA 106 -46.95 -10.95 57.67
N LEU XA 107 -46.47 -11.80 58.58
CA LEU XA 107 -45.12 -12.34 58.47
C LEU XA 107 -44.86 -12.96 57.12
N GLN XA 108 -45.73 -13.87 56.70
CA GLN XA 108 -45.51 -14.60 55.44
C GLN XA 108 -45.54 -13.74 54.20
N ALA XA 109 -45.97 -12.49 54.28
CA ALA XA 109 -46.00 -11.63 53.11
C ALA XA 109 -44.66 -10.96 52.86
N THR XA 110 -43.83 -10.94 53.91
CA THR XA 110 -42.49 -10.36 53.84
C THR XA 110 -41.55 -11.32 53.12
N ARG XA 111 -40.35 -10.85 52.77
CA ARG XA 111 -39.53 -11.54 51.81
C ARG XA 111 -38.84 -12.66 52.49
N GLY XA 112 -38.21 -12.36 53.60
CA GLY XA 112 -37.51 -13.41 54.31
C GLY XA 112 -38.40 -14.55 54.78
N ALA XA 113 -39.49 -14.19 55.44
CA ALA XA 113 -40.39 -15.13 56.11
C ALA XA 113 -40.05 -16.59 55.89
N VAL XA 114 -39.81 -17.32 56.95
CA VAL XA 114 -39.59 -18.75 56.85
C VAL XA 114 -40.44 -19.52 57.85
N VAL XA 115 -40.78 -20.77 57.52
CA VAL XA 115 -41.50 -21.61 58.45
C VAL XA 115 -40.85 -22.98 58.53
N ALA XA 116 -40.87 -23.57 59.73
CA ALA XA 116 -40.14 -24.79 60.02
C ALA XA 116 -40.53 -25.34 61.38
N LYS XA 117 -40.23 -26.61 61.60
CA LYS XA 117 -40.54 -27.28 62.87
C LYS XA 117 -39.53 -26.78 63.88
N TRP XA 118 -39.77 -26.97 65.18
CA TRP XA 118 -38.84 -26.34 66.12
C TRP XA 118 -37.47 -26.95 66.12
N TRP XA 119 -37.31 -28.15 65.62
CA TRP XA 119 -35.98 -28.74 65.54
C TRP XA 119 -35.23 -28.49 64.22
N GLU XA 120 -35.55 -27.37 63.56
CA GLU XA 120 -34.85 -26.91 62.34
C GLU XA 120 -34.41 -25.45 62.52
N SER XA 121 -33.11 -25.21 62.26
CA SER XA 121 -32.56 -23.85 62.18
C SER XA 121 -32.94 -23.33 60.83
N ARG XA 122 -32.98 -22.02 60.69
CA ARG XA 122 -33.54 -21.45 59.49
C ARG XA 122 -33.19 -19.97 59.42
N THR XA 123 -32.96 -19.44 58.22
CA THR XA 123 -32.54 -18.06 58.08
C THR XA 123 -33.51 -17.23 57.26
N VAL XA 124 -33.80 -16.05 57.78
CA VAL XA 124 -34.68 -15.13 57.09
C VAL XA 124 -33.73 -14.09 56.52
N ARG XA 125 -34.00 -13.74 55.27
CA ARG XA 125 -33.22 -12.80 54.49
C ARG XA 125 -34.18 -11.79 53.89
N PRO XA 126 -34.46 -10.72 54.63
CA PRO XA 126 -35.52 -9.86 54.18
C PRO XA 126 -35.04 -8.88 53.13
N GLN XA 127 -35.93 -7.98 52.72
CA GLN XA 127 -35.57 -6.81 51.94
C GLN XA 127 -36.20 -5.65 52.69
N TYR XA 128 -35.51 -4.53 52.74
CA TYR XA 128 -35.74 -3.55 53.79
C TYR XA 128 -35.59 -2.10 53.31
N THR XA 129 -35.55 -1.20 54.28
CA THR XA 129 -35.38 0.23 54.03
C THR XA 129 -34.19 0.53 53.12
N ARG XA 130 -33.03 -0.08 53.39
CA ARG XA 130 -31.82 0.09 52.56
C ARG XA 130 -31.37 1.56 52.50
N THR XA 131 -31.90 2.37 53.43
CA THR XA 131 -31.79 3.83 53.41
C THR XA 131 -30.89 4.20 54.54
N LEU XA 132 -30.71 5.50 54.73
CA LEU XA 132 -29.84 6.02 55.76
C LEU XA 132 -30.63 6.56 56.93
N LEU XA 133 -30.44 5.97 58.11
CA LEU XA 133 -31.27 6.26 59.27
C LEU XA 133 -30.51 7.13 60.29
N TRP XA 134 -30.62 6.81 61.58
CA TRP XA 134 -30.21 7.75 62.64
C TRP XA 134 -29.95 6.98 63.92
N THR XA 135 -28.72 7.00 64.41
CA THR XA 135 -28.34 6.17 65.55
C THR XA 135 -29.07 6.61 66.81
N SER XA 136 -29.55 7.85 66.77
CA SER XA 136 -30.17 8.54 67.90
C SER XA 136 -31.68 8.51 67.73
N SER XA 137 -32.42 8.03 68.74
CA SER XA 137 -33.90 8.05 68.66
C SER XA 137 -34.42 9.43 68.31
N GLY XA 138 -35.69 9.51 67.92
CA GLY XA 138 -36.21 10.73 67.33
C GLY XA 138 -37.72 10.66 67.13
N LYS XA 139 -38.30 11.76 66.67
CA LYS XA 139 -39.76 11.94 66.73
C LYS XA 139 -40.51 11.00 65.81
N GLU XA 140 -40.04 10.87 64.57
CA GLU XA 140 -40.59 9.90 63.63
C GLU XA 140 -39.64 8.74 63.54
N GLN XA 141 -40.12 7.55 63.90
CA GLN XA 141 -39.24 6.41 64.10
C GLN XA 141 -38.91 5.57 62.88
N ARG XA 142 -39.21 6.08 61.69
CA ARG XA 142 -38.85 5.40 60.45
C ARG XA 142 -37.47 5.83 60.02
N LEU XA 143 -36.83 6.71 60.79
CA LEU XA 143 -35.43 7.06 60.54
C LEU XA 143 -34.47 6.59 61.61
N THR XA 144 -34.97 5.84 62.59
CA THR XA 144 -34.14 5.28 63.63
C THR XA 144 -33.94 3.79 63.36
N SER XA 145 -35.02 3.10 62.98
CA SER XA 145 -35.00 1.64 62.84
C SER XA 145 -35.42 1.18 61.44
N PRO XA 146 -34.86 0.06 60.95
CA PRO XA 146 -35.23 -0.54 59.68
C PRO XA 146 -36.39 -1.58 59.72
N GLY XA 147 -36.91 -1.91 60.90
CA GLY XA 147 -37.98 -2.87 61.00
C GLY XA 147 -37.90 -3.66 62.28
N ARG XA 148 -38.60 -4.79 62.33
CA ARG XA 148 -38.59 -5.63 63.51
C ARG XA 148 -38.71 -7.09 63.17
N LEU XA 149 -38.13 -7.91 64.04
CA LEU XA 149 -38.01 -9.35 63.84
C LEU XA 149 -39.05 -10.04 64.70
N ILE XA 150 -39.93 -10.77 64.05
CA ILE XA 150 -41.05 -11.37 64.73
C ILE XA 150 -40.95 -12.86 64.63
N LEU XA 151 -41.25 -13.55 65.72
CA LEU XA 151 -41.22 -15.00 65.72
C LEU XA 151 -42.50 -15.51 66.34
N LEU XA 152 -43.27 -16.23 65.54
CA LEU XA 152 -44.61 -16.76 65.90
C LEU XA 152 -44.57 -18.27 65.95
N CYS XA 153 -45.39 -18.84 66.84
CA CYS XA 153 -45.58 -20.29 66.89
C CYS XA 153 -46.51 -20.76 65.80
N VAL XA 154 -46.32 -22.00 65.42
CA VAL XA 154 -47.20 -22.72 64.51
C VAL XA 154 -47.43 -24.04 65.22
N GLY XA 155 -48.69 -24.43 65.32
CA GLY XA 155 -49.08 -25.56 66.19
C GLY XA 155 -48.69 -25.28 67.62
N ASN XA 156 -48.41 -26.32 68.40
CA ASN XA 156 -47.81 -26.11 69.73
C ASN XA 156 -46.81 -27.16 70.18
N ASN XA 157 -45.76 -26.69 70.82
CA ASN XA 157 -44.61 -27.50 71.22
C ASN XA 157 -44.90 -28.58 72.24
N THR XA 158 -44.33 -29.77 72.03
CA THR XA 158 -44.56 -30.98 72.86
C THR XA 158 -43.38 -31.23 73.78
N ASP XA 159 -42.60 -30.17 73.98
CA ASP XA 159 -41.30 -30.25 74.62
C ASP XA 159 -40.84 -28.82 74.83
N VAL XA 160 -39.75 -28.67 75.56
CA VAL XA 160 -39.27 -27.36 75.90
C VAL XA 160 -38.28 -26.84 74.84
N VAL XA 161 -38.47 -25.59 74.45
CA VAL XA 161 -37.74 -24.93 73.37
C VAL XA 161 -36.97 -23.75 73.91
N ASN XA 162 -35.65 -23.67 73.64
CA ASN XA 162 -34.84 -22.53 74.07
C ASN XA 162 -34.36 -21.74 72.87
N VAL XA 163 -35.31 -21.12 72.19
CA VAL XA 163 -35.01 -20.39 70.97
C VAL XA 163 -34.12 -19.17 71.23
N SER XA 164 -33.23 -18.90 70.28
CA SER XA 164 -32.34 -17.74 70.32
C SER XA 164 -32.23 -17.24 68.87
N VAL XA 165 -32.61 -15.98 68.60
CA VAL XA 165 -32.47 -15.49 67.23
C VAL XA 165 -31.25 -14.61 67.14
N LEU XA 166 -30.48 -14.79 66.08
CA LEU XA 166 -29.28 -14.01 65.86
C LEU XA 166 -29.42 -13.10 64.66
N CYS XA 167 -28.96 -11.88 64.80
CA CYS XA 167 -28.97 -10.94 63.70
C CYS XA 167 -27.58 -10.86 63.10
N ARG XA 168 -27.43 -11.18 61.82
CA ARG XA 168 -26.16 -10.98 61.14
C ARG XA 168 -26.30 -9.72 60.35
N TRP XA 169 -25.42 -8.78 60.61
CA TRP XA 169 -25.63 -7.43 60.14
C TRP XA 169 -24.39 -6.80 59.57
N SER XA 170 -24.64 -5.82 58.70
CA SER XA 170 -23.59 -5.11 58.03
C SER XA 170 -24.03 -3.69 57.71
N VAL XA 171 -23.43 -2.75 58.43
CA VAL XA 171 -23.93 -1.41 58.58
C VAL XA 171 -22.87 -0.41 58.11
N ARG XA 172 -23.24 0.74 57.53
CA ARG XA 172 -22.24 1.80 57.28
C ARG XA 172 -22.52 3.13 58.02
N LEU XA 173 -21.69 3.42 59.01
CA LEU XA 173 -21.84 4.59 59.85
C LEU XA 173 -21.22 5.84 59.23
N SER XA 174 -21.84 7.00 59.49
CA SER XA 174 -21.72 8.08 58.55
C SER XA 174 -21.21 9.38 59.10
N VAL XA 175 -21.65 9.90 60.24
CA VAL XA 175 -21.11 11.23 60.60
C VAL XA 175 -20.61 11.43 62.02
N PRO XA 176 -19.35 11.82 62.15
CA PRO XA 176 -18.78 11.88 63.49
C PRO XA 176 -19.60 12.63 64.50
N SER XA 177 -19.37 12.30 65.77
CA SER XA 177 -20.25 12.62 66.90
C SER XA 177 -19.78 11.99 68.25
N LEU XA 178 -20.39 12.36 69.37
CA LEU XA 178 -20.09 11.72 70.66
C LEU XA 178 -21.28 11.74 71.62
N GLU XA 179 -22.25 10.87 71.34
CA GLU XA 179 -23.53 10.89 72.02
C GLU XA 179 -23.42 10.13 73.35
N ASN XA 180 -23.39 10.88 74.46
CA ASN XA 180 -23.44 10.31 75.82
C ASN XA 180 -24.38 9.09 75.94
N THR YA 18 -31.71 23.05 34.10
CA THR YA 18 -32.34 22.26 35.14
C THR YA 18 -33.39 23.10 35.92
N ASN YA 19 -34.29 22.42 36.64
CA ASN YA 19 -35.32 23.10 37.44
C ASN YA 19 -34.79 23.63 38.79
N ASP YA 20 -33.63 23.13 39.23
CA ASP YA 20 -33.03 23.51 40.51
C ASP YA 20 -32.33 24.88 40.48
N VAL YA 21 -32.55 25.63 41.57
CA VAL YA 21 -32.07 27.01 41.71
C VAL YA 21 -31.02 27.10 42.80
N HIS YA 22 -29.82 27.56 42.44
CA HIS YA 22 -28.70 27.65 43.37
C HIS YA 22 -28.54 29.05 43.96
N LEU YA 23 -28.65 29.15 45.27
CA LEU YA 23 -28.45 30.39 46.02
C LEU YA 23 -27.24 30.30 46.94
N SER YA 24 -26.51 31.41 47.06
CA SER YA 24 -25.35 31.50 47.95
C SER YA 24 -25.34 32.80 48.69
N GLY YA 25 -24.79 32.79 49.89
CA GLY YA 25 -24.70 34.00 50.68
C GLY YA 25 -23.85 33.80 51.92
N MET YA 26 -23.81 34.84 52.77
CA MET YA 26 -23.14 34.76 54.04
C MET YA 26 -23.81 35.70 54.99
N SER YA 27 -24.23 35.18 56.15
CA SER YA 27 -25.14 35.87 57.07
C SER YA 27 -24.69 35.77 58.53
N ARG YA 28 -25.02 36.78 59.33
CA ARG YA 28 -24.73 36.70 60.75
C ARG YA 28 -25.80 35.88 61.45
N ILE YA 29 -25.39 34.68 61.84
CA ILE YA 29 -26.20 33.75 62.62
C ILE YA 29 -26.57 34.32 63.98
N SER YA 30 -25.60 34.94 64.63
CA SER YA 30 -25.83 35.48 65.97
C SER YA 30 -24.77 36.48 66.40
N GLN YA 31 -25.07 37.17 67.47
CA GLN YA 31 -24.15 38.13 68.04
C GLN YA 31 -24.33 38.13 69.52
N ALA YA 32 -23.29 37.70 70.22
CA ALA YA 32 -23.30 37.68 71.66
C ALA YA 32 -22.27 38.69 72.18
N VAL YA 33 -22.60 39.30 73.29
CA VAL YA 33 -21.67 40.16 74.01
C VAL YA 33 -21.38 39.47 75.35
N LEU YA 34 -20.11 39.18 75.57
CA LEU YA 34 -19.69 38.41 76.72
C LEU YA 34 -18.93 39.35 77.65
N PRO YA 35 -19.54 39.74 78.78
CA PRO YA 35 -18.94 40.80 79.60
C PRO YA 35 -17.66 40.39 80.29
N ALA YA 36 -17.07 41.36 80.98
CA ALA YA 36 -15.66 41.34 81.35
C ALA YA 36 -15.15 40.05 81.95
N GLY YA 37 -15.89 39.38 82.81
CA GLY YA 37 -15.35 38.19 83.45
C GLY YA 37 -16.26 37.00 83.50
N THR YA 38 -17.23 36.92 82.61
CA THR YA 38 -18.35 36.03 82.82
C THR YA 38 -18.28 34.67 82.11
N GLY YA 39 -17.26 34.44 81.29
CA GLY YA 39 -17.09 33.13 80.60
C GLY YA 39 -16.35 32.12 81.48
N THR YA 40 -16.64 30.84 81.32
CA THR YA 40 -15.85 29.79 81.96
C THR YA 40 -16.00 28.47 81.24
N ASP YA 41 -15.03 27.59 81.41
CA ASP YA 41 -15.06 26.31 80.72
C ASP YA 41 -16.49 25.77 80.58
N GLY YA 42 -16.95 25.70 79.33
CA GLY YA 42 -18.24 25.08 79.02
C GLY YA 42 -19.41 26.02 78.87
N TYR YA 43 -19.23 27.29 79.20
CA TYR YA 43 -20.31 28.29 79.08
C TYR YA 43 -20.75 28.42 77.63
N VAL YA 44 -22.02 28.18 77.38
CA VAL YA 44 -22.57 28.29 76.03
C VAL YA 44 -22.81 29.75 75.67
N VAL YA 45 -22.04 30.30 74.73
CA VAL YA 45 -22.23 31.68 74.29
C VAL YA 45 -23.07 31.81 73.04
N VAL YA 46 -23.11 30.77 72.22
CA VAL YA 46 -23.95 30.76 71.04
C VAL YA 46 -24.48 29.35 70.85
N ASP YA 47 -25.75 29.27 70.53
CA ASP YA 47 -26.37 27.98 70.24
C ASP YA 47 -27.49 28.22 69.25
N ALA YA 48 -27.16 28.12 67.97
CA ALA YA 48 -28.04 28.57 66.91
C ALA YA 48 -28.43 27.40 66.02
N THR YA 49 -29.72 27.10 66.00
CA THR YA 49 -30.25 26.07 65.12
C THR YA 49 -30.47 26.67 63.72
N ILE YA 50 -29.89 26.01 62.74
CA ILE YA 50 -29.80 26.56 61.40
C ILE YA 50 -31.09 26.35 60.63
N VAL YA 51 -31.82 27.45 60.42
CA VAL YA 51 -33.08 27.46 59.68
C VAL YA 51 -32.98 28.55 58.62
N PRO YA 52 -33.72 28.41 57.51
CA PRO YA 52 -33.67 29.46 56.50
C PRO YA 52 -34.04 30.85 57.02
N ASP YA 53 -34.94 30.92 57.98
CA ASP YA 53 -35.34 32.20 58.55
C ASP YA 53 -34.17 32.95 59.19
N LEU YA 54 -33.16 32.20 59.64
CA LEU YA 54 -31.98 32.76 60.33
C LEU YA 54 -30.99 33.43 59.38
N LEU YA 55 -30.94 32.95 58.14
CA LEU YA 55 -30.13 33.55 57.06
C LEU YA 55 -31.02 34.44 56.19
N PRO YA 56 -30.91 35.77 56.36
CA PRO YA 56 -32.00 36.64 55.88
C PRO YA 56 -32.33 36.51 54.36
N ARG YA 57 -31.31 36.49 53.51
CA ARG YA 57 -31.54 36.34 52.06
C ARG YA 57 -32.19 35.01 51.75
N LEU YA 58 -31.77 33.94 52.44
CA LEU YA 58 -32.41 32.63 52.25
C LEU YA 58 -33.81 32.61 52.86
N GLY YA 59 -34.01 33.39 53.91
CA GLY YA 59 -35.32 33.54 54.53
C GLY YA 59 -36.39 33.99 53.57
N HIS YA 60 -36.02 34.84 52.61
CA HIS YA 60 -36.92 35.31 51.58
C HIS YA 60 -37.19 34.26 50.50
N ALA YA 61 -36.13 33.61 50.02
CA ALA YA 61 -36.25 32.54 49.02
C ALA YA 61 -36.90 31.27 49.58
N ALA YA 62 -36.94 31.15 50.91
CA ALA YA 62 -37.64 30.09 51.59
C ALA YA 62 -39.13 30.13 51.33
N ARG YA 63 -39.69 31.32 51.07
CA ARG YA 63 -41.12 31.48 50.82
C ARG YA 63 -41.53 31.29 49.36
N ILE YA 64 -40.56 31.03 48.49
CA ILE YA 64 -40.80 30.85 47.08
C ILE YA 64 -40.76 29.38 46.70
N PHE YA 65 -39.84 28.65 47.32
CA PHE YA 65 -39.72 27.23 47.10
C PHE YA 65 -40.14 26.54 48.37
N GLN YA 66 -40.15 25.23 48.35
CA GLN YA 66 -40.67 24.47 49.43
C GLN YA 66 -39.69 23.50 50.04
N ARG YA 67 -38.81 22.91 49.23
CA ARG YA 67 -37.72 22.12 49.77
C ARG YA 67 -36.38 22.73 49.36
N TYR YA 68 -35.46 22.84 50.34
CA TYR YA 68 -34.10 23.34 50.12
C TYR YA 68 -33.10 22.28 50.52
N ALA YA 69 -32.00 22.18 49.79
CA ALA YA 69 -30.93 21.23 50.11
C ALA YA 69 -29.57 21.92 50.22
N VAL YA 70 -28.83 21.60 51.26
CA VAL YA 70 -27.63 22.35 51.60
C VAL YA 70 -26.38 21.80 50.92
N GLU YA 71 -25.75 22.64 50.12
CA GLU YA 71 -24.64 22.21 49.27
C GLU YA 71 -23.26 22.56 49.86
N THR YA 72 -23.12 23.74 50.46
CA THR YA 72 -21.93 24.04 51.26
C THR YA 72 -22.28 24.84 52.52
N LEU YA 73 -21.64 24.49 53.65
CA LEU YA 73 -21.81 25.19 54.91
C LEU YA 73 -20.48 25.46 55.58
N GLU YA 74 -20.29 26.69 56.01
CA GLU YA 74 -19.15 27.03 56.86
C GLU YA 74 -19.60 28.08 57.84
N PHE YA 75 -18.90 28.15 58.96
CA PHE YA 75 -19.18 29.18 59.95
C PHE YA 75 -17.90 29.89 60.30
N GLU YA 76 -17.93 31.20 60.22
CA GLU YA 76 -16.79 32.02 60.50
C GLU YA 76 -17.00 32.64 61.87
N ILE YA 77 -16.16 32.29 62.83
CA ILE YA 77 -16.27 32.84 64.17
C ILE YA 77 -15.47 34.11 64.20
N GLN YA 78 -16.13 35.21 64.52
CA GLN YA 78 -15.52 36.52 64.43
C GLN YA 78 -15.66 37.29 65.76
N PRO YA 79 -14.82 36.93 66.74
CA PRO YA 79 -14.83 37.53 68.04
C PRO YA 79 -14.03 38.80 68.00
N MET YA 80 -14.50 39.78 68.77
CA MET YA 80 -13.96 41.12 68.71
C MET YA 80 -13.65 41.65 70.07
N CYS YA 81 -12.36 41.66 70.38
CA CYS YA 81 -11.88 41.96 71.71
C CYS YA 81 -10.43 42.37 71.58
N PRO YA 82 -9.86 42.95 72.63
CA PRO YA 82 -8.49 43.32 72.53
C PRO YA 82 -7.58 42.12 72.55
N ALA YA 83 -6.36 42.29 72.02
CA ALA YA 83 -5.38 41.22 71.94
C ALA YA 83 -4.85 40.78 73.30
N ASN YA 84 -5.18 41.52 74.36
CA ASN YA 84 -4.83 41.16 75.73
C ASN YA 84 -5.93 40.41 76.49
N THR YA 85 -6.68 39.59 75.78
CA THR YA 85 -7.78 38.87 76.37
C THR YA 85 -7.32 37.45 76.61
N GLY YA 86 -7.58 36.96 77.82
CA GLY YA 86 -7.25 35.59 78.22
C GLY YA 86 -8.39 34.74 77.79
N GLY YA 87 -8.54 34.59 76.50
CA GLY YA 87 -9.77 34.06 76.00
C GLY YA 87 -9.75 32.57 75.80
N GLY YA 88 -10.51 32.14 74.82
CA GLY YA 88 -10.62 30.75 74.50
C GLY YA 88 -12.04 30.39 74.11
N TYR YA 89 -12.18 29.76 72.96
CA TYR YA 89 -13.44 29.18 72.59
C TYR YA 89 -13.25 27.93 71.78
N VAL YA 90 -14.27 27.08 71.82
CA VAL YA 90 -14.40 25.96 70.91
C VAL YA 90 -15.71 26.16 70.19
N ALA YA 91 -15.66 26.03 68.87
CA ALA YA 91 -16.84 26.20 68.03
C ALA YA 91 -17.01 24.94 67.19
N GLY YA 92 -18.25 24.46 67.08
CA GLY YA 92 -18.51 23.23 66.35
C GLY YA 92 -19.92 23.19 65.84
N PHE YA 93 -20.12 22.46 64.75
CA PHE YA 93 -21.44 22.31 64.17
C PHE YA 93 -21.87 20.85 64.28
N LEU YA 94 -22.81 20.57 65.16
CA LEU YA 94 -23.38 19.22 65.23
C LEU YA 94 -24.60 19.10 64.33
N PRO YA 95 -24.63 18.04 63.48
CA PRO YA 95 -25.64 17.86 62.43
C PRO YA 95 -27.07 17.45 62.83
N ASP YA 96 -27.42 17.38 64.10
CA ASP YA 96 -28.84 17.25 64.47
C ASP YA 96 -29.34 18.51 65.10
N PRO YA 97 -30.39 19.09 64.54
CA PRO YA 97 -31.00 20.19 65.29
C PRO YA 97 -31.56 19.67 66.62
N THR YA 98 -31.75 18.35 66.68
CA THR YA 98 -32.36 17.68 67.81
C THR YA 98 -31.64 17.86 69.14
N ASP YA 99 -30.38 17.42 69.25
CA ASP YA 99 -29.80 17.14 70.58
C ASP YA 99 -29.01 18.26 71.24
N ASN YA 100 -29.15 18.29 72.57
CA ASN YA 100 -28.59 19.31 73.46
C ASN YA 100 -27.23 18.96 74.07
N ASP YA 101 -26.48 18.04 73.47
CA ASP YA 101 -25.19 17.64 74.00
C ASP YA 101 -24.14 18.75 73.76
N HIS YA 102 -24.10 19.76 74.62
CA HIS YA 102 -23.24 20.94 74.44
C HIS YA 102 -22.02 20.95 75.35
N THR YA 103 -21.18 19.92 75.20
CA THR YA 103 -19.95 19.77 75.96
C THR YA 103 -18.77 19.88 74.99
N PHE YA 104 -17.61 20.28 75.51
CA PHE YA 104 -16.42 20.44 74.67
C PHE YA 104 -16.13 19.19 73.85
N ASP YA 105 -16.08 18.04 74.51
CA ASP YA 105 -15.67 16.81 73.85
C ASP YA 105 -16.63 16.45 72.72
N ALA YA 106 -17.91 16.75 72.92
CA ALA YA 106 -18.93 16.50 71.90
C ALA YA 106 -18.81 17.42 70.70
N LEU YA 107 -18.44 18.67 70.94
CA LEU YA 107 -18.12 19.59 69.85
C LEU YA 107 -16.88 19.19 69.08
N GLN YA 108 -15.79 18.91 69.80
CA GLN YA 108 -14.50 18.50 69.18
C GLN YA 108 -14.61 17.19 68.35
N ALA YA 109 -15.60 16.36 68.68
CA ALA YA 109 -15.88 15.15 67.92
C ALA YA 109 -16.43 15.40 66.53
N THR YA 110 -16.98 16.59 66.27
CA THR YA 110 -17.46 16.98 64.94
C THR YA 110 -16.31 17.41 64.02
N ARG YA 111 -16.57 17.61 62.73
CA ARG YA 111 -15.48 17.72 61.77
C ARG YA 111 -14.96 19.12 61.71
N GLY YA 112 -15.85 20.07 61.68
CA GLY YA 112 -15.41 21.46 61.57
C GLY YA 112 -14.60 21.91 62.75
N ALA YA 113 -14.86 21.29 63.90
CA ALA YA 113 -14.48 21.84 65.19
C ALA YA 113 -13.16 22.57 65.23
N VAL YA 114 -13.23 23.79 65.75
CA VAL YA 114 -12.06 24.64 65.97
C VAL YA 114 -11.98 25.19 67.39
N VAL YA 115 -10.75 25.36 67.89
CA VAL YA 115 -10.54 26.06 69.14
C VAL YA 115 -9.49 27.14 68.92
N ALA YA 116 -9.66 28.24 69.66
CA ALA YA 116 -8.78 29.38 69.51
C ALA YA 116 -8.94 30.36 70.67
N LYS YA 117 -7.97 31.23 70.82
CA LYS YA 117 -8.07 32.29 71.81
C LYS YA 117 -9.05 33.33 71.28
N TRP YA 118 -9.68 34.09 72.17
CA TRP YA 118 -10.75 34.99 71.73
C TRP YA 118 -10.31 36.09 70.76
N TRP YA 119 -9.02 36.34 70.68
CA TRP YA 119 -8.55 37.35 69.75
C TRP YA 119 -8.09 36.74 68.41
N GLU YA 120 -8.64 35.58 68.07
CA GLU YA 120 -8.28 34.86 66.85
C GLU YA 120 -9.56 34.48 66.12
N SER YA 121 -9.67 34.91 64.86
CA SER YA 121 -10.77 34.52 63.98
C SER YA 121 -10.57 33.10 63.61
N ARG YA 122 -11.64 32.45 63.19
CA ARG YA 122 -11.54 31.04 62.91
C ARG YA 122 -12.75 30.54 62.10
N THR YA 123 -12.55 29.50 61.32
CA THR YA 123 -13.60 29.01 60.45
C THR YA 123 -13.84 27.51 60.64
N VAL YA 124 -15.07 27.15 60.97
CA VAL YA 124 -15.43 25.74 61.08
C VAL YA 124 -16.00 25.31 59.74
N ARG YA 125 -15.44 24.21 59.24
CA ARG YA 125 -15.86 23.62 57.98
C ARG YA 125 -16.44 22.25 58.27
N PRO YA 126 -17.73 22.20 58.58
CA PRO YA 126 -18.26 20.94 59.05
C PRO YA 126 -18.62 20.01 57.91
N GLN YA 127 -18.96 18.79 58.29
CA GLN YA 127 -19.63 17.85 57.42
C GLN YA 127 -21.01 17.64 58.03
N TYR YA 128 -22.00 17.53 57.15
CA TYR YA 128 -23.41 17.69 57.52
C TYR YA 128 -24.25 16.64 56.80
N THR YA 129 -25.57 16.75 56.94
CA THR YA 129 -26.55 15.86 56.28
C THR YA 129 -26.34 15.71 54.76
N ARG YA 130 -26.13 16.82 54.05
CA ARG YA 130 -25.88 16.83 52.60
C ARG YA 130 -27.10 16.37 51.79
N THR YA 131 -28.26 16.45 52.43
CA THR YA 131 -29.48 15.80 51.95
C THR YA 131 -30.58 16.82 51.64
N LEU YA 132 -31.70 16.35 51.09
CA LEU YA 132 -32.88 17.20 50.87
C LEU YA 132 -33.63 17.50 52.17
N LEU YA 133 -34.07 18.74 52.30
CA LEU YA 133 -34.69 19.23 53.51
C LEU YA 133 -36.03 19.87 53.16
N TRP YA 134 -36.53 20.72 54.05
CA TRP YA 134 -37.86 21.30 53.96
C TRP YA 134 -37.85 22.73 54.46
N THR YA 135 -38.37 23.66 53.66
CA THR YA 135 -38.22 25.10 53.94
C THR YA 135 -39.13 25.58 55.06
N SER YA 136 -40.04 24.72 55.52
CA SER YA 136 -40.95 25.05 56.62
C SER YA 136 -41.13 23.90 57.62
N SER YA 137 -41.55 24.22 58.84
CA SER YA 137 -41.62 23.27 59.98
C SER YA 137 -42.37 21.95 59.72
N GLY YA 138 -41.91 20.91 60.41
CA GLY YA 138 -42.43 19.54 60.24
C GLY YA 138 -42.65 18.87 61.57
N LYS YA 139 -43.40 17.78 61.53
CA LYS YA 139 -43.64 16.98 62.72
C LYS YA 139 -42.29 16.35 63.12
N GLU YA 140 -41.53 15.88 62.12
CA GLU YA 140 -40.17 15.37 62.29
C GLU YA 140 -39.20 16.42 61.78
N GLN YA 141 -38.44 17.01 62.68
CA GLN YA 141 -37.57 18.12 62.33
C GLN YA 141 -36.16 17.75 61.85
N ARG YA 142 -35.96 16.48 61.54
CA ARG YA 142 -34.72 16.01 60.92
C ARG YA 142 -34.62 16.51 59.49
N LEU YA 143 -35.75 16.97 58.91
CA LEU YA 143 -35.78 17.46 57.54
C LEU YA 143 -36.06 18.97 57.39
N THR YA 144 -36.08 19.72 58.48
CA THR YA 144 -36.28 21.16 58.39
C THR YA 144 -35.00 22.01 58.66
N SER YA 145 -33.98 21.41 59.28
CA SER YA 145 -32.71 22.09 59.63
C SER YA 145 -31.53 21.10 59.51
N PRO YA 146 -30.38 21.57 58.99
CA PRO YA 146 -29.27 20.65 58.73
C PRO YA 146 -28.37 20.39 59.96
N GLY YA 147 -28.63 21.12 61.05
CA GLY YA 147 -27.85 21.03 62.27
C GLY YA 147 -27.89 22.32 63.06
N ARG YA 148 -26.94 22.49 63.97
CA ARG YA 148 -26.85 23.72 64.77
C ARG YA 148 -25.42 24.03 65.19
N LEU YA 149 -25.13 25.32 65.29
CA LEU YA 149 -23.78 25.83 65.51
C LEU YA 149 -23.66 26.18 66.98
N ILE YA 150 -22.68 25.60 67.65
CA ILE YA 150 -22.51 25.84 69.08
C ILE YA 150 -21.16 26.51 69.31
N LEU YA 151 -21.13 27.46 70.26
CA LEU YA 151 -19.90 28.15 70.59
C LEU YA 151 -19.75 28.15 72.08
N LEU YA 152 -18.68 27.54 72.55
CA LEU YA 152 -18.41 27.35 73.98
C LEU YA 152 -17.17 28.13 74.44
N CYS YA 153 -17.21 28.59 75.67
CA CYS YA 153 -16.04 29.16 76.29
C CYS YA 153 -15.02 28.09 76.66
N VAL YA 154 -13.76 28.47 76.50
CA VAL YA 154 -12.63 27.73 77.02
C VAL YA 154 -11.87 28.71 77.90
N GLY YA 155 -11.54 28.27 79.10
CA GLY YA 155 -11.01 29.15 80.11
C GLY YA 155 -11.99 30.29 80.35
N ASN YA 156 -11.49 31.40 80.87
CA ASN YA 156 -12.38 32.52 81.18
C ASN YA 156 -11.79 33.82 80.71
N ASN YA 157 -12.61 34.61 80.03
CA ASN YA 157 -12.19 35.86 79.41
C ASN YA 157 -11.84 36.99 80.38
N THR YA 158 -10.68 37.60 80.14
CA THR YA 158 -10.20 38.77 80.89
C THR YA 158 -10.91 40.05 80.52
N ASP YA 159 -11.54 40.06 79.36
CA ASP YA 159 -12.03 41.29 78.81
C ASP YA 159 -13.34 41.08 78.07
N VAL YA 160 -13.94 42.16 77.62
CA VAL YA 160 -15.24 42.09 76.97
C VAL YA 160 -15.09 41.61 75.54
N VAL YA 161 -15.90 40.63 75.17
CA VAL YA 161 -15.85 40.05 73.84
C VAL YA 161 -17.17 40.30 73.14
N ASN YA 162 -17.13 40.77 71.89
CA ASN YA 162 -18.32 40.93 71.09
C ASN YA 162 -18.26 39.98 69.92
N VAL YA 163 -18.58 38.72 70.20
CA VAL YA 163 -18.52 37.68 69.18
C VAL YA 163 -19.73 37.75 68.23
N SER YA 164 -19.46 37.66 66.94
CA SER YA 164 -20.50 37.52 65.93
C SER YA 164 -20.11 36.30 65.11
N VAL YA 165 -20.98 35.29 65.03
CA VAL YA 165 -20.69 34.15 64.13
C VAL YA 165 -21.44 34.33 62.80
N LEU YA 166 -20.77 33.99 61.73
CA LEU YA 166 -21.30 34.17 60.41
C LEU YA 166 -21.39 32.83 59.76
N CYS YA 167 -22.47 32.57 59.06
CA CYS YA 167 -22.64 31.35 58.33
C CYS YA 167 -22.53 31.67 56.85
N ARG YA 168 -21.56 31.07 56.18
CA ARG YA 168 -21.53 31.15 54.71
C ARG YA 168 -22.14 29.87 54.17
N TRP YA 169 -23.02 30.03 53.20
CA TRP YA 169 -23.93 28.98 52.79
C TRP YA 169 -24.12 28.97 51.30
N SER YA 170 -24.32 27.76 50.77
CA SER YA 170 -24.65 27.56 49.39
C SER YA 170 -25.72 26.50 49.36
N VAL YA 171 -26.84 26.80 48.73
CA VAL YA 171 -28.04 26.01 48.87
C VAL YA 171 -28.68 25.79 47.50
N ARG YA 172 -29.21 24.61 47.23
CA ARG YA 172 -30.04 24.43 46.02
C ARG YA 172 -31.54 24.20 46.36
N LEU YA 173 -32.39 25.07 45.80
CA LEU YA 173 -33.82 25.14 46.13
C LEU YA 173 -34.71 24.47 45.09
N SER YA 174 -35.82 23.92 45.56
CA SER YA 174 -36.66 23.03 44.74
C SER YA 174 -38.14 23.21 45.02
N VAL YA 175 -38.96 22.54 44.23
CA VAL YA 175 -40.42 22.73 44.10
C VAL YA 175 -40.96 24.14 44.42
N PRO YA 176 -41.28 24.89 43.38
CA PRO YA 176 -41.95 26.17 43.48
C PRO YA 176 -43.18 26.12 44.35
N SER YA 177 -43.53 27.27 44.92
CA SER YA 177 -44.48 27.34 46.03
C SER YA 177 -44.61 28.80 46.47
N LEU YA 178 -45.49 29.08 47.43
CA LEU YA 178 -45.64 30.44 47.95
C LEU YA 178 -46.31 30.47 49.31
N GLU YA 179 -45.52 30.63 50.36
CA GLU YA 179 -46.06 30.60 51.73
C GLU YA 179 -46.22 31.98 52.35
N ASN YA 180 -47.48 32.38 52.53
CA ASN YA 180 -47.86 33.70 53.02
C ASN YA 180 -48.39 33.64 54.43
N THR ZA 18 24.54 4.91 47.08
CA THR ZA 18 25.71 5.70 47.56
C THR ZA 18 26.14 5.15 48.94
N ASN ZA 19 27.44 5.21 49.23
CA ASN ZA 19 27.94 4.82 50.55
C ASN ZA 19 27.51 5.82 51.64
N ASP ZA 20 27.21 7.06 51.22
CA ASP ZA 20 26.87 8.20 52.10
C ASP ZA 20 25.61 8.06 52.96
N VAL ZA 21 25.70 8.55 54.19
CA VAL ZA 21 24.60 8.51 55.16
C VAL ZA 21 24.00 9.89 55.35
N HIS ZA 22 22.74 10.06 54.97
CA HIS ZA 22 22.07 11.34 55.12
C HIS ZA 22 21.41 11.41 56.50
N LEU ZA 23 21.49 12.59 57.12
CA LEU ZA 23 21.14 12.79 58.52
C LEU ZA 23 20.57 14.20 58.70
N SER ZA 24 19.37 14.29 59.26
CA SER ZA 24 18.66 15.57 59.45
C SER ZA 24 18.25 15.81 60.90
N GLY ZA 25 17.97 17.06 61.22
CA GLY ZA 25 17.49 17.38 62.55
C GLY ZA 25 17.22 18.86 62.66
N MET ZA 26 16.84 19.30 63.84
CA MET ZA 26 16.71 20.72 64.11
C MET ZA 26 17.03 20.94 65.59
N SER ZA 27 17.99 21.81 65.88
CA SER ZA 27 18.56 21.89 67.23
C SER ZA 27 18.61 23.31 67.70
N ARG ZA 28 18.75 23.50 69.01
CA ARG ZA 28 18.89 24.84 69.57
C ARG ZA 28 20.34 25.27 69.62
N ILE ZA 29 20.72 26.08 68.65
CA ILE ZA 29 22.03 26.74 68.62
C ILE ZA 29 22.27 27.69 69.80
N SER ZA 30 21.24 28.32 70.35
CA SER ZA 30 21.48 29.29 71.39
C SER ZA 30 20.23 29.71 72.11
N GLN ZA 31 20.40 30.16 73.36
CA GLN ZA 31 19.36 30.80 74.14
C GLN ZA 31 19.88 32.02 74.89
N ALA ZA 32 19.57 33.22 74.42
CA ALA ZA 32 19.99 34.42 75.14
C ALA ZA 32 18.78 35.04 75.84
N VAL ZA 33 19.05 35.96 76.75
CA VAL ZA 33 18.00 36.63 77.48
C VAL ZA 33 18.44 38.07 77.64
N LEU ZA 34 17.81 38.92 76.86
CA LEU ZA 34 18.25 40.29 76.64
C LEU ZA 34 17.48 41.25 77.51
N PRO ZA 35 18.08 41.66 78.63
CA PRO ZA 35 17.35 42.38 79.67
C PRO ZA 35 16.69 43.64 79.19
N ALA ZA 36 15.82 44.17 80.04
CA ALA ZA 36 14.73 45.01 79.60
C ALA ZA 36 15.06 46.44 79.18
N GLY ZA 37 16.31 46.73 78.85
CA GLY ZA 37 16.59 47.95 78.11
C GLY ZA 37 18.01 48.02 77.61
N THR ZA 38 18.65 46.87 77.44
CA THR ZA 38 20.08 46.82 77.27
C THR ZA 38 20.46 46.81 75.80
N GLY ZA 39 19.50 46.49 74.93
CA GLY ZA 39 19.78 46.35 73.50
C GLY ZA 39 19.87 47.70 72.83
N THR ZA 40 20.87 47.87 71.97
CA THR ZA 40 20.97 49.01 71.05
C THR ZA 40 21.58 48.59 69.72
N ASP ZA 41 21.33 49.41 68.71
CA ASP ZA 41 21.79 49.17 67.33
C ASP ZA 41 23.21 48.71 67.35
N GLY ZA 42 23.41 47.40 67.27
CA GLY ZA 42 24.76 46.81 67.18
C GLY ZA 42 24.93 45.64 68.10
N TYR ZA 43 24.35 45.77 69.29
CA TYR ZA 43 24.51 44.80 70.36
C TYR ZA 43 24.43 43.38 69.79
N VAL ZA 44 25.50 42.60 70.01
CA VAL ZA 44 25.49 41.22 69.58
C VAL ZA 44 24.90 40.33 70.68
N VAL ZA 45 23.74 39.73 70.40
CA VAL ZA 45 23.04 38.90 71.39
C VAL ZA 45 23.32 37.41 71.21
N VAL ZA 46 23.52 37.02 69.97
CA VAL ZA 46 23.91 35.67 69.70
C VAL ZA 46 24.95 35.78 68.63
N ASP ZA 47 25.98 34.95 68.76
CA ASP ZA 47 26.98 34.80 67.74
C ASP ZA 47 27.48 33.40 67.96
N ALA ZA 48 27.12 32.47 67.08
CA ALA ZA 48 27.37 31.07 67.37
C ALA ZA 48 27.94 30.39 66.16
N THR ZA 49 29.12 29.77 66.34
CA THR ZA 49 29.82 29.14 65.22
C THR ZA 49 29.34 27.70 65.03
N ILE ZA 50 28.95 27.39 63.79
CA ILE ZA 50 28.18 26.19 63.48
C ILE ZA 50 29.11 25.00 63.31
N VAL ZA 51 29.19 24.20 64.36
CA VAL ZA 51 30.00 22.99 64.41
C VAL ZA 51 29.12 21.81 64.82
N PRO ZA 52 29.50 20.59 64.44
CA PRO ZA 52 28.70 19.40 64.75
C PRO ZA 52 28.40 19.22 66.24
N ASP ZA 53 29.32 19.64 67.12
CA ASP ZA 53 29.09 19.47 68.55
C ASP ZA 53 28.06 20.41 69.12
N LEU ZA 54 27.64 21.41 68.35
CA LEU ZA 54 26.57 22.33 68.75
C LEU ZA 54 25.15 21.84 68.38
N LEU ZA 55 25.11 20.81 67.53
CA LEU ZA 55 23.87 20.17 67.05
C LEU ZA 55 23.78 18.73 67.58
N PRO ZA 56 23.30 18.56 68.81
CA PRO ZA 56 23.39 17.29 69.54
C PRO ZA 56 23.21 15.98 68.76
N ARG ZA 57 22.15 15.83 67.96
CA ARG ZA 57 22.01 14.58 67.21
C ARG ZA 57 23.21 14.40 66.28
N LEU ZA 58 23.54 15.44 65.52
CA LEU ZA 58 24.77 15.47 64.69
C LEU ZA 58 26.08 15.36 65.47
N GLY ZA 59 26.12 15.92 66.67
CA GLY ZA 59 27.26 15.74 67.55
C GLY ZA 59 27.66 14.30 67.83
N HIS ZA 60 26.71 13.38 67.74
CA HIS ZA 60 27.03 11.98 67.95
C HIS ZA 60 27.45 11.37 66.62
N ALA ZA 61 26.67 11.59 65.57
CA ALA ZA 61 26.95 11.00 64.26
C ALA ZA 61 28.35 11.32 63.80
N ALA ZA 62 28.88 12.43 64.29
CA ALA ZA 62 30.25 12.84 63.99
C ALA ZA 62 31.32 11.95 64.60
N ARG ZA 63 31.05 11.33 65.76
CA ARG ZA 63 32.00 10.39 66.35
C ARG ZA 63 32.03 9.06 65.60
N ILE ZA 64 31.25 8.94 64.55
CA ILE ZA 64 31.18 7.76 63.73
C ILE ZA 64 31.83 8.04 62.38
N PHE ZA 65 31.69 9.24 61.83
CA PHE ZA 65 32.24 9.53 60.50
C PHE ZA 65 33.41 10.52 60.55
N GLN ZA 66 34.15 10.66 59.44
CA GLN ZA 66 35.33 11.55 59.40
C GLN ZA 66 35.03 12.92 58.82
N ARG ZA 67 34.12 12.93 57.85
CA ARG ZA 67 33.70 14.15 57.19
C ARG ZA 67 32.18 14.23 57.03
N TYR ZA 68 31.69 15.46 56.94
CA TYR ZA 68 30.32 15.74 56.63
C TYR ZA 68 30.28 16.88 55.66
N ALA ZA 69 29.32 16.85 54.74
CA ALA ZA 69 29.07 17.97 53.84
C ALA ZA 69 27.64 18.49 54.09
N VAL ZA 70 27.50 19.80 54.27
CA VAL ZA 70 26.20 20.40 54.57
C VAL ZA 70 25.33 20.38 53.32
N GLU ZA 71 24.15 19.75 53.39
CA GLU ZA 71 23.24 19.75 52.25
C GLU ZA 71 22.12 20.80 52.36
N THR ZA 72 21.56 21.03 53.54
CA THR ZA 72 20.60 22.14 53.75
C THR ZA 72 20.82 22.80 55.11
N LEU ZA 73 20.70 24.11 55.18
CA LEU ZA 73 20.90 24.83 56.45
C LEU ZA 73 19.87 25.95 56.59
N GLU ZA 74 19.26 26.07 57.76
CA GLU ZA 74 18.35 27.19 58.04
C GLU ZA 74 18.29 27.52 59.52
N PHE ZA 75 18.15 28.79 59.82
CA PHE ZA 75 18.06 29.23 61.18
C PHE ZA 75 16.69 29.90 61.48
N GLU ZA 76 15.94 29.28 62.40
CA GLU ZA 76 14.67 29.81 62.89
C GLU ZA 76 15.00 30.67 64.10
N ILE ZA 77 14.83 31.97 63.98
CA ILE ZA 77 14.98 32.85 65.13
C ILE ZA 77 13.67 32.83 65.89
N GLN ZA 78 13.75 32.74 67.20
CA GLN ZA 78 12.53 32.53 67.95
C GLN ZA 78 12.58 33.30 69.25
N PRO ZA 79 12.37 34.61 69.17
CA PRO ZA 79 12.37 35.43 70.35
C PRO ZA 79 11.02 35.30 71.03
N MET ZA 80 11.04 35.36 72.36
CA MET ZA 80 9.82 35.33 73.13
C MET ZA 80 9.74 36.51 74.06
N CYS ZA 81 8.61 37.19 73.98
CA CYS ZA 81 8.41 38.42 74.70
C CYS ZA 81 6.98 38.87 74.43
N PRO ZA 82 6.51 39.88 75.17
CA PRO ZA 82 5.15 40.33 74.89
C PRO ZA 82 5.11 41.11 73.60
N ALA ZA 83 3.93 41.17 72.99
CA ALA ZA 83 3.74 41.86 71.74
C ALA ZA 83 3.83 43.37 71.88
N ASN ZA 84 3.95 43.84 73.13
CA ASN ZA 84 4.27 45.24 73.41
C ASN ZA 84 5.77 45.42 73.68
N THR ZA 85 6.59 45.13 72.68
CA THR ZA 85 8.04 45.28 72.80
C THR ZA 85 8.49 46.16 71.66
N GLY ZA 86 9.27 47.19 71.96
CA GLY ZA 86 9.81 48.12 70.97
C GLY ZA 86 11.06 47.58 70.32
N GLY ZA 87 11.28 46.29 70.46
CA GLY ZA 87 12.48 45.68 69.97
C GLY ZA 87 12.67 45.62 68.46
N GLY ZA 88 13.55 44.72 68.04
CA GLY ZA 88 14.03 44.66 66.69
C GLY ZA 88 15.30 43.87 66.61
N TYR ZA 89 15.44 43.05 65.56
CA TYR ZA 89 16.71 42.37 65.29
C TYR ZA 89 17.09 42.27 63.83
N VAL ZA 90 18.29 41.77 63.60
CA VAL ZA 90 18.68 41.35 62.29
C VAL ZA 90 19.49 40.11 62.52
N ALA ZA 91 19.17 39.07 61.79
CA ALA ZA 91 19.85 37.80 61.93
C ALA ZA 91 20.39 37.44 60.59
N GLY ZA 92 21.62 36.94 60.54
CA GLY ZA 92 22.19 36.45 59.28
C GLY ZA 92 23.31 35.44 59.46
N PHE ZA 93 23.51 34.60 58.43
CA PHE ZA 93 24.54 33.57 58.48
C PHE ZA 93 25.66 33.96 57.57
N LEU ZA 94 26.77 34.42 58.15
CA LEU ZA 94 28.01 34.64 57.37
C LEU ZA 94 28.83 33.34 57.29
N PRO ZA 95 29.21 32.94 56.05
CA PRO ZA 95 29.90 31.65 55.81
C PRO ZA 95 31.44 31.67 55.84
N ASP ZA 96 32.04 32.30 56.85
CA ASP ZA 96 33.41 31.97 57.26
C ASP ZA 96 33.25 31.73 58.73
N PRO ZA 97 33.70 30.59 59.21
CA PRO ZA 97 33.85 30.50 60.65
C PRO ZA 97 34.73 31.63 61.19
N THR ZA 98 35.63 32.10 60.32
CA THR ZA 98 36.69 33.05 60.69
C THR ZA 98 36.20 34.45 61.07
N ASP ZA 99 35.38 35.09 60.22
CA ASP ZA 99 35.31 36.55 60.25
C ASP ZA 99 34.44 37.20 61.35
N ASN ZA 100 35.03 38.20 61.98
CA ASN ZA 100 34.44 38.91 63.10
C ASN ZA 100 33.69 40.15 62.69
N ASP ZA 101 33.12 40.19 61.50
CA ASP ZA 101 32.39 41.38 61.06
C ASP ZA 101 30.92 41.21 61.48
N HIS ZA 102 30.57 41.80 62.62
CA HIS ZA 102 29.25 41.66 63.24
C HIS ZA 102 28.57 43.00 63.27
N THR ZA 103 28.35 43.52 62.07
CA THR ZA 103 27.82 44.85 61.84
C THR ZA 103 26.55 44.67 61.04
N PHE ZA 104 25.59 45.60 61.19
CA PHE ZA 104 24.32 45.47 60.47
C PHE ZA 104 24.44 45.25 58.95
N ASP ZA 105 25.16 46.12 58.27
CA ASP ZA 105 25.12 46.08 56.82
C ASP ZA 105 25.80 44.83 56.31
N ALA ZA 106 26.80 44.35 57.04
CA ALA ZA 106 27.49 43.08 56.73
C ALA ZA 106 26.63 41.82 56.90
N LEU ZA 107 25.67 41.83 57.82
CA LEU ZA 107 24.68 40.78 57.93
C LEU ZA 107 23.70 40.89 56.78
N GLN ZA 108 23.11 42.08 56.59
CA GLN ZA 108 22.14 42.28 55.49
C GLN ZA 108 22.70 42.04 54.11
N ALA ZA 109 24.03 42.11 53.96
CA ALA ZA 109 24.71 41.72 52.72
C ALA ZA 109 24.68 40.21 52.39
N THR ZA 110 24.54 39.36 53.40
CA THR ZA 110 24.41 37.92 53.18
C THR ZA 110 23.01 37.57 52.65
N ARG ZA 111 22.72 36.28 52.42
CA ARG ZA 111 21.54 35.89 51.61
C ARG ZA 111 20.25 35.75 52.41
N GLY ZA 112 20.28 34.98 53.48
CA GLY ZA 112 19.03 34.74 54.19
C GLY ZA 112 18.53 35.92 55.00
N ALA ZA 113 19.38 36.93 55.17
CA ALA ZA 113 19.28 37.87 56.27
C ALA ZA 113 17.87 38.42 56.44
N VAL ZA 114 17.33 38.19 57.63
CA VAL ZA 114 16.00 38.66 57.95
C VAL ZA 114 16.09 39.71 59.02
N VAL ZA 115 15.25 40.74 58.90
CA VAL ZA 115 14.99 41.68 59.98
C VAL ZA 115 13.52 41.54 60.40
N ALA ZA 116 13.24 41.98 61.62
CA ALA ZA 116 11.93 41.82 62.22
C ALA ZA 116 11.94 42.37 63.62
N LYS ZA 117 10.75 42.72 64.10
CA LYS ZA 117 10.61 43.15 65.48
C LYS ZA 117 10.75 41.98 66.44
N TRP ZA 118 10.98 42.27 67.71
CA TRP ZA 118 11.24 41.20 68.65
C TRP ZA 118 10.00 40.36 68.99
N TRP ZA 119 8.81 40.70 68.51
CA TRP ZA 119 7.65 39.81 68.75
C TRP ZA 119 7.21 39.05 67.49
N GLU ZA 120 8.15 38.89 66.55
CA GLU ZA 120 7.94 38.30 65.21
C GLU ZA 120 9.03 37.24 65.01
N SER ZA 121 8.59 35.99 64.87
CA SER ZA 121 9.47 34.85 64.53
C SER ZA 121 9.87 34.98 63.09
N ARG ZA 122 11.00 34.41 62.73
CA ARG ZA 122 11.49 34.60 61.38
C ARG ZA 122 12.56 33.54 61.05
N THR ZA 123 12.64 33.13 59.78
CA THR ZA 123 13.61 32.11 59.35
C THR ZA 123 14.63 32.71 58.40
N VAL ZA 124 15.92 32.50 58.70
CA VAL ZA 124 16.97 32.87 57.75
C VAL ZA 124 17.20 31.65 56.88
N ARG ZA 125 17.34 31.88 55.59
CA ARG ZA 125 17.68 30.86 54.63
C ARG ZA 125 18.93 31.31 53.90
N PRO ZA 126 20.10 30.83 54.35
CA PRO ZA 126 21.33 31.27 53.75
C PRO ZA 126 21.75 30.50 52.50
N GLN ZA 127 22.70 31.06 51.78
CA GLN ZA 127 23.54 30.32 50.86
C GLN ZA 127 24.93 30.27 51.53
N TYR ZA 128 25.59 29.12 51.38
CA TYR ZA 128 26.72 28.75 52.23
C TYR ZA 128 27.74 27.90 51.44
N THR ZA 129 28.67 27.27 52.16
CA THR ZA 129 29.69 26.42 51.56
C THR ZA 129 29.16 25.37 50.57
N ARG ZA 130 28.35 24.41 51.04
CA ARG ZA 130 27.93 23.28 50.22
C ARG ZA 130 29.12 22.40 49.83
N THR ZA 131 30.20 22.46 50.61
CA THR ZA 131 31.41 21.71 50.33
C THR ZA 131 31.54 20.59 51.35
N LEU ZA 132 32.60 19.78 51.19
CA LEU ZA 132 32.94 18.71 52.14
C LEU ZA 132 33.86 19.17 53.30
N LEU ZA 133 33.34 19.10 54.52
CA LEU ZA 133 34.06 19.55 55.71
C LEU ZA 133 34.57 18.35 56.51
N TRP ZA 134 34.82 18.54 57.80
CA TRP ZA 134 35.54 17.59 58.61
C TRP ZA 134 35.00 17.61 60.02
N THR ZA 135 34.77 16.42 60.55
CA THR ZA 135 34.08 16.24 61.81
C THR ZA 135 34.97 16.51 63.04
N SER ZA 136 36.29 16.44 62.83
CA SER ZA 136 37.34 16.77 63.84
C SER ZA 136 37.95 18.17 63.56
N SER ZA 137 38.41 18.87 64.60
CA SER ZA 137 38.95 20.23 64.42
C SER ZA 137 40.16 20.22 63.45
N GLY ZA 138 40.37 21.34 62.77
CA GLY ZA 138 41.48 21.49 61.81
C GLY ZA 138 42.39 22.68 62.10
N LYS ZA 139 43.52 22.75 61.40
CA LYS ZA 139 44.44 23.91 61.45
C LYS ZA 139 43.87 25.03 60.59
N GLU ZA 140 43.40 24.64 59.42
CA GLU ZA 140 42.56 25.49 58.59
C GLU ZA 140 41.07 25.16 58.85
N GLN ZA 141 40.37 26.04 59.56
CA GLN ZA 141 38.99 25.75 59.92
C GLN ZA 141 37.99 26.21 58.87
N ARG ZA 142 38.44 26.32 57.62
CA ARG ZA 142 37.53 26.55 56.49
C ARG ZA 142 36.98 25.22 56.01
N LEU ZA 143 37.48 24.13 56.58
CA LEU ZA 143 36.99 22.78 56.29
C LEU ZA 143 36.40 22.06 57.53
N THR ZA 144 36.06 22.79 58.61
CA THR ZA 144 35.34 22.20 59.77
C THR ZA 144 34.00 22.87 60.17
N SER ZA 145 33.72 24.06 59.64
CA SER ZA 145 32.44 24.76 59.89
C SER ZA 145 32.04 25.59 58.69
N PRO ZA 146 30.74 25.54 58.29
CA PRO ZA 146 30.28 26.21 57.08
C PRO ZA 146 30.03 27.70 57.28
N GLY ZA 147 30.17 28.19 58.52
CA GLY ZA 147 29.91 29.59 58.87
C GLY ZA 147 29.48 29.79 60.32
N ARG ZA 148 28.86 30.93 60.61
CA ARG ZA 148 28.36 31.22 61.96
C ARG ZA 148 27.18 32.17 61.94
N LEU ZA 149 26.27 32.01 62.90
CA LEU ZA 149 24.96 32.69 62.90
C LEU ZA 149 24.97 33.91 63.81
N ILE ZA 150 24.67 35.09 63.27
CA ILE ZA 150 24.72 36.32 64.07
C ILE ZA 150 23.33 36.89 64.19
N LEU ZA 151 22.99 37.33 65.41
CA LEU ZA 151 21.73 38.04 65.71
C LEU ZA 151 22.12 39.36 66.33
N LEU ZA 152 21.66 40.44 65.76
CA LEU ZA 152 21.99 41.77 66.25
C LEU ZA 152 20.73 42.49 66.67
N CYS ZA 153 20.85 43.41 67.62
CA CYS ZA 153 19.77 44.33 67.91
C CYS ZA 153 19.62 45.46 66.88
N VAL ZA 154 18.39 45.92 66.76
CA VAL ZA 154 18.03 47.08 65.96
C VAL ZA 154 17.09 47.88 66.83
N GLY ZA 155 17.37 49.18 67.01
CA GLY ZA 155 16.73 49.99 68.04
C GLY ZA 155 16.96 49.36 69.42
N ASN ZA 156 16.04 49.63 70.37
CA ASN ZA 156 16.10 48.97 71.71
C ASN ZA 156 14.84 48.28 72.19
N ASN ZA 157 15.05 47.24 72.99
CA ASN ZA 157 13.95 46.48 73.56
C ASN ZA 157 13.34 47.15 74.79
N THR ZA 158 12.02 47.31 74.73
CA THR ZA 158 11.20 47.80 75.82
C THR ZA 158 11.01 46.77 76.93
N ASP ZA 159 11.17 45.49 76.61
CA ASP ZA 159 10.91 44.42 77.56
C ASP ZA 159 11.98 43.35 77.49
N VAL ZA 160 12.03 42.51 78.52
CA VAL ZA 160 12.96 41.37 78.53
C VAL ZA 160 12.61 40.47 77.36
N VAL ZA 161 13.63 40.00 76.64
CA VAL ZA 161 13.43 39.13 75.48
C VAL ZA 161 14.19 37.85 75.73
N ASN ZA 162 13.49 36.71 75.65
CA ASN ZA 162 14.14 35.41 75.79
C ASN ZA 162 14.27 34.77 74.41
N VAL ZA 163 15.39 35.05 73.76
CA VAL ZA 163 15.60 34.59 72.41
C VAL ZA 163 16.32 33.21 72.37
N SER ZA 164 15.85 32.37 71.47
CA SER ZA 164 16.33 31.01 71.30
C SER ZA 164 16.47 30.91 69.82
N VAL ZA 165 17.62 30.51 69.29
CA VAL ZA 165 17.71 30.29 67.84
C VAL ZA 165 17.84 28.80 67.55
N LEU ZA 166 17.22 28.38 66.45
CA LEU ZA 166 17.19 26.99 66.10
C LEU ZA 166 17.80 26.88 64.73
N CYS ZA 167 18.51 25.77 64.51
CA CYS ZA 167 19.19 25.55 63.26
C CYS ZA 167 18.69 24.30 62.64
N ARG ZA 168 17.87 24.39 61.59
CA ARG ZA 168 17.43 23.18 60.94
C ARG ZA 168 18.50 22.81 59.95
N TRP ZA 169 18.88 21.54 60.03
CA TRP ZA 169 20.02 21.07 59.32
C TRP ZA 169 19.83 19.69 58.77
N SER ZA 170 20.35 19.51 57.57
CA SER ZA 170 20.36 18.26 56.87
C SER ZA 170 21.78 18.13 56.40
N VAL ZA 171 22.36 16.96 56.61
CA VAL ZA 171 23.79 16.79 56.39
C VAL ZA 171 24.03 15.42 55.77
N ARG ZA 172 25.09 15.27 54.98
CA ARG ZA 172 25.55 13.92 54.59
C ARG ZA 172 27.00 13.65 55.06
N LEU ZA 173 27.13 12.57 55.83
CA LEU ZA 173 28.38 12.18 56.48
C LEU ZA 173 28.99 11.05 55.69
N SER ZA 174 30.30 10.88 55.80
CA SER ZA 174 30.99 10.20 54.72
C SER ZA 174 31.90 9.03 55.08
N VAL ZA 175 32.97 9.30 55.81
CA VAL ZA 175 34.06 8.33 55.85
C VAL ZA 175 34.11 7.60 57.18
N PRO ZA 176 33.56 6.38 57.22
CA PRO ZA 176 33.25 5.78 58.52
C PRO ZA 176 34.45 5.59 59.42
N SER ZA 177 34.36 6.11 60.63
CA SER ZA 177 35.42 5.99 61.63
C SER ZA 177 34.89 5.83 63.10
N LEU ZA 178 35.67 6.24 64.10
CA LEU ZA 178 35.28 6.13 65.52
C LEU ZA 178 36.10 7.08 66.45
N GLU ZA 179 35.76 8.37 66.51
CA GLU ZA 179 36.59 9.35 67.23
C GLU ZA 179 36.30 9.28 68.73
N ASN ZA 180 37.20 8.66 69.48
CA ASN ZA 180 36.98 8.33 70.91
C ASN ZA 180 37.53 9.34 71.92
N THR AB 18 43.43 15.29 27.18
CA THR AB 18 43.48 15.37 28.64
C THR AB 18 44.92 15.67 29.09
N ASN AB 19 45.06 16.50 30.10
CA ASN AB 19 46.38 16.88 30.62
C ASN AB 19 46.92 15.98 31.74
N ASP AB 20 46.01 15.27 32.42
CA ASP AB 20 46.36 14.45 33.60
C ASP AB 20 47.21 13.23 33.28
N VAL AB 21 48.30 13.09 34.04
CA VAL AB 21 49.25 12.00 33.91
C VAL AB 21 49.02 10.96 35.01
N HIS AB 22 48.61 9.76 34.62
CA HIS AB 22 48.27 8.69 35.56
C HIS AB 22 49.45 7.75 35.80
N LEU AB 23 49.79 7.52 37.07
CA LEU AB 23 50.97 6.77 37.48
C LEU AB 23 50.60 5.68 38.51
N SER AB 24 50.88 4.42 38.18
CA SER AB 24 50.56 3.25 39.05
C SER AB 24 51.78 2.41 39.46
N GLY AB 25 51.75 1.89 40.70
CA GLY AB 25 52.83 1.04 41.17
C GLY AB 25 52.49 0.31 42.45
N MET AB 26 53.53 -0.01 43.23
CA MET AB 26 53.38 -0.69 44.51
C MET AB 26 54.73 -0.69 45.23
N SER AB 27 54.74 -0.29 46.49
CA SER AB 27 55.98 0.04 47.17
C SER AB 27 55.94 -0.39 48.63
N ARG AB 28 57.12 -0.60 49.22
CA ARG AB 28 57.19 -1.00 50.63
C ARG AB 28 57.19 0.20 51.55
N ILE AB 29 56.09 0.36 52.26
CA ILE AB 29 55.87 1.47 53.20
C ILE AB 29 56.70 1.31 54.48
N SER AB 30 56.83 0.10 54.99
CA SER AB 30 57.69 -0.14 56.13
C SER AB 30 58.10 -1.59 56.26
N GLN AB 31 59.08 -1.81 57.12
CA GLN AB 31 59.56 -3.14 57.45
C GLN AB 31 59.96 -3.06 58.91
N ALA AB 32 59.06 -3.38 59.81
CA ALA AB 32 59.46 -3.53 61.20
C ALA AB 32 59.83 -4.99 61.42
N VAL AB 33 60.83 -5.24 62.24
CA VAL AB 33 61.06 -6.62 62.69
C VAL AB 33 60.56 -6.72 64.13
N LEU AB 34 59.61 -7.60 64.38
CA LEU AB 34 59.04 -7.73 65.69
C LEU AB 34 59.63 -8.96 66.36
N PRO AB 35 60.38 -8.77 67.47
CA PRO AB 35 61.19 -9.85 68.02
C PRO AB 35 60.44 -10.90 68.83
N ALA AB 36 61.10 -12.07 68.93
CA ALA AB 36 60.70 -13.23 69.69
C ALA AB 36 59.37 -13.16 70.43
N GLY AB 37 59.28 -12.36 71.50
CA GLY AB 37 58.07 -12.32 72.35
C GLY AB 37 57.56 -10.94 72.76
N THR AB 38 57.81 -9.92 71.95
CA THR AB 38 57.52 -8.57 72.38
C THR AB 38 56.05 -8.14 72.20
N GLY AB 39 55.33 -8.70 71.23
CA GLY AB 39 53.98 -8.24 70.90
C GLY AB 39 52.94 -8.36 72.02
N THR AB 40 52.05 -7.37 72.12
CA THR AB 40 50.88 -7.39 73.01
C THR AB 40 49.75 -6.53 72.49
N ASP AB 41 48.54 -6.89 72.90
CA ASP AB 41 47.38 -6.10 72.54
C ASP AB 41 47.75 -4.61 72.57
N GLY AB 42 47.62 -3.95 71.44
CA GLY AB 42 47.80 -2.52 71.34
C GLY AB 42 49.14 -2.08 70.82
N TYR AB 43 50.16 -2.94 70.91
CA TYR AB 43 51.50 -2.51 70.51
C TYR AB 43 51.58 -2.13 69.04
N VAL AB 44 51.99 -0.90 68.78
CA VAL AB 44 52.02 -0.38 67.41
C VAL AB 44 53.34 -0.72 66.75
N VAL AB 45 53.28 -1.50 65.67
CA VAL AB 45 54.50 -1.90 64.97
C VAL AB 45 54.69 -1.20 63.63
N VAL AB 46 53.66 -0.46 63.20
CA VAL AB 46 53.75 0.34 61.97
C VAL AB 46 52.82 1.54 62.05
N ASP AB 47 53.33 2.71 61.74
CA ASP AB 47 52.49 3.90 61.66
C ASP AB 47 53.02 4.76 60.54
N ALA AB 48 52.55 4.50 59.33
CA ALA AB 48 53.18 5.10 58.19
C ALA AB 48 52.25 6.09 57.54
N THR AB 49 52.60 7.36 57.70
CA THR AB 49 51.86 8.46 57.11
C THR AB 49 52.24 8.60 55.64
N ILE AB 50 51.24 8.70 54.78
CA ILE AB 50 51.41 8.41 53.37
C ILE AB 50 51.69 9.67 52.54
N VAL AB 51 52.97 9.95 52.32
CA VAL AB 51 53.43 11.07 51.49
C VAL AB 51 53.96 10.51 50.15
N PRO AB 52 54.31 11.40 49.19
CA PRO AB 52 55.00 10.96 47.96
C PRO AB 52 56.35 10.31 48.21
N ASP AB 53 57.13 10.87 49.12
CA ASP AB 53 58.44 10.32 49.45
C ASP AB 53 58.40 8.86 49.89
N LEU AB 54 57.29 8.39 50.43
CA LEU AB 54 57.25 7.00 50.92
C LEU AB 54 57.03 5.96 49.83
N LEU AB 55 56.52 6.40 48.69
CA LEU AB 55 56.38 5.54 47.54
C LEU AB 55 57.44 6.03 46.54
N PRO AB 56 58.59 5.33 46.46
CA PRO AB 56 59.80 5.90 45.84
C PRO AB 56 59.61 6.39 44.39
N ARG AB 57 58.93 5.61 43.54
CA ARG AB 57 58.62 6.04 42.15
C ARG AB 57 57.82 7.32 42.15
N LEU AB 58 56.75 7.37 42.93
CA LEU AB 58 56.01 8.61 43.07
C LEU AB 58 56.85 9.73 43.68
N GLY AB 59 57.85 9.36 44.47
CA GLY AB 59 58.79 10.33 45.04
C GLY AB 59 59.60 11.15 44.07
N HIS AB 60 59.72 10.66 42.83
CA HIS AB 60 60.36 11.42 41.74
C HIS AB 60 59.33 12.25 40.95
N ALA AB 61 58.21 11.62 40.57
CA ALA AB 61 57.09 12.31 39.92
C ALA AB 61 56.57 13.49 40.76
N ALA AB 62 56.79 13.45 42.08
CA ALA AB 62 56.48 14.58 42.95
C ALA AB 62 57.36 15.81 42.66
N ARG AB 63 58.53 15.60 42.09
CA ARG AB 63 59.40 16.71 41.76
C ARG AB 63 59.09 17.37 40.41
N ILE AB 64 58.07 16.88 39.72
CA ILE AB 64 57.77 17.26 38.34
C ILE AB 64 56.43 17.98 38.23
N PHE AB 65 55.44 17.46 38.95
CA PHE AB 65 54.12 18.06 39.04
C PHE AB 65 53.93 18.79 40.38
N GLN AB 66 52.75 19.34 40.60
CA GLN AB 66 52.51 20.21 41.75
C GLN AB 66 51.47 19.67 42.68
N ARG AB 67 50.41 19.12 42.11
CA ARG AB 67 49.39 18.49 42.91
C ARG AB 67 49.14 17.07 42.42
N TYR AB 68 48.40 16.31 43.23
CA TYR AB 68 48.12 14.93 42.90
C TYR AB 68 46.86 14.49 43.60
N ALA AB 69 46.13 13.59 42.94
CA ALA AB 69 44.91 12.98 43.50
C ALA AB 69 45.08 11.47 43.56
N VAL AB 70 44.96 10.91 44.75
CA VAL AB 70 45.03 9.46 44.89
C VAL AB 70 43.77 8.86 44.31
N GLU AB 71 43.92 7.85 43.46
CA GLU AB 71 42.80 7.27 42.75
C GLU AB 71 42.46 5.84 43.17
N THR AB 72 43.47 5.03 43.52
CA THR AB 72 43.26 3.72 44.20
C THR AB 72 44.35 3.34 45.22
N LEU AB 73 43.94 3.13 46.47
CA LEU AB 73 44.85 2.75 47.54
C LEU AB 73 44.51 1.36 48.08
N GLU AB 74 45.54 0.56 48.28
CA GLU AB 74 45.45 -0.72 48.94
C GLU AB 74 46.76 -1.00 49.62
N PHE AB 75 46.71 -1.60 50.79
CA PHE AB 75 47.90 -1.92 51.53
C PHE AB 75 47.87 -3.41 51.74
N GLU AB 76 49.03 -4.04 51.59
CA GLU AB 76 49.15 -5.49 51.52
C GLU AB 76 50.04 -5.86 52.69
N ILE AB 77 49.44 -6.40 53.73
CA ILE AB 77 50.18 -6.71 54.95
C ILE AB 77 50.89 -8.04 54.76
N GLN AB 78 52.20 -8.01 54.82
CA GLN AB 78 52.98 -9.15 54.44
C GLN AB 78 53.98 -9.51 55.54
N PRO AB 79 53.48 -10.12 56.61
CA PRO AB 79 54.30 -10.61 57.67
C PRO AB 79 54.83 -11.98 57.34
N MET AB 80 56.06 -12.19 57.81
CA MET AB 80 56.83 -13.35 57.49
C MET AB 80 57.38 -13.99 58.72
N CYS AB 81 57.03 -15.26 58.92
CA CYS AB 81 57.35 -15.98 60.13
C CYS AB 81 56.92 -17.43 59.97
N PRO AB 82 57.20 -18.30 60.98
CA PRO AB 82 56.74 -19.70 60.88
C PRO AB 82 55.24 -19.85 61.06
N ALA AB 83 54.68 -20.94 60.53
CA ALA AB 83 53.26 -21.25 60.74
C ALA AB 83 52.91 -21.54 62.18
N ASN AB 84 53.92 -21.70 63.03
CA ASN AB 84 53.69 -21.87 64.46
C ASN AB 84 53.86 -20.57 65.24
N THR AB 85 53.34 -19.46 64.73
CA THR AB 85 53.45 -18.19 65.43
C THR AB 85 52.13 -17.84 66.12
N GLY AB 86 52.24 -17.53 67.41
CA GLY AB 86 51.08 -17.36 68.26
C GLY AB 86 50.47 -16.01 68.09
N GLY AB 87 50.70 -15.42 66.95
CA GLY AB 87 50.48 -14.02 66.77
C GLY AB 87 49.07 -13.54 66.58
N GLY AB 88 48.94 -12.54 65.72
CA GLY AB 88 47.72 -11.73 65.56
C GLY AB 88 48.01 -10.27 65.27
N TYR AB 89 47.29 -9.69 64.30
CA TYR AB 89 47.36 -8.24 64.03
C TYR AB 89 46.03 -7.60 63.63
N VAL AB 90 45.94 -6.28 63.79
CA VAL AB 90 44.85 -5.51 63.20
C VAL AB 90 45.53 -4.41 62.43
N ALA AB 91 45.01 -4.08 61.25
CA ALA AB 91 45.66 -3.16 60.36
C ALA AB 91 44.61 -2.35 59.65
N GLY AB 92 44.68 -1.04 59.80
CA GLY AB 92 43.70 -0.14 59.19
C GLY AB 92 44.36 1.07 58.58
N PHE AB 93 43.68 1.66 57.62
CA PHE AB 93 44.11 2.92 57.08
C PHE AB 93 43.18 4.00 57.55
N LEU AB 94 43.63 4.88 58.45
CA LEU AB 94 42.78 6.03 58.84
C LEU AB 94 43.07 7.27 57.99
N PRO AB 95 42.05 7.81 57.30
CA PRO AB 95 42.28 8.97 56.43
C PRO AB 95 42.51 10.33 57.11
N ASP AB 96 43.20 10.37 58.25
CA ASP AB 96 43.69 11.62 58.82
C ASP AB 96 45.16 11.49 59.05
N PRO AB 97 45.96 12.21 58.27
CA PRO AB 97 47.37 12.23 58.65
C PRO AB 97 47.53 12.73 60.08
N THR AB 98 46.60 13.61 60.50
CA THR AB 98 46.59 14.27 61.81
C THR AB 98 46.27 13.35 63.01
N ASP AB 99 45.37 12.37 62.82
CA ASP AB 99 44.74 11.70 63.96
C ASP AB 99 45.63 10.64 64.59
N ASN AB 100 45.86 10.79 65.90
CA ASN AB 100 46.74 9.92 66.66
C ASN AB 100 45.97 8.88 67.50
N ASP AB 101 44.87 8.35 66.97
CA ASP AB 101 44.08 7.35 67.68
C ASP AB 101 44.50 5.98 67.14
N HIS AB 102 45.32 5.27 67.91
CA HIS AB 102 45.96 4.04 67.45
C HIS AB 102 45.59 2.90 68.34
N THR AB 103 44.34 2.48 68.23
CA THR AB 103 43.80 1.47 69.09
C THR AB 103 42.87 0.56 68.31
N PHE AB 104 42.78 -0.70 68.69
CA PHE AB 104 42.05 -1.71 67.92
C PHE AB 104 40.70 -1.27 67.40
N ASP AB 105 39.91 -0.66 68.28
CA ASP AB 105 38.54 -0.28 67.95
C ASP AB 105 38.61 0.85 66.94
N ALA AB 106 39.56 1.74 67.16
CA ALA AB 106 39.74 2.86 66.23
C ALA AB 106 40.12 2.39 64.84
N LEU AB 107 40.93 1.34 64.76
CA LEU AB 107 41.28 0.76 63.47
C LEU AB 107 40.17 -0.06 62.88
N GLN AB 108 39.53 -0.93 63.66
CA GLN AB 108 38.45 -1.78 63.12
C GLN AB 108 37.24 -0.99 62.64
N ALA AB 109 37.13 0.28 63.05
CA ALA AB 109 36.07 1.19 62.56
C ALA AB 109 36.20 1.64 61.11
N THR AB 110 37.41 1.59 60.54
CA THR AB 110 37.69 1.97 59.13
C THR AB 110 37.26 0.84 58.16
N ARG AB 111 37.37 1.09 56.85
CA ARG AB 111 36.74 0.22 55.83
C ARG AB 111 37.56 -1.00 55.51
N GLY AB 112 38.80 -0.78 55.13
CA GLY AB 112 39.64 -1.88 54.69
C GLY AB 112 40.15 -2.78 55.81
N ALA AB 113 40.01 -2.30 57.06
CA ALA AB 113 40.58 -2.94 58.23
C ALA AB 113 40.44 -4.44 58.23
N VAL AB 114 41.56 -5.11 58.51
CA VAL AB 114 41.67 -6.57 58.53
C VAL AB 114 42.31 -7.00 59.82
N VAL AB 115 41.96 -8.20 60.32
CA VAL AB 115 42.71 -8.87 61.40
C VAL AB 115 43.04 -10.32 61.02
N ALA AB 116 44.23 -10.78 61.36
CA ALA AB 116 44.63 -12.13 61.00
C ALA AB 116 45.77 -12.57 61.82
N LYS AB 117 46.06 -13.86 61.73
CA LYS AB 117 47.18 -14.46 62.48
C LYS AB 117 48.47 -13.98 61.83
N TRP AB 118 49.57 -13.96 62.58
CA TRP AB 118 50.78 -13.38 61.98
C TRP AB 118 51.24 -14.12 60.71
N TRP AB 119 50.80 -15.37 60.52
CA TRP AB 119 51.17 -16.16 59.32
C TRP AB 119 50.14 -16.12 58.20
N GLU AB 120 49.34 -15.05 58.16
CA GLU AB 120 48.39 -14.79 57.07
C GLU AB 120 48.67 -13.41 56.48
N SER AB 121 48.90 -13.34 55.17
CA SER AB 121 48.93 -12.04 54.50
C SER AB 121 47.51 -11.50 54.42
N ARG AB 122 47.36 -10.21 54.21
CA ARG AB 122 46.05 -9.63 54.18
C ARG AB 122 46.13 -8.27 53.50
N THR AB 123 44.99 -7.73 53.08
CA THR AB 123 44.96 -6.50 52.29
C THR AB 123 43.94 -5.48 52.81
N VAL AB 124 44.40 -4.31 53.22
CA VAL AB 124 43.45 -3.32 53.67
C VAL AB 124 43.06 -2.50 52.44
N ARG AB 125 41.77 -2.57 52.11
CA ARG AB 125 41.17 -1.87 50.99
C ARG AB 125 40.33 -0.72 51.50
N PRO AB 126 40.97 0.43 51.76
CA PRO AB 126 40.24 1.48 52.41
C PRO AB 126 39.33 2.24 51.48
N GLN AB 127 38.58 3.16 52.09
CA GLN AB 127 37.96 4.29 51.43
C GLN AB 127 38.65 5.47 52.11
N TYR AB 128 38.81 6.57 51.38
CA TYR AB 128 39.79 7.58 51.76
C TYR AB 128 39.40 8.96 51.22
N THR AB 129 40.34 9.91 51.29
CA THR AB 129 40.15 11.28 50.79
C THR AB 129 39.47 11.41 49.42
N ARG AB 130 39.92 10.63 48.43
CA ARG AB 130 39.37 10.69 47.06
C ARG AB 130 39.54 12.09 46.44
N THR AB 131 40.36 12.94 47.07
CA THR AB 131 40.47 14.37 46.73
C THR AB 131 41.81 14.69 46.08
N LEU AB 132 41.97 15.95 45.68
CA LEU AB 132 43.23 16.43 45.12
C LEU AB 132 44.13 17.02 46.19
N LEU AB 133 45.31 16.43 46.33
CA LEU AB 133 46.23 16.81 47.36
C LEU AB 133 47.34 17.64 46.73
N TRP AB 134 48.57 17.50 47.23
CA TRP AB 134 49.66 18.43 46.99
C TRP AB 134 51.03 17.74 47.19
N THR AB 135 51.90 17.84 46.20
CA THR AB 135 53.11 17.03 46.16
C THR AB 135 54.20 17.47 47.12
N SER AB 136 54.05 18.65 47.72
CA SER AB 136 55.03 19.11 48.72
C SER AB 136 54.27 19.53 49.99
N SER AB 137 55.02 19.94 51.03
CA SER AB 137 54.45 20.20 52.37
C SER AB 137 53.49 21.41 52.47
N GLY AB 138 52.53 21.31 53.39
CA GLY AB 138 51.54 22.35 53.64
C GLY AB 138 51.55 22.89 55.05
N LYS AB 139 50.79 23.96 55.27
CA LYS AB 139 50.46 24.44 56.62
C LYS AB 139 49.24 23.61 57.05
N GLU AB 140 48.27 23.50 56.15
CA GLU AB 140 47.19 22.54 56.28
C GLU AB 140 47.57 21.25 55.54
N GLN AB 141 47.80 20.19 56.29
CA GLN AB 141 48.36 18.95 55.74
C GLN AB 141 47.30 17.93 55.31
N ARG AB 142 46.03 18.32 55.37
CA ARG AB 142 44.91 17.50 54.90
C ARG AB 142 44.83 17.51 53.39
N LEU AB 143 45.69 18.31 52.74
CA LEU AB 143 45.85 18.30 51.30
C LEU AB 143 47.25 17.85 50.79
N THR AB 144 48.09 17.22 51.64
CA THR AB 144 49.45 16.76 51.25
C THR AB 144 49.73 15.25 51.48
N SER AB 145 48.76 14.54 52.09
CA SER AB 145 48.85 13.12 52.45
C SER AB 145 47.44 12.61 52.76
N PRO AB 146 47.04 11.45 52.23
CA PRO AB 146 45.65 11.00 52.34
C PRO AB 146 45.34 10.07 53.54
N GLY AB 147 46.29 9.96 54.46
CA GLY AB 147 46.05 9.19 55.66
C GLY AB 147 47.28 8.45 56.13
N ARG AB 148 47.09 7.50 57.03
CA ARG AB 148 48.21 6.75 57.53
C ARG AB 148 47.81 5.31 57.83
N LEU AB 149 48.76 4.41 57.66
CA LEU AB 149 48.52 3.01 57.80
C LEU AB 149 49.05 2.63 59.14
N ILE AB 150 48.20 1.98 59.93
CA ILE AB 150 48.58 1.51 61.25
C ILE AB 150 48.57 0.00 61.27
N LEU AB 151 49.42 -0.58 62.10
CA LEU AB 151 49.48 -1.99 62.24
C LEU AB 151 49.68 -2.20 63.72
N LEU AB 152 48.85 -3.06 64.30
CA LEU AB 152 48.80 -3.23 65.72
C LEU AB 152 48.86 -4.68 66.05
N CYS AB 153 49.54 -5.00 67.13
CA CYS AB 153 49.55 -6.36 67.66
C CYS AB 153 48.27 -6.76 68.40
N VAL AB 154 47.95 -8.04 68.29
CA VAL AB 154 46.83 -8.70 68.97
C VAL AB 154 47.42 -9.97 69.47
N GLY AB 155 47.23 -10.24 70.76
CA GLY AB 155 47.94 -11.33 71.44
C GLY AB 155 49.43 -11.12 71.28
N ASN AB 156 50.23 -12.08 71.74
CA ASN AB 156 51.67 -11.94 71.54
C ASN AB 156 52.26 -13.06 70.72
N ASN AB 157 53.19 -12.65 69.87
CA ASN AB 157 53.86 -13.51 68.96
C ASN AB 157 54.86 -14.33 69.70
N THR AB 158 55.00 -15.57 69.25
CA THR AB 158 55.81 -16.59 69.88
C THR AB 158 57.12 -16.69 69.17
N ASP AB 159 57.19 -16.11 67.97
CA ASP AB 159 58.33 -16.30 67.10
C ASP AB 159 58.65 -14.96 66.45
N VAL AB 160 59.86 -14.82 65.93
CA VAL AB 160 60.26 -13.56 65.28
C VAL AB 160 59.46 -13.40 64.01
N VAL AB 161 58.97 -12.17 63.79
CA VAL AB 161 58.15 -11.80 62.65
C VAL AB 161 58.77 -10.61 61.94
N ASN AB 162 58.78 -10.64 60.61
CA ASN AB 162 59.38 -9.58 59.81
C ASN AB 162 58.31 -9.03 58.92
N VAL AB 163 57.50 -8.15 59.48
CA VAL AB 163 56.40 -7.58 58.76
C VAL AB 163 56.88 -6.52 57.81
N SER AB 164 56.34 -6.58 56.61
CA SER AB 164 56.60 -5.59 55.58
C SER AB 164 55.21 -5.19 55.06
N VAL AB 165 54.81 -3.90 55.16
CA VAL AB 165 53.56 -3.45 54.49
C VAL AB 165 53.90 -2.74 53.19
N LEU AB 166 53.13 -3.08 52.16
CA LEU AB 166 53.34 -2.61 50.82
C LEU AB 166 52.12 -1.85 50.41
N CYS AB 167 52.31 -0.66 49.87
CA CYS AB 167 51.23 0.19 49.41
C CYS AB 167 51.03 0.00 47.91
N ARG AB 168 49.86 -0.44 47.51
CA ARG AB 168 49.51 -0.46 46.10
C ARG AB 168 48.82 0.84 45.78
N TRP AB 169 49.31 1.54 44.77
CA TRP AB 169 48.85 2.88 44.48
C TRP AB 169 48.61 3.18 43.01
N SER AB 170 47.79 4.19 42.79
CA SER AB 170 47.39 4.66 41.49
C SER AB 170 46.95 6.10 41.64
N VAL AB 171 47.69 7.01 41.03
CA VAL AB 171 47.63 8.42 41.35
C VAL AB 171 47.63 9.24 40.07
N ARG AB 172 46.93 10.39 40.03
CA ARG AB 172 47.00 11.28 38.86
C ARG AB 172 47.63 12.61 39.23
N LEU AB 173 48.62 13.03 38.44
CA LEU AB 173 49.47 14.17 38.76
C LEU AB 173 49.09 15.39 37.93
N SER AB 174 49.15 16.55 38.56
CA SER AB 174 48.40 17.72 38.10
C SER AB 174 49.33 18.72 37.48
N VAL AB 175 49.63 19.84 38.15
CA VAL AB 175 50.18 20.99 37.43
C VAL AB 175 51.73 20.95 37.40
N PRO AB 176 52.32 20.97 36.19
CA PRO AB 176 53.78 20.94 36.03
C PRO AB 176 54.58 21.98 36.77
N SER AB 177 55.84 21.63 37.05
CA SER AB 177 56.70 22.35 38.00
C SER AB 177 58.02 21.60 38.19
N LEU AB 178 58.94 22.17 38.97
CA LEU AB 178 60.26 21.54 39.19
C LEU AB 178 60.81 21.77 40.61
N GLU AB 179 60.06 21.28 41.60
CA GLU AB 179 60.43 21.49 43.01
C GLU AB 179 61.81 20.84 43.27
N ASN AB 180 62.73 21.61 43.84
CA ASN AB 180 64.05 21.10 44.19
C ASN AB 180 64.00 20.19 45.40
N THR BB 18 21.98 31.42 36.76
CA THR BB 18 22.81 30.87 37.84
C THR BB 18 23.18 31.96 38.87
N ASN BB 19 23.60 31.53 40.05
CA ASN BB 19 24.01 32.46 41.12
C ASN BB 19 25.42 33.02 40.93
N ASP BB 20 26.23 32.37 40.10
CA ASP BB 20 27.62 32.77 39.86
C ASP BB 20 27.77 33.96 38.93
N VAL BB 21 28.71 34.85 39.30
CA VAL BB 21 28.92 36.10 38.60
C VAL BB 21 30.28 36.13 37.93
N HIS BB 22 30.30 36.29 36.60
CA HIS BB 22 31.56 36.26 35.84
C HIS BB 22 32.12 37.66 35.58
N LEU BB 23 33.32 37.92 36.08
CA LEU BB 23 34.05 39.17 35.86
C LEU BB 23 35.30 38.96 35.04
N SER BB 24 35.61 39.91 34.16
CA SER BB 24 36.81 39.87 33.33
C SER BB 24 37.48 41.22 33.28
N GLY BB 25 38.79 41.23 33.11
CA GLY BB 25 39.53 42.47 32.99
C GLY BB 25 41.00 42.24 32.65
N MET BB 26 41.77 43.33 32.68
CA MET BB 26 43.21 43.25 32.46
C MET BB 26 43.88 44.42 33.17
N SER BB 27 44.83 44.09 34.04
CA SER BB 27 45.35 45.06 35.00
C SER BB 27 46.86 45.03 35.03
N ARG BB 28 47.49 46.16 35.36
CA ARG BB 28 48.92 46.15 35.56
C ARG BB 28 49.28 45.59 36.96
N ILE BB 29 49.83 44.39 36.95
CA ILE BB 29 50.33 43.72 38.14
C ILE BB 29 51.49 44.47 38.77
N SER BB 30 52.40 44.97 37.95
CA SER BB 30 53.59 45.68 38.45
C SER BB 30 54.27 46.50 37.39
N GLN BB 31 55.20 47.33 37.83
CA GLN BB 31 55.98 48.15 36.94
C GLN BB 31 57.33 48.33 37.55
N ALA BB 32 58.34 47.78 36.90
CA ALA BB 32 59.70 47.92 37.37
C ALA BB 32 60.48 48.76 36.41
N VAL BB 33 61.42 49.53 36.94
CA VAL BB 33 62.37 50.27 36.12
C VAL BB 33 63.75 49.69 36.39
N LEU BB 34 64.38 49.20 35.33
CA LEU BB 34 65.63 48.48 35.44
C LEU BB 34 66.72 49.34 34.82
N PRO BB 35 67.57 49.96 35.66
CA PRO BB 35 68.52 50.93 35.12
C PRO BB 35 69.61 50.37 34.20
N ALA BB 36 70.40 51.28 33.66
CA ALA BB 36 71.17 51.03 32.47
C ALA BB 36 71.92 49.70 32.43
N GLY BB 37 72.54 49.29 33.53
CA GLY BB 37 73.39 48.11 33.47
C GLY BB 37 73.17 47.09 34.55
N THR BB 38 72.05 47.15 35.24
CA THR BB 38 71.91 46.50 36.55
C THR BB 38 71.29 45.09 36.56
N GLY BB 39 70.90 44.58 35.40
CA GLY BB 39 70.32 43.22 35.31
C GLY BB 39 71.42 42.21 35.09
N THR BB 40 71.24 40.99 35.60
CA THR BB 40 72.13 39.84 35.30
C THR BB 40 71.43 38.52 35.49
N ASP BB 41 71.94 37.49 34.81
CA ASP BB 41 71.32 36.17 34.86
C ASP BB 41 70.75 35.91 36.24
N GLY BB 42 69.42 35.77 36.32
CA GLY BB 42 68.75 35.38 37.56
C GLY BB 42 68.19 36.52 38.40
N TYR BB 43 68.53 37.76 38.07
CA TYR BB 43 68.04 38.91 38.83
C TYR BB 43 66.53 38.97 38.78
N VAL BB 44 65.86 38.95 39.93
CA VAL BB 44 64.40 39.01 39.99
C VAL BB 44 63.93 40.44 39.80
N VAL BB 45 63.27 40.75 38.68
CA VAL BB 45 62.77 42.13 38.44
C VAL BB 45 61.30 42.30 38.81
N VAL BB 46 60.55 41.21 38.81
CA VAL BB 46 59.16 41.22 39.24
C VAL BB 46 58.85 39.91 39.95
N ASP BB 47 58.15 40.03 41.07
CA ASP BB 47 57.72 38.90 41.84
C ASP BB 47 56.41 39.26 42.52
N ALA BB 48 55.32 38.98 41.83
CA ALA BB 48 54.02 39.47 42.23
C ALA BB 48 53.09 38.32 42.55
N THR BB 49 52.67 38.26 43.80
CA THR BB 49 51.71 37.25 44.25
C THR BB 49 50.30 37.73 43.91
N ILE BB 50 49.57 36.86 43.21
CA ILE BB 50 48.29 37.24 42.60
C ILE BB 50 47.13 37.19 43.60
N VAL BB 51 46.69 38.38 43.99
CA VAL BB 51 45.61 38.55 44.95
C VAL BB 51 44.59 39.50 44.31
N PRO BB 52 43.32 39.38 44.68
CA PRO BB 52 42.34 40.29 44.10
C PRO BB 52 42.66 41.79 44.31
N ASP BB 53 43.27 42.13 45.43
CA ASP BB 53 43.63 43.52 45.70
C ASP BB 53 44.55 44.10 44.63
N LEU BB 54 45.33 43.22 43.99
CA LEU BB 54 46.35 43.62 42.99
C LEU BB 54 45.73 43.99 41.64
N LEU BB 55 44.60 43.38 41.33
CA LEU BB 55 43.82 43.70 40.14
C LEU BB 55 42.71 44.67 40.53
N PRO BB 56 42.83 45.95 40.16
CA PRO BB 56 42.02 46.94 40.84
C PRO BB 56 40.51 46.75 40.71
N ARG BB 57 40.01 46.45 39.51
CA ARG BB 57 38.57 46.18 39.33
C ARG BB 57 38.13 44.98 40.13
N LEU BB 58 38.94 43.94 40.18
CA LEU BB 58 38.60 42.76 40.96
C LEU BB 58 38.72 43.05 42.45
N GLY BB 59 39.63 43.96 42.78
CA GLY BB 59 39.80 44.41 44.16
C GLY BB 59 38.51 44.91 44.76
N HIS BB 60 37.70 45.59 43.96
CA HIS BB 60 36.41 46.11 44.39
C HIS BB 60 35.35 45.02 44.52
N ALA BB 61 35.28 44.15 43.52
CA ALA BB 61 34.34 43.04 43.53
C ALA BB 61 34.70 41.98 44.58
N ALA BB 62 35.94 42.04 45.06
CA ALA BB 62 36.39 41.18 46.17
C ALA BB 62 35.66 41.45 47.48
N ARG BB 63 35.18 42.69 47.66
CA ARG BB 63 34.48 43.09 48.87
C ARG BB 63 32.97 42.82 48.84
N ILE BB 64 32.47 42.31 47.72
CA ILE BB 64 31.06 42.05 47.55
C ILE BB 64 30.75 40.57 47.68
N PHE BB 65 31.66 39.75 47.16
CA PHE BB 65 31.56 38.32 47.30
C PHE BB 65 32.65 37.85 48.23
N GLN BB 66 32.69 36.55 48.49
CA GLN BB 66 33.60 36.01 49.48
C GLN BB 66 34.54 34.94 48.96
N ARG BB 67 34.07 34.14 48.02
CA ARG BB 67 34.96 33.23 47.32
C ARG BB 67 34.98 33.54 45.82
N TYR BB 68 36.19 33.57 45.26
CA TYR BB 68 36.39 33.77 43.83
C TYR BB 68 37.14 32.59 43.26
N ALA BB 69 36.79 32.19 42.04
CA ALA BB 69 37.46 31.09 41.33
C ALA BB 69 37.97 31.55 39.95
N VAL BB 70 39.22 31.20 39.65
CA VAL BB 70 39.90 31.75 38.48
C VAL BB 70 39.63 30.90 37.25
N GLU BB 71 39.07 31.51 36.23
CA GLU BB 71 38.64 30.80 35.03
C GLU BB 71 39.62 30.95 33.85
N THR BB 72 40.19 32.14 33.66
CA THR BB 72 41.33 32.32 32.73
C THR BB 72 42.38 33.29 33.28
N LEU BB 73 43.65 32.94 33.10
CA LEU BB 73 44.78 33.78 33.50
C LEU BB 73 45.79 33.82 32.38
N GLU BB 74 46.25 35.03 32.07
CA GLU BB 74 47.40 35.24 31.21
C GLU BB 74 48.17 36.45 31.72
N PHE BB 75 49.45 36.49 31.41
CA PHE BB 75 50.26 37.65 31.75
C PHE BB 75 50.95 38.14 30.50
N GLU BB 76 50.81 39.44 30.25
CA GLU BB 76 51.42 40.05 29.10
C GLU BB 76 52.61 40.84 29.59
N ILE BB 77 53.80 40.42 29.17
CA ILE BB 77 55.03 41.12 29.55
C ILE BB 77 55.29 42.23 28.54
N GLN BB 78 55.35 43.45 29.04
CA GLN BB 78 55.40 44.60 28.18
C GLN BB 78 56.57 45.48 28.57
N PRO BB 79 57.79 45.08 28.18
CA PRO BB 79 59.02 45.80 28.44
C PRO BB 79 59.23 46.91 27.42
N MET BB 80 59.73 48.03 27.89
CA MET BB 80 59.80 49.23 27.09
C MET BB 80 61.18 49.80 27.12
N CYS BB 81 61.88 49.61 26.01
CA CYS BB 81 63.27 49.96 25.90
C CYS BB 81 63.59 50.10 24.43
N PRO BB 82 64.78 50.62 24.10
CA PRO BB 82 65.11 50.75 22.69
C PRO BB 82 65.50 49.42 22.09
N ALA BB 83 65.32 49.30 20.78
CA ALA BB 83 65.59 48.05 20.07
C ALA BB 83 67.05 47.65 20.10
N ASN BB 84 67.91 48.56 20.58
CA ASN BB 84 69.34 48.29 20.76
C ASN BB 84 69.75 47.83 22.16
N THR BB 85 68.86 47.10 22.83
CA THR BB 85 69.10 46.65 24.17
C THR BB 85 69.54 45.19 24.12
N GLY BB 86 70.65 44.90 24.80
CA GLY BB 86 71.16 43.55 24.90
C GLY BB 86 70.41 42.89 26.04
N GLY BB 87 69.14 42.66 25.82
CA GLY BB 87 68.29 42.32 26.92
C GLY BB 87 68.18 40.84 27.14
N GLY BB 88 67.03 40.44 27.66
CA GLY BB 88 66.72 39.07 27.93
C GLY BB 88 65.90 38.98 29.20
N TYR BB 89 64.78 38.27 29.11
CA TYR BB 89 64.04 37.88 30.29
C TYR BB 89 63.40 36.52 30.15
N VAL BB 90 63.12 35.90 31.28
CA VAL BB 90 62.27 34.73 31.33
C VAL BB 90 61.15 35.10 32.28
N ALA BB 91 59.93 34.82 31.86
CA ALA BB 91 58.75 35.12 32.66
C ALA BB 91 57.95 33.85 32.83
N GLY BB 92 57.47 33.60 34.04
CA GLY BB 92 56.74 32.37 34.33
C GLY BB 92 55.80 32.54 35.50
N PHE BB 93 54.74 31.74 35.51
CA PHE BB 93 53.76 31.77 36.60
C PHE BB 93 53.75 30.44 37.32
N LEU BB 94 54.33 30.42 38.51
CA LEU BB 94 54.27 29.22 39.35
C LEU BB 94 53.02 29.26 40.24
N PRO BB 95 52.23 28.16 40.21
CA PRO BB 95 50.92 28.08 40.87
C PRO BB 95 50.85 28.04 42.39
N ASP BB 96 51.96 28.14 43.12
CA ASP BB 96 51.87 28.29 44.57
C ASP BB 96 52.25 29.69 44.96
N PRO BB 97 51.36 30.38 45.67
CA PRO BB 97 51.85 31.64 46.24
C PRO BB 97 52.95 31.38 47.27
N THR BB 98 53.01 30.13 47.75
CA THR BB 98 53.89 29.70 48.81
C THR BB 98 55.39 29.88 48.52
N ASP BB 99 55.91 29.20 47.49
CA ASP BB 99 57.36 28.95 47.41
C ASP BB 99 58.20 29.97 46.63
N ASN BB 100 59.42 30.16 47.16
CA ASN BB 100 60.40 31.15 46.70
C ASN BB 100 61.42 30.60 45.70
N ASP BB 101 61.11 29.52 45.00
CA ASP BB 101 62.06 28.92 44.05
C ASP BB 101 62.12 29.76 42.76
N HIS BB 102 62.92 30.83 42.77
CA HIS BB 102 62.97 31.83 41.67
C HIS BB 102 64.23 31.69 40.81
N THR BB 103 64.39 30.52 40.21
CA THR BB 103 65.51 30.23 39.34
C THR BB 103 64.98 30.03 37.93
N PHE BB 104 65.83 30.23 36.92
CA PHE BB 104 65.42 30.09 35.53
C PHE BB 104 64.78 28.73 35.25
N ASP BB 105 65.45 27.66 35.64
CA ASP BB 105 64.97 26.31 35.32
C ASP BB 105 63.59 26.01 35.93
N ALA BB 106 63.37 26.54 37.13
CA ALA BB 106 62.10 26.38 37.82
C ALA BB 106 60.98 27.13 37.12
N LEU BB 107 61.27 28.32 36.61
CA LEU BB 107 60.30 29.07 35.81
C LEU BB 107 60.00 28.34 34.52
N GLN BB 108 61.05 27.94 33.78
CA GLN BB 108 60.88 27.27 32.48
C GLN BB 108 60.15 25.95 32.61
N ALA BB 109 60.15 25.36 33.79
CA ALA BB 109 59.37 24.14 34.03
C ALA BB 109 57.86 24.35 34.01
N THR BB 110 57.40 25.58 34.25
CA THR BB 110 55.95 25.91 34.23
C THR BB 110 55.46 26.02 32.78
N ARG BB 111 54.15 26.15 32.58
CA ARG BB 111 53.56 25.96 31.25
C ARG BB 111 53.62 27.22 30.46
N GLY BB 112 53.25 28.32 31.08
CA GLY BB 112 53.24 29.58 30.36
C GLY BB 112 54.60 29.99 29.86
N ALA BB 113 55.64 29.56 30.57
CA ALA BB 113 56.98 30.13 30.51
C ALA BB 113 57.44 30.60 29.14
N VAL BB 114 57.88 31.86 29.10
CA VAL BB 114 58.39 32.48 27.89
C VAL BB 114 59.73 33.12 28.15
N VAL BB 115 60.60 33.12 27.13
CA VAL BB 115 61.84 33.89 27.18
C VAL BB 115 61.93 34.74 25.92
N ALA BB 116 62.56 35.90 26.05
CA ALA BB 116 62.65 36.86 24.95
C ALA BB 116 63.64 37.97 25.26
N LYS BB 117 64.07 38.67 24.23
CA LYS BB 117 64.93 39.83 24.39
C LYS BB 117 64.04 40.96 24.90
N TRP BB 118 64.65 41.91 25.62
CA TRP BB 118 63.85 42.94 26.31
C TRP BB 118 63.07 43.85 25.39
N TRP BB 119 63.39 43.87 24.10
CA TRP BB 119 62.61 44.66 23.16
C TRP BB 119 61.53 43.84 22.45
N GLU BB 120 61.07 42.78 23.10
CA GLU BB 120 60.06 41.88 22.54
C GLU BB 120 58.97 41.66 23.58
N SER BB 121 57.73 42.00 23.21
CA SER BB 121 56.56 41.74 24.03
C SER BB 121 56.34 40.26 24.02
N ARG BB 122 55.61 39.78 25.02
CA ARG BB 122 55.43 38.35 25.15
C ARG BB 122 54.28 38.04 26.13
N THR BB 123 53.65 36.88 25.94
CA THR BB 123 52.50 36.50 26.75
C THR BB 123 52.67 35.10 27.34
N VAL BB 124 52.59 35.02 28.67
CA VAL BB 124 52.63 33.74 29.36
C VAL BB 124 51.20 33.28 29.58
N ARG BB 125 50.93 32.06 29.11
CA ARG BB 125 49.63 31.42 29.21
C ARG BB 125 49.76 30.21 30.12
N PRO BB 126 49.65 30.43 31.44
CA PRO BB 126 49.98 29.34 32.34
C PRO BB 126 48.84 28.37 32.52
N GLN BB 127 49.13 27.30 33.23
CA GLN BB 127 48.11 26.41 33.78
C GLN BB 127 48.25 26.54 35.29
N TYR BB 128 47.10 26.53 35.97
CA TYR BB 128 47.01 26.99 37.36
C TYR BB 128 46.12 26.04 38.15
N THR BB 129 45.84 26.42 39.39
CA THR BB 129 44.93 25.67 40.26
C THR BB 129 43.57 25.31 39.61
N ARG BB 130 42.92 26.29 38.97
CA ARG BB 130 41.61 26.12 38.30
C ARG BB 130 40.46 25.83 39.30
N THR BB 131 40.68 26.18 40.57
CA THR BB 131 39.87 25.72 41.69
C THR BB 131 39.22 26.90 42.41
N LEU BB 132 38.32 26.60 43.34
CA LEU BB 132 37.71 27.63 44.20
C LEU BB 132 38.71 28.20 45.18
N LEU BB 133 38.61 29.51 45.42
CA LEU BB 133 39.56 30.17 46.27
C LEU BB 133 38.77 31.00 47.27
N TRP BB 134 39.42 32.03 47.83
CA TRP BB 134 38.90 32.85 48.91
C TRP BB 134 39.30 34.31 48.74
N THR BB 135 38.34 35.23 48.81
CA THR BB 135 38.61 36.65 48.47
C THR BB 135 39.35 37.40 49.55
N SER BB 136 39.53 36.76 50.71
CA SER BB 136 40.27 37.36 51.83
C SER BB 136 41.16 36.34 52.54
N SER BB 137 42.18 36.86 53.24
CA SER BB 137 43.30 36.09 53.83
C SER BB 137 42.87 34.88 54.68
N GLY BB 138 43.71 33.84 54.67
CA GLY BB 138 43.41 32.61 55.40
C GLY BB 138 44.61 32.13 56.19
N LYS BB 139 44.37 31.18 57.10
CA LYS BB 139 45.44 30.55 57.86
C LYS BB 139 46.28 29.70 56.90
N GLU BB 140 45.59 29.01 55.98
CA GLU BB 140 46.21 28.30 54.85
C GLU BB 140 45.99 29.09 53.58
N GLN BB 141 47.07 29.65 53.03
CA GLN BB 141 46.98 30.55 51.88
C GLN BB 141 46.99 29.87 50.52
N ARG BB 142 46.82 28.55 50.51
CA ARG BB 142 46.64 27.77 49.27
C ARG BB 142 45.31 28.08 48.62
N LEU BB 143 44.39 28.69 49.36
CA LEU BB 143 43.05 29.06 48.85
C LEU BB 143 42.79 30.59 48.76
N THR BB 144 43.80 31.44 48.96
CA THR BB 144 43.62 32.90 48.83
C THR BB 144 44.29 33.53 47.56
N SER BB 145 45.18 32.80 46.90
CA SER BB 145 45.86 33.26 45.69
C SER BB 145 46.17 32.06 44.77
N PRO BB 146 46.02 32.23 43.44
CA PRO BB 146 46.16 31.08 42.53
C PRO BB 146 47.61 30.81 42.12
N GLY BB 147 48.53 31.69 42.52
CA GLY BB 147 49.94 31.58 42.20
C GLY BB 147 50.63 32.94 42.19
N ARG BB 148 51.78 33.00 41.57
CA ARG BB 148 52.52 34.25 41.48
C ARG BB 148 53.34 34.32 40.20
N LEU BB 149 53.51 35.55 39.71
CA LEU BB 149 54.15 35.82 38.44
C LEU BB 149 55.58 36.30 38.68
N ILE BB 150 56.55 35.60 38.12
CA ILE BB 150 57.94 35.94 38.32
C ILE BB 150 58.54 36.39 37.00
N LEU BB 151 59.41 37.38 37.05
CA LEU BB 151 60.11 37.85 35.88
C LEU BB 151 61.59 37.96 36.21
N LEU BB 152 62.40 37.21 35.47
CA LEU BB 152 63.85 37.12 35.70
C LEU BB 152 64.66 37.70 34.55
N CYS BB 153 65.79 38.29 34.86
CA CYS BB 153 66.74 38.70 33.84
C CYS BB 153 67.46 37.50 33.22
N VAL BB 154 67.70 37.63 31.93
CA VAL BB 154 68.57 36.74 31.20
C VAL BB 154 69.61 37.66 30.58
N GLY BB 155 70.87 37.26 30.69
CA GLY BB 155 71.98 38.12 30.32
C GLY BB 155 71.86 39.43 31.07
N ASN BB 156 72.45 40.50 30.54
CA ASN BB 156 72.42 41.79 31.22
C ASN BB 156 72.13 42.93 30.28
N ASN BB 157 71.19 43.78 30.68
CA ASN BB 157 70.68 44.85 29.82
C ASN BB 157 71.67 45.97 29.54
N THR BB 158 71.78 46.33 28.28
CA THR BB 158 72.60 47.44 27.81
C THR BB 158 71.99 48.78 28.13
N ASP BB 159 70.68 48.81 28.36
CA ASP BB 159 69.97 50.06 28.37
C ASP BB 159 68.88 50.02 29.42
N VAL BB 160 68.21 51.16 29.59
CA VAL BB 160 67.16 51.26 30.59
C VAL BB 160 65.87 50.60 30.09
N VAL BB 161 65.29 49.77 30.93
CA VAL BB 161 64.07 49.05 30.62
C VAL BB 161 62.98 49.47 31.60
N ASN BB 162 61.80 49.79 31.08
CA ASN BB 162 60.64 50.10 31.91
C ASN BB 162 59.59 49.03 31.72
N VAL BB 163 59.80 47.89 32.36
CA VAL BB 163 58.89 46.78 32.19
C VAL BB 163 57.61 46.97 32.99
N SER BB 164 56.48 46.71 32.35
CA SER BB 164 55.19 46.65 33.04
C SER BB 164 54.58 45.30 32.70
N VAL BB 165 54.26 44.48 33.69
CA VAL BB 165 53.54 43.22 33.39
C VAL BB 165 52.03 43.42 33.62
N LEU BB 166 51.24 42.84 32.73
CA LEU BB 166 49.81 42.99 32.80
C LEU BB 166 49.20 41.64 32.93
N CYS BB 167 48.21 41.53 33.79
CA CYS BB 167 47.50 40.28 34.00
C CYS BB 167 46.13 40.41 33.40
N ARG BB 168 45.82 39.57 32.41
CA ARG BB 168 44.46 39.51 31.93
C ARG BB 168 43.81 38.33 32.64
N TRP BB 169 42.60 38.55 33.12
CA TRP BB 169 41.96 37.63 34.04
C TRP BB 169 40.48 37.52 33.78
N SER BB 170 39.96 36.33 34.01
CA SER BB 170 38.57 36.06 33.92
C SER BB 170 38.24 35.20 35.15
N VAL BB 171 37.27 35.65 35.94
CA VAL BB 171 37.04 35.11 37.27
C VAL BB 171 35.57 34.89 37.46
N ARG BB 172 35.17 33.81 38.14
CA ARG BB 172 33.76 33.66 38.58
C ARG BB 172 33.62 33.77 40.09
N LEU BB 173 32.80 34.72 40.53
CA LEU BB 173 32.62 35.09 41.95
C LEU BB 173 31.37 34.47 42.60
N SER BB 174 31.47 34.20 43.91
CA SER BB 174 30.47 33.40 44.62
C SER BB 174 30.25 33.89 46.05
N VAL BB 175 29.26 33.28 46.69
CA VAL BB 175 28.67 33.73 47.97
C VAL BB 175 28.77 35.23 48.27
N PRO BB 176 27.64 35.95 48.11
CA PRO BB 176 27.47 37.33 48.49
C PRO BB 176 27.87 37.62 49.94
N SER BB 177 28.29 38.85 50.18
CA SER BB 177 29.02 39.20 51.37
C SER BB 177 29.34 40.70 51.33
N LEU BB 178 29.96 41.23 52.37
CA LEU BB 178 30.35 42.65 52.39
C LEU BB 178 31.43 42.93 53.43
N GLU BB 179 32.68 43.02 52.99
CA GLU BB 179 33.79 43.25 53.92
C GLU BB 179 34.25 44.70 53.95
N ASN BB 180 34.04 45.34 55.11
CA ASN BB 180 34.34 46.75 55.32
C ASN BB 180 35.52 46.93 56.29
N THR CB 18 52.74 4.60 -9.07
CA THR CB 18 53.47 5.26 -10.18
C THR CB 18 54.94 4.89 -10.16
N ASN CB 19 55.64 5.24 -11.24
CA ASN CB 19 57.08 5.02 -11.33
C ASN CB 19 57.88 6.21 -10.77
N ASP CB 20 57.21 7.35 -10.64
CA ASP CB 20 57.81 8.62 -10.18
C ASP CB 20 58.28 8.61 -8.71
N VAL CB 21 59.35 9.36 -8.46
CA VAL CB 21 59.93 9.54 -7.14
C VAL CB 21 59.97 11.03 -6.81
N HIS CB 22 59.15 11.46 -5.85
CA HIS CB 22 59.10 12.86 -5.44
C HIS CB 22 60.15 13.12 -4.38
N LEU CB 23 60.85 14.24 -4.53
CA LEU CB 23 61.99 14.59 -3.67
C LEU CB 23 61.82 16.03 -3.25
N SER CB 24 62.12 16.32 -1.98
CA SER CB 24 61.98 17.67 -1.47
C SER CB 24 63.23 18.07 -0.72
N GLY CB 25 63.57 19.34 -0.78
CA GLY CB 25 64.58 19.89 0.10
C GLY CB 25 64.57 21.40 0.08
N MET CB 26 65.59 21.98 0.69
CA MET CB 26 65.82 23.41 0.61
C MET CB 26 67.28 23.68 0.82
N SER CB 27 67.83 24.55 -0.01
CA SER CB 27 69.26 24.63 -0.14
C SER CB 27 69.70 26.04 -0.39
N ARG CB 28 70.93 26.35 0.02
CA ARG CB 28 71.49 27.65 -0.24
C ARG CB 28 71.97 27.69 -1.66
N ILE CB 29 71.33 28.54 -2.46
CA ILE CB 29 71.72 28.81 -3.83
C ILE CB 29 73.04 29.57 -3.85
N SER CB 30 73.14 30.61 -3.02
CA SER CB 30 74.33 31.45 -2.98
C SER CB 30 74.47 32.22 -1.66
N GLN CB 31 75.63 32.85 -1.50
CA GLN CB 31 75.93 33.74 -0.40
C GLN CB 31 76.79 34.87 -0.96
N ALA CB 32 76.35 36.12 -0.86
CA ALA CB 32 77.14 37.25 -1.33
C ALA CB 32 77.36 38.23 -0.19
N VAL CB 33 78.60 38.68 0.00
CA VAL CB 33 78.89 39.63 1.06
C VAL CB 33 79.17 41.01 0.47
N LEU CB 34 78.24 41.92 0.62
CA LEU CB 34 78.29 43.24 -0.02
C LEU CB 34 78.85 44.28 0.96
N PRO CB 35 80.03 44.86 0.67
CA PRO CB 35 80.64 45.72 1.68
C PRO CB 35 80.03 47.12 1.84
N ALA CB 36 80.71 47.91 2.66
CA ALA CB 36 80.19 49.14 3.28
C ALA CB 36 79.33 50.09 2.43
N GLY CB 37 79.53 50.16 1.13
CA GLY CB 37 78.71 51.06 0.33
C GLY CB 37 78.86 50.81 -1.15
N THR CB 38 78.70 49.54 -1.54
CA THR CB 38 79.04 49.09 -2.90
C THR CB 38 77.87 48.45 -3.69
N GLY CB 39 76.62 48.70 -3.28
CA GLY CB 39 75.44 48.26 -4.04
C GLY CB 39 74.61 49.47 -4.40
N THR CB 40 74.24 49.62 -5.67
CA THR CB 40 73.50 50.81 -6.12
C THR CB 40 72.44 50.48 -7.16
N ASP CB 41 71.53 51.42 -7.35
CA ASP CB 41 70.29 51.18 -8.11
C ASP CB 41 70.41 50.26 -9.33
N GLY CB 42 70.42 48.95 -9.08
CA GLY CB 42 70.48 47.93 -10.14
C GLY CB 42 71.65 46.97 -10.08
N TYR CB 43 72.58 47.20 -9.16
CA TYR CB 43 73.74 46.32 -9.02
C TYR CB 43 73.26 44.91 -8.70
N VAL CB 44 73.54 43.99 -9.62
CA VAL CB 44 73.18 42.58 -9.43
C VAL CB 44 74.10 42.02 -8.37
N VAL CB 45 73.52 41.61 -7.25
CA VAL CB 45 74.30 41.01 -6.16
C VAL CB 45 74.22 39.50 -6.24
N VAL CB 46 73.28 38.98 -7.00
CA VAL CB 46 73.16 37.55 -7.21
C VAL CB 46 72.52 37.27 -8.56
N ASP CB 47 73.18 36.42 -9.32
CA ASP CB 47 72.60 35.78 -10.49
C ASP CB 47 73.00 34.33 -10.41
N ALA CB 48 72.03 33.48 -10.10
CA ALA CB 48 72.26 32.05 -10.04
C ALA CB 48 71.35 31.36 -11.01
N THR CB 49 71.86 30.32 -11.66
CA THR CB 49 71.06 29.49 -12.55
C THR CB 49 70.72 28.18 -11.86
N ILE CB 50 69.43 27.83 -11.88
CA ILE CB 50 68.90 26.69 -11.11
C ILE CB 50 69.08 25.34 -11.82
N VAL CB 51 70.12 24.63 -11.42
CA VAL CB 51 70.48 23.33 -12.00
C VAL CB 51 70.74 22.32 -10.87
N PRO CB 52 70.31 21.07 -11.05
CA PRO CB 52 70.49 20.04 -10.01
C PRO CB 52 71.79 20.07 -9.22
N ASP CB 53 72.91 20.44 -9.85
CA ASP CB 53 74.20 20.57 -9.15
C ASP CB 53 74.25 21.68 -8.08
N LEU CB 54 73.27 22.58 -8.11
CA LEU CB 54 73.19 23.75 -7.21
C LEU CB 54 72.33 23.49 -5.98
N LEU CB 55 71.51 22.45 -6.06
CA LEU CB 55 70.65 22.03 -4.99
C LEU CB 55 71.21 20.70 -4.48
N PRO CB 56 72.20 20.76 -3.57
CA PRO CB 56 73.06 19.62 -3.26
C PRO CB 56 72.34 18.28 -3.25
N ARG CB 57 71.30 18.15 -2.45
CA ARG CB 57 70.59 16.88 -2.32
C ARG CB 57 70.10 16.38 -3.69
N LEU CB 58 69.74 17.31 -4.57
CA LEU CB 58 69.33 16.98 -5.93
C LEU CB 58 70.55 16.58 -6.77
N GLY CB 59 71.67 17.28 -6.60
CA GLY CB 59 72.93 16.92 -7.26
C GLY CB 59 73.11 15.41 -7.36
N HIS CB 60 72.91 14.72 -6.23
CA HIS CB 60 73.03 13.25 -6.15
C HIS CB 60 71.86 12.50 -6.77
N ALA CB 61 70.65 12.98 -6.50
CA ALA CB 61 69.45 12.37 -7.06
C ALA CB 61 69.38 12.48 -8.59
N ALA CB 62 70.13 13.44 -9.16
CA ALA CB 62 70.26 13.60 -10.62
C ALA CB 62 71.07 12.48 -11.28
N ARG CB 63 72.07 11.99 -10.56
CA ARG CB 63 72.89 10.90 -11.04
C ARG CB 63 72.18 9.52 -11.06
N ILE CB 64 70.96 9.47 -10.56
CA ILE CB 64 70.15 8.25 -10.51
C ILE CB 64 69.02 8.24 -11.55
N PHE CB 65 68.63 9.43 -12.02
CA PHE CB 65 67.54 9.59 -12.96
C PHE CB 65 67.93 10.52 -14.09
N GLN CB 66 67.11 10.49 -15.13
CA GLN CB 66 67.40 11.20 -16.37
C GLN CB 66 66.65 12.51 -16.49
N ARG CB 67 65.40 12.52 -16.08
CA ARG CB 67 64.61 13.74 -16.15
C ARG CB 67 64.02 14.09 -14.80
N TYR CB 68 63.69 15.37 -14.63
CA TYR CB 68 62.96 15.83 -13.47
C TYR CB 68 62.00 16.91 -13.86
N ALA CB 69 60.96 17.09 -13.05
CA ALA CB 69 59.90 18.09 -13.30
C ALA CB 69 59.66 18.93 -12.06
N VAL CB 70 60.01 20.21 -12.10
CA VAL CB 70 59.91 21.09 -10.91
C VAL CB 70 58.46 21.26 -10.45
N GLU CB 71 58.12 20.71 -9.30
CA GLU CB 71 56.75 20.63 -8.85
C GLU CB 71 56.40 21.63 -7.76
N THR CB 72 57.41 22.22 -7.09
CA THR CB 72 57.26 23.53 -6.40
C THR CB 72 58.64 24.22 -6.36
N LEU CB 73 58.63 25.55 -6.42
CA LEU CB 73 59.85 26.34 -6.29
C LEU CB 73 59.55 27.62 -5.54
N GLU CB 74 60.38 27.91 -4.54
CA GLU CB 74 60.35 29.18 -3.83
C GLU CB 74 61.79 29.55 -3.52
N PHE CB 75 62.03 30.85 -3.39
CA PHE CB 75 63.34 31.34 -3.01
C PHE CB 75 63.15 32.27 -1.81
N GLU CB 76 63.87 31.98 -0.74
CA GLU CB 76 63.79 32.79 0.45
C GLU CB 76 65.03 33.70 0.45
N ILE CB 77 64.82 35.00 0.27
CA ILE CB 77 65.91 35.99 0.34
C ILE CB 77 66.18 36.32 1.81
N GLN CB 78 67.41 36.05 2.28
CA GLN CB 78 67.71 36.02 3.71
C GLN CB 78 68.93 36.85 4.10
N PRO CB 79 68.83 38.18 3.90
CA PRO CB 79 69.92 39.10 4.12
C PRO CB 79 70.13 39.34 5.61
N MET CB 80 71.40 39.38 6.01
CA MET CB 80 71.75 39.55 7.42
C MET CB 80 72.62 40.77 7.63
N CYS CB 81 72.06 41.74 8.32
CA CYS CB 81 72.65 43.05 8.41
C CYS CB 81 71.96 43.78 9.54
N PRO CB 82 72.59 44.82 10.07
CA PRO CB 82 71.96 45.49 11.22
C PRO CB 82 70.67 46.14 10.79
N ALA CB 83 69.74 46.26 11.72
CA ALA CB 83 68.47 46.91 11.44
C ALA CB 83 68.64 48.37 11.03
N ASN CB 84 69.87 48.89 11.10
CA ASN CB 84 70.24 50.20 10.56
C ASN CB 84 71.04 50.14 9.26
N THR CB 85 70.31 49.77 8.20
CA THR CB 85 70.88 49.60 6.88
C THR CB 85 69.98 50.35 5.90
N GLY CB 86 70.56 51.33 5.21
CA GLY CB 86 69.82 52.21 4.33
C GLY CB 86 69.37 51.53 3.05
N GLY CB 87 69.80 50.29 2.86
CA GLY CB 87 69.64 49.58 1.60
C GLY CB 87 68.25 49.17 1.12
N GLY CB 88 68.18 48.02 0.47
CA GLY CB 88 67.05 47.69 -0.38
C GLY CB 88 67.41 46.72 -1.49
N TYR CB 89 66.48 45.82 -1.81
CA TYR CB 89 66.68 44.86 -2.88
C TYR CB 89 65.43 44.49 -3.57
N VAL CB 90 65.61 44.04 -4.80
CA VAL CB 90 64.56 43.38 -5.54
C VAL CB 90 65.08 42.00 -5.94
N ALA CB 91 64.20 41.02 -5.84
CA ALA CB 91 64.52 39.64 -6.16
C ALA CB 91 63.42 39.09 -7.02
N GLY CB 92 63.79 38.38 -8.07
CA GLY CB 92 62.83 37.86 -9.02
C GLY CB 92 63.32 36.58 -9.69
N PHE CB 93 62.36 35.76 -10.09
CA PHE CB 93 62.68 34.53 -10.79
C PHE CB 93 62.13 34.57 -12.20
N LEU CB 94 63.00 34.94 -13.15
CA LEU CB 94 62.68 34.86 -14.59
C LEU CB 94 63.03 33.47 -15.14
N PRO CB 95 62.07 32.84 -15.85
CA PRO CB 95 62.19 31.43 -16.27
C PRO CB 95 62.92 31.03 -17.58
N ASP CB 96 63.74 31.88 -18.20
CA ASP CB 96 64.60 31.41 -19.30
C ASP CB 96 65.96 31.30 -18.71
N PRO CB 97 66.53 30.10 -18.69
CA PRO CB 97 67.95 30.07 -18.30
C PRO CB 97 68.80 31.02 -19.17
N THR CB 98 68.23 31.46 -20.29
CA THR CB 98 68.88 32.36 -21.24
C THR CB 98 69.01 33.84 -20.76
N ASP CB 99 67.88 34.51 -20.59
CA ASP CB 99 67.84 35.98 -20.65
C ASP CB 99 68.70 36.72 -19.62
N ASN CB 100 69.48 37.67 -20.12
CA ASN CB 100 70.31 38.55 -19.32
C ASN CB 100 69.67 39.91 -19.00
N ASP CB 101 68.37 40.05 -19.23
CA ASP CB 101 67.67 41.29 -18.89
C ASP CB 101 67.64 41.36 -17.35
N HIS CB 102 68.62 42.04 -16.78
CA HIS CB 102 68.76 42.18 -15.33
C HIS CB 102 68.51 43.62 -14.93
N THR CB 103 67.24 44.01 -15.07
CA THR CB 103 66.77 45.35 -14.72
C THR CB 103 65.65 45.19 -13.72
N PHE CB 104 65.51 46.16 -12.85
CA PHE CB 104 64.42 46.14 -11.90
C PHE CB 104 63.08 45.82 -12.58
N ASP CB 105 62.73 46.60 -13.60
CA ASP CB 105 61.41 46.50 -14.22
C ASP CB 105 61.10 45.15 -14.86
N ALA CB 106 62.16 44.48 -15.32
CA ALA CB 106 62.05 43.12 -15.82
C ALA CB 106 61.74 42.14 -14.68
N LEU CB 107 62.46 42.23 -13.57
CA LEU CB 107 62.20 41.34 -12.43
C LEU CB 107 60.82 41.56 -11.86
N GLN CB 108 60.49 42.81 -11.57
CA GLN CB 108 59.17 43.15 -11.04
C GLN CB 108 58.06 42.68 -11.97
N ALA CB 109 58.34 42.56 -13.26
CA ALA CB 109 57.37 41.98 -14.19
C ALA CB 109 57.07 40.49 -13.95
N THR CB 110 57.98 39.74 -13.30
CA THR CB 110 57.77 38.29 -13.01
C THR CB 110 56.80 38.14 -11.84
N ARG CB 111 56.44 36.90 -11.51
CA ARG CB 111 55.29 36.69 -10.64
C ARG CB 111 55.70 36.77 -9.19
N GLY CB 112 56.78 36.10 -8.83
CA GLY CB 112 57.18 36.06 -7.43
C GLY CB 112 57.74 37.37 -6.93
N ALA CB 113 58.24 38.17 -7.86
CA ALA CB 113 59.04 39.35 -7.58
C ALA CB 113 58.77 40.04 -6.25
N VAL CB 114 59.79 40.14 -5.41
CA VAL CB 114 59.67 40.84 -4.13
C VAL CB 114 60.66 41.99 -4.02
N VAL CB 115 60.25 43.06 -3.31
CA VAL CB 115 61.16 44.14 -2.87
C VAL CB 115 61.07 44.47 -1.36
N ALA CB 116 62.21 44.73 -0.75
CA ALA CB 116 62.30 44.94 0.68
C ALA CB 116 63.52 45.76 1.03
N LYS CB 117 63.64 46.11 2.30
CA LYS CB 117 64.84 46.75 2.86
C LYS CB 117 65.82 45.66 3.33
N TRP CB 118 67.12 45.94 3.36
CA TRP CB 118 68.06 44.84 3.54
C TRP CB 118 67.95 44.09 4.88
N TRP CB 119 67.33 44.72 5.87
CA TRP CB 119 67.11 44.05 7.16
C TRP CB 119 65.78 43.33 7.20
N GLU CB 120 65.25 42.94 6.03
CA GLU CB 120 63.93 42.34 5.91
C GLU CB 120 64.02 41.13 5.01
N SER CB 121 63.83 39.96 5.61
CA SER CB 121 63.87 38.70 4.88
C SER CB 121 62.57 38.61 4.12
N ARG CB 122 62.53 37.80 3.09
CA ARG CB 122 61.41 37.85 2.16
C ARG CB 122 61.42 36.70 1.16
N THR CB 123 60.25 36.19 0.80
CA THR CB 123 60.17 34.99 -0.03
C THR CB 123 59.56 35.22 -1.41
N VAL CB 124 60.22 34.73 -2.46
CA VAL CB 124 59.69 34.90 -3.81
C VAL CB 124 59.00 33.60 -4.23
N ARG CB 125 57.78 33.75 -4.77
CA ARG CB 125 56.93 32.61 -5.18
C ARG CB 125 56.71 32.66 -6.68
N PRO CB 126 57.68 32.16 -7.46
CA PRO CB 126 57.58 32.45 -8.86
C PRO CB 126 56.67 31.46 -9.54
N GLN CB 127 56.25 31.82 -10.74
CA GLN CB 127 55.58 30.88 -11.63
C GLN CB 127 56.59 30.63 -12.74
N TYR CB 128 56.68 29.36 -13.13
CA TYR CB 128 57.88 28.77 -13.75
C TYR CB 128 57.48 27.61 -14.66
N THR CB 129 58.47 27.01 -15.32
CA THR CB 129 58.22 26.08 -16.45
C THR CB 129 57.23 24.91 -16.28
N ARG CB 130 57.14 24.33 -15.09
CA ARG CB 130 56.15 23.27 -14.76
C ARG CB 130 56.14 22.08 -15.74
N THR CB 131 57.25 21.90 -16.45
CA THR CB 131 57.36 20.99 -17.57
C THR CB 131 58.22 19.79 -17.13
N LEU CB 132 58.78 19.05 -18.09
CA LEU CB 132 59.76 17.96 -17.81
C LEU CB 132 61.16 18.23 -18.41
N LEU CB 133 62.10 18.51 -17.53
CA LEU CB 133 63.45 18.90 -17.89
C LEU CB 133 64.36 17.65 -17.91
N TRP CB 134 65.68 17.87 -17.98
CA TRP CB 134 66.67 16.83 -18.11
C TRP CB 134 67.86 17.09 -17.19
N THR CB 135 68.37 16.03 -16.57
CA THR CB 135 69.28 16.12 -15.41
C THR CB 135 70.78 16.34 -15.71
N SER CB 136 71.16 16.33 -16.99
CA SER CB 136 72.54 16.70 -17.40
C SER CB 136 72.52 17.68 -18.59
N SER CB 137 73.68 18.30 -18.85
CA SER CB 137 73.84 19.37 -19.88
C SER CB 137 73.06 19.11 -21.20
N GLY CB 138 72.58 20.19 -21.82
CA GLY CB 138 71.74 20.08 -23.03
C GLY CB 138 72.18 20.97 -24.19
N LYS CB 139 71.66 20.66 -25.39
CA LYS CB 139 71.92 21.46 -26.59
C LYS CB 139 70.84 22.57 -26.67
N GLU CB 140 69.60 22.20 -26.37
CA GLU CB 140 68.55 23.16 -26.03
C GLU CB 140 68.33 23.06 -24.51
N GLN CB 141 68.74 24.12 -23.78
CA GLN CB 141 68.67 24.14 -22.32
C GLN CB 141 67.36 24.70 -21.75
N ARG CB 142 66.37 24.91 -22.63
CA ARG CB 142 64.99 25.13 -22.20
C ARG CB 142 64.44 23.81 -21.65
N LEU CB 143 65.29 22.77 -21.61
CA LEU CB 143 64.97 21.51 -20.94
C LEU CB 143 66.11 21.00 -20.00
N THR CB 144 66.85 21.89 -19.32
CA THR CB 144 67.75 21.45 -18.23
C THR CB 144 67.78 22.38 -17.00
N SER CB 145 66.98 23.45 -17.01
CA SER CB 145 66.95 24.43 -15.93
C SER CB 145 65.76 25.32 -16.12
N PRO CB 146 64.85 25.35 -15.13
CA PRO CB 146 63.56 26.00 -15.25
C PRO CB 146 63.60 27.52 -15.02
N GLY CB 147 64.81 28.09 -14.91
CA GLY CB 147 64.99 29.54 -14.79
C GLY CB 147 66.24 29.94 -14.01
N ARG CB 148 66.29 31.21 -13.63
CA ARG CB 148 67.36 31.74 -12.78
C ARG CB 148 66.83 32.83 -11.80
N LEU CB 149 67.49 32.93 -10.65
CA LEU CB 149 67.08 33.82 -9.56
C LEU CB 149 68.05 34.98 -9.58
N ILE CB 150 67.51 36.18 -9.69
CA ILE CB 150 68.31 37.39 -9.71
C ILE CB 150 67.98 38.20 -8.47
N LEU CB 151 68.98 38.92 -7.96
CA LEU CB 151 68.84 39.78 -6.80
C LEU CB 151 69.53 41.08 -7.14
N LEU CB 152 68.77 42.17 -7.21
CA LEU CB 152 69.32 43.48 -7.52
C LEU CB 152 69.25 44.36 -6.30
N CYS CB 153 70.11 45.38 -6.27
CA CYS CB 153 70.05 46.41 -5.24
C CYS CB 153 69.06 47.48 -5.61
N VAL CB 154 68.39 48.01 -4.59
CA VAL CB 154 67.69 49.28 -4.69
C VAL CB 154 68.36 50.15 -3.68
N GLY CB 155 68.57 51.41 -4.03
CA GLY CB 155 69.30 52.33 -3.18
C GLY CB 155 70.67 51.76 -2.91
N ASN CB 156 71.36 52.31 -1.90
CA ASN CB 156 72.74 51.93 -1.63
C ASN CB 156 72.96 51.62 -0.17
N ASN CB 157 73.43 50.39 0.09
CA ASN CB 157 73.57 49.86 1.43
C ASN CB 157 74.47 50.68 2.34
N THR CB 158 74.01 50.93 3.58
CA THR CB 158 74.76 51.71 4.58
C THR CB 158 75.66 50.87 5.43
N ASP CB 159 75.56 49.56 5.30
CA ASP CB 159 76.35 48.66 6.12
C ASP CB 159 76.72 47.38 5.34
N VAL CB 160 77.51 46.51 5.96
CA VAL CB 160 77.79 45.22 5.35
C VAL CB 160 76.49 44.42 5.37
N VAL CB 161 76.32 43.54 4.37
CA VAL CB 161 75.13 42.73 4.20
C VAL CB 161 75.56 41.34 3.73
N ASN CB 162 75.35 40.32 4.55
CA ASN CB 162 75.80 38.98 4.22
C ASN CB 162 74.60 38.13 3.78
N VAL CB 163 74.09 38.47 2.60
CA VAL CB 163 72.91 37.83 2.01
C VAL CB 163 73.13 36.37 1.56
N SER CB 164 72.23 35.49 1.99
CA SER CB 164 72.16 34.11 1.52
C SER CB 164 70.75 33.97 0.96
N VAL CB 165 70.60 33.57 -0.31
CA VAL CB 165 69.28 33.20 -0.83
C VAL CB 165 69.19 31.68 -0.82
N LEU CB 166 68.04 31.20 -0.34
CA LEU CB 166 67.76 29.79 -0.17
C LEU CB 166 66.68 29.43 -1.14
N CYS CB 167 66.78 28.24 -1.73
CA CYS CB 167 65.74 27.77 -2.62
C CYS CB 167 65.03 26.58 -2.02
N ARG CB 168 63.74 26.69 -1.78
CA ARG CB 168 62.97 25.52 -1.43
C ARG CB 168 62.40 24.94 -2.72
N TRP CB 169 62.47 23.61 -2.83
CA TRP CB 169 62.11 22.90 -4.04
C TRP CB 169 61.39 21.58 -3.77
N SER CB 170 60.53 21.21 -4.70
CA SER CB 170 59.89 19.91 -4.71
C SER CB 170 59.86 19.49 -6.15
N VAL CB 171 60.43 18.33 -6.42
CA VAL CB 171 60.75 17.90 -7.76
C VAL CB 171 60.18 16.51 -7.91
N ARG CB 172 59.80 16.13 -9.13
CA ARG CB 172 59.60 14.71 -9.41
C ARG CB 172 60.59 14.20 -10.46
N LEU CB 173 61.40 13.24 -10.01
CA LEU CB 173 62.40 12.56 -10.82
C LEU CB 173 61.77 11.36 -11.50
N SER CB 174 62.30 11.03 -12.68
CA SER CB 174 61.53 10.34 -13.70
C SER CB 174 62.13 9.04 -14.22
N VAL CB 175 63.14 9.14 -15.08
CA VAL CB 175 63.61 7.97 -15.86
C VAL CB 175 64.98 7.46 -15.38
N PRO CB 176 65.00 6.24 -14.85
CA PRO CB 176 66.25 5.73 -14.27
C PRO CB 176 67.47 5.69 -15.18
N SER CB 177 68.64 5.57 -14.58
CA SER CB 177 69.94 5.75 -15.24
C SER CB 177 71.09 5.67 -14.22
N LEU CB 178 72.31 5.91 -14.68
CA LEU CB 178 73.44 6.05 -13.78
C LEU CB 178 74.56 6.85 -14.45
N GLU CB 179 74.56 8.17 -14.22
CA GLU CB 179 75.53 9.06 -14.85
C GLU CB 179 76.81 9.16 -14.02
N ASN CB 180 77.75 8.25 -14.27
CA ASN CB 180 79.09 8.37 -13.71
C ASN CB 180 79.84 9.56 -14.36
N THR DB 18 39.65 9.90 -33.36
CA THR DB 18 41.04 10.24 -33.12
C THR DB 18 41.82 10.46 -34.45
N ASN DB 19 42.54 11.58 -34.56
CA ASN DB 19 43.30 11.91 -35.79
C ASN DB 19 44.59 11.12 -35.98
N ASP DB 20 45.13 10.57 -34.90
CA ASP DB 20 46.38 9.84 -34.94
C ASP DB 20 46.23 8.44 -35.52
N VAL DB 21 47.36 7.89 -35.97
CA VAL DB 21 47.40 6.60 -36.65
C VAL DB 21 48.33 5.63 -35.95
N HIS DB 22 47.78 4.53 -35.44
CA HIS DB 22 48.60 3.52 -34.75
C HIS DB 22 49.27 2.50 -35.68
N LEU DB 23 50.56 2.67 -35.91
CA LEU DB 23 51.38 1.71 -36.66
C LEU DB 23 52.24 0.85 -35.71
N SER DB 24 52.19 -0.47 -35.87
CA SER DB 24 53.01 -1.39 -35.07
C SER DB 24 53.90 -2.26 -35.98
N GLY DB 25 55.09 -2.63 -35.50
CA GLY DB 25 55.94 -3.58 -36.23
C GLY DB 25 56.96 -4.30 -35.38
N MET DB 26 57.89 -4.98 -36.04
CA MET DB 26 59.09 -5.50 -35.39
C MET DB 26 60.22 -5.65 -36.42
N SER DB 27 61.37 -5.06 -36.13
CA SER DB 27 62.37 -4.76 -37.15
C SER DB 27 63.77 -5.13 -36.72
N ARG DB 28 64.62 -5.54 -37.66
CA ARG DB 28 65.98 -5.85 -37.33
C ARG DB 28 66.80 -4.59 -37.31
N ILE DB 29 67.39 -4.32 -36.15
CA ILE DB 29 68.08 -3.08 -35.84
C ILE DB 29 69.57 -3.19 -36.12
N SER DB 30 70.10 -4.40 -35.97
CA SER DB 30 71.50 -4.68 -36.24
C SER DB 30 71.76 -6.19 -36.33
N GLN DB 31 72.69 -6.54 -37.20
CA GLN DB 31 73.25 -7.87 -37.22
C GLN DB 31 74.74 -7.69 -37.08
N ALA DB 32 75.31 -8.29 -36.06
CA ALA DB 32 76.76 -8.31 -35.87
C ALA DB 32 77.20 -9.73 -35.78
N VAL DB 33 78.37 -10.00 -36.32
CA VAL DB 33 78.97 -11.33 -36.23
C VAL DB 33 80.24 -11.20 -35.37
N LEU DB 34 80.15 -11.67 -34.13
CA LEU DB 34 81.23 -11.60 -33.17
C LEU DB 34 82.09 -12.85 -33.27
N PRO DB 35 83.34 -12.70 -33.76
CA PRO DB 35 84.17 -13.84 -34.11
C PRO DB 35 84.83 -14.65 -32.98
N ALA DB 36 85.41 -15.75 -33.44
CA ALA DB 36 86.09 -16.77 -32.62
C ALA DB 36 86.28 -16.49 -31.12
N GLY DB 37 87.05 -15.46 -30.78
CA GLY DB 37 87.43 -15.21 -29.37
C GLY DB 37 87.56 -13.73 -29.03
N THR DB 38 86.88 -12.91 -29.80
CA THR DB 38 87.09 -11.47 -29.82
C THR DB 38 86.16 -10.62 -28.89
N GLY DB 39 85.29 -11.27 -28.10
CA GLY DB 39 84.46 -10.56 -27.12
C GLY DB 39 85.19 -10.49 -25.78
N THR DB 40 84.87 -9.50 -24.94
CA THR DB 40 85.38 -9.43 -23.56
C THR DB 40 84.68 -8.37 -22.71
N ASP DB 41 84.59 -8.63 -21.40
CA ASP DB 41 83.89 -7.73 -20.48
C ASP DB 41 84.08 -6.35 -21.05
N GLY DB 42 83.01 -5.77 -21.57
CA GLY DB 42 83.03 -4.37 -21.95
C GLY DB 42 82.96 -4.12 -23.43
N TYR DB 43 83.16 -5.16 -24.24
CA TYR DB 43 83.19 -4.99 -25.71
C TYR DB 43 81.81 -4.68 -26.32
N VAL DB 44 81.71 -3.53 -26.99
CA VAL DB 44 80.43 -3.09 -27.54
C VAL DB 44 80.17 -3.82 -28.86
N VAL DB 45 79.13 -4.66 -28.89
CA VAL DB 45 78.74 -5.33 -30.11
C VAL DB 45 77.58 -4.66 -30.85
N VAL DB 46 76.77 -3.87 -30.15
CA VAL DB 46 75.62 -3.17 -30.77
C VAL DB 46 75.28 -1.84 -30.10
N ASP DB 47 75.46 -0.76 -30.84
CA ASP DB 47 75.11 0.57 -30.37
C ASP DB 47 74.29 1.20 -31.48
N ALA DB 48 73.00 0.90 -31.49
CA ALA DB 48 72.08 1.36 -32.54
C ALA DB 48 71.13 2.41 -31.99
N THR DB 49 71.07 3.54 -32.66
CA THR DB 49 70.33 4.70 -32.18
C THR DB 49 68.99 4.74 -32.89
N ILE DB 50 67.93 4.49 -32.13
CA ILE DB 50 66.61 4.24 -32.72
C ILE DB 50 66.04 5.47 -33.46
N VAL DB 51 65.78 5.27 -34.75
CA VAL DB 51 65.30 6.31 -35.66
C VAL DB 51 64.34 5.61 -36.61
N PRO DB 52 63.37 6.34 -37.18
CA PRO DB 52 62.41 5.76 -38.14
C PRO DB 52 63.04 4.83 -39.18
N ASP DB 53 64.07 5.32 -39.85
CA ASP DB 53 64.73 4.59 -40.93
C ASP DB 53 65.23 3.20 -40.54
N LEU DB 54 65.70 3.06 -39.32
CA LEU DB 54 66.19 1.76 -38.83
C LEU DB 54 65.08 0.71 -38.76
N LEU DB 55 63.84 1.15 -38.66
CA LEU DB 55 62.70 0.26 -38.68
C LEU DB 55 62.09 0.34 -40.10
N PRO DB 56 62.36 -0.67 -40.96
CA PRO DB 56 62.00 -0.48 -42.37
C PRO DB 56 60.54 -0.03 -42.61
N ARG DB 57 59.55 -0.69 -42.02
CA ARG DB 57 58.15 -0.30 -42.31
C ARG DB 57 57.85 1.16 -41.89
N LEU DB 58 58.50 1.62 -40.81
CA LEU DB 58 58.32 2.99 -40.28
C LEU DB 58 59.10 4.04 -41.07
N GLY DB 59 60.21 3.65 -41.68
CA GLY DB 59 60.96 4.55 -42.55
C GLY DB 59 60.15 5.06 -43.72
N HIS DB 60 59.10 4.31 -44.10
CA HIS DB 60 58.13 4.77 -45.08
C HIS DB 60 57.04 5.62 -44.45
N ALA DB 61 56.43 5.12 -43.38
CA ALA DB 61 55.45 5.89 -42.63
C ALA DB 61 56.06 7.23 -42.17
N ALA DB 62 57.38 7.30 -42.09
CA ALA DB 62 58.08 8.52 -41.74
C ALA DB 62 57.93 9.62 -42.79
N ARG DB 63 57.96 9.26 -44.07
CA ARG DB 63 57.87 10.25 -45.15
C ARG DB 63 56.43 10.72 -45.42
N ILE DB 64 55.49 10.24 -44.61
CA ILE DB 64 54.09 10.57 -44.78
C ILE DB 64 53.64 11.51 -43.67
N PHE DB 65 53.95 11.15 -42.42
CA PHE DB 65 53.64 12.00 -41.27
C PHE DB 65 54.86 12.73 -40.77
N GLN DB 66 54.61 13.78 -40.00
CA GLN DB 66 55.65 14.71 -39.56
C GLN DB 66 56.31 14.32 -38.27
N ARG DB 67 55.53 13.76 -37.37
CA ARG DB 67 56.01 13.45 -36.04
C ARG DB 67 55.47 12.09 -35.60
N TYR DB 68 55.94 11.60 -34.44
CA TYR DB 68 55.56 10.30 -33.93
C TYR DB 68 55.79 10.16 -32.45
N ALA DB 69 55.06 9.26 -31.81
CA ALA DB 69 55.14 9.08 -30.37
C ALA DB 69 55.22 7.61 -29.99
N VAL DB 70 56.31 7.24 -29.34
CA VAL DB 70 56.60 5.84 -29.08
C VAL DB 70 55.68 5.32 -28.00
N GLU DB 71 54.86 4.33 -28.35
CA GLU DB 71 53.80 3.90 -27.47
C GLU DB 71 54.12 2.54 -26.83
N THR DB 72 54.82 1.66 -27.54
CA THR DB 72 55.55 0.58 -26.87
C THR DB 72 56.90 0.37 -27.54
N LEU DB 73 57.89 -0.03 -26.76
CA LEU DB 73 59.18 -0.46 -27.26
C LEU DB 73 59.53 -1.71 -26.51
N GLU DB 74 59.99 -2.71 -27.25
CA GLU DB 74 60.77 -3.78 -26.66
C GLU DB 74 61.94 -4.06 -27.59
N PHE DB 75 62.87 -4.84 -27.09
CA PHE DB 75 64.01 -5.28 -27.86
C PHE DB 75 64.21 -6.77 -27.57
N GLU DB 76 64.53 -7.52 -28.62
CA GLU DB 76 64.64 -8.93 -28.51
C GLU DB 76 66.03 -9.32 -29.01
N ILE DB 77 66.86 -9.75 -28.07
CA ILE DB 77 68.24 -10.04 -28.35
C ILE DB 77 68.26 -11.46 -28.82
N GLN DB 78 68.64 -11.64 -30.07
CA GLN DB 78 68.52 -12.94 -30.72
C GLN DB 78 69.89 -13.36 -31.21
N PRO DB 79 70.71 -13.87 -30.29
CA PRO DB 79 72.06 -14.30 -30.57
C PRO DB 79 72.08 -15.73 -31.08
N MET DB 80 72.91 -16.03 -32.07
CA MET DB 80 72.91 -17.36 -32.68
C MET DB 80 74.25 -18.07 -32.69
N CYS DB 81 74.32 -19.17 -31.94
CA CYS DB 81 75.57 -19.84 -31.66
C CYS DB 81 75.32 -21.24 -31.11
N PRO DB 82 76.37 -22.07 -31.01
CA PRO DB 82 76.12 -23.35 -30.41
C PRO DB 82 75.84 -23.24 -28.92
N ALA DB 83 75.34 -24.32 -28.34
CA ALA DB 83 75.02 -24.37 -26.91
C ALA DB 83 76.28 -24.38 -26.08
N ASN DB 84 77.43 -24.63 -26.72
CA ASN DB 84 78.70 -24.72 -26.01
C ASN DB 84 79.53 -23.44 -26.05
N THR DB 85 78.88 -22.34 -26.37
CA THR DB 85 79.56 -21.08 -26.31
C THR DB 85 79.68 -20.69 -24.85
N GLY DB 86 80.84 -20.17 -24.47
CA GLY DB 86 81.08 -19.68 -23.11
C GLY DB 86 80.96 -18.16 -23.06
N GLY DB 87 79.84 -17.67 -23.53
CA GLY DB 87 79.73 -16.28 -23.75
C GLY DB 87 79.04 -15.58 -22.63
N GLY DB 88 78.39 -14.48 -22.98
CA GLY DB 88 77.64 -13.68 -22.05
C GLY DB 88 77.39 -12.32 -22.67
N TYR DB 89 76.21 -11.78 -22.44
CA TYR DB 89 75.98 -10.40 -22.79
C TYR DB 89 75.08 -9.69 -21.82
N VAL DB 90 75.09 -8.36 -21.97
CA VAL DB 90 74.18 -7.46 -21.28
C VAL DB 90 73.62 -6.53 -22.35
N ALA DB 91 72.33 -6.29 -22.30
CA ALA DB 91 71.68 -5.45 -23.29
C ALA DB 91 70.75 -4.53 -22.57
N GLY DB 92 70.85 -3.24 -22.90
CA GLY DB 92 70.02 -2.23 -22.28
C GLY DB 92 69.73 -1.09 -23.23
N PHE DB 93 68.67 -0.38 -22.93
CA PHE DB 93 68.27 0.76 -23.72
C PHE DB 93 68.35 2.02 -22.89
N LEU DB 94 69.37 2.87 -23.12
CA LEU DB 94 69.42 4.20 -22.46
C LEU DB 94 68.67 5.26 -23.27
N PRO DB 95 67.69 5.95 -22.62
CA PRO DB 95 66.86 6.93 -23.32
C PRO DB 95 67.51 8.27 -23.65
N ASP DB 96 68.80 8.27 -23.95
CA ASP DB 96 69.43 9.47 -24.48
C ASP DB 96 70.09 9.14 -25.77
N PRO DB 97 69.50 9.58 -26.89
CA PRO DB 97 70.20 9.41 -28.18
C PRO DB 97 71.57 10.12 -28.18
N THR DB 98 71.66 11.14 -27.32
CA THR DB 98 72.88 11.89 -27.07
C THR DB 98 73.98 11.06 -26.40
N ASP DB 99 73.60 10.26 -25.40
CA ASP DB 99 74.50 9.79 -24.34
C ASP DB 99 75.35 8.55 -24.63
N ASN DB 100 76.66 8.74 -24.51
CA ASN DB 100 77.66 7.76 -24.90
C ASN DB 100 78.17 6.86 -23.76
N ASP DB 101 77.39 6.74 -22.69
CA ASP DB 101 77.80 5.99 -21.50
C ASP DB 101 77.64 4.49 -21.82
N HIS DB 102 78.75 3.83 -22.21
CA HIS DB 102 78.73 2.43 -22.66
C HIS DB 102 79.50 1.46 -21.74
N THR DB 103 79.00 1.33 -20.53
CA THR DB 103 79.60 0.48 -19.49
C THR DB 103 78.54 -0.40 -18.82
N PHE DB 104 78.96 -1.46 -18.14
CA PHE DB 104 78.00 -2.45 -17.65
C PHE DB 104 76.97 -1.82 -16.73
N ASP DB 105 77.43 -1.21 -15.65
CA ASP DB 105 76.50 -0.80 -14.59
C ASP DB 105 75.58 0.32 -15.04
N ALA DB 106 75.99 1.09 -16.06
CA ALA DB 106 75.10 2.09 -16.69
C ALA DB 106 73.98 1.48 -17.56
N LEU DB 107 74.20 0.29 -18.11
CA LEU DB 107 73.11 -0.45 -18.76
C LEU DB 107 72.19 -1.00 -17.69
N GLN DB 108 72.75 -1.75 -16.75
CA GLN DB 108 71.97 -2.42 -15.71
C GLN DB 108 71.21 -1.45 -14.84
N ALA DB 109 71.57 -0.17 -14.90
CA ALA DB 109 70.82 0.89 -14.25
C ALA DB 109 69.49 1.16 -14.96
N THR DB 110 69.44 0.96 -16.28
CA THR DB 110 68.24 1.22 -17.08
C THR DB 110 67.23 0.07 -16.81
N ARG DB 111 66.00 0.18 -17.33
CA ARG DB 111 64.89 -0.66 -16.85
C ARG DB 111 64.78 -1.97 -17.56
N GLY DB 112 65.08 -1.97 -18.84
CA GLY DB 112 65.01 -3.22 -19.59
C GLY DB 112 66.10 -4.14 -19.10
N ALA DB 113 67.32 -3.60 -19.13
CA ALA DB 113 68.53 -4.39 -19.03
C ALA DB 113 68.34 -5.86 -18.71
N VAL DB 114 68.93 -6.69 -19.55
CA VAL DB 114 68.95 -8.12 -19.37
C VAL DB 114 70.40 -8.59 -19.43
N VAL DB 115 70.70 -9.72 -18.79
CA VAL DB 115 72.00 -10.35 -18.96
C VAL DB 115 71.78 -11.86 -19.12
N ALA DB 116 72.53 -12.48 -20.03
CA ALA DB 116 72.32 -13.89 -20.31
C ALA DB 116 73.52 -14.47 -21.01
N LYS DB 117 73.49 -15.79 -21.21
CA LYS DB 117 74.52 -16.49 -21.99
C LYS DB 117 74.24 -16.33 -23.47
N TRP DB 118 75.29 -16.38 -24.28
CA TRP DB 118 75.11 -16.06 -25.68
C TRP DB 118 74.19 -17.06 -26.34
N TRP DB 119 74.10 -18.26 -25.77
CA TRP DB 119 73.12 -19.24 -26.26
C TRP DB 119 71.73 -19.07 -25.61
N GLU DB 120 71.38 -17.85 -25.18
CA GLU DB 120 70.03 -17.56 -24.61
C GLU DB 120 69.50 -16.33 -25.28
N SER DB 121 68.30 -16.43 -25.83
CA SER DB 121 67.54 -15.28 -26.30
C SER DB 121 67.08 -14.57 -25.07
N ARG DB 122 66.79 -13.29 -25.23
CA ARG DB 122 66.25 -12.50 -24.12
C ARG DB 122 65.54 -11.29 -24.65
N THR DB 123 64.73 -10.68 -23.80
CA THR DB 123 63.94 -9.49 -24.17
C THR DB 123 64.02 -8.36 -23.14
N VAL DB 124 64.58 -7.24 -23.55
CA VAL DB 124 64.63 -6.04 -22.72
C VAL DB 124 63.29 -5.31 -22.88
N ARG DB 125 62.75 -4.86 -21.75
CA ARG DB 125 61.49 -4.09 -21.70
C ARG DB 125 61.68 -2.77 -21.01
N PRO DB 126 62.04 -1.74 -21.78
CA PRO DB 126 62.49 -0.53 -21.14
C PRO DB 126 61.34 0.44 -20.90
N GLN DB 127 61.61 1.43 -20.06
CA GLN DB 127 60.76 2.59 -19.89
C GLN DB 127 61.61 3.70 -20.48
N TYR DB 128 60.96 4.65 -21.13
CA TYR DB 128 61.64 5.57 -22.03
C TYR DB 128 61.01 6.95 -21.98
N THR DB 129 61.35 7.81 -22.94
CA THR DB 129 60.73 9.13 -23.11
C THR DB 129 59.17 9.16 -23.05
N ARG DB 130 58.51 8.22 -23.72
CA ARG DB 130 57.04 8.06 -23.71
C ARG DB 130 56.28 9.27 -24.30
N THR DB 131 57.05 10.18 -24.90
CA THR DB 131 56.58 11.51 -25.22
C THR DB 131 56.22 11.55 -26.71
N LEU DB 132 56.09 12.74 -27.29
CA LEU DB 132 55.94 12.91 -28.73
C LEU DB 132 57.26 13.41 -29.37
N LEU DB 133 57.70 12.76 -30.45
CA LEU DB 133 58.98 13.07 -31.12
C LEU DB 133 58.78 13.63 -32.54
N TRP DB 134 59.71 13.36 -33.47
CA TRP DB 134 59.79 14.04 -34.77
C TRP DB 134 60.47 13.14 -35.85
N THR DB 135 59.78 12.93 -36.97
CA THR DB 135 60.16 11.90 -37.95
C THR DB 135 61.33 12.27 -38.84
N SER DB 136 61.79 13.52 -38.75
CA SER DB 136 62.95 13.97 -39.53
C SER DB 136 64.02 14.49 -38.58
N SER DB 137 65.21 14.79 -39.14
CA SER DB 137 66.40 15.17 -38.35
C SER DB 137 66.25 16.51 -37.63
N GLY DB 138 66.61 16.54 -36.35
CA GLY DB 138 66.34 17.69 -35.47
C GLY DB 138 67.58 18.33 -34.90
N LYS DB 139 67.53 19.66 -34.75
CA LYS DB 139 68.64 20.44 -34.15
C LYS DB 139 68.81 20.09 -32.66
N GLU DB 140 67.69 19.90 -31.97
CA GLU DB 140 67.67 19.26 -30.65
C GLU DB 140 67.25 17.82 -30.88
N GLN DB 141 68.20 16.90 -30.76
CA GLN DB 141 67.94 15.50 -31.12
C GLN DB 141 67.44 14.65 -29.94
N ARG DB 142 66.96 15.31 -28.89
CA ARG DB 142 66.18 14.65 -27.84
C ARG DB 142 64.77 14.33 -28.34
N LEU DB 143 64.43 14.86 -29.54
CA LEU DB 143 63.10 14.67 -30.17
C LEU DB 143 63.11 13.94 -31.55
N THR DB 144 64.26 13.57 -32.10
CA THR DB 144 64.30 12.81 -33.38
C THR DB 144 64.53 11.28 -33.19
N SER DB 145 64.71 10.89 -31.94
CA SER DB 145 65.01 9.51 -31.57
C SER DB 145 64.67 9.31 -30.09
N PRO DB 146 64.07 8.17 -29.74
CA PRO DB 146 63.69 7.97 -28.36
C PRO DB 146 64.84 7.46 -27.51
N GLY DB 147 65.82 6.79 -28.15
CA GLY DB 147 67.04 6.37 -27.45
C GLY DB 147 68.01 5.52 -28.25
N ARG DB 148 68.76 4.69 -27.55
CA ARG DB 148 69.67 3.76 -28.22
C ARG DB 148 69.82 2.45 -27.43
N LEU DB 149 70.03 1.39 -28.21
CA LEU DB 149 70.07 0.03 -27.72
C LEU DB 149 71.52 -0.39 -27.68
N ILE DB 150 71.97 -0.87 -26.52
CA ILE DB 150 73.34 -1.29 -26.35
C ILE DB 150 73.45 -2.77 -26.00
N LEU DB 151 74.42 -3.42 -26.59
CA LEU DB 151 74.71 -4.78 -26.25
C LEU DB 151 76.23 -4.86 -25.95
N LEU DB 152 76.58 -5.35 -24.76
CA LEU DB 152 77.97 -5.52 -24.34
C LEU DB 152 78.28 -6.96 -24.11
N CYS DB 153 79.51 -7.36 -24.41
CA CYS DB 153 79.96 -8.68 -24.04
C CYS DB 153 80.13 -8.74 -22.54
N VAL DB 154 79.90 -9.92 -21.99
CA VAL DB 154 80.19 -10.21 -20.59
C VAL DB 154 80.98 -11.50 -20.60
N GLY DB 155 82.25 -11.41 -20.24
CA GLY DB 155 83.19 -12.48 -20.50
C GLY DB 155 83.32 -12.61 -22.01
N ASN DB 156 84.10 -13.59 -22.44
CA ASN DB 156 84.40 -13.73 -23.88
C ASN DB 156 83.84 -14.99 -24.50
N ASN DB 157 83.51 -14.88 -25.78
CA ASN DB 157 82.92 -15.95 -26.53
C ASN DB 157 83.93 -17.00 -26.97
N THR DB 158 83.63 -18.25 -26.65
CA THR DB 158 84.38 -19.43 -27.07
C THR DB 158 84.03 -19.86 -28.48
N ASP DB 159 83.06 -19.20 -29.12
CA ASP DB 159 82.61 -19.62 -30.43
C ASP DB 159 82.17 -18.43 -31.22
N VAL DB 160 81.91 -18.64 -32.49
CA VAL DB 160 81.37 -17.55 -33.32
C VAL DB 160 79.92 -17.28 -32.92
N VAL DB 161 79.61 -16.01 -32.62
CA VAL DB 161 78.23 -15.62 -32.33
C VAL DB 161 77.71 -14.67 -33.36
N ASN DB 162 76.57 -14.99 -33.94
CA ASN DB 162 75.94 -14.12 -34.94
C ASN DB 162 74.70 -13.58 -34.30
N VAL DB 163 74.81 -12.36 -33.79
CA VAL DB 163 73.80 -11.83 -32.90
C VAL DB 163 72.97 -10.77 -33.59
N SER DB 164 71.67 -11.03 -33.69
CA SER DB 164 70.74 -10.11 -34.38
C SER DB 164 69.82 -9.52 -33.34
N VAL DB 165 69.61 -8.20 -33.34
CA VAL DB 165 68.67 -7.61 -32.37
C VAL DB 165 67.47 -7.03 -33.09
N LEU DB 166 66.29 -7.31 -32.53
CA LEU DB 166 65.04 -6.89 -33.11
C LEU DB 166 64.31 -6.03 -32.12
N CYS DB 167 63.68 -4.99 -32.63
CA CYS DB 167 62.98 -4.03 -31.82
C CYS DB 167 61.51 -4.17 -32.15
N ARG DB 168 60.68 -4.53 -31.20
CA ARG DB 168 59.26 -4.54 -31.50
C ARG DB 168 58.72 -3.16 -31.10
N TRP DB 169 57.90 -2.58 -31.97
CA TRP DB 169 57.52 -1.18 -31.83
C TRP DB 169 56.06 -0.96 -32.17
N SER DB 170 55.47 -0.06 -31.38
CA SER DB 170 54.17 0.50 -31.64
C SER DB 170 54.43 2.00 -31.62
N VAL DB 171 53.76 2.74 -32.48
CA VAL DB 171 53.99 4.19 -32.61
C VAL DB 171 52.64 4.84 -32.92
N ARG DB 172 52.47 6.13 -32.65
CA ARG DB 172 51.34 6.84 -33.24
C ARG DB 172 51.83 8.08 -33.96
N LEU DB 173 51.50 8.17 -35.25
CA LEU DB 173 52.09 9.16 -36.15
C LEU DB 173 51.22 10.40 -36.29
N SER DB 174 51.91 11.54 -36.38
CA SER DB 174 51.39 12.82 -35.89
C SER DB 174 50.68 13.63 -36.93
N VAL DB 175 51.42 14.36 -37.76
CA VAL DB 175 50.74 15.28 -38.69
C VAL DB 175 51.12 15.05 -40.16
N PRO DB 176 50.10 14.96 -41.04
CA PRO DB 176 50.36 14.70 -42.45
C PRO DB 176 51.32 15.65 -43.14
N SER DB 177 51.91 15.14 -44.21
CA SER DB 177 53.11 15.71 -44.81
C SER DB 177 53.65 14.76 -45.90
N LEU DB 178 54.72 15.17 -46.59
CA LEU DB 178 55.31 14.34 -47.68
C LEU DB 178 56.82 14.47 -47.84
N GLU DB 179 57.54 14.48 -46.72
CA GLU DB 179 59.00 14.72 -46.75
C GLU DB 179 59.65 13.77 -47.78
N ASN DB 180 60.28 14.36 -48.79
CA ASN DB 180 60.91 13.61 -49.90
C ASN DB 180 61.85 12.51 -49.43
N THR EB 18 41.68 31.92 -14.70
CA THR EB 18 42.96 31.29 -15.01
C THR EB 18 44.03 32.35 -15.29
N ASN EB 19 45.28 31.92 -15.23
CA ASN EB 19 46.42 32.82 -15.51
C ASN EB 19 46.66 33.05 -17.01
N ASP EB 20 46.11 32.17 -17.86
CA ASP EB 20 46.30 32.24 -19.32
C ASP EB 20 45.46 33.32 -20.00
N VAL EB 21 46.08 34.01 -20.95
CA VAL EB 21 45.49 35.14 -21.65
C VAL EB 21 45.26 34.81 -23.11
N HIS EB 22 44.01 34.88 -23.55
CA HIS EB 22 43.65 34.53 -24.94
C HIS EB 22 43.57 35.76 -25.84
N LEU EB 23 44.41 35.80 -26.86
CA LEU EB 23 44.41 36.86 -27.90
C LEU EB 23 43.99 36.32 -29.26
N SER EB 24 43.24 37.13 -30.01
CA SER EB 24 42.81 36.77 -31.37
C SER EB 24 42.96 37.94 -32.31
N GLY EB 25 43.21 37.65 -33.57
CA GLY EB 25 43.32 38.72 -34.56
C GLY EB 25 43.41 38.17 -35.97
N MET EB 26 43.67 39.06 -36.92
CA MET EB 26 43.91 38.67 -38.29
C MET EB 26 44.80 39.70 -38.97
N SER EB 27 45.90 39.23 -39.54
CA SER EB 27 46.96 40.14 -39.97
C SER EB 27 47.44 39.81 -41.36
N ARG EB 28 47.94 40.81 -42.09
CA ARG EB 28 48.56 40.52 -43.38
C ARG EB 28 49.98 40.01 -43.20
N ILE EB 29 50.15 38.71 -43.42
CA ILE EB 29 51.45 38.03 -43.40
C ILE EB 29 52.40 38.55 -44.46
N SER EB 30 51.88 38.79 -45.66
CA SER EB 30 52.71 39.27 -46.75
C SER EB 30 51.88 39.87 -47.87
N GLN EB 31 52.59 40.52 -48.78
CA GLN EB 31 51.98 41.08 -49.96
C GLN EB 31 52.98 41.02 -51.08
N ALA EB 32 52.69 40.21 -52.09
CA ALA EB 32 53.54 40.10 -53.26
C ALA EB 32 52.84 40.69 -54.46
N VAL EB 33 53.62 41.27 -55.35
CA VAL EB 33 53.11 41.73 -56.63
C VAL EB 33 53.80 40.87 -57.68
N LEU EB 34 52.99 40.19 -58.47
CA LEU EB 34 53.49 39.24 -59.43
C LEU EB 34 53.22 39.81 -60.83
N PRO EB 35 54.27 40.29 -61.51
CA PRO EB 35 54.03 41.01 -62.77
C PRO EB 35 53.45 40.17 -63.93
N ALA EB 36 53.18 40.85 -65.03
CA ALA EB 36 52.29 40.36 -66.06
C ALA EB 36 52.50 38.91 -66.47
N GLY EB 37 53.74 38.45 -66.62
CA GLY EB 37 53.95 37.10 -67.17
C GLY EB 37 54.95 36.24 -66.43
N THR EB 38 55.23 36.57 -65.18
CA THR EB 38 56.44 36.06 -64.52
C THR EB 38 56.27 34.81 -63.65
N GLY EB 39 55.05 34.32 -63.51
CA GLY EB 39 54.80 33.11 -62.72
C GLY EB 39 54.94 31.86 -63.58
N THR EB 40 55.35 30.75 -62.97
CA THR EB 40 55.33 29.45 -63.63
C THR EB 40 55.33 28.32 -62.63
N ASP EB 41 54.87 27.15 -63.07
CA ASP EB 41 54.75 26.01 -62.19
C ASP EB 41 55.90 25.97 -61.19
N GLY EB 42 55.57 26.12 -59.91
CA GLY EB 42 56.54 25.97 -58.84
C GLY EB 42 57.18 27.24 -58.33
N TYR EB 43 56.92 28.37 -59.00
CA TYR EB 43 57.47 29.67 -58.56
C TYR EB 43 56.95 30.04 -57.17
N VAL EB 44 57.87 30.24 -56.22
CA VAL EB 44 57.50 30.63 -54.86
C VAL EB 44 57.18 32.13 -54.81
N VAL EB 45 55.91 32.48 -54.60
CA VAL EB 45 55.50 33.89 -54.51
C VAL EB 45 55.41 34.39 -53.08
N VAL EB 46 55.21 33.47 -52.12
CA VAL EB 46 55.19 33.83 -50.71
C VAL EB 46 55.78 32.67 -49.92
N ASP EB 47 56.62 33.02 -48.96
CA ASP EB 47 57.24 32.04 -48.09
C ASP EB 47 57.49 32.71 -46.77
N ALA EB 48 56.50 32.60 -45.88
CA ALA EB 48 56.49 33.38 -44.66
C ALA EB 48 56.53 32.49 -43.45
N THR EB 49 57.61 32.63 -42.68
CA THR EB 49 57.73 31.90 -41.42
C THR EB 49 56.97 32.63 -40.33
N ILE EB 50 56.09 31.90 -39.66
CA ILE EB 50 55.13 32.49 -38.75
C ILE EB 50 55.75 32.74 -37.39
N VAL EB 51 55.98 34.02 -37.11
CA VAL EB 51 56.56 34.49 -35.86
C VAL EB 51 55.64 35.58 -35.31
N PRO EB 52 55.61 35.76 -33.98
CA PRO EB 52 54.75 36.80 -33.44
C PRO EB 52 55.04 38.20 -33.99
N ASP EB 53 56.30 38.49 -34.32
CA ASP EB 53 56.67 39.77 -34.89
C ASP EB 53 55.92 40.06 -36.20
N LEU EB 54 55.54 39.00 -36.90
CA LEU EB 54 54.90 39.11 -38.22
C LEU EB 54 53.42 39.51 -38.12
N LEU EB 55 52.78 39.13 -37.02
CA LEU EB 55 51.39 39.52 -36.73
C LEU EB 55 51.41 40.71 -35.79
N PRO EB 56 51.09 41.92 -36.28
CA PRO EB 56 51.52 43.12 -35.56
C PRO EB 56 50.95 43.22 -34.14
N ARG EB 57 49.65 42.96 -33.96
CA ARG EB 57 49.04 42.99 -32.63
C ARG EB 57 49.65 41.95 -31.69
N LEU EB 58 49.93 40.77 -32.21
CA LEU EB 58 50.59 39.75 -31.40
C LEU EB 58 52.03 40.16 -31.15
N GLY EB 59 52.64 40.85 -32.10
CA GLY EB 59 54.01 41.36 -31.96
C GLY EB 59 54.22 42.18 -30.69
N HIS EB 60 53.19 42.94 -30.33
CA HIS EB 60 53.23 43.76 -29.13
C HIS EB 60 53.03 42.93 -27.86
N ALA EB 61 52.05 42.03 -27.89
CA ALA EB 61 51.79 41.13 -26.75
C ALA EB 61 52.90 40.09 -26.55
N ALA EB 62 53.74 39.91 -27.57
CA ALA EB 62 54.93 39.06 -27.48
C ALA EB 62 55.95 39.59 -26.47
N ARG EB 63 55.97 40.91 -26.26
CA ARG EB 63 56.93 41.52 -25.35
C ARG EB 63 56.45 41.59 -23.90
N ILE EB 64 55.24 41.12 -23.65
CA ILE EB 64 54.62 41.16 -22.33
C ILE EB 64 54.69 39.78 -21.69
N PHE EB 65 54.46 38.74 -22.49
CA PHE EB 65 54.58 37.37 -22.03
C PHE EB 65 55.80 36.76 -22.65
N GLN EB 66 56.06 35.51 -22.33
CA GLN EB 66 57.28 34.87 -22.78
C GLN EB 66 57.07 33.59 -23.57
N ARG EB 67 56.03 32.83 -23.23
CA ARG EB 67 55.65 31.70 -24.07
C ARG EB 67 54.22 31.87 -24.60
N TYR EB 68 54.05 31.63 -25.89
CA TYR EB 68 52.75 31.69 -26.54
C TYR EB 68 52.42 30.33 -27.12
N ALA EB 69 51.15 29.93 -27.06
CA ALA EB 69 50.69 28.67 -27.64
C ALA EB 69 49.53 28.90 -28.63
N VAL EB 70 49.62 28.28 -29.81
CA VAL EB 70 48.72 28.58 -30.91
C VAL EB 70 47.47 27.70 -30.87
N GLU EB 71 46.31 28.34 -30.77
CA GLU EB 71 45.05 27.64 -30.54
C GLU EB 71 44.23 27.49 -31.83
N THR EB 72 44.22 28.52 -32.69
CA THR EB 72 43.67 28.40 -34.05
C THR EB 72 44.52 29.15 -35.08
N LEU EB 73 44.72 28.54 -36.24
CA LEU EB 73 45.43 29.16 -37.36
C LEU EB 73 44.70 28.93 -38.67
N GLU EB 74 44.54 29.98 -39.44
CA GLU EB 74 44.03 29.87 -40.80
C GLU EB 74 44.71 30.94 -41.62
N PHE EB 75 44.82 30.69 -42.91
CA PHE EB 75 45.36 31.67 -43.82
C PHE EB 75 44.36 31.90 -44.93
N GLU EB 76 44.10 33.18 -45.18
CA GLU EB 76 43.18 33.57 -46.22
C GLU EB 76 44.01 34.15 -47.37
N ILE EB 77 43.99 33.47 -48.51
CA ILE EB 77 44.73 33.91 -49.68
C ILE EB 77 43.86 34.85 -50.47
N GLN EB 78 44.33 36.05 -50.67
CA GLN EB 78 43.48 37.09 -51.21
C GLN EB 78 44.17 37.75 -52.40
N PRO EB 79 44.15 37.06 -53.55
CA PRO EB 79 44.80 37.53 -54.77
C PRO EB 79 43.88 38.48 -55.49
N MET EB 80 44.48 39.51 -56.08
CA MET EB 80 43.73 40.59 -56.65
C MET EB 80 44.19 40.87 -58.04
N CYS EB 81 43.34 40.46 -58.98
CA CYS EB 81 43.66 40.51 -60.39
C CYS EB 81 42.35 40.46 -61.15
N PRO EB 82 42.40 40.71 -62.46
CA PRO EB 82 41.16 40.65 -63.21
C PRO EB 82 40.71 39.21 -63.42
N ALA EB 83 39.40 39.04 -63.63
CA ALA EB 83 38.80 37.72 -63.82
C ALA EB 83 39.29 37.01 -65.08
N ASN EB 84 39.98 37.76 -65.95
CA ASN EB 84 40.60 37.21 -67.16
C ASN EB 84 42.06 36.79 -67.00
N THR EB 85 42.41 36.30 -65.83
CA THR EB 85 43.77 35.90 -65.58
C THR EB 85 43.87 34.40 -65.68
N GLY EB 86 44.85 33.92 -66.44
CA GLY EB 86 45.13 32.49 -66.57
C GLY EB 86 45.99 32.07 -65.40
N GLY EB 87 45.40 32.11 -64.24
CA GLY EB 87 46.19 32.06 -63.04
C GLY EB 87 46.39 30.67 -62.53
N GLY EB 88 46.53 30.57 -61.21
CA GLY EB 88 46.71 29.30 -60.57
C GLY EB 88 47.67 29.44 -59.44
N TYR EB 89 47.25 29.00 -58.25
CA TYR EB 89 48.16 28.87 -57.14
C TYR EB 89 47.84 27.67 -56.30
N VAL EB 90 48.85 27.20 -55.57
CA VAL EB 90 48.66 26.25 -54.48
C VAL EB 90 49.23 26.91 -53.23
N ALA EB 91 48.44 26.88 -52.16
CA ALA EB 91 48.84 27.48 -50.89
C ALA EB 91 48.74 26.44 -49.81
N GLY EB 92 49.75 26.38 -48.96
CA GLY EB 92 49.81 25.37 -47.91
C GLY EB 92 50.61 25.85 -46.73
N PHE EB 93 50.33 25.27 -45.57
CA PHE EB 93 51.07 25.57 -44.36
C PHE EB 93 51.79 24.32 -43.86
N LEU EB 94 53.11 24.28 -44.02
CA LEU EB 94 53.90 23.18 -43.44
C LEU EB 94 54.35 23.53 -42.03
N PRO EB 95 54.08 22.63 -41.06
CA PRO EB 95 54.32 22.87 -39.64
C PRO EB 95 55.77 22.94 -39.13
N ASP EB 96 56.80 22.85 -39.97
CA ASP EB 96 58.16 23.13 -39.49
C ASP EB 96 58.63 24.43 -40.04
N PRO EB 97 59.02 25.36 -39.17
CA PRO EB 97 59.70 26.51 -39.73
C PRO EB 97 61.02 26.09 -40.40
N THR EB 98 61.48 24.90 -40.02
CA THR EB 98 62.77 24.36 -40.45
C THR EB 98 62.94 24.20 -41.96
N ASP EB 99 62.12 23.37 -42.60
CA ASP EB 99 62.49 22.82 -43.91
C ASP EB 99 62.00 23.59 -45.15
N ASN EB 100 62.86 23.55 -46.17
CA ASN EB 100 62.70 24.28 -47.44
C ASN EB 100 62.08 23.46 -48.58
N ASP EB 101 61.33 22.41 -48.24
CA ASP EB 101 60.73 21.56 -49.27
C ASP EB 101 59.50 22.28 -49.90
N HIS EB 102 59.75 23.17 -50.86
CA HIS EB 102 58.71 24.02 -51.45
C HIS EB 102 58.26 23.57 -52.84
N THR EB 103 57.75 22.35 -52.89
CA THR EB 103 57.25 21.75 -54.12
C THR EB 103 55.73 21.56 -54.00
N PHE EB 104 55.04 21.53 -55.14
CA PHE EB 104 53.60 21.38 -55.14
C PHE EB 104 53.15 20.17 -54.32
N ASP EB 105 53.73 19.00 -54.60
CA ASP EB 105 53.30 17.76 -53.95
C ASP EB 105 53.46 17.82 -52.43
N ALA EB 106 54.52 18.48 -51.98
CA ALA EB 106 54.80 18.64 -50.55
C ALA EB 106 53.80 19.55 -49.87
N LEU EB 107 53.39 20.61 -50.57
CA LEU EB 107 52.31 21.48 -50.07
C LEU EB 107 50.98 20.75 -50.01
N GLN EB 108 50.59 20.10 -51.10
CA GLN EB 108 49.32 19.39 -51.16
C GLN EB 108 49.22 18.24 -50.16
N ALA EB 109 50.35 17.76 -49.69
CA ALA EB 109 50.37 16.74 -48.63
C ALA EB 109 49.89 17.25 -47.27
N THR EB 110 49.98 18.57 -47.04
CA THR EB 110 49.53 19.19 -45.79
C THR EB 110 47.99 19.31 -45.79
N ARG EB 111 47.41 19.70 -44.66
CA ARG EB 111 45.97 19.52 -44.46
C ARG EB 111 45.23 20.69 -45.01
N GLY EB 112 45.70 21.88 -44.72
CA GLY EB 112 45.01 23.05 -45.20
C GLY EB 112 44.92 23.13 -46.72
N ALA EB 113 45.92 22.53 -47.37
CA ALA EB 113 46.27 22.80 -48.76
C ALA EB 113 45.11 23.11 -49.71
N VAL EB 114 45.21 24.25 -50.39
CA VAL EB 114 44.22 24.66 -51.37
C VAL EB 114 44.85 25.06 -52.71
N VAL EB 115 44.15 24.79 -53.80
CA VAL EB 115 44.56 25.27 -55.10
C VAL EB 115 43.39 25.95 -55.78
N ALA EB 116 43.68 26.98 -56.56
CA ALA EB 116 42.64 27.80 -57.15
C ALA EB 116 43.24 28.68 -58.21
N LYS EB 117 42.39 29.19 -59.09
CA LYS EB 117 42.79 30.15 -60.12
C LYS EB 117 43.04 31.48 -59.41
N TRP EB 118 43.89 32.33 -59.96
CA TRP EB 118 44.28 33.56 -59.26
C TRP EB 118 43.14 34.54 -59.00
N TRP EB 119 42.01 34.38 -59.67
CA TRP EB 119 40.89 35.26 -59.39
C TRP EB 119 39.88 34.65 -58.41
N GLU EB 120 40.38 33.76 -57.56
CA GLU EB 120 39.54 33.07 -56.60
C GLU EB 120 40.21 33.21 -55.22
N SER EB 121 39.46 33.74 -54.26
CA SER EB 121 39.90 33.76 -52.86
C SER EB 121 39.84 32.37 -52.30
N ARG EB 122 40.59 32.12 -51.25
CA ARG EB 122 40.67 30.77 -50.73
C ARG EB 122 41.25 30.76 -49.33
N THR EB 123 40.87 29.76 -48.53
CA THR EB 123 41.29 29.68 -47.14
C THR EB 123 41.92 28.33 -46.79
N VAL EB 124 43.16 28.37 -46.32
CA VAL EB 124 43.82 27.16 -45.89
C VAL EB 124 43.60 27.02 -44.39
N ARG EB 125 43.09 25.87 -43.99
CA ARG EB 125 42.82 25.54 -42.60
C ARG EB 125 43.73 24.41 -42.19
N PRO EB 126 44.96 24.73 -41.78
CA PRO EB 126 45.92 23.67 -41.58
C PRO EB 126 45.73 22.98 -40.25
N GLN EB 127 46.50 21.91 -40.07
CA GLN EB 127 46.74 21.30 -38.76
C GLN EB 127 48.22 21.51 -38.48
N TYR EB 128 48.53 21.79 -37.21
CA TYR EB 128 49.81 22.35 -36.80
C TYR EB 128 50.28 21.69 -35.51
N THR EB 129 51.39 22.20 -34.96
CA THR EB 129 51.94 21.71 -33.70
C THR EB 129 50.91 21.61 -32.54
N ARG EB 130 50.10 22.66 -32.35
CA ARG EB 130 49.07 22.70 -31.29
C ARG EB 130 49.68 22.72 -29.88
N THR EB 131 50.95 23.13 -29.78
CA THR EB 131 51.78 22.93 -28.59
C THR EB 131 52.24 24.27 -28.02
N LEU EB 132 52.89 24.24 -26.85
CA LEU EB 132 53.52 25.43 -26.28
C LEU EB 132 54.77 25.84 -27.06
N LEU EB 133 54.95 27.15 -27.21
CA LEU EB 133 56.04 27.68 -27.98
C LEU EB 133 56.78 28.72 -27.15
N TRP EB 134 57.49 29.63 -27.82
CA TRP EB 134 58.35 30.61 -27.19
C TRP EB 134 58.29 31.94 -27.94
N THR EB 135 58.04 33.04 -27.23
CA THR EB 135 57.80 34.34 -27.89
C THR EB 135 59.08 35.00 -28.41
N SER EB 136 60.24 34.41 -28.09
CA SER EB 136 61.51 34.93 -28.58
C SER EB 136 62.48 33.80 -28.98
N SER EB 137 63.44 34.15 -29.85
CA SER EB 137 64.34 33.19 -30.54
C SER EB 137 65.01 32.16 -29.63
N GLY EB 138 65.28 30.99 -30.17
CA GLY EB 138 65.89 29.90 -29.42
C GLY EB 138 67.02 29.25 -30.20
N LYS EB 139 67.80 28.43 -29.50
CA LYS EB 139 68.88 27.64 -30.12
C LYS EB 139 68.22 26.55 -30.99
N GLU EB 140 67.14 25.97 -30.47
CA GLU EB 140 66.25 25.07 -31.21
C GLU EB 140 64.96 25.79 -31.57
N GLN EB 141 64.75 26.06 -32.86
CA GLN EB 141 63.62 26.89 -33.30
C GLN EB 141 62.33 26.11 -33.57
N ARG EB 142 62.28 24.86 -33.09
CA ARG EB 142 61.05 24.07 -33.13
C ARG EB 142 60.03 24.61 -32.14
N LEU EB 143 60.46 25.45 -31.21
CA LEU EB 143 59.56 26.05 -30.21
C LEU EB 143 59.37 27.57 -30.33
N THR EB 144 59.87 28.21 -31.38
CA THR EB 144 59.68 29.67 -31.57
C THR EB 144 58.68 30.04 -32.71
N SER EB 145 58.33 29.09 -33.58
CA SER EB 145 57.38 29.31 -34.69
C SER EB 145 56.61 28.02 -35.00
N PRO EB 146 55.29 28.13 -35.26
CA PRO EB 146 54.47 26.92 -35.40
C PRO EB 146 54.50 26.31 -36.81
N GLY EB 147 55.16 27.01 -37.74
CA GLY EB 147 55.28 26.57 -39.12
C GLY EB 147 55.48 27.74 -40.06
N ARG EB 148 55.23 27.52 -41.35
CA ARG EB 148 55.37 28.58 -42.34
C ARG EB 148 54.41 28.38 -43.52
N LEU EB 149 53.97 29.50 -44.08
CA LEU EB 149 52.93 29.53 -45.08
C LEU EB 149 53.61 29.74 -46.42
N ILE EB 150 53.36 28.82 -47.35
CA ILE EB 150 53.96 28.87 -48.68
C ILE EB 150 52.88 29.06 -49.73
N LEU EB 151 53.19 29.85 -50.74
CA LEU EB 151 52.27 30.08 -51.83
C LEU EB 151 53.03 29.89 -53.12
N LEU EB 152 52.59 28.95 -53.95
CA LEU EB 152 53.26 28.58 -55.19
C LEU EB 152 52.41 28.88 -56.40
N CYS EB 153 53.06 29.24 -57.51
CA CYS EB 153 52.36 29.36 -58.78
C CYS EB 153 51.97 28.02 -59.36
N VAL EB 154 50.81 27.99 -59.99
CA VAL EB 154 50.40 26.86 -60.80
C VAL EB 154 50.13 27.50 -62.14
N GLY EB 155 50.63 26.85 -63.20
CA GLY EB 155 50.59 27.45 -64.53
C GLY EB 155 51.26 28.80 -64.50
N ASN EB 156 50.92 29.67 -65.44
CA ASN EB 156 51.55 30.98 -65.50
C ASN EB 156 50.54 32.07 -65.76
N ASN EB 157 50.65 33.14 -64.97
CA ASN EB 157 49.68 34.23 -64.99
C ASN EB 157 49.69 35.09 -66.25
N THR EB 158 48.50 35.35 -66.79
CA THR EB 158 48.31 36.21 -67.95
C THR EB 158 48.44 37.67 -67.59
N ASP EB 159 48.25 37.99 -66.32
CA ASP EB 159 48.04 39.36 -65.92
C ASP EB 159 48.70 39.64 -64.60
N VAL EB 160 48.65 40.89 -64.17
CA VAL EB 160 49.31 41.30 -62.92
C VAL EB 160 48.45 40.91 -61.71
N VAL EB 161 49.09 40.26 -60.74
CA VAL EB 161 48.42 39.80 -59.53
C VAL EB 161 49.01 40.48 -58.31
N ASN EB 162 48.15 41.03 -57.46
CA ASN EB 162 48.57 41.64 -56.22
C ASN EB 162 48.08 40.80 -55.04
N VAL EB 163 48.75 39.69 -54.81
CA VAL EB 163 48.35 38.77 -53.76
C VAL EB 163 48.74 39.27 -52.37
N SER EB 164 47.79 39.22 -51.44
CA SER EB 164 48.05 39.50 -50.03
C SER EB 164 47.54 38.29 -49.26
N VAL EB 165 48.39 37.63 -48.50
CA VAL EB 165 47.90 36.54 -47.63
C VAL EB 165 47.68 37.08 -46.23
N LEU EB 166 46.61 36.60 -45.60
CA LEU EB 166 46.21 37.04 -44.29
C LEU EB 166 46.18 35.84 -43.39
N CYS EB 167 46.70 36.01 -42.18
CA CYS EB 167 46.69 34.97 -41.19
C CYS EB 167 45.68 35.35 -40.13
N ARG EB 168 44.66 34.53 -39.94
CA ARG EB 168 43.79 34.72 -38.80
C ARG EB 168 44.24 33.74 -37.73
N TRP EB 169 44.35 34.25 -36.52
CA TRP EB 169 45.04 33.56 -35.44
C TRP EB 169 44.35 33.74 -34.12
N SER EB 170 44.42 32.70 -33.31
CA SER EB 170 43.93 32.71 -31.95
C SER EB 170 44.98 32.03 -31.08
N VAL EB 171 45.45 32.74 -30.08
CA VAL EB 171 46.66 32.36 -29.35
C VAL EB 171 46.39 32.46 -27.85
N ARG EB 172 46.92 31.53 -27.05
CA ARG EB 172 46.92 31.72 -25.59
C ARG EB 172 48.34 31.95 -25.02
N LEU EB 173 48.51 33.09 -24.35
CA LEU EB 173 49.80 33.58 -23.89
C LEU EB 173 50.06 33.27 -22.41
N SER EB 174 51.34 33.10 -22.07
CA SER EB 174 51.73 32.59 -20.74
C SER EB 174 53.04 33.20 -20.23
N VAL EB 175 53.34 32.88 -18.96
CA VAL EB 175 54.37 33.55 -18.11
C VAL EB 175 54.70 35.01 -18.42
N PRO EB 176 54.19 35.92 -17.59
CA PRO EB 176 54.49 37.35 -17.65
C PRO EB 176 55.98 37.65 -17.66
N SER EB 177 56.34 38.78 -18.25
CA SER EB 177 57.71 39.08 -18.66
C SER EB 177 57.76 40.47 -19.28
N LEU EB 178 58.93 40.92 -19.69
CA LEU EB 178 59.05 42.22 -20.35
C LEU EB 178 60.36 42.37 -21.12
N GLU EB 179 60.31 42.16 -22.44
CA GLU EB 179 61.52 42.20 -23.26
C GLU EB 179 61.68 43.53 -24.01
N ASN EB 180 62.72 44.27 -23.61
CA ASN EB 180 63.01 45.60 -24.15
C ASN EB 180 64.28 45.59 -25.00
N THR FB 18 8.01 -4.94 -52.52
CA THR FB 18 7.26 -4.32 -53.65
C THR FB 18 7.79 -4.84 -55.00
N ASN FB 19 6.92 -4.90 -55.99
CA ASN FB 19 7.26 -5.46 -57.30
C ASN FB 19 7.89 -4.45 -58.24
N ASP FB 20 7.95 -3.19 -57.80
CA ASP FB 20 8.53 -2.09 -58.58
C ASP FB 20 10.01 -1.86 -58.33
N VAL FB 21 10.65 -1.33 -59.36
CA VAL FB 21 12.06 -1.07 -59.35
C VAL FB 21 12.25 0.43 -59.31
N HIS FB 22 13.21 0.90 -58.53
CA HIS FB 22 13.53 2.32 -58.43
C HIS FB 22 14.82 2.67 -59.13
N LEU FB 23 14.71 3.28 -60.31
CA LEU FB 23 15.86 3.57 -61.14
C LEU FB 23 16.13 5.06 -61.13
N SER FB 24 17.38 5.46 -60.88
CA SER FB 24 17.81 6.87 -60.88
C SER FB 24 18.98 7.15 -61.81
N GLY FB 25 19.02 8.37 -62.34
CA GLY FB 25 20.15 8.83 -63.15
C GLY FB 25 20.11 10.31 -63.53
N MET FB 26 21.03 10.69 -64.40
CA MET FB 26 21.06 12.03 -64.96
C MET FB 26 21.75 12.02 -66.31
N SER FB 27 21.08 12.63 -67.29
CA SER FB 27 21.41 12.41 -68.69
C SER FB 27 21.24 13.71 -69.47
N ARG FB 28 22.10 13.91 -70.46
CA ARG FB 28 21.87 14.97 -71.43
C ARG FB 28 20.60 14.74 -72.28
N ILE FB 29 19.75 15.73 -72.27
CA ILE FB 29 18.57 15.77 -73.11
C ILE FB 29 18.94 16.34 -74.47
N SER FB 30 19.89 17.28 -74.52
CA SER FB 30 20.23 17.94 -75.79
C SER FB 30 21.51 18.74 -75.69
N GLN FB 31 22.06 19.14 -76.82
CA GLN FB 31 23.23 19.98 -76.82
C GLN FB 31 23.13 20.92 -77.99
N ALA FB 32 22.62 22.12 -77.75
CA ALA FB 32 22.54 23.10 -78.82
C ALA FB 32 23.87 23.83 -79.01
N VAL FB 33 24.12 24.30 -80.24
CA VAL FB 33 25.17 25.31 -80.47
C VAL FB 33 24.50 26.55 -81.07
N LEU FB 34 24.74 27.70 -80.46
CA LEU FB 34 24.10 28.93 -80.84
C LEU FB 34 25.19 29.85 -81.35
N PRO FB 35 25.18 30.19 -82.66
CA PRO FB 35 26.27 31.02 -83.18
C PRO FB 35 26.29 32.46 -82.66
N ALA FB 36 27.34 33.17 -83.05
CA ALA FB 36 27.72 34.46 -82.46
C ALA FB 36 26.58 35.40 -82.09
N GLY FB 37 25.57 35.57 -82.94
CA GLY FB 37 24.47 36.45 -82.60
C GLY FB 37 23.19 35.98 -83.22
N THR FB 38 22.65 34.87 -82.75
CA THR FB 38 21.53 34.22 -83.44
C THR FB 38 20.22 34.05 -82.63
N GLY FB 39 20.19 34.48 -81.37
CA GLY FB 39 18.98 34.38 -80.53
C GLY FB 39 18.30 35.72 -80.33
N THR FB 40 16.96 35.73 -80.16
CA THR FB 40 16.20 36.94 -79.79
C THR FB 40 14.96 36.57 -78.97
N ASP FB 41 14.55 37.50 -78.11
CA ASP FB 41 13.44 37.28 -77.16
C ASP FB 41 12.34 36.36 -77.67
N GLY FB 42 12.40 35.09 -77.27
CA GLY FB 42 11.40 34.09 -77.64
C GLY FB 42 11.92 32.97 -78.52
N TYR FB 43 13.07 33.18 -79.18
CA TYR FB 43 13.65 32.18 -80.06
C TYR FB 43 13.87 30.86 -79.34
N VAL FB 44 13.35 29.75 -79.88
CA VAL FB 44 13.37 28.45 -79.19
C VAL FB 44 14.68 27.70 -79.46
N VAL FB 45 15.54 27.56 -78.44
CA VAL FB 45 16.83 26.87 -78.62
C VAL FB 45 16.78 25.37 -78.31
N VAL FB 46 15.86 24.95 -77.44
CA VAL FB 46 15.74 23.54 -77.11
C VAL FB 46 14.33 23.20 -76.73
N ASP FB 47 13.72 22.34 -77.53
CA ASP FB 47 12.46 21.73 -77.18
C ASP FB 47 12.66 20.24 -77.23
N ALA FB 48 12.55 19.59 -76.08
CA ALA FB 48 12.71 18.17 -75.99
C ALA FB 48 11.53 17.57 -75.22
N THR FB 49 10.88 16.58 -75.83
CA THR FB 49 9.75 15.89 -75.21
C THR FB 49 10.30 14.69 -74.46
N ILE FB 50 10.03 14.62 -73.16
CA ILE FB 50 10.73 13.66 -72.28
C ILE FB 50 10.18 12.23 -72.31
N VAL FB 51 11.00 11.34 -72.86
CA VAL FB 51 10.65 9.94 -73.05
C VAL FB 51 11.83 9.07 -72.67
N PRO FB 52 11.55 7.83 -72.24
CA PRO FB 52 12.59 6.89 -71.85
C PRO FB 52 13.78 6.73 -72.82
N ASP FB 53 13.54 6.77 -74.12
CA ASP FB 53 14.64 6.69 -75.10
C ASP FB 53 15.69 7.77 -74.84
N LEU FB 54 15.23 8.96 -74.47
CA LEU FB 54 16.07 10.17 -74.42
C LEU FB 54 17.13 10.17 -73.32
N LEU FB 55 16.83 9.44 -72.25
CA LEU FB 55 17.71 9.23 -71.13
C LEU FB 55 18.38 7.86 -71.32
N PRO FB 56 19.64 7.83 -71.81
CA PRO FB 56 20.31 6.57 -72.15
C PRO FB 56 19.94 5.39 -71.26
N ARG FB 57 20.18 5.49 -69.96
CA ARG FB 57 19.94 4.37 -69.05
C ARG FB 57 18.45 3.94 -68.99
N LEU FB 58 17.53 4.86 -68.77
CA LEU FB 58 16.11 4.47 -68.72
C LEU FB 58 15.71 3.82 -70.02
N GLY FB 59 16.28 4.27 -71.13
CA GLY FB 59 16.06 3.61 -72.42
C GLY FB 59 16.13 2.10 -72.29
N HIS FB 60 17.27 1.61 -71.82
CA HIS FB 60 17.45 0.17 -71.58
C HIS FB 60 16.41 -0.42 -70.61
N ALA FB 61 16.20 0.21 -69.46
CA ALA FB 61 15.21 -0.28 -68.50
C ALA FB 61 13.75 -0.22 -69.05
N ALA FB 62 13.52 0.57 -70.09
CA ALA FB 62 12.24 0.60 -70.83
C ALA FB 62 11.95 -0.74 -71.49
N ARG FB 63 12.97 -1.27 -72.17
CA ARG FB 63 12.83 -2.56 -72.84
C ARG FB 63 12.53 -3.73 -71.89
N ILE FB 64 12.59 -3.49 -70.59
CA ILE FB 64 12.39 -4.53 -69.59
C ILE FB 64 11.06 -4.41 -68.85
N PHE FB 65 10.48 -3.22 -68.78
CA PHE FB 65 9.13 -3.06 -68.23
C PHE FB 65 8.15 -2.40 -69.19
N GLN FB 66 6.88 -2.49 -68.82
CA GLN FB 66 5.77 -1.93 -69.60
C GLN FB 66 5.44 -0.51 -69.11
N ARG FB 67 5.54 -0.28 -67.81
CA ARG FB 67 5.13 0.99 -67.25
C ARG FB 67 6.14 1.63 -66.30
N TYR FB 68 6.03 2.96 -66.20
CA TYR FB 68 6.96 3.78 -65.45
C TYR FB 68 6.29 5.08 -65.00
N ALA FB 69 6.45 5.40 -63.72
CA ALA FB 69 5.95 6.65 -63.13
C ALA FB 69 7.13 7.51 -62.74
N VAL FB 70 7.01 8.82 -62.93
CA VAL FB 70 8.06 9.73 -62.51
C VAL FB 70 7.94 9.95 -61.00
N GLU FB 71 9.07 10.13 -60.35
CA GLU FB 71 9.08 10.35 -58.91
C GLU FB 71 9.90 11.60 -58.54
N THR FB 72 11.00 11.86 -59.25
CA THR FB 72 11.56 13.21 -59.31
C THR FB 72 12.03 13.54 -60.74
N LEU FB 73 11.73 14.76 -61.15
CA LEU FB 73 12.27 15.36 -62.37
C LEU FB 73 12.90 16.70 -62.05
N GLU FB 74 14.03 16.99 -62.72
CA GLU FB 74 14.69 18.29 -62.67
C GLU FB 74 15.49 18.44 -63.94
N PHE FB 75 15.81 19.70 -64.26
CA PHE FB 75 16.67 19.98 -65.41
C PHE FB 75 17.76 20.96 -65.02
N GLU FB 76 18.99 20.63 -65.36
CA GLU FB 76 20.12 21.46 -65.03
C GLU FB 76 20.54 22.09 -66.34
N ILE FB 77 20.29 23.38 -66.49
CA ILE FB 77 20.71 24.12 -67.67
C ILE FB 77 22.19 24.48 -67.59
N GLN FB 78 22.95 23.92 -68.50
CA GLN FB 78 24.38 24.11 -68.45
C GLN FB 78 24.91 24.70 -69.75
N PRO FB 79 24.84 26.05 -69.85
CA PRO FB 79 25.36 26.81 -70.95
C PRO FB 79 26.84 27.10 -70.78
N MET FB 80 27.57 26.99 -71.89
CA MET FB 80 29.00 27.15 -71.88
C MET FB 80 29.41 28.23 -72.84
N CYS FB 81 29.97 29.29 -72.28
CA CYS FB 81 30.34 30.48 -73.02
C CYS FB 81 31.15 31.38 -72.11
N PRO FB 82 31.78 32.41 -72.67
CA PRO FB 82 32.66 33.21 -71.82
C PRO FB 82 31.86 34.18 -71.00
N ALA FB 83 32.46 34.69 -69.93
CA ALA FB 83 31.74 35.50 -68.97
C ALA FB 83 31.34 36.89 -69.50
N ASN FB 84 31.81 37.24 -70.70
CA ASN FB 84 31.52 38.52 -71.35
C ASN FB 84 30.45 38.44 -72.45
N THR FB 85 29.37 37.75 -72.12
CA THR FB 85 28.34 37.36 -73.07
C THR FB 85 27.00 37.99 -72.69
N GLY FB 86 26.45 38.79 -73.60
CA GLY FB 86 25.20 39.48 -73.35
C GLY FB 86 24.01 38.57 -73.52
N GLY FB 87 24.01 37.47 -72.78
CA GLY FB 87 23.07 36.42 -73.05
C GLY FB 87 21.65 36.63 -72.54
N GLY FB 88 21.07 35.52 -72.09
CA GLY FB 88 19.70 35.47 -71.61
C GLY FB 88 19.00 34.18 -71.98
N TYR FB 89 18.48 33.47 -70.99
CA TYR FB 89 17.58 32.37 -71.28
C TYR FB 89 16.49 32.21 -70.24
N VAL FB 90 15.49 31.45 -70.62
CA VAL FB 90 14.39 31.08 -69.73
C VAL FB 90 14.11 29.62 -70.04
N ALA FB 91 14.23 28.76 -69.04
CA ALA FB 91 14.00 27.34 -69.25
C ALA FB 91 12.91 26.86 -68.31
N GLY FB 92 11.99 26.06 -68.83
CA GLY FB 92 10.78 25.68 -68.11
C GLY FB 92 10.23 24.35 -68.59
N PHE FB 93 9.45 23.71 -67.73
CA PHE FB 93 8.93 22.39 -68.05
C PHE FB 93 7.41 22.41 -67.96
N LEU FB 94 6.79 22.50 -69.14
CA LEU FB 94 5.32 22.38 -69.22
C LEU FB 94 4.91 20.91 -69.30
N PRO FB 95 3.93 20.51 -68.46
CA PRO FB 95 3.57 19.08 -68.28
C PRO FB 95 2.67 18.40 -69.32
N ASP FB 96 2.59 18.92 -70.55
CA ASP FB 96 1.96 18.20 -71.66
C ASP FB 96 2.99 17.95 -72.72
N PRO FB 97 3.11 16.69 -73.14
CA PRO FB 97 3.90 16.45 -74.36
C PRO FB 97 3.23 17.05 -75.62
N THR FB 98 1.95 17.42 -75.48
CA THR FB 98 1.14 18.01 -76.55
C THR FB 98 1.39 19.52 -76.84
N ASP FB 99 1.50 20.33 -75.79
CA ASP FB 99 1.38 21.81 -75.88
C ASP FB 99 2.54 22.53 -76.58
N ASN FB 100 2.19 23.36 -77.57
CA ASN FB 100 3.14 24.19 -78.31
C ASN FB 100 3.23 25.65 -77.83
N ASP FB 101 2.74 25.98 -76.64
CA ASP FB 101 2.73 27.37 -76.22
C ASP FB 101 4.15 27.76 -75.74
N HIS FB 102 5.02 28.10 -76.70
CA HIS FB 102 6.45 28.37 -76.42
C HIS FB 102 6.77 29.87 -76.33
N THR FB 103 5.98 30.59 -75.54
CA THR FB 103 6.27 31.99 -75.25
C THR FB 103 6.88 32.09 -73.87
N PHE FB 104 7.60 33.18 -73.61
CA PHE FB 104 8.14 33.43 -72.31
C PHE FB 104 7.07 33.28 -71.20
N ASP FB 105 5.95 33.98 -71.33
CA ASP FB 105 4.90 33.95 -70.27
C ASP FB 105 4.44 32.54 -69.90
N ALA FB 106 4.32 31.72 -70.93
CA ALA FB 106 3.90 30.34 -70.79
C ALA FB 106 4.89 29.57 -69.93
N LEU FB 107 6.17 29.68 -70.23
CA LEU FB 107 7.19 29.00 -69.45
C LEU FB 107 7.16 29.48 -68.03
N GLN FB 108 7.18 30.79 -67.84
CA GLN FB 108 7.21 31.35 -66.48
C GLN FB 108 5.94 30.96 -65.71
N ALA FB 109 4.87 30.66 -66.43
CA ALA FB 109 3.67 30.12 -65.78
C ALA FB 109 3.94 28.87 -64.95
N THR FB 110 4.89 28.05 -65.40
CA THR FB 110 5.21 26.75 -64.80
C THR FB 110 6.15 26.87 -63.59
N ARG FB 111 6.36 25.80 -62.84
CA ARG FB 111 6.89 25.95 -61.48
C ARG FB 111 8.38 26.06 -61.49
N GLY FB 112 9.03 25.14 -62.17
CA GLY FB 112 10.48 25.10 -62.10
C GLY FB 112 11.07 26.38 -62.65
N ALA FB 113 10.40 26.92 -63.66
CA ALA FB 113 10.84 28.05 -64.48
C ALA FB 113 11.88 29.02 -63.89
N VAL FB 114 12.99 29.11 -64.61
CA VAL FB 114 14.15 29.88 -64.22
C VAL FB 114 14.63 30.67 -65.41
N VAL FB 115 15.11 31.87 -65.16
CA VAL FB 115 15.76 32.71 -66.19
C VAL FB 115 17.13 33.16 -65.67
N ALA FB 116 18.03 33.50 -66.58
CA ALA FB 116 19.44 33.71 -66.22
C ALA FB 116 20.26 34.33 -67.37
N LYS FB 117 21.51 34.62 -67.08
CA LYS FB 117 22.46 35.01 -68.11
C LYS FB 117 23.12 33.73 -68.63
N TRP FB 118 23.55 33.74 -69.90
CA TRP FB 118 24.12 32.54 -70.50
C TRP FB 118 25.37 32.04 -69.83
N TRP FB 119 26.09 32.90 -69.14
CA TRP FB 119 27.27 32.47 -68.39
C TRP FB 119 26.90 32.08 -66.93
N GLU FB 120 25.67 31.58 -66.73
CA GLU FB 120 25.18 31.17 -65.41
C GLU FB 120 24.42 29.82 -65.45
N SER FB 121 24.98 28.80 -64.77
CA SER FB 121 24.27 27.51 -64.54
C SER FB 121 22.97 27.76 -63.88
N ARG FB 122 22.07 26.79 -64.02
CA ARG FB 122 20.76 26.95 -63.43
C ARG FB 122 19.93 25.64 -63.44
N THR FB 123 19.03 25.49 -62.47
CA THR FB 123 18.30 24.23 -62.26
C THR FB 123 16.79 24.42 -62.16
N VAL FB 124 16.03 23.90 -63.14
CA VAL FB 124 14.55 23.96 -63.07
C VAL FB 124 13.99 22.73 -62.34
N ARG FB 125 13.16 23.01 -61.33
CA ARG FB 125 12.54 22.01 -60.45
C ARG FB 125 11.02 22.05 -60.60
N PRO FB 126 10.51 21.42 -61.67
CA PRO FB 126 9.09 21.57 -62.01
C PRO FB 126 8.13 20.80 -61.12
N GLN FB 127 6.84 20.96 -61.39
CA GLN FB 127 5.82 20.09 -60.82
C GLN FB 127 5.12 19.47 -62.03
N TYR FB 128 4.82 18.19 -61.91
CA TYR FB 128 4.54 17.37 -63.09
C TYR FB 128 3.46 16.34 -62.83
N THR FB 129 3.23 15.52 -63.84
CA THR FB 129 2.31 14.40 -63.79
C THR FB 129 2.33 13.57 -62.48
N ARG FB 130 3.49 13.02 -62.12
CA ARG FB 130 3.67 12.17 -60.90
C ARG FB 130 2.82 10.89 -60.96
N THR FB 131 2.44 10.52 -62.19
CA THR FB 131 1.39 9.54 -62.46
C THR FB 131 1.98 8.42 -63.31
N LEU FB 132 1.21 7.35 -63.51
CA LEU FB 132 1.69 6.12 -64.18
C LEU FB 132 1.67 6.10 -65.73
N LEU FB 133 2.81 6.39 -66.33
CA LEU FB 133 2.94 6.41 -67.77
C LEU FB 133 3.32 5.03 -68.30
N TRP FB 134 3.73 4.97 -69.57
CA TRP FB 134 3.93 3.73 -70.33
C TRP FB 134 5.15 3.81 -71.26
N THR FB 135 5.94 2.74 -71.33
CA THR FB 135 7.30 2.79 -71.89
C THR FB 135 7.45 2.76 -73.42
N SER FB 136 6.36 2.53 -74.16
CA SER FB 136 6.37 2.63 -75.63
C SER FB 136 5.11 3.30 -76.19
N SER FB 137 5.22 3.76 -77.46
CA SER FB 137 4.28 4.71 -78.10
C SER FB 137 2.79 4.46 -77.80
N GLY FB 138 2.05 5.55 -77.56
CA GLY FB 138 0.63 5.48 -77.23
C GLY FB 138 -0.22 6.06 -78.35
N LYS FB 139 -1.54 5.86 -78.23
CA LYS FB 139 -2.51 6.59 -79.03
C LYS FB 139 -2.82 7.89 -78.27
N GLU FB 140 -3.16 7.72 -76.99
CA GLU FB 140 -3.21 8.84 -76.03
C GLU FB 140 -1.82 9.03 -75.39
N GLN FB 141 -1.11 10.07 -75.85
CA GLN FB 141 0.29 10.30 -75.44
C GLN FB 141 0.44 11.06 -74.13
N ARG FB 142 -0.68 11.27 -73.43
CA ARG FB 142 -0.67 11.81 -72.05
C ARG FB 142 -0.27 10.71 -71.08
N LEU FB 143 0.00 9.51 -71.61
CA LEU FB 143 0.59 8.39 -70.86
C LEU FB 143 1.91 7.82 -71.48
N THR FB 144 2.71 8.62 -72.21
CA THR FB 144 4.06 8.17 -72.70
C THR FB 144 5.25 9.16 -72.44
N SER FB 145 4.94 10.31 -71.85
CA SER FB 145 5.93 11.34 -71.52
C SER FB 145 5.26 12.30 -70.54
N PRO FB 146 6.02 12.83 -69.55
CA PRO FB 146 5.39 13.62 -68.48
C PRO FB 146 5.30 15.13 -68.78
N GLY FB 147 6.03 15.59 -69.82
CA GLY FB 147 6.02 16.97 -70.28
C GLY FB 147 7.10 17.18 -71.33
N ARG FB 148 7.68 18.37 -71.35
CA ARG FB 148 8.76 18.66 -72.28
C ARG FB 148 9.56 19.87 -71.81
N LEU FB 149 10.83 19.91 -72.17
CA LEU FB 149 11.76 20.92 -71.66
C LEU FB 149 12.05 21.97 -72.71
N ILE FB 150 11.62 23.19 -72.45
CA ILE FB 150 11.81 24.26 -73.41
C ILE FB 150 12.90 25.20 -72.95
N LEU FB 151 13.65 25.74 -73.90
CA LEU FB 151 14.69 26.69 -73.59
C LEU FB 151 14.61 27.81 -74.60
N LEU FB 152 14.40 29.03 -74.12
CA LEU FB 152 14.24 30.21 -74.97
C LEU FB 152 15.33 31.23 -74.73
N CYS FB 153 15.67 32.00 -75.76
CA CYS FB 153 16.55 33.15 -75.61
C CYS FB 153 15.82 34.34 -75.02
N VAL FB 154 16.48 35.02 -74.09
CA VAL FB 154 16.12 36.38 -73.70
C VAL FB 154 17.26 37.19 -74.26
N GLY FB 155 16.96 38.42 -74.66
CA GLY FB 155 17.90 39.25 -75.40
C GLY FB 155 18.53 38.48 -76.53
N ASN FB 156 19.69 38.92 -76.98
CA ASN FB 156 20.42 38.22 -78.02
C ASN FB 156 21.86 38.12 -77.63
N ASN FB 157 22.41 36.93 -77.76
CA ASN FB 157 23.79 36.68 -77.34
C ASN FB 157 24.81 37.48 -78.10
N THR FB 158 25.75 38.04 -77.34
CA THR FB 158 26.98 38.63 -77.87
C THR FB 158 27.86 37.60 -78.54
N ASP FB 159 27.89 36.40 -78.01
CA ASP FB 159 28.95 35.46 -78.31
C ASP FB 159 28.45 34.03 -78.51
N VAL FB 160 29.39 33.08 -78.65
CA VAL FB 160 29.00 31.71 -78.91
C VAL FB 160 28.70 30.94 -77.63
N VAL FB 161 27.60 30.19 -77.66
CA VAL FB 161 27.08 29.46 -76.52
C VAL FB 161 26.91 27.99 -76.89
N ASN FB 162 27.35 27.08 -76.04
CA ASN FB 162 27.30 25.66 -76.33
C ASN FB 162 26.44 24.97 -75.29
N VAL FB 163 25.14 25.24 -75.31
CA VAL FB 163 24.26 24.79 -74.22
C VAL FB 163 23.96 23.29 -74.19
N SER FB 164 24.21 22.68 -73.02
CA SER FB 164 23.93 21.28 -72.80
C SER FB 164 22.94 21.18 -71.65
N VAL FB 165 21.71 20.71 -71.86
CA VAL FB 165 20.72 20.62 -70.77
C VAL FB 165 20.64 19.18 -70.24
N LEU FB 166 20.86 19.03 -68.94
CA LEU FB 166 20.88 17.72 -68.30
C LEU FB 166 19.63 17.51 -67.49
N CYS FB 167 19.05 16.34 -67.66
CA CYS FB 167 17.87 15.93 -66.91
C CYS FB 167 18.24 14.96 -65.82
N ARG FB 168 18.06 15.31 -64.56
CA ARG FB 168 18.20 14.33 -63.49
C ARG FB 168 16.78 13.81 -63.17
N TRP FB 169 16.64 12.50 -63.06
CA TRP FB 169 15.34 11.84 -63.04
C TRP FB 169 15.39 10.70 -62.09
N SER FB 170 14.24 10.37 -61.56
CA SER FB 170 14.11 9.29 -60.64
C SER FB 170 12.74 8.66 -60.89
N VAL FB 171 12.74 7.47 -61.44
CA VAL FB 171 11.55 6.87 -62.01
C VAL FB 171 11.28 5.60 -61.25
N ARG FB 172 10.04 5.10 -61.31
CA ARG FB 172 9.82 3.71 -60.84
C ARG FB 172 9.06 2.82 -61.82
N LEU FB 173 9.74 1.77 -62.28
CA LEU FB 173 9.22 0.83 -63.28
C LEU FB 173 8.45 -0.31 -62.61
N SER FB 174 7.57 -0.98 -63.36
CA SER FB 174 6.47 -1.74 -62.72
C SER FB 174 6.08 -3.10 -63.33
N VAL FB 175 5.77 -3.16 -64.62
CA VAL FB 175 5.24 -4.41 -65.16
C VAL FB 175 6.25 -5.00 -66.10
N PRO FB 176 6.87 -6.15 -65.71
CA PRO FB 176 7.96 -6.77 -66.47
C PRO FB 176 7.56 -7.30 -67.82
N SER FB 177 8.45 -7.09 -68.79
CA SER FB 177 8.18 -7.38 -70.18
C SER FB 177 9.50 -7.35 -70.97
N LEU FB 178 9.40 -7.46 -72.29
CA LEU FB 178 10.57 -7.48 -73.18
C LEU FB 178 10.12 -6.99 -74.55
N GLU FB 179 10.53 -5.77 -74.93
CA GLU FB 179 10.16 -5.23 -76.24
C GLU FB 179 11.39 -5.18 -77.16
N ASN FB 180 11.36 -6.02 -78.20
CA ASN FB 180 12.33 -5.96 -79.31
C ASN FB 180 11.76 -5.09 -80.43
N THR GB 18 -19.55 -0.27 -49.48
CA THR GB 18 -19.03 0.15 -50.78
C THR GB 18 -20.15 0.14 -51.82
N ASN GB 19 -20.03 0.99 -52.84
CA ASN GB 19 -20.97 0.96 -53.97
C ASN GB 19 -20.70 -0.19 -54.95
N ASP GB 20 -19.46 -0.70 -54.94
CA ASP GB 20 -19.01 -1.72 -55.91
C ASP GB 20 -19.69 -3.08 -55.88
N VAL GB 21 -19.91 -3.63 -57.06
CA VAL GB 21 -20.49 -4.96 -57.25
C VAL GB 21 -19.44 -5.93 -57.82
N HIS GB 22 -19.12 -6.96 -57.04
CA HIS GB 22 -18.08 -7.91 -57.39
C HIS GB 22 -18.66 -9.12 -58.13
N LEU GB 23 -18.02 -9.50 -59.23
CA LEU GB 23 -18.52 -10.53 -60.13
C LEU GB 23 -17.36 -11.42 -60.53
N SER GB 24 -17.58 -12.73 -60.48
CA SER GB 24 -16.55 -13.75 -60.79
C SER GB 24 -17.04 -14.90 -61.65
N GLY GB 25 -16.14 -15.51 -62.38
CA GLY GB 25 -16.51 -16.62 -63.20
C GLY GB 25 -15.25 -17.27 -63.71
N MET GB 26 -15.43 -18.27 -64.54
CA MET GB 26 -14.33 -18.84 -65.27
C MET GB 26 -14.90 -19.24 -66.60
N SER GB 27 -14.30 -18.74 -67.68
CA SER GB 27 -14.89 -18.82 -69.02
C SER GB 27 -13.91 -19.38 -70.02
N ARG GB 28 -14.44 -20.02 -71.05
CA ARG GB 28 -13.58 -20.48 -72.15
C ARG GB 28 -13.32 -19.34 -73.13
N ILE GB 29 -12.16 -18.73 -72.97
CA ILE GB 29 -11.61 -17.72 -73.86
C ILE GB 29 -11.42 -18.21 -75.29
N SER GB 30 -10.99 -19.44 -75.49
CA SER GB 30 -10.70 -19.91 -76.82
C SER GB 30 -10.65 -21.42 -76.90
N GLN GB 31 -10.89 -21.96 -78.11
CA GLN GB 31 -10.70 -23.38 -78.44
C GLN GB 31 -10.05 -23.55 -79.81
N ALA GB 32 -8.77 -23.90 -79.86
CA ALA GB 32 -8.12 -24.19 -81.14
C ALA GB 32 -8.02 -25.71 -81.33
N VAL GB 33 -7.58 -26.14 -82.51
CA VAL GB 33 -7.39 -27.55 -82.76
C VAL GB 33 -6.23 -27.72 -83.74
N LEU GB 34 -5.03 -27.82 -83.18
CA LEU GB 34 -3.76 -27.90 -83.91
C LEU GB 34 -3.46 -29.26 -84.55
N PRO GB 35 -3.62 -29.38 -85.88
CA PRO GB 35 -3.51 -30.68 -86.54
C PRO GB 35 -2.15 -31.35 -86.46
N ALA GB 36 -2.13 -32.61 -86.82
CA ALA GB 36 -1.17 -33.57 -86.28
C ALA GB 36 0.29 -33.33 -86.60
N GLY GB 37 0.64 -32.43 -87.50
CA GLY GB 37 2.05 -32.14 -87.70
C GLY GB 37 2.35 -30.68 -87.91
N THR GB 38 1.41 -29.80 -87.62
CA THR GB 38 1.52 -28.44 -88.14
C THR GB 38 2.21 -27.46 -87.18
N GLY GB 39 2.46 -27.89 -85.95
CA GLY GB 39 2.98 -26.98 -84.92
C GLY GB 39 4.48 -26.86 -85.06
N THR GB 40 5.01 -25.65 -84.83
CA THR GB 40 6.47 -25.43 -84.74
C THR GB 40 6.80 -24.15 -83.96
N ASP GB 41 7.99 -24.15 -83.35
CA ASP GB 41 8.49 -23.07 -82.51
C ASP GB 41 8.10 -21.75 -83.08
N GLY GB 42 7.01 -21.18 -82.58
CA GLY GB 42 6.61 -19.82 -82.96
C GLY GB 42 5.15 -19.72 -83.30
N TYR GB 43 4.62 -20.81 -83.83
CA TYR GB 43 3.24 -20.88 -84.30
C TYR GB 43 2.30 -20.42 -83.22
N VAL GB 44 1.45 -19.45 -83.54
CA VAL GB 44 0.50 -18.94 -82.57
C VAL GB 44 -0.78 -19.73 -82.66
N VAL GB 45 -1.19 -20.38 -81.57
CA VAL GB 45 -2.41 -21.20 -81.60
C VAL GB 45 -3.61 -20.46 -80.98
N VAL GB 46 -3.34 -19.63 -80.00
CA VAL GB 46 -4.39 -18.79 -79.48
C VAL GB 46 -3.80 -17.44 -79.39
N ASP GB 47 -4.65 -16.42 -79.49
CA ASP GB 47 -4.22 -15.06 -79.30
C ASP GB 47 -5.46 -14.28 -79.02
N ALA GB 48 -5.92 -14.35 -77.79
CA ALA GB 48 -7.20 -13.80 -77.50
C ALA GB 48 -7.03 -12.54 -76.70
N THR GB 49 -7.71 -11.47 -77.11
CA THR GB 49 -7.68 -10.19 -76.40
C THR GB 49 -8.85 -10.07 -75.43
N ILE GB 50 -8.53 -9.83 -74.16
CA ILE GB 50 -9.46 -10.04 -73.05
C ILE GB 50 -10.40 -8.86 -72.91
N VAL GB 51 -11.60 -9.02 -73.45
CA VAL GB 51 -12.64 -8.02 -73.42
C VAL GB 51 -13.83 -8.66 -72.72
N PRO GB 52 -14.67 -7.84 -72.05
CA PRO GB 52 -15.86 -8.34 -71.35
C PRO GB 52 -16.74 -9.28 -72.17
N ASP GB 53 -16.73 -9.16 -73.49
CA ASP GB 53 -17.58 -10.00 -74.32
C ASP GB 53 -17.10 -11.43 -74.41
N LEU GB 54 -15.78 -11.65 -74.34
CA LEU GB 54 -15.24 -13.03 -74.38
C LEU GB 54 -15.61 -13.88 -73.17
N LEU GB 55 -15.92 -13.20 -72.06
CA LEU GB 55 -16.36 -13.81 -70.82
C LEU GB 55 -17.89 -13.66 -70.70
N PRO GB 56 -18.65 -14.68 -71.15
CA PRO GB 56 -20.10 -14.56 -71.30
C PRO GB 56 -20.92 -14.06 -70.08
N ARG GB 57 -20.64 -14.55 -68.87
CA ARG GB 57 -21.40 -14.05 -67.73
C ARG GB 57 -21.16 -12.56 -67.63
N LEU GB 58 -19.88 -12.17 -67.58
CA LEU GB 58 -19.46 -10.77 -67.60
C LEU GB 58 -19.96 -9.95 -68.81
N GLY GB 59 -20.07 -10.60 -69.95
CA GLY GB 59 -20.72 -10.02 -71.12
C GLY GB 59 -22.04 -9.36 -70.80
N HIS GB 60 -22.84 -10.00 -69.97
CA HIS GB 60 -24.13 -9.43 -69.58
C HIS GB 60 -23.99 -8.33 -68.49
N ALA GB 61 -23.06 -8.49 -67.56
CA ALA GB 61 -22.88 -7.51 -66.49
C ALA GB 61 -22.33 -6.20 -66.99
N ALA GB 62 -21.71 -6.24 -68.16
CA ALA GB 62 -21.16 -5.06 -68.77
C ALA GB 62 -22.23 -4.14 -69.33
N ARG GB 63 -23.36 -4.71 -69.74
CA ARG GB 63 -24.45 -3.89 -70.26
C ARG GB 63 -25.14 -3.09 -69.13
N ILE GB 64 -24.94 -3.51 -67.90
CA ILE GB 64 -25.53 -2.89 -66.74
C ILE GB 64 -24.63 -1.75 -66.24
N PHE GB 65 -23.33 -1.97 -66.16
CA PHE GB 65 -22.41 -0.95 -65.62
C PHE GB 65 -21.62 -0.26 -66.73
N GLN GB 66 -20.87 0.78 -66.39
CA GLN GB 66 -20.08 1.53 -67.39
C GLN GB 66 -18.61 1.14 -67.42
N ARG GB 67 -18.08 0.87 -66.24
CA ARG GB 67 -16.68 0.52 -66.05
C ARG GB 67 -16.48 -0.68 -65.09
N TYR GB 68 -15.30 -1.28 -65.15
CA TYR GB 68 -14.96 -2.45 -64.38
C TYR GB 68 -13.49 -2.46 -64.14
N ALA GB 69 -13.08 -2.85 -62.93
CA ALA GB 69 -11.66 -2.98 -62.60
C ALA GB 69 -11.32 -4.45 -62.32
N VAL GB 70 -10.31 -4.98 -63.01
CA VAL GB 70 -9.90 -6.39 -62.87
C VAL GB 70 -9.20 -6.63 -61.53
N GLU GB 71 -9.81 -7.46 -60.68
CA GLU GB 71 -9.26 -7.76 -59.35
C GLU GB 71 -8.49 -9.11 -59.23
N THR GB 72 -8.84 -10.13 -60.03
CA THR GB 72 -8.04 -11.38 -60.07
C THR GB 72 -8.12 -12.02 -61.45
N LEU GB 73 -6.98 -12.32 -62.04
CA LEU GB 73 -6.94 -12.87 -63.41
C LEU GB 73 -6.05 -14.09 -63.51
N GLU GB 74 -6.58 -15.15 -64.11
CA GLU GB 74 -5.80 -16.34 -64.34
C GLU GB 74 -6.21 -17.04 -65.60
N PHE GB 75 -5.26 -17.68 -66.23
CA PHE GB 75 -5.52 -18.45 -67.43
C PHE GB 75 -5.08 -19.92 -67.24
N GLU GB 76 -6.01 -20.82 -67.57
CA GLU GB 76 -5.84 -22.23 -67.40
C GLU GB 76 -5.76 -22.78 -68.81
N ILE GB 77 -4.61 -23.29 -69.18
CA ILE GB 77 -4.41 -23.87 -70.48
C ILE GB 77 -4.83 -25.31 -70.33
N GLN GB 78 -5.61 -25.80 -71.28
CA GLN GB 78 -6.21 -27.11 -71.11
C GLN GB 78 -6.25 -27.79 -72.46
N PRO GB 79 -5.07 -28.24 -72.93
CA PRO GB 79 -4.97 -29.00 -74.15
C PRO GB 79 -5.38 -30.44 -73.90
N MET GB 80 -6.07 -30.98 -74.89
CA MET GB 80 -6.41 -32.39 -74.90
C MET GB 80 -5.70 -33.08 -76.03
N CYS GB 81 -5.16 -34.25 -75.70
CA CYS GB 81 -4.42 -35.07 -76.63
C CYS GB 81 -3.94 -36.31 -75.91
N PRO GB 82 -3.51 -37.32 -76.66
CA PRO GB 82 -2.93 -38.48 -76.01
C PRO GB 82 -1.65 -38.12 -75.29
N ALA GB 83 -1.28 -38.96 -74.34
CA ALA GB 83 -0.10 -38.76 -73.54
C ALA GB 83 1.16 -39.05 -74.35
N ASN GB 84 0.98 -39.58 -75.57
CA ASN GB 84 2.10 -39.80 -76.49
C ASN GB 84 2.28 -38.71 -77.53
N THR GB 85 2.19 -37.47 -77.08
CA THR GB 85 2.27 -36.32 -77.96
C THR GB 85 3.58 -35.60 -77.73
N GLY GB 86 4.30 -35.32 -78.81
CA GLY GB 86 5.64 -34.73 -78.77
C GLY GB 86 5.56 -33.22 -78.72
N GLY GB 87 4.58 -32.75 -77.97
CA GLY GB 87 4.22 -31.36 -78.03
C GLY GB 87 5.00 -30.48 -77.10
N GLY GB 88 4.40 -29.35 -76.75
CA GLY GB 88 5.11 -28.27 -76.14
C GLY GB 88 4.38 -26.99 -76.42
N TYR GB 89 4.16 -26.18 -75.39
CA TYR GB 89 3.67 -24.82 -75.56
C TYR GB 89 4.32 -23.82 -74.61
N VAL GB 90 4.08 -22.54 -74.89
CA VAL GB 90 4.39 -21.51 -73.94
C VAL GB 90 3.17 -20.65 -73.90
N ALA GB 91 2.71 -20.29 -72.72
CA ALA GB 91 1.52 -19.50 -72.58
C ALA GB 91 1.87 -18.32 -71.74
N GLY GB 92 1.34 -17.14 -72.08
CA GLY GB 92 1.60 -15.94 -71.29
C GLY GB 92 0.58 -14.85 -71.57
N PHE GB 93 0.41 -13.96 -70.59
CA PHE GB 93 -0.51 -12.82 -70.70
C PHE GB 93 0.28 -11.53 -70.81
N LEU GB 94 0.25 -10.89 -71.99
CA LEU GB 94 0.85 -9.56 -72.14
C LEU GB 94 -0.22 -8.59 -71.70
N PRO GB 95 0.11 -7.64 -70.79
CA PRO GB 95 -0.84 -6.56 -70.44
C PRO GB 95 -0.78 -5.37 -71.41
N ASP GB 96 -0.83 -5.67 -72.71
CA ASP GB 96 -0.95 -4.67 -73.75
C ASP GB 96 -1.94 -5.20 -74.75
N PRO GB 97 -3.19 -4.71 -74.69
CA PRO GB 97 -4.11 -5.11 -75.74
C PRO GB 97 -3.52 -4.76 -77.11
N THR GB 98 -2.74 -3.68 -77.10
CA THR GB 98 -2.16 -3.08 -78.31
C THR GB 98 -1.06 -3.91 -78.99
N ASP GB 99 -0.21 -4.58 -78.22
CA ASP GB 99 1.08 -4.99 -78.78
C ASP GB 99 1.16 -6.36 -79.45
N ASN GB 100 1.64 -6.35 -80.70
CA ASN GB 100 1.75 -7.54 -81.52
C ASN GB 100 3.09 -8.24 -81.38
N ASP GB 101 3.56 -8.47 -80.16
CA ASP GB 101 4.83 -9.19 -79.96
C ASP GB 101 4.54 -10.62 -79.47
N HIS GB 102 4.66 -11.57 -80.39
CA HIS GB 102 4.19 -12.92 -80.16
C HIS GB 102 5.31 -13.89 -80.42
N THR GB 103 6.25 -13.90 -79.49
CA THR GB 103 7.52 -14.60 -79.65
C THR GB 103 7.91 -15.20 -78.31
N PHE GB 104 8.59 -16.36 -78.30
CA PHE GB 104 8.92 -17.06 -77.04
C PHE GB 104 9.52 -16.21 -75.91
N ASP GB 105 10.60 -15.48 -76.20
CA ASP GB 105 11.27 -14.74 -75.14
C ASP GB 105 10.31 -13.72 -74.56
N ALA GB 106 9.57 -13.03 -75.43
CA ALA GB 106 8.64 -11.98 -75.00
C ALA GB 106 7.53 -12.50 -74.06
N LEU GB 107 7.04 -13.72 -74.31
CA LEU GB 107 6.03 -14.33 -73.45
C LEU GB 107 6.65 -14.77 -72.15
N GLN GB 108 7.85 -15.33 -72.22
CA GLN GB 108 8.54 -15.81 -71.02
C GLN GB 108 8.96 -14.68 -70.09
N ALA GB 109 9.13 -13.48 -70.63
CA ALA GB 109 9.41 -12.26 -69.86
C ALA GB 109 8.30 -11.81 -68.91
N THR GB 110 7.05 -12.12 -69.24
CA THR GB 110 5.89 -11.77 -68.40
C THR GB 110 5.79 -12.72 -67.19
N ARG GB 111 4.87 -12.44 -66.26
CA ARG GB 111 4.93 -13.03 -64.91
C ARG GB 111 4.40 -14.45 -64.85
N GLY GB 112 3.19 -14.64 -65.30
CA GLY GB 112 2.61 -15.96 -65.17
C GLY GB 112 3.32 -17.04 -65.97
N ALA GB 113 4.05 -16.62 -67.01
CA ALA GB 113 4.33 -17.46 -68.18
C ALA GB 113 4.69 -18.89 -67.83
N VAL GB 114 3.90 -19.83 -68.36
CA VAL GB 114 4.17 -21.25 -68.21
C VAL GB 114 4.58 -21.90 -69.52
N VAL GB 115 5.48 -22.89 -69.43
CA VAL GB 115 5.77 -23.79 -70.56
C VAL GB 115 5.48 -25.20 -70.08
N ALA GB 116 5.27 -26.11 -71.02
CA ALA GB 116 4.89 -27.49 -70.70
C ALA GB 116 4.63 -28.29 -71.96
N LYS GB 117 4.67 -29.61 -71.81
CA LYS GB 117 4.30 -30.53 -72.89
C LYS GB 117 2.82 -30.37 -73.23
N TRP GB 118 2.41 -30.87 -74.38
CA TRP GB 118 1.00 -30.76 -74.73
C TRP GB 118 0.07 -31.65 -73.92
N TRP GB 119 0.59 -32.65 -73.19
CA TRP GB 119 -0.28 -33.51 -72.37
C TRP GB 119 -0.32 -33.13 -70.88
N GLU GB 120 0.11 -31.89 -70.59
CA GLU GB 120 0.15 -31.31 -69.23
C GLU GB 120 -0.71 -30.06 -69.24
N SER GB 121 -1.69 -30.01 -68.34
CA SER GB 121 -2.45 -28.78 -68.03
C SER GB 121 -1.56 -27.81 -67.27
N ARG GB 122 -1.88 -26.54 -67.33
CA ARG GB 122 -1.04 -25.54 -66.69
C ARG GB 122 -1.82 -24.23 -66.45
N THR GB 123 -1.35 -23.43 -65.49
CA THR GB 123 -2.03 -22.20 -65.10
C THR GB 123 -1.06 -21.03 -65.13
N VAL GB 124 -1.36 -20.06 -65.99
CA VAL GB 124 -0.63 -18.79 -65.99
C VAL GB 124 -1.35 -17.92 -64.98
N ARG GB 125 -0.55 -17.23 -64.18
CA ARG GB 125 -1.01 -16.26 -63.21
C ARG GB 125 -0.25 -14.98 -63.46
N PRO GB 126 -0.86 -14.01 -64.13
CA PRO GB 126 -0.03 -12.87 -64.41
C PRO GB 126 -0.11 -11.78 -63.33
N GLN GB 127 0.69 -10.76 -63.55
CA GLN GB 127 0.57 -9.47 -62.92
C GLN GB 127 0.19 -8.57 -64.10
N TYR GB 128 -0.73 -7.64 -63.85
CA TYR GB 128 -1.43 -6.95 -64.93
C TYR GB 128 -1.72 -5.47 -64.58
N THR GB 129 -2.51 -4.81 -65.43
CA THR GB 129 -2.93 -3.42 -65.22
C THR GB 129 -3.45 -3.09 -63.79
N ARG GB 130 -4.30 -3.95 -63.23
CA ARG GB 130 -4.86 -3.77 -61.87
C ARG GB 130 -5.64 -2.46 -61.71
N THR GB 131 -6.16 -1.93 -62.82
CA THR GB 131 -6.65 -0.56 -62.90
C THR GB 131 -8.17 -0.51 -63.09
N LEU GB 132 -8.70 0.69 -63.36
CA LEU GB 132 -10.11 0.89 -63.77
C LEU GB 132 -10.30 1.12 -65.30
N LEU GB 133 -10.81 0.10 -65.97
CA LEU GB 133 -11.04 0.12 -67.41
C LEU GB 133 -12.51 0.46 -67.66
N TRP GB 134 -13.07 -0.02 -68.78
CA TRP GB 134 -14.26 0.57 -69.37
C TRP GB 134 -15.01 -0.49 -70.19
N THR GB 135 -16.28 -0.71 -69.86
CA THR GB 135 -17.03 -1.85 -70.39
C THR GB 135 -17.51 -1.65 -71.82
N SER GB 136 -17.39 -0.42 -72.31
CA SER GB 136 -17.72 -0.04 -73.70
C SER GB 136 -16.43 0.43 -74.43
N SER GB 137 -16.36 0.19 -75.75
CA SER GB 137 -15.11 0.37 -76.52
C SER GB 137 -14.48 1.74 -76.35
N GLY GB 138 -13.15 1.79 -76.45
CA GLY GB 138 -12.39 3.02 -76.29
C GLY GB 138 -11.64 3.42 -77.55
N LYS GB 139 -11.47 4.72 -77.71
CA LYS GB 139 -10.66 5.31 -78.80
C LYS GB 139 -9.18 5.20 -78.40
N GLU GB 140 -8.96 5.25 -77.10
CA GLU GB 140 -7.74 4.76 -76.47
C GLU GB 140 -8.09 3.43 -75.78
N GLN GB 141 -7.66 2.32 -76.38
CA GLN GB 141 -8.04 1.00 -75.88
C GLN GB 141 -7.14 0.53 -74.75
N ARG GB 142 -6.39 1.46 -74.15
CA ARG GB 142 -5.62 1.15 -72.95
C ARG GB 142 -6.52 1.19 -71.72
N LEU GB 143 -7.78 1.56 -71.88
CA LEU GB 143 -8.76 1.58 -70.79
C LEU GB 143 -9.99 0.65 -71.02
N THR GB 144 -9.92 -0.30 -71.95
CA THR GB 144 -11.03 -1.25 -72.20
C THR GB 144 -10.71 -2.74 -71.93
N SER GB 145 -9.44 -3.11 -72.07
CA SER GB 145 -8.99 -4.50 -71.92
C SER GB 145 -7.59 -4.51 -71.34
N PRO GB 146 -7.36 -5.35 -70.33
CA PRO GB 146 -6.15 -5.31 -69.52
C PRO GB 146 -5.02 -6.14 -70.11
N GLY GB 147 -5.16 -6.60 -71.35
CA GLY GB 147 -4.12 -7.38 -71.99
C GLY GB 147 -4.67 -8.47 -72.89
N ARG GB 148 -3.80 -9.41 -73.28
CA ARG GB 148 -4.18 -10.55 -74.13
C ARG GB 148 -3.37 -11.78 -73.81
N LEU GB 149 -4.00 -12.94 -74.00
CA LEU GB 149 -3.44 -14.25 -73.66
C LEU GB 149 -2.91 -14.92 -74.91
N ILE GB 150 -1.62 -15.25 -74.91
CA ILE GB 150 -0.96 -15.84 -76.06
C ILE GB 150 -0.54 -17.26 -75.75
N LEU GB 151 -0.70 -18.15 -76.74
CA LEU GB 151 -0.24 -19.52 -76.65
C LEU GB 151 0.60 -19.82 -77.88
N LEU GB 152 1.80 -20.30 -77.65
CA LEU GB 152 2.70 -20.60 -78.75
C LEU GB 152 3.03 -22.06 -78.75
N CYS GB 153 3.53 -22.55 -79.88
CA CYS GB 153 4.14 -23.85 -79.94
C CYS GB 153 5.61 -23.84 -79.52
N VAL GB 154 6.04 -24.98 -78.97
CA VAL GB 154 7.43 -25.25 -78.67
C VAL GB 154 7.68 -26.65 -79.19
N GLY GB 155 8.67 -26.78 -80.05
CA GLY GB 155 8.78 -27.95 -80.90
C GLY GB 155 7.48 -28.19 -81.66
N ASN GB 156 7.34 -29.39 -82.23
CA ASN GB 156 6.12 -29.74 -82.94
C ASN GB 156 5.39 -30.93 -82.38
N ASN GB 157 4.06 -30.81 -82.39
CA ASN GB 157 3.16 -31.86 -81.98
C ASN GB 157 3.12 -33.05 -82.94
N THR GB 158 3.02 -34.22 -82.34
CA THR GB 158 3.05 -35.49 -82.99
C THR GB 158 1.62 -35.97 -83.24
N ASP GB 159 0.68 -35.35 -82.56
CA ASP GB 159 -0.70 -35.78 -82.59
C ASP GB 159 -1.57 -34.57 -82.64
N VAL GB 160 -2.83 -34.77 -83.03
CA VAL GB 160 -3.77 -33.66 -83.08
C VAL GB 160 -3.97 -33.17 -81.66
N VAL GB 161 -4.03 -31.86 -81.48
CA VAL GB 161 -4.23 -31.27 -80.15
C VAL GB 161 -5.48 -30.44 -80.15
N ASN GB 162 -6.37 -30.65 -79.17
CA ASN GB 162 -7.55 -29.81 -79.05
C ASN GB 162 -7.42 -28.92 -77.83
N VAL GB 163 -6.82 -27.75 -78.01
CA VAL GB 163 -6.57 -26.86 -76.87
C VAL GB 163 -7.75 -25.91 -76.60
N SER GB 164 -8.05 -25.72 -75.31
CA SER GB 164 -9.14 -24.84 -74.85
C SER GB 164 -8.56 -24.03 -73.73
N VAL GB 165 -8.44 -22.72 -73.86
CA VAL GB 165 -7.92 -21.94 -72.71
C VAL GB 165 -9.06 -21.28 -71.93
N LEU GB 166 -8.95 -21.29 -70.61
CA LEU GB 166 -10.00 -20.78 -69.75
C LEU GB 166 -9.47 -19.61 -68.93
N CYS GB 167 -10.23 -18.53 -68.87
CA CYS GB 167 -9.84 -17.38 -68.06
C CYS GB 167 -10.63 -17.35 -66.79
N ARG GB 168 -9.98 -17.64 -65.67
CA ARG GB 168 -10.60 -17.43 -64.38
C ARG GB 168 -10.49 -15.96 -64.03
N TRP GB 169 -11.63 -15.38 -63.72
CA TRP GB 169 -11.70 -13.97 -63.50
C TRP GB 169 -12.57 -13.59 -62.33
N SER GB 170 -12.16 -12.51 -61.67
CA SER GB 170 -12.94 -11.82 -60.69
C SER GB 170 -12.78 -10.35 -60.98
N VAL GB 171 -13.87 -9.60 -60.83
CA VAL GB 171 -13.95 -8.24 -61.34
C VAL GB 171 -14.79 -7.40 -60.41
N ARG GB 172 -14.49 -6.09 -60.26
CA ARG GB 172 -15.46 -5.17 -59.66
C ARG GB 172 -15.98 -4.12 -60.67
N LEU GB 173 -17.31 -4.09 -60.80
CA LEU GB 173 -17.98 -3.23 -61.77
C LEU GB 173 -18.51 -1.97 -61.07
N SER GB 174 -18.67 -0.90 -61.84
CA SER GB 174 -18.47 0.45 -61.32
C SER GB 174 -19.71 1.32 -61.23
N VAL GB 175 -20.20 1.82 -62.37
CA VAL GB 175 -21.18 2.91 -62.30
C VAL GB 175 -22.42 2.62 -63.14
N PRO GB 176 -23.58 2.49 -62.47
CA PRO GB 176 -24.80 2.00 -63.07
C PRO GB 176 -25.18 2.58 -64.42
N SER GB 177 -25.68 1.74 -65.31
CA SER GB 177 -25.90 2.13 -66.69
C SER GB 177 -26.85 1.16 -67.44
N LEU GB 178 -27.00 1.35 -68.75
CA LEU GB 178 -27.83 0.46 -69.57
C LEU GB 178 -27.37 0.44 -71.04
N GLU GB 179 -26.09 0.13 -71.26
CA GLU GB 179 -25.47 0.22 -72.59
C GLU GB 179 -25.93 -0.95 -73.47
N ASN GB 180 -26.80 -0.68 -74.46
CA ASN GB 180 -27.21 -1.72 -75.42
C ASN GB 180 -26.00 -2.51 -75.95
N THR HB 18 -1.36 22.46 -48.93
CA THR HB 18 -1.23 21.61 -50.10
C THR HB 18 -1.17 22.43 -51.40
N ASN HB 19 -0.69 21.83 -52.48
CA ASN HB 19 -0.59 22.50 -53.78
C ASN HB 19 -1.93 22.58 -54.52
N ASP HB 20 -2.90 21.76 -54.12
CA ASP HB 20 -4.22 21.68 -54.78
C ASP HB 20 -5.16 22.84 -54.41
N VAL HB 21 -5.86 23.33 -55.43
CA VAL HB 21 -6.72 24.50 -55.31
C VAL HB 21 -8.18 24.11 -55.53
N HIS HB 22 -9.00 24.34 -54.52
CA HIS HB 22 -10.41 23.98 -54.56
C HIS HB 22 -11.30 25.15 -55.01
N LEU HB 23 -12.00 24.97 -56.12
CA LEU HB 23 -12.98 25.94 -56.64
C LEU HB 23 -14.40 25.38 -56.58
N SER HB 24 -15.36 26.23 -56.26
CA SER HB 24 -16.79 25.84 -56.25
C SER HB 24 -17.64 26.92 -56.90
N GLY HB 25 -18.76 26.51 -57.48
CA GLY HB 25 -19.68 27.44 -58.11
C GLY HB 25 -20.97 26.79 -58.55
N MET HB 26 -21.79 27.55 -59.26
CA MET HB 26 -23.01 27.03 -59.85
C MET HB 26 -23.36 27.85 -61.08
N SER HB 27 -23.54 27.17 -62.21
CA SER HB 27 -23.60 27.82 -63.51
C SER HB 27 -24.73 27.28 -64.36
N ARG HB 28 -25.26 28.11 -65.25
CA ARG HB 28 -26.29 27.64 -66.20
C ARG HB 28 -25.63 26.92 -67.36
N ILE HB 29 -25.76 25.60 -67.35
CA ILE HB 29 -25.30 24.72 -68.41
C ILE HB 29 -26.00 24.99 -69.74
N SER HB 30 -27.31 25.20 -69.67
CA SER HB 30 -28.08 25.46 -70.90
C SER HB 30 -29.43 26.10 -70.59
N GLN HB 31 -30.08 26.57 -71.65
CA GLN HB 31 -31.40 27.14 -71.57
C GLN HB 31 -32.12 26.84 -72.86
N ALA HB 32 -33.15 26.01 -72.76
CA ALA HB 32 -33.94 25.67 -73.92
C ALA HB 32 -35.31 26.29 -73.76
N VAL HB 33 -35.89 26.70 -74.87
CA VAL HB 33 -37.28 27.13 -74.87
C VAL HB 33 -38.08 26.10 -75.67
N LEU HB 34 -39.08 25.50 -75.04
CA LEU HB 34 -39.81 24.42 -75.65
C LEU HB 34 -41.21 24.92 -75.96
N PRO HB 35 -41.52 25.15 -77.25
CA PRO HB 35 -42.78 25.81 -77.57
C PRO HB 35 -44.04 25.00 -77.26
N ALA HB 36 -45.18 25.64 -77.46
CA ALA HB 36 -46.43 25.22 -76.90
C ALA HB 36 -46.75 23.73 -76.98
N GLY HB 37 -46.49 23.07 -78.11
CA GLY HB 37 -46.92 21.68 -78.24
C GLY HB 37 -45.87 20.72 -78.72
N THR HB 38 -44.61 21.09 -78.65
CA THR HB 38 -43.60 20.43 -79.47
C THR HB 38 -42.87 19.26 -78.81
N GLY HB 39 -43.13 19.00 -77.53
CA GLY HB 39 -42.42 17.92 -76.82
C GLY HB 39 -43.17 16.62 -76.96
N THR HB 40 -42.42 15.50 -76.99
CA THR HB 40 -43.01 14.14 -76.96
C THR HB 40 -42.05 13.11 -76.45
N ASP HB 41 -42.62 12.01 -75.93
CA ASP HB 41 -41.81 10.99 -75.32
C ASP HB 41 -40.48 10.87 -76.07
N GLY HB 42 -39.38 11.16 -75.37
CA GLY HB 42 -38.06 10.91 -75.92
C GLY HB 42 -37.37 12.08 -76.59
N TYR HB 43 -38.11 13.18 -76.80
CA TYR HB 43 -37.53 14.39 -77.40
C TYR HB 43 -36.41 14.95 -76.52
N VAL HB 44 -35.22 15.05 -77.09
CA VAL HB 44 -34.06 15.59 -76.36
C VAL HB 44 -34.11 17.11 -76.31
N VAL HB 45 -34.34 17.69 -75.12
CA VAL HB 45 -34.41 19.15 -75.00
C VAL HB 45 -33.12 19.76 -74.52
N VAL HB 46 -32.27 18.96 -73.87
CA VAL HB 46 -30.94 19.41 -73.45
C VAL HB 46 -29.98 18.25 -73.55
N ASP HB 47 -28.81 18.51 -74.10
CA ASP HB 47 -27.75 17.52 -74.20
C ASP HB 47 -26.41 18.23 -74.13
N ALA HB 48 -25.90 18.36 -72.91
CA ALA HB 48 -24.78 19.23 -72.65
C ALA HB 48 -23.62 18.44 -72.10
N THR HB 49 -22.55 18.41 -72.88
CA THR HB 49 -21.31 17.76 -72.46
C THR HB 49 -20.54 18.70 -71.54
N ILE HB 50 -20.17 18.18 -70.37
CA ILE HB 50 -19.63 18.99 -69.29
C ILE HB 50 -18.14 19.24 -69.47
N VAL HB 51 -17.82 20.48 -69.82
CA VAL HB 51 -16.45 20.92 -70.06
C VAL HB 51 -16.26 22.19 -69.24
N PRO HB 52 -15.01 22.47 -68.82
CA PRO HB 52 -14.80 23.69 -68.03
C PRO HB 52 -15.26 24.98 -68.73
N ASP HB 53 -15.17 25.01 -70.06
CA ASP HB 53 -15.60 26.18 -70.81
C ASP HB 53 -17.08 26.48 -70.58
N LEU HB 54 -17.84 25.46 -70.26
CA LEU HB 54 -19.29 25.58 -70.13
C LEU HB 54 -19.69 26.22 -68.81
N LEU HB 55 -18.86 26.05 -67.79
CA LEU HB 55 -19.06 26.67 -66.48
C LEU HB 55 -18.18 27.91 -66.41
N PRO HB 56 -18.77 29.11 -66.51
CA PRO HB 56 -17.97 30.28 -66.89
C PRO HB 56 -16.80 30.57 -65.92
N ARG HB 57 -17.06 30.56 -64.61
CA ARG HB 57 -16.01 30.80 -63.61
C ARG HB 57 -14.92 29.75 -63.69
N LEU HB 58 -15.30 28.50 -63.90
CA LEU HB 58 -14.31 27.44 -64.08
C LEU HB 58 -13.60 27.60 -65.41
N GLY HB 59 -14.31 28.13 -66.40
CA GLY HB 59 -13.73 28.38 -67.72
C GLY HB 59 -12.49 29.25 -67.68
N HIS HB 60 -12.48 30.20 -66.75
CA HIS HB 60 -11.34 31.08 -66.53
C HIS HB 60 -10.18 30.38 -65.80
N ALA HB 61 -10.52 29.67 -64.72
CA ALA HB 61 -9.53 28.93 -63.94
C ALA HB 61 -8.96 27.75 -64.73
N ALA HB 62 -9.66 27.34 -65.79
CA ALA HB 62 -9.17 26.31 -66.68
C ALA HB 62 -7.90 26.75 -67.41
N ARG HB 63 -7.70 28.05 -67.60
CA ARG HB 63 -6.53 28.53 -68.31
C ARG HB 63 -5.30 28.75 -67.41
N ILE HB 64 -5.46 28.52 -66.11
CA ILE HB 64 -4.41 28.77 -65.14
C ILE HB 64 -3.77 27.47 -64.71
N PHE HB 65 -4.59 26.44 -64.58
CA PHE HB 65 -4.11 25.11 -64.29
C PHE HB 65 -4.28 24.24 -65.52
N GLN HB 66 -3.88 22.98 -65.41
CA GLN HB 66 -3.88 22.13 -66.56
C GLN HB 66 -4.65 20.84 -66.39
N ARG HB 67 -4.68 20.30 -65.17
CA ARG HB 67 -5.58 19.20 -64.88
C ARG HB 67 -6.56 19.57 -63.75
N TYR HB 68 -7.84 19.25 -63.97
CA TYR HB 68 -8.89 19.48 -62.99
C TYR HB 68 -9.50 18.16 -62.61
N ALA HB 69 -9.87 18.01 -61.35
CA ALA HB 69 -10.59 16.81 -60.89
C ALA HB 69 -11.91 17.18 -60.18
N VAL HB 70 -12.98 16.47 -60.52
CA VAL HB 70 -14.31 16.84 -60.08
C VAL HB 70 -14.65 16.20 -58.76
N GLU HB 71 -14.95 17.02 -57.77
CA GLU HB 71 -15.16 16.56 -56.41
C GLU HB 71 -16.64 16.45 -56.03
N THR HB 72 -17.47 17.40 -56.47
CA THR HB 72 -18.95 17.27 -56.37
C THR HB 72 -19.68 17.81 -57.61
N LEU HB 73 -20.68 17.09 -58.07
CA LEU HB 73 -21.50 17.48 -59.22
C LEU HB 73 -22.97 17.26 -58.91
N GLU HB 74 -23.77 18.28 -59.19
CA GLU HB 74 -25.22 18.16 -59.16
C GLU HB 74 -25.80 19.04 -60.25
N PHE HB 75 -26.97 18.67 -60.72
CA PHE HB 75 -27.64 19.46 -61.73
C PHE HB 75 -29.01 19.78 -61.22
N GLU HB 76 -29.37 21.05 -61.28
CA GLU HB 76 -30.66 21.53 -60.83
C GLU HB 76 -31.47 21.85 -62.07
N ILE HB 77 -32.55 21.10 -62.27
CA ILE HB 77 -33.42 21.33 -63.40
C ILE HB 77 -34.47 22.36 -63.03
N GLN HB 78 -34.49 23.46 -63.75
CA GLN HB 78 -35.31 24.57 -63.36
C GLN HB 78 -36.20 25.01 -64.52
N PRO HB 79 -37.27 24.26 -64.75
CA PRO HB 79 -38.21 24.53 -65.80
C PRO HB 79 -39.20 25.57 -65.35
N MET HB 80 -39.58 26.44 -66.28
CA MET HB 80 -40.39 27.59 -65.97
C MET HB 80 -41.59 27.72 -66.89
N CYS HB 81 -42.73 27.37 -66.33
CA CYS HB 81 -43.95 27.27 -67.07
C CYS HB 81 -45.11 27.37 -66.11
N PRO HB 82 -46.33 27.52 -66.62
CA PRO HB 82 -47.46 27.61 -65.70
C PRO HB 82 -47.78 26.26 -65.07
N ALA HB 83 -48.40 26.30 -63.91
CA ALA HB 83 -48.76 25.10 -63.18
C ALA HB 83 -49.78 24.23 -63.92
N ASN HB 84 -50.38 24.78 -64.97
CA ASN HB 84 -51.31 24.05 -65.83
C ASN HB 84 -50.67 23.40 -67.05
N THR HB 85 -49.43 22.94 -66.93
CA THR HB 85 -48.74 22.34 -68.02
C THR HB 85 -48.80 20.81 -67.86
N GLY HB 86 -49.18 20.14 -68.95
CA GLY HB 86 -49.21 18.69 -68.98
C GLY HB 86 -47.83 18.22 -69.34
N GLY HB 87 -46.92 18.42 -68.41
CA GLY HB 87 -45.53 18.32 -68.76
C GLY HB 87 -44.98 16.96 -68.50
N GLY HB 88 -43.69 16.93 -68.18
CA GLY HB 88 -42.97 15.72 -67.91
C GLY HB 88 -41.57 15.76 -68.47
N TYR HB 89 -40.59 15.47 -67.63
CA TYR HB 89 -39.24 15.28 -68.11
C TYR HB 89 -38.56 14.19 -67.32
N VAL HB 90 -37.53 13.60 -67.92
CA VAL HB 90 -36.57 12.79 -67.20
C VAL HB 90 -35.22 13.42 -67.46
N ALA HB 91 -34.44 13.60 -66.40
CA ALA HB 91 -33.12 14.22 -66.48
C ALA HB 91 -32.13 13.26 -65.88
N GLY HB 92 -30.97 13.11 -66.53
CA GLY HB 92 -29.95 12.20 -66.03
C GLY HB 92 -28.58 12.59 -66.50
N PHE HB 93 -27.57 12.21 -65.72
CA PHE HB 93 -26.19 12.49 -66.08
C PHE HB 93 -25.46 11.18 -66.36
N LEU HB 94 -25.19 10.90 -67.63
CA LEU HB 94 -24.37 9.72 -67.95
C LEU HB 94 -22.90 10.07 -68.00
N PRO HB 95 -22.05 9.30 -67.24
CA PRO HB 95 -20.63 9.60 -67.05
C PRO HB 95 -19.67 9.46 -68.24
N ASP HB 96 -20.13 9.16 -69.45
CA ASP HB 96 -19.23 9.23 -70.61
C ASP HB 96 -19.61 10.38 -71.47
N PRO HB 97 -18.66 11.28 -71.73
CA PRO HB 97 -18.99 12.27 -72.76
C PRO HB 97 -19.18 11.58 -74.12
N THR HB 98 -18.65 10.36 -74.22
CA THR HB 98 -18.61 9.59 -75.46
C THR HB 98 -19.97 9.28 -76.07
N ASP HB 99 -20.84 8.57 -75.35
CA ASP HB 99 -21.96 7.87 -76.02
C ASP HB 99 -23.28 8.62 -76.12
N ASN HB 100 -23.97 8.36 -77.24
CA ASN HB 100 -25.21 9.00 -77.64
C ASN HB 100 -26.49 8.24 -77.25
N ASP HB 101 -26.41 7.35 -76.27
CA ASP HB 101 -27.57 6.54 -75.88
C ASP HB 101 -28.55 7.44 -75.08
N HIS HB 102 -29.41 8.17 -75.79
CA HIS HB 102 -30.33 9.14 -75.17
C HIS HB 102 -31.79 8.66 -75.13
N THR HB 103 -32.01 7.56 -74.43
CA THR HB 103 -33.33 6.98 -74.25
C THR HB 103 -33.69 7.06 -72.76
N PHE HB 104 -34.99 7.05 -72.48
CA PHE HB 104 -35.48 7.12 -71.10
C PHE HB 104 -34.84 6.08 -70.21
N ASP HB 105 -34.87 4.83 -70.64
CA ASP HB 105 -34.40 3.74 -69.81
C ASP HB 105 -32.92 3.88 -69.51
N ALA HB 106 -32.18 4.39 -70.48
CA ALA HB 106 -30.74 4.61 -70.29
C ALA HB 106 -30.43 5.72 -69.33
N LEU HB 107 -31.25 6.78 -69.34
CA LEU HB 107 -31.15 7.83 -68.34
C LEU HB 107 -31.53 7.36 -66.95
N GLN HB 108 -32.67 6.69 -66.82
CA GLN HB 108 -33.13 6.18 -65.52
C GLN HB 108 -32.20 5.15 -64.88
N ALA HB 109 -31.35 4.50 -65.69
CA ALA HB 109 -30.33 3.60 -65.19
C ALA HB 109 -29.23 4.28 -64.41
N THR HB 110 -29.00 5.58 -64.65
CA THR HB 110 -27.97 6.38 -63.93
C THR HB 110 -28.48 6.74 -62.53
N ARG HB 111 -27.59 7.29 -61.68
CA ARG HB 111 -27.88 7.39 -60.24
C ARG HB 111 -28.69 8.61 -59.94
N GLY HB 112 -28.28 9.73 -60.51
CA GLY HB 112 -28.97 10.99 -60.24
C GLY HB 112 -30.42 11.00 -60.70
N ALA HB 113 -30.70 10.19 -61.72
CA ALA HB 113 -31.89 10.28 -62.54
C ALA HB 113 -33.15 10.68 -61.81
N VAL HB 114 -33.81 11.72 -62.33
CA VAL HB 114 -35.07 12.22 -61.79
C VAL HB 114 -36.11 12.37 -62.88
N VAL HB 115 -37.38 12.17 -62.53
CA VAL HB 115 -38.49 12.49 -63.43
C VAL HB 115 -39.50 13.33 -62.70
N ALA HB 116 -40.15 14.25 -63.41
CA ALA HB 116 -41.08 15.16 -62.79
C ALA HB 116 -41.90 15.83 -63.84
N LYS HB 117 -43.01 16.42 -63.41
CA LYS HB 117 -43.85 17.24 -64.30
C LYS HB 117 -43.15 18.56 -64.52
N TRP HB 118 -43.40 19.21 -65.67
CA TRP HB 118 -42.60 20.39 -66.04
C TRP HB 118 -42.71 21.55 -65.06
N TRP HB 119 -43.74 21.54 -64.20
CA TRP HB 119 -43.87 22.61 -63.22
C TRP HB 119 -43.26 22.26 -61.87
N GLU HB 120 -42.27 21.38 -61.88
CA GLU HB 120 -41.63 20.88 -60.67
C GLU HB 120 -40.11 20.99 -60.86
N SER HB 121 -39.45 21.73 -59.99
CA SER HB 121 -37.99 21.80 -59.98
C SER HB 121 -37.49 20.48 -59.49
N ARG HB 122 -36.24 20.18 -59.79
CA ARG HB 122 -35.70 18.88 -59.43
C ARG HB 122 -34.19 18.86 -59.54
N THR HB 123 -33.54 18.03 -58.73
CA THR HB 123 -32.08 18.00 -58.65
C THR HB 123 -31.53 16.59 -58.88
N VAL HB 124 -30.67 16.44 -59.88
CA VAL HB 124 -30.02 15.16 -60.14
C VAL HB 124 -28.66 15.15 -59.45
N ARG HB 125 -28.46 14.14 -58.61
CA ARG HB 125 -27.25 13.96 -57.82
C ARG HB 125 -26.56 12.73 -58.32
N PRO HB 126 -25.75 12.87 -59.38
CA PRO HB 126 -25.23 11.68 -60.01
C PRO HB 126 -24.03 11.13 -59.28
N GLN HB 127 -23.59 9.97 -59.76
CA GLN HB 127 -22.28 9.43 -59.44
C GLN HB 127 -21.52 9.40 -60.77
N TYR HB 128 -20.23 9.72 -60.69
CA TYR HB 128 -19.43 10.08 -61.87
C TYR HB 128 -18.05 9.43 -61.77
N THR HB 129 -17.18 9.79 -62.71
CA THR HB 129 -15.80 9.32 -62.73
C THR HB 129 -15.03 9.48 -61.39
N ARG HB 130 -15.13 10.66 -60.76
CA ARG HB 130 -14.49 10.95 -59.46
C ARG HB 130 -12.95 10.98 -59.58
N THR HB 131 -12.45 11.16 -60.81
CA THR HB 131 -11.06 10.92 -61.16
C THR HB 131 -10.39 12.20 -61.68
N LEU HB 132 -9.08 12.15 -61.90
CA LEU HB 132 -8.33 13.27 -62.49
C LEU HB 132 -8.64 13.39 -63.96
N LEU HB 133 -8.73 14.63 -64.42
CA LEU HB 133 -9.11 14.91 -65.78
C LEU HB 133 -8.11 15.87 -66.36
N TRP HB 134 -8.51 16.58 -67.42
CA TRP HB 134 -7.65 17.45 -68.20
C TRP HB 134 -8.40 18.71 -68.63
N THR HB 135 -7.82 19.89 -68.38
CA THR HB 135 -8.53 21.16 -68.62
C THR HB 135 -8.61 21.54 -70.09
N SER HB 136 -7.94 20.80 -70.96
CA SER HB 136 -8.00 21.07 -72.39
C SER HB 136 -8.08 19.76 -73.20
N SER HB 137 -8.56 19.88 -74.45
CA SER HB 137 -8.88 18.72 -75.33
C SER HB 137 -7.77 17.67 -75.50
N GLY HB 138 -8.17 16.42 -75.68
CA GLY HB 138 -7.24 15.30 -75.81
C GLY HB 138 -7.61 14.40 -76.98
N LYS HB 139 -6.68 13.52 -77.33
CA LYS HB 139 -6.91 12.53 -78.38
C LYS HB 139 -7.93 11.51 -77.84
N GLU HB 140 -7.78 11.17 -76.56
CA GLU HB 140 -8.77 10.37 -75.82
C GLU HB 140 -9.53 11.29 -74.87
N GLN HB 141 -10.82 11.50 -75.15
CA GLN HB 141 -11.62 12.46 -74.39
C GLN HB 141 -12.28 11.91 -73.11
N ARG HB 142 -11.86 10.72 -72.69
CA ARG HB 142 -12.30 10.12 -71.42
C ARG HB 142 -11.72 10.91 -70.26
N LEU HB 143 -10.68 11.72 -70.51
CA LEU HB 143 -10.04 12.53 -69.48
C LEU HB 143 -10.24 14.06 -69.61
N THR HB 144 -11.07 14.53 -70.54
CA THR HB 144 -11.34 15.97 -70.69
C THR HB 144 -12.72 16.44 -70.19
N SER HB 145 -13.66 15.50 -69.98
CA SER HB 145 -15.02 15.80 -69.49
C SER HB 145 -15.55 14.64 -68.64
N PRO HB 146 -16.26 14.93 -67.53
CA PRO HB 146 -16.65 13.88 -66.58
C PRO HB 146 -17.98 13.21 -66.96
N GLY HB 147 -18.60 13.68 -68.03
CA GLY HB 147 -19.86 13.13 -68.49
C GLY HB 147 -20.71 14.17 -69.20
N ARG HB 148 -22.00 13.91 -69.33
CA ARG HB 148 -22.90 14.86 -69.96
C ARG HB 148 -24.34 14.74 -69.43
N LEU HB 149 -25.03 15.87 -69.42
CA LEU HB 149 -26.31 16.00 -68.79
C LEU HB 149 -27.35 15.97 -69.87
N ILE HB 150 -28.29 15.05 -69.76
CA ILE HB 150 -29.36 14.91 -70.75
C ILE HB 150 -30.70 15.20 -70.13
N LEU HB 151 -31.57 15.84 -70.88
CA LEU HB 151 -32.90 16.15 -70.44
C LEU HB 151 -33.87 15.76 -71.53
N LEU HB 152 -34.79 14.86 -71.21
CA LEU HB 152 -35.74 14.29 -72.17
C LEU HB 152 -37.16 14.63 -71.81
N CYS HB 153 -37.99 14.79 -72.84
CA CYS HB 153 -39.41 14.94 -72.63
C CYS HB 153 -40.08 13.63 -72.21
N VAL HB 154 -41.06 13.74 -71.33
CA VAL HB 154 -41.97 12.66 -70.99
C VAL HB 154 -43.33 13.22 -71.27
N GLY HB 155 -44.16 12.45 -71.96
CA GLY HB 155 -45.43 12.94 -72.46
C GLY HB 155 -45.18 14.18 -73.28
N ASN HB 156 -46.21 15.01 -73.44
CA ASN HB 156 -46.08 16.20 -74.30
C ASN HB 156 -46.69 17.44 -73.66
N ASN HB 157 -45.92 18.52 -73.68
CA ASN HB 157 -46.24 19.75 -72.96
C ASN HB 157 -47.39 20.51 -73.57
N THR HB 158 -48.31 20.91 -72.70
CA THR HB 158 -49.49 21.72 -73.06
C THR HB 158 -49.13 23.16 -73.31
N ASP HB 159 -48.00 23.59 -72.78
CA ASP HB 159 -47.71 25.00 -72.70
C ASP HB 159 -46.23 25.26 -72.88
N VAL HB 160 -45.86 26.53 -72.98
CA VAL HB 160 -44.49 26.88 -73.29
C VAL HB 160 -43.65 26.73 -72.04
N VAL HB 161 -42.50 26.09 -72.18
CA VAL HB 161 -41.59 25.81 -71.07
C VAL HB 161 -40.24 26.47 -71.38
N ASN HB 162 -39.71 27.17 -70.41
CA ASN HB 162 -38.38 27.80 -70.54
C ASN HB 162 -37.42 27.16 -69.55
N VAL HB 163 -36.96 25.97 -69.90
CA VAL HB 163 -36.12 25.22 -69.00
C VAL HB 163 -34.70 25.73 -69.02
N SER HB 164 -34.13 25.91 -67.83
CA SER HB 164 -32.72 26.25 -67.66
C SER HB 164 -32.13 25.22 -66.72
N VAL HB 165 -31.11 24.48 -67.13
CA VAL HB 165 -30.46 23.55 -66.20
C VAL HB 165 -29.20 24.20 -65.65
N LEU HB 166 -28.97 23.98 -64.37
CA LEU HB 166 -27.87 24.58 -63.66
C LEU HB 166 -27.02 23.48 -63.11
N CYS HB 167 -25.72 23.65 -63.23
CA CYS HB 167 -24.78 22.69 -62.71
C CYS HB 167 -24.12 23.30 -61.50
N ARG HB 168 -24.27 22.67 -60.34
CA ARG HB 168 -23.48 23.08 -59.20
C ARG HB 168 -22.30 22.14 -59.09
N TRP HB 169 -21.12 22.72 -58.91
CA TRP HB 169 -19.87 22.00 -59.07
C TRP HB 169 -18.86 22.40 -58.02
N SER HB 170 -18.05 21.42 -57.64
CA SER HB 170 -16.93 21.61 -56.76
C SER HB 170 -15.76 20.84 -57.35
N VAL HB 171 -14.66 21.53 -57.59
CA VAL HB 171 -13.57 21.01 -58.40
C VAL HB 171 -12.23 21.28 -57.72
N ARG HB 172 -11.29 20.34 -57.77
CA ARG HB 172 -9.92 20.63 -57.31
C ARG HB 172 -8.93 20.66 -58.49
N LEU HB 173 -8.24 21.79 -58.61
CA LEU HB 173 -7.36 22.08 -59.75
C LEU HB 173 -5.87 21.87 -59.48
N SER HB 174 -5.13 21.50 -60.50
CA SER HB 174 -3.75 21.01 -60.35
C SER HB 174 -2.86 21.41 -61.51
N VAL HB 175 -1.57 21.14 -61.33
CA VAL HB 175 -0.45 21.66 -62.13
C VAL HB 175 -0.69 23.04 -62.80
N PRO HB 176 -0.07 24.09 -62.23
CA PRO HB 176 0.00 25.42 -62.80
C PRO HB 176 0.49 25.47 -64.25
N SER HB 177 0.02 26.47 -64.96
CA SER HB 177 0.06 26.49 -66.41
C SER HB 177 -0.54 27.81 -66.91
N LEU HB 178 -0.52 28.02 -68.22
CA LEU HB 178 -1.11 29.23 -68.79
C LEU HB 178 -1.41 29.09 -70.29
N GLU HB 179 -2.67 28.80 -70.63
CA GLU HB 179 -3.03 28.56 -72.02
C GLU HB 179 -3.70 29.81 -72.65
N ASN HB 180 -3.00 30.39 -73.62
CA ASN HB 180 -3.42 31.60 -74.32
C ASN HB 180 -3.80 31.33 -75.77
#